data_3RED
#
_entry.id   3RED
#
_cell.length_a   112.019
_cell.length_b   113.302
_cell.length_c   169.488
_cell.angle_alpha   89.92
_cell.angle_beta   79.13
_cell.angle_gamma   80.83
#
_symmetry.space_group_name_H-M   'P 1'
#
loop_
_entity.id
_entity.type
_entity.pdbx_description
1 polymer 'Hydroxynitrile lyase'
2 non-polymer 'FLAVIN-ADENINE DINUCLEOTIDE'
#
_entity_poly.entity_id   1
_entity_poly.type   'polypeptide(L)'
_entity_poly.pdbx_seq_one_letter_code
;LATTSDHDFSYLSFAYDATDLELEGSYDYVIVGGGTSGCPLAATLSEKYKVLVLERGTLPTAYPNLLTSDGFIYNLQQED
DGQTPVERFVSGDGIDDVRGRVLGGTSMINAGVYARANTKIFSASGIEWDMDLVNQTYDWVEDTIVYKPDKQAWQSLTKT
AFLEAGVLPDNGFSLDHEAGTRLTGSTFDNNGTRHASDELLNKGDPNNLRVAVHASVEKIIFSSNSSGVTAIGVIYKDSN
GTPHQAFVRGEGEVIVSAGPIGSPQLLLLSGVGPESYLSSLNIPVVLSHPYVGQFLHDNPRNFINILPPNPIEPSTVTVL
GITSNFYQCSFSSLPFSIPPFAFFPNPTYPLPNSTFAHFVNKVPGPLSYGSITLNSDSDVRVAPNVKFNYYSNSTDLAHC
VSGMKKIGELLSSDALKPYKVEDLPGIDGFDILGIPLPENQTDDAAFETFCREAVASYWHYHGGCLVGEVLDGDFRVTGI
NALRVVDGSTFPYSPASHPQGFYLMLGRYVGSKILQERSAA
;
_entity_poly.pdbx_strand_id   A,B,C,D,E,F,G,H,I,J,K,L
#
# COMPACT_ATOMS: atom_id res chain seq x y z
N LEU A 1 -54.73 -11.80 22.84
CA LEU A 1 -53.61 -12.00 21.86
C LEU A 1 -52.35 -11.37 22.38
N ALA A 2 -51.20 -11.73 21.83
CA ALA A 2 -49.95 -11.18 22.34
C ALA A 2 -49.31 -10.22 21.37
N THR A 3 -48.32 -9.50 21.88
CA THR A 3 -47.42 -8.71 21.04
C THR A 3 -46.16 -9.49 20.62
N THR A 4 -45.87 -9.44 19.32
CA THR A 4 -44.67 -10.02 18.75
C THR A 4 -43.43 -9.75 19.62
N SER A 5 -42.67 -10.80 19.91
CA SER A 5 -41.39 -10.66 20.61
C SER A 5 -40.55 -11.92 20.46
N ASP A 6 -39.42 -11.94 21.16
CA ASP A 6 -38.53 -13.09 21.21
C ASP A 6 -39.17 -14.17 22.03
N HIS A 7 -38.78 -15.41 21.74
CA HIS A 7 -39.24 -16.58 22.46
C HIS A 7 -38.71 -16.51 23.89
N ASP A 8 -39.58 -16.76 24.89
CA ASP A 8 -39.19 -16.51 26.28
C ASP A 8 -38.61 -17.70 27.01
N PHE A 9 -37.29 -17.65 27.21
CA PHE A 9 -36.53 -18.77 27.79
C PHE A 9 -36.19 -18.60 29.26
N SER A 10 -36.84 -17.67 29.93
CA SER A 10 -36.57 -17.40 31.34
C SER A 10 -36.82 -18.60 32.25
N TYR A 11 -37.47 -19.61 31.70
CA TYR A 11 -37.74 -20.81 32.43
C TYR A 11 -36.51 -21.70 32.55
N LEU A 12 -35.38 -21.28 32.01
CA LEU A 12 -34.20 -22.14 32.06
C LEU A 12 -33.49 -22.08 33.40
N SER A 13 -33.83 -21.07 34.19
CA SER A 13 -33.29 -20.98 35.53
C SER A 13 -33.64 -22.20 36.35
N PHE A 14 -34.76 -22.86 35.99
CA PHE A 14 -35.22 -24.07 36.72
C PHE A 14 -35.40 -25.30 35.84
N ALA A 15 -34.90 -25.25 34.61
CA ALA A 15 -34.86 -26.45 33.76
C ALA A 15 -33.51 -27.14 33.91
N TYR A 16 -33.54 -28.45 34.07
CA TYR A 16 -32.30 -29.16 34.22
C TYR A 16 -32.20 -30.28 33.20
N ASP A 17 -30.98 -30.78 33.06
CA ASP A 17 -30.79 -32.03 32.39
C ASP A 17 -31.10 -33.08 33.42
N ALA A 18 -31.31 -34.31 32.98
CA ALA A 18 -31.69 -35.34 33.92
C ALA A 18 -30.49 -35.97 34.59
N THR A 19 -29.31 -35.68 34.11
CA THR A 19 -28.09 -36.19 34.73
C THR A 19 -27.82 -35.30 35.91
N ASP A 20 -28.34 -34.08 35.84
CA ASP A 20 -28.19 -33.10 36.93
C ASP A 20 -29.30 -33.17 37.96
N LEU A 21 -30.28 -34.04 37.75
CA LEU A 21 -31.34 -34.25 38.74
C LEU A 21 -30.93 -35.26 39.80
N GLU A 22 -31.37 -35.00 41.03
CA GLU A 22 -31.14 -35.89 42.16
C GLU A 22 -31.61 -37.33 41.85
N LEU A 23 -30.94 -38.33 42.42
CA LEU A 23 -31.22 -39.73 42.07
C LEU A 23 -32.64 -40.13 42.53
N GLU A 24 -33.07 -39.60 43.67
CA GLU A 24 -34.46 -39.67 44.05
C GLU A 24 -34.87 -38.40 44.79
N GLY A 25 -36.15 -38.04 44.65
CA GLY A 25 -36.69 -36.85 45.28
C GLY A 25 -38.20 -36.87 45.32
N SER A 26 -38.75 -36.05 46.23
CA SER A 26 -40.19 -35.92 46.45
C SER A 26 -40.78 -34.65 45.88
N TYR A 27 -41.92 -34.79 45.24
CA TYR A 27 -42.67 -33.68 44.68
C TYR A 27 -44.20 -33.82 45.00
N ASP A 28 -44.93 -32.73 44.82
CA ASP A 28 -46.35 -32.78 45.00
C ASP A 28 -47.02 -33.26 43.72
N TYR A 29 -46.44 -32.90 42.59
CA TYR A 29 -46.95 -33.37 41.29
C TYR A 29 -45.79 -33.76 40.39
N VAL A 30 -45.94 -34.89 39.70
CA VAL A 30 -44.99 -35.29 38.67
C VAL A 30 -45.77 -35.38 37.38
N ILE A 31 -45.25 -34.75 36.32
CA ILE A 31 -45.90 -34.68 35.00
C ILE A 31 -45.00 -35.28 33.96
N VAL A 32 -45.41 -36.38 33.36
CA VAL A 32 -44.57 -37.04 32.35
C VAL A 32 -44.90 -36.50 30.97
N GLY A 33 -43.90 -35.95 30.32
CA GLY A 33 -44.10 -35.30 29.04
C GLY A 33 -44.28 -33.82 29.28
N GLY A 34 -43.35 -33.04 28.74
CA GLY A 34 -43.43 -31.60 28.89
C GLY A 34 -43.93 -30.98 27.60
N GLY A 35 -45.00 -31.56 27.06
CA GLY A 35 -45.60 -31.09 25.82
C GLY A 35 -46.67 -30.02 25.87
N THR A 36 -47.47 -30.00 24.79
CA THR A 36 -48.54 -29.04 24.58
C THR A 36 -49.39 -28.93 25.84
N SER A 37 -49.81 -30.07 26.38
CA SER A 37 -50.66 -30.12 27.57
C SER A 37 -49.90 -30.07 28.91
N GLY A 38 -48.75 -30.76 28.95
CA GLY A 38 -47.95 -30.78 30.16
C GLY A 38 -47.51 -29.40 30.64
N CYS A 39 -46.94 -28.60 29.73
CA CYS A 39 -46.36 -27.33 30.13
C CYS A 39 -47.38 -26.43 30.86
N PRO A 40 -48.53 -26.12 30.22
CA PRO A 40 -49.49 -25.31 30.95
C PRO A 40 -49.93 -25.96 32.27
N LEU A 41 -50.09 -27.26 32.30
CA LEU A 41 -50.52 -27.97 33.50
C LEU A 41 -49.47 -27.92 34.59
N ALA A 42 -48.20 -27.96 34.20
CA ALA A 42 -47.05 -27.75 35.10
C ALA A 42 -46.99 -26.34 35.71
N ALA A 43 -46.98 -25.35 34.82
CA ALA A 43 -47.16 -23.96 35.15
C ALA A 43 -48.25 -23.77 36.18
N THR A 44 -49.44 -24.32 35.90
CA THR A 44 -50.63 -24.11 36.74
C THR A 44 -50.40 -24.71 38.12
N LEU A 45 -49.99 -25.98 38.14
CA LEU A 45 -49.82 -26.71 39.40
C LEU A 45 -48.73 -26.08 40.29
N SER A 46 -47.80 -25.36 39.66
CA SER A 46 -46.65 -24.76 40.36
C SER A 46 -46.97 -23.50 41.14
N GLU A 47 -48.08 -22.85 40.76
CA GLU A 47 -48.57 -21.65 41.48
C GLU A 47 -48.67 -21.85 42.98
N LYS A 48 -48.95 -23.08 43.40
N LYS A 48 -49.00 -23.06 43.43
CA LYS A 48 -49.30 -23.39 44.79
CA LYS A 48 -49.13 -23.33 44.88
C LYS A 48 -48.63 -24.67 45.35
C LYS A 48 -48.54 -24.65 45.39
N TYR A 49 -47.93 -25.43 44.52
CA TYR A 49 -47.35 -26.74 44.93
C TYR A 49 -46.12 -27.14 44.16
N LYS A 50 -45.32 -28.04 44.75
CA LYS A 50 -44.03 -28.45 44.18
C LYS A 50 -44.15 -29.47 43.02
N VAL A 51 -43.53 -29.14 41.89
CA VAL A 51 -43.85 -29.80 40.63
C VAL A 51 -42.60 -30.13 39.81
N LEU A 52 -42.63 -31.26 39.11
CA LEU A 52 -41.52 -31.65 38.27
C LEU A 52 -42.07 -32.17 36.96
N VAL A 53 -41.72 -31.49 35.86
CA VAL A 53 -42.06 -32.00 34.55
C VAL A 53 -40.87 -32.81 34.09
N LEU A 54 -41.13 -33.95 33.44
CA LEU A 54 -40.06 -34.81 32.96
C LEU A 54 -40.26 -34.99 31.48
N GLU A 55 -39.19 -34.81 30.71
CA GLU A 55 -39.31 -34.73 29.25
C GLU A 55 -38.18 -35.50 28.55
N ARG A 56 -38.55 -36.40 27.64
CA ARG A 56 -37.58 -37.24 26.93
C ARG A 56 -36.63 -36.47 25.97
N GLY A 57 -37.12 -35.37 25.42
CA GLY A 57 -36.32 -34.63 24.45
C GLY A 57 -35.49 -33.50 25.06
N THR A 58 -35.08 -32.58 24.20
CA THR A 58 -34.14 -31.53 24.54
C THR A 58 -34.84 -30.17 24.78
N LEU A 59 -34.09 -29.24 25.38
CA LEU A 59 -34.42 -27.83 25.28
C LEU A 59 -34.61 -27.46 23.78
N PRO A 60 -35.52 -26.52 23.48
CA PRO A 60 -35.64 -26.00 22.11
C PRO A 60 -34.37 -25.32 21.64
N THR A 61 -33.63 -24.69 22.56
CA THR A 61 -32.35 -24.07 22.25
C THR A 61 -31.38 -24.95 21.47
N ALA A 62 -31.40 -26.25 21.71
CA ALA A 62 -30.48 -27.19 21.04
C ALA A 62 -30.66 -27.24 19.54
N TYR A 63 -31.88 -26.91 19.07
CA TYR A 63 -32.28 -27.05 17.67
C TYR A 63 -32.91 -25.76 17.15
N PRO A 64 -32.08 -24.76 16.83
CA PRO A 64 -32.55 -23.39 16.60
C PRO A 64 -33.59 -23.25 15.51
N ASN A 65 -33.74 -24.29 14.70
CA ASN A 65 -34.71 -24.27 13.61
C ASN A 65 -36.16 -24.44 13.97
N LEU A 66 -36.45 -24.70 15.22
CA LEU A 66 -37.85 -24.72 15.54
C LEU A 66 -38.24 -23.50 16.33
N LEU A 67 -37.41 -22.48 16.34
CA LEU A 67 -37.80 -21.22 16.95
C LEU A 67 -38.43 -20.24 15.93
N THR A 68 -38.41 -20.63 14.66
CA THR A 68 -38.91 -19.83 13.57
C THR A 68 -39.77 -20.69 12.67
N SER A 69 -40.52 -20.04 11.80
CA SER A 69 -41.40 -20.71 10.84
C SER A 69 -40.72 -21.14 9.56
N ASP A 70 -39.65 -20.43 9.20
CA ASP A 70 -38.74 -20.84 8.11
C ASP A 70 -38.25 -22.26 8.32
N GLY A 71 -37.98 -22.60 9.57
CA GLY A 71 -37.46 -23.90 9.92
C GLY A 71 -38.49 -25.01 9.86
N PHE A 72 -39.78 -24.66 9.85
CA PHE A 72 -40.82 -25.70 9.83
C PHE A 72 -40.53 -26.91 8.90
N ILE A 73 -40.22 -26.66 7.63
CA ILE A 73 -39.95 -27.78 6.72
C ILE A 73 -38.68 -28.50 7.13
N TYR A 74 -37.69 -27.73 7.50
CA TYR A 74 -36.39 -28.26 7.88
C TYR A 74 -36.49 -29.36 8.95
N ASN A 75 -37.06 -29.05 10.11
CA ASN A 75 -37.23 -30.06 11.15
C ASN A 75 -37.76 -31.41 10.67
N LEU A 76 -38.56 -31.39 9.60
CA LEU A 76 -39.18 -32.59 9.09
C LEU A 76 -38.22 -33.30 8.21
N GLN A 77 -37.40 -32.55 7.51
CA GLN A 77 -36.42 -33.09 6.57
C GLN A 77 -35.19 -33.70 7.21
N GLN A 78 -35.00 -33.51 8.52
CA GLN A 78 -33.84 -34.08 9.20
C GLN A 78 -34.07 -35.51 9.63
N GLU A 79 -33.03 -36.32 9.46
CA GLU A 79 -33.02 -37.72 9.86
C GLU A 79 -33.43 -37.88 11.33
N ASP A 80 -34.18 -38.95 11.62
CA ASP A 80 -34.57 -39.27 12.99
C ASP A 80 -33.47 -40.12 13.59
N ASP A 81 -32.97 -39.71 14.76
CA ASP A 81 -31.84 -40.42 15.35
C ASP A 81 -31.95 -40.57 16.87
N GLY A 82 -33.09 -40.21 17.44
CA GLY A 82 -33.31 -40.34 18.88
C GLY A 82 -33.11 -39.05 19.64
N GLN A 83 -32.32 -38.16 19.05
CA GLN A 83 -32.00 -36.90 19.69
C GLN A 83 -32.90 -35.74 19.17
N THR A 84 -33.17 -35.74 17.86
CA THR A 84 -33.81 -34.62 17.17
C THR A 84 -35.28 -34.44 17.51
N PRO A 85 -35.80 -33.21 17.37
CA PRO A 85 -37.14 -32.88 17.88
C PRO A 85 -38.30 -33.56 17.19
N VAL A 86 -38.03 -34.23 16.07
CA VAL A 86 -39.11 -34.87 15.29
C VAL A 86 -38.92 -36.38 15.20
N GLU A 87 -39.88 -37.14 15.71
CA GLU A 87 -39.75 -38.59 15.66
C GLU A 87 -40.56 -39.21 14.53
N ARG A 88 -39.84 -39.84 13.61
CA ARG A 88 -40.47 -40.43 12.43
C ARG A 88 -41.09 -41.77 12.78
N PHE A 89 -42.39 -41.93 12.52
CA PHE A 89 -43.03 -43.25 12.59
C PHE A 89 -43.93 -43.53 11.42
N VAL A 90 -44.13 -44.81 11.11
CA VAL A 90 -45.09 -45.21 10.11
C VAL A 90 -46.16 -46.06 10.79
N SER A 91 -47.42 -45.83 10.43
CA SER A 91 -48.54 -46.66 10.88
C SER A 91 -48.60 -48.07 10.29
N GLY A 92 -49.27 -48.97 11.02
CA GLY A 92 -49.71 -50.28 10.52
C GLY A 92 -50.33 -50.11 9.14
N ASP A 93 -51.04 -49.01 8.92
CA ASP A 93 -51.63 -48.64 7.61
C ASP A 93 -50.60 -48.44 6.50
N GLY A 94 -49.49 -47.77 6.82
CA GLY A 94 -48.41 -47.52 5.86
C GLY A 94 -48.27 -46.06 5.54
N ILE A 95 -48.73 -45.21 6.45
CA ILE A 95 -48.78 -43.78 6.22
C ILE A 95 -47.78 -43.11 7.15
N ASP A 96 -46.81 -42.43 6.53
CA ASP A 96 -45.75 -41.68 7.21
C ASP A 96 -46.35 -40.60 8.07
N ASP A 97 -45.72 -40.38 9.21
CA ASP A 97 -46.27 -39.52 10.24
C ASP A 97 -45.12 -39.07 11.14
N VAL A 98 -45.30 -37.99 11.88
CA VAL A 98 -44.33 -37.62 12.92
C VAL A 98 -45.01 -37.33 14.25
N ARG A 99 -44.21 -37.23 15.31
CA ARG A 99 -44.60 -36.59 16.58
C ARG A 99 -43.39 -35.90 17.20
N GLY A 100 -43.62 -34.86 17.98
CA GLY A 100 -42.55 -34.18 18.69
C GLY A 100 -41.77 -34.96 19.74
N ARG A 101 -40.52 -34.53 19.92
CA ARG A 101 -39.62 -35.06 20.94
C ARG A 101 -38.76 -33.89 21.41
N VAL A 102 -39.38 -32.94 22.11
CA VAL A 102 -38.72 -31.71 22.50
C VAL A 102 -39.55 -31.07 23.59
N LEU A 103 -38.93 -30.28 24.46
CA LEU A 103 -39.70 -29.57 25.47
C LEU A 103 -40.58 -28.60 24.74
N GLY A 104 -41.85 -28.63 25.10
CA GLY A 104 -42.87 -27.84 24.43
C GLY A 104 -43.66 -28.77 23.55
N GLY A 105 -43.16 -29.99 23.43
CA GLY A 105 -43.83 -31.05 22.70
C GLY A 105 -44.01 -30.78 21.23
N THR A 106 -45.05 -31.34 20.66
CA THR A 106 -45.34 -31.20 19.24
C THR A 106 -45.75 -29.77 18.86
N SER A 107 -46.07 -28.96 19.88
CA SER A 107 -46.31 -27.54 19.65
C SER A 107 -45.02 -26.82 19.28
N MET A 108 -43.89 -27.51 19.41
CA MET A 108 -42.59 -26.95 19.05
C MET A 108 -42.17 -27.27 17.63
N ILE A 109 -42.90 -28.17 16.98
CA ILE A 109 -42.50 -28.56 15.64
C ILE A 109 -43.65 -28.47 14.64
N ASN A 110 -44.81 -28.08 15.15
CA ASN A 110 -46.05 -28.00 14.39
C ASN A 110 -46.18 -26.80 13.43
N ALA A 111 -47.33 -26.76 12.73
CA ALA A 111 -47.62 -25.74 11.73
C ALA A 111 -48.15 -24.44 12.36
N GLY A 112 -48.41 -24.47 13.66
CA GLY A 112 -48.69 -23.26 14.44
C GLY A 112 -50.00 -22.52 14.18
N VAL A 113 -51.05 -23.27 13.89
CA VAL A 113 -52.35 -22.73 13.54
C VAL A 113 -53.19 -22.79 14.79
N TYR A 114 -53.72 -21.65 15.22
CA TYR A 114 -54.52 -21.58 16.45
C TYR A 114 -56.00 -21.53 16.17
N ALA A 115 -56.77 -22.24 16.98
CA ALA A 115 -58.23 -22.26 16.91
C ALA A 115 -58.78 -22.72 18.24
N ARG A 116 -59.83 -22.05 18.70
CA ARG A 116 -60.57 -22.46 19.91
C ARG A 116 -61.51 -23.56 19.49
N ALA A 117 -61.82 -24.50 20.37
CA ALA A 117 -62.64 -25.65 19.97
C ALA A 117 -64.09 -25.28 19.61
N ASN A 118 -64.72 -26.14 18.79
CA ASN A 118 -66.18 -26.10 18.50
C ASN A 118 -67.03 -26.17 19.77
N THR A 119 -67.59 -25.04 20.16
CA THR A 119 -68.37 -24.92 21.40
C THR A 119 -69.31 -26.12 21.68
N LYS A 120 -69.77 -26.74 20.60
CA LYS A 120 -70.72 -27.84 20.67
C LYS A 120 -70.03 -29.15 21.05
N ILE A 121 -68.70 -29.09 21.16
CA ILE A 121 -67.90 -30.19 21.62
C ILE A 121 -68.05 -30.31 23.13
N PHE A 122 -68.05 -29.16 23.80
CA PHE A 122 -67.89 -29.11 25.24
C PHE A 122 -69.01 -29.84 25.99
N SER A 123 -70.17 -29.98 25.34
CA SER A 123 -71.38 -30.54 25.98
C SER A 123 -71.62 -32.02 25.70
N ALA A 124 -71.15 -32.50 24.56
CA ALA A 124 -71.35 -33.90 24.16
C ALA A 124 -70.09 -34.76 24.37
N SER A 125 -69.35 -34.51 25.44
CA SER A 125 -67.95 -34.96 25.49
C SER A 125 -67.60 -36.01 26.54
N GLY A 126 -68.37 -36.09 27.61
CA GLY A 126 -68.05 -37.03 28.67
C GLY A 126 -67.59 -36.32 29.93
N ILE A 127 -66.87 -35.22 29.76
CA ILE A 127 -66.58 -34.32 30.90
C ILE A 127 -67.62 -33.20 30.95
N GLU A 128 -67.98 -32.81 32.16
CA GLU A 128 -68.80 -31.64 32.32
C GLU A 128 -67.89 -30.44 32.52
N TRP A 129 -68.13 -29.39 31.74
CA TRP A 129 -67.20 -28.30 31.60
C TRP A 129 -67.60 -26.99 32.30
N ASP A 130 -66.66 -26.37 33.00
CA ASP A 130 -66.84 -25.02 33.53
C ASP A 130 -66.45 -24.03 32.41
N MET A 131 -67.44 -23.35 31.85
CA MET A 131 -67.18 -22.57 30.64
C MET A 131 -66.64 -21.18 30.90
N ASP A 132 -66.76 -20.71 32.15
CA ASP A 132 -66.12 -19.44 32.56
C ASP A 132 -64.60 -19.70 32.70
N LEU A 133 -64.25 -20.91 33.11
CA LEU A 133 -62.86 -21.29 33.25
C LEU A 133 -62.22 -21.59 31.90
N VAL A 134 -62.89 -22.38 31.08
CA VAL A 134 -62.37 -22.69 29.77
C VAL A 134 -62.04 -21.42 29.02
N ASN A 135 -63.03 -20.54 28.87
CA ASN A 135 -62.87 -19.26 28.17
C ASN A 135 -61.84 -18.34 28.76
N GLN A 136 -61.68 -18.39 30.07
CA GLN A 136 -60.72 -17.58 30.78
C GLN A 136 -59.33 -18.19 30.62
N THR A 137 -59.29 -19.51 30.37
CA THR A 137 -58.03 -20.23 30.12
C THR A 137 -57.50 -19.93 28.71
N TYR A 138 -58.40 -19.93 27.74
CA TYR A 138 -58.00 -19.55 26.41
C TYR A 138 -57.36 -18.17 26.45
N ASP A 139 -58.03 -17.19 27.09
CA ASP A 139 -57.47 -15.85 27.36
C ASP A 139 -55.99 -15.92 27.79
N TRP A 140 -55.74 -16.68 28.86
CA TRP A 140 -54.41 -16.88 29.46
C TRP A 140 -53.34 -17.41 28.48
N VAL A 141 -53.72 -18.38 27.65
CA VAL A 141 -52.81 -18.91 26.64
C VAL A 141 -52.60 -17.86 25.56
N GLU A 142 -53.71 -17.39 24.98
CA GLU A 142 -53.66 -16.40 23.91
C GLU A 142 -52.90 -15.18 24.33
N ASP A 143 -53.22 -14.67 25.50
CA ASP A 143 -52.53 -13.51 26.03
C ASP A 143 -51.05 -13.71 26.11
N THR A 144 -50.57 -14.92 25.78
CA THR A 144 -49.15 -15.25 25.93
C THR A 144 -48.51 -15.76 24.67
N ILE A 145 -49.09 -16.75 24.00
CA ILE A 145 -48.42 -17.33 22.82
C ILE A 145 -49.17 -17.27 21.47
N VAL A 146 -50.20 -16.43 21.36
CA VAL A 146 -51.04 -16.44 20.16
C VAL A 146 -51.17 -15.04 19.58
N TYR A 147 -51.07 -14.95 18.25
CA TYR A 147 -50.89 -13.68 17.58
C TYR A 147 -51.84 -13.53 16.38
N LYS A 148 -52.18 -12.29 16.06
CA LYS A 148 -53.02 -12.01 14.91
C LYS A 148 -52.15 -11.81 13.68
N PRO A 149 -52.34 -12.68 12.67
CA PRO A 149 -51.54 -12.76 11.47
C PRO A 149 -51.69 -11.55 10.59
N ASP A 150 -50.60 -11.18 9.92
CA ASP A 150 -50.60 -10.10 8.93
C ASP A 150 -51.03 -10.65 7.58
N LYS A 151 -51.70 -9.83 6.79
CA LYS A 151 -52.00 -10.18 5.39
C LYS A 151 -50.78 -10.85 4.78
N GLN A 152 -51.01 -11.96 4.10
CA GLN A 152 -49.98 -12.63 3.28
C GLN A 152 -50.53 -12.88 1.89
N ALA A 153 -49.76 -12.44 0.89
CA ALA A 153 -50.12 -12.56 -0.53
C ALA A 153 -50.93 -13.83 -0.79
N TRP A 154 -50.31 -14.99 -0.60
CA TRP A 154 -50.92 -16.27 -0.96
C TRP A 154 -52.13 -16.68 -0.12
N GLN A 155 -52.17 -16.26 1.14
CA GLN A 155 -53.23 -16.73 2.03
C GLN A 155 -54.50 -15.99 1.77
N SER A 156 -54.38 -14.69 1.50
CA SER A 156 -55.56 -13.87 1.20
C SER A 156 -56.07 -14.24 -0.17
N LEU A 157 -55.16 -14.70 -1.00
CA LEU A 157 -55.56 -15.29 -2.24
C LEU A 157 -56.39 -16.57 -2.05
N THR A 158 -56.22 -17.26 -0.92
CA THR A 158 -56.99 -18.49 -0.61
C THR A 158 -58.35 -18.14 0.04
N LYS A 159 -58.36 -17.16 0.95
CA LYS A 159 -59.60 -16.58 1.47
C LYS A 159 -60.58 -16.27 0.34
N THR A 160 -60.15 -15.56 -0.69
CA THR A 160 -61.03 -15.21 -1.81
C THR A 160 -61.59 -16.44 -2.56
N ALA A 161 -60.74 -17.45 -2.79
CA ALA A 161 -61.14 -18.70 -3.45
C ALA A 161 -62.15 -19.45 -2.60
N PHE A 162 -61.96 -19.43 -1.29
CA PHE A 162 -62.90 -20.11 -0.41
C PHE A 162 -64.26 -19.43 -0.47
N LEU A 163 -64.25 -18.11 -0.46
CA LEU A 163 -65.48 -17.35 -0.50
C LEU A 163 -66.15 -17.40 -1.89
N GLU A 164 -65.34 -17.50 -2.94
CA GLU A 164 -65.83 -17.76 -4.29
C GLU A 164 -66.38 -19.18 -4.47
N ALA A 165 -65.88 -20.13 -3.67
CA ALA A 165 -66.17 -21.54 -3.82
C ALA A 165 -67.45 -21.94 -3.10
N GLY A 166 -67.85 -21.13 -2.13
CA GLY A 166 -69.10 -21.35 -1.43
C GLY A 166 -68.96 -21.38 0.08
N VAL A 167 -67.77 -21.10 0.59
CA VAL A 167 -67.54 -21.30 2.02
C VAL A 167 -67.87 -20.05 2.79
N LEU A 168 -69.14 -19.94 3.16
CA LEU A 168 -69.72 -18.74 3.79
C LEU A 168 -70.05 -18.99 5.27
N PRO A 169 -70.13 -17.93 6.11
CA PRO A 169 -69.98 -16.52 5.81
C PRO A 169 -68.51 -16.12 5.89
N ASP A 170 -68.23 -14.83 5.73
CA ASP A 170 -66.88 -14.35 5.94
C ASP A 170 -66.80 -13.88 7.38
N ASN A 171 -66.15 -14.68 8.21
CA ASN A 171 -66.07 -14.35 9.62
C ASN A 171 -64.98 -13.29 9.95
N GLY A 172 -64.21 -12.88 8.93
CA GLY A 172 -63.11 -11.91 9.12
C GLY A 172 -61.94 -12.56 9.83
N PHE A 173 -61.40 -11.92 10.86
CA PHE A 173 -60.38 -12.54 11.70
C PHE A 173 -60.98 -13.00 12.99
N SER A 174 -61.06 -14.30 13.21
CA SER A 174 -61.65 -14.80 14.45
C SER A 174 -61.04 -16.12 14.88
N LEU A 175 -60.89 -16.28 16.18
CA LEU A 175 -60.27 -17.49 16.73
C LEU A 175 -61.20 -18.69 16.81
N ASP A 176 -62.51 -18.46 16.85
CA ASP A 176 -63.49 -19.53 17.02
C ASP A 176 -63.69 -20.45 15.79
N HIS A 177 -63.57 -21.75 16.02
CA HIS A 177 -63.89 -22.73 15.01
C HIS A 177 -65.39 -22.65 14.74
N GLU A 178 -65.77 -22.01 13.65
CA GLU A 178 -67.17 -22.00 13.17
C GLU A 178 -67.17 -22.34 11.69
N ALA A 179 -68.34 -22.49 11.07
CA ALA A 179 -68.42 -22.78 9.64
C ALA A 179 -68.20 -21.51 8.88
N GLY A 180 -67.60 -21.59 7.69
CA GLY A 180 -67.25 -20.39 6.91
C GLY A 180 -65.76 -20.18 6.77
N THR A 181 -65.34 -19.27 5.89
CA THR A 181 -63.92 -18.92 5.69
C THR A 181 -63.46 -17.85 6.66
N ARG A 182 -62.33 -18.04 7.31
CA ARG A 182 -61.90 -17.01 8.26
C ARG A 182 -60.42 -16.91 8.25
N LEU A 183 -59.93 -16.00 9.07
CA LEU A 183 -58.54 -15.82 9.22
C LEU A 183 -58.29 -16.04 10.70
N THR A 184 -57.52 -17.07 11.04
CA THR A 184 -57.43 -17.50 12.42
C THR A 184 -56.13 -17.05 13.03
N GLY A 185 -55.99 -17.23 14.35
CA GLY A 185 -54.73 -16.93 15.01
C GLY A 185 -53.64 -17.96 14.73
N SER A 186 -52.41 -17.59 15.06
CA SER A 186 -51.23 -18.41 14.83
C SER A 186 -50.28 -18.33 16.02
N THR A 187 -49.44 -19.34 16.20
CA THR A 187 -48.39 -19.22 17.20
C THR A 187 -47.10 -18.71 16.57
N PHE A 188 -47.13 -18.27 15.31
CA PHE A 188 -45.98 -17.58 14.72
C PHE A 188 -46.21 -16.07 14.78
N ASP A 189 -45.35 -15.33 15.48
CA ASP A 189 -45.54 -13.89 15.53
C ASP A 189 -45.23 -13.24 14.19
N ASN A 190 -45.34 -11.92 14.11
CA ASN A 190 -45.16 -11.22 12.84
C ASN A 190 -43.73 -10.91 12.45
N ASN A 191 -42.80 -11.60 13.10
CA ASN A 191 -41.41 -11.66 12.66
C ASN A 191 -41.11 -13.10 12.31
N GLY A 192 -42.08 -13.98 12.55
CA GLY A 192 -41.90 -15.39 12.29
C GLY A 192 -41.22 -16.25 13.34
N THR A 193 -41.08 -15.74 14.55
CA THR A 193 -40.69 -16.53 15.72
C THR A 193 -41.78 -17.55 16.13
N ARG A 194 -41.36 -18.75 16.50
CA ARG A 194 -42.29 -19.73 17.01
C ARG A 194 -42.46 -19.48 18.47
N HIS A 195 -43.70 -19.36 18.90
CA HIS A 195 -44.01 -19.40 20.31
C HIS A 195 -44.79 -20.66 20.56
N ALA A 196 -44.34 -21.49 21.49
CA ALA A 196 -44.98 -22.77 21.77
C ALA A 196 -45.26 -22.91 23.26
N SER A 197 -45.66 -24.09 23.71
CA SER A 197 -46.02 -24.23 25.10
C SER A 197 -44.89 -24.23 26.14
N ASP A 198 -43.63 -24.35 25.72
CA ASP A 198 -42.54 -24.27 26.68
C ASP A 198 -42.59 -22.92 27.39
N GLU A 199 -43.03 -21.90 26.64
CA GLU A 199 -43.12 -20.53 27.11
C GLU A 199 -44.17 -20.34 28.19
N LEU A 200 -45.08 -21.30 28.32
CA LEU A 200 -46.11 -21.21 29.32
C LEU A 200 -45.55 -21.67 30.66
N LEU A 201 -44.40 -22.33 30.64
CA LEU A 201 -43.69 -22.62 31.89
C LEU A 201 -43.29 -21.33 32.60
N ASN A 202 -43.06 -20.28 31.83
CA ASN A 202 -42.76 -18.97 32.38
C ASN A 202 -43.92 -18.39 33.16
N LYS A 203 -45.11 -18.91 32.90
CA LYS A 203 -46.33 -18.45 33.56
C LYS A 203 -46.45 -19.14 34.91
N GLY A 204 -45.50 -20.05 35.18
CA GLY A 204 -45.49 -20.83 36.40
C GLY A 204 -45.03 -20.04 37.60
N ASP A 205 -44.33 -20.72 38.52
CA ASP A 205 -43.74 -20.08 39.69
C ASP A 205 -42.32 -20.60 39.89
N PRO A 206 -41.30 -19.73 39.65
CA PRO A 206 -39.89 -20.18 39.50
C PRO A 206 -39.36 -20.92 40.70
N ASN A 207 -39.89 -20.57 41.86
CA ASN A 207 -39.51 -21.16 43.11
C ASN A 207 -40.06 -22.57 43.32
N ASN A 208 -41.05 -22.99 42.54
CA ASN A 208 -41.70 -24.30 42.75
C ASN A 208 -41.55 -25.33 41.63
N LEU A 209 -41.18 -24.90 40.43
CA LEU A 209 -41.18 -25.76 39.27
C LEU A 209 -39.80 -26.27 38.91
N ARG A 210 -39.71 -27.53 38.51
CA ARG A 210 -38.44 -28.07 38.03
C ARG A 210 -38.67 -28.89 36.80
N VAL A 211 -38.15 -28.38 35.70
CA VAL A 211 -38.27 -29.08 34.45
C VAL A 211 -37.08 -30.00 34.36
N ALA A 212 -37.27 -31.12 33.68
CA ALA A 212 -36.14 -31.98 33.38
C ALA A 212 -36.17 -32.53 31.95
N VAL A 213 -35.02 -32.45 31.29
CA VAL A 213 -34.94 -32.88 29.90
C VAL A 213 -34.04 -34.08 29.76
N HIS A 214 -34.23 -34.81 28.67
CA HIS A 214 -33.51 -36.03 28.47
C HIS A 214 -33.78 -36.96 29.65
N ALA A 215 -35.03 -36.93 30.07
CA ALA A 215 -35.56 -37.81 31.08
C ALA A 215 -36.60 -38.66 30.39
N SER A 216 -36.21 -39.88 30.05
CA SER A 216 -37.12 -40.85 29.43
C SER A 216 -37.80 -41.62 30.54
N VAL A 217 -39.09 -41.35 30.76
CA VAL A 217 -39.84 -42.03 31.80
C VAL A 217 -40.15 -43.45 31.33
N GLU A 218 -39.88 -44.43 32.21
CA GLU A 218 -39.94 -45.85 31.85
C GLU A 218 -41.07 -46.61 32.52
N LYS A 219 -41.42 -46.18 33.73
CA LYS A 219 -42.35 -46.94 34.54
C LYS A 219 -43.03 -46.05 35.55
N ILE A 220 -44.33 -46.29 35.74
CA ILE A 220 -45.11 -45.72 36.82
C ILE A 220 -45.15 -46.76 37.93
N ILE A 221 -44.73 -46.34 39.12
CA ILE A 221 -44.71 -47.16 40.31
C ILE A 221 -46.05 -47.04 41.02
N PHE A 222 -46.48 -48.13 41.61
CA PHE A 222 -47.73 -48.19 42.33
C PHE A 222 -47.53 -48.72 43.72
N SER A 223 -48.52 -48.49 44.58
CA SER A 223 -48.47 -49.03 45.90
C SER A 223 -49.70 -49.85 46.25
N SER A 224 -49.40 -51.09 46.66
CA SER A 224 -50.31 -52.09 47.18
C SER A 224 -51.46 -51.45 47.98
N ASN A 225 -51.13 -50.55 48.89
CA ASN A 225 -52.08 -49.98 49.87
C ASN A 225 -52.25 -48.45 49.97
N SER A 226 -53.29 -47.97 50.67
CA SER A 226 -54.24 -48.76 51.39
C SER A 226 -55.56 -48.18 51.03
N SER A 227 -56.51 -49.00 50.57
CA SER A 227 -56.34 -50.42 50.40
C SER A 227 -56.12 -50.72 48.95
N GLY A 228 -56.20 -49.68 48.12
CA GLY A 228 -56.19 -49.85 46.70
C GLY A 228 -55.02 -49.19 46.06
N VAL A 229 -54.83 -49.46 44.77
CA VAL A 229 -53.68 -48.96 44.02
C VAL A 229 -53.58 -47.45 43.99
N THR A 230 -52.36 -46.96 44.17
CA THR A 230 -52.07 -45.54 44.12
C THR A 230 -50.81 -45.44 43.30
N ALA A 231 -50.66 -44.37 42.55
CA ALA A 231 -49.35 -44.04 41.99
C ALA A 231 -48.49 -43.49 43.13
N ILE A 232 -47.23 -43.88 43.14
CA ILE A 232 -46.31 -43.31 44.11
C ILE A 232 -45.23 -42.46 43.42
N GLY A 233 -44.92 -42.83 42.19
CA GLY A 233 -43.92 -42.12 41.45
C GLY A 233 -43.65 -42.76 40.10
N VAL A 234 -42.52 -42.36 39.53
CA VAL A 234 -42.15 -42.85 38.23
C VAL A 234 -40.66 -43.18 38.24
N ILE A 235 -40.20 -43.94 37.25
CA ILE A 235 -38.77 -44.10 37.12
C ILE A 235 -38.37 -43.58 35.76
N TYR A 236 -37.32 -42.75 35.72
CA TYR A 236 -36.82 -42.25 34.43
C TYR A 236 -35.31 -42.49 34.28
N LYS A 237 -34.86 -42.65 33.04
CA LYS A 237 -33.46 -42.86 32.77
C LYS A 237 -32.84 -41.56 32.25
N ASP A 238 -31.66 -41.23 32.79
CA ASP A 238 -30.82 -40.13 32.29
C ASP A 238 -30.01 -40.62 31.09
N SER A 239 -29.38 -39.68 30.38
CA SER A 239 -28.65 -39.97 29.13
C SER A 239 -27.44 -40.89 29.29
N ASN A 240 -26.91 -40.97 30.51
CA ASN A 240 -25.83 -41.91 30.86
C ASN A 240 -26.34 -43.33 30.93
N GLY A 241 -27.53 -43.51 31.50
CA GLY A 241 -28.08 -44.84 31.71
C GLY A 241 -28.73 -44.88 33.07
N THR A 242 -28.31 -43.97 33.96
CA THR A 242 -28.75 -43.96 35.36
C THR A 242 -30.26 -43.82 35.46
N PRO A 243 -30.95 -44.80 36.06
CA PRO A 243 -32.34 -44.60 36.41
C PRO A 243 -32.49 -43.80 37.68
N HIS A 244 -33.45 -42.85 37.68
CA HIS A 244 -33.82 -42.03 38.82
C HIS A 244 -35.25 -42.31 39.26
N GLN A 245 -35.56 -41.95 40.51
CA GLN A 245 -36.95 -41.97 41.03
C GLN A 245 -37.50 -40.57 41.33
N ALA A 246 -38.77 -40.33 40.99
CA ALA A 246 -39.49 -39.12 41.41
C ALA A 246 -40.80 -39.53 42.06
N PHE A 247 -40.99 -39.13 43.31
CA PHE A 247 -42.13 -39.55 44.10
C PHE A 247 -43.08 -38.41 44.38
N VAL A 248 -44.35 -38.75 44.58
CA VAL A 248 -45.41 -37.80 44.96
C VAL A 248 -45.54 -37.78 46.49
N ARG A 249 -45.90 -36.64 47.08
CA ARG A 249 -46.07 -36.55 48.54
C ARG A 249 -47.46 -36.98 49.00
N GLY A 250 -47.75 -36.82 50.29
CA GLY A 250 -49.12 -36.97 50.81
C GLY A 250 -49.96 -36.04 49.97
N GLU A 251 -51.16 -36.49 49.64
CA GLU A 251 -52.16 -35.72 48.86
C GLU A 251 -51.83 -35.45 47.38
N GLY A 252 -50.64 -35.85 46.92
CA GLY A 252 -50.18 -35.55 45.54
C GLY A 252 -50.58 -36.51 44.44
N GLU A 253 -50.22 -36.21 43.19
CA GLU A 253 -50.45 -37.09 42.05
C GLU A 253 -49.44 -37.06 40.90
N VAL A 254 -49.55 -38.05 40.04
CA VAL A 254 -48.67 -38.27 38.89
C VAL A 254 -49.57 -38.07 37.73
N ILE A 255 -49.14 -37.38 36.71
CA ILE A 255 -50.01 -37.08 35.62
C ILE A 255 -49.26 -37.34 34.42
N VAL A 256 -49.78 -38.20 33.57
CA VAL A 256 -49.20 -38.55 32.25
C VAL A 256 -49.75 -37.60 31.18
N SER A 257 -48.84 -36.95 30.46
CA SER A 257 -49.17 -36.03 29.40
C SER A 257 -48.20 -36.27 28.28
N ALA A 258 -48.09 -37.53 27.90
CA ALA A 258 -47.15 -37.93 26.87
C ALA A 258 -47.75 -38.12 25.47
N GLY A 259 -48.98 -37.67 25.26
CA GLY A 259 -49.61 -37.70 23.94
C GLY A 259 -50.22 -39.04 23.58
N PRO A 260 -50.98 -39.09 22.45
CA PRO A 260 -51.69 -40.31 22.01
C PRO A 260 -50.79 -41.51 21.97
N ILE A 261 -49.53 -41.34 21.60
CA ILE A 261 -48.65 -42.50 21.52
C ILE A 261 -47.92 -42.77 22.83
N GLY A 262 -47.43 -41.71 23.48
CA GLY A 262 -46.72 -41.84 24.74
C GLY A 262 -47.52 -42.42 25.90
N SER A 263 -48.67 -41.81 26.23
CA SER A 263 -49.51 -42.23 27.39
C SER A 263 -49.98 -43.72 27.36
N PRO A 264 -50.68 -44.11 26.28
CA PRO A 264 -51.04 -45.52 26.17
C PRO A 264 -49.82 -46.41 26.41
N GLN A 265 -48.67 -46.00 25.86
CA GLN A 265 -47.44 -46.76 26.01
C GLN A 265 -46.97 -46.80 27.48
N LEU A 266 -46.90 -45.66 28.15
CA LEU A 266 -46.32 -45.69 29.48
C LEU A 266 -47.21 -46.52 30.40
N LEU A 267 -48.53 -46.37 30.23
CA LEU A 267 -49.52 -47.08 31.03
C LEU A 267 -49.42 -48.59 30.86
N LEU A 268 -49.39 -49.02 29.59
CA LEU A 268 -49.22 -50.41 29.23
C LEU A 268 -47.94 -51.03 29.78
N LEU A 269 -46.82 -50.31 29.68
CA LEU A 269 -45.53 -50.78 30.17
C LEU A 269 -45.45 -50.81 31.68
N SER A 270 -46.34 -50.07 32.34
CA SER A 270 -46.47 -50.06 33.81
C SER A 270 -47.55 -51.05 34.29
N GLY A 271 -48.20 -51.73 33.34
CA GLY A 271 -49.10 -52.85 33.65
C GLY A 271 -50.53 -52.45 33.95
N VAL A 272 -50.91 -51.27 33.46
CA VAL A 272 -52.31 -50.82 33.46
C VAL A 272 -52.71 -51.04 32.02
N GLY A 273 -53.60 -52.01 31.78
CA GLY A 273 -53.93 -52.40 30.42
C GLY A 273 -54.77 -53.66 30.34
N PRO A 274 -55.11 -54.09 29.12
CA PRO A 274 -55.90 -55.30 28.95
C PRO A 274 -55.15 -56.55 29.40
N GLU A 275 -55.72 -57.23 30.40
CA GLU A 275 -55.06 -58.33 31.12
C GLU A 275 -54.40 -59.37 30.23
N SER A 276 -55.19 -59.96 29.33
CA SER A 276 -54.72 -60.99 28.43
C SER A 276 -53.59 -60.52 27.53
N TYR A 277 -53.63 -59.25 27.10
CA TYR A 277 -52.53 -58.65 26.32
C TYR A 277 -51.18 -58.46 27.07
N LEU A 278 -51.23 -57.92 28.29
CA LEU A 278 -50.05 -57.80 29.15
C LEU A 278 -49.40 -59.14 29.57
N SER A 279 -50.21 -60.10 30.00
CA SER A 279 -49.75 -61.50 30.19
C SER A 279 -49.02 -62.02 28.96
N SER A 280 -49.61 -61.78 27.80
CA SER A 280 -49.07 -62.21 26.52
C SER A 280 -47.63 -61.79 26.36
N LEU A 281 -47.28 -60.67 27.00
CA LEU A 281 -45.97 -60.09 26.84
C LEU A 281 -45.20 -60.23 28.12
N ASN A 282 -45.79 -60.98 29.06
CA ASN A 282 -45.24 -61.16 30.40
C ASN A 282 -45.07 -59.85 31.17
N ILE A 283 -46.04 -58.95 31.08
CA ILE A 283 -46.00 -57.74 31.89
C ILE A 283 -46.98 -57.86 33.06
N PRO A 284 -46.45 -57.72 34.30
CA PRO A 284 -47.27 -57.92 35.47
C PRO A 284 -48.43 -56.94 35.48
N VAL A 285 -49.63 -57.48 35.66
CA VAL A 285 -50.88 -56.71 35.65
C VAL A 285 -51.22 -56.05 37.01
N VAL A 286 -51.42 -54.74 36.96
CA VAL A 286 -51.56 -53.90 38.13
C VAL A 286 -53.01 -53.45 38.23
N LEU A 287 -53.67 -53.28 37.09
CA LEU A 287 -55.13 -53.16 37.00
C LEU A 287 -55.53 -53.53 35.58
N SER A 288 -56.59 -54.32 35.45
CA SER A 288 -57.11 -54.70 34.14
C SER A 288 -57.93 -53.57 33.51
N HIS A 289 -57.26 -52.74 32.70
CA HIS A 289 -57.90 -51.66 31.94
C HIS A 289 -58.02 -51.96 30.46
N PRO A 290 -59.14 -52.60 30.08
CA PRO A 290 -59.22 -53.14 28.73
C PRO A 290 -59.04 -52.10 27.63
N TYR A 291 -59.41 -50.84 27.89
CA TYR A 291 -59.46 -49.80 26.83
C TYR A 291 -58.16 -49.00 26.56
N VAL A 292 -57.08 -49.32 27.29
CA VAL A 292 -55.78 -48.65 27.09
C VAL A 292 -55.11 -49.09 25.78
N GLY A 293 -54.96 -48.12 24.89
CA GLY A 293 -54.37 -48.35 23.60
C GLY A 293 -55.46 -48.47 22.58
N GLN A 294 -56.70 -48.57 23.07
CA GLN A 294 -57.85 -48.70 22.20
C GLN A 294 -58.24 -47.37 21.58
N PHE A 295 -59.19 -47.41 20.64
CA PHE A 295 -59.78 -46.21 20.09
C PHE A 295 -58.76 -45.10 19.77
N LEU A 296 -57.74 -45.44 18.99
CA LEU A 296 -56.80 -44.45 18.45
C LEU A 296 -57.32 -43.90 17.12
N HIS A 297 -57.50 -42.58 17.01
CA HIS A 297 -58.01 -41.94 15.80
C HIS A 297 -56.98 -41.06 15.09
N ASP A 298 -57.05 -41.00 13.77
CA ASP A 298 -56.24 -40.02 13.01
C ASP A 298 -56.93 -39.51 11.75
N ASN A 299 -57.19 -38.20 11.73
CA ASN A 299 -57.95 -37.62 10.64
C ASN A 299 -57.17 -37.75 9.34
N PRO A 300 -57.81 -38.30 8.30
CA PRO A 300 -57.13 -38.45 7.02
C PRO A 300 -56.87 -37.09 6.43
N ARG A 301 -55.71 -36.88 5.84
CA ARG A 301 -55.45 -35.66 5.09
C ARG A 301 -55.42 -35.98 3.61
N ASN A 302 -56.29 -35.33 2.85
CA ASN A 302 -56.28 -35.41 1.39
C ASN A 302 -56.03 -34.06 0.72
N PHE A 303 -55.14 -34.03 -0.27
CA PHE A 303 -54.60 -32.75 -0.78
C PHE A 303 -54.44 -32.70 -2.30
N ILE A 304 -54.27 -31.49 -2.82
CA ILE A 304 -53.84 -31.29 -4.21
C ILE A 304 -52.62 -30.33 -4.27
N ASN A 305 -51.56 -30.74 -4.94
CA ASN A 305 -50.38 -29.89 -5.05
C ASN A 305 -50.41 -29.17 -6.42
N ILE A 306 -50.25 -27.86 -6.45
CA ILE A 306 -50.14 -27.17 -7.74
C ILE A 306 -48.81 -26.47 -7.88
N LEU A 307 -48.28 -26.47 -9.11
CA LEU A 307 -47.06 -25.78 -9.40
C LEU A 307 -47.38 -24.67 -10.39
N PRO A 308 -47.58 -23.42 -9.87
CA PRO A 308 -47.89 -22.25 -10.67
C PRO A 308 -46.76 -21.97 -11.67
N PRO A 309 -47.04 -21.20 -12.75
CA PRO A 309 -45.98 -20.92 -13.71
C PRO A 309 -45.07 -19.79 -13.27
N ASN A 310 -45.54 -19.02 -12.31
CA ASN A 310 -44.80 -17.93 -11.74
C ASN A 310 -44.60 -18.29 -10.29
N PRO A 311 -43.58 -17.70 -9.63
CA PRO A 311 -43.33 -18.13 -8.26
C PRO A 311 -44.34 -17.54 -7.29
N ILE A 312 -44.59 -18.24 -6.19
CA ILE A 312 -45.41 -17.68 -5.15
C ILE A 312 -44.63 -17.66 -3.84
N GLU A 313 -44.98 -16.72 -2.94
CA GLU A 313 -44.34 -16.61 -1.62
C GLU A 313 -44.74 -17.76 -0.71
N PRO A 314 -43.79 -18.25 0.11
CA PRO A 314 -44.08 -19.16 1.21
C PRO A 314 -44.96 -18.48 2.23
N SER A 315 -45.92 -19.20 2.77
CA SER A 315 -46.84 -18.67 3.77
C SER A 315 -46.94 -19.53 5.01
N THR A 316 -47.22 -18.90 6.15
CA THR A 316 -47.75 -19.64 7.29
C THR A 316 -49.30 -19.74 7.19
N VAL A 317 -49.86 -20.92 7.44
CA VAL A 317 -51.31 -21.10 7.29
C VAL A 317 -52.04 -20.27 8.33
N THR A 318 -53.01 -19.48 7.88
CA THR A 318 -53.82 -18.64 8.76
C THR A 318 -55.27 -18.57 8.27
N VAL A 319 -55.47 -18.91 7.00
CA VAL A 319 -56.81 -18.85 6.41
C VAL A 319 -57.39 -20.22 6.27
N LEU A 320 -58.60 -20.36 6.81
CA LEU A 320 -59.27 -21.62 6.95
C LEU A 320 -60.65 -21.67 6.28
N GLY A 321 -60.94 -22.78 5.58
CA GLY A 321 -62.24 -23.02 4.96
C GLY A 321 -63.07 -24.10 5.64
N ILE A 322 -63.70 -23.70 6.73
CA ILE A 322 -64.42 -24.64 7.57
C ILE A 322 -65.81 -24.98 7.07
N THR A 323 -66.04 -26.25 6.77
CA THR A 323 -67.42 -26.73 6.52
C THR A 323 -67.76 -27.86 7.50
N SER A 324 -69.04 -28.25 7.62
CA SER A 324 -69.46 -29.13 8.72
C SER A 324 -68.75 -30.52 8.72
N ASN A 325 -68.62 -31.13 7.55
CA ASN A 325 -68.04 -32.46 7.44
C ASN A 325 -66.55 -32.51 7.14
N PHE A 326 -65.90 -31.36 6.96
CA PHE A 326 -64.48 -31.30 6.64
C PHE A 326 -63.96 -29.87 6.75
N TYR A 327 -62.63 -29.72 6.82
CA TYR A 327 -61.95 -28.42 7.00
C TYR A 327 -60.82 -28.31 6.01
N GLN A 328 -60.59 -27.10 5.53
CA GLN A 328 -59.62 -26.88 4.47
C GLN A 328 -58.74 -25.67 4.69
N CYS A 329 -57.57 -25.69 4.08
CA CYS A 329 -56.59 -24.61 4.13
C CYS A 329 -55.57 -24.86 3.05
N SER A 330 -54.60 -23.96 2.90
CA SER A 330 -53.62 -24.08 1.83
C SER A 330 -52.28 -23.53 2.22
N PHE A 331 -51.23 -24.29 1.92
CA PHE A 331 -49.86 -24.01 2.33
C PHE A 331 -49.07 -23.70 1.06
N SER A 332 -48.37 -22.58 0.99
CA SER A 332 -47.40 -22.35 -0.10
C SER A 332 -45.96 -22.49 0.44
N SER A 333 -45.04 -23.00 -0.36
CA SER A 333 -43.69 -23.29 0.18
C SER A 333 -42.59 -23.27 -0.86
N LEU A 334 -41.37 -22.98 -0.42
CA LEU A 334 -40.18 -23.15 -1.25
C LEU A 334 -40.05 -24.60 -1.67
N PRO A 335 -39.35 -24.88 -2.78
CA PRO A 335 -39.20 -26.27 -3.25
C PRO A 335 -38.54 -27.17 -2.22
N PHE A 336 -38.65 -28.48 -2.41
CA PHE A 336 -38.05 -29.48 -1.53
C PHE A 336 -36.88 -30.16 -2.22
N SER A 337 -35.67 -29.96 -1.70
CA SER A 337 -34.51 -30.60 -2.32
C SER A 337 -34.20 -31.95 -1.64
N ILE A 338 -34.65 -32.09 -0.38
CA ILE A 338 -34.63 -33.35 0.44
C ILE A 338 -36.02 -33.54 1.07
N PRO A 339 -36.62 -34.75 1.02
CA PRO A 339 -38.04 -34.86 1.42
C PRO A 339 -38.29 -34.67 2.90
N PRO A 340 -39.24 -33.79 3.26
CA PRO A 340 -39.68 -33.63 4.65
C PRO A 340 -40.67 -34.71 5.02
N PHE A 341 -40.26 -35.51 5.99
CA PHE A 341 -41.00 -36.67 6.42
C PHE A 341 -42.39 -36.30 6.92
N ALA A 342 -43.36 -37.02 6.39
CA ALA A 342 -44.72 -36.99 6.90
C ALA A 342 -45.55 -35.94 6.22
N PHE A 343 -44.88 -35.03 5.51
CA PHE A 343 -45.60 -34.10 4.68
C PHE A 343 -46.35 -34.86 3.61
N PHE A 344 -45.63 -35.68 2.84
CA PHE A 344 -46.24 -36.66 1.95
C PHE A 344 -46.29 -38.04 2.63
N PRO A 345 -47.25 -38.93 2.23
CA PRO A 345 -47.49 -40.20 2.93
C PRO A 345 -46.46 -41.32 2.74
N ASN A 346 -45.53 -41.16 1.76
CA ASN A 346 -44.38 -42.07 1.56
C ASN A 346 -43.11 -41.39 1.03
N PRO A 347 -41.92 -41.98 1.30
CA PRO A 347 -40.69 -41.26 0.99
C PRO A 347 -40.40 -41.24 -0.50
N THR A 348 -41.08 -42.06 -1.27
CA THR A 348 -40.79 -42.10 -2.69
C THR A 348 -41.68 -41.19 -3.52
N TYR A 349 -42.26 -40.20 -2.86
CA TYR A 349 -43.18 -39.26 -3.49
C TYR A 349 -42.35 -38.19 -4.22
N PRO A 350 -42.74 -37.83 -5.47
CA PRO A 350 -41.99 -36.82 -6.23
C PRO A 350 -41.80 -35.52 -5.42
N LEU A 351 -40.62 -34.91 -5.49
CA LEU A 351 -40.40 -33.62 -4.85
C LEU A 351 -40.58 -32.41 -5.79
N PRO A 352 -41.12 -31.30 -5.26
CA PRO A 352 -41.30 -30.10 -6.08
C PRO A 352 -40.00 -29.30 -6.29
N ASN A 353 -39.66 -28.99 -7.55
CA ASN A 353 -38.46 -28.20 -7.86
C ASN A 353 -38.66 -26.73 -7.87
N SER A 354 -39.89 -26.27 -7.94
CA SER A 354 -40.17 -24.85 -7.86
C SER A 354 -41.08 -24.59 -6.65
N THR A 355 -41.59 -23.37 -6.48
CA THR A 355 -42.54 -23.13 -5.41
C THR A 355 -43.83 -23.80 -5.80
N PHE A 356 -44.59 -24.20 -4.78
CA PHE A 356 -45.82 -24.92 -4.99
C PHE A 356 -46.73 -24.61 -3.85
N ALA A 357 -48.00 -24.96 -4.05
CA ALA A 357 -49.06 -24.72 -3.12
C ALA A 357 -49.70 -26.04 -2.85
N HIS A 358 -50.27 -26.17 -1.66
CA HIS A 358 -50.78 -27.44 -1.18
C HIS A 358 -52.18 -27.23 -0.62
N PHE A 359 -53.19 -27.76 -1.29
CA PHE A 359 -54.55 -27.59 -0.82
C PHE A 359 -54.97 -28.83 -0.11
N VAL A 360 -55.33 -28.69 1.17
CA VAL A 360 -55.67 -29.86 1.96
C VAL A 360 -57.05 -29.90 2.51
N ASN A 361 -57.45 -31.11 2.86
CA ASN A 361 -58.75 -31.37 3.40
C ASN A 361 -58.57 -32.27 4.61
N LYS A 362 -59.30 -31.96 5.67
CA LYS A 362 -59.29 -32.76 6.87
C LYS A 362 -60.72 -33.12 7.23
N VAL A 363 -61.02 -34.42 7.24
CA VAL A 363 -62.31 -34.94 7.71
C VAL A 363 -62.38 -34.78 9.24
N PRO A 364 -63.57 -34.43 9.79
CA PRO A 364 -63.76 -34.29 11.24
C PRO A 364 -63.98 -35.64 11.87
N GLY A 365 -64.04 -35.65 13.21
CA GLY A 365 -64.01 -36.89 13.95
C GLY A 365 -62.59 -37.36 14.05
N PRO A 366 -62.21 -38.38 13.25
CA PRO A 366 -63.04 -39.15 12.37
C PRO A 366 -63.74 -40.26 13.14
N LEU A 367 -64.54 -41.06 12.45
CA LEU A 367 -65.20 -42.18 13.09
C LEU A 367 -64.30 -43.44 13.13
N SER A 368 -63.42 -43.61 12.15
CA SER A 368 -62.61 -44.82 12.11
C SER A 368 -61.50 -44.80 13.18
N TYR A 369 -61.41 -45.88 13.95
CA TYR A 369 -60.36 -46.04 14.96
C TYR A 369 -59.45 -47.25 14.76
N GLY A 370 -58.41 -47.32 15.60
CA GLY A 370 -57.43 -48.41 15.61
C GLY A 370 -56.89 -48.70 17.00
N SER A 371 -55.60 -49.01 17.07
CA SER A 371 -55.00 -49.58 18.28
C SER A 371 -53.53 -49.26 18.39
N ILE A 372 -53.07 -49.02 19.62
CA ILE A 372 -51.65 -49.00 19.99
C ILE A 372 -51.20 -50.41 20.33
N THR A 373 -50.17 -50.91 19.68
CA THR A 373 -49.51 -52.10 20.21
C THR A 373 -48.05 -51.86 20.53
N LEU A 374 -47.64 -52.32 21.70
CA LEU A 374 -46.23 -52.44 22.01
C LEU A 374 -45.64 -53.54 21.15
N ASN A 375 -44.36 -53.43 20.90
CA ASN A 375 -43.62 -54.53 20.31
C ASN A 375 -42.26 -54.78 20.99
N SER A 376 -41.75 -53.77 21.69
CA SER A 376 -40.55 -53.98 22.48
C SER A 376 -40.85 -54.16 23.93
N ASP A 377 -40.23 -55.23 24.43
CA ASP A 377 -40.35 -55.75 25.80
C ASP A 377 -40.89 -54.70 26.75
N SER A 378 -40.17 -53.60 26.79
CA SER A 378 -40.36 -52.67 27.82
C SER A 378 -39.72 -51.48 27.27
N ASP A 379 -38.90 -51.60 26.26
CA ASP A 379 -38.08 -50.42 26.00
C ASP A 379 -38.94 -49.25 25.56
N VAL A 380 -39.07 -48.28 26.47
CA VAL A 380 -39.92 -47.12 26.26
C VAL A 380 -39.45 -46.35 25.03
N ARG A 381 -38.16 -46.47 24.72
CA ARG A 381 -37.55 -45.76 23.62
C ARG A 381 -37.82 -46.45 22.28
N VAL A 382 -38.66 -47.49 22.28
CA VAL A 382 -39.05 -48.17 21.03
C VAL A 382 -40.48 -47.83 20.65
N ALA A 383 -40.65 -47.11 19.54
CA ALA A 383 -41.97 -46.57 19.16
C ALA A 383 -42.93 -47.70 18.94
N PRO A 384 -44.06 -47.71 19.67
CA PRO A 384 -45.13 -48.68 19.50
C PRO A 384 -45.72 -48.61 18.12
N ASN A 385 -46.34 -49.70 17.69
CA ASN A 385 -47.13 -49.69 16.44
C ASN A 385 -48.49 -49.04 16.65
N VAL A 386 -48.92 -48.29 15.64
CA VAL A 386 -50.27 -47.74 15.66
C VAL A 386 -50.98 -48.15 14.36
N LYS A 387 -52.26 -48.42 14.44
CA LYS A 387 -53.05 -48.60 13.23
C LYS A 387 -54.19 -47.61 13.35
N PHE A 388 -54.46 -46.89 12.27
CA PHE A 388 -55.51 -45.87 12.30
C PHE A 388 -56.79 -46.27 11.54
N ASN A 389 -56.66 -47.30 10.68
CA ASN A 389 -57.71 -47.77 9.75
C ASN A 389 -58.42 -46.69 8.95
N TYR A 390 -57.66 -45.89 8.24
CA TYR A 390 -58.21 -44.86 7.39
C TYR A 390 -59.41 -45.34 6.59
N TYR A 391 -60.43 -44.49 6.51
CA TYR A 391 -61.62 -44.73 5.67
C TYR A 391 -62.28 -46.08 5.90
N SER A 392 -62.21 -46.56 7.14
CA SER A 392 -62.76 -47.83 7.50
C SER A 392 -64.23 -47.65 7.69
N ASN A 393 -64.61 -46.52 8.27
CA ASN A 393 -66.02 -46.20 8.43
C ASN A 393 -66.49 -45.43 7.21
N SER A 394 -67.58 -45.85 6.60
CA SER A 394 -67.98 -45.31 5.31
C SER A 394 -68.30 -43.81 5.28
N THR A 395 -68.66 -43.28 6.45
CA THR A 395 -68.98 -41.85 6.56
C THR A 395 -67.76 -40.92 6.44
N ASP A 396 -66.60 -41.39 6.91
CA ASP A 396 -65.36 -40.62 6.80
C ASP A 396 -65.06 -40.43 5.33
N LEU A 397 -65.32 -41.48 4.56
CA LEU A 397 -65.02 -41.50 3.16
C LEU A 397 -66.00 -40.64 2.37
N ALA A 398 -67.28 -40.61 2.78
CA ALA A 398 -68.26 -39.71 2.15
C ALA A 398 -67.80 -38.26 2.25
N HIS A 399 -67.45 -37.85 3.47
CA HIS A 399 -66.90 -36.51 3.77
C HIS A 399 -65.58 -36.20 3.06
N CYS A 400 -64.84 -37.25 2.72
CA CYS A 400 -63.68 -37.07 1.92
C CYS A 400 -64.10 -36.68 0.52
N VAL A 401 -64.97 -37.47 -0.10
CA VAL A 401 -65.43 -37.17 -1.45
C VAL A 401 -65.97 -35.75 -1.54
N SER A 402 -66.93 -35.43 -0.67
CA SER A 402 -67.40 -34.05 -0.48
C SER A 402 -66.26 -33.06 -0.49
N GLY A 403 -65.33 -33.20 0.44
CA GLY A 403 -64.21 -32.26 0.62
C GLY A 403 -63.33 -32.14 -0.60
N MET A 404 -63.06 -33.25 -1.26
CA MET A 404 -62.33 -33.24 -2.50
C MET A 404 -63.13 -32.63 -3.63
N LYS A 405 -64.43 -32.89 -3.67
CA LYS A 405 -65.26 -32.19 -4.64
C LYS A 405 -65.14 -30.66 -4.46
N LYS A 406 -65.12 -30.22 -3.19
CA LYS A 406 -65.03 -28.83 -2.84
C LYS A 406 -63.68 -28.22 -3.13
N ILE A 407 -62.64 -29.04 -3.12
CA ILE A 407 -61.35 -28.57 -3.60
C ILE A 407 -61.41 -28.39 -5.11
N GLY A 408 -62.09 -29.32 -5.80
CA GLY A 408 -62.33 -29.23 -7.23
C GLY A 408 -62.93 -27.89 -7.61
N GLU A 409 -63.87 -27.40 -6.79
CA GLU A 409 -64.47 -26.07 -6.96
C GLU A 409 -63.47 -24.95 -6.63
N LEU A 410 -62.68 -25.10 -5.56
CA LEU A 410 -61.66 -24.11 -5.24
C LEU A 410 -60.76 -23.86 -6.43
N LEU A 411 -60.60 -24.88 -7.26
CA LEU A 411 -59.67 -24.81 -8.37
C LEU A 411 -60.36 -24.19 -9.55
N SER A 412 -61.69 -24.21 -9.52
CA SER A 412 -62.52 -23.66 -10.61
C SER A 412 -62.74 -22.15 -10.51
N SER A 413 -62.50 -21.58 -9.33
CA SER A 413 -62.87 -20.21 -9.02
C SER A 413 -61.96 -19.25 -9.75
N ASP A 414 -62.39 -17.98 -9.83
CA ASP A 414 -61.66 -16.93 -10.53
C ASP A 414 -60.29 -16.62 -9.90
N ALA A 415 -60.18 -16.72 -8.57
CA ALA A 415 -58.91 -16.50 -7.84
C ALA A 415 -57.71 -17.39 -8.25
N LEU A 416 -58.00 -18.60 -8.70
CA LEU A 416 -56.96 -19.59 -8.98
C LEU A 416 -56.50 -19.60 -10.44
N LYS A 417 -57.22 -18.87 -11.29
CA LYS A 417 -56.87 -18.70 -12.72
C LYS A 417 -55.44 -18.22 -13.06
N PRO A 418 -54.80 -17.44 -12.19
CA PRO A 418 -53.46 -17.05 -12.57
C PRO A 418 -52.45 -18.12 -12.23
N TYR A 419 -52.90 -19.23 -11.66
CA TYR A 419 -51.95 -20.23 -11.24
C TYR A 419 -51.99 -21.49 -12.10
N LYS A 420 -52.90 -21.49 -13.07
CA LYS A 420 -52.98 -22.51 -14.10
C LYS A 420 -51.81 -22.32 -15.03
N VAL A 421 -51.35 -23.40 -15.65
CA VAL A 421 -50.23 -23.35 -16.60
C VAL A 421 -50.73 -22.97 -17.98
N GLU A 422 -51.93 -23.45 -18.34
CA GLU A 422 -52.58 -23.06 -19.59
C GLU A 422 -54.06 -22.73 -19.42
N ASP A 423 -54.60 -21.95 -20.34
N ASP A 423 -54.56 -22.00 -20.41
CA ASP A 423 -55.93 -21.35 -20.17
CA ASP A 423 -55.89 -21.41 -20.45
C ASP A 423 -57.09 -22.31 -20.40
C ASP A 423 -57.04 -22.40 -20.58
N LEU A 424 -56.98 -23.52 -19.85
CA LEU A 424 -58.05 -24.55 -19.92
C LEU A 424 -59.03 -24.41 -18.77
N PRO A 425 -60.31 -24.77 -19.00
CA PRO A 425 -61.24 -24.39 -17.95
C PRO A 425 -61.49 -25.54 -16.97
N GLY A 426 -62.19 -25.21 -15.88
CA GLY A 426 -62.42 -26.15 -14.80
C GLY A 426 -61.15 -26.37 -13.98
N ILE A 427 -60.88 -27.64 -13.67
CA ILE A 427 -59.73 -27.97 -12.85
C ILE A 427 -58.51 -28.19 -13.72
N ASP A 428 -58.72 -28.29 -15.03
CA ASP A 428 -57.61 -28.53 -15.97
C ASP A 428 -56.80 -27.28 -16.28
N GLY A 429 -55.50 -27.47 -16.42
CA GLY A 429 -54.62 -26.36 -16.71
C GLY A 429 -53.63 -26.22 -15.59
N PHE A 430 -53.97 -26.77 -14.43
CA PHE A 430 -53.03 -26.79 -13.31
C PHE A 430 -51.96 -27.80 -13.60
N ASP A 431 -50.73 -27.45 -13.26
CA ASP A 431 -49.63 -28.42 -13.28
C ASP A 431 -49.65 -29.16 -11.96
N ILE A 432 -50.08 -30.42 -12.00
CA ILE A 432 -50.27 -31.16 -10.76
C ILE A 432 -48.99 -31.90 -10.36
N LEU A 433 -48.72 -31.92 -9.06
CA LEU A 433 -47.65 -32.73 -8.55
C LEU A 433 -48.29 -33.83 -7.73
N GLY A 434 -48.02 -35.08 -8.14
CA GLY A 434 -48.65 -36.23 -7.52
C GLY A 434 -50.01 -36.47 -8.12
N ILE A 435 -50.92 -37.04 -7.32
CA ILE A 435 -52.18 -37.61 -7.83
C ILE A 435 -53.31 -36.57 -8.02
N PRO A 436 -53.78 -36.38 -9.28
CA PRO A 436 -54.73 -35.32 -9.61
C PRO A 436 -56.14 -35.73 -9.24
N LEU A 437 -57.05 -34.77 -9.21
CA LEU A 437 -58.46 -35.12 -9.01
C LEU A 437 -59.01 -35.95 -10.20
N PRO A 438 -60.04 -36.75 -9.95
CA PRO A 438 -60.86 -37.32 -10.98
C PRO A 438 -61.31 -36.23 -11.96
N GLU A 439 -61.44 -36.56 -13.24
CA GLU A 439 -61.84 -35.56 -14.24
C GLU A 439 -63.29 -35.12 -14.05
N ASN A 440 -64.21 -36.09 -14.04
CA ASN A 440 -65.66 -35.88 -13.87
C ASN A 440 -66.04 -35.65 -12.41
N GLN A 441 -66.43 -34.42 -12.11
CA GLN A 441 -66.75 -33.99 -10.75
C GLN A 441 -68.07 -34.55 -10.22
N THR A 442 -68.59 -35.56 -10.91
CA THR A 442 -69.85 -36.20 -10.50
C THR A 442 -69.66 -37.71 -10.34
N ASP A 443 -68.39 -38.15 -10.41
CA ASP A 443 -68.02 -39.56 -10.36
C ASP A 443 -67.65 -40.01 -8.93
N ASP A 444 -68.67 -40.27 -8.11
CA ASP A 444 -68.49 -40.71 -6.72
C ASP A 444 -67.54 -41.89 -6.61
N ALA A 445 -67.79 -42.93 -7.40
CA ALA A 445 -66.98 -44.12 -7.31
C ALA A 445 -65.54 -43.85 -7.71
N ALA A 446 -65.26 -42.75 -8.42
CA ALA A 446 -63.87 -42.38 -8.74
C ALA A 446 -63.20 -41.53 -7.65
N PHE A 447 -63.96 -40.64 -7.02
CA PHE A 447 -63.41 -39.80 -5.97
C PHE A 447 -63.10 -40.63 -4.77
N GLU A 448 -63.86 -41.71 -4.58
CA GLU A 448 -63.67 -42.67 -3.49
C GLU A 448 -62.31 -43.33 -3.60
N THR A 449 -61.99 -43.74 -4.82
CA THR A 449 -60.67 -44.21 -5.18
C THR A 449 -59.60 -43.15 -4.91
N PHE A 450 -59.83 -41.92 -5.34
CA PHE A 450 -58.84 -40.88 -5.08
C PHE A 450 -58.51 -40.85 -3.57
N CYS A 451 -59.53 -40.57 -2.78
CA CYS A 451 -59.44 -40.49 -1.35
C CYS A 451 -58.64 -41.64 -0.72
N ARG A 452 -58.84 -42.85 -1.21
CA ARG A 452 -58.21 -44.04 -0.61
C ARG A 452 -56.73 -44.23 -0.98
N GLU A 453 -56.35 -43.86 -2.19
CA GLU A 453 -54.96 -43.97 -2.64
C GLU A 453 -54.07 -42.79 -2.23
N ALA A 454 -54.64 -41.59 -2.23
CA ALA A 454 -53.89 -40.36 -2.00
C ALA A 454 -53.69 -40.06 -0.51
N VAL A 455 -54.41 -40.75 0.38
CA VAL A 455 -54.51 -40.34 1.79
C VAL A 455 -53.17 -40.20 2.53
N ALA A 456 -53.06 -39.17 3.34
CA ALA A 456 -51.89 -38.93 4.18
C ALA A 456 -52.39 -38.57 5.56
N SER A 457 -51.50 -38.28 6.49
CA SER A 457 -51.97 -37.88 7.82
C SER A 457 -52.09 -36.36 7.96
N TYR A 458 -53.11 -35.89 8.68
CA TYR A 458 -53.16 -34.48 9.03
C TYR A 458 -52.28 -34.20 10.26
N TRP A 459 -51.71 -35.28 10.82
CA TRP A 459 -50.81 -35.21 11.97
C TRP A 459 -51.56 -34.93 13.27
N HIS A 460 -52.89 -35.03 13.22
CA HIS A 460 -53.74 -34.61 14.34
C HIS A 460 -54.27 -35.77 15.16
N TYR A 461 -53.56 -36.89 15.14
CA TYR A 461 -54.00 -38.13 15.79
C TYR A 461 -54.28 -37.87 17.26
N HIS A 462 -55.15 -38.68 17.85
CA HIS A 462 -55.62 -38.46 19.21
C HIS A 462 -56.29 -39.74 19.61
N GLY A 463 -56.46 -39.98 20.91
CA GLY A 463 -57.10 -41.20 21.37
C GLY A 463 -56.18 -42.19 22.07
N GLY A 464 -56.74 -43.30 22.50
CA GLY A 464 -55.92 -44.34 23.10
C GLY A 464 -56.09 -44.44 24.59
N CYS A 465 -56.77 -43.45 25.16
CA CYS A 465 -56.99 -43.39 26.58
C CYS A 465 -58.16 -42.47 26.87
N LEU A 466 -59.37 -42.93 26.51
CA LEU A 466 -60.55 -42.08 26.46
C LEU A 466 -61.21 -41.85 27.81
N VAL A 467 -61.79 -40.67 27.98
CA VAL A 467 -62.69 -40.41 29.08
C VAL A 467 -63.88 -41.31 28.87
N GLY A 468 -64.42 -41.84 29.97
CA GLY A 468 -65.58 -42.72 29.91
C GLY A 468 -65.22 -44.10 29.37
N GLU A 469 -63.93 -44.37 29.28
CA GLU A 469 -63.44 -45.67 28.82
C GLU A 469 -62.27 -46.13 29.74
N VAL A 470 -61.31 -45.22 29.96
CA VAL A 470 -60.18 -45.42 30.88
C VAL A 470 -60.15 -44.38 32.01
N LEU A 471 -60.65 -43.17 31.72
CA LEU A 471 -60.59 -42.05 32.64
C LEU A 471 -61.98 -41.62 32.99
N ASP A 472 -62.14 -41.00 34.16
CA ASP A 472 -63.41 -40.47 34.56
C ASP A 472 -63.51 -38.99 34.13
N GLY A 473 -64.54 -38.29 34.58
CA GLY A 473 -64.74 -36.89 34.21
C GLY A 473 -63.65 -35.94 34.70
N ASP A 474 -62.97 -36.32 35.78
CA ASP A 474 -61.82 -35.56 36.29
C ASP A 474 -60.44 -35.92 35.70
N PHE A 475 -60.44 -36.82 34.72
CA PHE A 475 -59.20 -37.23 34.03
C PHE A 475 -58.35 -38.22 34.83
N ARG A 476 -58.97 -38.88 35.82
CA ARG A 476 -58.35 -39.94 36.63
C ARG A 476 -58.45 -41.30 35.98
N VAL A 477 -57.38 -42.08 36.06
CA VAL A 477 -57.44 -43.50 35.68
C VAL A 477 -58.23 -44.27 36.75
N THR A 478 -59.43 -44.71 36.36
CA THR A 478 -60.42 -45.29 37.28
C THR A 478 -59.94 -46.51 38.04
N GLY A 479 -60.15 -46.47 39.34
CA GLY A 479 -59.68 -47.51 40.23
C GLY A 479 -58.22 -47.45 40.62
N ILE A 480 -57.53 -46.41 40.14
CA ILE A 480 -56.16 -46.13 40.56
C ILE A 480 -56.11 -44.73 41.16
N ASN A 481 -55.65 -44.60 42.40
CA ASN A 481 -55.52 -43.28 42.97
C ASN A 481 -54.26 -42.56 42.52
N ALA A 482 -54.36 -41.22 42.50
CA ALA A 482 -53.20 -40.36 42.21
C ALA A 482 -52.57 -40.53 40.80
N LEU A 483 -53.36 -41.00 39.85
CA LEU A 483 -52.90 -41.12 38.48
C LEU A 483 -53.88 -40.45 37.51
N ARG A 484 -53.35 -39.55 36.68
CA ARG A 484 -54.16 -38.78 35.74
C ARG A 484 -53.50 -38.74 34.36
N VAL A 485 -54.33 -38.56 33.33
CA VAL A 485 -53.89 -38.37 31.95
C VAL A 485 -54.49 -37.06 31.45
N VAL A 486 -53.66 -36.21 30.85
CA VAL A 486 -54.14 -34.97 30.25
C VAL A 486 -53.39 -34.75 28.93
N ASP A 487 -54.10 -34.85 27.80
CA ASP A 487 -53.45 -34.65 26.51
C ASP A 487 -54.28 -35.16 25.31
N GLY A 488 -53.66 -35.14 24.14
CA GLY A 488 -54.28 -35.59 22.90
C GLY A 488 -55.02 -36.91 22.98
N SER A 489 -54.51 -37.83 23.80
CA SER A 489 -55.10 -39.15 23.88
C SER A 489 -56.45 -39.23 24.58
N THR A 490 -56.93 -38.13 25.18
CA THR A 490 -58.08 -38.22 26.10
C THR A 490 -59.49 -38.17 25.51
N PHE A 491 -59.63 -37.83 24.23
CA PHE A 491 -60.95 -37.74 23.55
C PHE A 491 -60.98 -38.45 22.20
N PRO A 492 -62.15 -38.97 21.78
CA PRO A 492 -62.17 -39.71 20.51
C PRO A 492 -62.25 -38.88 19.23
N TYR A 493 -62.79 -37.64 19.30
CA TYR A 493 -62.96 -36.79 18.09
C TYR A 493 -62.16 -35.50 18.15
N SER A 494 -61.76 -35.01 16.99
CA SER A 494 -60.93 -33.82 16.90
C SER A 494 -61.74 -32.58 17.33
N PRO A 495 -61.12 -31.65 18.11
CA PRO A 495 -61.87 -30.51 18.70
C PRO A 495 -62.23 -29.36 17.72
N ALA A 496 -61.60 -29.38 16.56
CA ALA A 496 -61.61 -28.27 15.61
C ALA A 496 -60.81 -28.75 14.44
N SER A 497 -60.72 -27.93 13.39
CA SER A 497 -59.74 -28.13 12.32
C SER A 497 -58.35 -28.32 12.92
N HIS A 498 -58.09 -27.62 14.03
CA HIS A 498 -56.74 -27.55 14.59
C HIS A 498 -56.71 -27.61 16.11
N PRO A 499 -56.12 -28.68 16.64
CA PRO A 499 -56.30 -29.11 18.00
C PRO A 499 -55.44 -28.46 19.11
N GLN A 500 -54.33 -27.82 18.76
CA GLN A 500 -53.42 -27.36 19.80
C GLN A 500 -54.07 -26.36 20.75
N GLY A 501 -54.98 -25.55 20.22
CA GLY A 501 -55.75 -24.63 21.04
C GLY A 501 -56.46 -25.33 22.20
N PHE A 502 -57.21 -26.38 21.84
CA PHE A 502 -57.87 -27.18 22.83
C PHE A 502 -56.89 -27.82 23.83
N TYR A 503 -55.82 -28.43 23.34
CA TYR A 503 -54.87 -29.08 24.25
C TYR A 503 -54.10 -28.13 25.16
N LEU A 504 -53.55 -27.06 24.60
CA LEU A 504 -52.93 -26.03 25.43
C LEU A 504 -53.86 -25.67 26.58
N MET A 505 -55.09 -25.30 26.23
CA MET A 505 -56.15 -25.06 27.20
C MET A 505 -56.32 -26.23 28.18
N LEU A 506 -56.63 -27.42 27.66
CA LEU A 506 -56.91 -28.59 28.49
C LEU A 506 -55.86 -28.81 29.59
N GLY A 507 -54.66 -28.30 29.37
CA GLY A 507 -53.60 -28.42 30.34
C GLY A 507 -53.85 -27.57 31.56
N ARG A 508 -54.05 -26.27 31.37
CA ARG A 508 -54.20 -25.37 32.52
C ARG A 508 -55.56 -25.54 33.15
N TYR A 509 -56.51 -26.05 32.35
CA TYR A 509 -57.84 -26.37 32.88
C TYR A 509 -57.73 -27.32 34.04
N VAL A 510 -57.29 -28.55 33.75
CA VAL A 510 -57.16 -29.62 34.73
C VAL A 510 -56.28 -29.20 35.89
N GLY A 511 -55.26 -28.42 35.58
CA GLY A 511 -54.52 -27.70 36.61
C GLY A 511 -55.45 -27.04 37.64
N SER A 512 -56.28 -26.10 37.18
CA SER A 512 -57.15 -25.37 38.11
C SER A 512 -58.12 -26.30 38.84
N LYS A 513 -58.68 -27.29 38.14
CA LYS A 513 -59.54 -28.26 38.79
C LYS A 513 -58.76 -28.87 39.96
N ILE A 514 -57.56 -29.42 39.70
CA ILE A 514 -56.78 -30.06 40.80
C ILE A 514 -56.50 -29.08 41.94
N LEU A 515 -56.17 -27.83 41.60
CA LEU A 515 -55.87 -26.78 42.57
C LEU A 515 -57.09 -26.43 43.41
N GLN A 516 -58.24 -26.42 42.74
CA GLN A 516 -59.54 -26.17 43.38
C GLN A 516 -59.88 -27.23 44.39
N GLU A 517 -59.85 -28.51 43.98
CA GLU A 517 -60.11 -29.62 44.90
C GLU A 517 -59.05 -29.76 46.00
N ARG A 518 -58.01 -28.94 45.94
CA ARG A 518 -57.02 -28.87 46.99
C ARG A 518 -57.32 -27.76 47.99
N SER A 519 -58.21 -26.85 47.62
CA SER A 519 -58.70 -25.85 48.57
C SER A 519 -60.08 -26.19 49.20
N ALA A 520 -60.93 -26.89 48.42
CA ALA A 520 -62.23 -27.40 48.90
C ALA A 520 -62.04 -28.70 49.73
N ALA A 521 -60.81 -29.23 49.68
CA ALA A 521 -60.33 -30.27 50.61
C ALA A 521 -58.99 -29.85 51.23
N LEU B 1 -9.90 -68.64 -9.36
CA LEU B 1 -9.00 -68.20 -8.26
C LEU B 1 -8.54 -66.74 -8.39
N ALA B 2 -8.59 -66.02 -7.27
CA ALA B 2 -8.25 -64.61 -7.26
C ALA B 2 -6.74 -64.43 -7.36
N THR B 3 -6.34 -63.23 -7.76
CA THR B 3 -4.95 -62.89 -7.90
C THR B 3 -4.58 -62.01 -6.74
N THR B 4 -3.61 -62.47 -5.95
CA THR B 4 -3.03 -61.66 -4.90
C THR B 4 -3.23 -60.17 -5.13
N SER B 5 -3.91 -59.50 -4.19
CA SER B 5 -4.09 -58.05 -4.25
C SER B 5 -4.41 -57.52 -2.86
N ASP B 6 -4.62 -56.22 -2.73
CA ASP B 6 -4.93 -55.69 -1.41
C ASP B 6 -6.33 -56.08 -1.02
N HIS B 7 -6.66 -55.86 0.25
CA HIS B 7 -7.97 -56.22 0.78
C HIS B 7 -8.91 -55.08 0.46
N ASP B 8 -9.92 -55.37 -0.36
CA ASP B 8 -10.81 -54.34 -0.91
C ASP B 8 -11.91 -53.85 0.04
N PHE B 9 -11.68 -52.69 0.62
CA PHE B 9 -12.68 -52.05 1.44
C PHE B 9 -13.53 -51.04 0.65
N SER B 10 -13.94 -51.39 -0.58
CA SER B 10 -14.92 -50.57 -1.30
C SER B 10 -16.29 -50.51 -0.61
N TYR B 11 -16.68 -51.59 0.05
CA TYR B 11 -17.99 -51.66 0.68
C TYR B 11 -18.25 -50.55 1.71
N LEU B 12 -17.17 -49.93 2.19
CA LEU B 12 -17.18 -48.98 3.31
C LEU B 12 -17.96 -47.71 3.04
N SER B 13 -18.36 -47.51 1.79
CA SER B 13 -19.08 -46.31 1.42
C SER B 13 -20.54 -46.49 1.75
N PHE B 14 -20.93 -47.72 2.04
CA PHE B 14 -22.30 -47.98 2.46
C PHE B 14 -22.34 -48.79 3.73
N ALA B 15 -21.29 -48.68 4.53
CA ALA B 15 -21.32 -49.20 5.88
C ALA B 15 -21.38 -48.06 6.92
N TYR B 16 -22.17 -48.25 7.97
CA TYR B 16 -22.35 -47.22 8.99
C TYR B 16 -22.27 -47.80 10.38
N ASP B 17 -21.70 -47.03 11.33
CA ASP B 17 -21.80 -47.33 12.75
C ASP B 17 -23.27 -47.21 13.00
N ALA B 18 -23.81 -48.09 13.82
CA ALA B 18 -25.23 -48.18 14.02
C ALA B 18 -25.81 -46.87 14.55
N THR B 19 -25.06 -46.15 15.38
CA THR B 19 -25.48 -44.80 15.82
C THR B 19 -25.90 -43.90 14.64
N ASP B 20 -25.06 -43.89 13.61
CA ASP B 20 -25.32 -43.16 12.39
C ASP B 20 -26.51 -43.67 11.55
N LEU B 21 -27.11 -44.79 11.94
CA LEU B 21 -28.25 -45.27 11.19
C LEU B 21 -29.50 -44.55 11.67
N GLU B 22 -30.53 -44.62 10.83
CA GLU B 22 -31.85 -44.07 11.11
C GLU B 22 -32.52 -44.87 12.21
N LEU B 23 -33.17 -44.19 13.17
CA LEU B 23 -33.79 -44.90 14.31
C LEU B 23 -34.70 -46.03 13.87
N GLU B 24 -35.46 -45.85 12.80
CA GLU B 24 -36.18 -46.98 12.24
C GLU B 24 -36.18 -46.90 10.72
N GLY B 25 -36.37 -48.03 10.06
CA GLY B 25 -36.28 -48.06 8.59
C GLY B 25 -36.78 -49.32 7.94
N SER B 26 -36.99 -49.25 6.63
CA SER B 26 -37.64 -50.32 5.90
C SER B 26 -36.77 -50.89 4.82
N TYR B 27 -36.55 -52.21 4.86
CA TYR B 27 -35.85 -52.91 3.78
C TYR B 27 -36.65 -54.10 3.28
N ASP B 28 -36.32 -54.59 2.10
CA ASP B 28 -36.87 -55.89 1.68
C ASP B 28 -36.28 -57.05 2.47
N TYR B 29 -34.97 -57.00 2.75
CA TYR B 29 -34.24 -58.05 3.50
C TYR B 29 -33.33 -57.51 4.62
N VAL B 30 -33.47 -58.01 5.85
CA VAL B 30 -32.55 -57.69 6.96
C VAL B 30 -31.74 -58.94 7.35
N ILE B 31 -30.42 -58.88 7.26
CA ILE B 31 -29.58 -60.01 7.60
C ILE B 31 -28.95 -59.80 8.97
N VAL B 32 -29.36 -60.57 9.98
CA VAL B 32 -28.67 -60.50 11.27
C VAL B 32 -27.31 -61.17 11.20
N GLY B 33 -26.26 -60.39 11.41
CA GLY B 33 -24.90 -60.88 11.51
C GLY B 33 -24.25 -60.96 10.15
N GLY B 34 -23.16 -60.22 10.00
CA GLY B 34 -22.47 -60.16 8.74
C GLY B 34 -21.27 -61.02 8.91
N GLY B 35 -21.48 -62.33 8.98
CA GLY B 35 -20.39 -63.29 9.10
C GLY B 35 -20.06 -63.99 7.78
N THR B 36 -19.48 -65.18 7.90
CA THR B 36 -19.14 -66.01 6.76
C THR B 36 -20.31 -66.24 5.79
N SER B 37 -21.51 -66.48 6.31
CA SER B 37 -22.69 -66.69 5.45
C SER B 37 -23.45 -65.41 5.12
N GLY B 38 -23.56 -64.53 6.12
CA GLY B 38 -24.33 -63.31 6.02
C GLY B 38 -23.87 -62.39 4.91
N CYS B 39 -22.59 -62.03 4.91
CA CYS B 39 -22.06 -61.19 3.88
C CYS B 39 -22.38 -61.69 2.47
N PRO B 40 -21.89 -62.87 2.08
CA PRO B 40 -22.21 -63.29 0.71
C PRO B 40 -23.72 -63.24 0.40
N LEU B 41 -24.52 -63.60 1.41
CA LEU B 41 -25.98 -63.59 1.32
C LEU B 41 -26.50 -62.20 1.01
N ALA B 42 -26.02 -61.22 1.77
CA ALA B 42 -26.45 -59.83 1.59
C ALA B 42 -26.09 -59.38 0.19
N ALA B 43 -24.80 -59.46 -0.16
CA ALA B 43 -24.32 -59.05 -1.48
C ALA B 43 -25.09 -59.71 -2.61
N THR B 44 -25.55 -60.95 -2.38
CA THR B 44 -26.33 -61.67 -3.37
C THR B 44 -27.74 -61.13 -3.48
N LEU B 45 -28.43 -61.03 -2.36
CA LEU B 45 -29.75 -60.42 -2.31
C LEU B 45 -29.76 -58.97 -2.77
N SER B 46 -28.63 -58.29 -2.58
CA SER B 46 -28.58 -56.87 -2.85
C SER B 46 -28.68 -56.65 -4.34
N GLU B 47 -28.56 -57.72 -5.10
CA GLU B 47 -28.61 -57.62 -6.56
C GLU B 47 -29.94 -57.08 -7.09
N LYS B 48 -31.03 -57.46 -6.43
N LYS B 48 -31.04 -57.44 -6.44
CA LYS B 48 -32.39 -57.15 -6.88
CA LYS B 48 -32.34 -56.96 -6.89
C LYS B 48 -33.27 -56.46 -5.84
C LYS B 48 -33.05 -56.12 -5.84
N TYR B 49 -32.87 -56.46 -4.57
CA TYR B 49 -33.63 -55.80 -3.48
C TYR B 49 -32.79 -55.00 -2.49
N LYS B 50 -33.48 -54.19 -1.70
CA LYS B 50 -32.83 -53.38 -0.67
C LYS B 50 -32.54 -54.21 0.59
N VAL B 51 -31.24 -54.37 0.89
CA VAL B 51 -30.75 -55.12 2.06
C VAL B 51 -30.16 -54.20 3.13
N LEU B 52 -30.21 -54.64 4.39
CA LEU B 52 -29.47 -54.09 5.51
C LEU B 52 -28.80 -55.25 6.20
N VAL B 53 -27.52 -55.11 6.55
CA VAL B 53 -26.88 -56.17 7.32
C VAL B 53 -26.37 -55.60 8.61
N LEU B 54 -26.85 -56.15 9.72
CA LEU B 54 -26.52 -55.68 11.06
C LEU B 54 -25.47 -56.56 11.77
N GLU B 55 -24.26 -56.06 11.88
CA GLU B 55 -23.16 -56.76 12.54
C GLU B 55 -22.81 -56.11 13.88
N ARG B 56 -22.81 -56.93 14.93
CA ARG B 56 -22.52 -56.48 16.27
C ARG B 56 -21.09 -55.97 16.41
N GLY B 57 -20.16 -56.59 15.68
CA GLY B 57 -18.74 -56.28 15.83
C GLY B 57 -18.34 -55.06 15.03
N THR B 58 -17.03 -54.89 14.88
CA THR B 58 -16.49 -53.65 14.33
C THR B 58 -16.08 -53.75 12.85
N LEU B 59 -15.50 -52.66 12.34
CA LEU B 59 -15.02 -52.62 10.98
C LEU B 59 -13.70 -53.35 10.99
N PRO B 60 -13.43 -54.15 9.94
CA PRO B 60 -12.15 -54.86 9.98
C PRO B 60 -10.98 -53.90 10.18
N THR B 61 -11.10 -52.68 9.68
CA THR B 61 -10.02 -51.71 9.72
C THR B 61 -9.72 -51.24 11.14
N ALA B 62 -10.57 -51.56 12.10
CA ALA B 62 -10.43 -51.00 13.43
C ALA B 62 -9.50 -51.86 14.27
N TYR B 63 -9.08 -52.95 13.64
CA TYR B 63 -8.17 -53.88 14.26
C TYR B 63 -7.24 -54.41 13.18
N PRO B 64 -6.27 -53.56 12.73
CA PRO B 64 -5.53 -53.81 11.48
C PRO B 64 -4.93 -55.23 11.46
N ASN B 65 -4.63 -55.72 12.65
CA ASN B 65 -3.79 -56.88 12.82
C ASN B 65 -4.38 -58.17 12.28
N LEU B 66 -5.61 -58.16 11.82
CA LEU B 66 -6.23 -59.38 11.29
C LEU B 66 -6.38 -59.44 9.75
N LEU B 67 -5.94 -58.39 9.07
CA LEU B 67 -5.85 -58.40 7.64
C LEU B 67 -4.57 -59.13 7.23
N THR B 68 -3.82 -59.63 8.19
CA THR B 68 -2.65 -60.37 7.83
C THR B 68 -2.65 -61.62 8.62
N SER B 69 -2.05 -62.64 8.02
CA SER B 69 -1.81 -63.92 8.64
C SER B 69 -0.82 -63.79 9.76
N ASP B 70 0.01 -62.75 9.74
CA ASP B 70 0.98 -62.57 10.81
C ASP B 70 0.24 -62.39 12.13
N GLY B 71 -0.75 -61.52 12.16
CA GLY B 71 -1.55 -61.39 13.35
C GLY B 71 -2.62 -62.45 13.60
N PHE B 72 -2.40 -63.68 13.17
CA PHE B 72 -3.38 -64.72 13.50
C PHE B 72 -3.29 -65.08 14.98
N ILE B 73 -2.08 -65.42 15.43
CA ILE B 73 -1.78 -65.67 16.84
C ILE B 73 -2.12 -64.44 17.67
N TYR B 74 -1.77 -63.26 17.16
CA TYR B 74 -1.97 -62.02 17.91
C TYR B 74 -3.42 -61.82 18.32
N ASN B 75 -4.36 -61.96 17.38
CA ASN B 75 -5.77 -61.80 17.73
C ASN B 75 -6.22 -62.65 18.91
N LEU B 76 -5.75 -63.88 18.97
CA LEU B 76 -6.17 -64.86 19.96
C LEU B 76 -5.52 -64.63 21.29
N GLN B 77 -4.46 -63.84 21.28
CA GLN B 77 -3.74 -63.44 22.48
C GLN B 77 -4.33 -62.23 23.15
N GLN B 78 -4.99 -61.35 22.40
CA GLN B 78 -5.59 -60.11 22.96
C GLN B 78 -6.79 -60.37 23.86
N GLU B 79 -6.84 -59.68 25.00
CA GLU B 79 -7.92 -59.84 25.98
C GLU B 79 -9.28 -59.42 25.43
N ASP B 80 -10.33 -59.93 26.06
CA ASP B 80 -11.71 -59.69 25.62
C ASP B 80 -12.34 -58.51 26.37
N ASP B 81 -12.40 -57.37 25.70
CA ASP B 81 -13.04 -56.15 26.24
C ASP B 81 -14.54 -56.01 25.83
N GLY B 82 -14.98 -56.91 24.95
CA GLY B 82 -16.34 -56.92 24.43
C GLY B 82 -16.43 -56.23 23.09
N GLN B 83 -15.28 -55.78 22.57
CA GLN B 83 -15.20 -55.02 21.30
C GLN B 83 -14.29 -55.71 20.27
N THR B 84 -13.28 -56.42 20.79
CA THR B 84 -12.23 -57.03 20.00
C THR B 84 -12.80 -58.07 19.09
N PRO B 85 -12.16 -58.29 17.92
CA PRO B 85 -12.67 -59.21 16.91
C PRO B 85 -12.84 -60.64 17.39
N VAL B 86 -12.14 -61.00 18.46
CA VAL B 86 -12.18 -62.36 18.98
C VAL B 86 -12.87 -62.39 20.34
N GLU B 87 -14.00 -63.08 20.38
CA GLU B 87 -14.69 -63.32 21.61
C GLU B 87 -14.34 -64.71 22.15
N ARG B 88 -14.03 -64.77 23.44
CA ARG B 88 -13.66 -66.03 24.08
C ARG B 88 -14.83 -66.69 24.79
N PHE B 89 -14.87 -68.02 24.75
CA PHE B 89 -15.82 -68.75 25.54
C PHE B 89 -15.27 -70.08 26.02
N VAL B 90 -15.88 -70.61 27.08
CA VAL B 90 -15.55 -71.91 27.62
C VAL B 90 -16.81 -72.73 27.69
N SER B 91 -16.80 -73.85 26.96
CA SER B 91 -17.88 -74.80 27.01
C SER B 91 -18.13 -75.33 28.45
N GLY B 92 -19.35 -75.89 28.64
CA GLY B 92 -19.76 -76.59 29.86
C GLY B 92 -18.81 -77.74 30.12
N ASP B 93 -18.13 -78.21 29.08
CA ASP B 93 -17.05 -79.19 29.21
C ASP B 93 -15.80 -78.63 29.86
N GLY B 94 -15.40 -77.41 29.56
CA GLY B 94 -14.19 -76.85 30.16
C GLY B 94 -13.07 -76.65 29.14
N ILE B 95 -13.45 -76.62 27.88
CA ILE B 95 -12.51 -76.47 26.81
C ILE B 95 -12.58 -75.02 26.30
N ASP B 96 -11.43 -74.37 26.19
CA ASP B 96 -11.38 -72.99 25.73
C ASP B 96 -11.76 -72.91 24.25
N ASP B 97 -12.41 -71.80 23.88
CA ASP B 97 -12.91 -71.60 22.50
C ASP B 97 -13.07 -70.14 22.07
N VAL B 98 -13.30 -69.94 20.78
CA VAL B 98 -13.54 -68.60 20.24
C VAL B 98 -14.62 -68.55 19.14
N ARG B 99 -15.19 -67.36 18.96
CA ARG B 99 -16.03 -67.05 17.81
C ARG B 99 -15.65 -65.66 17.36
N GLY B 100 -15.91 -65.34 16.09
CA GLY B 100 -15.64 -64.01 15.60
C GLY B 100 -16.69 -63.02 16.06
N ARG B 101 -16.24 -61.79 16.31
CA ARG B 101 -17.11 -60.61 16.56
C ARG B 101 -16.61 -59.38 15.74
N VAL B 102 -17.00 -59.31 14.46
CA VAL B 102 -16.41 -58.35 13.52
C VAL B 102 -16.95 -58.59 12.13
N LEU B 103 -17.23 -57.51 11.41
CA LEU B 103 -17.67 -57.62 10.01
C LEU B 103 -16.87 -58.66 9.22
N GLY B 104 -17.60 -59.59 8.62
CA GLY B 104 -17.01 -60.73 7.92
C GLY B 104 -16.87 -61.94 8.83
N GLY B 105 -17.40 -61.82 10.05
CA GLY B 105 -17.47 -62.94 10.99
C GLY B 105 -16.16 -63.62 11.32
N THR B 106 -16.25 -64.92 11.61
CA THR B 106 -15.10 -65.71 12.00
C THR B 106 -14.11 -65.88 10.85
N SER B 107 -14.57 -65.79 9.60
CA SER B 107 -13.62 -65.89 8.51
C SER B 107 -12.59 -64.76 8.60
N MET B 108 -12.84 -63.79 9.46
CA MET B 108 -11.94 -62.67 9.62
C MET B 108 -10.85 -62.98 10.64
N ILE B 109 -11.03 -64.06 11.37
CA ILE B 109 -10.05 -64.40 12.41
C ILE B 109 -9.66 -65.88 12.33
N ASN B 110 -10.03 -66.53 11.24
CA ASN B 110 -9.76 -67.95 11.11
C ASN B 110 -8.33 -68.26 10.60
N ALA B 111 -7.99 -69.55 10.52
CA ALA B 111 -6.69 -69.97 9.96
C ALA B 111 -6.74 -69.92 8.42
N GLY B 112 -7.92 -69.68 7.86
CA GLY B 112 -8.04 -69.28 6.46
C GLY B 112 -7.80 -70.39 5.47
N VAL B 113 -8.11 -71.62 5.88
CA VAL B 113 -7.91 -72.74 4.99
C VAL B 113 -9.17 -72.78 4.17
N TYR B 114 -9.02 -72.90 2.85
CA TYR B 114 -10.19 -73.04 1.98
C TYR B 114 -10.34 -74.42 1.34
N ALA B 115 -11.46 -75.08 1.60
CA ALA B 115 -11.79 -76.35 0.94
C ALA B 115 -13.22 -76.35 0.48
N ARG B 116 -13.52 -77.18 -0.52
CA ARG B 116 -14.88 -77.44 -1.00
C ARG B 116 -15.47 -78.65 -0.28
N ALA B 117 -16.74 -78.58 0.08
CA ALA B 117 -17.40 -79.64 0.83
C ALA B 117 -17.31 -81.03 0.17
N ASN B 118 -17.27 -82.07 1.01
CA ASN B 118 -17.34 -83.46 0.56
C ASN B 118 -18.49 -83.55 -0.42
N THR B 119 -18.22 -83.94 -1.66
CA THR B 119 -19.29 -84.00 -2.66
C THR B 119 -20.39 -85.01 -2.31
N LYS B 120 -20.09 -85.95 -1.42
CA LYS B 120 -21.07 -86.93 -1.02
C LYS B 120 -22.04 -86.45 0.08
N ILE B 121 -21.69 -85.32 0.69
CA ILE B 121 -22.53 -84.63 1.65
C ILE B 121 -23.87 -84.23 1.03
N PHE B 122 -23.83 -83.55 -0.12
CA PHE B 122 -25.03 -82.95 -0.72
C PHE B 122 -26.20 -83.95 -0.95
N SER B 123 -25.93 -85.24 -0.76
CA SER B 123 -26.84 -86.29 -1.21
C SER B 123 -27.86 -86.71 -0.16
N ALA B 124 -27.40 -87.08 1.03
CA ALA B 124 -28.34 -87.45 2.07
C ALA B 124 -28.60 -86.28 3.03
N SER B 125 -28.34 -85.05 2.55
CA SER B 125 -28.35 -83.83 3.37
C SER B 125 -29.75 -83.38 3.86
N GLY B 126 -30.77 -83.64 3.04
CA GLY B 126 -32.13 -83.33 3.44
C GLY B 126 -32.61 -82.06 2.76
N ILE B 127 -31.81 -81.57 1.81
CA ILE B 127 -32.30 -80.51 0.95
C ILE B 127 -32.02 -80.78 -0.52
N GLU B 128 -33.01 -80.50 -1.35
CA GLU B 128 -32.92 -80.59 -2.79
C GLU B 128 -31.81 -79.66 -3.31
N TRP B 129 -30.59 -80.16 -3.43
CA TRP B 129 -29.47 -79.30 -3.83
C TRP B 129 -29.38 -79.19 -5.34
N ASP B 130 -29.51 -77.98 -5.86
CA ASP B 130 -29.31 -77.67 -7.28
C ASP B 130 -27.81 -77.66 -7.55
N MET B 131 -27.28 -78.78 -8.00
CA MET B 131 -25.83 -78.94 -7.96
C MET B 131 -25.04 -77.98 -8.83
N ASP B 132 -25.62 -77.60 -9.98
CA ASP B 132 -25.02 -76.63 -10.90
C ASP B 132 -24.86 -75.26 -10.25
N LEU B 133 -25.84 -74.90 -9.42
CA LEU B 133 -25.77 -73.68 -8.64
C LEU B 133 -24.67 -73.82 -7.59
N VAL B 134 -24.65 -74.93 -6.84
CA VAL B 134 -23.65 -75.11 -5.81
C VAL B 134 -22.27 -74.77 -6.38
N ASN B 135 -21.91 -75.39 -7.50
CA ASN B 135 -20.58 -75.24 -8.09
C ASN B 135 -20.27 -73.84 -8.63
N GLN B 136 -21.30 -73.21 -9.17
CA GLN B 136 -21.20 -71.90 -9.83
C GLN B 136 -20.95 -70.84 -8.77
N THR B 137 -21.43 -71.15 -7.57
CA THR B 137 -21.34 -70.32 -6.39
C THR B 137 -19.96 -70.44 -5.78
N TYR B 138 -19.39 -71.64 -5.77
CA TYR B 138 -17.99 -71.80 -5.33
C TYR B 138 -17.04 -70.94 -6.16
N ASP B 139 -17.05 -71.17 -7.49
CA ASP B 139 -16.33 -70.37 -8.50
C ASP B 139 -16.35 -68.88 -8.15
N TRP B 140 -17.54 -68.40 -7.77
CA TRP B 140 -17.82 -67.00 -7.49
C TRP B 140 -17.13 -66.50 -6.22
N VAL B 141 -16.94 -67.41 -5.28
CA VAL B 141 -16.26 -67.07 -4.05
C VAL B 141 -14.79 -67.22 -4.29
N GLU B 142 -14.43 -68.30 -4.97
CA GLU B 142 -13.04 -68.62 -5.24
C GLU B 142 -12.35 -67.60 -6.13
N ASP B 143 -13.13 -66.92 -6.96
CA ASP B 143 -12.60 -65.95 -7.91
C ASP B 143 -12.37 -64.64 -7.24
N THR B 144 -12.84 -64.51 -6.00
CA THR B 144 -12.73 -63.25 -5.26
C THR B 144 -11.78 -63.33 -4.08
N ILE B 145 -11.80 -64.44 -3.34
CA ILE B 145 -11.03 -64.52 -2.10
C ILE B 145 -10.22 -65.79 -1.86
N VAL B 146 -10.21 -66.70 -2.82
CA VAL B 146 -9.40 -67.91 -2.63
C VAL B 146 -8.17 -67.94 -3.53
N TYR B 147 -7.06 -68.40 -2.95
CA TYR B 147 -5.74 -68.25 -3.55
C TYR B 147 -5.00 -69.58 -3.58
N LYS B 148 -4.15 -69.74 -4.58
CA LYS B 148 -3.26 -70.86 -4.66
C LYS B 148 -1.96 -70.52 -3.94
N PRO B 149 -1.66 -71.28 -2.88
CA PRO B 149 -0.55 -70.96 -1.98
C PRO B 149 0.83 -71.12 -2.61
N ASP B 150 1.82 -70.45 -2.02
CA ASP B 150 3.23 -70.66 -2.37
C ASP B 150 3.73 -71.89 -1.64
N LYS B 151 4.94 -72.29 -1.99
CA LYS B 151 5.56 -73.50 -1.49
C LYS B 151 6.35 -73.11 -0.25
N GLN B 152 5.86 -73.43 0.95
CA GLN B 152 6.59 -73.08 2.19
C GLN B 152 7.31 -74.25 2.81
N ALA B 153 8.48 -74.00 3.37
CA ALA B 153 9.37 -75.07 3.80
C ALA B 153 8.69 -76.08 4.72
N TRP B 154 8.01 -75.63 5.76
CA TRP B 154 7.41 -76.60 6.70
C TRP B 154 6.28 -77.46 6.08
N GLN B 155 5.33 -76.81 5.43
CA GLN B 155 4.23 -77.50 4.78
C GLN B 155 4.74 -78.51 3.78
N SER B 156 5.84 -78.16 3.11
CA SER B 156 6.39 -79.00 2.06
C SER B 156 6.98 -80.25 2.69
N LEU B 157 7.42 -80.09 3.92
CA LEU B 157 8.00 -81.17 4.67
C LEU B 157 6.92 -82.05 5.31
N THR B 158 5.79 -81.43 5.68
CA THR B 158 4.58 -82.11 6.14
C THR B 158 3.95 -82.90 5.02
N LYS B 159 3.93 -82.32 3.82
CA LYS B 159 3.43 -82.98 2.63
C LYS B 159 4.25 -84.25 2.39
N THR B 160 5.59 -84.15 2.39
CA THR B 160 6.41 -85.35 2.20
C THR B 160 6.23 -86.37 3.33
N ALA B 161 6.00 -85.89 4.56
CA ALA B 161 5.65 -86.80 5.68
C ALA B 161 4.40 -87.59 5.39
N PHE B 162 3.34 -86.88 5.03
CA PHE B 162 2.06 -87.54 4.77
C PHE B 162 2.24 -88.68 3.77
N LEU B 163 3.05 -88.44 2.75
CA LEU B 163 3.17 -89.38 1.65
C LEU B 163 3.94 -90.59 2.13
N GLU B 164 4.95 -90.36 2.97
CA GLU B 164 5.66 -91.47 3.59
C GLU B 164 4.76 -92.29 4.50
N ALA B 165 4.03 -91.60 5.39
CA ALA B 165 3.01 -92.25 6.22
C ALA B 165 2.02 -93.08 5.42
N GLY B 166 1.91 -92.82 4.11
CA GLY B 166 0.98 -93.53 3.25
C GLY B 166 -0.44 -92.97 3.19
N VAL B 167 -0.57 -91.66 3.37
CA VAL B 167 -1.84 -90.97 3.21
C VAL B 167 -1.93 -90.72 1.72
N LEU B 168 -2.43 -91.72 0.98
CA LEU B 168 -2.41 -91.67 -0.51
C LEU B 168 -3.83 -91.52 -1.10
N PRO B 169 -3.95 -90.89 -2.29
CA PRO B 169 -2.95 -90.40 -3.23
C PRO B 169 -2.47 -88.96 -3.03
N ASP B 170 -1.56 -88.53 -3.89
CA ASP B 170 -1.15 -87.15 -3.93
C ASP B 170 -1.95 -86.39 -4.98
N ASN B 171 -3.02 -85.73 -4.53
CA ASN B 171 -3.89 -84.93 -5.40
C ASN B 171 -3.25 -83.62 -5.89
N GLY B 172 -1.93 -83.46 -5.72
CA GLY B 172 -1.24 -82.22 -6.08
C GLY B 172 -1.87 -81.05 -5.37
N PHE B 173 -2.24 -80.02 -6.15
CA PHE B 173 -3.07 -78.91 -5.64
C PHE B 173 -4.52 -79.07 -6.08
N SER B 174 -5.45 -78.92 -5.14
CA SER B 174 -6.88 -79.14 -5.37
C SER B 174 -7.69 -78.58 -4.22
N LEU B 175 -8.91 -78.12 -4.51
CA LEU B 175 -9.74 -77.53 -3.50
C LEU B 175 -10.72 -78.54 -2.99
N ASP B 176 -10.78 -79.69 -3.65
CA ASP B 176 -11.73 -80.73 -3.25
C ASP B 176 -11.25 -81.59 -2.09
N HIS B 177 -12.18 -81.83 -1.18
CA HIS B 177 -11.99 -82.73 -0.06
C HIS B 177 -12.16 -84.16 -0.57
N GLU B 178 -11.06 -84.85 -0.84
CA GLU B 178 -11.08 -86.29 -1.12
C GLU B 178 -10.01 -86.88 -0.25
N ALA B 179 -10.03 -88.20 -0.09
CA ALA B 179 -9.01 -88.85 0.70
C ALA B 179 -7.64 -88.66 0.05
N GLY B 180 -6.59 -88.50 0.84
CA GLY B 180 -5.24 -88.36 0.32
C GLY B 180 -4.56 -87.12 0.86
N THR B 181 -3.39 -86.81 0.32
CA THR B 181 -2.63 -85.60 0.68
C THR B 181 -2.73 -84.60 -0.44
N ARG B 182 -3.17 -83.38 -0.11
CA ARG B 182 -3.25 -82.32 -1.12
C ARG B 182 -2.66 -81.04 -0.60
N LEU B 183 -2.58 -80.07 -1.50
CA LEU B 183 -2.25 -78.72 -1.18
C LEU B 183 -3.51 -77.93 -1.52
N THR B 184 -4.32 -77.60 -0.52
CA THR B 184 -5.61 -76.92 -0.74
C THR B 184 -5.39 -75.40 -0.89
N GLY B 185 -6.39 -74.66 -1.34
CA GLY B 185 -6.24 -73.21 -1.49
C GLY B 185 -6.39 -72.47 -0.16
N SER B 186 -6.24 -71.15 -0.18
CA SER B 186 -6.29 -70.38 1.03
C SER B 186 -6.99 -69.05 0.85
N THR B 187 -7.50 -68.49 1.94
CA THR B 187 -7.96 -67.11 1.95
C THR B 187 -6.87 -66.09 2.41
N PHE B 188 -5.62 -66.56 2.57
CA PHE B 188 -4.48 -65.63 2.59
C PHE B 188 -3.91 -65.63 1.19
N ASP B 189 -3.53 -64.44 0.71
CA ASP B 189 -2.79 -64.29 -0.57
C ASP B 189 -1.27 -64.49 -0.40
N ASN B 190 -0.51 -64.50 -1.49
CA ASN B 190 0.91 -64.81 -1.41
C ASN B 190 1.77 -63.68 -0.86
N ASN B 191 1.15 -62.56 -0.57
CA ASN B 191 1.82 -61.52 0.17
C ASN B 191 1.36 -61.63 1.62
N GLY B 192 0.40 -62.52 1.87
CA GLY B 192 -0.07 -62.81 3.22
C GLY B 192 -1.05 -61.78 3.76
N THR B 193 -1.91 -61.28 2.88
CA THR B 193 -2.98 -60.39 3.24
C THR B 193 -4.18 -61.26 3.42
N ARG B 194 -4.90 -61.11 4.52
CA ARG B 194 -6.15 -61.85 4.68
C ARG B 194 -7.27 -61.33 3.80
N HIS B 195 -7.93 -62.27 3.15
CA HIS B 195 -9.12 -61.97 2.39
C HIS B 195 -10.29 -62.81 2.87
N ALA B 196 -10.95 -62.41 3.96
CA ALA B 196 -12.36 -62.78 4.17
C ALA B 196 -13.08 -62.18 2.93
N SER B 197 -14.38 -62.28 2.66
CA SER B 197 -15.52 -62.71 3.43
C SER B 197 -16.42 -61.52 3.62
N ASP B 198 -15.80 -60.41 3.98
CA ASP B 198 -16.46 -59.11 3.99
C ASP B 198 -16.28 -58.55 2.61
N GLU B 199 -15.26 -59.05 1.93
CA GLU B 199 -14.87 -58.54 0.64
C GLU B 199 -15.85 -58.95 -0.43
N LEU B 200 -16.76 -59.84 -0.06
CA LEU B 200 -17.77 -60.29 -0.98
C LEU B 200 -18.89 -59.23 -1.04
N LEU B 201 -18.95 -58.35 -0.06
CA LEU B 201 -19.93 -57.27 -0.09
C LEU B 201 -19.79 -56.47 -1.41
N ASN B 202 -18.55 -56.25 -1.81
CA ASN B 202 -18.23 -55.56 -3.04
C ASN B 202 -18.78 -56.23 -4.29
N LYS B 203 -19.21 -57.47 -4.16
CA LYS B 203 -19.85 -58.13 -5.27
C LYS B 203 -21.31 -57.69 -5.34
N GLY B 204 -21.83 -57.17 -4.23
CA GLY B 204 -23.20 -56.67 -4.25
C GLY B 204 -23.38 -55.28 -4.85
N ASP B 205 -24.63 -54.83 -4.88
CA ASP B 205 -25.02 -53.53 -5.40
C ASP B 205 -25.04 -52.41 -4.33
N PRO B 206 -24.05 -51.49 -4.35
CA PRO B 206 -23.91 -50.48 -3.29
C PRO B 206 -25.13 -49.58 -3.20
N ASN B 207 -25.87 -49.52 -4.30
CA ASN B 207 -27.08 -48.73 -4.33
C ASN B 207 -28.28 -49.44 -3.65
N ASN B 208 -28.13 -50.72 -3.34
CA ASN B 208 -29.18 -51.46 -2.67
C ASN B 208 -28.77 -51.93 -1.28
N LEU B 209 -27.47 -52.00 -1.04
CA LEU B 209 -26.94 -52.59 0.18
C LEU B 209 -26.55 -51.56 1.24
N ARG B 210 -27.09 -51.71 2.43
CA ARG B 210 -26.57 -50.96 3.58
C ARG B 210 -26.10 -51.90 4.66
N VAL B 211 -25.00 -51.52 5.29
CA VAL B 211 -24.35 -52.36 6.27
C VAL B 211 -24.23 -51.57 7.55
N ALA B 212 -24.42 -52.24 8.69
CA ALA B 212 -24.27 -51.57 9.96
C ALA B 212 -23.44 -52.34 10.96
N VAL B 213 -22.41 -51.67 11.45
CA VAL B 213 -21.56 -52.24 12.46
C VAL B 213 -21.97 -51.67 13.82
N HIS B 214 -21.41 -52.23 14.88
CA HIS B 214 -21.78 -51.95 16.26
C HIS B 214 -23.30 -51.94 16.51
N ALA B 215 -24.03 -52.77 15.74
CA ALA B 215 -25.48 -52.97 15.90
C ALA B 215 -25.79 -54.31 16.56
N SER B 216 -26.15 -54.29 17.84
CA SER B 216 -26.42 -55.53 18.58
C SER B 216 -27.89 -55.95 18.53
N VAL B 217 -28.18 -56.89 17.62
CA VAL B 217 -29.55 -57.39 17.42
C VAL B 217 -29.98 -58.12 18.69
N GLU B 218 -31.07 -57.64 19.29
CA GLU B 218 -31.57 -58.10 20.56
C GLU B 218 -32.81 -58.96 20.48
N LYS B 219 -33.60 -58.74 19.43
CA LYS B 219 -34.94 -59.33 19.32
C LYS B 219 -35.43 -59.34 17.87
N ILE B 220 -35.98 -60.47 17.42
CA ILE B 220 -36.75 -60.49 16.19
C ILE B 220 -38.20 -60.21 16.59
N ILE B 221 -38.85 -59.30 15.84
CA ILE B 221 -40.23 -58.90 16.08
C ILE B 221 -41.17 -59.67 15.19
N PHE B 222 -42.33 -60.05 15.75
CA PHE B 222 -43.34 -60.82 15.03
C PHE B 222 -44.70 -60.15 15.10
N SER B 223 -45.60 -60.52 14.20
CA SER B 223 -47.03 -60.22 14.36
C SER B 223 -47.90 -61.42 13.94
N SER B 224 -49.01 -61.62 14.67
CA SER B 224 -49.90 -62.77 14.49
C SER B 224 -50.88 -62.65 13.34
N ASN B 225 -50.75 -61.57 12.58
CA ASN B 225 -51.57 -61.33 11.40
C ASN B 225 -50.77 -61.20 10.08
N SER B 226 -51.33 -61.71 9.00
CA SER B 226 -52.55 -62.47 8.99
C SER B 226 -52.22 -63.65 8.11
N SER B 227 -51.67 -64.67 8.72
CA SER B 227 -51.56 -64.66 10.15
C SER B 227 -50.37 -65.42 10.71
N GLY B 228 -50.62 -66.55 11.34
CA GLY B 228 -49.58 -67.36 11.88
C GLY B 228 -48.25 -66.65 11.82
N VAL B 229 -47.82 -66.12 12.95
CA VAL B 229 -46.57 -65.43 13.06
C VAL B 229 -45.79 -65.21 11.76
N THR B 230 -45.55 -63.94 11.38
CA THR B 230 -44.63 -63.58 10.32
C THR B 230 -43.60 -62.79 11.07
N ALA B 231 -42.33 -62.97 10.75
CA ALA B 231 -41.30 -62.05 11.23
C ALA B 231 -41.57 -60.71 10.53
N ILE B 232 -41.57 -59.62 11.31
CA ILE B 232 -41.79 -58.27 10.74
C ILE B 232 -40.54 -57.38 10.72
N GLY B 233 -39.52 -57.76 11.48
CA GLY B 233 -38.29 -56.98 11.58
C GLY B 233 -37.53 -57.22 12.86
N VAL B 234 -36.44 -56.46 13.06
CA VAL B 234 -35.56 -56.61 14.23
C VAL B 234 -35.41 -55.37 15.12
N ILE B 235 -35.03 -55.56 16.37
CA ILE B 235 -34.59 -54.46 17.21
C ILE B 235 -33.09 -54.63 17.47
N TYR B 236 -32.33 -53.53 17.48
CA TYR B 236 -30.89 -53.62 17.70
C TYR B 236 -30.34 -52.40 18.45
N LYS B 237 -29.27 -52.58 19.22
CA LYS B 237 -28.68 -51.45 19.98
C LYS B 237 -27.36 -50.93 19.43
N ASP B 238 -27.23 -49.61 19.42
CA ASP B 238 -25.97 -48.97 19.08
C ASP B 238 -25.10 -48.70 20.31
N SER B 239 -23.84 -48.34 20.10
CA SER B 239 -22.90 -48.11 21.21
C SER B 239 -23.33 -47.09 22.26
N ASN B 240 -24.37 -46.30 21.96
CA ASN B 240 -24.92 -45.31 22.88
C ASN B 240 -25.96 -45.92 23.78
N GLY B 241 -26.54 -47.02 23.33
CA GLY B 241 -27.64 -47.64 24.05
C GLY B 241 -28.96 -47.42 23.35
N THR B 242 -29.03 -46.46 22.44
CA THR B 242 -30.22 -46.19 21.64
C THR B 242 -30.64 -47.46 20.89
N PRO B 243 -31.94 -47.83 20.99
CA PRO B 243 -32.59 -48.95 20.26
C PRO B 243 -33.14 -48.53 18.93
N HIS B 244 -32.86 -49.30 17.88
CA HIS B 244 -33.33 -49.01 16.52
C HIS B 244 -34.16 -50.17 16.05
N GLN B 245 -35.20 -49.88 15.26
CA GLN B 245 -35.93 -50.92 14.53
C GLN B 245 -35.57 -50.98 13.04
N ALA B 246 -35.52 -52.18 12.49
CA ALA B 246 -35.43 -52.36 11.06
C ALA B 246 -36.58 -53.23 10.61
N PHE B 247 -37.33 -52.76 9.64
CA PHE B 247 -38.51 -53.45 9.20
C PHE B 247 -38.34 -54.05 7.82
N VAL B 248 -38.99 -55.18 7.57
CA VAL B 248 -39.01 -55.73 6.22
C VAL B 248 -40.33 -55.41 5.54
N ARG B 249 -40.29 -55.17 4.23
CA ARG B 249 -41.49 -54.78 3.47
C ARG B 249 -42.29 -56.00 3.02
N GLY B 250 -43.46 -55.78 2.40
CA GLY B 250 -44.24 -56.84 1.75
C GLY B 250 -43.32 -57.79 1.02
N GLU B 251 -43.50 -59.10 1.24
CA GLU B 251 -42.83 -60.20 0.52
C GLU B 251 -41.38 -60.48 0.93
N GLY B 252 -40.92 -59.84 2.00
CA GLY B 252 -39.52 -59.98 2.51
C GLY B 252 -39.29 -60.81 3.78
N GLU B 253 -38.05 -60.79 4.28
CA GLU B 253 -37.51 -61.57 5.46
C GLU B 253 -36.09 -61.00 5.57
N VAL B 254 -35.51 -60.87 6.74
CA VAL B 254 -35.36 -61.71 7.93
C VAL B 254 -34.70 -63.04 7.89
N ILE B 255 -33.39 -62.94 7.93
CA ILE B 255 -32.50 -64.01 7.79
C ILE B 255 -31.61 -63.90 8.97
N VAL B 256 -31.51 -64.95 9.74
CA VAL B 256 -30.59 -64.98 10.84
C VAL B 256 -29.35 -65.69 10.42
N SER B 257 -28.23 -65.00 10.49
CA SER B 257 -26.95 -65.51 10.06
C SER B 257 -25.92 -65.24 11.10
N ALA B 258 -26.12 -65.78 12.28
CA ALA B 258 -25.37 -65.28 13.42
C ALA B 258 -24.59 -66.33 14.16
N GLY B 259 -24.54 -67.56 13.62
CA GLY B 259 -23.58 -68.57 14.11
C GLY B 259 -24.18 -69.71 14.92
N PRO B 260 -23.42 -70.82 15.11
CA PRO B 260 -23.98 -71.84 15.99
C PRO B 260 -24.29 -71.23 17.32
N ILE B 261 -23.47 -70.29 17.77
CA ILE B 261 -23.77 -69.62 19.03
C ILE B 261 -24.80 -68.50 18.86
N GLY B 262 -24.65 -67.68 17.80
CA GLY B 262 -25.52 -66.52 17.58
C GLY B 262 -26.99 -66.77 17.31
N SER B 263 -27.30 -67.62 16.32
CA SER B 263 -28.70 -67.87 15.91
C SER B 263 -29.62 -68.46 16.99
N PRO B 264 -29.26 -69.62 17.57
CA PRO B 264 -30.13 -70.11 18.60
C PRO B 264 -30.37 -69.03 19.66
N GLN B 265 -29.31 -68.34 20.09
CA GLN B 265 -29.44 -67.35 21.16
C GLN B 265 -30.44 -66.26 20.81
N LEU B 266 -30.33 -65.70 19.60
CA LEU B 266 -31.26 -64.69 19.18
C LEU B 266 -32.67 -65.29 19.21
N LEU B 267 -32.90 -66.33 18.41
CA LEU B 267 -34.21 -66.99 18.36
C LEU B 267 -34.82 -67.27 19.73
N LEU B 268 -34.07 -67.93 20.64
CA LEU B 268 -34.54 -68.13 22.02
C LEU B 268 -34.99 -66.80 22.64
N LEU B 269 -34.11 -65.81 22.69
CA LEU B 269 -34.47 -64.52 23.24
C LEU B 269 -35.71 -63.90 22.62
N SER B 270 -35.99 -64.30 21.37
CA SER B 270 -37.11 -63.75 20.58
C SER B 270 -38.36 -64.55 20.84
N GLY B 271 -38.24 -65.59 21.65
CA GLY B 271 -39.39 -66.39 22.01
C GLY B 271 -39.73 -67.47 21.01
N VAL B 272 -38.77 -67.81 20.13
CA VAL B 272 -38.88 -69.02 19.32
C VAL B 272 -38.03 -70.05 20.04
N GLY B 273 -38.63 -71.16 20.43
CA GLY B 273 -37.95 -72.15 21.26
C GLY B 273 -38.84 -73.15 22.00
N PRO B 274 -38.25 -74.05 22.79
CA PRO B 274 -39.01 -75.06 23.51
C PRO B 274 -39.90 -74.36 24.53
N GLU B 275 -41.18 -74.71 24.51
CA GLU B 275 -42.20 -73.99 25.30
C GLU B 275 -41.88 -73.84 26.81
N SER B 276 -41.52 -74.94 27.45
CA SER B 276 -41.29 -75.00 28.91
C SER B 276 -40.05 -74.22 29.42
N TYR B 277 -38.93 -74.36 28.71
CA TYR B 277 -37.67 -73.65 28.98
C TYR B 277 -37.78 -72.13 29.00
N LEU B 278 -38.47 -71.58 28.00
CA LEU B 278 -38.63 -70.13 27.89
C LEU B 278 -39.47 -69.55 29.03
N SER B 279 -40.42 -70.33 29.55
CA SER B 279 -41.17 -69.95 30.79
C SER B 279 -40.24 -69.92 31.99
N SER B 280 -39.58 -71.05 32.25
CA SER B 280 -38.57 -71.13 33.29
C SER B 280 -37.62 -69.94 33.22
N LEU B 281 -37.92 -69.02 32.29
CA LEU B 281 -37.07 -67.88 32.02
C LEU B 281 -37.84 -66.60 31.79
N ASN B 282 -39.17 -66.65 31.91
CA ASN B 282 -40.01 -65.47 31.69
C ASN B 282 -39.82 -64.78 30.34
N ILE B 283 -39.74 -65.59 29.29
CA ILE B 283 -39.77 -65.09 27.92
C ILE B 283 -41.05 -65.62 27.30
N PRO B 284 -41.92 -64.70 26.83
CA PRO B 284 -43.23 -65.10 26.33
C PRO B 284 -43.09 -65.85 25.01
N VAL B 285 -43.69 -67.04 24.91
CA VAL B 285 -43.43 -67.92 23.78
C VAL B 285 -44.17 -67.37 22.57
N VAL B 286 -43.50 -67.40 21.44
CA VAL B 286 -44.05 -66.90 20.20
C VAL B 286 -44.48 -68.09 19.37
N LEU B 287 -43.66 -69.14 19.32
CA LEU B 287 -44.05 -70.43 18.75
C LEU B 287 -43.25 -71.50 19.48
N SER B 288 -43.83 -72.69 19.61
CA SER B 288 -43.15 -73.80 20.26
C SER B 288 -42.19 -74.46 19.28
N HIS B 289 -40.90 -74.24 19.48
CA HIS B 289 -39.89 -74.78 18.58
C HIS B 289 -38.82 -75.53 19.36
N PRO B 290 -39.16 -76.76 19.80
CA PRO B 290 -38.33 -77.62 20.65
C PRO B 290 -36.82 -77.72 20.33
N TYR B 291 -36.45 -77.87 19.07
CA TYR B 291 -35.05 -78.20 18.77
C TYR B 291 -34.06 -77.00 18.57
N VAL B 292 -34.51 -75.82 18.97
CA VAL B 292 -33.65 -74.65 18.94
C VAL B 292 -32.66 -74.81 20.08
N GLY B 293 -31.40 -74.95 19.72
CA GLY B 293 -30.34 -75.10 20.67
C GLY B 293 -30.08 -76.56 21.00
N GLN B 294 -30.70 -77.45 20.24
CA GLN B 294 -30.42 -78.87 20.38
C GLN B 294 -29.44 -79.20 19.28
N PHE B 295 -28.65 -80.24 19.51
CA PHE B 295 -27.69 -80.74 18.52
C PHE B 295 -26.53 -79.75 18.13
N LEU B 296 -25.84 -79.25 19.15
CA LEU B 296 -24.58 -78.52 18.96
C LEU B 296 -23.45 -79.54 18.84
N HIS B 297 -22.63 -79.41 17.81
CA HIS B 297 -21.59 -80.36 17.53
C HIS B 297 -20.31 -79.58 17.46
N ASP B 298 -19.23 -80.13 17.99
CA ASP B 298 -17.88 -79.56 17.84
C ASP B 298 -16.84 -80.67 17.67
N ASN B 299 -16.18 -80.74 16.49
CA ASN B 299 -15.23 -81.81 16.22
C ASN B 299 -14.01 -81.60 17.04
N PRO B 300 -13.60 -82.60 17.83
CA PRO B 300 -12.46 -82.50 18.72
C PRO B 300 -11.15 -82.35 17.97
N ARG B 301 -10.24 -81.54 18.52
CA ARG B 301 -8.88 -81.46 18.03
C ARG B 301 -8.02 -82.26 18.96
N ASN B 302 -7.13 -83.06 18.42
CA ASN B 302 -6.09 -83.64 19.24
C ASN B 302 -4.83 -83.46 18.45
N PHE B 303 -3.77 -83.12 19.18
CA PHE B 303 -2.58 -82.56 18.58
C PHE B 303 -1.35 -83.14 19.24
N ILE B 304 -0.21 -82.96 18.57
CA ILE B 304 1.07 -83.16 19.19
C ILE B 304 1.94 -81.95 18.84
N ASN B 305 2.42 -81.28 19.88
CA ASN B 305 3.44 -80.23 19.75
C ASN B 305 4.82 -80.83 19.75
N ILE B 306 5.67 -80.46 18.80
CA ILE B 306 7.07 -80.86 18.82
C ILE B 306 7.97 -79.63 18.78
N LEU B 307 9.04 -79.66 19.55
CA LEU B 307 9.97 -78.52 19.67
C LEU B 307 11.34 -78.83 19.06
N PRO B 308 11.54 -78.51 17.75
CA PRO B 308 12.70 -78.98 17.02
C PRO B 308 13.96 -78.36 17.58
N PRO B 309 15.13 -79.02 17.47
CA PRO B 309 16.38 -78.51 18.05
C PRO B 309 16.98 -77.31 17.31
N ASN B 310 16.56 -77.12 16.07
CA ASN B 310 16.94 -75.97 15.26
C ASN B 310 15.69 -75.18 14.91
N PRO B 311 15.78 -73.83 14.80
CA PRO B 311 14.57 -73.08 14.50
C PRO B 311 13.88 -73.57 13.22
N ILE B 312 12.55 -73.45 13.17
CA ILE B 312 11.81 -73.57 11.91
C ILE B 312 10.96 -72.31 11.64
N GLU B 313 10.45 -72.21 10.41
CA GLU B 313 9.71 -71.02 9.94
C GLU B 313 8.19 -71.13 10.15
N PRO B 314 7.56 -70.04 10.62
CA PRO B 314 6.13 -69.83 10.64
C PRO B 314 5.47 -70.05 9.30
N SER B 315 4.42 -70.85 9.32
CA SER B 315 3.67 -71.21 8.13
C SER B 315 2.18 -71.08 8.27
N THR B 316 1.55 -70.65 7.19
CA THR B 316 0.12 -70.81 7.03
C THR B 316 -0.12 -72.23 6.51
N VAL B 317 -1.00 -72.95 7.22
CA VAL B 317 -1.45 -74.29 6.88
C VAL B 317 -2.02 -74.35 5.48
N THR B 318 -1.62 -75.33 4.68
CA THR B 318 -2.10 -75.43 3.30
C THR B 318 -2.15 -76.87 2.80
N VAL B 319 -1.44 -77.75 3.50
CA VAL B 319 -1.31 -79.15 3.13
C VAL B 319 -2.15 -80.01 4.04
N LEU B 320 -3.06 -80.77 3.43
CA LEU B 320 -3.98 -81.63 4.17
C LEU B 320 -3.80 -83.13 3.89
N GLY B 321 -3.85 -83.92 4.95
CA GLY B 321 -3.91 -85.36 4.87
C GLY B 321 -5.30 -85.82 5.28
N ILE B 322 -6.11 -86.17 4.28
CA ILE B 322 -7.49 -86.55 4.54
C ILE B 322 -7.67 -88.04 4.57
N THR B 323 -8.44 -88.51 5.55
CA THR B 323 -8.96 -89.87 5.59
C THR B 323 -10.42 -89.80 5.98
N SER B 324 -11.22 -90.75 5.47
CA SER B 324 -12.66 -90.82 5.72
C SER B 324 -12.99 -90.56 7.19
N ASN B 325 -12.20 -91.09 8.11
CA ASN B 325 -12.54 -91.02 9.53
C ASN B 325 -11.91 -89.92 10.38
N PHE B 326 -11.00 -89.13 9.80
CA PHE B 326 -10.30 -88.09 10.52
C PHE B 326 -9.47 -87.29 9.56
N TYR B 327 -9.32 -85.98 9.83
CA TYR B 327 -8.53 -85.04 9.01
C TYR B 327 -7.37 -84.49 9.80
N GLN B 328 -6.24 -84.26 9.14
CA GLN B 328 -5.02 -83.90 9.84
C GLN B 328 -4.27 -82.84 9.10
N CYS B 329 -3.54 -81.98 9.82
CA CYS B 329 -2.61 -80.99 9.22
C CYS B 329 -1.54 -80.55 10.21
N SER B 330 -0.63 -79.68 9.75
CA SER B 330 0.46 -79.18 10.59
C SER B 330 0.65 -77.70 10.46
N PHE B 331 0.97 -77.08 11.59
CA PHE B 331 1.04 -75.63 11.78
C PHE B 331 2.36 -75.35 12.46
N SER B 332 3.16 -74.46 11.90
CA SER B 332 4.46 -74.12 12.48
C SER B 332 4.44 -72.68 12.99
N SER B 333 5.02 -72.43 14.14
CA SER B 333 4.79 -71.14 14.76
C SER B 333 5.87 -70.65 15.71
N LEU B 334 6.08 -69.34 15.75
CA LEU B 334 6.97 -68.76 16.73
C LEU B 334 6.55 -69.19 18.14
N PRO B 335 7.47 -69.02 19.10
CA PRO B 335 7.18 -69.17 20.53
C PRO B 335 6.06 -68.24 20.97
N PHE B 336 5.30 -68.61 22.01
CA PHE B 336 4.28 -67.71 22.60
C PHE B 336 4.77 -67.10 23.91
N SER B 337 4.75 -65.78 24.00
CA SER B 337 5.11 -65.15 25.25
C SER B 337 3.87 -64.86 26.09
N ILE B 338 2.71 -64.88 25.43
CA ILE B 338 1.37 -64.75 26.05
C ILE B 338 0.58 -65.89 25.42
N PRO B 339 -0.35 -66.49 26.16
CA PRO B 339 -1.19 -67.53 25.54
C PRO B 339 -2.23 -66.98 24.57
N PRO B 340 -2.27 -67.51 23.32
CA PRO B 340 -3.38 -67.32 22.39
C PRO B 340 -4.52 -68.23 22.82
N PHE B 341 -5.64 -67.65 23.22
CA PHE B 341 -6.77 -68.40 23.73
C PHE B 341 -7.25 -69.38 22.68
N ALA B 342 -7.82 -70.49 23.14
CA ALA B 342 -8.45 -71.48 22.26
C ALA B 342 -7.48 -72.39 21.52
N PHE B 343 -6.26 -71.90 21.23
CA PHE B 343 -5.26 -72.77 20.65
C PHE B 343 -5.00 -73.99 21.57
N PHE B 344 -4.77 -73.74 22.87
CA PHE B 344 -4.71 -74.82 23.86
C PHE B 344 -5.99 -74.81 24.69
N PRO B 345 -6.42 -75.96 25.20
CA PRO B 345 -7.75 -76.07 25.80
C PRO B 345 -7.95 -75.37 27.16
N ASN B 346 -6.85 -75.00 27.83
CA ASN B 346 -6.94 -74.26 29.09
C ASN B 346 -5.92 -73.14 29.19
N PRO B 347 -6.17 -72.15 30.10
CA PRO B 347 -5.23 -71.04 30.31
C PRO B 347 -3.94 -71.56 30.92
N THR B 348 -4.01 -72.77 31.47
CA THR B 348 -2.95 -73.30 32.33
C THR B 348 -1.87 -74.18 31.63
N TYR B 349 -2.04 -74.42 30.33
CA TYR B 349 -1.12 -75.15 29.46
C TYR B 349 0.24 -74.48 29.35
N PRO B 350 1.34 -75.28 29.38
CA PRO B 350 2.71 -74.75 29.16
C PRO B 350 2.87 -73.98 27.83
N LEU B 351 3.70 -72.95 27.85
CA LEU B 351 3.95 -72.14 26.66
C LEU B 351 5.29 -72.44 26.01
N PRO B 352 5.30 -72.63 24.66
CA PRO B 352 6.52 -72.90 23.88
C PRO B 352 7.52 -71.71 23.88
N ASN B 353 8.78 -71.95 24.26
CA ASN B 353 9.80 -70.89 24.35
C ASN B 353 10.66 -70.79 23.08
N SER B 354 10.37 -71.61 22.08
CA SER B 354 11.13 -71.58 20.85
C SER B 354 10.17 -71.93 19.75
N THR B 355 10.63 -71.94 18.48
CA THR B 355 9.74 -72.27 17.36
C THR B 355 9.18 -73.65 17.57
N PHE B 356 7.96 -73.86 17.12
CA PHE B 356 7.34 -75.18 17.23
C PHE B 356 6.44 -75.57 16.06
N ALA B 357 6.18 -76.86 15.97
CA ALA B 357 5.19 -77.43 15.05
C ALA B 357 4.07 -78.05 15.88
N HIS B 358 2.91 -78.20 15.27
CA HIS B 358 1.71 -78.61 15.96
C HIS B 358 0.97 -79.55 15.03
N PHE B 359 0.98 -80.83 15.34
CA PHE B 359 0.33 -81.84 14.51
C PHE B 359 -1.10 -82.11 14.95
N VAL B 360 -2.06 -82.01 14.04
CA VAL B 360 -3.46 -82.04 14.47
C VAL B 360 -4.41 -83.02 13.84
N ASN B 361 -5.39 -83.42 14.64
CA ASN B 361 -6.39 -84.37 14.23
C ASN B 361 -7.79 -83.85 14.48
N LYS B 362 -8.55 -83.67 13.41
CA LYS B 362 -9.99 -83.43 13.51
C LYS B 362 -10.71 -84.75 13.27
N VAL B 363 -11.73 -85.06 14.04
CA VAL B 363 -12.61 -86.21 13.76
C VAL B 363 -13.88 -85.75 13.03
N PRO B 364 -14.25 -86.38 11.87
CA PRO B 364 -15.43 -86.07 11.08
C PRO B 364 -16.69 -86.47 11.80
N GLY B 365 -17.78 -85.79 11.45
CA GLY B 365 -18.89 -85.65 12.36
C GLY B 365 -18.76 -84.29 13.05
N PRO B 366 -18.70 -84.29 14.38
CA PRO B 366 -18.65 -85.49 15.22
C PRO B 366 -20.05 -86.07 15.41
N LEU B 367 -20.14 -87.34 15.83
CA LEU B 367 -21.41 -87.92 16.24
C LEU B 367 -21.90 -87.35 17.59
N SER B 368 -20.96 -86.95 18.46
CA SER B 368 -21.28 -86.34 19.77
C SER B 368 -21.89 -84.95 19.63
N TYR B 369 -22.88 -84.65 20.48
CA TYR B 369 -23.54 -83.35 20.43
C TYR B 369 -24.14 -82.91 21.77
N GLY B 370 -24.66 -81.67 21.81
CA GLY B 370 -25.15 -81.05 23.04
C GLY B 370 -26.12 -79.90 22.86
N SER B 371 -25.92 -78.82 23.63
CA SER B 371 -27.02 -77.94 23.92
C SER B 371 -26.58 -76.49 24.15
N ILE B 372 -27.13 -75.51 23.41
CA ILE B 372 -27.06 -74.08 23.76
C ILE B 372 -28.00 -73.83 24.93
N THR B 373 -27.58 -73.01 25.90
CA THR B 373 -28.51 -72.47 26.92
C THR B 373 -28.30 -70.98 27.21
N LEU B 374 -29.23 -70.38 27.93
CA LEU B 374 -29.13 -68.98 28.26
C LEU B 374 -29.13 -68.71 29.76
N ASN B 375 -28.87 -67.46 30.11
CA ASN B 375 -28.76 -67.05 31.49
C ASN B 375 -28.50 -65.57 31.89
N SER B 376 -28.38 -64.53 31.05
CA SER B 376 -28.77 -64.35 29.64
C SER B 376 -30.27 -64.13 29.64
N ASP B 377 -30.73 -63.31 30.58
CA ASP B 377 -32.19 -63.06 30.76
C ASP B 377 -32.95 -63.11 29.41
N SER B 378 -32.66 -62.16 28.54
CA SER B 378 -31.83 -61.07 28.93
C SER B 378 -30.74 -60.82 27.95
N ASP B 379 -29.60 -60.35 28.44
CA ASP B 379 -28.74 -59.58 27.56
C ASP B 379 -28.10 -60.46 26.49
N VAL B 380 -28.55 -60.31 25.24
CA VAL B 380 -27.90 -60.91 24.08
C VAL B 380 -26.39 -60.67 24.11
N ARG B 381 -26.00 -59.68 24.93
CA ARG B 381 -24.61 -59.26 25.09
CA ARG B 381 -24.60 -59.28 25.09
C ARG B 381 -23.84 -60.16 26.09
N VAL B 382 -24.56 -61.10 26.73
CA VAL B 382 -23.97 -62.10 27.65
C VAL B 382 -23.77 -63.44 26.93
N ALA B 383 -22.55 -63.94 26.90
CA ALA B 383 -22.27 -65.19 26.22
C ALA B 383 -23.23 -66.26 26.75
N PRO B 384 -23.79 -67.10 25.86
CA PRO B 384 -24.56 -68.24 26.36
C PRO B 384 -23.65 -69.43 26.70
N ASN B 385 -24.21 -70.45 27.35
CA ASN B 385 -23.46 -71.68 27.69
C ASN B 385 -23.60 -72.75 26.64
N VAL B 386 -22.53 -73.49 26.38
CA VAL B 386 -22.57 -74.62 25.43
C VAL B 386 -21.98 -75.94 25.96
N LYS B 387 -22.58 -77.05 25.56
CA LYS B 387 -22.19 -78.39 25.99
C LYS B 387 -22.03 -79.17 24.67
N PHE B 388 -20.80 -79.55 24.32
CA PHE B 388 -20.50 -80.26 23.04
C PHE B 388 -20.40 -81.75 23.22
N ASN B 389 -20.02 -82.16 24.43
CA ASN B 389 -19.96 -83.55 24.87
C ASN B 389 -18.90 -84.39 24.13
N TYR B 390 -17.67 -83.89 24.11
CA TYR B 390 -16.57 -84.58 23.45
C TYR B 390 -16.50 -86.05 23.83
N TYR B 391 -16.52 -86.90 22.81
CA TYR B 391 -16.43 -88.36 22.97
C TYR B 391 -17.55 -88.99 23.84
N SER B 392 -18.77 -88.46 23.73
CA SER B 392 -19.96 -89.11 24.30
C SER B 392 -20.22 -90.37 23.55
N ASN B 393 -20.24 -90.25 22.22
CA ASN B 393 -20.51 -91.36 21.34
C ASN B 393 -19.25 -92.18 21.14
N SER B 394 -19.35 -93.47 21.49
CA SER B 394 -18.24 -94.37 21.34
C SER B 394 -17.47 -94.20 20.00
N THR B 395 -18.16 -94.25 18.86
CA THR B 395 -17.54 -94.13 17.50
C THR B 395 -16.63 -92.91 17.27
N ASP B 396 -16.96 -91.80 17.91
CA ASP B 396 -16.07 -90.65 17.87
C ASP B 396 -14.76 -90.99 18.52
N LEU B 397 -14.80 -91.55 19.72
CA LEU B 397 -13.57 -91.93 20.38
C LEU B 397 -12.65 -92.69 19.45
N ALA B 398 -13.17 -93.76 18.85
CA ALA B 398 -12.39 -94.68 18.02
C ALA B 398 -11.70 -93.99 16.83
N HIS B 399 -12.37 -92.99 16.25
CA HIS B 399 -11.80 -92.24 15.14
C HIS B 399 -10.58 -91.43 15.60
N CYS B 400 -10.70 -90.80 16.77
CA CYS B 400 -9.58 -90.15 17.41
C CYS B 400 -8.46 -91.12 17.70
N VAL B 401 -8.77 -92.31 18.22
CA VAL B 401 -7.73 -93.31 18.47
C VAL B 401 -6.97 -93.63 17.17
N SER B 402 -7.72 -93.91 16.10
CA SER B 402 -7.11 -94.08 14.77
C SER B 402 -6.33 -92.85 14.29
N GLY B 403 -6.88 -91.65 14.52
CA GLY B 403 -6.25 -90.41 14.06
C GLY B 403 -4.89 -90.24 14.70
N MET B 404 -4.82 -90.48 16.01
CA MET B 404 -3.57 -90.34 16.73
C MET B 404 -2.56 -91.40 16.36
N LYS B 405 -3.03 -92.60 16.10
CA LYS B 405 -2.13 -93.62 15.58
C LYS B 405 -1.49 -93.24 14.23
N LYS B 406 -2.23 -92.55 13.38
CA LYS B 406 -1.65 -92.11 12.11
C LYS B 406 -0.65 -90.94 12.28
N ILE B 407 -0.89 -90.07 13.28
CA ILE B 407 0.06 -89.01 13.65
C ILE B 407 1.36 -89.55 14.23
N GLY B 408 1.24 -90.59 15.06
CA GLY B 408 2.40 -91.38 15.47
C GLY B 408 3.17 -91.91 14.27
N GLU B 409 2.44 -92.43 13.28
CA GLU B 409 3.08 -92.92 12.06
C GLU B 409 3.85 -91.82 11.30
N LEU B 410 3.32 -90.60 11.39
CA LEU B 410 3.92 -89.44 10.77
C LEU B 410 5.22 -89.03 11.45
N LEU B 411 5.24 -89.15 12.77
CA LEU B 411 6.42 -88.75 13.51
C LEU B 411 7.58 -89.72 13.30
N SER B 412 7.24 -90.91 12.78
CA SER B 412 8.18 -91.99 12.51
C SER B 412 8.68 -92.03 11.06
N SER B 413 8.38 -91.00 10.29
CA SER B 413 8.78 -91.05 8.90
C SER B 413 10.14 -90.37 8.73
N ASP B 414 10.84 -90.71 7.65
CA ASP B 414 12.13 -90.09 7.38
C ASP B 414 11.97 -88.56 7.42
N ALA B 415 10.88 -88.06 6.86
CA ALA B 415 10.59 -86.63 6.74
C ALA B 415 10.71 -85.79 8.03
N LEU B 416 10.51 -86.45 9.17
CA LEU B 416 10.48 -85.74 10.44
C LEU B 416 11.72 -85.99 11.33
N LYS B 417 12.57 -86.96 10.94
CA LYS B 417 13.86 -87.27 11.62
C LYS B 417 14.71 -86.05 11.96
N PRO B 418 14.79 -85.06 11.04
CA PRO B 418 15.62 -83.90 11.32
C PRO B 418 15.04 -83.04 12.42
N TYR B 419 13.76 -83.23 12.74
CA TYR B 419 13.13 -82.37 13.73
C TYR B 419 13.10 -83.01 15.13
N LYS B 420 13.73 -84.18 15.23
CA LYS B 420 13.98 -84.83 16.50
C LYS B 420 15.18 -84.23 17.20
N VAL B 421 15.24 -84.37 18.51
CA VAL B 421 16.29 -83.77 19.32
C VAL B 421 17.39 -84.78 19.62
N GLU B 422 17.07 -86.06 19.56
CA GLU B 422 18.08 -87.09 19.71
C GLU B 422 17.72 -88.25 18.80
N ASP B 423 18.74 -88.96 18.29
CA ASP B 423 18.49 -89.94 17.27
C ASP B 423 17.90 -91.23 17.85
N LEU B 424 16.60 -91.21 18.12
CA LEU B 424 15.89 -92.40 18.54
C LEU B 424 14.94 -92.82 17.43
N PRO B 425 14.63 -94.13 17.32
CA PRO B 425 13.73 -94.60 16.26
C PRO B 425 12.27 -94.47 16.68
N GLY B 426 11.36 -94.49 15.71
CA GLY B 426 9.93 -94.45 15.99
C GLY B 426 9.41 -93.08 16.39
N ILE B 427 8.47 -93.06 17.34
CA ILE B 427 7.87 -91.81 17.79
C ILE B 427 8.73 -91.19 18.90
N ASP B 428 9.88 -91.79 19.17
CA ASP B 428 10.73 -91.30 20.24
C ASP B 428 11.88 -90.48 19.71
N GLY B 429 12.23 -89.41 20.45
CA GLY B 429 13.32 -88.50 20.08
C GLY B 429 12.88 -87.06 20.00
N PHE B 430 11.58 -86.86 19.87
CA PHE B 430 11.02 -85.54 19.83
C PHE B 430 10.98 -84.93 21.21
N ASP B 431 11.10 -83.61 21.26
CA ASP B 431 10.87 -82.90 22.48
C ASP B 431 9.44 -82.39 22.46
N ILE B 432 8.58 -83.05 23.21
CA ILE B 432 7.13 -82.80 23.18
C ILE B 432 6.69 -81.75 24.22
N LEU B 433 5.95 -80.73 23.77
CA LEU B 433 5.30 -79.77 24.64
C LEU B 433 3.91 -80.30 25.00
N GLY B 434 3.72 -80.71 26.24
CA GLY B 434 2.47 -81.34 26.68
C GLY B 434 2.43 -82.87 26.70
N ILE B 435 1.24 -83.42 26.53
CA ILE B 435 1.00 -84.84 26.66
C ILE B 435 1.44 -85.59 25.39
N PRO B 436 2.45 -86.46 25.53
CA PRO B 436 2.98 -87.19 24.41
C PRO B 436 2.09 -88.38 24.12
N LEU B 437 2.28 -89.02 22.96
CA LEU B 437 1.51 -90.20 22.59
C LEU B 437 1.87 -91.41 23.47
N PRO B 438 0.87 -92.26 23.79
CA PRO B 438 1.18 -93.52 24.48
C PRO B 438 2.29 -94.28 23.74
N GLU B 439 3.32 -94.71 24.46
CA GLU B 439 4.45 -95.35 23.78
C GLU B 439 4.06 -96.65 23.05
N ASN B 440 3.08 -97.36 23.60
CA ASN B 440 2.58 -98.60 23.00
C ASN B 440 1.59 -98.21 21.94
N GLN B 441 2.01 -98.34 20.69
CA GLN B 441 1.25 -97.88 19.56
C GLN B 441 0.06 -98.76 19.27
N THR B 442 -0.12 -99.84 20.02
CA THR B 442 -1.29 -100.71 19.84
C THR B 442 -2.13 -100.79 21.11
N ASP B 443 -1.88 -99.86 22.05
CA ASP B 443 -2.61 -99.87 23.33
C ASP B 443 -3.87 -99.01 23.25
N ASP B 444 -4.97 -99.67 22.93
CA ASP B 444 -6.20 -98.94 22.70
C ASP B 444 -6.66 -98.23 23.94
N ALA B 445 -6.62 -98.92 25.07
CA ALA B 445 -7.00 -98.35 26.36
C ALA B 445 -6.30 -97.01 26.64
N ALA B 446 -4.99 -96.98 26.37
CA ALA B 446 -4.16 -95.79 26.60
C ALA B 446 -4.43 -94.66 25.60
N PHE B 447 -4.72 -95.02 24.36
CA PHE B 447 -5.10 -94.03 23.36
C PHE B 447 -6.41 -93.35 23.68
N GLU B 448 -7.39 -94.13 24.10
CA GLU B 448 -8.59 -93.58 24.66
C GLU B 448 -8.34 -92.62 25.84
N THR B 449 -7.29 -92.83 26.63
CA THR B 449 -7.04 -91.94 27.77
C THR B 449 -6.46 -90.63 27.27
N PHE B 450 -5.64 -90.75 26.24
CA PHE B 450 -4.93 -89.63 25.68
C PHE B 450 -5.90 -88.68 25.00
N CYS B 451 -6.81 -89.25 24.22
CA CYS B 451 -7.82 -88.53 23.47
C CYS B 451 -8.74 -87.76 24.37
N ARG B 452 -9.34 -88.43 25.34
CA ARG B 452 -10.24 -87.75 26.26
C ARG B 452 -9.58 -86.61 27.04
N GLU B 453 -8.33 -86.78 27.42
CA GLU B 453 -7.64 -85.85 28.33
C GLU B 453 -6.68 -84.83 27.66
N ALA B 454 -6.41 -85.01 26.37
CA ALA B 454 -5.56 -84.08 25.66
C ALA B 454 -6.41 -83.30 24.69
N VAL B 455 -7.70 -83.13 24.97
CA VAL B 455 -8.63 -82.63 23.94
C VAL B 455 -8.81 -81.11 23.88
N ALA B 456 -8.81 -80.59 22.66
CA ALA B 456 -9.05 -79.19 22.39
C ALA B 456 -10.14 -79.05 21.32
N SER B 457 -10.53 -77.83 20.98
CA SER B 457 -11.51 -77.62 19.92
C SER B 457 -10.84 -77.33 18.60
N TYR B 458 -11.47 -77.78 17.52
CA TYR B 458 -10.98 -77.47 16.20
C TYR B 458 -11.76 -76.27 15.66
N TRP B 459 -12.70 -75.78 16.46
CA TRP B 459 -13.32 -74.49 16.23
C TRP B 459 -14.31 -74.50 15.10
N HIS B 460 -14.62 -75.68 14.61
CA HIS B 460 -15.59 -75.78 13.54
C HIS B 460 -16.97 -76.16 14.10
N TYR B 461 -17.20 -75.86 15.38
CA TYR B 461 -18.46 -76.18 16.02
C TYR B 461 -19.57 -75.79 15.04
N HIS B 462 -20.65 -76.56 15.01
CA HIS B 462 -21.77 -76.30 14.10
C HIS B 462 -23.03 -76.88 14.71
N GLY B 463 -24.18 -76.54 14.12
CA GLY B 463 -25.48 -77.08 14.55
C GLY B 463 -26.32 -76.14 15.39
N GLY B 464 -27.27 -76.69 16.16
CA GLY B 464 -28.11 -75.87 17.04
C GLY B 464 -29.39 -75.34 16.40
N CYS B 465 -29.42 -75.28 15.08
CA CYS B 465 -30.66 -74.94 14.41
C CYS B 465 -30.77 -75.76 13.09
N LEU B 466 -31.17 -77.02 13.21
CA LEU B 466 -30.97 -77.97 12.12
C LEU B 466 -32.04 -77.96 11.05
N VAL B 467 -31.60 -78.11 9.80
CA VAL B 467 -32.46 -78.55 8.73
C VAL B 467 -33.03 -79.89 9.20
N GLY B 468 -34.34 -80.10 9.02
CA GLY B 468 -35.02 -81.31 9.48
C GLY B 468 -35.72 -81.20 10.83
N GLU B 469 -35.17 -80.38 11.73
CA GLU B 469 -35.68 -80.29 13.09
C GLU B 469 -36.20 -78.91 13.43
N VAL B 470 -35.72 -77.89 12.71
CA VAL B 470 -36.14 -76.50 12.93
C VAL B 470 -36.41 -75.87 11.57
N LEU B 471 -35.64 -76.24 10.57
CA LEU B 471 -35.81 -75.67 9.25
C LEU B 471 -36.33 -76.69 8.23
N ASP B 472 -36.76 -76.19 7.08
CA ASP B 472 -37.15 -77.04 5.97
C ASP B 472 -36.08 -76.95 4.88
N GLY B 473 -36.32 -77.60 3.74
CA GLY B 473 -35.36 -77.66 2.64
C GLY B 473 -34.89 -76.31 2.10
N ASP B 474 -35.64 -75.27 2.45
CA ASP B 474 -35.38 -73.93 1.95
C ASP B 474 -34.93 -72.96 3.02
N PHE B 475 -34.50 -73.49 4.15
CA PHE B 475 -33.89 -72.71 5.23
C PHE B 475 -34.85 -71.77 5.96
N ARG B 476 -36.15 -72.04 5.83
CA ARG B 476 -37.21 -71.30 6.52
C ARG B 476 -37.44 -71.93 7.89
N VAL B 477 -37.71 -71.11 8.91
CA VAL B 477 -38.06 -71.62 10.22
C VAL B 477 -39.52 -72.10 10.22
N THR B 478 -39.76 -73.38 10.48
CA THR B 478 -41.11 -73.96 10.29
C THR B 478 -42.24 -73.25 11.07
N GLY B 479 -43.36 -72.99 10.39
CA GLY B 479 -44.56 -72.43 11.04
C GLY B 479 -44.53 -70.93 11.30
N ILE B 480 -43.42 -70.31 10.92
CA ILE B 480 -43.21 -68.88 11.02
C ILE B 480 -42.89 -68.42 9.62
N ASN B 481 -43.70 -67.50 9.09
CA ASN B 481 -43.41 -66.91 7.78
C ASN B 481 -42.35 -65.83 7.77
N ALA B 482 -41.58 -65.79 6.70
CA ALA B 482 -40.56 -64.75 6.49
C ALA B 482 -39.48 -64.74 7.55
N LEU B 483 -38.95 -65.92 7.88
CA LEU B 483 -37.85 -66.02 8.82
C LEU B 483 -37.03 -67.19 8.38
N ARG B 484 -35.78 -66.90 8.05
CA ARG B 484 -34.86 -67.88 7.56
C ARG B 484 -33.55 -67.79 8.32
N VAL B 485 -32.87 -68.94 8.39
CA VAL B 485 -31.57 -69.11 9.05
C VAL B 485 -30.58 -69.72 8.07
N VAL B 486 -29.51 -68.98 7.77
CA VAL B 486 -28.49 -69.45 6.83
C VAL B 486 -27.11 -69.29 7.47
N ASP B 487 -26.51 -70.37 7.93
CA ASP B 487 -25.22 -70.26 8.62
C ASP B 487 -24.73 -71.61 9.14
N GLY B 488 -23.84 -71.57 10.13
CA GLY B 488 -23.22 -72.79 10.63
C GLY B 488 -24.08 -73.55 11.62
N SER B 489 -25.31 -73.06 11.83
CA SER B 489 -26.23 -73.74 12.73
C SER B 489 -27.05 -74.79 12.00
N THR B 490 -26.96 -74.80 10.68
CA THR B 490 -27.98 -75.50 9.91
C THR B 490 -27.74 -76.95 9.67
N PHE B 491 -26.52 -77.45 9.86
CA PHE B 491 -26.32 -78.90 9.65
C PHE B 491 -25.63 -79.61 10.82
N PRO B 492 -25.89 -80.92 11.04
CA PRO B 492 -25.27 -81.60 12.19
C PRO B 492 -23.83 -82.07 12.03
N TYR B 493 -23.35 -82.31 10.80
CA TYR B 493 -21.94 -82.74 10.59
C TYR B 493 -21.10 -81.75 9.79
N SER B 494 -19.79 -81.73 10.04
CA SER B 494 -18.86 -80.91 9.26
C SER B 494 -18.93 -81.22 7.73
N PRO B 495 -18.68 -80.19 6.87
CA PRO B 495 -18.85 -80.45 5.45
C PRO B 495 -17.55 -80.83 4.75
N ALA B 496 -16.44 -80.63 5.45
CA ALA B 496 -15.10 -80.87 4.92
C ALA B 496 -14.22 -81.07 6.14
N SER B 497 -12.92 -81.10 5.94
CA SER B 497 -11.98 -80.87 7.00
C SER B 497 -12.14 -79.44 7.48
N HIS B 498 -12.55 -78.58 6.57
CA HIS B 498 -12.52 -77.13 6.78
C HIS B 498 -13.73 -76.48 6.19
N PRO B 499 -14.54 -75.83 7.02
CA PRO B 499 -15.89 -75.49 6.65
C PRO B 499 -16.14 -74.16 5.91
N GLN B 500 -15.34 -73.14 6.16
CA GLN B 500 -15.64 -71.79 5.68
C GLN B 500 -15.98 -71.74 4.18
N GLY B 501 -15.45 -72.67 3.40
CA GLY B 501 -15.75 -72.73 1.97
C GLY B 501 -17.22 -73.00 1.75
N PHE B 502 -17.72 -74.02 2.45
CA PHE B 502 -19.12 -74.40 2.36
C PHE B 502 -20.05 -73.29 2.86
N TYR B 503 -19.68 -72.64 3.96
CA TYR B 503 -20.54 -71.61 4.53
C TYR B 503 -20.59 -70.37 3.66
N LEU B 504 -19.42 -69.97 3.15
CA LEU B 504 -19.33 -68.94 2.17
C LEU B 504 -20.28 -69.29 1.04
N MET B 505 -20.18 -70.50 0.49
CA MET B 505 -21.10 -70.93 -0.59
C MET B 505 -22.53 -70.89 -0.08
N LEU B 506 -22.78 -71.46 1.10
CA LEU B 506 -24.12 -71.47 1.64
C LEU B 506 -24.83 -70.12 1.61
N GLY B 507 -24.09 -69.05 1.90
CA GLY B 507 -24.61 -67.67 1.91
C GLY B 507 -25.27 -67.28 0.59
N ARG B 508 -24.48 -67.21 -0.47
CA ARG B 508 -25.00 -66.95 -1.81
C ARG B 508 -26.00 -68.03 -2.31
N TYR B 509 -25.80 -69.29 -1.94
CA TYR B 509 -26.71 -70.31 -2.45
C TYR B 509 -28.13 -69.95 -2.05
N VAL B 510 -28.33 -69.73 -0.76
CA VAL B 510 -29.68 -69.47 -0.29
C VAL B 510 -30.16 -68.16 -0.89
N GLY B 511 -29.22 -67.25 -1.11
CA GLY B 511 -29.47 -66.00 -1.82
C GLY B 511 -30.19 -66.18 -3.14
N SER B 512 -29.58 -66.95 -4.06
CA SER B 512 -30.25 -67.24 -5.33
C SER B 512 -31.59 -67.93 -5.16
N LYS B 513 -31.61 -68.96 -4.30
CA LYS B 513 -32.86 -69.68 -4.04
C LYS B 513 -33.98 -68.78 -3.54
N ILE B 514 -33.62 -67.73 -2.80
CA ILE B 514 -34.59 -66.73 -2.35
C ILE B 514 -35.08 -65.90 -3.54
N LEU B 515 -34.13 -65.37 -4.32
CA LEU B 515 -34.40 -64.46 -5.42
C LEU B 515 -35.19 -65.17 -6.49
N GLN B 516 -34.89 -66.46 -6.63
CA GLN B 516 -35.49 -67.32 -7.66
C GLN B 516 -36.91 -67.63 -7.33
N GLU B 517 -37.19 -67.91 -6.06
CA GLU B 517 -38.56 -68.15 -5.63
C GLU B 517 -39.41 -66.89 -5.82
N ARG B 518 -38.74 -65.73 -5.86
CA ARG B 518 -39.43 -64.46 -6.06
C ARG B 518 -39.83 -64.21 -7.50
N SER B 519 -39.08 -64.73 -8.47
CA SER B 519 -39.46 -64.61 -9.89
C SER B 519 -40.78 -65.31 -10.24
N ALA B 520 -41.03 -66.49 -9.64
CA ALA B 520 -42.30 -67.27 -9.85
C ALA B 520 -43.42 -67.09 -8.78
N ALA B 521 -43.60 -65.87 -8.27
CA ALA B 521 -44.63 -65.55 -7.24
C ALA B 521 -45.13 -64.09 -7.28
N LEU C 1 -37.35 2.15 37.30
CA LEU C 1 -36.86 0.91 37.92
C LEU C 1 -37.76 -0.24 37.48
N ALA C 2 -37.20 -1.45 37.47
CA ALA C 2 -37.86 -2.64 36.94
C ALA C 2 -38.93 -3.20 37.89
N THR C 3 -39.62 -4.26 37.46
CA THR C 3 -40.53 -5.02 38.30
C THR C 3 -40.00 -6.42 38.56
N THR C 4 -39.92 -6.80 39.84
CA THR C 4 -39.47 -8.12 40.27
C THR C 4 -40.04 -9.15 39.30
N SER C 5 -39.21 -10.10 38.89
CA SER C 5 -39.69 -11.25 38.11
C SER C 5 -38.51 -12.17 37.83
N ASP C 6 -38.63 -13.03 36.82
CA ASP C 6 -37.56 -13.96 36.49
C ASP C 6 -36.44 -13.33 35.66
N HIS C 7 -35.25 -13.90 35.79
CA HIS C 7 -34.11 -13.49 34.97
C HIS C 7 -34.47 -13.83 33.54
N ASP C 8 -34.46 -12.81 32.69
CA ASP C 8 -34.84 -12.93 31.28
C ASP C 8 -33.75 -13.61 30.43
N PHE C 9 -34.02 -14.83 29.96
CA PHE C 9 -33.03 -15.51 29.14
C PHE C 9 -33.42 -15.57 27.65
N SER C 10 -34.34 -14.71 27.22
CA SER C 10 -34.81 -14.71 25.84
C SER C 10 -33.70 -14.53 24.76
N TYR C 11 -32.53 -14.08 25.19
CA TYR C 11 -31.41 -13.83 24.28
C TYR C 11 -30.73 -15.13 23.86
N LEU C 12 -31.13 -16.24 24.46
CA LEU C 12 -30.43 -17.50 24.22
C LEU C 12 -30.78 -18.11 22.86
N SER C 13 -31.78 -17.54 22.20
CA SER C 13 -32.05 -17.88 20.81
C SER C 13 -30.95 -17.35 19.86
N PHE C 14 -30.03 -16.53 20.35
CA PHE C 14 -28.88 -16.11 19.52
C PHE C 14 -27.52 -16.18 20.15
N ALA C 15 -27.40 -16.89 21.25
CA ALA C 15 -26.09 -17.24 21.81
C ALA C 15 -25.75 -18.60 21.31
N TYR C 16 -24.46 -18.84 21.12
CA TYR C 16 -23.99 -20.14 20.70
C TYR C 16 -22.73 -20.44 21.45
N ASP C 17 -22.36 -21.72 21.49
CA ASP C 17 -21.03 -22.11 21.97
C ASP C 17 -20.02 -21.76 20.90
N ALA C 18 -18.77 -21.52 21.30
CA ALA C 18 -17.73 -21.10 20.38
C ALA C 18 -17.61 -22.10 19.22
N THR C 19 -17.52 -23.38 19.56
CA THR C 19 -17.52 -24.49 18.60
C THR C 19 -18.65 -24.42 17.55
N ASP C 20 -19.85 -24.03 17.97
CA ASP C 20 -21.02 -23.94 17.08
C ASP C 20 -21.03 -22.72 16.17
N LEU C 21 -19.97 -21.92 16.17
CA LEU C 21 -19.95 -20.73 15.34
C LEU C 21 -19.23 -21.03 14.05
N GLU C 22 -19.48 -20.19 13.04
CA GLU C 22 -18.77 -20.27 11.77
C GLU C 22 -17.26 -20.16 12.03
N LEU C 23 -16.45 -20.88 11.27
CA LEU C 23 -15.01 -20.83 11.49
C LEU C 23 -14.35 -19.48 11.05
N GLU C 24 -15.03 -18.72 10.20
CA GLU C 24 -14.59 -17.38 9.85
C GLU C 24 -15.83 -16.57 9.43
N GLY C 25 -16.04 -15.42 10.06
CA GLY C 25 -17.25 -14.61 9.81
C GLY C 25 -17.01 -13.12 9.66
N SER C 26 -18.04 -12.42 9.22
CA SER C 26 -18.00 -10.98 8.96
C SER C 26 -19.13 -10.24 9.66
N TYR C 27 -18.77 -9.25 10.48
CA TYR C 27 -19.76 -8.44 11.21
C TYR C 27 -19.51 -6.91 11.10
N ASP C 28 -20.58 -6.14 11.26
CA ASP C 28 -20.45 -4.71 11.36
C ASP C 28 -19.71 -4.35 12.65
N TYR C 29 -19.93 -5.14 13.70
CA TYR C 29 -19.20 -4.94 14.95
C TYR C 29 -18.85 -6.25 15.66
N VAL C 30 -17.66 -6.29 16.26
CA VAL C 30 -17.19 -7.44 17.04
C VAL C 30 -16.76 -6.99 18.44
N ILE C 31 -17.44 -7.44 19.48
CA ILE C 31 -17.11 -7.03 20.85
C ILE C 31 -16.40 -8.15 21.61
N VAL C 32 -15.20 -7.85 22.12
CA VAL C 32 -14.48 -8.78 22.99
C VAL C 32 -14.91 -8.57 24.46
N GLY C 33 -15.20 -9.69 25.14
CA GLY C 33 -15.74 -9.71 26.50
C GLY C 33 -17.17 -9.19 26.52
N GLY C 34 -18.14 -10.06 26.78
CA GLY C 34 -19.52 -9.63 26.84
C GLY C 34 -19.97 -9.50 28.29
N GLY C 35 -19.32 -8.64 29.07
CA GLY C 35 -19.68 -8.45 30.46
C GLY C 35 -20.49 -7.20 30.72
N THR C 36 -20.19 -6.55 31.83
CA THR C 36 -20.96 -5.40 32.28
C THR C 36 -21.16 -4.30 31.22
N SER C 37 -20.08 -3.83 30.58
CA SER C 37 -20.20 -2.80 29.53
C SER C 37 -20.41 -3.43 28.16
N GLY C 38 -19.70 -4.51 27.88
CA GLY C 38 -19.81 -5.25 26.62
C GLY C 38 -21.23 -5.53 26.16
N CYS C 39 -22.08 -6.03 27.06
CA CYS C 39 -23.48 -6.37 26.71
C CYS C 39 -24.41 -5.24 26.28
N PRO C 40 -24.58 -4.18 27.10
CA PRO C 40 -25.34 -3.01 26.64
C PRO C 40 -24.82 -2.43 25.31
N LEU C 41 -23.50 -2.34 25.19
CA LEU C 41 -22.90 -1.85 23.98
C LEU C 41 -23.29 -2.69 22.77
N ALA C 42 -23.23 -4.03 22.91
CA ALA C 42 -23.60 -4.97 21.83
C ALA C 42 -25.05 -4.72 21.42
N ALA C 43 -25.93 -4.88 22.40
CA ALA C 43 -27.36 -4.57 22.27
C ALA C 43 -27.61 -3.30 21.46
N THR C 44 -26.92 -2.22 21.83
CA THR C 44 -27.18 -0.88 21.31
C THR C 44 -26.83 -0.82 19.83
N LEU C 45 -25.64 -1.26 19.46
CA LEU C 45 -25.19 -1.20 18.07
C LEU C 45 -25.93 -2.21 17.20
N SER C 46 -26.70 -3.12 17.82
CA SER C 46 -27.44 -4.10 17.03
C SER C 46 -28.81 -3.58 16.65
N GLU C 47 -29.22 -2.46 17.25
CA GLU C 47 -30.43 -1.76 16.82
C GLU C 47 -30.41 -1.50 15.30
N LYS C 48 -29.19 -1.28 14.77
N LYS C 48 -29.21 -1.27 14.76
CA LYS C 48 -28.96 -0.84 13.39
CA LYS C 48 -29.02 -0.92 13.33
C LYS C 48 -27.93 -1.64 12.58
C LYS C 48 -27.93 -1.67 12.55
N TYR C 49 -27.13 -2.49 13.23
CA TYR C 49 -26.01 -3.23 12.55
C TYR C 49 -25.81 -4.62 13.06
N LYS C 50 -25.05 -5.43 12.32
CA LYS C 50 -24.79 -6.83 12.68
C LYS C 50 -23.64 -6.92 13.68
N VAL C 51 -23.92 -7.47 14.87
CA VAL C 51 -22.94 -7.48 15.97
C VAL C 51 -22.61 -8.90 16.42
N LEU C 52 -21.34 -9.12 16.79
CA LEU C 52 -20.90 -10.35 17.46
C LEU C 52 -20.22 -10.09 18.83
N VAL C 53 -20.73 -10.75 19.86
CA VAL C 53 -20.13 -10.65 21.18
C VAL C 53 -19.36 -11.94 21.36
N LEU C 54 -18.13 -11.82 21.81
CA LEU C 54 -17.32 -13.00 22.14
C LEU C 54 -16.98 -13.01 23.62
N GLU C 55 -17.29 -14.11 24.30
CA GLU C 55 -17.13 -14.18 25.73
C GLU C 55 -16.43 -15.45 26.11
N ARG C 56 -15.35 -15.31 26.87
CA ARG C 56 -14.49 -16.43 27.22
C ARG C 56 -15.22 -17.43 28.08
N GLY C 57 -16.25 -16.96 28.79
CA GLY C 57 -16.94 -17.75 29.81
C GLY C 57 -18.24 -18.41 29.37
N THR C 58 -19.01 -18.85 30.35
CA THR C 58 -20.17 -19.72 30.13
C THR C 58 -21.48 -18.97 30.09
N LEU C 59 -22.52 -19.66 29.61
CA LEU C 59 -23.89 -19.19 29.82
C LEU C 59 -24.13 -19.13 31.33
N PRO C 60 -24.78 -18.05 31.80
CA PRO C 60 -25.16 -18.02 33.21
C PRO C 60 -25.91 -19.30 33.63
N THR C 61 -26.64 -19.92 32.70
CA THR C 61 -27.49 -21.07 33.01
C THR C 61 -26.68 -22.23 33.56
N ALA C 62 -25.41 -22.31 33.18
CA ALA C 62 -24.53 -23.43 33.52
C ALA C 62 -24.07 -23.48 34.98
N TYR C 63 -24.26 -22.37 35.69
CA TYR C 63 -23.97 -22.25 37.10
C TYR C 63 -25.14 -21.56 37.78
N PRO C 64 -26.26 -22.29 37.98
CA PRO C 64 -27.55 -21.69 38.39
C PRO C 64 -27.40 -20.95 39.71
N ASN C 65 -26.40 -21.35 40.46
CA ASN C 65 -26.21 -20.83 41.78
C ASN C 65 -25.64 -19.42 41.77
N LEU C 66 -25.95 -18.64 40.75
CA LEU C 66 -25.48 -17.27 40.74
C LEU C 66 -26.53 -16.34 40.18
N LEU C 67 -27.71 -16.93 39.95
CA LEU C 67 -28.92 -16.21 39.61
C LEU C 67 -29.58 -15.69 40.89
N THR C 68 -29.07 -16.13 42.05
CA THR C 68 -29.61 -15.76 43.34
C THR C 68 -28.61 -15.08 44.27
N SER C 69 -29.16 -14.21 45.10
CA SER C 69 -28.58 -13.64 46.32
C SER C 69 -27.85 -14.65 47.20
N ASP C 70 -28.54 -15.77 47.44
CA ASP C 70 -28.05 -16.83 48.31
C ASP C 70 -26.75 -17.42 47.80
N GLY C 71 -26.60 -17.39 46.47
CA GLY C 71 -25.41 -17.88 45.81
C GLY C 71 -24.20 -16.97 45.86
N PHE C 72 -24.36 -15.73 46.29
CA PHE C 72 -23.23 -14.78 46.19
C PHE C 72 -21.95 -15.34 46.78
N ILE C 73 -22.03 -15.93 47.97
CA ILE C 73 -20.89 -16.53 48.65
C ILE C 73 -20.43 -17.80 47.94
N TYR C 74 -21.41 -18.64 47.63
CA TYR C 74 -21.17 -19.92 47.00
C TYR C 74 -20.23 -19.84 45.79
N ASN C 75 -20.48 -18.89 44.90
CA ASN C 75 -19.62 -18.69 43.74
C ASN C 75 -18.19 -18.38 44.15
N LEU C 76 -18.02 -17.63 45.23
CA LEU C 76 -16.70 -17.21 45.68
C LEU C 76 -15.99 -18.31 46.43
N GLN C 77 -16.72 -19.34 46.85
CA GLN C 77 -16.08 -20.41 47.57
C GLN C 77 -15.59 -21.49 46.63
N GLN C 78 -16.09 -21.48 45.40
CA GLN C 78 -15.81 -22.55 44.46
C GLN C 78 -14.37 -22.57 44.02
N GLU C 79 -13.86 -23.74 43.72
CA GLU C 79 -12.53 -23.90 43.20
C GLU C 79 -12.52 -23.44 41.76
N ASP C 80 -11.49 -22.70 41.42
CA ASP C 80 -11.26 -22.24 40.07
C ASP C 80 -10.59 -23.33 39.22
N ASP C 81 -11.39 -23.96 38.36
CA ASP C 81 -10.88 -24.94 37.39
C ASP C 81 -10.62 -24.31 36.00
N GLY C 82 -10.86 -23.01 35.87
CA GLY C 82 -10.75 -22.34 34.58
C GLY C 82 -12.08 -22.20 33.86
N GLN C 83 -13.05 -23.02 34.25
CA GLN C 83 -14.41 -22.97 33.66
C GLN C 83 -15.46 -22.23 34.51
N THR C 84 -15.23 -22.17 35.82
CA THR C 84 -16.14 -21.56 36.80
C THR C 84 -16.26 -20.05 36.66
N PRO C 85 -17.43 -19.47 37.04
CA PRO C 85 -17.77 -18.08 36.73
C PRO C 85 -16.96 -17.06 37.50
N VAL C 86 -16.24 -17.54 38.50
CA VAL C 86 -15.41 -16.69 39.35
C VAL C 86 -13.94 -17.08 39.18
N GLU C 87 -13.14 -16.18 38.59
CA GLU C 87 -11.69 -16.41 38.45
C GLU C 87 -10.90 -15.74 39.57
N ARG C 88 -9.99 -16.52 40.17
CA ARG C 88 -9.17 -16.05 41.28
C ARG C 88 -7.85 -15.53 40.78
N PHE C 89 -7.44 -14.37 41.28
CA PHE C 89 -6.06 -13.95 41.13
C PHE C 89 -5.56 -13.33 42.44
N VAL C 90 -4.24 -13.13 42.51
CA VAL C 90 -3.59 -12.52 43.66
C VAL C 90 -2.68 -11.48 43.12
N SER C 91 -2.84 -10.26 43.61
CA SER C 91 -2.05 -9.12 43.15
C SER C 91 -0.59 -9.28 43.50
N GLY C 92 0.26 -8.52 42.82
CA GLY C 92 1.68 -8.37 43.16
C GLY C 92 1.87 -7.89 44.60
N ASP C 93 0.77 -7.49 45.26
CA ASP C 93 0.83 -7.00 46.64
C ASP C 93 0.63 -8.12 47.66
N GLY C 94 -0.17 -9.12 47.30
CA GLY C 94 -0.49 -10.23 48.20
C GLY C 94 -1.94 -10.18 48.62
N ILE C 95 -2.75 -9.44 47.87
CA ILE C 95 -4.18 -9.31 48.17
C ILE C 95 -5.07 -10.12 47.21
N ASP C 96 -5.65 -11.21 47.74
CA ASP C 96 -6.67 -12.03 47.06
C ASP C 96 -7.81 -11.22 46.43
N ASP C 97 -8.27 -11.65 45.27
CA ASP C 97 -9.21 -10.88 44.48
C ASP C 97 -9.95 -11.81 43.52
N VAL C 98 -10.97 -11.30 42.87
CA VAL C 98 -11.66 -12.08 41.85
C VAL C 98 -12.17 -11.25 40.70
N ARG C 99 -12.46 -11.94 39.59
CA ARG C 99 -13.13 -11.35 38.45
C ARG C 99 -14.08 -12.36 37.83
N GLY C 100 -15.10 -11.85 37.14
CA GLY C 100 -16.03 -12.71 36.39
C GLY C 100 -15.48 -13.37 35.14
N ARG C 101 -16.03 -14.55 34.85
CA ARG C 101 -15.70 -15.33 33.66
C ARG C 101 -17.00 -16.04 33.30
N VAL C 102 -17.93 -15.27 32.73
CA VAL C 102 -19.32 -15.69 32.53
C VAL C 102 -20.06 -14.58 31.77
N LEU C 103 -20.94 -14.96 30.85
CA LEU C 103 -21.60 -13.97 30.00
C LEU C 103 -22.30 -13.06 30.94
N GLY C 104 -22.17 -11.77 30.70
CA GLY C 104 -22.65 -10.78 31.66
C GLY C 104 -21.59 -10.35 32.68
N GLY C 105 -20.43 -10.98 32.62
CA GLY C 105 -19.27 -10.49 33.37
C GLY C 105 -19.39 -10.43 34.87
N THR C 106 -18.57 -9.59 35.49
CA THR C 106 -18.52 -9.45 36.93
C THR C 106 -19.87 -9.10 37.55
N SER C 107 -20.77 -8.46 36.80
CA SER C 107 -22.07 -8.18 37.38
C SER C 107 -22.86 -9.47 37.59
N MET C 108 -22.35 -10.57 37.04
CA MET C 108 -23.00 -11.85 37.20
C MET C 108 -22.62 -12.48 38.52
N ILE C 109 -21.59 -11.95 39.18
CA ILE C 109 -21.12 -12.55 40.42
C ILE C 109 -20.96 -11.56 41.52
N ASN C 110 -21.41 -10.33 41.27
CA ASN C 110 -21.13 -9.21 42.16
C ASN C 110 -22.17 -9.01 43.27
N ALA C 111 -21.85 -8.11 44.21
CA ALA C 111 -22.70 -7.88 45.41
C ALA C 111 -23.99 -7.11 45.11
N GLY C 112 -24.29 -6.93 43.83
CA GLY C 112 -25.56 -6.39 43.36
C GLY C 112 -25.91 -4.94 43.66
N VAL C 113 -25.02 -4.20 44.33
CA VAL C 113 -25.34 -2.82 44.74
C VAL C 113 -25.36 -1.91 43.52
N TYR C 114 -26.43 -1.12 43.37
CA TYR C 114 -26.54 -0.26 42.20
C TYR C 114 -26.59 1.22 42.56
N ALA C 115 -25.71 2.00 41.90
CA ALA C 115 -25.65 3.46 42.02
C ALA C 115 -25.31 4.16 40.74
N ARG C 116 -25.90 5.34 40.58
CA ARG C 116 -25.48 6.30 39.58
C ARG C 116 -24.18 6.98 40.00
N ALA C 117 -23.37 7.38 39.03
CA ALA C 117 -22.08 7.99 39.32
C ALA C 117 -22.21 9.39 39.93
N ASN C 118 -21.11 9.87 40.52
CA ASN C 118 -21.02 11.21 41.08
C ASN C 118 -21.26 12.24 39.99
N THR C 119 -22.39 12.95 40.06
CA THR C 119 -22.75 13.82 38.93
C THR C 119 -21.69 14.88 38.66
N LYS C 120 -20.74 15.07 39.59
CA LYS C 120 -19.59 15.94 39.35
C LYS C 120 -18.45 15.26 38.57
N ILE C 121 -18.23 13.97 38.81
CA ILE C 121 -17.26 13.17 38.07
C ILE C 121 -17.32 13.48 36.56
N PHE C 122 -18.50 13.90 36.08
CA PHE C 122 -18.75 13.99 34.64
C PHE C 122 -17.95 15.05 33.89
N SER C 123 -17.91 16.28 34.38
CA SER C 123 -17.33 17.41 33.61
C SER C 123 -15.85 17.79 33.93
N ALA C 124 -14.97 16.78 33.84
CA ALA C 124 -13.52 16.91 34.04
C ALA C 124 -12.88 15.55 33.76
N SER C 125 -13.73 14.53 33.59
CA SER C 125 -13.33 13.14 33.34
C SER C 125 -12.46 12.95 32.09
N GLY C 126 -12.59 13.87 31.14
CA GLY C 126 -11.71 13.92 29.98
C GLY C 126 -12.40 13.81 28.62
N ILE C 127 -13.68 13.42 28.63
CA ILE C 127 -14.44 13.27 27.40
C ILE C 127 -15.59 14.24 27.50
N GLU C 128 -16.17 14.60 26.37
CA GLU C 128 -17.30 15.55 26.34
C GLU C 128 -18.62 14.79 26.50
N TRP C 129 -19.19 14.84 27.69
CA TRP C 129 -20.39 14.07 27.99
C TRP C 129 -21.66 14.76 27.49
N ASP C 130 -22.50 14.04 26.73
CA ASP C 130 -23.89 14.48 26.46
C ASP C 130 -24.74 14.15 27.69
N MET C 131 -24.99 15.12 28.55
CA MET C 131 -25.65 14.79 29.83
C MET C 131 -27.04 14.17 29.67
N ASP C 132 -27.83 14.67 28.72
CA ASP C 132 -29.12 14.07 28.41
C ASP C 132 -28.92 12.59 28.09
N LEU C 133 -28.04 12.27 27.15
CA LEU C 133 -27.84 10.89 26.72
C LEU C 133 -27.52 10.02 27.90
N VAL C 134 -26.62 10.52 28.76
CA VAL C 134 -26.24 9.84 30.00
C VAL C 134 -27.49 9.49 30.81
N ASN C 135 -28.24 10.50 31.25
CA ASN C 135 -29.44 10.28 32.06
C ASN C 135 -30.41 9.35 31.42
N GLN C 136 -30.64 9.58 30.13
CA GLN C 136 -31.56 8.79 29.33
C GLN C 136 -31.11 7.31 29.34
N THR C 137 -29.81 7.09 29.30
CA THR C 137 -29.26 5.74 29.40
C THR C 137 -29.49 5.10 30.77
N TYR C 138 -29.27 5.86 31.86
CA TYR C 138 -29.50 5.33 33.20
C TYR C 138 -30.92 4.78 33.29
N ASP C 139 -31.91 5.56 32.87
CA ASP C 139 -33.31 5.12 32.77
C ASP C 139 -33.39 3.75 32.06
N TRP C 140 -32.76 3.64 30.87
CA TRP C 140 -32.81 2.43 30.00
C TRP C 140 -32.21 1.18 30.66
N VAL C 141 -31.29 1.41 31.59
CA VAL C 141 -30.64 0.31 32.29
C VAL C 141 -31.47 0.02 33.53
N GLU C 142 -31.98 1.08 34.15
CA GLU C 142 -32.71 0.94 35.40
C GLU C 142 -34.07 0.30 35.21
N ASP C 143 -34.76 0.68 34.13
CA ASP C 143 -36.04 0.10 33.77
C ASP C 143 -35.92 -1.37 33.53
N THR C 144 -34.71 -1.90 33.48
CA THR C 144 -34.56 -3.28 33.08
C THR C 144 -33.94 -4.22 34.11
N ILE C 145 -33.01 -3.75 34.94
CA ILE C 145 -32.35 -4.63 35.93
C ILE C 145 -32.13 -4.02 37.33
N VAL C 146 -32.80 -2.89 37.61
CA VAL C 146 -32.50 -2.18 38.84
C VAL C 146 -33.74 -2.04 39.72
N TYR C 147 -33.65 -2.61 40.93
CA TYR C 147 -34.80 -2.78 41.80
C TYR C 147 -34.73 -1.94 43.10
N LYS C 148 -35.88 -1.40 43.53
CA LYS C 148 -36.00 -0.72 44.83
C LYS C 148 -36.17 -1.77 45.93
N PRO C 149 -35.16 -1.90 46.83
CA PRO C 149 -35.11 -3.07 47.75
C PRO C 149 -36.18 -3.07 48.84
N ASP C 150 -36.36 -4.22 49.47
CA ASP C 150 -37.25 -4.33 50.61
C ASP C 150 -36.56 -3.98 51.94
N LYS C 151 -37.35 -3.47 52.89
CA LYS C 151 -36.92 -3.32 54.28
C LYS C 151 -36.29 -4.65 54.74
N GLN C 152 -35.06 -4.59 55.26
CA GLN C 152 -34.38 -5.77 55.80
C GLN C 152 -33.82 -5.45 57.19
N ALA C 153 -33.97 -6.38 58.13
CA ALA C 153 -33.61 -6.12 59.53
C ALA C 153 -32.28 -5.42 59.64
N TRP C 154 -31.24 -6.09 59.16
CA TRP C 154 -29.86 -5.62 59.34
C TRP C 154 -29.53 -4.33 58.65
N GLN C 155 -29.98 -4.19 57.42
CA GLN C 155 -29.76 -2.98 56.64
C GLN C 155 -30.30 -1.76 57.33
N SER C 156 -31.52 -1.90 57.87
CA SER C 156 -32.22 -0.81 58.57
C SER C 156 -31.64 -0.52 59.96
N LEU C 157 -30.80 -1.44 60.40
CA LEU C 157 -30.09 -1.32 61.64
C LEU C 157 -28.80 -0.59 61.38
N THR C 158 -28.16 -0.96 60.28
CA THR C 158 -27.02 -0.24 59.76
C THR C 158 -27.40 1.20 59.47
N LYS C 159 -28.63 1.38 58.97
CA LYS C 159 -29.13 2.70 58.59
C LYS C 159 -29.30 3.58 59.82
N THR C 160 -29.97 3.10 60.88
CA THR C 160 -30.04 3.94 62.10
C THR C 160 -28.65 4.12 62.71
N ALA C 161 -27.77 3.12 62.59
CA ALA C 161 -26.35 3.28 62.96
C ALA C 161 -25.66 4.46 62.26
N PHE C 162 -25.76 4.50 60.93
CA PHE C 162 -25.18 5.60 60.18
C PHE C 162 -25.72 6.97 60.63
N LEU C 163 -27.04 7.09 60.76
CA LEU C 163 -27.66 8.36 61.14
C LEU C 163 -27.22 8.83 62.53
N GLU C 164 -27.06 7.89 63.45
CA GLU C 164 -26.58 8.19 64.79
C GLU C 164 -25.12 8.64 64.80
N ALA C 165 -24.29 8.07 63.90
CA ALA C 165 -22.87 8.42 63.85
C ALA C 165 -22.71 9.71 63.06
N GLY C 166 -23.87 10.26 62.69
CA GLY C 166 -23.93 11.58 62.11
C GLY C 166 -23.61 11.64 60.64
N VAL C 167 -23.78 10.51 59.93
CA VAL C 167 -23.64 10.49 58.45
C VAL C 167 -24.94 11.04 57.82
N LEU C 168 -25.12 12.35 57.95
CA LEU C 168 -26.30 13.06 57.48
C LEU C 168 -25.96 13.70 56.11
N PRO C 169 -26.96 14.06 55.31
CA PRO C 169 -28.40 13.94 55.53
C PRO C 169 -28.91 12.58 55.17
N ASP C 170 -30.13 12.28 55.63
CA ASP C 170 -30.85 11.07 55.25
C ASP C 170 -31.53 11.25 53.90
N ASN C 171 -31.01 10.60 52.87
CA ASN C 171 -31.56 10.75 51.52
C ASN C 171 -32.81 9.88 51.27
N GLY C 172 -33.05 8.89 52.14
CA GLY C 172 -34.20 7.99 51.98
C GLY C 172 -33.82 6.97 50.93
N PHE C 173 -34.70 6.71 49.97
CA PHE C 173 -34.34 5.84 48.83
C PHE C 173 -33.92 6.64 47.61
N SER C 174 -32.70 6.42 47.15
CA SER C 174 -32.17 7.14 45.99
C SER C 174 -31.05 6.39 45.29
N LEU C 175 -30.91 6.64 44.00
CA LEU C 175 -29.90 5.97 43.20
C LEU C 175 -28.63 6.79 43.11
N ASP C 176 -28.73 8.08 43.41
CA ASP C 176 -27.61 8.97 43.25
C ASP C 176 -26.54 8.85 44.35
N HIS C 177 -25.29 8.87 43.91
CA HIS C 177 -24.13 8.97 44.78
C HIS C 177 -24.03 10.36 45.39
N GLU C 178 -24.50 10.49 46.62
CA GLU C 178 -24.56 11.77 47.31
C GLU C 178 -24.09 11.56 48.74
N ALA C 179 -23.55 12.60 49.38
CA ALA C 179 -23.13 12.52 50.79
C ALA C 179 -24.31 12.23 51.74
N GLY C 180 -24.01 11.56 52.85
CA GLY C 180 -25.04 11.19 53.80
C GLY C 180 -25.58 9.79 53.54
N THR C 181 -26.57 9.42 54.33
CA THR C 181 -27.10 8.07 54.32
C THR C 181 -28.25 7.89 53.33
N ARG C 182 -28.24 6.76 52.63
CA ARG C 182 -29.35 6.44 51.72
C ARG C 182 -29.54 4.95 51.60
N LEU C 183 -30.59 4.62 50.87
CA LEU C 183 -30.99 3.27 50.56
C LEU C 183 -30.93 3.22 49.05
N THR C 184 -29.92 2.60 48.48
CA THR C 184 -29.77 2.65 47.03
C THR C 184 -30.44 1.46 46.39
N GLY C 185 -30.34 1.36 45.07
CA GLY C 185 -31.03 0.34 44.30
C GLY C 185 -30.16 -0.87 44.22
N SER C 186 -30.72 -2.01 43.90
CA SER C 186 -29.92 -3.19 43.70
C SER C 186 -30.23 -3.83 42.36
N THR C 187 -29.36 -4.73 41.92
CA THR C 187 -29.67 -5.51 40.74
C THR C 187 -30.16 -6.90 41.15
N PHE C 188 -30.44 -7.11 42.45
CA PHE C 188 -31.22 -8.26 42.93
C PHE C 188 -32.64 -7.79 43.19
N ASP C 189 -33.62 -8.47 42.61
CA ASP C 189 -35.04 -8.16 42.94
C ASP C 189 -35.49 -8.74 44.29
N ASN C 190 -36.71 -8.41 44.68
CA ASN C 190 -37.27 -8.77 45.99
C ASN C 190 -37.59 -10.27 46.21
N ASN C 191 -37.52 -11.09 45.16
CA ASN C 191 -37.46 -12.53 45.37
C ASN C 191 -36.01 -13.07 45.37
N GLY C 192 -35.06 -12.15 45.33
CA GLY C 192 -33.65 -12.50 45.48
C GLY C 192 -33.08 -13.16 44.24
N THR C 193 -33.53 -12.66 43.09
CA THR C 193 -33.06 -13.08 41.76
C THR C 193 -32.06 -12.06 41.25
N ARG C 194 -30.84 -12.48 40.93
CA ARG C 194 -29.91 -11.54 40.33
C ARG C 194 -30.38 -11.13 38.95
N HIS C 195 -30.01 -9.92 38.57
CA HIS C 195 -30.28 -9.46 37.25
C HIS C 195 -29.05 -8.74 36.71
N ALA C 196 -28.14 -9.46 36.05
CA ALA C 196 -27.16 -8.85 35.10
C ALA C 196 -28.06 -8.25 34.01
N SER C 197 -27.64 -7.36 33.10
CA SER C 197 -26.35 -7.07 32.52
C SER C 197 -26.20 -7.89 31.27
N ASP C 198 -26.72 -9.10 31.32
CA ASP C 198 -26.74 -9.95 30.16
C ASP C 198 -28.16 -9.91 29.69
N GLU C 199 -29.04 -9.53 30.60
CA GLU C 199 -30.45 -9.42 30.27
C GLU C 199 -30.62 -8.26 29.34
N LEU C 200 -29.70 -7.31 29.41
CA LEU C 200 -29.72 -6.20 28.49
C LEU C 200 -29.50 -6.64 27.03
N LEU C 201 -29.00 -7.86 26.81
CA LEU C 201 -28.85 -8.38 25.46
C LEU C 201 -30.24 -8.60 24.79
N ASN C 202 -31.24 -8.86 25.63
CA ASN C 202 -32.66 -8.86 25.20
C ASN C 202 -33.16 -7.50 24.71
N LYS C 203 -32.49 -6.41 25.07
CA LYS C 203 -32.91 -5.09 24.61
C LYS C 203 -32.41 -4.75 23.21
N GLY C 204 -31.72 -5.72 22.59
CA GLY C 204 -31.17 -5.61 21.23
C GLY C 204 -32.06 -6.27 20.19
N ASP C 205 -31.46 -6.62 19.06
CA ASP C 205 -32.19 -7.04 17.83
C ASP C 205 -31.73 -8.42 17.37
N PRO C 206 -32.51 -9.45 17.70
CA PRO C 206 -32.24 -10.88 17.53
C PRO C 206 -31.91 -11.25 16.11
N ASN C 207 -32.13 -10.34 15.19
CA ASN C 207 -31.79 -10.55 13.80
C ASN C 207 -30.37 -10.07 13.51
N ASN C 208 -29.92 -9.13 14.33
CA ASN C 208 -28.64 -8.51 14.15
C ASN C 208 -27.57 -9.06 15.07
N LEU C 209 -27.98 -9.52 16.25
CA LEU C 209 -27.02 -9.84 17.30
C LEU C 209 -26.69 -11.32 17.42
N ARG C 210 -25.43 -11.60 17.71
CA ARG C 210 -24.98 -12.96 18.02
C ARG C 210 -24.02 -12.97 19.21
N VAL C 211 -24.34 -13.77 20.20
CA VAL C 211 -23.49 -13.94 21.34
C VAL C 211 -22.84 -15.30 21.20
N ALA C 212 -21.59 -15.40 21.57
CA ALA C 212 -20.97 -16.72 21.69
C ALA C 212 -20.11 -16.86 22.93
N VAL C 213 -20.14 -18.05 23.47
CA VAL C 213 -19.57 -18.35 24.78
C VAL C 213 -18.43 -19.35 24.61
N HIS C 214 -17.65 -19.55 25.65
CA HIS C 214 -16.40 -20.28 25.52
C HIS C 214 -15.51 -19.78 24.38
N ALA C 215 -15.70 -18.52 23.97
CA ALA C 215 -14.81 -17.85 23.00
C ALA C 215 -13.68 -17.14 23.73
N SER C 216 -12.46 -17.67 23.65
CA SER C 216 -11.30 -16.99 24.20
C SER C 216 -10.64 -16.24 23.08
N VAL C 217 -10.88 -14.93 23.02
CA VAL C 217 -10.24 -14.05 22.05
C VAL C 217 -8.73 -13.93 22.31
N GLU C 218 -7.93 -14.25 21.31
CA GLU C 218 -6.52 -14.40 21.55
C GLU C 218 -5.69 -13.29 20.96
N LYS C 219 -6.22 -12.63 19.94
CA LYS C 219 -5.51 -11.59 19.23
C LYS C 219 -6.50 -10.70 18.50
N ILE C 220 -6.21 -9.41 18.48
CA ILE C 220 -6.80 -8.49 17.53
C ILE C 220 -5.83 -8.46 16.37
N ILE C 221 -6.34 -8.64 15.15
CA ILE C 221 -5.55 -8.67 13.93
C ILE C 221 -5.63 -7.33 13.22
N PHE C 222 -4.47 -6.78 12.84
CA PHE C 222 -4.37 -5.46 12.16
C PHE C 222 -3.88 -5.54 10.71
N SER C 223 -4.10 -4.47 9.95
CA SER C 223 -3.37 -4.28 8.69
C SER C 223 -3.00 -2.81 8.46
N SER C 224 -1.96 -2.59 7.65
CA SER C 224 -1.52 -1.24 7.29
C SER C 224 -2.33 -0.72 6.08
N ASN C 225 -3.61 -1.11 6.04
CA ASN C 225 -4.57 -0.81 4.95
C ASN C 225 -6.03 -0.77 5.49
N SER C 226 -6.76 0.31 5.20
CA SER C 226 -6.22 1.53 4.60
C SER C 226 -6.70 2.79 5.37
N SER C 227 -5.90 3.87 5.36
CA SER C 227 -4.56 3.91 4.75
C SER C 227 -3.52 3.24 5.65
N GLY C 228 -3.46 3.74 6.91
CA GLY C 228 -2.60 3.20 7.97
C GLY C 228 -3.26 2.06 8.72
N VAL C 229 -2.92 1.90 10.00
CA VAL C 229 -3.36 0.80 10.84
C VAL C 229 -4.82 0.79 11.20
N THR C 230 -5.50 -0.30 10.85
CA THR C 230 -6.89 -0.56 11.18
C THR C 230 -6.90 -1.89 11.89
N ALA C 231 -7.95 -2.09 12.67
CA ALA C 231 -8.27 -3.40 13.21
C ALA C 231 -9.23 -4.04 12.21
N ILE C 232 -8.93 -5.26 11.78
CA ILE C 232 -9.77 -5.89 10.78
C ILE C 232 -10.59 -7.04 11.35
N GLY C 233 -10.17 -7.53 12.52
CA GLY C 233 -10.80 -8.71 13.09
C GLY C 233 -10.09 -9.30 14.30
N VAL C 234 -10.68 -10.37 14.85
CA VAL C 234 -10.14 -11.06 16.02
C VAL C 234 -9.97 -12.52 15.75
N ILE C 235 -9.01 -13.14 16.42
CA ILE C 235 -8.90 -14.59 16.40
C ILE C 235 -9.26 -15.12 17.78
N TYR C 236 -10.26 -15.99 17.85
CA TYR C 236 -10.66 -16.57 19.13
C TYR C 236 -10.65 -18.07 19.11
N LYS C 237 -10.56 -18.68 20.27
CA LYS C 237 -10.39 -20.12 20.34
C LYS C 237 -11.56 -20.74 21.10
N ASP C 238 -12.08 -21.86 20.59
CA ASP C 238 -13.15 -22.57 21.26
C ASP C 238 -12.63 -23.65 22.22
N SER C 239 -13.53 -24.32 22.92
CA SER C 239 -13.13 -25.38 23.85
C SER C 239 -12.58 -26.68 23.23
N ASN C 240 -12.70 -26.86 21.93
CA ASN C 240 -12.03 -27.97 21.26
C ASN C 240 -10.56 -27.66 20.99
N GLY C 241 -10.26 -26.38 20.84
CA GLY C 241 -8.91 -25.93 20.54
C GLY C 241 -8.90 -25.23 19.19
N THR C 242 -10.01 -25.40 18.47
CA THR C 242 -10.22 -24.89 17.13
C THR C 242 -10.27 -23.35 17.12
N PRO C 243 -9.34 -22.69 16.38
CA PRO C 243 -9.35 -21.24 16.26
C PRO C 243 -10.34 -20.71 15.21
N HIS C 244 -11.02 -19.62 15.54
CA HIS C 244 -11.98 -19.00 14.66
C HIS C 244 -11.58 -17.59 14.37
N GLN C 245 -12.20 -16.99 13.36
CA GLN C 245 -11.89 -15.61 12.97
C GLN C 245 -13.15 -14.76 12.77
N ALA C 246 -13.22 -13.60 13.41
CA ALA C 246 -14.30 -12.64 13.12
C ALA C 246 -13.72 -11.38 12.50
N PHE C 247 -14.38 -10.90 11.47
CA PHE C 247 -13.91 -9.74 10.73
C PHE C 247 -14.95 -8.60 10.80
N VAL C 248 -14.46 -7.37 10.71
CA VAL C 248 -15.33 -6.21 10.66
C VAL C 248 -15.36 -5.78 9.22
N ARG C 249 -16.44 -5.12 8.83
CA ARG C 249 -16.65 -4.64 7.48
C ARG C 249 -16.30 -3.15 7.38
N GLY C 250 -16.61 -2.56 6.23
CA GLY C 250 -16.38 -1.12 5.99
C GLY C 250 -16.99 -0.39 7.17
N GLU C 251 -16.22 0.49 7.79
CA GLU C 251 -16.68 1.21 8.98
C GLU C 251 -17.17 0.27 10.09
N GLY C 252 -16.32 -0.66 10.51
CA GLY C 252 -16.62 -1.53 11.65
C GLY C 252 -15.72 -1.18 12.81
N GLU C 253 -15.75 -2.03 13.80
CA GLU C 253 -14.90 -1.85 14.90
C GLU C 253 -14.95 -3.05 15.75
N VAL C 254 -13.82 -3.38 16.33
CA VAL C 254 -13.67 -3.93 17.63
C VAL C 254 -13.26 -2.66 18.33
N ILE C 255 -13.42 -2.46 19.61
CA ILE C 255 -14.50 -2.73 20.52
C ILE C 255 -14.08 -3.76 21.49
N VAL C 256 -13.35 -3.31 22.49
CA VAL C 256 -12.78 -4.22 23.45
C VAL C 256 -13.34 -3.89 24.80
N SER C 257 -13.85 -4.88 25.50
CA SER C 257 -14.60 -4.72 26.72
C SER C 257 -14.29 -5.88 27.64
N ALA C 258 -13.02 -6.27 27.71
CA ALA C 258 -12.67 -7.43 28.50
C ALA C 258 -12.33 -7.10 29.97
N GLY C 259 -12.22 -5.81 30.32
CA GLY C 259 -12.10 -5.39 31.73
C GLY C 259 -10.75 -4.77 32.09
N PRO C 260 -10.58 -4.30 33.38
CA PRO C 260 -9.22 -3.79 33.70
C PRO C 260 -8.12 -4.86 33.59
N ILE C 261 -8.42 -6.14 33.79
CA ILE C 261 -7.37 -7.14 33.54
C ILE C 261 -7.32 -7.54 32.07
N GLY C 262 -8.47 -7.95 31.51
CA GLY C 262 -8.58 -8.40 30.13
C GLY C 262 -8.01 -7.48 29.05
N SER C 263 -8.53 -6.24 28.94
CA SER C 263 -8.19 -5.36 27.79
C SER C 263 -6.69 -5.06 27.66
N PRO C 264 -6.06 -4.55 28.72
CA PRO C 264 -4.63 -4.32 28.57
C PRO C 264 -3.90 -5.60 28.14
N GLN C 265 -4.32 -6.75 28.65
CA GLN C 265 -3.74 -8.02 28.23
C GLN C 265 -3.84 -8.27 26.71
N LEU C 266 -5.01 -8.02 26.17
CA LEU C 266 -5.22 -8.32 24.77
C LEU C 266 -4.57 -7.24 23.90
N LEU C 267 -4.63 -5.98 24.31
CA LEU C 267 -3.89 -4.97 23.59
C LEU C 267 -2.38 -5.28 23.62
N LEU C 268 -1.86 -5.88 24.70
CA LEU C 268 -0.42 -6.20 24.74
C LEU C 268 -0.11 -7.42 23.93
N LEU C 269 -1.01 -8.39 23.91
CA LEU C 269 -0.82 -9.58 23.07
C LEU C 269 -1.01 -9.34 21.54
N SER C 270 -1.80 -8.32 21.19
CA SER C 270 -2.08 -8.00 19.79
C SER C 270 -0.98 -7.10 19.22
N GLY C 271 -0.22 -6.49 20.12
CA GLY C 271 0.96 -5.73 19.73
C GLY C 271 0.89 -4.23 19.97
N VAL C 272 -0.13 -3.79 20.70
CA VAL C 272 -0.28 -2.38 21.03
C VAL C 272 0.16 -2.16 22.45
N GLY C 273 1.39 -1.72 22.64
CA GLY C 273 1.91 -1.42 23.99
C GLY C 273 3.27 -0.75 23.97
N PRO C 274 3.94 -0.70 25.14
CA PRO C 274 5.25 -0.09 25.15
C PRO C 274 6.23 -0.86 24.28
N GLU C 275 6.77 -0.12 23.31
CA GLU C 275 7.68 -0.61 22.29
C GLU C 275 8.76 -1.54 22.86
N SER C 276 9.54 -1.07 23.83
CA SER C 276 10.63 -1.85 24.40
C SER C 276 10.12 -2.99 25.31
N TYR C 277 9.01 -2.75 26.02
CA TYR C 277 8.47 -3.81 26.88
C TYR C 277 8.01 -5.05 26.11
N LEU C 278 7.25 -4.83 25.03
CA LEU C 278 6.69 -5.90 24.20
C LEU C 278 7.80 -6.63 23.51
N SER C 279 8.82 -5.83 23.19
CA SER C 279 9.97 -6.26 22.42
C SER C 279 10.94 -7.11 23.23
N SER C 280 10.84 -7.05 24.55
CA SER C 280 11.60 -7.90 25.45
C SER C 280 10.93 -9.27 25.57
N LEU C 281 9.64 -9.32 25.25
CA LEU C 281 8.90 -10.55 25.28
C LEU C 281 8.83 -11.16 23.89
N ASN C 282 9.44 -10.46 22.93
CA ASN C 282 9.44 -10.87 21.54
C ASN C 282 8.06 -10.85 20.91
N ILE C 283 7.20 -9.98 21.42
CA ILE C 283 5.90 -9.73 20.79
C ILE C 283 6.09 -8.58 19.83
N PRO C 284 5.78 -8.80 18.55
CA PRO C 284 5.97 -7.76 17.53
C PRO C 284 5.16 -6.50 17.77
N VAL C 285 5.85 -5.36 17.84
CA VAL C 285 5.17 -4.10 18.07
C VAL C 285 4.33 -3.80 16.85
N VAL C 286 3.08 -3.37 17.05
CA VAL C 286 2.22 -3.01 15.93
C VAL C 286 1.99 -1.50 15.90
N LEU C 287 1.62 -0.93 17.03
CA LEU C 287 1.82 0.49 17.31
C LEU C 287 2.29 0.55 18.73
N SER C 288 3.37 1.29 18.95
CA SER C 288 3.88 1.62 20.27
C SER C 288 2.85 2.49 21.03
N HIS C 289 2.44 2.02 22.19
CA HIS C 289 1.54 2.77 23.05
C HIS C 289 2.09 2.66 24.46
N PRO C 290 2.78 3.71 24.92
CA PRO C 290 3.45 3.64 26.21
C PRO C 290 2.51 3.45 27.41
N TYR C 291 1.20 3.65 27.28
CA TYR C 291 0.38 3.60 28.49
C TYR C 291 -0.60 2.42 28.62
N VAL C 292 -0.59 1.54 27.64
CA VAL C 292 -1.30 0.27 27.77
C VAL C 292 -0.69 -0.49 28.95
N GLY C 293 -1.55 -0.91 29.86
CA GLY C 293 -1.10 -1.75 30.95
C GLY C 293 -0.66 -0.94 32.14
N GLN C 294 -0.85 0.38 32.06
CA GLN C 294 -0.40 1.32 33.09
C GLN C 294 -1.55 2.08 33.64
N PHE C 295 -1.42 2.45 34.92
CA PHE C 295 -2.47 3.14 35.67
C PHE C 295 -3.64 2.23 36.07
N LEU C 296 -3.28 1.12 36.71
CA LEU C 296 -4.23 0.22 37.33
C LEU C 296 -4.56 0.67 38.74
N HIS C 297 -5.82 0.98 38.99
CA HIS C 297 -6.26 1.42 40.31
C HIS C 297 -7.15 0.36 40.99
N ASP C 298 -6.84 0.05 42.26
CA ASP C 298 -7.76 -0.74 43.11
C ASP C 298 -8.11 -0.07 44.46
N ASN C 299 -9.40 0.22 44.65
CA ASN C 299 -9.84 0.85 45.89
C ASN C 299 -9.74 -0.14 47.04
N PRO C 300 -8.96 0.21 48.06
CA PRO C 300 -8.74 -0.69 49.18
C PRO C 300 -9.98 -0.84 50.06
N ARG C 301 -10.20 -2.03 50.56
CA ARG C 301 -11.28 -2.24 51.51
C ARG C 301 -10.63 -2.51 52.83
N ASN C 302 -11.15 -1.85 53.87
CA ASN C 302 -10.78 -2.15 55.26
C ASN C 302 -12.08 -2.31 56.02
N PHE C 303 -12.06 -3.12 57.06
CA PHE C 303 -13.29 -3.65 57.63
C PHE C 303 -13.13 -4.14 59.08
N ILE C 304 -14.27 -4.29 59.74
CA ILE C 304 -14.34 -4.90 61.02
C ILE C 304 -15.41 -5.96 60.92
N ASN C 305 -15.03 -7.19 61.23
CA ASN C 305 -16.03 -8.26 61.40
C ASN C 305 -16.38 -8.33 62.85
N ILE C 306 -17.68 -8.25 63.14
CA ILE C 306 -18.21 -8.51 64.50
C ILE C 306 -18.98 -9.80 64.45
N LEU C 307 -19.05 -10.50 65.58
CA LEU C 307 -19.78 -11.76 65.71
C LEU C 307 -20.74 -11.65 66.87
N PRO C 308 -22.01 -11.39 66.59
CA PRO C 308 -22.99 -11.16 67.64
C PRO C 308 -23.21 -12.32 68.63
N PRO C 309 -23.80 -12.04 69.81
CA PRO C 309 -24.17 -13.12 70.71
C PRO C 309 -25.40 -13.88 70.24
N ASN C 310 -26.27 -13.22 69.47
CA ASN C 310 -27.51 -13.80 68.97
C ASN C 310 -27.62 -13.64 67.45
N PRO C 311 -28.05 -14.71 66.75
CA PRO C 311 -28.13 -14.78 65.30
C PRO C 311 -28.71 -13.52 64.66
N ILE C 312 -28.05 -12.98 63.65
CA ILE C 312 -28.66 -12.00 62.74
C ILE C 312 -28.93 -12.61 61.37
N GLU C 313 -29.80 -12.00 60.57
CA GLU C 313 -30.16 -12.62 59.29
C GLU C 313 -29.35 -12.02 58.14
N PRO C 314 -29.00 -12.85 57.13
CA PRO C 314 -28.23 -12.55 55.97
C PRO C 314 -29.04 -11.71 55.05
N SER C 315 -28.47 -10.59 54.64
CA SER C 315 -29.14 -9.52 53.95
C SER C 315 -28.35 -9.21 52.71
N THR C 316 -28.98 -8.66 51.67
CA THR C 316 -28.18 -8.05 50.62
C THR C 316 -27.89 -6.59 51.02
N VAL C 317 -26.71 -6.09 50.61
CA VAL C 317 -26.29 -4.72 50.93
C VAL C 317 -27.06 -3.69 50.15
N THR C 318 -27.80 -2.84 50.84
CA THR C 318 -28.56 -1.78 50.20
C THR C 318 -28.48 -0.43 50.92
N VAL C 319 -27.95 -0.41 52.14
CA VAL C 319 -27.80 0.86 52.89
C VAL C 319 -26.38 1.41 52.82
N LEU C 320 -26.22 2.67 52.46
CA LEU C 320 -24.89 3.24 52.28
C LEU C 320 -24.71 4.54 53.05
N GLY C 321 -23.50 4.72 53.60
CA GLY C 321 -23.03 5.96 54.22
C GLY C 321 -21.90 6.60 53.42
N ILE C 322 -22.25 7.63 52.66
CA ILE C 322 -21.27 8.29 51.81
C ILE C 322 -20.70 9.53 52.48
N THR C 323 -19.38 9.59 52.55
CA THR C 323 -18.68 10.83 52.88
C THR C 323 -17.78 11.06 51.68
N SER C 324 -17.39 12.31 51.46
CA SER C 324 -16.55 12.67 50.34
C SER C 324 -15.30 11.78 50.19
N ASN C 325 -14.65 11.45 51.30
CA ASN C 325 -13.36 10.73 51.23
C ASN C 325 -13.38 9.20 51.45
N PHE C 326 -14.58 8.63 51.58
CA PHE C 326 -14.71 7.20 51.87
C PHE C 326 -16.15 6.77 51.93
N TYR C 327 -16.38 5.54 51.47
CA TYR C 327 -17.71 5.01 51.35
C TYR C 327 -17.81 3.84 52.28
N GLN C 328 -19.00 3.67 52.86
CA GLN C 328 -19.21 2.66 53.90
C GLN C 328 -20.54 1.90 53.77
N CYS C 329 -20.48 0.58 53.97
CA CYS C 329 -21.69 -0.24 54.05
C CYS C 329 -21.44 -1.41 54.99
N SER C 330 -22.47 -2.21 55.20
CA SER C 330 -22.37 -3.39 56.04
C SER C 330 -22.97 -4.60 55.34
N PHE C 331 -22.46 -5.78 55.64
CA PHE C 331 -22.90 -7.02 55.02
C PHE C 331 -23.07 -8.02 56.13
N SER C 332 -24.25 -8.62 56.25
CA SER C 332 -24.47 -9.70 57.22
C SER C 332 -24.58 -11.04 56.50
N SER C 333 -23.99 -12.08 57.08
CA SER C 333 -23.96 -13.35 56.39
C SER C 333 -24.00 -14.49 57.37
N LEU C 334 -24.38 -15.66 56.88
CA LEU C 334 -24.19 -16.93 57.59
C LEU C 334 -22.70 -17.21 57.75
N PRO C 335 -22.35 -18.18 58.62
CA PRO C 335 -20.96 -18.67 58.71
C PRO C 335 -20.43 -19.27 57.39
N PHE C 336 -19.12 -19.17 57.22
CA PHE C 336 -18.42 -19.84 56.11
C PHE C 336 -17.77 -21.08 56.68
N SER C 337 -18.07 -22.24 56.10
CA SER C 337 -17.33 -23.48 56.46
C SER C 337 -16.13 -23.68 55.53
N ILE C 338 -16.15 -22.97 54.40
CA ILE C 338 -15.11 -22.95 53.36
C ILE C 338 -14.91 -21.47 53.05
N PRO C 339 -13.65 -20.99 52.94
CA PRO C 339 -13.43 -19.55 52.70
C PRO C 339 -13.89 -19.15 51.32
N PRO C 340 -14.70 -18.09 51.21
CA PRO C 340 -14.97 -17.49 49.92
C PRO C 340 -13.79 -16.64 49.53
N PHE C 341 -13.09 -17.05 48.47
CA PHE C 341 -11.96 -16.32 47.94
C PHE C 341 -12.26 -14.80 47.76
N ALA C 342 -11.31 -13.96 48.18
CA ALA C 342 -11.35 -12.52 47.94
C ALA C 342 -12.20 -11.69 48.91
N PHE C 343 -13.08 -12.35 49.66
CA PHE C 343 -13.79 -11.68 50.72
C PHE C 343 -12.83 -11.29 51.85
N PHE C 344 -11.85 -12.16 52.15
CA PHE C 344 -10.75 -11.80 53.06
C PHE C 344 -9.42 -11.84 52.33
N PRO C 345 -8.47 -10.97 52.75
CA PRO C 345 -7.23 -10.72 52.02
C PRO C 345 -6.38 -11.94 51.66
N ASN C 346 -6.37 -12.96 52.52
CA ASN C 346 -5.57 -14.19 52.37
C ASN C 346 -6.43 -15.45 52.48
N PRO C 347 -5.97 -16.63 51.96
CA PRO C 347 -6.74 -17.88 52.15
C PRO C 347 -6.56 -18.40 53.58
N THR C 348 -5.66 -17.75 54.33
CA THR C 348 -5.31 -18.20 55.66
C THR C 348 -5.93 -17.32 56.75
N TYR C 349 -7.18 -16.92 56.54
CA TYR C 349 -7.88 -15.98 57.42
C TYR C 349 -8.75 -16.85 58.27
N PRO C 350 -9.10 -16.38 59.49
CA PRO C 350 -10.04 -17.15 60.33
C PRO C 350 -11.46 -17.13 59.79
N LEU C 351 -12.18 -18.23 59.94
CA LEU C 351 -13.52 -18.26 59.41
C LEU C 351 -14.56 -18.18 60.51
N PRO C 352 -15.63 -17.38 60.29
CA PRO C 352 -16.68 -17.23 61.31
C PRO C 352 -17.50 -18.51 61.54
N ASN C 353 -17.60 -18.95 62.80
CA ASN C 353 -18.42 -20.11 63.12
C ASN C 353 -19.88 -19.78 63.40
N SER C 354 -20.24 -18.50 63.36
CA SER C 354 -21.64 -18.08 63.58
C SER C 354 -21.99 -16.95 62.64
N THR C 355 -23.24 -16.50 62.63
CA THR C 355 -23.57 -15.35 61.77
C THR C 355 -22.68 -14.18 62.14
N PHE C 356 -22.34 -13.36 61.16
CA PHE C 356 -21.51 -12.22 61.45
C PHE C 356 -21.92 -11.04 60.58
N ALA C 357 -21.22 -9.92 60.77
CA ALA C 357 -21.51 -8.71 60.05
C ALA C 357 -20.20 -8.07 59.71
N HIS C 358 -20.12 -7.56 58.49
CA HIS C 358 -18.91 -7.01 57.91
C HIS C 358 -19.15 -5.51 57.72
N PHE C 359 -18.34 -4.67 58.38
CA PHE C 359 -18.45 -3.22 58.17
C PHE C 359 -17.28 -2.79 57.30
N VAL C 360 -17.58 -2.23 56.13
CA VAL C 360 -16.56 -1.96 55.12
C VAL C 360 -16.39 -0.52 54.71
N ASN C 361 -15.13 -0.17 54.45
CA ASN C 361 -14.73 1.16 54.09
C ASN C 361 -14.03 1.14 52.74
N LYS C 362 -14.51 1.95 51.79
CA LYS C 362 -13.85 2.16 50.51
C LYS C 362 -13.37 3.58 50.35
N VAL C 363 -12.06 3.73 50.20
CA VAL C 363 -11.43 4.98 49.85
C VAL C 363 -11.67 5.28 48.33
N PRO C 364 -12.10 6.50 47.99
CA PRO C 364 -12.33 6.96 46.63
C PRO C 364 -11.02 7.14 45.96
N GLY C 365 -11.07 7.41 44.66
CA GLY C 365 -9.88 7.33 43.84
C GLY C 365 -9.69 5.86 43.52
N PRO C 366 -8.56 5.28 43.96
CA PRO C 366 -7.54 5.89 44.78
C PRO C 366 -6.54 6.64 43.94
N LEU C 367 -5.70 7.44 44.59
CA LEU C 367 -4.57 8.09 43.96
C LEU C 367 -3.39 7.14 43.67
N SER C 368 -3.21 6.13 44.51
CA SER C 368 -2.21 5.07 44.28
C SER C 368 -2.55 4.21 43.05
N TYR C 369 -1.54 3.83 42.28
CA TYR C 369 -1.76 3.03 41.07
C TYR C 369 -0.64 2.03 40.79
N GLY C 370 -0.88 1.14 39.82
CA GLY C 370 0.12 0.14 39.45
C GLY C 370 -0.02 -0.32 38.01
N SER C 371 0.61 -1.47 37.72
CA SER C 371 0.74 -2.01 36.36
C SER C 371 0.14 -3.37 36.11
N ILE C 372 -0.34 -3.58 34.87
CA ILE C 372 -0.54 -4.91 34.30
C ILE C 372 0.79 -5.35 33.70
N THR C 373 1.24 -6.54 34.09
CA THR C 373 2.34 -7.20 33.42
C THR C 373 1.92 -8.58 32.93
N LEU C 374 2.49 -9.00 31.79
CA LEU C 374 2.26 -10.31 31.22
C LEU C 374 3.33 -11.23 31.71
N ASN C 375 3.06 -12.52 31.73
CA ASN C 375 4.13 -13.46 32.01
C ASN C 375 4.00 -14.76 31.21
N SER C 376 2.79 -15.11 30.78
CA SER C 376 2.72 -16.04 29.69
C SER C 376 2.96 -15.28 28.43
N ASP C 377 4.01 -15.73 27.75
CA ASP C 377 4.53 -15.11 26.51
C ASP C 377 3.43 -14.78 25.48
N SER C 378 2.39 -15.62 25.39
CA SER C 378 1.24 -15.24 24.57
C SER C 378 -0.09 -15.90 24.95
N ASP C 379 -0.10 -16.79 25.94
CA ASP C 379 -1.38 -17.45 26.27
C ASP C 379 -2.32 -16.58 27.11
N VAL C 380 -3.39 -16.12 26.47
CA VAL C 380 -4.37 -15.23 27.12
C VAL C 380 -5.12 -15.95 28.23
N ARG C 381 -5.11 -17.28 28.16
CA ARG C 381 -5.71 -18.15 29.18
C ARG C 381 -4.99 -18.04 30.53
N VAL C 382 -3.73 -17.55 30.50
CA VAL C 382 -2.91 -17.35 31.70
C VAL C 382 -3.11 -15.94 32.26
N ALA C 383 -3.52 -15.83 33.54
CA ALA C 383 -3.72 -14.54 34.22
C ALA C 383 -2.51 -13.59 34.12
N PRO C 384 -2.76 -12.28 33.91
CA PRO C 384 -1.63 -11.36 34.02
C PRO C 384 -1.38 -10.93 35.47
N ASN C 385 -0.14 -10.54 35.79
CA ASN C 385 0.13 -9.96 37.10
C ASN C 385 -0.48 -8.58 37.21
N VAL C 386 -0.94 -8.22 38.40
CA VAL C 386 -1.35 -6.85 38.65
C VAL C 386 -0.69 -6.31 39.92
N LYS C 387 -0.10 -5.12 39.84
CA LYS C 387 0.31 -4.43 41.05
C LYS C 387 -0.52 -3.14 41.30
N PHE C 388 -1.06 -3.00 42.50
CA PHE C 388 -1.93 -1.86 42.77
C PHE C 388 -1.33 -0.78 43.63
N ASN C 389 -0.38 -1.17 44.48
CA ASN C 389 0.34 -0.22 45.32
C ASN C 389 -0.57 0.46 46.31
N TYR C 390 -1.32 -0.35 47.03
CA TYR C 390 -2.23 0.18 48.02
C TYR C 390 -1.43 1.10 48.96
N TYR C 391 -1.94 2.31 49.18
CA TYR C 391 -1.35 3.22 50.14
C TYR C 391 0.10 3.68 49.82
N SER C 392 0.49 3.57 48.53
CA SER C 392 1.72 4.17 48.01
C SER C 392 1.60 5.65 48.22
N ASN C 393 0.37 6.12 48.18
CA ASN C 393 0.08 7.51 48.21
C ASN C 393 -0.34 7.86 49.61
N SER C 394 0.17 8.95 50.14
CA SER C 394 -0.11 9.31 51.52
C SER C 394 -1.55 9.79 51.77
N THR C 395 -2.27 10.14 50.71
CA THR C 395 -3.62 10.67 50.87
C THR C 395 -4.64 9.53 50.93
N ASP C 396 -4.28 8.41 50.33
CA ASP C 396 -5.22 7.29 50.34
C ASP C 396 -5.26 6.74 51.76
N LEU C 397 -4.14 6.87 52.45
CA LEU C 397 -4.04 6.44 53.82
C LEU C 397 -4.72 7.43 54.79
N ALA C 398 -4.58 8.74 54.53
CA ALA C 398 -5.26 9.74 55.33
C ALA C 398 -6.74 9.43 55.29
N HIS C 399 -7.20 9.02 54.10
CA HIS C 399 -8.59 8.68 53.87
C HIS C 399 -9.00 7.35 54.48
N CYS C 400 -8.07 6.42 54.62
CA CYS C 400 -8.42 5.20 55.32
C CYS C 400 -8.44 5.44 56.83
N VAL C 401 -7.46 6.16 57.36
CA VAL C 401 -7.47 6.50 58.79
C VAL C 401 -8.81 7.11 59.19
N SER C 402 -9.24 8.15 58.48
CA SER C 402 -10.51 8.83 58.74
C SER C 402 -11.69 7.95 58.56
N GLY C 403 -11.61 7.02 57.62
CA GLY C 403 -12.70 6.14 57.36
C GLY C 403 -12.93 5.21 58.53
N MET C 404 -11.86 4.61 59.01
CA MET C 404 -11.96 3.58 60.00
C MET C 404 -12.40 4.14 61.34
N LYS C 405 -11.95 5.37 61.61
CA LYS C 405 -12.34 6.11 62.81
C LYS C 405 -13.84 6.31 62.82
N LYS C 406 -14.41 6.56 61.65
CA LYS C 406 -15.85 6.68 61.50
C LYS C 406 -16.55 5.34 61.67
N ILE C 407 -15.86 4.24 61.34
CA ILE C 407 -16.41 2.91 61.60
C ILE C 407 -16.35 2.70 63.09
N GLY C 408 -15.26 3.13 63.72
CA GLY C 408 -15.21 3.20 65.17
C GLY C 408 -16.47 3.83 65.71
N GLU C 409 -16.69 5.11 65.34
CA GLU C 409 -17.88 5.89 65.72
C GLU C 409 -19.16 5.09 65.57
N LEU C 410 -19.23 4.34 64.48
CA LEU C 410 -20.39 3.62 64.08
C LEU C 410 -20.66 2.44 65.01
N LEU C 411 -19.61 1.77 65.46
CA LEU C 411 -19.78 0.60 66.33
C LEU C 411 -20.11 1.01 67.77
N SER C 412 -19.99 2.31 68.02
CA SER C 412 -20.18 2.92 69.33
C SER C 412 -21.58 3.47 69.45
N SER C 413 -22.31 3.52 68.34
CA SER C 413 -23.68 4.08 68.36
C SER C 413 -24.65 3.15 69.11
N ASP C 414 -25.77 3.69 69.58
CA ASP C 414 -26.76 2.89 70.30
C ASP C 414 -27.27 1.72 69.46
N ALA C 415 -27.57 1.99 68.19
CA ALA C 415 -28.11 1.01 67.22
C ALA C 415 -27.40 -0.34 67.20
N LEU C 416 -26.08 -0.28 67.38
CA LEU C 416 -25.22 -1.45 67.40
C LEU C 416 -25.07 -2.08 68.79
N LYS C 417 -25.44 -1.35 69.86
CA LYS C 417 -25.33 -1.83 71.25
C LYS C 417 -25.79 -3.27 71.53
N PRO C 418 -26.89 -3.74 70.88
CA PRO C 418 -27.40 -5.05 71.22
C PRO C 418 -26.61 -6.18 70.58
N TYR C 419 -25.57 -5.84 69.84
CA TYR C 419 -24.78 -6.81 69.11
C TYR C 419 -23.39 -6.97 69.70
N LYS C 420 -23.25 -6.57 70.95
CA LYS C 420 -22.00 -6.74 71.68
C LYS C 420 -22.09 -8.05 72.45
N VAL C 421 -20.96 -8.69 72.74
CA VAL C 421 -20.99 -9.93 73.51
C VAL C 421 -21.03 -9.57 75.00
N GLU C 422 -20.24 -8.58 75.40
CA GLU C 422 -20.36 -7.99 76.74
C GLU C 422 -20.62 -6.49 76.71
N ASP C 423 -21.11 -5.99 77.84
CA ASP C 423 -21.65 -4.63 77.90
C ASP C 423 -20.60 -3.54 78.21
N LEU C 424 -19.72 -3.30 77.26
CA LEU C 424 -18.68 -2.29 77.40
C LEU C 424 -18.98 -1.13 76.46
N PRO C 425 -18.50 0.07 76.76
CA PRO C 425 -18.87 1.22 75.93
C PRO C 425 -18.05 1.33 74.63
N GLY C 426 -18.38 2.29 73.77
CA GLY C 426 -17.57 2.57 72.58
C GLY C 426 -17.37 1.38 71.66
N ILE C 427 -16.14 1.18 71.18
CA ILE C 427 -15.82 0.09 70.24
C ILE C 427 -15.52 -1.24 70.96
N ASP C 428 -15.40 -1.21 72.28
CA ASP C 428 -15.14 -2.42 73.02
C ASP C 428 -16.44 -3.17 73.39
N GLY C 429 -16.34 -4.47 73.70
CA GLY C 429 -17.52 -5.31 73.94
C GLY C 429 -17.95 -6.25 72.80
N PHE C 430 -17.39 -6.05 71.60
CA PHE C 430 -17.73 -6.88 70.44
C PHE C 430 -16.81 -8.09 70.35
N ASP C 431 -17.32 -9.18 69.79
CA ASP C 431 -16.49 -10.34 69.47
C ASP C 431 -15.91 -10.16 68.08
N ILE C 432 -14.63 -9.79 67.99
CA ILE C 432 -14.05 -9.32 66.74
C ILE C 432 -13.29 -10.42 66.00
N LEU C 433 -13.82 -10.87 64.87
CA LEU C 433 -13.10 -11.88 64.07
C LEU C 433 -12.13 -11.12 63.18
N GLY C 434 -10.84 -11.42 63.25
CA GLY C 434 -9.84 -10.70 62.45
C GLY C 434 -9.07 -9.62 63.21
N ILE C 435 -8.45 -8.71 62.48
CA ILE C 435 -7.70 -7.64 63.16
C ILE C 435 -8.65 -6.60 63.69
N PRO C 436 -8.63 -6.34 65.01
CA PRO C 436 -9.53 -5.37 65.61
C PRO C 436 -9.01 -3.97 65.42
N LEU C 437 -9.83 -2.96 65.68
CA LEU C 437 -9.41 -1.56 65.55
C LEU C 437 -8.46 -1.15 66.66
N PRO C 438 -7.48 -0.30 66.36
CA PRO C 438 -6.70 0.29 67.42
C PRO C 438 -7.61 0.76 68.52
N GLU C 439 -7.12 0.73 69.76
CA GLU C 439 -7.91 1.16 70.91
C GLU C 439 -7.99 2.71 71.08
N ASN C 440 -6.89 3.41 70.84
CA ASN C 440 -6.89 4.87 70.86
C ASN C 440 -7.37 5.45 69.52
N GLN C 441 -8.61 5.90 69.50
CA GLN C 441 -9.19 6.50 68.31
C GLN C 441 -8.49 7.74 67.81
N THR C 442 -7.46 8.22 68.51
CA THR C 442 -6.67 9.37 68.00
C THR C 442 -5.24 9.03 67.52
N ASP C 443 -4.80 7.79 67.77
CA ASP C 443 -3.46 7.38 67.35
C ASP C 443 -3.40 7.22 65.84
N ASP C 444 -3.14 8.33 65.14
CA ASP C 444 -2.99 8.28 63.68
C ASP C 444 -1.92 7.26 63.26
N ALA C 445 -0.72 7.32 63.83
CA ALA C 445 0.29 6.30 63.55
C ALA C 445 -0.21 4.83 63.62
N ALA C 446 -1.18 4.55 64.48
CA ALA C 446 -1.61 3.18 64.71
C ALA C 446 -2.76 2.74 63.81
N PHE C 447 -3.63 3.70 63.46
CA PHE C 447 -4.68 3.47 62.46
C PHE C 447 -4.00 3.28 61.10
N GLU C 448 -2.82 3.86 60.94
CA GLU C 448 -2.02 3.74 59.73
C GLU C 448 -1.49 2.34 59.56
N THR C 449 -1.00 1.74 60.65
CA THR C 449 -0.59 0.33 60.67
C THR C 449 -1.80 -0.53 60.40
N PHE C 450 -2.92 -0.19 61.04
CA PHE C 450 -4.13 -0.99 60.88
C PHE C 450 -4.57 -0.97 59.44
N CYS C 451 -4.55 0.20 58.81
CA CYS C 451 -4.98 0.31 57.43
C CYS C 451 -4.07 -0.48 56.50
N ARG C 452 -2.78 -0.47 56.76
CA ARG C 452 -1.85 -1.15 55.90
C ARG C 452 -1.95 -2.66 55.98
N GLU C 453 -2.10 -3.19 57.18
CA GLU C 453 -2.07 -4.63 57.42
C GLU C 453 -3.39 -5.33 57.25
N ALA C 454 -4.48 -4.57 57.38
CA ALA C 454 -5.84 -5.10 57.35
C ALA C 454 -6.47 -5.05 55.93
N VAL C 455 -5.70 -4.61 54.94
CA VAL C 455 -6.29 -4.19 53.67
C VAL C 455 -6.72 -5.33 52.77
N ALA C 456 -7.97 -5.26 52.30
CA ALA C 456 -8.44 -6.20 51.28
C ALA C 456 -8.74 -5.44 50.00
N SER C 457 -9.30 -6.14 49.02
CA SER C 457 -9.72 -5.48 47.80
C SER C 457 -11.23 -5.18 47.85
N TYR C 458 -11.64 -3.97 47.48
CA TYR C 458 -13.08 -3.68 47.42
C TYR C 458 -13.61 -4.18 46.09
N TRP C 459 -12.70 -4.73 45.29
CA TRP C 459 -13.05 -5.43 44.06
C TRP C 459 -13.41 -4.49 42.93
N HIS C 460 -13.40 -3.18 43.20
CA HIS C 460 -13.77 -2.20 42.16
C HIS C 460 -12.56 -1.67 41.39
N TYR C 461 -11.58 -2.54 41.13
CA TYR C 461 -10.35 -2.20 40.45
C TYR C 461 -10.62 -1.63 39.02
N HIS C 462 -9.98 -0.54 38.66
CA HIS C 462 -10.21 0.10 37.37
C HIS C 462 -8.91 0.55 36.73
N GLY C 463 -8.96 1.13 35.53
CA GLY C 463 -7.72 1.59 34.87
C GLY C 463 -6.98 0.61 33.97
N GLY C 464 -5.78 0.97 33.51
CA GLY C 464 -4.99 0.14 32.61
C GLY C 464 -5.04 0.53 31.14
N CYS C 465 -6.04 1.32 30.78
CA CYS C 465 -6.15 1.78 29.42
C CYS C 465 -6.89 3.13 29.38
N LEU C 466 -6.18 4.24 29.63
CA LEU C 466 -6.89 5.51 29.97
C LEU C 466 -7.18 6.52 28.85
N VAL C 467 -8.39 7.09 28.88
CA VAL C 467 -8.76 8.27 28.09
C VAL C 467 -7.74 9.35 28.38
N GLY C 468 -7.20 9.98 27.33
CA GLY C 468 -6.23 11.08 27.47
C GLY C 468 -4.84 10.55 27.76
N GLU C 469 -4.64 9.28 27.45
CA GLU C 469 -3.44 8.54 27.78
C GLU C 469 -3.29 7.35 26.82
N VAL C 470 -4.34 6.52 26.66
CA VAL C 470 -4.36 5.52 25.58
C VAL C 470 -5.53 5.77 24.61
N LEU C 471 -6.60 6.38 25.13
CA LEU C 471 -7.80 6.68 24.34
C LEU C 471 -8.03 8.17 24.10
N ASP C 472 -8.75 8.48 23.04
CA ASP C 472 -9.21 9.83 22.79
C ASP C 472 -10.48 10.03 23.63
N GLY C 473 -11.21 11.12 23.37
CA GLY C 473 -12.50 11.36 24.01
C GLY C 473 -13.65 10.56 23.42
N ASP C 474 -13.40 9.83 22.34
CA ASP C 474 -14.39 8.95 21.73
C ASP C 474 -14.11 7.47 22.00
N PHE C 475 -13.16 7.19 22.88
CA PHE C 475 -12.89 5.83 23.32
C PHE C 475 -12.15 5.03 22.28
N ARG C 476 -11.69 5.72 21.24
CA ARG C 476 -10.81 5.14 20.21
C ARG C 476 -9.41 4.95 20.74
N VAL C 477 -8.77 3.85 20.37
CA VAL C 477 -7.31 3.74 20.56
C VAL C 477 -6.64 4.74 19.59
N THR C 478 -6.04 5.79 20.16
CA THR C 478 -5.34 6.81 19.36
C THR C 478 -4.28 6.13 18.47
N GLY C 479 -4.24 6.55 17.20
CA GLY C 479 -3.25 6.02 16.27
C GLY C 479 -3.71 4.87 15.40
N ILE C 480 -4.67 4.07 15.90
CA ILE C 480 -5.23 2.93 15.18
C ILE C 480 -6.66 3.25 14.81
N ASN C 481 -7.07 2.88 13.59
CA ASN C 481 -8.46 3.02 13.16
C ASN C 481 -9.29 1.80 13.55
N ALA C 482 -10.60 2.02 13.73
CA ALA C 482 -11.60 0.96 13.98
C ALA C 482 -11.32 0.11 15.23
N LEU C 483 -10.80 0.75 16.28
CA LEU C 483 -10.46 0.09 17.52
C LEU C 483 -10.87 0.94 18.72
N ARG C 484 -11.76 0.40 19.53
CA ARG C 484 -12.22 1.08 20.74
C ARG C 484 -12.10 0.25 22.00
N VAL C 485 -12.17 0.92 23.16
CA VAL C 485 -12.13 0.25 24.46
C VAL C 485 -13.24 0.81 25.32
N VAL C 486 -14.09 -0.06 25.83
CA VAL C 486 -15.26 0.38 26.59
C VAL C 486 -15.59 -0.61 27.72
N ASP C 487 -15.00 -0.38 28.89
CA ASP C 487 -15.22 -1.17 30.07
C ASP C 487 -14.55 -0.42 31.22
N GLY C 488 -14.33 -1.09 32.35
CA GLY C 488 -13.79 -0.44 33.54
C GLY C 488 -12.32 -0.05 33.45
N SER C 489 -11.71 -0.20 32.29
CA SER C 489 -10.30 0.10 32.18
C SER C 489 -10.06 1.51 31.68
N THR C 490 -11.12 2.22 31.34
CA THR C 490 -10.94 3.52 30.68
C THR C 490 -10.64 4.77 31.57
N PHE C 491 -11.08 4.80 32.83
CA PHE C 491 -10.90 5.98 33.68
C PHE C 491 -10.04 5.66 34.92
N PRO C 492 -9.42 6.70 35.56
CA PRO C 492 -8.46 6.49 36.65
C PRO C 492 -9.06 6.39 38.07
N TYR C 493 -10.20 7.06 38.30
CA TYR C 493 -10.86 7.08 39.64
C TYR C 493 -12.27 6.47 39.63
N SER C 494 -12.61 5.74 40.70
CA SER C 494 -13.96 5.17 40.89
C SER C 494 -15.08 6.22 40.63
N PRO C 495 -16.23 5.80 40.06
CA PRO C 495 -17.22 6.83 39.71
C PRO C 495 -18.20 7.12 40.83
N ALA C 496 -18.14 6.30 41.87
CA ALA C 496 -19.09 6.30 42.98
C ALA C 496 -18.67 5.18 43.91
N SER C 497 -19.43 4.97 44.99
CA SER C 497 -19.17 3.85 45.86
C SER C 497 -19.21 2.51 45.07
N HIS C 498 -20.08 2.46 44.07
CA HIS C 498 -20.34 1.23 43.35
C HIS C 498 -20.48 1.43 41.86
N PRO C 499 -19.47 1.00 41.11
CA PRO C 499 -19.30 1.41 39.74
C PRO C 499 -20.24 0.76 38.73
N GLN C 500 -20.75 -0.43 38.98
CA GLN C 500 -21.48 -1.10 37.90
C GLN C 500 -22.53 -0.23 37.19
N GLY C 501 -23.25 0.57 37.96
CA GLY C 501 -24.14 1.59 37.39
C GLY C 501 -23.52 2.34 36.22
N PHE C 502 -22.43 3.03 36.47
CA PHE C 502 -21.71 3.79 35.44
C PHE C 502 -21.25 2.91 34.30
N TYR C 503 -20.66 1.76 34.61
CA TYR C 503 -20.13 0.90 33.56
C TYR C 503 -21.22 0.31 32.67
N LEU C 504 -22.39 0.00 33.25
CA LEU C 504 -23.54 -0.39 32.46
C LEU C 504 -23.97 0.76 31.53
N MET C 505 -24.16 1.93 32.10
CA MET C 505 -24.46 3.09 31.32
C MET C 505 -23.42 3.25 30.21
N LEU C 506 -22.14 3.10 30.55
CA LEU C 506 -21.11 3.37 29.57
C LEU C 506 -21.30 2.65 28.24
N GLY C 507 -21.56 1.35 28.30
CA GLY C 507 -21.78 0.52 27.10
C GLY C 507 -22.81 1.05 26.12
N ARG C 508 -24.08 1.13 26.54
CA ARG C 508 -25.08 1.82 25.75
C ARG C 508 -24.66 3.24 25.33
N TYR C 509 -24.15 4.05 26.27
CA TYR C 509 -23.66 5.41 25.94
C TYR C 509 -22.70 5.42 24.71
N VAL C 510 -21.55 4.76 24.81
CA VAL C 510 -20.59 4.65 23.70
C VAL C 510 -21.24 4.08 22.43
N GLY C 511 -22.18 3.15 22.63
CA GLY C 511 -22.96 2.54 21.56
C GLY C 511 -23.66 3.58 20.72
N SER C 512 -24.54 4.38 21.33
CA SER C 512 -25.19 5.53 20.67
C SER C 512 -24.20 6.47 20.01
N LYS C 513 -23.07 6.74 20.67
CA LYS C 513 -22.07 7.65 20.07
C LYS C 513 -21.52 7.04 18.80
N ILE C 514 -21.24 5.75 18.83
CA ILE C 514 -20.82 5.07 17.62
C ILE C 514 -21.94 5.20 16.60
N LEU C 515 -23.18 5.01 17.03
CA LEU C 515 -24.32 5.04 16.14
C LEU C 515 -24.63 6.44 15.59
N GLN C 516 -24.41 7.47 16.40
CA GLN C 516 -24.70 8.83 16.02
C GLN C 516 -23.76 9.26 14.93
N GLU C 517 -22.49 8.85 15.04
CA GLU C 517 -21.49 9.31 14.10
C GLU C 517 -21.52 8.50 12.80
N ARG C 518 -22.15 7.34 12.86
CA ARG C 518 -22.41 6.61 11.63
C ARG C 518 -23.50 7.29 10.78
N SER C 519 -24.41 8.02 11.41
CA SER C 519 -25.44 8.77 10.68
C SER C 519 -24.95 10.06 9.98
N ALA C 520 -23.92 10.71 10.52
CA ALA C 520 -23.26 11.83 9.81
C ALA C 520 -22.19 11.33 8.81
N ALA C 521 -21.71 10.11 9.01
CA ALA C 521 -20.62 9.55 8.20
C ALA C 521 -20.97 8.21 7.55
N LEU D 1 -8.92 -44.50 -20.35
CA LEU D 1 -10.17 -44.21 -19.61
C LEU D 1 -10.68 -45.45 -18.87
N ALA D 2 -11.10 -45.24 -17.62
CA ALA D 2 -11.54 -46.30 -16.73
C ALA D 2 -12.99 -46.66 -17.01
N THR D 3 -13.49 -47.75 -16.43
CA THR D 3 -14.86 -48.18 -16.64
C THR D 3 -15.66 -47.98 -15.38
N THR D 4 -16.88 -47.47 -15.53
CA THR D 4 -17.74 -47.15 -14.38
C THR D 4 -17.74 -48.28 -13.38
N SER D 5 -17.26 -47.99 -12.17
CA SER D 5 -17.41 -48.89 -11.02
C SER D 5 -17.22 -48.14 -9.71
N ASP D 6 -17.17 -48.88 -8.61
CA ASP D 6 -17.25 -48.32 -7.24
C ASP D 6 -16.01 -47.52 -6.90
N HIS D 7 -16.13 -46.59 -5.95
CA HIS D 7 -14.95 -45.87 -5.45
C HIS D 7 -14.09 -46.89 -4.72
N ASP D 8 -12.82 -46.93 -5.10
CA ASP D 8 -11.96 -47.96 -4.60
C ASP D 8 -11.23 -47.53 -3.34
N PHE D 9 -11.61 -48.06 -2.19
CA PHE D 9 -10.92 -47.76 -0.94
C PHE D 9 -9.95 -48.87 -0.52
N SER D 10 -9.40 -49.62 -1.48
CA SER D 10 -8.46 -50.69 -1.16
C SER D 10 -7.33 -50.17 -0.29
N TYR D 11 -6.99 -48.88 -0.46
CA TYR D 11 -5.90 -48.21 0.27
C TYR D 11 -6.09 -48.08 1.79
N LEU D 12 -7.30 -48.29 2.27
CA LEU D 12 -7.58 -48.05 3.66
C LEU D 12 -6.81 -48.98 4.59
N SER D 13 -6.41 -50.13 4.08
CA SER D 13 -5.70 -51.08 4.91
C SER D 13 -4.44 -50.45 5.43
N PHE D 14 -3.96 -49.40 4.76
CA PHE D 14 -2.75 -48.73 5.23
C PHE D 14 -2.86 -47.24 5.52
N ALA D 15 -4.09 -46.77 5.74
CA ALA D 15 -4.35 -45.38 6.16
C ALA D 15 -4.64 -45.38 7.66
N TYR D 16 -4.02 -44.47 8.42
CA TYR D 16 -4.27 -44.39 9.86
C TYR D 16 -4.62 -42.99 10.28
N ASP D 17 -5.43 -42.87 11.33
CA ASP D 17 -5.62 -41.57 11.97
C ASP D 17 -4.29 -41.22 12.61
N ALA D 18 -4.01 -39.93 12.73
CA ALA D 18 -2.77 -39.45 13.32
C ALA D 18 -2.45 -40.04 14.69
N THR D 19 -3.46 -40.16 15.56
CA THR D 19 -3.37 -40.75 16.90
C THR D 19 -2.89 -42.22 16.97
N ASP D 20 -3.17 -42.98 15.91
CA ASP D 20 -2.63 -44.31 15.72
C ASP D 20 -1.19 -44.26 15.17
N LEU D 21 -0.74 -43.13 14.66
CA LEU D 21 0.64 -43.06 14.17
C LEU D 21 1.63 -43.02 15.34
N GLU D 22 2.75 -43.70 15.17
CA GLU D 22 3.81 -43.68 16.17
C GLU D 22 4.26 -42.23 16.41
N LEU D 23 4.57 -41.87 17.65
CA LEU D 23 4.98 -40.50 17.98
C LEU D 23 6.22 -39.98 17.21
N GLU D 24 7.21 -40.83 16.99
CA GLU D 24 8.29 -40.43 16.09
C GLU D 24 8.57 -41.52 15.07
N GLY D 25 8.85 -41.15 13.83
CA GLY D 25 8.99 -42.14 12.77
C GLY D 25 9.94 -41.79 11.65
N SER D 26 10.39 -42.80 10.91
CA SER D 26 11.31 -42.59 9.79
C SER D 26 10.84 -43.18 8.47
N TYR D 27 10.96 -42.37 7.41
CA TYR D 27 10.54 -42.73 6.07
C TYR D 27 11.55 -42.20 5.07
N ASP D 28 11.62 -42.84 3.91
CA ASP D 28 12.34 -42.29 2.78
C ASP D 28 11.71 -40.93 2.37
N TYR D 29 10.41 -40.89 2.10
CA TYR D 29 9.79 -39.65 1.72
C TYR D 29 8.65 -39.28 2.65
N VAL D 30 8.49 -37.99 2.90
CA VAL D 30 7.34 -37.48 3.66
C VAL D 30 6.63 -36.47 2.76
N ILE D 31 5.36 -36.71 2.48
CA ILE D 31 4.54 -35.80 1.67
C ILE D 31 3.51 -35.14 2.55
N VAL D 32 3.66 -33.84 2.75
CA VAL D 32 2.70 -33.09 3.51
C VAL D 32 1.54 -32.77 2.61
N GLY D 33 0.36 -33.18 3.02
CA GLY D 33 -0.88 -32.94 2.27
C GLY D 33 -1.04 -34.00 1.20
N GLY D 34 -2.11 -34.78 1.30
CA GLY D 34 -2.39 -35.82 0.35
C GLY D 34 -3.50 -35.42 -0.57
N GLY D 35 -3.30 -34.30 -1.26
CA GLY D 35 -4.33 -33.78 -2.15
C GLY D 35 -4.29 -34.39 -3.54
N THR D 36 -4.75 -33.59 -4.50
CA THR D 36 -4.70 -33.83 -5.93
C THR D 36 -3.29 -34.22 -6.49
N SER D 37 -2.22 -33.53 -6.04
CA SER D 37 -0.85 -33.87 -6.49
C SER D 37 -0.19 -34.78 -5.50
N GLY D 38 -0.50 -34.59 -4.23
CA GLY D 38 0.13 -35.39 -3.20
C GLY D 38 0.01 -36.88 -3.41
N CYS D 39 -1.24 -37.36 -3.48
CA CYS D 39 -1.53 -38.79 -3.61
C CYS D 39 -0.85 -39.52 -4.77
N PRO D 40 -1.00 -39.01 -6.01
CA PRO D 40 -0.25 -39.63 -7.09
C PRO D 40 1.23 -39.71 -6.73
N LEU D 41 1.79 -38.59 -6.29
CA LEU D 41 3.20 -38.53 -5.95
C LEU D 41 3.62 -39.64 -4.98
N ALA D 42 3.03 -39.64 -3.78
CA ALA D 42 3.29 -40.68 -2.81
C ALA D 42 3.35 -42.04 -3.49
N ALA D 43 2.26 -42.38 -4.17
CA ALA D 43 2.05 -43.66 -4.84
C ALA D 43 3.13 -44.03 -5.83
N THR D 44 3.58 -43.05 -6.61
CA THR D 44 4.72 -43.25 -7.46
C THR D 44 5.94 -43.54 -6.59
N LEU D 45 6.19 -42.70 -5.59
CA LEU D 45 7.42 -42.85 -4.80
C LEU D 45 7.40 -44.15 -4.02
N SER D 46 6.20 -44.70 -3.84
CA SER D 46 6.04 -45.85 -2.98
C SER D 46 6.39 -47.11 -3.74
N GLU D 47 6.60 -46.98 -5.04
CA GLU D 47 6.90 -48.18 -5.84
C GLU D 47 8.25 -48.76 -5.44
N LYS D 48 9.10 -47.93 -4.84
N LYS D 48 9.12 -47.95 -4.83
CA LYS D 48 10.49 -48.29 -4.54
CA LYS D 48 10.44 -48.43 -4.44
C LYS D 48 11.00 -47.83 -3.16
C LYS D 48 10.92 -47.94 -3.06
N TYR D 49 10.27 -46.93 -2.51
CA TYR D 49 10.70 -46.40 -1.20
C TYR D 49 9.59 -46.21 -0.19
N LYS D 50 10.01 -46.08 1.06
CA LYS D 50 9.11 -45.89 2.19
C LYS D 50 8.59 -44.46 2.25
N VAL D 51 7.26 -44.32 2.19
CA VAL D 51 6.62 -43.01 2.10
C VAL D 51 5.51 -42.82 3.15
N LEU D 52 5.33 -41.58 3.62
CA LEU D 52 4.26 -41.20 4.52
C LEU D 52 3.54 -39.95 3.96
N VAL D 53 2.24 -40.02 3.88
CA VAL D 53 1.48 -38.89 3.43
C VAL D 53 0.79 -38.37 4.65
N LEU D 54 0.77 -37.06 4.80
CA LEU D 54 0.17 -36.53 5.98
C LEU D 54 -0.93 -35.62 5.53
N GLU D 55 -2.18 -36.10 5.65
CA GLU D 55 -3.37 -35.31 5.36
C GLU D 55 -3.98 -34.71 6.63
N ARG D 56 -4.34 -33.43 6.56
CA ARG D 56 -4.98 -32.73 7.68
C ARG D 56 -6.47 -33.04 7.79
N GLY D 57 -7.10 -33.45 6.69
CA GLY D 57 -8.53 -33.73 6.65
C GLY D 57 -8.85 -35.16 7.02
N THR D 58 -10.08 -35.60 6.72
CA THR D 58 -10.56 -36.91 7.15
C THR D 58 -10.69 -37.92 6.01
N LEU D 59 -10.90 -39.17 6.34
CA LEU D 59 -11.12 -40.14 5.30
C LEU D 59 -12.36 -39.71 4.54
N PRO D 60 -12.37 -39.85 3.20
CA PRO D 60 -13.58 -39.59 2.37
C PRO D 60 -14.77 -40.41 2.84
N THR D 61 -14.53 -41.53 3.50
CA THR D 61 -15.61 -42.32 4.06
C THR D 61 -16.27 -41.63 5.25
N ALA D 62 -15.61 -40.63 5.82
CA ALA D 62 -16.19 -39.96 6.96
C ALA D 62 -17.33 -39.06 6.54
N TYR D 63 -17.31 -38.65 5.26
CA TYR D 63 -18.23 -37.68 4.72
C TYR D 63 -18.73 -38.22 3.40
N PRO D 64 -19.77 -39.08 3.46
CA PRO D 64 -20.11 -39.95 2.33
C PRO D 64 -20.65 -39.17 1.16
N ASN D 65 -21.05 -37.94 1.44
CA ASN D 65 -21.74 -37.13 0.48
C ASN D 65 -20.82 -36.47 -0.52
N LEU D 66 -19.61 -36.98 -0.65
CA LEU D 66 -18.75 -36.45 -1.67
C LEU D 66 -18.24 -37.55 -2.55
N LEU D 67 -18.74 -38.75 -2.35
CA LEU D 67 -18.38 -39.85 -3.23
C LEU D 67 -19.34 -39.97 -4.41
N THR D 68 -20.35 -39.12 -4.44
CA THR D 68 -21.33 -39.08 -5.51
C THR D 68 -21.45 -37.65 -5.97
N SER D 69 -21.83 -37.45 -7.22
CA SER D 69 -22.02 -36.08 -7.77
C SER D 69 -23.18 -35.26 -7.22
N ASP D 70 -24.28 -35.91 -6.85
CA ASP D 70 -25.46 -35.20 -6.30
C ASP D 70 -25.14 -34.44 -5.05
N GLY D 71 -23.99 -34.74 -4.47
CA GLY D 71 -23.56 -34.09 -3.26
C GLY D 71 -22.60 -32.95 -3.52
N PHE D 72 -22.27 -32.71 -4.78
CA PHE D 72 -21.35 -31.60 -5.07
C PHE D 72 -21.78 -30.32 -4.35
N ILE D 73 -23.05 -29.94 -4.52
CA ILE D 73 -23.59 -28.71 -3.90
C ILE D 73 -23.67 -28.85 -2.39
N TYR D 74 -24.22 -29.96 -1.94
CA TYR D 74 -24.32 -30.27 -0.53
C TYR D 74 -23.03 -29.90 0.21
N ASN D 75 -21.89 -30.38 -0.27
CA ASN D 75 -20.63 -30.11 0.42
C ASN D 75 -20.37 -28.63 0.63
N LEU D 76 -20.67 -27.83 -0.41
CA LEU D 76 -20.50 -26.40 -0.38
C LEU D 76 -21.52 -25.77 0.55
N GLN D 77 -22.68 -26.38 0.65
CA GLN D 77 -23.77 -25.89 1.50
C GLN D 77 -23.55 -26.09 2.98
N GLN D 78 -22.79 -27.14 3.35
CA GLN D 78 -22.43 -27.43 4.77
C GLN D 78 -21.63 -26.34 5.48
N GLU D 79 -21.88 -26.19 6.78
CA GLU D 79 -21.20 -25.22 7.64
C GLU D 79 -19.74 -25.61 8.03
N ASP D 80 -18.80 -24.71 7.75
CA ASP D 80 -17.40 -24.93 8.09
C ASP D 80 -17.14 -24.94 9.60
N ASP D 81 -16.96 -26.13 10.15
CA ASP D 81 -16.65 -26.31 11.58
C ASP D 81 -15.20 -26.79 11.81
N GLY D 82 -14.39 -26.80 10.73
CA GLY D 82 -12.98 -27.18 10.83
C GLY D 82 -12.69 -28.63 10.50
N GLN D 83 -13.74 -29.47 10.50
CA GLN D 83 -13.61 -30.91 10.25
C GLN D 83 -14.20 -31.37 8.89
N THR D 84 -15.06 -30.53 8.32
CA THR D 84 -15.83 -30.86 7.14
C THR D 84 -14.91 -30.84 5.93
N PRO D 85 -15.27 -31.51 4.82
CA PRO D 85 -14.35 -31.59 3.68
C PRO D 85 -14.25 -30.33 2.82
N VAL D 86 -15.05 -29.31 3.12
CA VAL D 86 -14.91 -28.01 2.47
C VAL D 86 -14.55 -26.85 3.43
N GLU D 87 -13.36 -26.27 3.23
CA GLU D 87 -12.91 -25.12 4.00
C GLU D 87 -13.28 -23.84 3.26
N ARG D 88 -13.98 -22.97 3.96
CA ARG D 88 -14.48 -21.74 3.36
C ARG D 88 -13.51 -20.68 3.70
N PHE D 89 -13.28 -19.73 2.80
CA PHE D 89 -12.47 -18.54 3.09
C PHE D 89 -12.86 -17.35 2.22
N VAL D 90 -12.46 -16.14 2.64
CA VAL D 90 -12.67 -14.91 1.83
C VAL D 90 -11.34 -14.17 1.56
N SER D 91 -11.09 -13.87 0.28
CA SER D 91 -9.90 -13.10 -0.10
C SER D 91 -9.94 -11.65 0.42
N GLY D 92 -8.78 -11.05 0.73
CA GLY D 92 -8.64 -9.60 0.96
C GLY D 92 -9.61 -8.84 0.05
N ASP D 93 -9.82 -9.38 -1.16
CA ASP D 93 -10.66 -8.79 -2.23
C ASP D 93 -12.14 -8.70 -1.91
N GLY D 94 -12.62 -9.51 -0.96
CA GLY D 94 -14.04 -9.59 -0.62
C GLY D 94 -14.80 -10.72 -1.29
N ILE D 95 -14.12 -11.64 -1.96
CA ILE D 95 -14.81 -12.67 -2.74
C ILE D 95 -14.73 -14.02 -2.04
N ASP D 96 -15.87 -14.68 -1.88
CA ASP D 96 -15.96 -15.98 -1.21
C ASP D 96 -15.19 -17.08 -1.93
N ASP D 97 -14.72 -18.09 -1.20
CA ASP D 97 -14.00 -19.19 -1.82
C ASP D 97 -13.91 -20.39 -0.91
N VAL D 98 -13.50 -21.53 -1.47
CA VAL D 98 -13.35 -22.77 -0.71
C VAL D 98 -12.08 -23.52 -1.09
N ARG D 99 -11.72 -24.51 -0.28
CA ARG D 99 -10.60 -25.45 -0.57
C ARG D 99 -10.77 -26.76 0.18
N GLY D 100 -10.21 -27.84 -0.40
CA GLY D 100 -10.33 -29.17 0.15
C GLY D 100 -9.64 -29.42 1.48
N ARG D 101 -10.37 -30.09 2.38
CA ARG D 101 -9.83 -30.51 3.67
C ARG D 101 -10.28 -31.95 3.80
N VAL D 102 -9.50 -32.86 3.23
CA VAL D 102 -9.92 -34.26 3.11
C VAL D 102 -8.89 -35.03 2.29
N LEU D 103 -8.75 -36.32 2.57
CA LEU D 103 -7.86 -37.16 1.77
C LEU D 103 -8.28 -37.08 0.31
N GLY D 104 -7.30 -36.85 -0.56
CA GLY D 104 -7.55 -36.60 -1.99
C GLY D 104 -7.73 -35.11 -2.34
N GLY D 105 -7.55 -34.28 -1.34
CA GLY D 105 -7.80 -32.88 -1.40
C GLY D 105 -9.07 -32.46 -1.99
N THR D 106 -8.93 -31.64 -2.97
CA THR D 106 -9.91 -30.74 -3.44
C THR D 106 -10.54 -31.33 -4.65
N SER D 107 -10.10 -32.50 -5.04
CA SER D 107 -10.66 -33.21 -6.13
C SER D 107 -11.77 -34.03 -5.60
N MET D 108 -12.02 -33.89 -4.32
CA MET D 108 -12.98 -34.70 -3.67
C MET D 108 -14.05 -33.79 -3.30
N ILE D 109 -13.91 -32.57 -3.76
CA ILE D 109 -15.00 -31.62 -3.64
C ILE D 109 -15.06 -30.71 -4.83
N ASN D 110 -14.25 -31.00 -5.84
CA ASN D 110 -14.32 -30.22 -7.05
C ASN D 110 -15.52 -30.57 -7.99
N ALA D 111 -15.67 -29.85 -9.10
CA ALA D 111 -16.84 -30.04 -9.95
C ALA D 111 -16.66 -31.16 -10.98
N GLY D 112 -15.52 -31.87 -10.92
CA GLY D 112 -15.38 -33.14 -11.66
C GLY D 112 -14.96 -33.15 -13.13
N VAL D 113 -14.81 -31.95 -13.73
CA VAL D 113 -14.35 -31.75 -15.11
C VAL D 113 -12.87 -32.10 -15.23
N TYR D 114 -12.53 -33.05 -16.11
CA TYR D 114 -11.14 -33.42 -16.40
C TYR D 114 -10.70 -32.95 -17.78
N ALA D 115 -9.48 -32.42 -17.87
CA ALA D 115 -8.88 -31.93 -19.13
C ALA D 115 -7.37 -32.01 -19.10
N ARG D 116 -6.78 -32.48 -20.19
CA ARG D 116 -5.34 -32.41 -20.37
C ARG D 116 -4.93 -30.95 -20.54
N ALA D 117 -3.69 -30.60 -20.17
CA ALA D 117 -3.19 -29.22 -20.28
C ALA D 117 -2.95 -28.71 -21.72
N ASN D 118 -3.03 -27.40 -21.92
CA ASN D 118 -2.72 -26.71 -23.20
C ASN D 118 -1.33 -27.15 -23.69
N THR D 119 -1.28 -27.77 -24.87
CA THR D 119 -0.05 -28.41 -25.37
C THR D 119 1.10 -27.44 -25.59
N LYS D 120 0.78 -26.15 -25.74
CA LYS D 120 1.80 -25.11 -25.89
C LYS D 120 2.34 -24.54 -24.59
N ILE D 121 1.87 -25.04 -23.46
CA ILE D 121 2.32 -24.50 -22.18
C ILE D 121 3.60 -25.20 -21.76
N PHE D 122 3.71 -26.50 -22.06
CA PHE D 122 4.90 -27.27 -21.71
C PHE D 122 6.20 -26.71 -22.35
N SER D 123 6.17 -25.46 -22.83
CA SER D 123 7.29 -24.97 -23.64
C SER D 123 8.22 -23.99 -22.94
N ALA D 124 7.94 -22.70 -23.00
CA ALA D 124 8.73 -21.77 -22.21
C ALA D 124 8.11 -21.66 -20.81
N SER D 125 8.45 -22.61 -19.93
CA SER D 125 7.79 -22.69 -18.60
C SER D 125 8.74 -22.54 -17.41
N GLY D 126 10.02 -22.81 -17.65
CA GLY D 126 11.01 -22.81 -16.59
C GLY D 126 11.39 -24.24 -16.25
N ILE D 127 10.76 -25.19 -16.93
CA ILE D 127 11.08 -26.60 -16.73
C ILE D 127 11.27 -27.35 -18.03
N GLU D 128 12.39 -28.05 -18.13
CA GLU D 128 12.71 -28.91 -19.25
C GLU D 128 11.82 -30.15 -19.21
N TRP D 129 10.60 -30.06 -19.76
CA TRP D 129 9.64 -31.18 -19.68
C TRP D 129 10.10 -32.36 -20.52
N ASP D 130 9.78 -33.57 -20.06
CA ASP D 130 9.98 -34.84 -20.79
C ASP D 130 8.64 -35.32 -21.34
N MET D 131 8.43 -35.09 -22.63
CA MET D 131 7.08 -35.15 -23.21
C MET D 131 6.48 -36.53 -23.31
N ASP D 132 7.32 -37.57 -23.32
CA ASP D 132 6.82 -38.93 -23.32
C ASP D 132 6.34 -39.34 -21.93
N LEU D 133 7.05 -38.85 -20.92
CA LEU D 133 6.67 -39.10 -19.53
C LEU D 133 5.37 -38.41 -19.24
N VAL D 134 5.26 -37.15 -19.68
CA VAL D 134 4.06 -36.36 -19.46
C VAL D 134 2.82 -37.15 -19.90
N ASN D 135 2.85 -37.55 -21.17
CA ASN D 135 1.80 -38.35 -21.76
C ASN D 135 1.52 -39.70 -21.07
N GLN D 136 2.55 -40.48 -20.80
CA GLN D 136 2.40 -41.77 -20.11
C GLN D 136 1.78 -41.59 -18.74
N THR D 137 2.14 -40.49 -18.09
CA THR D 137 1.56 -40.11 -16.83
C THR D 137 0.07 -39.78 -17.00
N TYR D 138 -0.30 -38.97 -17.99
CA TYR D 138 -1.72 -38.76 -18.24
C TYR D 138 -2.47 -40.11 -18.34
N ASP D 139 -2.06 -40.94 -19.31
CA ASP D 139 -2.56 -42.33 -19.53
C ASP D 139 -2.78 -43.11 -18.23
N TRP D 140 -1.84 -42.92 -17.30
CA TRP D 140 -1.83 -43.59 -15.99
C TRP D 140 -2.95 -43.09 -15.06
N VAL D 141 -3.25 -41.79 -15.14
CA VAL D 141 -4.25 -41.16 -14.29
C VAL D 141 -5.61 -41.52 -14.86
N GLU D 142 -5.67 -41.44 -16.19
CA GLU D 142 -6.88 -41.58 -16.96
C GLU D 142 -7.45 -43.00 -16.96
N ASP D 143 -6.59 -44.00 -17.10
CA ASP D 143 -7.05 -45.39 -17.01
C ASP D 143 -7.67 -45.72 -15.66
N THR D 144 -7.59 -44.78 -14.73
CA THR D 144 -7.95 -45.08 -13.37
C THR D 144 -9.21 -44.36 -12.92
N ILE D 145 -9.24 -43.05 -13.15
CA ILE D 145 -10.25 -42.16 -12.57
C ILE D 145 -10.85 -41.15 -13.56
N VAL D 146 -10.62 -41.33 -14.85
CA VAL D 146 -11.21 -40.44 -15.83
C VAL D 146 -12.26 -41.19 -16.67
N TYR D 147 -13.34 -40.50 -17.01
CA TYR D 147 -14.49 -41.14 -17.61
C TYR D 147 -15.03 -40.34 -18.79
N LYS D 148 -15.36 -41.04 -19.86
CA LYS D 148 -16.09 -40.49 -21.00
C LYS D 148 -17.55 -40.40 -20.57
N PRO D 149 -18.08 -39.17 -20.51
CA PRO D 149 -19.41 -39.02 -19.95
C PRO D 149 -20.48 -39.41 -20.96
N ASP D 150 -21.71 -39.64 -20.47
CA ASP D 150 -22.86 -39.92 -21.34
C ASP D 150 -23.59 -38.62 -21.71
N LYS D 151 -24.46 -38.73 -22.72
CA LYS D 151 -25.27 -37.61 -23.24
C LYS D 151 -26.25 -37.12 -22.16
N GLN D 152 -26.10 -35.87 -21.71
CA GLN D 152 -27.05 -35.23 -20.78
C GLN D 152 -27.88 -34.14 -21.49
N ALA D 153 -29.16 -33.99 -21.13
CA ALA D 153 -30.07 -33.09 -21.85
C ALA D 153 -29.51 -31.68 -21.95
N TRP D 154 -29.22 -31.04 -20.80
CA TRP D 154 -28.79 -29.62 -20.78
C TRP D 154 -27.38 -29.39 -21.30
N GLN D 155 -26.52 -30.39 -21.19
CA GLN D 155 -25.18 -30.23 -21.66
C GLN D 155 -25.13 -30.30 -23.17
N SER D 156 -26.14 -30.95 -23.80
CA SER D 156 -26.26 -30.99 -25.27
C SER D 156 -26.80 -29.65 -25.82
N LEU D 157 -27.70 -29.07 -25.05
CA LEU D 157 -28.25 -27.78 -25.29
C LEU D 157 -27.20 -26.68 -25.16
N THR D 158 -26.34 -26.84 -24.15
CA THR D 158 -25.25 -25.90 -23.95
C THR D 158 -24.31 -26.02 -25.13
N LYS D 159 -24.09 -27.26 -25.58
CA LYS D 159 -23.22 -27.55 -26.73
C LYS D 159 -23.70 -26.90 -28.01
N THR D 160 -24.97 -27.11 -28.37
CA THR D 160 -25.41 -26.53 -29.64
C THR D 160 -25.40 -24.98 -29.62
N ALA D 161 -25.63 -24.40 -28.45
CA ALA D 161 -25.55 -22.95 -28.24
C ALA D 161 -24.13 -22.44 -28.45
N PHE D 162 -23.15 -23.19 -27.94
CA PHE D 162 -21.76 -22.83 -28.05
C PHE D 162 -21.35 -22.79 -29.51
N LEU D 163 -21.76 -23.79 -30.27
CA LEU D 163 -21.47 -23.83 -31.70
C LEU D 163 -22.23 -22.77 -32.48
N GLU D 164 -23.47 -22.53 -32.11
CA GLU D 164 -24.21 -21.44 -32.73
C GLU D 164 -23.54 -20.08 -32.53
N ALA D 165 -23.01 -19.83 -31.33
CA ALA D 165 -22.46 -18.51 -31.00
C ALA D 165 -21.14 -18.25 -31.71
N GLY D 166 -20.38 -19.29 -31.95
CA GLY D 166 -19.26 -19.14 -32.84
C GLY D 166 -18.07 -19.89 -32.35
N VAL D 167 -18.28 -20.73 -31.34
CA VAL D 167 -17.12 -21.37 -30.71
C VAL D 167 -16.78 -22.63 -31.47
N LEU D 168 -15.94 -22.48 -32.49
CA LEU D 168 -15.66 -23.54 -33.45
C LEU D 168 -14.17 -23.93 -33.34
N PRO D 169 -13.74 -25.14 -33.80
CA PRO D 169 -14.47 -26.27 -34.40
C PRO D 169 -15.33 -27.04 -33.38
N ASP D 170 -15.95 -28.12 -33.85
CA ASP D 170 -16.60 -29.03 -32.96
C ASP D 170 -15.65 -30.18 -32.79
N ASN D 171 -15.07 -30.28 -31.61
CA ASN D 171 -13.99 -31.24 -31.40
C ASN D 171 -14.50 -32.60 -30.96
N GLY D 172 -15.82 -32.80 -30.96
CA GLY D 172 -16.42 -34.06 -30.49
C GLY D 172 -16.11 -34.31 -29.04
N PHE D 173 -15.73 -35.54 -28.70
CA PHE D 173 -15.23 -35.89 -27.35
C PHE D 173 -13.71 -35.90 -27.35
N SER D 174 -13.12 -35.10 -26.50
CA SER D 174 -11.68 -34.94 -26.52
C SER D 174 -11.19 -34.51 -25.15
N LEU D 175 -10.13 -35.16 -24.66
CA LEU D 175 -9.51 -34.78 -23.39
C LEU D 175 -8.63 -33.53 -23.46
N ASP D 176 -8.27 -33.12 -24.69
CA ASP D 176 -7.32 -32.02 -24.95
C ASP D 176 -7.88 -30.59 -25.00
N HIS D 177 -7.25 -29.69 -24.24
CA HIS D 177 -7.66 -28.31 -24.13
C HIS D 177 -7.27 -27.64 -25.43
N GLU D 178 -8.29 -27.30 -26.20
CA GLU D 178 -8.15 -26.89 -27.59
C GLU D 178 -9.29 -25.95 -27.93
N ALA D 179 -8.99 -24.89 -28.67
CA ALA D 179 -10.05 -23.96 -29.09
C ALA D 179 -11.23 -24.73 -29.68
N GLY D 180 -12.44 -24.30 -29.38
CA GLY D 180 -13.63 -24.97 -29.92
C GLY D 180 -14.55 -25.52 -28.85
N THR D 181 -15.67 -26.08 -29.28
CA THR D 181 -16.60 -26.71 -28.38
C THR D 181 -16.37 -28.20 -28.37
N ARG D 182 -16.31 -28.76 -27.17
CA ARG D 182 -16.03 -30.17 -27.03
C ARG D 182 -16.72 -30.76 -25.83
N LEU D 183 -16.65 -32.07 -25.75
CA LEU D 183 -17.27 -32.77 -24.68
C LEU D 183 -16.13 -33.48 -23.97
N THR D 184 -15.71 -32.96 -22.81
CA THR D 184 -14.47 -33.41 -22.18
C THR D 184 -14.71 -34.52 -21.16
N GLY D 185 -13.62 -35.04 -20.57
CA GLY D 185 -13.72 -36.13 -19.60
C GLY D 185 -14.19 -35.70 -18.21
N SER D 186 -14.64 -36.67 -17.42
CA SER D 186 -15.06 -36.42 -16.05
C SER D 186 -14.52 -37.43 -15.04
N THR D 187 -14.18 -36.89 -13.86
CA THR D 187 -13.86 -37.72 -12.70
C THR D 187 -15.12 -38.33 -12.03
N PHE D 188 -16.31 -38.08 -12.61
CA PHE D 188 -17.55 -38.79 -12.21
C PHE D 188 -17.89 -39.91 -13.21
N ASP D 189 -18.03 -41.14 -12.74
CA ASP D 189 -18.41 -42.23 -13.64
C ASP D 189 -19.87 -42.03 -14.10
N ASN D 190 -20.43 -42.96 -14.87
CA ASN D 190 -21.79 -42.82 -15.42
C ASN D 190 -22.93 -43.24 -14.47
N ASN D 191 -22.59 -43.85 -13.35
CA ASN D 191 -23.55 -44.01 -12.28
C ASN D 191 -23.46 -42.80 -11.38
N GLY D 192 -22.49 -41.93 -11.69
CA GLY D 192 -22.29 -40.71 -10.91
C GLY D 192 -21.62 -40.96 -9.56
N THR D 193 -20.46 -41.62 -9.62
CA THR D 193 -19.66 -41.85 -8.46
C THR D 193 -18.38 -41.06 -8.64
N ARG D 194 -17.96 -40.40 -7.57
CA ARG D 194 -16.77 -39.58 -7.62
C ARG D 194 -15.52 -40.44 -7.58
N HIS D 195 -14.78 -40.38 -8.60
CA HIS D 195 -13.68 -41.22 -8.65
C HIS D 195 -12.92 -40.06 -8.69
N ALA D 196 -11.92 -40.06 -7.79
CA ALA D 196 -10.96 -38.98 -7.48
C ALA D 196 -9.51 -39.38 -7.10
N SER D 197 -8.70 -38.41 -6.78
CA SER D 197 -7.26 -38.56 -6.59
C SER D 197 -6.81 -39.35 -5.42
N ASP D 198 -7.73 -39.93 -4.69
CA ASP D 198 -7.30 -40.68 -3.58
C ASP D 198 -7.32 -42.08 -4.04
N GLU D 199 -8.14 -42.39 -5.04
CA GLU D 199 -8.00 -43.70 -5.55
C GLU D 199 -6.58 -43.98 -6.18
N LEU D 200 -5.78 -43.02 -6.59
CA LEU D 200 -4.44 -43.22 -7.10
C LEU D 200 -3.48 -43.87 -6.11
N LEU D 201 -3.77 -43.75 -4.80
CA LEU D 201 -3.01 -44.43 -3.75
C LEU D 201 -3.01 -45.95 -3.89
N ASN D 202 -4.02 -46.50 -4.56
CA ASN D 202 -4.12 -47.96 -4.74
C ASN D 202 -3.15 -48.44 -5.79
N LYS D 203 -2.73 -47.51 -6.64
CA LYS D 203 -1.67 -47.75 -7.61
C LYS D 203 -0.27 -47.80 -6.94
N GLY D 204 -0.19 -47.41 -5.67
CA GLY D 204 1.02 -47.53 -4.87
C GLY D 204 1.29 -48.96 -4.41
N ASP D 205 2.08 -49.11 -3.34
CA ASP D 205 2.48 -50.41 -2.77
C ASP D 205 2.19 -50.51 -1.25
N PRO D 206 1.23 -51.38 -0.83
CA PRO D 206 0.76 -51.48 0.57
C PRO D 206 1.87 -51.73 1.57
N ASN D 207 2.89 -52.45 1.12
CA ASN D 207 3.99 -52.78 1.97
C ASN D 207 4.80 -51.52 2.30
N ASN D 208 4.91 -50.62 1.32
CA ASN D 208 5.76 -49.43 1.44
C ASN D 208 5.07 -48.10 1.81
N LEU D 209 3.75 -48.02 1.64
CA LEU D 209 3.07 -46.75 1.83
C LEU D 209 2.26 -46.67 3.14
N ARG D 210 2.31 -45.51 3.76
CA ARG D 210 1.47 -45.19 4.90
C ARG D 210 0.87 -43.83 4.70
N VAL D 211 -0.45 -43.80 4.65
CA VAL D 211 -1.20 -42.57 4.68
C VAL D 211 -1.69 -42.29 6.11
N ALA D 212 -1.78 -41.02 6.46
CA ALA D 212 -2.28 -40.64 7.76
C ALA D 212 -3.17 -39.40 7.68
N VAL D 213 -4.20 -39.37 8.52
CA VAL D 213 -5.27 -38.37 8.39
C VAL D 213 -5.50 -37.66 9.72
N HIS D 214 -6.16 -36.49 9.66
CA HIS D 214 -6.35 -35.68 10.85
C HIS D 214 -4.98 -35.35 11.46
N ALA D 215 -3.95 -35.47 10.62
CA ALA D 215 -2.59 -35.08 10.95
C ALA D 215 -2.38 -33.72 10.32
N SER D 216 -2.34 -32.68 11.16
CA SER D 216 -2.17 -31.33 10.68
C SER D 216 -0.72 -30.93 10.79
N VAL D 217 -0.02 -30.89 9.65
CA VAL D 217 1.42 -30.55 9.62
C VAL D 217 1.68 -29.08 9.95
N GLU D 218 2.60 -28.83 10.90
CA GLU D 218 2.82 -27.52 11.50
C GLU D 218 4.12 -26.83 11.14
N LYS D 219 5.16 -27.64 10.97
CA LYS D 219 6.50 -27.14 10.81
C LYS D 219 7.36 -28.15 10.07
N ILE D 220 8.12 -27.66 9.10
CA ILE D 220 9.22 -28.40 8.52
C ILE D 220 10.46 -28.17 9.40
N ILE D 221 11.16 -29.24 9.80
CA ILE D 221 12.45 -29.08 10.51
C ILE D 221 13.64 -29.16 9.58
N PHE D 222 14.66 -28.35 9.88
CA PHE D 222 15.92 -28.33 9.14
C PHE D 222 17.13 -28.58 10.02
N SER D 223 18.27 -28.94 9.42
CA SER D 223 19.54 -28.91 10.13
C SER D 223 20.58 -28.16 9.32
N SER D 224 21.46 -27.44 10.02
CA SER D 224 22.36 -26.49 9.33
C SER D 224 23.65 -27.09 8.75
N ASN D 225 24.09 -28.21 9.31
CA ASN D 225 25.12 -29.03 8.68
C ASN D 225 24.49 -30.19 7.86
N SER D 226 24.98 -30.44 6.67
CA SER D 226 25.95 -29.61 6.06
C SER D 226 25.64 -29.92 4.64
N SER D 227 25.19 -28.94 3.90
CA SER D 227 25.14 -27.60 4.44
C SER D 227 23.84 -26.91 4.17
N GLY D 228 23.59 -26.65 2.89
CA GLY D 228 22.34 -26.06 2.47
C GLY D 228 21.43 -26.58 3.54
N VAL D 229 20.59 -25.69 4.07
CA VAL D 229 19.63 -26.08 5.09
C VAL D 229 18.88 -27.29 4.58
N THR D 230 18.96 -28.40 5.29
CA THR D 230 18.37 -29.61 4.81
C THR D 230 17.10 -29.83 5.59
N ALA D 231 16.07 -30.32 4.93
CA ALA D 231 14.85 -30.70 5.62
C ALA D 231 15.08 -32.06 6.26
N ILE D 232 14.98 -32.18 7.58
CA ILE D 232 15.24 -33.48 8.21
C ILE D 232 13.97 -34.30 8.45
N GLY D 233 12.84 -33.58 8.46
CA GLY D 233 11.53 -34.15 8.71
C GLY D 233 10.46 -33.10 8.90
N VAL D 234 9.33 -33.49 9.51
CA VAL D 234 8.24 -32.57 9.86
C VAL D 234 7.63 -32.87 11.21
N ILE D 235 7.06 -31.83 11.81
CA ILE D 235 6.28 -31.95 13.01
C ILE D 235 4.81 -31.79 12.62
N TYR D 236 3.93 -32.64 13.16
CA TYR D 236 2.48 -32.53 12.95
C TYR D 236 1.66 -32.81 14.22
N LYS D 237 0.52 -32.14 14.36
CA LYS D 237 -0.45 -32.44 15.47
C LYS D 237 -1.53 -33.48 15.10
N ASP D 238 -1.76 -34.43 16.00
CA ASP D 238 -2.92 -35.32 15.93
C ASP D 238 -4.15 -34.64 16.54
N SER D 239 -5.29 -35.31 16.51
CA SER D 239 -6.56 -34.68 16.92
C SER D 239 -6.71 -34.50 18.41
N ASN D 240 -5.82 -35.09 19.21
CA ASN D 240 -5.87 -34.95 20.68
C ASN D 240 -4.99 -33.81 21.19
N GLY D 241 -4.11 -33.33 20.33
CA GLY D 241 -3.15 -32.30 20.68
C GLY D 241 -1.71 -32.75 20.52
N THR D 242 -1.47 -34.06 20.63
CA THR D 242 -0.13 -34.65 20.65
C THR D 242 0.72 -34.31 19.41
N PRO D 243 1.98 -33.86 19.62
CA PRO D 243 2.87 -33.57 18.49
C PRO D 243 3.60 -34.83 18.05
N HIS D 244 3.57 -35.15 16.76
CA HIS D 244 4.38 -36.26 16.26
C HIS D 244 5.48 -35.70 15.37
N GLN D 245 6.57 -36.45 15.26
CA GLN D 245 7.62 -36.13 14.31
C GLN D 245 7.70 -37.19 13.23
N ALA D 246 7.90 -36.76 12.00
CA ALA D 246 8.31 -37.69 10.97
C ALA D 246 9.61 -37.20 10.33
N PHE D 247 10.57 -38.12 10.15
CA PHE D 247 11.91 -37.82 9.62
C PHE D 247 12.21 -38.57 8.32
N VAL D 248 13.04 -37.95 7.49
CA VAL D 248 13.51 -38.60 6.26
C VAL D 248 14.93 -39.11 6.40
N ARG D 249 15.18 -40.28 5.83
CA ARG D 249 16.48 -40.93 5.93
C ARG D 249 17.45 -40.41 4.89
N GLY D 250 18.66 -40.99 4.83
CA GLY D 250 19.64 -40.68 3.80
C GLY D 250 18.95 -40.54 2.45
N GLU D 251 19.20 -39.42 1.77
CA GLU D 251 18.63 -39.14 0.44
C GLU D 251 17.11 -39.08 0.36
N GLY D 252 16.47 -38.62 1.43
CA GLY D 252 15.01 -38.45 1.46
C GLY D 252 14.59 -37.02 1.28
N GLU D 253 13.27 -36.79 1.32
CA GLU D 253 12.55 -35.48 1.26
C GLU D 253 11.09 -35.95 1.49
N VAL D 254 10.25 -35.24 2.22
CA VAL D 254 9.92 -33.82 2.31
C VAL D 254 9.68 -33.11 1.06
N ILE D 255 8.50 -33.36 0.55
CA ILE D 255 8.02 -32.73 -0.60
C ILE D 255 6.73 -32.16 -0.04
N VAL D 256 6.38 -30.91 -0.33
CA VAL D 256 5.20 -30.26 0.26
C VAL D 256 4.14 -30.12 -0.79
N SER D 257 2.97 -30.66 -0.55
CA SER D 257 1.93 -30.71 -1.55
C SER D 257 0.64 -30.24 -0.94
N ALA D 258 0.73 -29.17 -0.17
CA ALA D 258 -0.41 -28.65 0.58
C ALA D 258 -1.34 -27.69 -0.22
N GLY D 259 -1.17 -27.64 -1.54
CA GLY D 259 -2.00 -26.81 -2.40
C GLY D 259 -1.52 -25.37 -2.35
N PRO D 260 -2.01 -24.52 -3.29
CA PRO D 260 -1.58 -23.11 -3.30
C PRO D 260 -1.78 -22.40 -1.96
N ILE D 261 -2.77 -22.78 -1.15
CA ILE D 261 -2.82 -22.13 0.16
C ILE D 261 -1.83 -22.76 1.18
N GLY D 262 -2.01 -24.04 1.47
CA GLY D 262 -1.11 -24.80 2.34
C GLY D 262 0.41 -24.66 2.21
N SER D 263 0.98 -24.84 1.02
CA SER D 263 2.46 -24.76 0.89
C SER D 263 3.05 -23.46 1.41
N PRO D 264 2.75 -22.32 0.76
CA PRO D 264 3.47 -21.10 1.19
C PRO D 264 3.32 -20.93 2.70
N GLN D 265 2.11 -21.19 3.21
CA GLN D 265 1.87 -21.07 4.61
C GLN D 265 2.85 -21.93 5.39
N LEU D 266 2.99 -23.19 4.99
CA LEU D 266 3.82 -24.10 5.73
C LEU D 266 5.26 -23.60 5.70
N LEU D 267 5.72 -23.16 4.53
CA LEU D 267 7.10 -22.73 4.38
C LEU D 267 7.32 -21.56 5.32
N LEU D 268 6.57 -20.47 5.12
CA LEU D 268 6.60 -19.30 5.97
C LEU D 268 6.72 -19.62 7.47
N LEU D 269 5.82 -20.47 7.98
CA LEU D 269 5.86 -20.90 9.39
C LEU D 269 7.06 -21.76 9.71
N SER D 270 7.68 -22.34 8.70
CA SER D 270 8.88 -23.11 8.92
C SER D 270 10.07 -22.16 8.97
N GLY D 271 9.84 -20.92 8.55
CA GLY D 271 10.83 -19.84 8.69
C GLY D 271 11.58 -19.53 7.41
N VAL D 272 11.13 -20.15 6.33
CA VAL D 272 11.66 -19.98 5.00
C VAL D 272 10.76 -18.96 4.31
N GLY D 273 11.24 -17.74 4.11
CA GLY D 273 10.40 -16.72 3.52
C GLY D 273 10.99 -15.34 3.61
N PRO D 274 10.18 -14.32 3.28
CA PRO D 274 10.58 -12.92 3.36
C PRO D 274 11.06 -12.54 4.76
N GLU D 275 12.37 -12.35 4.88
CA GLU D 275 13.08 -12.01 6.14
C GLU D 275 12.35 -10.98 6.97
N SER D 276 12.03 -9.87 6.32
CA SER D 276 11.31 -8.78 6.93
C SER D 276 9.88 -9.14 7.42
N TYR D 277 9.16 -9.91 6.61
CA TYR D 277 7.76 -10.29 6.90
C TYR D 277 7.60 -11.28 8.07
N LEU D 278 8.51 -12.26 8.14
CA LEU D 278 8.49 -13.28 9.19
C LEU D 278 8.76 -12.71 10.58
N SER D 279 9.68 -11.75 10.66
CA SER D 279 9.98 -11.03 11.90
C SER D 279 8.72 -10.50 12.56
N SER D 280 8.00 -9.64 11.83
CA SER D 280 6.66 -9.19 12.21
C SER D 280 5.74 -10.32 12.68
N LEU D 281 6.14 -11.58 12.46
CA LEU D 281 5.38 -12.71 13.02
C LEU D 281 6.06 -13.49 14.16
N ASN D 282 7.24 -13.01 14.57
CA ASN D 282 8.16 -13.71 15.49
C ASN D 282 8.39 -15.18 15.11
N ILE D 283 8.86 -15.36 13.88
CA ILE D 283 9.12 -16.66 13.32
C ILE D 283 10.57 -16.63 12.91
N PRO D 284 11.41 -17.46 13.56
CA PRO D 284 12.82 -17.42 13.18
C PRO D 284 13.01 -17.66 11.67
N VAL D 285 13.73 -16.75 11.01
CA VAL D 285 14.21 -16.94 9.63
C VAL D 285 15.21 -18.11 9.52
N VAL D 286 14.83 -19.11 8.73
CA VAL D 286 15.75 -20.19 8.45
C VAL D 286 16.50 -19.94 7.14
N LEU D 287 15.80 -19.47 6.11
CA LEU D 287 16.42 -18.98 4.90
C LEU D 287 15.54 -17.85 4.38
N SER D 288 16.17 -16.73 4.01
CA SER D 288 15.41 -15.55 3.62
C SER D 288 15.00 -15.73 2.16
N HIS D 289 13.80 -16.26 1.98
CA HIS D 289 13.32 -16.63 0.66
C HIS D 289 12.24 -15.69 0.16
N PRO D 290 12.64 -14.67 -0.62
CA PRO D 290 11.83 -13.47 -0.95
C PRO D 290 10.49 -13.70 -1.61
N TYR D 291 10.38 -14.76 -2.41
CA TYR D 291 9.23 -14.90 -3.30
C TYR D 291 8.13 -15.87 -2.84
N VAL D 292 8.27 -16.35 -1.62
CA VAL D 292 7.33 -17.28 -1.02
C VAL D 292 6.07 -16.47 -0.78
N GLY D 293 4.91 -17.04 -1.13
CA GLY D 293 3.61 -16.37 -1.05
C GLY D 293 3.36 -15.28 -2.08
N GLN D 294 4.34 -15.05 -2.93
CA GLN D 294 4.23 -14.09 -3.99
C GLN D 294 3.52 -14.71 -5.17
N PHE D 295 2.90 -13.85 -5.99
CA PHE D 295 2.29 -14.26 -7.24
C PHE D 295 1.16 -15.24 -7.03
N LEU D 296 0.25 -14.95 -6.11
CA LEU D 296 -1.03 -15.66 -6.07
C LEU D 296 -1.94 -15.23 -7.23
N HIS D 297 -2.33 -16.20 -8.04
CA HIS D 297 -3.29 -15.97 -9.10
C HIS D 297 -4.62 -16.71 -8.79
N ASP D 298 -5.74 -16.07 -9.10
CA ASP D 298 -7.08 -16.68 -9.13
C ASP D 298 -7.88 -16.10 -10.32
N ASN D 299 -8.18 -16.97 -11.28
CA ASN D 299 -8.89 -16.53 -12.45
C ASN D 299 -10.28 -16.08 -12.05
N PRO D 300 -10.72 -14.96 -12.62
CA PRO D 300 -12.04 -14.51 -12.23
C PRO D 300 -13.12 -15.34 -12.92
N ARG D 301 -14.26 -15.49 -12.24
CA ARG D 301 -15.45 -16.08 -12.82
C ARG D 301 -16.53 -15.01 -13.01
N ASN D 302 -17.05 -14.89 -14.22
CA ASN D 302 -18.29 -14.15 -14.34
C ASN D 302 -19.33 -15.01 -15.01
N PHE D 303 -20.61 -14.70 -14.80
CA PHE D 303 -21.69 -15.59 -15.15
C PHE D 303 -23.01 -14.86 -15.32
N ILE D 304 -23.96 -15.52 -15.99
CA ILE D 304 -25.38 -15.16 -15.88
C ILE D 304 -26.11 -16.36 -15.32
N ASN D 305 -27.14 -16.12 -14.52
CA ASN D 305 -28.07 -17.18 -14.08
C ASN D 305 -29.39 -16.98 -14.77
N ILE D 306 -29.90 -18.04 -15.37
CA ILE D 306 -31.21 -18.01 -16.00
C ILE D 306 -32.24 -18.92 -15.31
N LEU D 307 -33.44 -18.37 -15.09
CA LEU D 307 -34.51 -19.17 -14.51
C LEU D 307 -35.50 -19.47 -15.63
N PRO D 308 -35.52 -20.71 -16.12
CA PRO D 308 -36.35 -20.97 -17.28
C PRO D 308 -37.80 -20.97 -16.83
N PRO D 309 -38.76 -20.93 -17.79
CA PRO D 309 -40.18 -21.03 -17.43
C PRO D 309 -40.60 -22.47 -17.25
N ASN D 310 -39.76 -23.40 -17.64
CA ASN D 310 -40.02 -24.84 -17.47
C ASN D 310 -38.83 -25.52 -16.77
N PRO D 311 -39.08 -26.59 -16.01
CA PRO D 311 -37.97 -27.26 -15.33
C PRO D 311 -36.85 -27.70 -16.27
N ILE D 312 -35.64 -27.69 -15.77
CA ILE D 312 -34.55 -28.32 -16.48
C ILE D 312 -33.87 -29.36 -15.59
N GLU D 313 -32.94 -30.07 -16.18
CA GLU D 313 -32.32 -31.19 -15.55
C GLU D 313 -31.08 -30.77 -14.82
N PRO D 314 -30.70 -31.50 -13.80
CA PRO D 314 -29.46 -31.20 -13.14
C PRO D 314 -28.32 -31.92 -13.75
N SER D 315 -27.34 -31.20 -14.23
CA SER D 315 -26.23 -31.77 -15.02
C SER D 315 -24.87 -31.67 -14.36
N THR D 316 -24.00 -32.64 -14.58
CA THR D 316 -22.61 -32.42 -14.30
C THR D 316 -21.97 -31.85 -15.56
N VAL D 317 -20.97 -30.99 -15.36
CA VAL D 317 -20.42 -30.15 -16.41
C VAL D 317 -19.42 -30.95 -17.24
N THR D 318 -19.68 -31.04 -18.53
CA THR D 318 -18.88 -31.87 -19.42
C THR D 318 -18.66 -31.18 -20.75
N VAL D 319 -19.42 -30.13 -21.03
CA VAL D 319 -19.31 -29.49 -22.33
C VAL D 319 -18.63 -28.14 -22.19
N LEU D 320 -17.46 -28.01 -22.81
CA LEU D 320 -16.65 -26.79 -22.75
C LEU D 320 -16.49 -26.04 -24.10
N GLY D 321 -16.74 -24.73 -24.04
CA GLY D 321 -16.48 -23.79 -25.13
C GLY D 321 -15.21 -23.00 -24.85
N ILE D 322 -14.13 -23.43 -25.51
CA ILE D 322 -12.81 -22.88 -25.26
C ILE D 322 -12.48 -21.86 -26.32
N THR D 323 -12.20 -20.63 -25.92
CA THR D 323 -11.66 -19.61 -26.81
C THR D 323 -10.28 -19.23 -26.30
N SER D 324 -9.43 -18.63 -27.14
CA SER D 324 -8.04 -18.43 -26.75
C SER D 324 -7.99 -17.60 -25.47
N ASN D 325 -8.80 -16.54 -25.42
CA ASN D 325 -8.75 -15.58 -24.32
C ASN D 325 -9.69 -15.83 -23.15
N PHE D 326 -10.50 -16.89 -23.20
CA PHE D 326 -11.43 -17.21 -22.12
C PHE D 326 -12.13 -18.53 -22.35
N TYR D 327 -12.51 -19.18 -21.24
CA TYR D 327 -13.10 -20.51 -21.24
C TYR D 327 -14.51 -20.41 -20.71
N GLN D 328 -15.39 -21.26 -21.23
CA GLN D 328 -16.81 -21.18 -20.92
C GLN D 328 -17.45 -22.52 -20.73
N CYS D 329 -18.52 -22.56 -19.93
CA CYS D 329 -19.31 -23.76 -19.68
C CYS D 329 -20.60 -23.42 -18.94
N SER D 330 -21.47 -24.41 -18.74
CA SER D 330 -22.80 -24.20 -18.15
C SER D 330 -23.21 -25.22 -17.10
N PHE D 331 -23.85 -24.75 -16.04
CA PHE D 331 -24.18 -25.59 -14.89
C PHE D 331 -25.71 -25.59 -14.67
N SER D 332 -26.33 -26.76 -14.60
CA SER D 332 -27.77 -26.75 -14.38
C SER D 332 -28.07 -27.41 -13.06
N SER D 333 -28.89 -26.75 -12.25
CA SER D 333 -29.04 -27.17 -10.88
C SER D 333 -30.47 -27.08 -10.39
N LEU D 334 -30.77 -27.95 -9.44
CA LEU D 334 -31.92 -27.77 -8.57
C LEU D 334 -31.81 -26.46 -7.78
N PRO D 335 -32.94 -25.94 -7.29
CA PRO D 335 -32.96 -24.73 -6.47
C PRO D 335 -32.18 -24.93 -5.18
N PHE D 336 -31.62 -23.84 -4.64
CA PHE D 336 -30.94 -23.86 -3.35
C PHE D 336 -31.91 -23.27 -2.35
N SER D 337 -32.11 -23.91 -1.19
CA SER D 337 -32.81 -23.27 -0.07
C SER D 337 -31.79 -22.70 0.91
N ILE D 338 -30.57 -23.25 0.86
CA ILE D 338 -29.42 -22.85 1.67
C ILE D 338 -28.27 -22.51 0.73
N PRO D 339 -27.55 -21.40 0.98
CA PRO D 339 -26.53 -20.99 0.00
C PRO D 339 -25.37 -21.99 -0.06
N PRO D 340 -25.02 -22.46 -1.27
CA PRO D 340 -23.74 -23.17 -1.32
C PRO D 340 -22.61 -22.17 -1.44
N PHE D 341 -21.89 -21.99 -0.34
CA PHE D 341 -20.75 -21.08 -0.23
C PHE D 341 -19.82 -21.07 -1.44
N ALA D 342 -19.43 -19.87 -1.87
CA ALA D 342 -18.44 -19.67 -2.94
C ALA D 342 -18.91 -19.88 -4.37
N PHE D 343 -20.09 -20.45 -4.54
CA PHE D 343 -20.71 -20.51 -5.83
C PHE D 343 -21.00 -19.06 -6.25
N PHE D 344 -21.61 -18.32 -5.33
CA PHE D 344 -21.85 -16.90 -5.47
C PHE D 344 -20.86 -16.20 -4.54
N PRO D 345 -20.40 -14.99 -4.93
CA PRO D 345 -19.34 -14.24 -4.26
C PRO D 345 -19.66 -13.75 -2.84
N ASN D 346 -20.94 -13.54 -2.53
CA ASN D 346 -21.37 -13.25 -1.16
C ASN D 346 -22.44 -14.24 -0.67
N PRO D 347 -22.64 -14.33 0.68
CA PRO D 347 -23.77 -15.12 1.19
C PRO D 347 -25.05 -14.32 1.15
N THR D 348 -24.98 -13.06 0.74
CA THR D 348 -26.17 -12.23 0.55
C THR D 348 -26.85 -12.30 -0.85
N TYR D 349 -26.25 -13.01 -1.82
CA TYR D 349 -26.83 -13.26 -3.15
C TYR D 349 -28.22 -13.85 -3.08
N PRO D 350 -29.15 -13.46 -4.01
CA PRO D 350 -30.47 -14.12 -4.05
C PRO D 350 -30.35 -15.60 -4.41
N LEU D 351 -31.09 -16.44 -3.70
CA LEU D 351 -31.06 -17.87 -3.97
C LEU D 351 -32.14 -18.28 -4.97
N PRO D 352 -31.89 -19.29 -5.83
CA PRO D 352 -32.94 -19.68 -6.80
C PRO D 352 -34.02 -20.60 -6.22
N ASN D 353 -35.30 -20.30 -6.48
CA ASN D 353 -36.45 -21.08 -5.96
C ASN D 353 -36.97 -22.07 -6.99
N SER D 354 -36.40 -22.09 -8.19
CA SER D 354 -36.71 -23.16 -9.15
C SER D 354 -35.41 -23.57 -9.85
N THR D 355 -35.41 -24.67 -10.60
CA THR D 355 -34.18 -25.08 -11.30
C THR D 355 -33.63 -23.92 -12.11
N PHE D 356 -32.30 -23.87 -12.25
CA PHE D 356 -31.64 -22.73 -12.90
C PHE D 356 -30.40 -23.14 -13.63
N ALA D 357 -29.93 -22.26 -14.51
CA ALA D 357 -28.74 -22.49 -15.31
C ALA D 357 -27.72 -21.38 -15.10
N HIS D 358 -26.46 -21.77 -15.12
CA HIS D 358 -25.38 -20.91 -14.73
C HIS D 358 -24.38 -20.95 -15.86
N PHE D 359 -24.35 -19.88 -16.67
CA PHE D 359 -23.36 -19.74 -17.73
C PHE D 359 -22.16 -18.98 -17.18
N VAL D 360 -20.98 -19.56 -17.34
CA VAL D 360 -19.78 -19.02 -16.74
C VAL D 360 -18.61 -18.83 -17.68
N ASN D 361 -17.78 -17.85 -17.34
CA ASN D 361 -16.65 -17.41 -18.13
C ASN D 361 -15.38 -17.40 -17.28
N LYS D 362 -14.31 -18.01 -17.77
CA LYS D 362 -13.03 -17.98 -17.07
C LYS D 362 -11.97 -17.33 -17.93
N VAL D 363 -11.35 -16.29 -17.39
CA VAL D 363 -10.29 -15.59 -18.07
C VAL D 363 -9.02 -16.44 -17.89
N PRO D 364 -8.21 -16.63 -18.95
CA PRO D 364 -6.94 -17.30 -18.78
C PRO D 364 -5.93 -16.38 -18.21
N GLY D 365 -4.79 -17.00 -17.85
CA GLY D 365 -3.83 -16.46 -16.92
C GLY D 365 -4.35 -16.84 -15.54
N PRO D 366 -4.78 -15.84 -14.74
CA PRO D 366 -4.87 -14.44 -15.15
C PRO D 366 -3.52 -13.70 -15.14
N LEU D 367 -3.53 -12.46 -15.60
CA LEU D 367 -2.34 -11.63 -15.57
C LEU D 367 -2.19 -10.98 -14.19
N SER D 368 -3.33 -10.61 -13.61
CA SER D 368 -3.37 -10.02 -12.28
C SER D 368 -2.98 -11.08 -11.26
N TYR D 369 -2.34 -10.64 -10.17
CA TYR D 369 -1.93 -11.52 -9.09
C TYR D 369 -1.88 -10.74 -7.76
N GLY D 370 -1.55 -11.43 -6.69
CA GLY D 370 -1.52 -10.81 -5.40
C GLY D 370 -0.55 -11.58 -4.56
N SER D 371 -0.85 -11.70 -3.28
CA SER D 371 0.04 -12.34 -2.35
C SER D 371 -0.68 -13.10 -1.25
N ILE D 372 -0.01 -14.08 -0.65
CA ILE D 372 -0.57 -14.77 0.50
C ILE D 372 0.13 -14.27 1.75
N THR D 373 -0.62 -13.70 2.68
CA THR D 373 -0.05 -13.29 3.97
C THR D 373 -0.60 -14.13 5.11
N LEU D 374 0.15 -14.18 6.20
CA LEU D 374 -0.30 -14.86 7.39
C LEU D 374 -0.86 -13.84 8.33
N ASN D 375 -1.70 -14.29 9.24
CA ASN D 375 -2.10 -13.43 10.33
C ASN D 375 -2.09 -14.13 11.69
N SER D 376 -2.12 -15.45 11.71
CA SER D 376 -1.86 -16.11 12.96
C SER D 376 -0.41 -16.45 13.09
N ASP D 377 0.06 -16.26 14.32
CA ASP D 377 1.38 -16.64 14.84
C ASP D 377 1.96 -17.88 14.18
N SER D 378 1.16 -18.92 14.12
CA SER D 378 1.67 -20.17 13.64
C SER D 378 0.55 -21.18 13.72
N ASP D 379 -0.67 -20.69 13.93
CA ASP D 379 -1.70 -21.66 13.81
C ASP D 379 -1.94 -21.92 12.35
N VAL D 380 -1.27 -22.97 11.86
CA VAL D 380 -1.47 -23.46 10.53
C VAL D 380 -2.98 -23.71 10.32
N ARG D 381 -3.72 -23.79 11.43
CA ARG D 381 -5.18 -23.89 11.42
C ARG D 381 -5.93 -22.55 11.14
N VAL D 382 -5.22 -21.41 11.10
CA VAL D 382 -5.88 -20.13 10.78
C VAL D 382 -5.70 -19.78 9.32
N ALA D 383 -6.80 -19.81 8.55
CA ALA D 383 -6.76 -19.56 7.09
C ALA D 383 -5.94 -18.29 6.77
N PRO D 384 -4.86 -18.43 5.98
CA PRO D 384 -4.09 -17.26 5.62
C PRO D 384 -4.93 -16.30 4.79
N ASN D 385 -4.54 -15.02 4.79
CA ASN D 385 -5.18 -14.00 4.00
C ASN D 385 -4.63 -14.03 2.61
N VAL D 386 -5.52 -14.10 1.62
CA VAL D 386 -5.10 -14.07 0.20
C VAL D 386 -5.69 -12.87 -0.55
N LYS D 387 -4.86 -12.16 -1.30
CA LYS D 387 -5.34 -11.08 -2.16
C LYS D 387 -5.04 -11.43 -3.60
N PHE D 388 -6.08 -11.56 -4.40
CA PHE D 388 -5.93 -11.99 -5.77
C PHE D 388 -5.80 -10.82 -6.75
N ASN D 389 -6.36 -9.67 -6.36
CA ASN D 389 -6.37 -8.44 -7.13
C ASN D 389 -7.05 -8.56 -8.50
N TYR D 390 -8.32 -8.96 -8.50
CA TYR D 390 -9.08 -9.16 -9.75
C TYR D 390 -9.09 -7.94 -10.68
N TYR D 391 -8.79 -8.17 -11.95
CA TYR D 391 -8.87 -7.12 -12.97
C TYR D 391 -7.98 -5.89 -12.66
N SER D 392 -6.89 -6.12 -11.95
CA SER D 392 -5.88 -5.10 -11.72
C SER D 392 -5.20 -4.85 -13.02
N ASN D 393 -4.99 -5.94 -13.76
CA ASN D 393 -4.36 -5.89 -15.08
C ASN D 393 -5.43 -5.59 -16.10
N SER D 394 -5.22 -4.58 -16.93
CA SER D 394 -6.26 -4.15 -17.85
C SER D 394 -6.62 -5.23 -18.89
N THR D 395 -5.62 -6.02 -19.27
CA THR D 395 -5.76 -7.12 -20.21
C THR D 395 -6.77 -8.16 -19.76
N ASP D 396 -6.87 -8.37 -18.46
CA ASP D 396 -7.80 -9.35 -17.92
C ASP D 396 -9.22 -8.87 -18.12
N LEU D 397 -9.46 -7.60 -17.86
CA LEU D 397 -10.79 -7.05 -17.99
C LEU D 397 -11.21 -7.00 -19.46
N ALA D 398 -10.23 -6.87 -20.36
CA ALA D 398 -10.50 -6.90 -21.80
C ALA D 398 -11.18 -8.23 -22.07
N HIS D 399 -10.52 -9.27 -21.56
CA HIS D 399 -10.88 -10.68 -21.74
C HIS D 399 -12.24 -11.06 -21.11
N CYS D 400 -12.49 -10.51 -19.92
CA CYS D 400 -13.78 -10.67 -19.29
C CYS D 400 -14.86 -10.01 -20.12
N VAL D 401 -14.60 -8.78 -20.62
CA VAL D 401 -15.58 -8.08 -21.47
C VAL D 401 -15.95 -8.93 -22.67
N SER D 402 -14.94 -9.31 -23.45
CA SER D 402 -15.09 -10.20 -24.60
C SER D 402 -15.91 -11.43 -24.23
N GLY D 403 -15.55 -12.09 -23.13
CA GLY D 403 -16.22 -13.29 -22.69
C GLY D 403 -17.71 -13.15 -22.45
N MET D 404 -18.10 -12.13 -21.70
CA MET D 404 -19.51 -11.88 -21.35
C MET D 404 -20.31 -11.40 -22.56
N LYS D 405 -19.61 -10.80 -23.52
CA LYS D 405 -20.14 -10.52 -24.82
C LYS D 405 -20.40 -11.83 -25.56
N LYS D 406 -19.51 -12.81 -25.34
CA LYS D 406 -19.72 -14.15 -25.88
C LYS D 406 -20.89 -14.81 -25.21
N ILE D 407 -21.06 -14.61 -23.91
CA ILE D 407 -22.25 -15.13 -23.27
C ILE D 407 -23.47 -14.40 -23.81
N GLY D 408 -23.34 -13.09 -23.99
CA GLY D 408 -24.40 -12.29 -24.60
C GLY D 408 -24.92 -12.90 -25.87
N GLU D 409 -24.01 -13.30 -26.76
CA GLU D 409 -24.35 -13.95 -28.02
C GLU D 409 -25.03 -15.28 -27.76
N LEU D 410 -24.39 -16.14 -26.97
CA LEU D 410 -25.03 -17.37 -26.47
C LEU D 410 -26.52 -17.23 -26.16
N LEU D 411 -26.87 -16.29 -25.30
CA LEU D 411 -28.26 -16.09 -24.95
C LEU D 411 -29.13 -15.74 -26.16
N SER D 412 -28.48 -15.34 -27.24
CA SER D 412 -29.20 -14.87 -28.42
C SER D 412 -29.31 -15.94 -29.48
N SER D 413 -28.60 -17.05 -29.28
CA SER D 413 -28.67 -18.19 -30.17
C SER D 413 -30.02 -18.90 -29.98
N ASP D 414 -30.42 -19.70 -30.97
CA ASP D 414 -31.74 -20.32 -30.91
C ASP D 414 -31.82 -21.33 -29.77
N ALA D 415 -30.75 -22.10 -29.57
CA ALA D 415 -30.74 -23.18 -28.58
C ALA D 415 -31.31 -22.75 -27.23
N LEU D 416 -31.08 -21.48 -26.88
CA LEU D 416 -31.58 -20.89 -25.63
C LEU D 416 -33.00 -20.30 -25.66
N LYS D 417 -33.62 -20.25 -26.84
CA LYS D 417 -34.98 -19.72 -27.03
C LYS D 417 -36.13 -20.24 -26.13
N PRO D 418 -36.16 -21.57 -25.83
CA PRO D 418 -37.23 -22.14 -24.99
C PRO D 418 -37.05 -21.83 -23.53
N TYR D 419 -35.96 -21.15 -23.22
CA TYR D 419 -35.57 -20.87 -21.86
C TYR D 419 -35.78 -19.39 -21.53
N LYS D 420 -36.38 -18.67 -22.45
CA LYS D 420 -36.84 -17.32 -22.22
C LYS D 420 -38.22 -17.33 -21.63
N VAL D 421 -38.53 -16.30 -20.87
CA VAL D 421 -39.81 -16.18 -20.19
C VAL D 421 -40.77 -15.55 -21.18
N GLU D 422 -40.27 -14.51 -21.87
CA GLU D 422 -41.03 -13.91 -22.95
C GLU D 422 -40.26 -13.82 -24.24
N ASP D 423 -41.01 -13.80 -25.34
CA ASP D 423 -40.46 -13.79 -26.68
C ASP D 423 -40.00 -12.38 -27.08
N LEU D 424 -38.87 -11.96 -26.53
CA LEU D 424 -38.16 -10.74 -26.97
C LEU D 424 -36.81 -11.13 -27.56
N PRO D 425 -36.27 -10.33 -28.52
CA PRO D 425 -34.99 -10.83 -29.07
C PRO D 425 -33.77 -10.40 -28.24
N GLY D 426 -32.62 -10.98 -28.59
CA GLY D 426 -31.37 -10.67 -27.90
C GLY D 426 -31.36 -11.29 -26.52
N ILE D 427 -30.88 -10.55 -25.53
CA ILE D 427 -30.79 -11.05 -24.14
C ILE D 427 -32.09 -10.87 -23.36
N ASP D 428 -32.92 -9.93 -23.79
CA ASP D 428 -34.22 -9.72 -23.15
C ASP D 428 -35.06 -11.00 -23.24
N GLY D 429 -35.84 -11.28 -22.22
CA GLY D 429 -36.70 -12.45 -22.28
C GLY D 429 -36.36 -13.49 -21.25
N PHE D 430 -35.11 -13.52 -20.82
CA PHE D 430 -34.75 -14.33 -19.68
C PHE D 430 -35.17 -13.63 -18.39
N ASP D 431 -35.61 -14.39 -17.42
CA ASP D 431 -35.76 -13.89 -16.05
C ASP D 431 -34.45 -14.19 -15.31
N ILE D 432 -33.69 -13.13 -15.03
CA ILE D 432 -32.31 -13.26 -14.58
C ILE D 432 -32.16 -13.20 -13.05
N LEU D 433 -31.46 -14.18 -12.48
CA LEU D 433 -31.12 -14.19 -11.05
C LEU D 433 -29.72 -13.60 -10.82
N GLY D 434 -29.64 -12.53 -10.01
CA GLY D 434 -28.39 -11.79 -9.81
C GLY D 434 -28.21 -10.66 -10.83
N ILE D 435 -26.98 -10.29 -11.11
CA ILE D 435 -26.70 -9.16 -12.03
C ILE D 435 -26.77 -9.51 -13.54
N PRO D 436 -27.72 -8.88 -14.24
CA PRO D 436 -27.91 -9.04 -15.68
C PRO D 436 -26.88 -8.28 -16.53
N LEU D 437 -26.65 -8.73 -17.75
CA LEU D 437 -25.78 -8.01 -18.66
C LEU D 437 -26.43 -6.68 -19.05
N PRO D 438 -25.62 -5.68 -19.43
CA PRO D 438 -26.17 -4.48 -20.02
C PRO D 438 -26.93 -4.80 -21.31
N GLU D 439 -27.94 -4.01 -21.61
CA GLU D 439 -28.76 -4.19 -22.83
C GLU D 439 -27.94 -4.12 -24.11
N ASN D 440 -27.19 -3.03 -24.27
CA ASN D 440 -26.38 -2.76 -25.46
C ASN D 440 -25.13 -3.65 -25.58
N GLN D 441 -25.16 -4.61 -26.49
CA GLN D 441 -24.08 -5.55 -26.63
C GLN D 441 -22.76 -4.92 -27.04
N THR D 442 -22.77 -3.62 -27.33
CA THR D 442 -21.61 -2.91 -27.90
C THR D 442 -20.95 -1.94 -26.92
N ASP D 443 -21.52 -1.81 -25.73
CA ASP D 443 -21.12 -0.82 -24.72
C ASP D 443 -20.04 -1.33 -23.75
N ASP D 444 -18.79 -1.27 -24.20
CA ASP D 444 -17.63 -1.68 -23.40
C ASP D 444 -17.69 -1.14 -21.97
N ALA D 445 -17.90 0.16 -21.83
CA ALA D 445 -18.00 0.79 -20.52
C ALA D 445 -18.84 -0.04 -19.55
N ALA D 446 -20.12 -0.25 -19.86
CA ALA D 446 -21.04 -0.96 -18.96
C ALA D 446 -20.66 -2.43 -18.71
N PHE D 447 -19.94 -3.04 -19.66
CA PHE D 447 -19.42 -4.40 -19.51
C PHE D 447 -18.30 -4.49 -18.49
N GLU D 448 -17.40 -3.50 -18.51
CA GLU D 448 -16.33 -3.42 -17.52
C GLU D 448 -16.90 -3.18 -16.13
N THR D 449 -18.05 -2.54 -16.02
CA THR D 449 -18.64 -2.36 -14.71
C THR D 449 -19.36 -3.62 -14.26
N PHE D 450 -19.91 -4.35 -15.22
CA PHE D 450 -20.45 -5.66 -14.96
C PHE D 450 -19.33 -6.59 -14.47
N CYS D 451 -18.21 -6.58 -15.17
CA CYS D 451 -17.10 -7.48 -14.93
C CYS D 451 -16.46 -7.27 -13.58
N ARG D 452 -16.40 -6.03 -13.14
CA ARG D 452 -15.76 -5.72 -11.88
C ARG D 452 -16.68 -5.94 -10.69
N GLU D 453 -17.97 -5.60 -10.86
CA GLU D 453 -18.98 -5.76 -9.83
C GLU D 453 -19.50 -7.20 -9.66
N ALA D 454 -19.76 -7.88 -10.76
CA ALA D 454 -20.34 -9.23 -10.75
C ALA D 454 -19.37 -10.37 -10.41
N VAL D 455 -18.09 -10.05 -10.18
CA VAL D 455 -17.04 -11.08 -10.18
C VAL D 455 -17.03 -12.06 -9.02
N ALA D 456 -16.61 -13.27 -9.33
CA ALA D 456 -16.54 -14.38 -8.38
C ALA D 456 -15.30 -15.14 -8.74
N SER D 457 -15.04 -16.19 -7.97
CA SER D 457 -13.86 -17.01 -8.15
C SER D 457 -14.25 -18.27 -8.89
N TYR D 458 -13.36 -18.74 -9.76
CA TYR D 458 -13.60 -19.97 -10.48
C TYR D 458 -13.01 -21.15 -9.71
N TRP D 459 -12.41 -20.87 -8.55
CA TRP D 459 -11.86 -21.93 -7.71
C TRP D 459 -10.49 -22.47 -8.17
N HIS D 460 -9.96 -21.91 -9.26
CA HIS D 460 -8.74 -22.47 -9.80
C HIS D 460 -7.47 -21.70 -9.39
N TYR D 461 -7.45 -21.15 -8.17
CA TYR D 461 -6.26 -20.38 -7.74
C TYR D 461 -4.96 -21.20 -7.84
N HIS D 462 -3.85 -20.51 -8.02
CA HIS D 462 -2.54 -21.13 -8.17
C HIS D 462 -1.49 -20.08 -7.87
N GLY D 463 -0.22 -20.50 -7.92
CA GLY D 463 0.90 -19.59 -7.67
C GLY D 463 1.35 -19.55 -6.22
N GLY D 464 2.14 -18.54 -5.88
CA GLY D 464 2.57 -18.33 -4.52
C GLY D 464 3.83 -19.06 -4.18
N CYS D 465 4.41 -19.76 -5.15
CA CYS D 465 5.55 -20.63 -4.91
C CYS D 465 6.15 -21.12 -6.24
N LEU D 466 6.55 -20.15 -7.07
CA LEU D 466 6.76 -20.37 -8.48
C LEU D 466 8.11 -20.94 -8.88
N VAL D 467 8.06 -21.77 -9.90
CA VAL D 467 9.26 -22.22 -10.59
C VAL D 467 9.92 -21.01 -11.17
N GLY D 468 11.20 -20.87 -10.85
CA GLY D 468 12.01 -19.85 -11.47
C GLY D 468 11.91 -18.63 -10.62
N GLU D 469 11.18 -18.77 -9.50
CA GLU D 469 11.01 -17.70 -8.56
C GLU D 469 11.39 -18.19 -7.16
N VAL D 470 10.79 -19.31 -6.71
CA VAL D 470 11.11 -19.97 -5.41
C VAL D 470 11.73 -21.38 -5.60
N LEU D 471 11.22 -22.08 -6.61
CA LEU D 471 11.72 -23.40 -6.97
C LEU D 471 12.64 -23.32 -8.19
N ASP D 472 13.42 -24.39 -8.42
CA ASP D 472 14.16 -24.58 -9.66
C ASP D 472 13.39 -25.53 -10.61
N GLY D 473 14.03 -25.94 -11.71
CA GLY D 473 13.40 -26.78 -12.72
C GLY D 473 13.09 -28.19 -12.27
N ASP D 474 13.60 -28.58 -11.10
CA ASP D 474 13.40 -29.92 -10.53
C ASP D 474 12.36 -29.96 -9.40
N PHE D 475 11.86 -28.78 -9.07
CA PHE D 475 10.81 -28.56 -8.08
C PHE D 475 11.37 -28.45 -6.67
N ARG D 476 12.69 -28.28 -6.61
CA ARG D 476 13.43 -28.16 -5.37
C ARG D 476 13.40 -26.74 -4.92
N VAL D 477 13.57 -26.48 -3.63
CA VAL D 477 13.43 -25.14 -3.05
C VAL D 477 14.81 -24.56 -2.96
N THR D 478 15.10 -23.55 -3.78
CA THR D 478 16.49 -23.11 -3.96
C THR D 478 17.18 -22.72 -2.65
N GLY D 479 18.41 -23.18 -2.46
CA GLY D 479 19.13 -22.90 -1.25
C GLY D 479 18.97 -23.99 -0.21
N ILE D 480 17.91 -24.81 -0.37
CA ILE D 480 17.56 -25.90 0.56
C ILE D 480 17.61 -27.30 -0.04
N ASN D 481 18.43 -28.15 0.57
CA ASN D 481 18.58 -29.54 0.18
C ASN D 481 17.49 -30.36 0.82
N ALA D 482 16.97 -31.32 0.04
CA ALA D 482 16.00 -32.33 0.49
C ALA D 482 14.63 -31.78 0.85
N LEU D 483 14.20 -30.79 0.07
CA LEU D 483 12.88 -30.21 0.22
C LEU D 483 12.28 -29.80 -1.14
N ARG D 484 11.21 -30.46 -1.53
CA ARG D 484 10.51 -30.04 -2.75
C ARG D 484 9.08 -29.50 -2.50
N VAL D 485 8.53 -28.81 -3.52
CA VAL D 485 7.11 -28.43 -3.57
C VAL D 485 6.51 -28.97 -4.88
N VAL D 486 5.42 -29.74 -4.80
CA VAL D 486 4.71 -30.24 -5.98
C VAL D 486 3.20 -30.16 -5.75
N ASP D 487 2.56 -29.22 -6.43
CA ASP D 487 1.12 -28.96 -6.28
C ASP D 487 0.80 -27.72 -7.12
N GLY D 488 -0.45 -27.26 -7.07
CA GLY D 488 -0.89 -26.17 -7.92
C GLY D 488 -0.43 -24.78 -7.53
N SER D 489 0.80 -24.65 -7.09
CA SER D 489 1.25 -23.34 -6.68
C SER D 489 2.59 -23.06 -7.33
N THR D 490 2.94 -23.87 -8.32
CA THR D 490 4.28 -23.84 -8.86
C THR D 490 4.36 -23.02 -10.14
N PHE D 491 3.20 -22.67 -10.72
CA PHE D 491 3.13 -21.98 -12.01
C PHE D 491 2.21 -20.79 -11.99
N PRO D 492 2.56 -19.71 -12.71
CA PRO D 492 1.73 -18.49 -12.69
C PRO D 492 0.38 -18.55 -13.42
N TYR D 493 0.31 -19.30 -14.53
CA TYR D 493 -0.92 -19.33 -15.33
C TYR D 493 -1.71 -20.63 -15.14
N SER D 494 -2.99 -20.61 -15.48
CA SER D 494 -3.79 -21.83 -15.46
C SER D 494 -3.33 -22.76 -16.59
N PRO D 495 -3.22 -24.07 -16.33
CA PRO D 495 -2.72 -24.93 -17.38
C PRO D 495 -3.74 -25.24 -18.49
N ALA D 496 -5.02 -25.02 -18.18
CA ALA D 496 -6.15 -25.24 -19.10
C ALA D 496 -7.40 -24.53 -18.59
N SER D 497 -8.57 -24.84 -19.16
CA SER D 497 -9.86 -24.42 -18.58
C SER D 497 -10.07 -24.98 -17.18
N HIS D 498 -9.58 -26.20 -16.97
CA HIS D 498 -9.71 -26.90 -15.69
C HIS D 498 -8.42 -27.61 -15.36
N PRO D 499 -7.82 -27.36 -14.18
CA PRO D 499 -6.43 -27.74 -13.99
C PRO D 499 -6.16 -29.07 -13.30
N GLN D 500 -7.20 -29.72 -12.77
CA GLN D 500 -6.97 -30.97 -12.01
C GLN D 500 -6.13 -32.02 -12.77
N GLY D 501 -6.45 -32.28 -14.04
CA GLY D 501 -5.67 -33.16 -14.89
C GLY D 501 -4.18 -32.85 -14.79
N PHE D 502 -3.84 -31.57 -14.97
CA PHE D 502 -2.45 -31.15 -14.89
C PHE D 502 -1.85 -31.50 -13.53
N TYR D 503 -2.53 -31.10 -12.45
CA TYR D 503 -2.00 -31.36 -11.10
C TYR D 503 -1.99 -32.84 -10.71
N LEU D 504 -3.02 -33.58 -11.12
CA LEU D 504 -2.99 -35.02 -11.07
C LEU D 504 -1.70 -35.48 -11.72
N MET D 505 -1.57 -35.25 -13.02
CA MET D 505 -0.36 -35.68 -13.78
C MET D 505 0.96 -35.27 -13.11
N LEU D 506 1.05 -33.99 -12.73
CA LEU D 506 2.28 -33.42 -12.23
C LEU D 506 2.83 -34.15 -11.02
N GLY D 507 1.95 -34.76 -10.24
CA GLY D 507 2.36 -35.48 -9.05
C GLY D 507 3.13 -36.73 -9.38
N ARG D 508 2.66 -37.50 -10.33
CA ARG D 508 3.36 -38.72 -10.69
C ARG D 508 4.56 -38.40 -11.55
N TYR D 509 4.50 -37.31 -12.33
CA TYR D 509 5.63 -36.88 -13.15
C TYR D 509 6.85 -36.57 -12.27
N VAL D 510 6.67 -35.71 -11.25
CA VAL D 510 7.72 -35.41 -10.27
C VAL D 510 8.12 -36.68 -9.53
N GLY D 511 7.13 -37.52 -9.22
CA GLY D 511 7.41 -38.85 -8.70
C GLY D 511 8.45 -39.64 -9.47
N SER D 512 8.32 -39.72 -10.80
CA SER D 512 9.30 -40.46 -11.60
C SER D 512 10.63 -39.69 -11.83
N LYS D 513 10.59 -38.36 -11.81
CA LYS D 513 11.83 -37.57 -11.87
C LYS D 513 12.64 -37.68 -10.56
N ILE D 514 11.98 -37.96 -9.43
CA ILE D 514 12.70 -38.19 -8.18
C ILE D 514 13.33 -39.57 -8.22
N LEU D 515 12.52 -40.56 -8.58
CA LEU D 515 12.94 -41.94 -8.64
C LEU D 515 14.14 -42.08 -9.55
N GLN D 516 14.08 -41.34 -10.66
CA GLN D 516 15.12 -41.37 -11.69
C GLN D 516 16.47 -40.81 -11.23
N GLU D 517 16.49 -39.54 -10.86
CA GLU D 517 17.75 -38.95 -10.41
C GLU D 517 18.32 -39.67 -9.18
N ARG D 518 17.54 -40.58 -8.60
CA ARG D 518 18.03 -41.48 -7.54
C ARG D 518 18.97 -42.56 -8.08
N SER D 519 18.52 -43.29 -9.09
CA SER D 519 19.34 -44.25 -9.84
C SER D 519 20.73 -43.75 -10.27
N ALA D 520 20.80 -42.58 -10.91
CA ALA D 520 22.10 -42.01 -11.34
C ALA D 520 23.14 -41.89 -10.20
N ALA D 521 22.71 -41.40 -9.03
CA ALA D 521 23.60 -41.18 -7.87
C ALA D 521 23.59 -42.37 -6.91
N LEU E 1 18.39 -52.77 54.13
CA LEU E 1 17.54 -53.25 53.00
C LEU E 1 16.09 -53.44 53.42
N ALA E 2 15.17 -53.25 52.48
CA ALA E 2 13.75 -53.47 52.76
C ALA E 2 13.38 -54.97 52.66
N THR E 3 12.17 -55.32 53.10
CA THR E 3 11.65 -56.71 53.06
C THR E 3 10.59 -56.92 51.96
N THR E 4 10.67 -58.06 51.27
CA THR E 4 9.75 -58.34 50.15
C THR E 4 8.33 -57.98 50.54
N SER E 5 7.62 -57.25 49.69
CA SER E 5 6.24 -56.81 49.97
C SER E 5 5.62 -56.14 48.77
N ASP E 6 4.36 -55.73 48.93
CA ASP E 6 3.59 -55.06 47.88
C ASP E 6 4.11 -53.64 47.61
N HIS E 7 3.78 -53.08 46.44
CA HIS E 7 4.14 -51.69 46.11
C HIS E 7 3.26 -50.73 46.92
N ASP E 8 3.89 -49.92 47.76
CA ASP E 8 3.19 -49.01 48.66
C ASP E 8 2.71 -47.77 47.94
N PHE E 9 1.40 -47.65 47.73
CA PHE E 9 0.81 -46.50 47.02
C PHE E 9 0.08 -45.51 47.94
N SER E 10 0.49 -45.44 49.20
CA SER E 10 -0.18 -44.57 50.17
C SER E 10 -0.22 -43.07 49.80
N TYR E 11 0.64 -42.67 48.86
CA TYR E 11 0.78 -41.28 48.44
C TYR E 11 -0.32 -40.89 47.44
N LEU E 12 -1.10 -41.86 46.99
CA LEU E 12 -2.19 -41.60 46.05
C LEU E 12 -3.29 -40.79 46.74
N SER E 13 -3.22 -40.74 48.07
CA SER E 13 -4.19 -40.00 48.87
C SER E 13 -4.00 -38.50 48.70
N PHE E 14 -2.90 -38.11 48.07
CA PHE E 14 -2.65 -36.70 47.74
C PHE E 14 -1.97 -36.51 46.38
N ALA E 15 -2.19 -37.46 45.47
CA ALA E 15 -1.83 -37.28 44.05
C ALA E 15 -3.08 -36.80 43.33
N TYR E 16 -2.93 -35.94 42.33
CA TYR E 16 -4.08 -35.42 41.62
C TYR E 16 -3.82 -35.41 40.14
N ASP E 17 -4.88 -35.49 39.33
CA ASP E 17 -4.70 -35.23 37.92
C ASP E 17 -4.52 -33.72 37.83
N ALA E 18 -3.79 -33.25 36.83
CA ALA E 18 -3.52 -31.82 36.70
C ALA E 18 -4.78 -30.98 36.43
N THR E 19 -5.87 -31.65 36.07
CA THR E 19 -7.09 -30.92 35.82
C THR E 19 -7.76 -30.74 37.16
N ASP E 20 -7.56 -31.68 38.08
CA ASP E 20 -8.18 -31.55 39.38
C ASP E 20 -7.35 -30.62 40.26
N LEU E 21 -6.40 -29.91 39.65
CA LEU E 21 -5.58 -28.93 40.40
C LEU E 21 -5.99 -27.48 40.14
N GLU E 22 -5.88 -26.68 41.20
CA GLU E 22 -6.15 -25.26 41.12
C GLU E 22 -5.38 -24.61 39.96
N LEU E 23 -6.07 -23.78 39.19
CA LEU E 23 -5.47 -23.11 38.06
C LEU E 23 -4.24 -22.29 38.46
N GLU E 24 -4.25 -21.74 39.67
CA GLU E 24 -3.03 -21.09 40.20
C GLU E 24 -2.90 -21.20 41.72
N GLY E 25 -1.67 -21.31 42.21
CA GLY E 25 -1.41 -21.56 43.62
C GLY E 25 0.04 -21.48 44.06
N SER E 26 0.21 -21.33 45.38
CA SER E 26 1.51 -21.07 45.99
C SER E 26 2.07 -22.26 46.76
N TYR E 27 3.38 -22.43 46.65
CA TYR E 27 4.07 -23.53 47.31
C TYR E 27 5.45 -23.05 47.78
N ASP E 28 6.00 -23.69 48.79
CA ASP E 28 7.32 -23.30 49.27
C ASP E 28 8.38 -23.83 48.33
N TYR E 29 8.10 -24.98 47.72
CA TYR E 29 8.96 -25.51 46.67
C TYR E 29 8.11 -26.04 45.56
N VAL E 30 8.58 -25.92 44.33
CA VAL E 30 7.92 -26.54 43.18
C VAL E 30 8.91 -27.44 42.47
N ILE E 31 8.57 -28.70 42.24
CA ILE E 31 9.54 -29.61 41.64
C ILE E 31 9.06 -30.06 40.29
N VAL E 32 9.85 -29.79 39.26
CA VAL E 32 9.49 -30.16 37.90
C VAL E 32 9.94 -31.57 37.61
N GLY E 33 8.94 -32.42 37.38
CA GLY E 33 9.17 -33.83 37.09
C GLY E 33 9.43 -34.66 38.33
N GLY E 34 8.51 -35.56 38.63
CA GLY E 34 8.66 -36.40 39.81
C GLY E 34 9.45 -37.63 39.50
N GLY E 35 10.76 -37.42 39.30
CA GLY E 35 11.68 -38.44 38.78
C GLY E 35 12.33 -39.34 39.82
N THR E 36 13.47 -39.93 39.47
CA THR E 36 14.25 -40.76 40.37
C THR E 36 14.88 -39.90 41.47
N SER E 37 15.32 -38.72 41.11
CA SER E 37 15.74 -37.74 42.09
C SER E 37 14.55 -36.95 42.66
N GLY E 38 13.64 -36.56 41.78
CA GLY E 38 12.59 -35.61 42.13
C GLY E 38 11.75 -36.04 43.31
N CYS E 39 11.32 -37.28 43.35
CA CYS E 39 10.46 -37.73 44.43
C CYS E 39 11.12 -37.67 45.83
N PRO E 40 12.37 -38.19 45.97
CA PRO E 40 13.00 -38.17 47.27
C PRO E 40 13.20 -36.75 47.76
N LEU E 41 13.58 -35.88 46.85
CA LEU E 41 13.72 -34.47 47.15
C LEU E 41 12.34 -33.87 47.47
N ALA E 42 11.33 -34.26 46.70
CA ALA E 42 9.96 -33.86 46.98
C ALA E 42 9.62 -34.31 48.40
N ALA E 43 9.87 -35.57 48.71
CA ALA E 43 9.59 -36.11 50.04
C ALA E 43 10.31 -35.35 51.15
N THR E 44 11.58 -35.08 50.95
CA THR E 44 12.41 -34.49 51.98
C THR E 44 11.94 -33.11 52.36
N LEU E 45 11.74 -32.24 51.38
CA LEU E 45 11.29 -30.89 51.68
C LEU E 45 9.92 -30.91 52.34
N SER E 46 9.08 -31.88 51.97
CA SER E 46 7.75 -31.99 52.54
C SER E 46 7.77 -32.16 54.05
N GLU E 47 8.86 -32.68 54.60
CA GLU E 47 9.01 -32.77 56.05
C GLU E 47 8.75 -31.45 56.79
N LYS E 48 9.29 -30.34 56.26
N LYS E 48 9.31 -30.35 56.26
CA LYS E 48 9.17 -29.03 56.91
CA LYS E 48 9.22 -29.04 56.90
C LYS E 48 8.43 -27.95 56.10
C LYS E 48 8.35 -28.03 56.12
N TYR E 49 8.28 -28.16 54.80
CA TYR E 49 7.60 -27.15 53.97
C TYR E 49 6.65 -27.69 52.94
N LYS E 50 5.97 -26.77 52.24
CA LYS E 50 4.92 -27.16 51.32
C LYS E 50 5.41 -27.28 49.86
N VAL E 51 5.20 -28.48 49.35
CA VAL E 51 5.85 -28.93 48.16
C VAL E 51 4.81 -29.39 47.13
N LEU E 52 5.00 -28.98 45.89
CA LEU E 52 4.22 -29.50 44.78
C LEU E 52 5.17 -30.11 43.75
N VAL E 53 4.94 -31.37 43.42
CA VAL E 53 5.70 -32.05 42.37
C VAL E 53 4.81 -32.06 41.17
N LEU E 54 5.35 -31.71 40.01
CA LEU E 54 4.57 -31.76 38.78
C LEU E 54 5.20 -32.73 37.84
N GLU E 55 4.46 -33.78 37.51
CA GLU E 55 4.99 -34.81 36.63
C GLU E 55 4.13 -34.94 35.41
N ARG E 56 4.79 -34.99 34.24
CA ARG E 56 4.11 -35.06 32.95
C ARG E 56 3.45 -36.41 32.73
N GLY E 57 4.02 -37.45 33.31
CA GLY E 57 3.55 -38.82 33.10
C GLY E 57 2.36 -39.18 33.97
N THR E 58 2.09 -40.48 34.07
CA THR E 58 0.87 -40.96 34.71
C THR E 58 1.20 -41.70 36.00
N LEU E 59 0.18 -41.96 36.80
CA LEU E 59 0.29 -42.83 37.95
C LEU E 59 0.69 -44.25 37.49
N PRO E 60 1.61 -44.87 38.24
CA PRO E 60 2.10 -46.20 37.89
C PRO E 60 0.98 -47.24 37.75
N THR E 61 -0.10 -47.03 38.49
CA THR E 61 -1.30 -47.87 38.44
C THR E 61 -2.00 -47.90 37.10
N ALA E 62 -1.80 -46.88 36.28
CA ALA E 62 -2.39 -46.87 34.96
C ALA E 62 -1.73 -47.85 33.97
N TYR E 63 -0.58 -48.41 34.33
CA TYR E 63 0.18 -49.29 33.41
C TYR E 63 0.75 -50.48 34.15
N PRO E 64 -0.13 -51.42 34.56
CA PRO E 64 0.24 -52.47 35.53
C PRO E 64 1.58 -53.13 35.23
N ASN E 65 1.98 -53.14 33.98
CA ASN E 65 3.13 -53.88 33.58
C ASN E 65 4.47 -53.39 34.09
N LEU E 66 4.51 -52.22 34.69
CA LEU E 66 5.80 -51.79 35.24
C LEU E 66 5.86 -51.93 36.76
N LEU E 67 4.95 -52.73 37.33
CA LEU E 67 4.95 -53.08 38.74
C LEU E 67 5.60 -54.47 39.00
N THR E 68 5.83 -55.21 37.92
CA THR E 68 6.51 -56.49 37.98
C THR E 68 7.70 -56.46 37.04
N SER E 69 8.73 -57.20 37.40
CA SER E 69 9.90 -57.29 36.56
C SER E 69 9.68 -58.21 35.35
N ASP E 70 8.58 -58.97 35.38
CA ASP E 70 8.12 -59.76 34.23
C ASP E 70 7.77 -58.86 33.07
N GLY E 71 7.30 -57.67 33.37
CA GLY E 71 6.89 -56.72 32.35
C GLY E 71 7.95 -55.68 32.06
N PHE E 72 9.19 -55.96 32.46
CA PHE E 72 10.32 -55.14 32.05
C PHE E 72 10.44 -55.03 30.51
N ILE E 73 10.38 -56.17 29.82
CA ILE E 73 10.40 -56.20 28.35
C ILE E 73 9.14 -55.58 27.75
N TYR E 74 7.97 -55.99 28.23
CA TYR E 74 6.69 -55.45 27.76
C TYR E 74 6.76 -53.93 27.57
N ASN E 75 7.12 -53.24 28.64
CA ASN E 75 7.17 -51.80 28.64
C ASN E 75 7.97 -51.16 27.51
N LEU E 76 9.04 -51.83 27.08
CA LEU E 76 9.83 -51.37 25.96
C LEU E 76 9.15 -51.75 24.66
N GLN E 77 8.38 -52.82 24.68
CA GLN E 77 7.81 -53.34 23.46
C GLN E 77 6.65 -52.51 23.00
N GLN E 78 5.89 -51.98 23.96
CA GLN E 78 4.71 -51.15 23.69
C GLN E 78 5.10 -49.92 22.90
N GLU E 79 4.22 -49.54 21.98
CA GLU E 79 4.46 -48.36 21.18
C GLU E 79 4.18 -47.12 22.00
N ASP E 80 4.92 -46.08 21.68
CA ASP E 80 4.85 -44.83 22.39
C ASP E 80 3.80 -43.97 21.71
N ASP E 81 2.71 -43.75 22.44
CA ASP E 81 1.59 -42.97 21.96
C ASP E 81 1.48 -41.59 22.64
N GLY E 82 2.51 -41.21 23.40
CA GLY E 82 2.51 -39.94 24.12
C GLY E 82 2.05 -40.01 25.56
N GLN E 83 1.47 -41.14 25.97
CA GLN E 83 0.93 -41.27 27.32
C GLN E 83 1.63 -42.43 28.02
N THR E 84 2.01 -43.44 27.25
CA THR E 84 2.65 -44.65 27.78
C THR E 84 3.92 -44.28 28.52
N PRO E 85 4.34 -45.11 29.50
CA PRO E 85 5.48 -44.81 30.37
C PRO E 85 6.87 -44.83 29.74
N VAL E 86 7.09 -45.63 28.71
CA VAL E 86 8.37 -45.66 28.02
C VAL E 86 8.32 -44.77 26.78
N GLU E 87 9.13 -43.70 26.75
CA GLU E 87 9.19 -42.76 25.62
C GLU E 87 10.37 -43.04 24.73
N ARG E 88 10.11 -43.31 23.45
CA ARG E 88 11.18 -43.65 22.53
C ARG E 88 11.81 -42.41 21.91
N PHE E 89 13.13 -42.46 21.70
CA PHE E 89 13.84 -41.47 20.90
C PHE E 89 15.07 -42.10 20.30
N VAL E 90 15.61 -41.46 19.28
CA VAL E 90 16.80 -41.92 18.61
C VAL E 90 17.78 -40.79 18.77
N SER E 91 19.05 -41.09 18.93
CA SER E 91 20.05 -40.02 19.02
C SER E 91 20.52 -39.57 17.62
N GLY E 92 21.14 -38.38 17.55
CA GLY E 92 21.82 -37.86 16.34
C GLY E 92 22.77 -38.90 15.75
N ASP E 93 23.44 -39.68 16.60
CA ASP E 93 24.31 -40.78 16.16
C ASP E 93 23.48 -41.86 15.48
N GLY E 94 22.23 -42.01 15.91
CA GLY E 94 21.28 -42.92 15.28
C GLY E 94 20.94 -44.13 16.11
N ILE E 95 21.31 -44.11 17.38
CA ILE E 95 21.13 -45.26 18.25
C ILE E 95 19.84 -45.06 19.02
N ASP E 96 19.03 -46.12 19.10
CA ASP E 96 17.74 -46.08 19.78
C ASP E 96 17.88 -45.97 21.28
N ASP E 97 17.03 -45.19 21.90
CA ASP E 97 17.11 -45.05 23.33
C ASP E 97 15.74 -44.77 23.94
N VAL E 98 15.64 -44.86 25.28
CA VAL E 98 14.39 -44.46 25.96
C VAL E 98 14.62 -43.68 27.25
N ARG E 99 13.63 -42.86 27.60
CA ARG E 99 13.49 -42.27 28.95
C ARG E 99 12.09 -42.52 29.54
N GLY E 100 11.98 -42.38 30.85
CA GLY E 100 10.69 -42.53 31.53
C GLY E 100 9.72 -41.36 31.42
N ARG E 101 8.44 -41.72 31.40
CA ARG E 101 7.28 -40.81 31.40
C ARG E 101 6.16 -41.44 32.23
N VAL E 102 6.39 -41.51 33.54
CA VAL E 102 5.46 -42.06 34.52
C VAL E 102 5.90 -41.52 35.88
N LEU E 103 4.97 -41.39 36.82
CA LEU E 103 5.38 -41.02 38.17
C LEU E 103 6.46 -41.97 38.66
N GLY E 104 7.50 -41.40 39.25
CA GLY E 104 8.67 -42.16 39.68
C GLY E 104 9.73 -42.23 38.59
N GLY E 105 9.46 -41.62 37.46
CA GLY E 105 10.46 -41.50 36.40
C GLY E 105 10.96 -42.81 35.85
N THR E 106 12.21 -42.79 35.38
CA THR E 106 12.83 -43.93 34.70
C THR E 106 13.10 -45.12 35.64
N SER E 107 13.10 -44.83 36.93
CA SER E 107 13.12 -45.87 37.95
C SER E 107 11.83 -46.70 37.91
N MET E 108 10.85 -46.26 37.13
CA MET E 108 9.66 -47.04 36.96
C MET E 108 9.76 -48.03 35.82
N ILE E 109 10.78 -47.90 34.98
CA ILE E 109 10.83 -48.68 33.73
C ILE E 109 12.10 -49.49 33.59
N ASN E 110 13.03 -49.28 34.51
CA ASN E 110 14.39 -49.78 34.39
C ASN E 110 14.58 -51.22 34.84
N ALA E 111 15.81 -51.71 34.67
CA ALA E 111 16.18 -53.12 34.96
C ALA E 111 16.44 -53.37 36.45
N GLY E 112 16.18 -52.36 37.29
CA GLY E 112 16.11 -52.53 38.76
C GLY E 112 17.39 -52.81 39.52
N VAL E 113 18.54 -52.62 38.88
CA VAL E 113 19.85 -52.81 39.49
C VAL E 113 20.17 -51.62 40.38
N TYR E 114 20.43 -51.90 41.66
CA TYR E 114 20.83 -50.89 42.65
C TYR E 114 22.26 -51.12 43.12
N ALA E 115 23.11 -50.12 42.88
CA ALA E 115 24.47 -50.05 43.44
C ALA E 115 24.66 -48.71 44.10
N ARG E 116 25.54 -48.62 45.10
CA ARG E 116 25.99 -47.33 45.61
C ARG E 116 27.09 -46.84 44.67
N ALA E 117 27.44 -45.57 44.76
CA ALA E 117 28.39 -44.98 43.83
C ALA E 117 29.83 -45.31 44.19
N ASN E 118 30.76 -45.11 43.26
CA ASN E 118 32.22 -45.29 43.46
C ASN E 118 32.67 -44.36 44.59
N THR E 119 33.19 -44.92 45.68
CA THR E 119 33.55 -44.09 46.84
C THR E 119 34.65 -43.05 46.55
N LYS E 120 35.43 -43.26 45.49
CA LYS E 120 36.41 -42.26 45.13
C LYS E 120 35.76 -41.05 44.42
N ILE E 121 34.58 -41.25 43.81
CA ILE E 121 33.89 -40.21 43.03
C ILE E 121 33.74 -38.87 43.80
N PHE E 122 33.45 -38.96 45.11
CA PHE E 122 33.05 -37.80 45.93
C PHE E 122 34.17 -36.77 46.16
N SER E 123 35.41 -37.24 46.26
CA SER E 123 36.54 -36.36 46.59
C SER E 123 36.93 -35.36 45.50
N ALA E 124 36.74 -35.74 44.24
CA ALA E 124 37.13 -34.92 43.08
C ALA E 124 35.99 -34.06 42.50
N SER E 125 34.76 -34.55 42.71
CA SER E 125 33.54 -34.20 41.93
C SER E 125 33.30 -32.73 41.63
N GLY E 126 33.57 -31.87 42.61
CA GLY E 126 33.24 -30.46 42.50
C GLY E 126 32.23 -29.99 43.54
N ILE E 127 31.96 -30.83 44.53
CA ILE E 127 31.12 -30.43 45.68
C ILE E 127 31.60 -30.94 47.06
N GLU E 128 31.58 -30.02 48.05
CA GLU E 128 31.87 -30.32 49.45
C GLU E 128 30.77 -31.25 49.97
N TRP E 129 30.97 -32.57 49.85
CA TRP E 129 29.98 -33.56 50.31
C TRP E 129 30.11 -33.75 51.82
N ASP E 130 28.98 -33.89 52.51
CA ASP E 130 28.95 -34.26 53.93
C ASP E 130 28.71 -35.76 53.96
N MET E 131 29.80 -36.52 54.07
CA MET E 131 29.76 -37.98 53.91
C MET E 131 29.00 -38.76 54.98
N ASP E 132 28.85 -38.21 56.18
CA ASP E 132 27.95 -38.80 57.19
C ASP E 132 26.51 -38.69 56.64
N LEU E 133 26.23 -37.61 55.90
CA LEU E 133 24.92 -37.37 55.29
C LEU E 133 24.70 -38.18 54.02
N VAL E 134 25.76 -38.41 53.27
CA VAL E 134 25.64 -39.22 52.06
C VAL E 134 25.13 -40.62 52.46
N ASN E 135 25.92 -41.32 53.29
CA ASN E 135 25.67 -42.69 53.70
C ASN E 135 24.38 -42.91 54.47
N GLN E 136 24.02 -41.92 55.27
CA GLN E 136 22.76 -41.90 55.97
C GLN E 136 21.58 -42.00 54.97
N THR E 137 21.70 -41.31 53.84
CA THR E 137 20.67 -41.26 52.79
C THR E 137 20.60 -42.57 52.01
N TYR E 138 21.76 -43.12 51.70
CA TYR E 138 21.80 -44.43 51.09
C TYR E 138 21.01 -45.39 51.97
N ASP E 139 21.27 -45.36 53.29
CA ASP E 139 20.49 -46.14 54.30
C ASP E 139 18.99 -45.89 54.14
N TRP E 140 18.63 -44.60 54.08
CA TRP E 140 17.25 -44.16 53.98
C TRP E 140 16.56 -44.63 52.72
N VAL E 141 17.17 -44.46 51.55
CA VAL E 141 16.59 -45.10 50.37
C VAL E 141 16.56 -46.60 50.59
N GLU E 142 17.73 -47.21 50.80
CA GLU E 142 17.89 -48.69 50.82
C GLU E 142 16.95 -49.44 51.77
N ASP E 143 16.60 -48.83 52.90
CA ASP E 143 15.68 -49.48 53.80
C ASP E 143 14.24 -49.44 53.28
N THR E 144 14.02 -48.76 52.15
CA THR E 144 12.66 -48.59 51.62
C THR E 144 12.39 -49.34 50.32
N ILE E 145 13.35 -49.32 49.38
CA ILE E 145 13.11 -49.89 48.03
C ILE E 145 14.16 -50.89 47.50
N VAL E 146 15.24 -51.08 48.27
CA VAL E 146 16.32 -51.98 47.86
C VAL E 146 16.29 -53.31 48.60
N TYR E 147 16.55 -54.40 47.87
CA TYR E 147 16.32 -55.76 48.38
C TYR E 147 17.49 -56.65 48.08
N LYS E 148 17.80 -57.57 48.99
CA LYS E 148 18.83 -58.60 48.77
C LYS E 148 18.24 -59.71 47.91
N PRO E 149 18.75 -59.85 46.66
CA PRO E 149 18.08 -60.74 45.71
C PRO E 149 18.27 -62.23 45.99
N ASP E 150 17.63 -63.06 45.18
CA ASP E 150 17.68 -64.51 45.39
C ASP E 150 18.54 -65.24 44.38
N LYS E 151 19.12 -66.35 44.81
CA LYS E 151 19.79 -67.25 43.89
C LYS E 151 18.93 -67.32 42.63
N GLN E 152 19.55 -67.09 41.47
CA GLN E 152 18.90 -67.29 40.16
C GLN E 152 19.81 -68.15 39.31
N ALA E 153 19.24 -69.16 38.66
CA ALA E 153 20.01 -70.13 37.86
C ALA E 153 21.06 -69.50 36.95
N TRP E 154 20.62 -68.67 36.00
CA TRP E 154 21.53 -68.07 35.02
C TRP E 154 22.51 -67.06 35.62
N GLN E 155 22.07 -66.33 36.64
CA GLN E 155 22.91 -65.33 37.29
C GLN E 155 24.09 -65.97 37.98
N SER E 156 23.86 -66.97 38.83
CA SER E 156 24.99 -67.53 39.58
C SER E 156 25.89 -68.36 38.66
N LEU E 157 25.34 -68.74 37.52
CA LEU E 157 26.16 -69.24 36.44
C LEU E 157 27.11 -68.16 35.92
N THR E 158 26.57 -66.97 35.68
CA THR E 158 27.35 -65.80 35.27
C THR E 158 28.41 -65.48 36.32
N LYS E 159 28.05 -65.62 37.59
CA LYS E 159 28.95 -65.32 38.69
C LYS E 159 30.17 -66.21 38.54
N THR E 160 29.95 -67.51 38.38
CA THR E 160 31.10 -68.39 38.30
C THR E 160 31.90 -68.06 37.05
N ALA E 161 31.22 -67.75 35.96
CA ALA E 161 31.90 -67.41 34.70
C ALA E 161 32.82 -66.21 34.85
N PHE E 162 32.43 -65.28 35.71
CA PHE E 162 33.21 -64.08 35.96
C PHE E 162 34.45 -64.40 36.79
N LEU E 163 34.27 -65.16 37.87
CA LEU E 163 35.39 -65.62 38.69
C LEU E 163 36.37 -66.47 37.86
N GLU E 164 35.85 -67.36 37.03
CA GLU E 164 36.72 -68.10 36.13
C GLU E 164 37.49 -67.22 35.15
N ALA E 165 36.92 -66.07 34.79
CA ALA E 165 37.54 -65.19 33.79
C ALA E 165 38.54 -64.28 34.45
N GLY E 166 38.67 -64.40 35.76
CA GLY E 166 39.61 -63.58 36.54
C GLY E 166 39.09 -62.37 37.28
N VAL E 167 37.81 -62.02 37.13
CA VAL E 167 37.26 -60.82 37.74
C VAL E 167 37.18 -61.04 39.25
N LEU E 168 38.25 -60.71 39.95
CA LEU E 168 38.42 -61.06 41.36
C LEU E 168 38.62 -59.77 42.19
N PRO E 169 38.38 -59.78 43.52
CA PRO E 169 37.89 -60.79 44.48
C PRO E 169 36.45 -61.18 44.24
N ASP E 170 35.91 -62.09 45.03
CA ASP E 170 34.47 -62.30 45.10
C ASP E 170 33.93 -61.64 46.34
N ASN E 171 33.20 -60.56 46.10
CA ASN E 171 32.69 -59.71 47.19
C ASN E 171 31.37 -60.21 47.77
N GLY E 172 30.96 -61.43 47.44
CA GLY E 172 29.67 -61.97 47.87
C GLY E 172 28.50 -61.05 47.57
N PHE E 173 27.59 -60.87 48.54
CA PHE E 173 26.51 -59.90 48.34
C PHE E 173 26.93 -58.55 48.87
N SER E 174 27.00 -57.57 47.98
CA SER E 174 27.43 -56.26 48.40
C SER E 174 26.81 -55.15 47.58
N LEU E 175 26.68 -53.98 48.21
CA LEU E 175 26.02 -52.82 47.59
C LEU E 175 26.98 -51.76 47.06
N ASP E 176 28.29 -51.97 47.21
CA ASP E 176 29.29 -50.96 46.86
C ASP E 176 29.95 -51.25 45.52
N HIS E 177 30.16 -50.20 44.75
CA HIS E 177 30.81 -50.34 43.45
C HIS E 177 32.29 -50.57 43.71
N GLU E 178 32.71 -51.83 43.60
CA GLU E 178 34.13 -52.22 43.73
C GLU E 178 34.56 -53.20 42.64
N ALA E 179 35.77 -52.98 42.13
CA ALA E 179 36.38 -53.86 41.16
C ALA E 179 36.16 -55.31 41.52
N GLY E 180 35.74 -56.13 40.57
CA GLY E 180 35.54 -57.57 40.81
C GLY E 180 34.09 -58.03 40.80
N THR E 181 33.90 -59.35 40.92
CA THR E 181 32.58 -59.96 40.89
C THR E 181 31.89 -59.87 42.24
N ARG E 182 30.64 -59.42 42.22
CA ARG E 182 29.86 -59.31 43.42
C ARG E 182 28.44 -59.49 43.00
N LEU E 183 27.57 -59.73 43.98
CA LEU E 183 26.14 -59.86 43.81
C LEU E 183 25.55 -58.62 44.50
N THR E 184 24.76 -57.85 43.75
CA THR E 184 24.33 -56.53 44.20
C THR E 184 22.85 -56.49 44.49
N GLY E 185 22.42 -55.51 45.25
CA GLY E 185 21.01 -55.35 45.60
C GLY E 185 20.20 -54.86 44.41
N SER E 186 18.88 -55.03 44.52
CA SER E 186 17.95 -54.75 43.43
C SER E 186 16.71 -54.04 43.95
N THR E 187 16.08 -53.26 43.06
CA THR E 187 14.79 -52.64 43.39
C THR E 187 13.61 -53.54 42.93
N PHE E 188 13.92 -54.73 42.44
CA PHE E 188 12.90 -55.73 42.30
C PHE E 188 12.98 -56.64 43.53
N ASP E 189 11.86 -56.84 44.21
CA ASP E 189 11.85 -57.70 45.40
C ASP E 189 11.89 -59.22 45.05
N ASN E 190 11.69 -60.07 46.05
CA ASN E 190 11.83 -61.51 45.86
C ASN E 190 10.52 -62.18 45.45
N ASN E 191 9.43 -61.41 45.41
CA ASN E 191 8.20 -61.85 44.76
C ASN E 191 8.24 -61.53 43.27
N GLY E 192 9.05 -60.50 42.96
CA GLY E 192 9.23 -60.00 41.60
C GLY E 192 8.49 -58.69 41.41
N THR E 193 8.25 -57.98 42.51
CA THR E 193 7.53 -56.69 42.51
C THR E 193 8.56 -55.58 42.41
N ARG E 194 8.25 -54.57 41.58
CA ARG E 194 9.11 -53.39 41.46
C ARG E 194 8.90 -52.39 42.57
N HIS E 195 9.95 -51.64 42.89
CA HIS E 195 9.90 -50.56 43.83
C HIS E 195 10.73 -49.37 43.35
N ALA E 196 10.10 -48.26 43.18
CA ALA E 196 10.73 -47.13 42.67
C ALA E 196 10.75 -46.01 43.63
N SER E 197 11.16 -44.92 43.06
CA SER E 197 11.37 -43.67 43.68
C SER E 197 10.12 -42.99 43.97
N ASP E 198 8.99 -43.56 43.64
CA ASP E 198 7.73 -42.93 43.91
C ASP E 198 7.23 -43.32 45.26
N GLU E 199 7.63 -44.49 45.68
CA GLU E 199 7.30 -44.98 47.01
C GLU E 199 8.02 -44.13 48.05
N LEU E 200 9.07 -43.44 47.59
CA LEU E 200 9.78 -42.47 48.42
C LEU E 200 8.90 -41.30 48.82
N LEU E 201 7.83 -41.08 48.05
CA LEU E 201 6.88 -40.04 48.34
C LEU E 201 6.16 -40.27 49.68
N ASN E 202 5.91 -41.54 50.01
CA ASN E 202 5.36 -41.95 51.31
C ASN E 202 6.13 -41.44 52.52
N LYS E 203 7.43 -41.26 52.35
CA LYS E 203 8.29 -40.80 53.43
C LYS E 203 8.03 -39.32 53.78
N GLY E 204 7.43 -38.60 52.84
CA GLY E 204 7.09 -37.23 53.10
C GLY E 204 5.98 -37.09 54.11
N ASP E 205 5.38 -35.91 54.11
CA ASP E 205 4.31 -35.56 55.00
C ASP E 205 3.09 -35.26 54.11
N PRO E 206 2.04 -36.10 54.20
CA PRO E 206 0.91 -36.05 53.27
C PRO E 206 0.12 -34.79 53.44
N ASN E 207 0.45 -34.07 54.51
CA ASN E 207 -0.25 -32.85 54.86
C ASN E 207 0.42 -31.66 54.22
N ASN E 208 1.68 -31.85 53.85
CA ASN E 208 2.46 -30.84 53.16
C ASN E 208 2.67 -31.16 51.68
N LEU E 209 2.56 -32.44 51.33
CA LEU E 209 2.95 -32.86 49.98
C LEU E 209 1.81 -32.90 48.98
N ARG E 210 1.99 -32.26 47.84
CA ARG E 210 1.02 -32.44 46.78
C ARG E 210 1.73 -32.94 45.52
N VAL E 211 1.17 -34.00 44.92
CA VAL E 211 1.71 -34.55 43.70
C VAL E 211 0.72 -34.37 42.55
N ALA E 212 1.25 -34.01 41.38
CA ALA E 212 0.37 -33.78 40.24
C ALA E 212 0.84 -34.44 38.95
N VAL E 213 0.00 -35.35 38.47
CA VAL E 213 0.31 -36.08 37.26
C VAL E 213 -0.31 -35.40 36.06
N HIS E 214 0.17 -35.75 34.87
CA HIS E 214 -0.25 -35.16 33.62
C HIS E 214 -0.14 -33.65 33.70
N ALA E 215 0.96 -33.21 34.29
CA ALA E 215 1.33 -31.82 34.38
C ALA E 215 2.58 -31.60 33.54
N SER E 216 2.37 -31.14 32.30
CA SER E 216 3.48 -30.87 31.38
C SER E 216 3.96 -29.45 31.59
N VAL E 217 5.16 -29.31 32.14
CA VAL E 217 5.77 -28.02 32.41
C VAL E 217 6.43 -27.40 31.18
N GLU E 218 5.95 -26.21 30.83
CA GLU E 218 6.31 -25.53 29.60
C GLU E 218 7.24 -24.34 29.75
N LYS E 219 7.34 -23.76 30.94
CA LYS E 219 8.14 -22.56 31.10
C LYS E 219 8.42 -22.34 32.57
N ILE E 220 9.58 -21.79 32.88
CA ILE E 220 9.86 -21.27 34.21
C ILE E 220 9.70 -19.74 34.16
N ILE E 221 8.89 -19.18 35.03
CA ILE E 221 8.68 -17.75 35.04
C ILE E 221 9.74 -17.10 35.90
N PHE E 222 10.20 -15.92 35.48
CA PHE E 222 11.23 -15.17 36.19
C PHE E 222 10.74 -13.79 36.58
N SER E 223 11.50 -13.13 37.43
CA SER E 223 11.28 -11.73 37.79
C SER E 223 12.60 -11.06 38.01
N SER E 224 12.66 -9.79 37.62
CA SER E 224 13.87 -8.98 37.75
C SER E 224 13.78 -8.16 39.02
N ASN E 225 13.59 -8.89 40.12
CA ASN E 225 13.54 -8.33 41.47
C ASN E 225 13.96 -9.36 42.55
N SER E 226 14.87 -8.97 43.46
CA SER E 226 15.60 -7.68 43.43
C SER E 226 17.00 -7.81 44.08
N SER E 227 18.06 -7.45 43.35
CA SER E 227 17.96 -6.86 42.01
C SER E 227 17.74 -7.94 40.94
N GLY E 228 18.81 -8.72 40.69
CA GLY E 228 18.87 -9.73 39.62
C GLY E 228 17.75 -10.77 39.56
N VAL E 229 17.79 -11.57 38.51
CA VAL E 229 16.78 -12.58 38.24
C VAL E 229 16.47 -13.47 39.44
N THR E 230 15.26 -14.00 39.44
CA THR E 230 14.79 -14.90 40.47
C THR E 230 13.68 -15.67 39.81
N ALA E 231 13.66 -16.98 40.02
CA ALA E 231 12.56 -17.84 39.53
C ALA E 231 11.38 -17.60 40.44
N ILE E 232 10.20 -17.38 39.83
CA ILE E 232 8.98 -17.06 40.61
C ILE E 232 7.88 -18.10 40.56
N GLY E 233 7.97 -19.01 39.61
CA GLY E 233 7.05 -20.13 39.53
C GLY E 233 7.17 -20.81 38.19
N VAL E 234 6.23 -21.69 37.87
CA VAL E 234 6.23 -22.36 36.57
C VAL E 234 4.83 -22.40 35.97
N ILE E 235 4.74 -22.51 34.65
CA ILE E 235 3.47 -22.74 34.01
C ILE E 235 3.46 -24.18 33.53
N TYR E 236 2.35 -24.88 33.78
CA TYR E 236 2.16 -26.21 33.23
C TYR E 236 0.79 -26.36 32.58
N LYS E 237 0.72 -27.26 31.60
CA LYS E 237 -0.53 -27.58 30.94
C LYS E 237 -1.12 -28.90 31.48
N ASP E 238 -2.42 -28.89 31.77
CA ASP E 238 -3.19 -30.09 32.11
C ASP E 238 -3.60 -30.85 30.84
N SER E 239 -4.28 -31.99 31.02
CA SER E 239 -4.58 -32.88 29.89
C SER E 239 -5.58 -32.28 28.92
N ASN E 240 -6.38 -31.33 29.41
CA ASN E 240 -7.46 -30.71 28.63
C ASN E 240 -6.95 -29.62 27.71
N GLY E 241 -5.77 -29.09 28.01
CA GLY E 241 -5.18 -27.99 27.24
C GLY E 241 -4.96 -26.81 28.16
N THR E 242 -5.75 -26.76 29.25
CA THR E 242 -5.79 -25.62 30.17
C THR E 242 -4.44 -25.39 30.88
N PRO E 243 -3.90 -24.15 30.82
CA PRO E 243 -2.60 -23.90 31.46
C PRO E 243 -2.71 -23.40 32.92
N HIS E 244 -1.97 -24.03 33.81
CA HIS E 244 -1.96 -23.69 35.24
C HIS E 244 -0.70 -22.96 35.64
N GLN E 245 -0.77 -22.24 36.75
CA GLN E 245 0.41 -21.62 37.33
C GLN E 245 0.78 -22.18 38.71
N ALA E 246 2.06 -22.34 38.98
CA ALA E 246 2.51 -22.58 40.36
C ALA E 246 3.54 -21.51 40.79
N PHE E 247 3.29 -20.87 41.93
CA PHE E 247 4.20 -19.86 42.45
C PHE E 247 4.90 -20.29 43.75
N VAL E 248 6.11 -19.79 43.95
CA VAL E 248 6.86 -19.98 45.19
C VAL E 248 6.84 -18.75 46.11
N ARG E 249 6.42 -18.94 47.36
CA ARG E 249 6.41 -17.90 48.39
C ARG E 249 7.79 -17.32 48.71
N GLY E 250 7.82 -16.32 49.60
CA GLY E 250 9.07 -15.74 50.12
C GLY E 250 10.02 -16.84 50.55
N GLU E 251 11.16 -16.94 49.85
CA GLU E 251 12.22 -17.95 50.12
C GLU E 251 12.08 -19.34 49.49
N GLY E 252 11.16 -19.47 48.53
CA GLY E 252 10.94 -20.72 47.80
C GLY E 252 11.86 -20.94 46.61
N GLU E 253 11.55 -21.94 45.78
CA GLU E 253 12.28 -22.39 44.55
C GLU E 253 11.54 -23.72 44.36
N VAL E 254 11.17 -24.14 43.17
CA VAL E 254 11.84 -24.25 41.88
C VAL E 254 13.17 -24.91 41.80
N ILE E 255 13.08 -26.22 41.85
CA ILE E 255 14.14 -27.15 41.64
C ILE E 255 13.63 -27.82 40.42
N VAL E 256 14.48 -28.12 39.46
CA VAL E 256 14.01 -28.77 38.26
C VAL E 256 14.62 -30.12 38.27
N SER E 257 13.79 -31.14 38.16
CA SER E 257 14.26 -32.52 38.23
C SER E 257 13.85 -33.37 37.04
N ALA E 258 14.00 -32.83 35.84
CA ALA E 258 13.37 -33.43 34.65
C ALA E 258 14.18 -34.44 33.82
N GLY E 259 15.43 -34.67 34.19
CA GLY E 259 16.24 -35.69 33.53
C GLY E 259 17.29 -35.05 32.66
N PRO E 260 18.34 -35.82 32.24
CA PRO E 260 19.39 -35.28 31.34
C PRO E 260 18.77 -34.70 30.07
N ILE E 261 17.53 -35.09 29.76
CA ILE E 261 16.86 -34.57 28.60
C ILE E 261 15.83 -33.47 28.93
N GLY E 262 15.02 -33.66 29.97
CA GLY E 262 13.99 -32.69 30.24
C GLY E 262 14.46 -31.36 30.80
N SER E 263 15.46 -31.40 31.68
CA SER E 263 15.96 -30.17 32.30
C SER E 263 16.64 -29.19 31.32
N PRO E 264 17.68 -29.64 30.57
CA PRO E 264 18.19 -28.72 29.57
C PRO E 264 17.06 -28.17 28.71
N GLN E 265 16.16 -29.05 28.23
CA GLN E 265 15.06 -28.59 27.41
C GLN E 265 14.27 -27.45 28.04
N LEU E 266 13.65 -27.73 29.19
CA LEU E 266 12.87 -26.73 29.93
C LEU E 266 13.67 -25.46 30.20
N LEU E 267 14.92 -25.63 30.61
CA LEU E 267 15.78 -24.50 30.82
C LEU E 267 15.86 -23.62 29.59
N LEU E 268 16.31 -24.18 28.46
CA LEU E 268 16.37 -23.43 27.17
C LEU E 268 15.04 -22.80 26.72
N LEU E 269 13.91 -23.44 27.03
CA LEU E 269 12.60 -22.92 26.67
C LEU E 269 12.23 -21.68 27.48
N SER E 270 12.72 -21.64 28.71
CA SER E 270 12.49 -20.53 29.63
C SER E 270 13.41 -19.35 29.39
N GLY E 271 14.57 -19.60 28.76
CA GLY E 271 15.45 -18.51 28.29
C GLY E 271 16.76 -18.44 29.04
N VAL E 272 17.14 -19.60 29.58
CA VAL E 272 18.32 -19.76 30.41
C VAL E 272 19.15 -20.70 29.59
N GLY E 273 20.22 -20.17 29.01
CA GLY E 273 21.04 -20.87 28.01
C GLY E 273 21.79 -19.90 27.10
N PRO E 274 22.45 -20.40 26.03
CA PRO E 274 23.34 -19.54 25.23
C PRO E 274 22.65 -18.38 24.49
N GLU E 275 23.17 -17.16 24.64
CA GLU E 275 22.59 -15.96 24.00
C GLU E 275 22.18 -16.15 22.50
N SER E 276 23.14 -16.48 21.63
CA SER E 276 22.84 -16.54 20.20
C SER E 276 21.97 -17.76 19.81
N TYR E 277 22.18 -18.89 20.47
CA TYR E 277 21.31 -20.04 20.24
C TYR E 277 19.83 -19.74 20.59
N LEU E 278 19.58 -18.93 21.61
CA LEU E 278 18.21 -18.55 21.94
C LEU E 278 17.65 -17.51 20.97
N SER E 279 18.45 -16.49 20.62
CA SER E 279 18.06 -15.43 19.68
C SER E 279 17.74 -15.97 18.28
N SER E 280 18.38 -17.10 17.94
CA SER E 280 18.15 -17.77 16.65
C SER E 280 16.81 -18.48 16.64
N LEU E 281 16.22 -18.63 17.83
CA LEU E 281 14.92 -19.28 17.96
C LEU E 281 13.89 -18.31 18.50
N ASN E 282 14.32 -17.07 18.70
CA ASN E 282 13.48 -16.01 19.28
C ASN E 282 13.05 -16.26 20.72
N ILE E 283 13.67 -17.21 21.42
CA ILE E 283 13.37 -17.35 22.84
C ILE E 283 14.05 -16.22 23.61
N PRO E 284 13.28 -15.32 24.23
CA PRO E 284 13.92 -14.18 24.89
C PRO E 284 14.88 -14.66 25.97
N VAL E 285 16.05 -14.03 26.03
CA VAL E 285 17.14 -14.43 26.91
C VAL E 285 16.98 -13.87 28.31
N VAL E 286 16.79 -14.74 29.30
CA VAL E 286 16.70 -14.28 30.69
C VAL E 286 18.07 -13.98 31.30
N LEU E 287 18.90 -15.01 31.53
CA LEU E 287 20.34 -14.86 31.74
C LEU E 287 21.05 -15.74 30.71
N SER E 288 22.25 -15.33 30.30
CA SER E 288 23.07 -16.14 29.40
C SER E 288 23.90 -17.21 30.10
N HIS E 289 23.76 -18.44 29.64
CA HIS E 289 24.41 -19.59 30.23
C HIS E 289 24.94 -20.49 29.10
N PRO E 290 26.16 -20.21 28.59
CA PRO E 290 26.60 -20.91 27.38
C PRO E 290 26.60 -22.44 27.48
N TYR E 291 26.59 -23.00 28.67
CA TYR E 291 26.77 -24.46 28.81
C TYR E 291 25.49 -25.29 29.05
N VAL E 292 24.34 -24.64 29.13
CA VAL E 292 23.11 -25.37 29.19
C VAL E 292 22.95 -26.07 27.85
N GLY E 293 22.79 -27.38 27.88
CA GLY E 293 22.66 -28.17 26.68
C GLY E 293 23.98 -28.72 26.18
N GLN E 294 25.07 -28.39 26.87
CA GLN E 294 26.40 -28.89 26.53
C GLN E 294 26.83 -30.03 27.46
N PHE E 295 27.74 -30.88 27.00
CA PHE E 295 28.28 -32.00 27.78
C PHE E 295 27.27 -33.10 28.13
N LEU E 296 26.59 -33.62 27.09
CA LEU E 296 25.75 -34.83 27.24
C LEU E 296 26.59 -36.06 27.03
N HIS E 297 26.54 -36.96 27.99
CA HIS E 297 27.32 -38.19 27.97
C HIS E 297 26.38 -39.36 27.97
N ASP E 298 26.68 -40.36 27.15
CA ASP E 298 26.01 -41.66 27.17
C ASP E 298 27.05 -42.80 27.04
N ASN E 299 27.23 -43.56 28.11
CA ASN E 299 28.13 -44.71 28.08
C ASN E 299 27.58 -45.74 27.12
N PRO E 300 28.43 -46.18 26.17
CA PRO E 300 28.08 -47.10 25.09
C PRO E 300 27.95 -48.51 25.62
N ARG E 301 26.91 -49.20 25.17
CA ARG E 301 26.65 -50.57 25.56
C ARG E 301 27.07 -51.49 24.42
N ASN E 302 28.03 -52.36 24.68
CA ASN E 302 28.39 -53.39 23.71
C ASN E 302 28.12 -54.77 24.25
N PHE E 303 27.70 -55.67 23.37
CA PHE E 303 27.11 -56.92 23.85
C PHE E 303 27.38 -58.16 22.99
N ILE E 304 27.06 -59.33 23.54
CA ILE E 304 26.93 -60.56 22.77
C ILE E 304 25.69 -61.29 23.23
N ASN E 305 24.86 -61.62 22.25
CA ASN E 305 23.66 -62.41 22.43
C ASN E 305 23.96 -63.86 22.09
N ILE E 306 23.61 -64.81 22.95
CA ILE E 306 23.81 -66.22 22.58
C ILE E 306 22.51 -67.02 22.61
N LEU E 307 22.45 -68.02 21.74
CA LEU E 307 21.30 -68.93 21.63
C LEU E 307 21.74 -70.37 21.85
N PRO E 308 21.62 -70.86 23.11
CA PRO E 308 22.02 -72.20 23.56
C PRO E 308 21.05 -73.27 23.05
N PRO E 309 21.53 -74.54 22.94
CA PRO E 309 20.69 -75.67 22.55
C PRO E 309 19.45 -75.86 23.43
N ASN E 310 19.62 -75.90 24.75
CA ASN E 310 18.49 -76.07 25.67
C ASN E 310 18.12 -74.73 26.21
N PRO E 311 16.88 -74.59 26.74
CA PRO E 311 16.43 -73.30 27.28
C PRO E 311 17.04 -72.89 28.66
N ILE E 312 17.10 -71.59 28.90
CA ILE E 312 17.51 -71.06 30.23
C ILE E 312 16.35 -70.31 30.89
N GLU E 313 16.46 -70.03 32.20
CA GLU E 313 15.40 -69.28 32.87
C GLU E 313 15.64 -67.79 32.73
N PRO E 314 14.56 -67.03 32.52
CA PRO E 314 14.72 -65.59 32.52
C PRO E 314 15.14 -65.08 33.89
N SER E 315 16.13 -64.20 33.93
CA SER E 315 16.60 -63.55 35.17
C SER E 315 16.52 -62.00 35.20
N THR E 316 16.33 -61.43 36.39
CA THR E 316 16.63 -60.01 36.64
C THR E 316 18.12 -59.84 37.00
N VAL E 317 18.78 -58.83 36.44
CA VAL E 317 20.23 -58.71 36.60
C VAL E 317 20.69 -58.34 38.02
N THR E 318 21.48 -59.21 38.64
CA THR E 318 21.95 -59.01 40.02
C THR E 318 23.41 -59.37 40.24
N VAL E 319 24.04 -59.98 39.23
CA VAL E 319 25.47 -60.24 39.33
C VAL E 319 26.30 -59.45 38.32
N LEU E 320 27.24 -58.67 38.84
CA LEU E 320 28.08 -57.78 38.09
C LEU E 320 29.56 -58.11 38.23
N GLY E 321 30.29 -58.08 37.10
CA GLY E 321 31.75 -58.16 37.08
C GLY E 321 32.37 -56.78 36.85
N ILE E 322 32.69 -56.10 37.94
CA ILE E 322 33.22 -54.74 37.88
C ILE E 322 34.72 -54.66 37.66
N THR E 323 35.14 -53.92 36.64
CA THR E 323 36.55 -53.67 36.41
C THR E 323 36.77 -52.14 36.36
N SER E 324 38.02 -51.70 36.54
CA SER E 324 38.35 -50.26 36.62
C SER E 324 37.89 -49.56 35.35
N ASN E 325 38.23 -50.13 34.20
CA ASN E 325 37.97 -49.51 32.93
C ASN E 325 36.61 -49.77 32.26
N PHE E 326 35.76 -50.62 32.85
CA PHE E 326 34.48 -51.04 32.22
C PHE E 326 33.80 -52.08 33.09
N TYR E 327 32.50 -52.23 32.90
CA TYR E 327 31.69 -53.06 33.78
C TYR E 327 30.83 -53.95 32.93
N GLN E 328 30.39 -55.07 33.49
CA GLN E 328 29.74 -56.13 32.73
C GLN E 328 28.75 -56.89 33.55
N CYS E 329 27.73 -57.40 32.88
CA CYS E 329 26.68 -58.19 33.51
C CYS E 329 26.00 -59.03 32.43
N SER E 330 25.05 -59.87 32.84
CA SER E 330 24.35 -60.77 31.90
C SER E 330 22.85 -60.84 32.15
N PHE E 331 22.09 -60.56 31.08
CA PHE E 331 20.65 -60.59 31.13
C PHE E 331 20.14 -61.85 30.39
N SER E 332 19.23 -62.58 31.03
CA SER E 332 18.57 -63.75 30.39
C SER E 332 17.07 -63.48 30.10
N SER E 333 16.57 -64.02 28.99
CA SER E 333 15.23 -63.67 28.52
C SER E 333 14.55 -64.69 27.65
N LEU E 334 13.22 -64.64 27.72
CA LEU E 334 12.37 -65.34 26.77
C LEU E 334 12.64 -64.75 25.40
N PRO E 335 12.14 -65.41 24.34
CA PRO E 335 12.26 -64.84 23.00
C PRO E 335 11.48 -63.52 22.90
N PHE E 336 11.79 -62.71 21.87
CA PHE E 336 11.02 -61.50 21.57
C PHE E 336 10.23 -61.71 20.29
N SER E 337 8.90 -61.67 20.37
CA SER E 337 8.07 -61.68 19.16
C SER E 337 7.83 -60.27 18.62
N ILE E 338 7.85 -59.27 19.50
CA ILE E 338 7.76 -57.85 19.13
C ILE E 338 9.02 -57.14 19.62
N PRO E 339 9.77 -56.46 18.72
CA PRO E 339 11.04 -55.84 19.17
C PRO E 339 10.82 -54.91 20.35
N PRO E 340 11.64 -55.04 21.41
CA PRO E 340 11.65 -54.11 22.53
C PRO E 340 12.62 -52.99 22.23
N PHE E 341 12.12 -51.74 22.23
CA PHE E 341 12.86 -50.58 21.73
C PHE E 341 14.01 -50.24 22.63
N ALA E 342 15.13 -49.89 22.00
CA ALA E 342 16.33 -49.41 22.67
C ALA E 342 17.13 -50.53 23.28
N PHE E 343 16.58 -51.73 23.27
CA PHE E 343 17.31 -52.90 23.74
C PHE E 343 18.33 -53.18 22.66
N PHE E 344 17.87 -53.30 21.43
CA PHE E 344 18.77 -53.38 20.31
C PHE E 344 18.81 -51.99 19.65
N PRO E 345 19.99 -51.57 19.16
CA PRO E 345 20.22 -50.16 18.82
C PRO E 345 19.39 -49.66 17.64
N ASN E 346 18.93 -50.55 16.79
CA ASN E 346 18.02 -50.16 15.70
C ASN E 346 16.86 -51.11 15.58
N PRO E 347 15.70 -50.63 15.05
CA PRO E 347 14.50 -51.50 15.09
C PRO E 347 14.60 -52.65 14.09
N THR E 348 15.56 -52.56 13.16
CA THR E 348 15.72 -53.53 12.08
C THR E 348 16.50 -54.79 12.44
N TYR E 349 16.79 -54.97 13.71
CA TYR E 349 17.65 -56.01 14.22
C TYR E 349 16.89 -57.34 14.29
N PRO E 350 17.61 -58.50 14.13
CA PRO E 350 16.98 -59.84 14.24
C PRO E 350 16.53 -60.13 15.65
N LEU E 351 15.36 -60.71 15.81
CA LEU E 351 14.83 -61.04 17.14
C LEU E 351 15.08 -62.49 17.54
N PRO E 352 15.28 -62.73 18.85
CA PRO E 352 15.46 -64.10 19.28
C PRO E 352 14.16 -64.91 19.23
N ASN E 353 14.13 -65.96 18.40
CA ASN E 353 13.00 -66.90 18.36
C ASN E 353 13.08 -67.91 19.50
N SER E 354 14.08 -67.78 20.36
CA SER E 354 14.25 -68.71 21.47
C SER E 354 14.90 -68.03 22.67
N THR E 355 14.71 -68.59 23.87
CA THR E 355 15.38 -68.08 25.09
C THR E 355 16.84 -67.78 24.82
N PHE E 356 17.33 -66.65 25.30
CA PHE E 356 18.70 -66.21 24.99
C PHE E 356 19.38 -65.53 26.18
N ALA E 357 20.69 -65.33 26.05
CA ALA E 357 21.49 -64.64 27.05
C ALA E 357 22.27 -63.51 26.43
N HIS E 358 22.18 -62.35 27.07
CA HIS E 358 22.78 -61.10 26.64
C HIS E 358 23.94 -60.82 27.61
N PHE E 359 25.16 -60.71 27.07
CA PHE E 359 26.32 -60.33 27.89
C PHE E 359 26.70 -58.94 27.55
N VAL E 360 26.53 -58.07 28.53
CA VAL E 360 26.71 -56.66 28.33
C VAL E 360 27.97 -56.11 28.92
N ASN E 361 28.41 -55.04 28.28
CA ASN E 361 29.59 -54.32 28.66
C ASN E 361 29.30 -52.80 28.60
N LYS E 362 29.68 -52.11 29.66
CA LYS E 362 29.48 -50.69 29.83
C LYS E 362 30.84 -50.09 30.00
N VAL E 363 31.05 -48.91 29.45
CA VAL E 363 32.34 -48.26 29.53
C VAL E 363 32.25 -47.01 30.42
N PRO E 364 33.21 -46.86 31.37
CA PRO E 364 33.34 -45.71 32.30
C PRO E 364 33.48 -44.40 31.60
N GLY E 365 33.07 -43.35 32.30
CA GLY E 365 32.98 -42.01 31.76
C GLY E 365 31.56 -41.81 31.32
N PRO E 366 31.31 -41.79 30.00
CA PRO E 366 32.38 -41.87 29.02
C PRO E 366 33.05 -40.52 28.93
N LEU E 367 34.17 -40.47 28.18
CA LEU E 367 34.86 -39.24 27.89
C LEU E 367 34.20 -38.48 26.75
N SER E 368 33.70 -39.23 25.76
CA SER E 368 32.96 -38.67 24.62
C SER E 368 31.67 -37.96 25.03
N TYR E 369 31.34 -36.88 24.32
CA TYR E 369 30.18 -36.05 24.68
C TYR E 369 29.57 -35.28 23.51
N GLY E 370 28.28 -34.95 23.66
CA GLY E 370 27.54 -34.20 22.67
C GLY E 370 26.68 -33.09 23.25
N SER E 371 25.49 -32.89 22.70
CA SER E 371 24.77 -31.66 22.96
C SER E 371 23.25 -31.80 22.73
N ILE E 372 22.45 -31.21 23.62
CA ILE E 372 21.00 -31.10 23.42
C ILE E 372 20.73 -29.95 22.50
N THR E 373 19.94 -30.18 21.44
CA THR E 373 19.31 -29.06 20.72
C THR E 373 17.79 -29.22 20.69
N LEU E 374 17.12 -28.09 20.86
CA LEU E 374 15.68 -28.05 20.69
C LEU E 374 15.33 -28.12 19.22
N ASN E 375 14.18 -28.72 18.88
CA ASN E 375 13.66 -28.52 17.53
C ASN E 375 12.19 -28.06 17.37
N SER E 376 11.45 -27.90 18.46
CA SER E 376 10.16 -27.19 18.37
C SER E 376 10.25 -25.91 19.16
N ASP E 377 9.86 -24.81 18.48
CA ASP E 377 9.98 -23.42 18.97
C ASP E 377 9.93 -23.13 20.51
N SER E 378 9.01 -23.67 21.32
CA SER E 378 7.70 -24.29 21.03
C SER E 378 7.57 -25.53 21.90
N ASP E 379 6.97 -26.62 21.39
CA ASP E 379 6.34 -27.58 22.30
C ASP E 379 7.36 -28.37 23.10
N VAL E 380 7.21 -28.24 24.43
CA VAL E 380 7.96 -29.00 25.41
C VAL E 380 7.72 -30.48 25.19
N ARG E 381 6.65 -30.78 24.46
CA ARG E 381 6.23 -32.15 24.19
C ARG E 381 6.86 -32.74 22.93
N VAL E 382 7.67 -31.96 22.24
CA VAL E 382 8.43 -32.46 21.10
C VAL E 382 9.82 -32.84 21.58
N ALA E 383 10.23 -34.11 21.46
CA ALA E 383 11.52 -34.55 22.01
C ALA E 383 12.67 -33.72 21.43
N PRO E 384 13.53 -33.14 22.29
CA PRO E 384 14.71 -32.42 21.82
C PRO E 384 15.68 -33.37 21.12
N ASN E 385 16.60 -32.85 20.31
CA ASN E 385 17.66 -33.63 19.61
C ASN E 385 18.89 -33.92 20.47
N VAL E 386 19.38 -35.16 20.47
CA VAL E 386 20.63 -35.47 21.19
C VAL E 386 21.71 -36.09 20.34
N LYS E 387 22.94 -35.63 20.58
CA LYS E 387 24.20 -36.13 19.96
C LYS E 387 25.07 -36.60 21.13
N PHE E 388 25.55 -37.84 21.07
CA PHE E 388 26.30 -38.40 22.19
C PHE E 388 27.74 -38.68 21.83
N ASN E 389 28.04 -38.60 20.52
CA ASN E 389 29.38 -38.79 19.94
C ASN E 389 30.11 -40.06 20.37
N TYR E 390 29.39 -41.19 20.38
CA TYR E 390 29.97 -42.48 20.71
C TYR E 390 31.36 -42.72 20.09
N TYR E 391 32.28 -43.16 20.92
CA TYR E 391 33.63 -43.51 20.48
C TYR E 391 34.37 -42.40 19.73
N SER E 392 34.03 -41.16 20.05
CA SER E 392 34.71 -40.02 19.49
C SER E 392 36.07 -39.83 20.16
N ASN E 393 36.10 -40.06 21.47
CA ASN E 393 37.32 -39.87 22.23
C ASN E 393 38.04 -41.22 22.27
N SER E 394 39.22 -41.27 21.67
CA SER E 394 39.89 -42.54 21.44
C SER E 394 40.16 -43.38 22.70
N THR E 395 40.02 -42.79 23.88
CA THR E 395 40.19 -43.56 25.11
C THR E 395 38.95 -44.39 25.45
N ASP E 396 37.77 -43.96 25.02
CA ASP E 396 36.56 -44.73 25.32
C ASP E 396 36.58 -45.99 24.50
N LEU E 397 37.04 -45.86 23.25
CA LEU E 397 37.16 -47.00 22.37
C LEU E 397 38.23 -47.99 22.86
N ALA E 398 39.25 -47.50 23.55
CA ALA E 398 40.24 -48.42 24.13
C ALA E 398 39.49 -49.33 25.11
N HIS E 399 38.76 -48.74 26.04
CA HIS E 399 38.05 -49.52 27.06
C HIS E 399 37.04 -50.56 26.49
N CYS E 400 36.30 -50.17 25.44
CA CYS E 400 35.40 -51.09 24.74
C CYS E 400 36.14 -52.30 24.24
N VAL E 401 37.23 -52.09 23.50
CA VAL E 401 38.04 -53.21 23.02
C VAL E 401 38.41 -54.17 24.15
N SER E 402 38.95 -53.61 25.23
CA SER E 402 39.37 -54.40 26.38
C SER E 402 38.20 -55.19 26.95
N GLY E 403 37.06 -54.53 27.14
CA GLY E 403 35.85 -55.15 27.69
C GLY E 403 35.25 -56.27 26.87
N MET E 404 35.34 -56.18 25.54
CA MET E 404 34.82 -57.23 24.65
C MET E 404 35.74 -58.45 24.65
N LYS E 405 37.04 -58.18 24.74
CA LYS E 405 38.00 -59.22 25.01
C LYS E 405 37.60 -59.96 26.29
N LYS E 406 37.23 -59.21 27.32
CA LYS E 406 36.86 -59.85 28.59
C LYS E 406 35.63 -60.75 28.43
N ILE E 407 34.70 -60.32 27.58
CA ILE E 407 33.50 -61.12 27.30
C ILE E 407 33.95 -62.35 26.53
N GLY E 408 34.90 -62.14 25.60
CA GLY E 408 35.47 -63.22 24.80
C GLY E 408 36.15 -64.24 25.65
N GLU E 409 36.53 -63.83 26.85
CA GLU E 409 37.08 -64.72 27.85
C GLU E 409 35.98 -65.40 28.65
N LEU E 410 34.92 -64.66 29.00
CA LEU E 410 33.79 -65.27 29.70
C LEU E 410 33.32 -66.49 28.93
N LEU E 411 33.13 -66.29 27.63
CA LEU E 411 32.64 -67.35 26.77
C LEU E 411 33.60 -68.52 26.67
N SER E 412 34.89 -68.28 26.90
CA SER E 412 35.86 -69.38 26.97
C SER E 412 35.83 -70.19 28.29
N SER E 413 35.25 -69.65 29.35
CA SER E 413 35.32 -70.30 30.68
C SER E 413 34.53 -71.62 30.82
N ASP E 414 34.95 -72.48 31.74
CA ASP E 414 34.28 -73.77 31.95
C ASP E 414 32.78 -73.66 32.24
N ALA E 415 32.32 -72.46 32.61
CA ALA E 415 30.93 -72.23 33.04
C ALA E 415 29.97 -72.14 31.88
N LEU E 416 30.47 -71.56 30.79
CA LEU E 416 29.67 -71.39 29.59
C LEU E 416 29.84 -72.56 28.62
N LYS E 417 30.66 -73.54 28.99
CA LYS E 417 30.78 -74.76 28.20
C LYS E 417 29.40 -75.32 27.82
N PRO E 418 28.45 -75.40 28.78
CA PRO E 418 27.23 -76.14 28.45
C PRO E 418 26.30 -75.39 27.50
N TYR E 419 26.57 -74.11 27.28
CA TYR E 419 25.70 -73.26 26.47
C TYR E 419 26.18 -73.05 25.03
N LYS E 420 27.01 -73.95 24.55
CA LYS E 420 27.47 -73.93 23.16
C LYS E 420 26.68 -74.93 22.33
N VAL E 421 26.54 -74.63 21.04
CA VAL E 421 25.87 -75.51 20.10
C VAL E 421 26.80 -76.67 19.74
N GLU E 422 27.99 -76.33 19.27
CA GLU E 422 29.00 -77.31 18.92
C GLU E 422 30.12 -77.20 19.96
N ASP E 423 30.71 -78.34 20.32
CA ASP E 423 31.83 -78.38 21.28
C ASP E 423 33.19 -77.99 20.67
N LEU E 424 33.28 -76.75 20.16
CA LEU E 424 34.53 -76.19 19.65
C LEU E 424 35.34 -75.43 20.74
N PRO E 425 36.65 -75.27 20.55
CA PRO E 425 37.48 -74.59 21.56
C PRO E 425 37.34 -73.06 21.56
N GLY E 426 37.60 -72.44 22.72
CA GLY E 426 37.57 -70.98 22.90
C GLY E 426 36.21 -70.33 22.77
N ILE E 427 36.10 -69.35 21.88
CA ILE E 427 34.86 -68.57 21.74
C ILE E 427 33.97 -69.09 20.59
N ASP E 428 34.54 -70.05 19.85
CA ASP E 428 33.84 -70.74 18.76
C ASP E 428 32.73 -71.61 19.33
N GLY E 429 31.71 -71.86 18.53
CA GLY E 429 30.77 -72.91 18.90
C GLY E 429 29.49 -72.42 19.53
N PHE E 430 29.46 -71.15 19.91
CA PHE E 430 28.19 -70.54 20.26
C PHE E 430 27.43 -70.26 18.97
N ASP E 431 26.11 -70.16 19.09
CA ASP E 431 25.26 -69.75 17.99
C ASP E 431 24.89 -68.33 18.33
N ILE E 432 25.41 -67.38 17.57
CA ILE E 432 25.25 -65.95 17.91
C ILE E 432 24.08 -65.22 17.20
N LEU E 433 23.20 -64.61 18.01
CA LEU E 433 22.21 -63.69 17.49
C LEU E 433 22.86 -62.31 17.34
N GLY E 434 22.95 -61.82 16.10
CA GLY E 434 23.56 -60.52 15.82
C GLY E 434 25.03 -60.57 15.45
N ILE E 435 25.73 -59.47 15.65
CA ILE E 435 27.14 -59.38 15.27
C ILE E 435 28.03 -60.12 16.26
N PRO E 436 28.85 -61.09 15.77
CA PRO E 436 29.80 -61.88 16.59
C PRO E 436 31.04 -61.09 16.99
N LEU E 437 31.78 -61.58 17.98
CA LEU E 437 33.13 -61.08 18.21
C LEU E 437 34.03 -61.51 17.07
N PRO E 438 35.15 -60.80 16.86
CA PRO E 438 36.23 -61.23 15.97
C PRO E 438 36.81 -62.61 16.34
N GLU E 439 37.26 -63.38 15.33
CA GLU E 439 37.79 -64.76 15.49
C GLU E 439 39.10 -64.85 16.24
N ASN E 440 40.00 -63.89 15.98
CA ASN E 440 41.28 -63.79 16.68
C ASN E 440 41.22 -62.78 17.82
N GLN E 441 41.44 -63.27 19.03
CA GLN E 441 41.27 -62.46 20.25
C GLN E 441 42.21 -61.28 20.50
N THR E 442 43.37 -61.23 19.83
CA THR E 442 44.30 -60.08 19.94
C THR E 442 44.20 -59.11 18.75
N ASP E 443 43.20 -59.32 17.90
CA ASP E 443 42.95 -58.53 16.69
C ASP E 443 42.32 -57.16 16.99
N ASP E 444 43.11 -56.22 17.51
CA ASP E 444 42.61 -54.93 18.03
C ASP E 444 41.89 -54.07 17.00
N ALA E 445 42.26 -54.21 15.73
CA ALA E 445 41.65 -53.42 14.66
C ALA E 445 40.21 -53.82 14.51
N ALA E 446 40.00 -55.11 14.24
CA ALA E 446 38.68 -55.72 14.17
C ALA E 446 37.80 -55.32 15.37
N PHE E 447 38.34 -55.45 16.59
CA PHE E 447 37.62 -55.10 17.82
C PHE E 447 37.05 -53.71 17.86
N GLU E 448 37.80 -52.75 17.33
CA GLU E 448 37.38 -51.35 17.28
C GLU E 448 36.23 -51.18 16.32
N THR E 449 36.27 -51.92 15.23
CA THR E 449 35.20 -51.93 14.24
C THR E 449 33.93 -52.53 14.86
N PHE E 450 34.13 -53.56 15.67
CA PHE E 450 33.03 -54.20 16.35
C PHE E 450 32.44 -53.15 17.25
N CYS E 451 33.27 -52.56 18.10
CA CYS E 451 32.79 -51.59 19.04
C CYS E 451 32.00 -50.44 18.42
N ARG E 452 32.43 -49.98 17.25
CA ARG E 452 31.82 -48.82 16.60
C ARG E 452 30.52 -49.17 15.91
N GLU E 453 30.51 -50.28 15.18
CA GLU E 453 29.31 -50.72 14.44
C GLU E 453 28.19 -51.25 15.33
N ALA E 454 28.56 -52.05 16.32
CA ALA E 454 27.62 -52.79 17.16
C ALA E 454 27.18 -52.01 18.40
N VAL E 455 27.46 -50.70 18.46
CA VAL E 455 27.21 -49.96 19.68
C VAL E 455 25.73 -49.71 19.89
N ALA E 456 25.31 -49.64 21.16
CA ALA E 456 23.94 -49.32 21.54
C ALA E 456 24.03 -48.53 22.81
N SER E 457 22.91 -48.06 23.33
CA SER E 457 22.95 -47.30 24.58
C SER E 457 22.84 -48.18 25.83
N TYR E 458 23.53 -47.81 26.90
CA TYR E 458 23.36 -48.51 28.16
C TYR E 458 22.30 -47.81 28.98
N TRP E 459 21.72 -46.76 28.37
CA TRP E 459 20.57 -46.02 28.90
C TRP E 459 20.91 -45.10 30.08
N HIS E 460 22.20 -45.02 30.43
CA HIS E 460 22.66 -44.23 31.58
C HIS E 460 23.27 -42.91 31.12
N TYR E 461 22.55 -42.20 30.26
CA TYR E 461 22.96 -40.93 29.73
C TYR E 461 22.78 -39.98 30.87
N HIS E 462 23.57 -38.93 30.88
CA HIS E 462 23.66 -37.97 31.98
C HIS E 462 24.43 -36.76 31.43
N GLY E 463 24.41 -35.65 32.14
CA GLY E 463 25.01 -34.44 31.58
C GLY E 463 23.98 -33.49 31.02
N GLY E 464 24.42 -32.35 30.53
CA GLY E 464 23.50 -31.35 30.02
C GLY E 464 23.44 -30.10 30.86
N CYS E 465 23.84 -30.21 32.13
CA CYS E 465 23.66 -29.10 33.04
C CYS E 465 24.60 -29.20 34.22
N LEU E 466 25.88 -29.23 33.91
CA LEU E 466 26.88 -29.71 34.86
C LEU E 466 27.06 -28.78 36.05
N VAL E 467 27.47 -29.38 37.17
CA VAL E 467 28.01 -28.60 38.27
C VAL E 467 29.38 -28.06 37.85
N GLY E 468 29.62 -26.80 38.18
CA GLY E 468 30.89 -26.15 37.87
C GLY E 468 30.92 -25.58 36.47
N GLU E 469 29.75 -25.46 35.87
CA GLU E 469 29.64 -25.10 34.47
C GLU E 469 28.33 -24.33 34.26
N VAL E 470 27.25 -24.84 34.84
CA VAL E 470 25.95 -24.17 34.86
C VAL E 470 25.46 -24.07 36.31
N LEU E 471 25.94 -24.99 37.13
CA LEU E 471 25.56 -25.09 38.54
C LEU E 471 26.76 -24.83 39.46
N ASP E 472 26.48 -24.60 40.75
CA ASP E 472 27.54 -24.49 41.75
C ASP E 472 27.44 -25.64 42.73
N GLY E 473 28.25 -25.60 43.78
CA GLY E 473 28.34 -26.71 44.71
C GLY E 473 27.11 -26.90 45.55
N ASP E 474 26.14 -26.00 45.39
CA ASP E 474 24.83 -26.09 46.08
C ASP E 474 23.69 -26.48 45.13
N PHE E 475 24.07 -26.82 43.90
CA PHE E 475 23.17 -27.14 42.77
C PHE E 475 22.28 -25.97 42.31
N ARG E 476 22.83 -24.77 42.35
CA ARG E 476 22.11 -23.55 41.97
C ARG E 476 22.51 -23.10 40.57
N VAL E 477 21.55 -22.68 39.74
CA VAL E 477 21.90 -22.08 38.44
C VAL E 477 22.55 -20.73 38.68
N THR E 478 23.87 -20.67 38.44
CA THR E 478 24.63 -19.44 38.71
C THR E 478 24.03 -18.20 38.08
N GLY E 479 23.87 -17.17 38.91
CA GLY E 479 23.34 -15.85 38.53
C GLY E 479 21.83 -15.73 38.68
N ILE E 480 21.18 -16.78 39.21
CA ILE E 480 19.71 -16.82 39.34
C ILE E 480 19.25 -17.29 40.75
N ASN E 481 18.41 -16.49 41.41
CA ASN E 481 17.84 -16.88 42.71
C ASN E 481 16.62 -17.79 42.58
N ALA E 482 16.44 -18.67 43.56
CA ALA E 482 15.23 -19.49 43.65
C ALA E 482 15.05 -20.42 42.49
N LEU E 483 16.16 -20.89 41.92
CA LEU E 483 16.13 -21.90 40.88
C LEU E 483 17.27 -22.91 41.13
N ARG E 484 16.91 -24.20 41.19
CA ARG E 484 17.92 -25.27 41.27
C ARG E 484 17.68 -26.41 40.28
N VAL E 485 18.70 -27.25 40.10
CA VAL E 485 18.60 -28.45 39.29
C VAL E 485 19.22 -29.62 40.03
N VAL E 486 18.42 -30.67 40.22
CA VAL E 486 18.89 -31.89 40.88
C VAL E 486 18.32 -33.08 40.13
N ASP E 487 19.20 -33.96 39.64
CA ASP E 487 18.83 -35.13 38.86
C ASP E 487 20.06 -35.61 38.11
N GLY E 488 19.84 -36.40 37.05
CA GLY E 488 20.91 -37.04 36.28
C GLY E 488 21.86 -36.09 35.58
N SER E 489 21.31 -34.96 35.15
CA SER E 489 22.01 -34.01 34.29
C SER E 489 23.20 -33.27 34.92
N THR E 490 23.40 -33.40 36.23
CA THR E 490 24.35 -32.57 36.97
C THR E 490 25.83 -32.91 36.90
N PHE E 491 26.17 -34.17 36.59
CA PHE E 491 27.57 -34.56 36.52
C PHE E 491 27.96 -35.23 35.19
N PRO E 492 29.22 -35.06 34.72
CA PRO E 492 29.64 -35.61 33.39
C PRO E 492 29.94 -37.10 33.28
N TYR E 493 30.22 -37.79 34.39
CA TYR E 493 30.67 -39.19 34.36
C TYR E 493 29.77 -40.14 35.15
N SER E 494 29.47 -41.32 34.60
CA SER E 494 28.66 -42.30 35.35
C SER E 494 29.28 -42.55 36.72
N PRO E 495 28.46 -42.54 37.80
CA PRO E 495 28.89 -42.65 39.22
C PRO E 495 29.14 -44.06 39.75
N ALA E 496 28.73 -45.06 38.99
CA ALA E 496 28.95 -46.45 39.33
C ALA E 496 28.65 -47.22 38.04
N SER E 497 28.42 -48.52 38.14
CA SER E 497 28.02 -49.28 36.96
C SER E 497 26.56 -49.09 36.69
N HIS E 498 25.83 -48.70 37.73
CA HIS E 498 24.39 -48.49 37.66
C HIS E 498 23.99 -47.30 38.53
N PRO E 499 23.63 -46.18 37.88
CA PRO E 499 23.56 -44.84 38.48
C PRO E 499 22.37 -44.55 39.40
N GLN E 500 21.33 -45.38 39.36
CA GLN E 500 20.13 -44.95 40.02
C GLN E 500 20.32 -44.73 41.51
N GLY E 501 21.10 -45.61 42.14
CA GLY E 501 21.38 -45.52 43.57
C GLY E 501 21.87 -44.13 43.89
N PHE E 502 22.89 -43.70 43.16
CA PHE E 502 23.46 -42.37 43.33
C PHE E 502 22.41 -41.24 43.19
N TYR E 503 21.64 -41.22 42.10
CA TYR E 503 20.65 -40.15 41.89
C TYR E 503 19.49 -40.22 42.87
N LEU E 504 19.23 -41.41 43.38
CA LEU E 504 18.23 -41.57 44.41
C LEU E 504 18.70 -40.84 45.67
N MET E 505 19.90 -41.18 46.13
CA MET E 505 20.63 -40.40 47.12
C MET E 505 20.54 -38.90 46.78
N LEU E 506 21.00 -38.53 45.60
CA LEU E 506 21.11 -37.14 45.20
C LEU E 506 19.90 -36.28 45.57
N GLY E 507 18.71 -36.88 45.56
CA GLY E 507 17.46 -36.18 45.76
C GLY E 507 17.28 -35.76 47.21
N ARG E 508 17.34 -36.73 48.11
CA ARG E 508 17.27 -36.42 49.55
C ARG E 508 18.49 -35.63 50.05
N TYR E 509 19.66 -35.86 49.43
CA TYR E 509 20.85 -35.13 49.81
C TYR E 509 20.60 -33.64 49.68
N VAL E 510 20.39 -33.20 48.44
CA VAL E 510 20.20 -31.77 48.20
C VAL E 510 19.02 -31.33 49.06
N GLY E 511 18.08 -32.25 49.27
CA GLY E 511 16.94 -32.03 50.14
C GLY E 511 17.26 -31.53 51.54
N SER E 512 18.20 -32.22 52.21
CA SER E 512 18.56 -31.87 53.58
C SER E 512 19.33 -30.58 53.57
N LYS E 513 20.17 -30.41 52.54
CA LYS E 513 20.99 -29.24 52.41
C LYS E 513 20.13 -27.98 52.29
N ILE E 514 19.13 -28.00 51.41
CA ILE E 514 18.22 -26.86 51.31
C ILE E 514 17.65 -26.64 52.70
N LEU E 515 17.11 -27.71 53.26
CA LEU E 515 16.47 -27.68 54.57
C LEU E 515 17.41 -27.11 55.64
N GLN E 516 18.71 -27.37 55.48
CA GLN E 516 19.69 -26.97 56.46
C GLN E 516 19.94 -25.45 56.48
N GLU E 517 20.07 -24.82 55.32
CA GLU E 517 20.35 -23.38 55.26
C GLU E 517 19.11 -22.52 55.48
N ARG E 518 17.94 -23.16 55.53
CA ARG E 518 16.71 -22.48 55.94
C ARG E 518 16.59 -22.41 57.46
N SER E 519 17.23 -23.33 58.17
CA SER E 519 17.33 -23.24 59.62
C SER E 519 18.38 -22.20 60.02
N ALA E 520 19.50 -22.22 59.29
CA ALA E 520 20.60 -21.25 59.44
C ALA E 520 20.37 -19.94 58.64
N ALA E 521 19.24 -19.28 58.88
CA ALA E 521 18.98 -17.90 58.39
C ALA E 521 17.90 -17.22 59.23
N LEU F 1 33.91 -2.42 -10.27
CA LEU F 1 34.53 -1.07 -10.22
C LEU F 1 34.87 -0.63 -11.63
N ALA F 2 34.81 0.67 -11.90
CA ALA F 2 35.15 1.17 -13.23
C ALA F 2 36.56 1.76 -13.25
N THR F 3 37.06 2.08 -14.46
CA THR F 3 38.41 2.64 -14.66
C THR F 3 38.39 4.14 -14.98
N THR F 4 39.25 4.89 -14.28
CA THR F 4 39.39 6.34 -14.46
C THR F 4 39.31 6.65 -15.93
N SER F 5 38.23 7.33 -16.30
CA SER F 5 37.90 7.79 -17.68
C SER F 5 37.09 9.09 -17.57
N ASP F 6 36.93 9.81 -18.68
CA ASP F 6 36.12 11.06 -18.66
C ASP F 6 34.66 10.78 -18.31
N HIS F 7 34.01 11.83 -17.81
CA HIS F 7 32.59 11.84 -17.56
C HIS F 7 31.90 11.63 -18.90
N ASP F 8 30.97 10.69 -18.93
CA ASP F 8 30.33 10.33 -20.18
C ASP F 8 29.03 11.12 -20.39
N PHE F 9 29.00 12.05 -21.34
CA PHE F 9 27.79 12.85 -21.55
C PHE F 9 27.04 12.42 -22.80
N SER F 10 27.27 11.17 -23.24
CA SER F 10 26.57 10.63 -24.39
C SER F 10 25.05 10.76 -24.30
N TYR F 11 24.49 10.63 -23.11
CA TYR F 11 23.06 10.75 -22.94
C TYR F 11 22.45 12.04 -23.50
N LEU F 12 23.28 13.04 -23.81
CA LEU F 12 22.77 14.35 -24.22
C LEU F 12 22.04 14.28 -25.55
N SER F 13 22.36 13.26 -26.34
CA SER F 13 21.72 13.10 -27.64
C SER F 13 20.23 13.02 -27.49
N PHE F 14 19.74 12.42 -26.40
CA PHE F 14 18.29 12.38 -26.06
C PHE F 14 17.83 13.26 -24.88
N ALA F 15 18.64 14.25 -24.53
CA ALA F 15 18.33 15.19 -23.44
C ALA F 15 17.92 16.54 -23.97
N TYR F 16 16.70 16.91 -23.63
CA TYR F 16 16.05 18.07 -24.17
C TYR F 16 15.79 19.06 -23.07
N ASP F 17 15.64 20.31 -23.46
CA ASP F 17 15.16 21.35 -22.59
C ASP F 17 13.65 21.40 -22.73
N ALA F 18 12.96 21.60 -21.61
CA ALA F 18 11.53 21.55 -21.58
C ALA F 18 10.85 22.37 -22.70
N THR F 19 11.41 23.52 -23.05
CA THR F 19 10.79 24.37 -24.08
C THR F 19 10.73 23.64 -25.42
N ASP F 20 11.72 22.79 -25.66
CA ASP F 20 11.76 21.97 -26.87
C ASP F 20 10.84 20.77 -26.78
N LEU F 21 10.35 20.46 -25.58
CA LEU F 21 9.50 19.28 -25.43
C LEU F 21 8.07 19.51 -25.91
N GLU F 22 7.39 18.47 -26.40
CA GLU F 22 6.00 18.67 -26.82
C GLU F 22 5.09 19.10 -25.67
N LEU F 23 4.04 19.83 -26.04
CA LEU F 23 3.13 20.39 -25.07
C LEU F 23 2.39 19.27 -24.33
N GLU F 24 2.01 18.23 -25.05
CA GLU F 24 1.35 17.10 -24.43
C GLU F 24 1.79 15.77 -25.07
N GLY F 25 2.23 14.82 -24.23
CA GLY F 25 2.83 13.58 -24.70
C GLY F 25 2.47 12.37 -23.87
N SER F 26 2.62 11.20 -24.47
CA SER F 26 2.37 9.93 -23.79
C SER F 26 3.61 9.06 -23.66
N TYR F 27 3.74 8.39 -22.52
CA TYR F 27 4.84 7.48 -22.22
C TYR F 27 4.32 6.30 -21.36
N ASP F 28 5.19 5.32 -21.10
CA ASP F 28 4.82 4.23 -20.23
C ASP F 28 5.24 4.64 -18.86
N TYR F 29 6.39 5.30 -18.74
CA TYR F 29 6.83 5.78 -17.42
C TYR F 29 7.25 7.25 -17.42
N VAL F 30 6.70 8.02 -16.47
CA VAL F 30 7.15 9.38 -16.26
C VAL F 30 7.78 9.46 -14.89
N ILE F 31 9.09 9.75 -14.84
CA ILE F 31 9.83 9.90 -13.59
C ILE F 31 10.08 11.37 -13.25
N VAL F 32 9.53 11.85 -12.13
CA VAL F 32 9.73 13.23 -11.67
C VAL F 32 10.99 13.40 -10.81
N GLY F 33 11.94 14.16 -11.33
CA GLY F 33 13.23 14.34 -10.71
C GLY F 33 14.17 13.33 -11.32
N GLY F 34 15.25 13.79 -11.97
CA GLY F 34 16.27 12.90 -12.47
C GLY F 34 17.45 13.00 -11.53
N GLY F 35 17.37 12.27 -10.41
CA GLY F 35 18.37 12.38 -9.34
C GLY F 35 19.18 11.12 -9.13
N THR F 36 19.71 10.95 -7.93
CA THR F 36 20.57 9.83 -7.55
C THR F 36 19.90 8.52 -7.88
N SER F 37 18.65 8.36 -7.39
CA SER F 37 17.72 7.24 -7.69
C SER F 37 16.95 7.35 -9.03
N GLY F 38 16.53 8.57 -9.41
CA GLY F 38 15.76 8.81 -10.64
C GLY F 38 16.41 8.28 -11.91
N CYS F 39 17.61 8.81 -12.19
CA CYS F 39 18.38 8.48 -13.38
C CYS F 39 18.52 6.99 -13.62
N PRO F 40 19.15 6.24 -12.68
CA PRO F 40 19.27 4.77 -12.81
C PRO F 40 17.92 4.07 -13.00
N LEU F 41 16.90 4.50 -12.27
CA LEU F 41 15.58 3.96 -12.46
C LEU F 41 15.11 4.17 -13.89
N ALA F 42 15.35 5.38 -14.41
CA ALA F 42 14.85 5.75 -15.75
C ALA F 42 15.62 5.01 -16.84
N ALA F 43 16.84 4.62 -16.54
CA ALA F 43 17.66 3.88 -17.48
C ALA F 43 17.19 2.44 -17.60
N THR F 44 16.89 1.84 -16.45
CA THR F 44 16.47 0.45 -16.36
C THR F 44 15.14 0.28 -17.02
N LEU F 45 14.20 1.12 -16.62
CA LEU F 45 12.89 1.11 -17.19
C LEU F 45 12.92 1.22 -18.71
N SER F 46 13.86 2.00 -19.24
CA SER F 46 13.91 2.32 -20.67
C SER F 46 14.41 1.16 -21.54
N GLU F 47 15.04 0.18 -20.91
CA GLU F 47 15.43 -1.06 -21.56
C GLU F 47 14.30 -1.76 -22.31
N LYS F 48 13.08 -1.62 -21.82
N LYS F 48 13.07 -1.66 -21.83
CA LYS F 48 11.90 -2.28 -22.39
CA LYS F 48 11.91 -2.25 -22.52
C LYS F 48 10.72 -1.34 -22.71
C LYS F 48 10.77 -1.27 -22.85
N TYR F 49 10.74 -0.11 -22.22
CA TYR F 49 9.60 0.83 -22.36
C TYR F 49 9.94 2.29 -22.57
N LYS F 50 8.95 3.07 -23.04
CA LYS F 50 9.07 4.52 -23.32
C LYS F 50 9.02 5.36 -22.06
N VAL F 51 10.11 6.10 -21.79
CA VAL F 51 10.39 6.74 -20.49
C VAL F 51 10.64 8.25 -20.62
N LEU F 52 10.15 9.03 -19.67
CA LEU F 52 10.48 10.43 -19.67
C LEU F 52 10.92 10.86 -18.28
N VAL F 53 12.06 11.54 -18.23
CA VAL F 53 12.55 12.13 -16.99
C VAL F 53 12.38 13.65 -17.00
N LEU F 54 11.92 14.21 -15.88
CA LEU F 54 11.60 15.62 -15.82
C LEU F 54 12.37 16.33 -14.72
N GLU F 55 13.54 16.87 -15.03
CA GLU F 55 14.38 17.53 -14.03
C GLU F 55 14.35 19.05 -14.09
N ARG F 56 14.17 19.67 -12.92
CA ARG F 56 14.13 21.12 -12.77
C ARG F 56 15.49 21.85 -13.01
N GLY F 57 16.60 21.14 -12.84
CA GLY F 57 17.92 21.76 -13.05
C GLY F 57 18.39 21.78 -14.50
N THR F 58 19.63 22.20 -14.71
CA THR F 58 20.21 22.25 -16.06
C THR F 58 21.11 21.05 -16.27
N LEU F 59 21.55 20.80 -17.51
CA LEU F 59 22.57 19.79 -17.77
C LEU F 59 23.82 20.15 -16.97
N PRO F 60 24.56 19.16 -16.44
CA PRO F 60 25.70 19.47 -15.60
C PRO F 60 26.78 20.22 -16.36
N THR F 61 26.79 20.11 -17.68
CA THR F 61 27.75 20.84 -18.48
C THR F 61 27.63 22.36 -18.26
N ALA F 62 26.43 22.84 -17.92
CA ALA F 62 26.19 24.27 -17.73
C ALA F 62 26.91 24.86 -16.54
N TYR F 63 27.29 24.02 -15.58
CA TYR F 63 28.10 24.46 -14.45
C TYR F 63 29.28 23.52 -14.32
N PRO F 64 30.38 23.84 -15.00
CA PRO F 64 31.47 22.86 -15.20
C PRO F 64 32.29 22.57 -13.94
N ASN F 65 32.08 23.39 -12.92
CA ASN F 65 32.88 23.33 -11.71
C ASN F 65 32.36 22.27 -10.78
N LEU F 66 31.47 21.40 -11.25
CA LEU F 66 31.02 20.30 -10.38
C LEU F 66 31.33 18.89 -10.92
N LEU F 67 31.97 18.83 -12.07
CA LEU F 67 32.43 17.56 -12.64
C LEU F 67 33.83 17.20 -12.12
N THR F 68 34.34 18.02 -11.21
CA THR F 68 35.65 17.83 -10.61
C THR F 68 35.58 18.17 -9.12
N SER F 69 36.30 17.38 -8.33
CA SER F 69 36.32 17.54 -6.89
C SER F 69 36.98 18.84 -6.48
N ASP F 70 37.92 19.33 -7.27
CA ASP F 70 38.52 20.64 -7.02
C ASP F 70 37.41 21.70 -6.90
N GLY F 71 36.19 21.31 -7.25
CA GLY F 71 35.11 22.28 -7.30
C GLY F 71 33.97 21.93 -6.40
N PHE F 72 34.20 21.02 -5.47
CA PHE F 72 33.21 20.68 -4.46
C PHE F 72 32.89 21.89 -3.58
N ILE F 73 33.94 22.52 -3.08
CA ILE F 73 33.77 23.70 -2.26
C ILE F 73 33.15 24.82 -3.09
N TYR F 74 33.58 24.96 -4.33
CA TYR F 74 33.13 26.05 -5.20
C TYR F 74 31.60 26.15 -5.28
N ASN F 75 30.92 25.01 -5.44
CA ASN F 75 29.47 24.95 -5.58
C ASN F 75 28.78 25.39 -4.30
N LEU F 76 29.38 25.04 -3.18
CA LEU F 76 28.83 25.41 -1.88
C LEU F 76 28.91 26.91 -1.64
N GLN F 77 29.86 27.56 -2.28
CA GLN F 77 30.11 28.97 -2.07
C GLN F 77 29.30 29.91 -2.97
N GLN F 78 28.64 29.36 -4.00
CA GLN F 78 27.87 30.17 -4.95
C GLN F 78 26.47 30.47 -4.47
N GLU F 79 25.97 31.68 -4.71
CA GLU F 79 24.70 32.17 -4.23
C GLU F 79 23.65 31.50 -5.00
N ASP F 80 22.50 31.25 -4.40
CA ASP F 80 21.41 30.53 -5.04
C ASP F 80 20.49 31.49 -5.71
N ASP F 81 20.50 31.47 -7.04
CA ASP F 81 19.71 32.32 -7.89
C ASP F 81 18.57 31.56 -8.51
N GLY F 82 18.44 30.30 -8.16
CA GLY F 82 17.39 29.43 -8.64
C GLY F 82 17.78 28.62 -9.86
N GLN F 83 18.98 28.86 -10.38
CA GLN F 83 19.40 28.24 -11.62
C GLN F 83 20.57 27.32 -11.33
N THR F 84 21.42 27.75 -10.39
CA THR F 84 22.64 27.05 -9.95
C THR F 84 22.33 25.70 -9.31
N PRO F 85 23.29 24.75 -9.35
CA PRO F 85 23.02 23.36 -9.03
C PRO F 85 22.91 23.08 -7.55
N VAL F 86 23.42 23.97 -6.71
CA VAL F 86 23.28 23.81 -5.27
C VAL F 86 22.19 24.74 -4.78
N GLU F 87 21.09 24.19 -4.27
CA GLU F 87 20.00 24.99 -3.65
C GLU F 87 20.23 25.11 -2.14
N ARG F 88 20.15 26.32 -1.62
CA ARG F 88 20.32 26.53 -0.16
C ARG F 88 18.98 26.47 0.57
N PHE F 89 18.98 25.94 1.78
CA PHE F 89 17.81 26.04 2.66
C PHE F 89 18.25 26.07 4.10
N VAL F 90 17.42 26.61 4.99
CA VAL F 90 17.70 26.58 6.41
C VAL F 90 16.55 25.89 7.10
N SER F 91 16.87 24.91 7.95
CA SER F 91 15.87 24.13 8.70
C SER F 91 15.09 24.92 9.78
N GLY F 92 13.96 24.38 10.22
CA GLY F 92 13.21 24.95 11.33
C GLY F 92 14.13 25.12 12.54
N ASP F 93 15.27 24.43 12.54
CA ASP F 93 16.22 24.43 13.66
C ASP F 93 17.24 25.56 13.51
N GLY F 94 17.22 26.20 12.34
CA GLY F 94 18.16 27.25 12.06
C GLY F 94 19.48 26.64 11.67
N ILE F 95 19.42 25.44 11.07
CA ILE F 95 20.64 24.77 10.62
C ILE F 95 20.75 24.86 9.09
N ASP F 96 21.81 25.55 8.64
CA ASP F 96 22.15 25.62 7.23
C ASP F 96 22.39 24.28 6.55
N ASP F 97 21.97 24.16 5.29
CA ASP F 97 21.90 22.90 4.58
C ASP F 97 21.81 23.24 3.10
N VAL F 98 21.93 22.23 2.24
CA VAL F 98 21.74 22.41 0.79
C VAL F 98 21.16 21.16 0.19
N ARG F 99 20.51 21.32 -0.96
CA ARG F 99 20.09 20.18 -1.72
C ARG F 99 20.50 20.39 -3.17
N GLY F 100 20.59 19.31 -3.92
CA GLY F 100 20.93 19.38 -5.35
C GLY F 100 19.80 19.76 -6.28
N ARG F 101 20.16 20.46 -7.36
CA ARG F 101 19.21 20.92 -8.37
C ARG F 101 19.91 20.94 -9.72
N VAL F 102 20.11 19.75 -10.29
CA VAL F 102 20.83 19.59 -11.55
C VAL F 102 20.60 18.17 -11.94
N LEU F 103 20.54 17.90 -13.26
CA LEU F 103 20.45 16.54 -13.76
C LEU F 103 21.46 15.67 -13.03
N GLY F 104 20.99 14.57 -12.45
CA GLY F 104 21.86 13.73 -11.62
C GLY F 104 21.77 14.04 -10.15
N GLY F 105 20.89 14.96 -9.78
CA GLY F 105 20.51 15.15 -8.39
C GLY F 105 21.64 15.55 -7.45
N THR F 106 21.51 15.24 -6.17
CA THR F 106 22.55 15.62 -5.22
C THR F 106 23.88 14.88 -5.42
N SER F 107 23.86 13.78 -6.19
CA SER F 107 25.06 13.02 -6.53
C SER F 107 26.03 13.85 -7.38
N MET F 108 25.50 14.93 -7.95
CA MET F 108 26.29 15.87 -8.73
C MET F 108 27.06 16.93 -7.89
N ILE F 109 26.73 17.07 -6.60
CA ILE F 109 27.34 18.11 -5.77
C ILE F 109 27.83 17.54 -4.45
N ASN F 110 27.70 16.24 -4.30
CA ASN F 110 28.14 15.59 -3.09
C ASN F 110 29.66 15.48 -2.93
N ALA F 111 30.05 14.73 -1.90
CA ALA F 111 31.45 14.48 -1.52
C ALA F 111 31.93 13.16 -2.09
N GLY F 112 31.05 12.47 -2.81
CA GLY F 112 31.38 11.27 -3.58
C GLY F 112 31.98 10.12 -2.79
N VAL F 113 31.40 9.82 -1.63
CA VAL F 113 31.85 8.69 -0.86
C VAL F 113 30.89 7.53 -1.11
N TYR F 114 31.44 6.38 -1.46
CA TYR F 114 30.63 5.27 -1.89
C TYR F 114 30.67 4.09 -0.94
N ALA F 115 29.52 3.76 -0.37
CA ALA F 115 29.37 2.61 0.48
C ALA F 115 28.15 1.83 0.05
N ARG F 116 28.22 0.50 0.13
CA ARG F 116 27.04 -0.37 0.05
C ARG F 116 26.34 -0.37 1.41
N ALA F 117 25.04 -0.66 1.41
CA ALA F 117 24.24 -0.56 2.64
C ALA F 117 24.54 -1.73 3.59
N ASN F 118 24.46 -1.41 4.88
CA ASN F 118 24.58 -2.36 5.98
C ASN F 118 23.73 -3.61 5.76
N THR F 119 24.37 -4.73 5.45
CA THR F 119 23.64 -5.97 5.09
C THR F 119 22.62 -6.44 6.14
N LYS F 120 22.56 -5.72 7.27
CA LYS F 120 21.60 -6.00 8.32
C LYS F 120 20.37 -5.12 8.19
N ILE F 121 20.49 -4.02 7.43
CA ILE F 121 19.39 -3.07 7.28
C ILE F 121 18.31 -3.60 6.30
N PHE F 122 18.78 -4.12 5.14
CA PHE F 122 17.94 -4.86 4.20
C PHE F 122 17.12 -5.79 5.02
N SER F 123 17.81 -6.56 5.86
CA SER F 123 17.19 -7.60 6.68
C SER F 123 15.84 -7.26 7.37
N ALA F 124 15.68 -6.07 7.95
CA ALA F 124 14.37 -5.74 8.56
C ALA F 124 13.90 -4.27 8.40
N SER F 125 13.27 -3.97 7.27
CA SER F 125 13.04 -2.57 6.89
C SER F 125 11.63 -2.27 6.37
N GLY F 126 10.83 -3.33 6.21
CA GLY F 126 9.48 -3.15 5.69
C GLY F 126 9.30 -3.71 4.30
N ILE F 127 10.40 -4.01 3.60
CA ILE F 127 10.30 -4.64 2.28
C ILE F 127 11.13 -5.91 2.25
N GLU F 128 10.63 -6.93 1.54
CA GLU F 128 11.50 -8.07 1.29
C GLU F 128 12.39 -7.78 0.10
N TRP F 129 13.65 -8.16 0.22
CA TRP F 129 14.69 -7.84 -0.75
C TRP F 129 15.26 -9.08 -1.45
N ASP F 130 15.14 -9.16 -2.79
CA ASP F 130 15.91 -10.18 -3.52
C ASP F 130 17.38 -9.80 -3.50
N MET F 131 18.13 -10.41 -2.59
CA MET F 131 19.50 -9.97 -2.30
C MET F 131 20.52 -10.25 -3.42
N ASP F 132 20.14 -11.11 -4.35
CA ASP F 132 20.96 -11.39 -5.54
C ASP F 132 20.81 -10.26 -6.55
N LEU F 133 19.56 -9.84 -6.76
CA LEU F 133 19.28 -8.63 -7.51
C LEU F 133 19.88 -7.39 -6.85
N VAL F 134 19.93 -7.35 -5.52
CA VAL F 134 20.57 -6.21 -4.85
C VAL F 134 22.06 -6.12 -5.19
N ASN F 135 22.74 -7.26 -5.15
CA ASN F 135 24.16 -7.32 -5.42
C ASN F 135 24.52 -7.11 -6.89
N GLN F 136 23.80 -7.78 -7.79
CA GLN F 136 23.83 -7.53 -9.22
C GLN F 136 23.75 -6.03 -9.53
N THR F 137 22.83 -5.33 -8.88
CA THR F 137 22.64 -3.90 -9.09
C THR F 137 23.73 -3.02 -8.52
N TYR F 138 24.20 -3.34 -7.31
CA TYR F 138 25.41 -2.70 -6.81
C TYR F 138 26.52 -2.77 -7.86
N ASP F 139 26.87 -4.01 -8.28
CA ASP F 139 27.70 -4.35 -9.47
C ASP F 139 27.49 -3.46 -10.72
N TRP F 140 26.25 -3.43 -11.21
CA TRP F 140 25.83 -2.55 -12.33
C TRP F 140 26.27 -1.11 -12.15
N VAL F 141 25.96 -0.56 -10.97
CA VAL F 141 26.29 0.81 -10.63
C VAL F 141 27.82 0.95 -10.52
N GLU F 142 28.44 0.10 -9.69
CA GLU F 142 29.86 0.28 -9.34
C GLU F 142 30.73 0.21 -10.57
N ASP F 143 30.33 -0.67 -11.47
CA ASP F 143 31.12 -0.93 -12.64
C ASP F 143 30.94 0.19 -13.64
N THR F 144 30.14 1.20 -13.28
CA THR F 144 29.99 2.38 -14.12
C THR F 144 30.42 3.73 -13.55
N ILE F 145 30.39 3.93 -12.24
CA ILE F 145 30.77 5.24 -11.67
C ILE F 145 31.49 5.24 -10.32
N VAL F 146 32.00 4.09 -9.90
CA VAL F 146 32.67 3.96 -8.61
C VAL F 146 34.14 3.52 -8.79
N TYR F 147 35.04 4.21 -8.09
CA TYR F 147 36.48 4.06 -8.31
C TYR F 147 37.25 3.65 -7.04
N LYS F 148 38.40 3.00 -7.23
CA LYS F 148 39.26 2.55 -6.15
C LYS F 148 40.34 3.60 -5.98
N PRO F 149 40.28 4.36 -4.89
CA PRO F 149 41.16 5.51 -4.74
C PRO F 149 42.61 5.12 -4.66
N ASP F 150 43.50 6.08 -4.95
CA ASP F 150 44.94 5.91 -4.67
C ASP F 150 45.27 6.37 -3.26
N LYS F 151 46.53 6.25 -2.88
CA LYS F 151 46.98 6.85 -1.63
C LYS F 151 46.77 8.38 -1.71
N GLN F 152 46.41 9.00 -0.58
CA GLN F 152 46.43 10.47 -0.39
C GLN F 152 47.03 10.74 0.96
N ALA F 153 48.03 11.63 1.02
CA ALA F 153 48.75 11.94 2.29
C ALA F 153 47.87 12.01 3.54
N TRP F 154 46.84 12.86 3.51
CA TRP F 154 46.07 13.20 4.70
C TRP F 154 45.09 12.11 5.09
N GLN F 155 44.61 11.36 4.11
CA GLN F 155 43.69 10.29 4.41
C GLN F 155 44.41 9.12 5.08
N SER F 156 45.61 8.80 4.59
CA SER F 156 46.40 7.72 5.17
C SER F 156 46.76 8.02 6.62
N LEU F 157 46.92 9.31 6.91
CA LEU F 157 47.25 9.80 8.23
C LEU F 157 46.06 9.63 9.18
N THR F 158 44.87 9.78 8.63
CA THR F 158 43.60 9.58 9.31
C THR F 158 43.37 8.10 9.52
N LYS F 159 43.63 7.31 8.48
CA LYS F 159 43.45 5.86 8.54
C LYS F 159 44.25 5.26 9.72
N THR F 160 45.50 5.71 9.90
CA THR F 160 46.28 5.18 11.02
C THR F 160 45.87 5.78 12.38
N ALA F 161 45.36 7.01 12.40
CA ALA F 161 44.83 7.56 13.64
C ALA F 161 43.61 6.79 14.11
N PHE F 162 42.70 6.46 13.19
CA PHE F 162 41.51 5.70 13.56
C PHE F 162 41.91 4.41 14.24
N LEU F 163 42.80 3.65 13.59
CA LEU F 163 43.22 2.35 14.10
C LEU F 163 44.02 2.45 15.39
N GLU F 164 44.85 3.49 15.51
CA GLU F 164 45.58 3.73 16.74
C GLU F 164 44.64 4.03 17.91
N ALA F 165 43.54 4.74 17.61
CA ALA F 165 42.52 5.11 18.57
C ALA F 165 41.71 3.91 18.97
N GLY F 166 41.70 2.88 18.13
CA GLY F 166 41.05 1.61 18.44
C GLY F 166 39.76 1.35 17.68
N VAL F 167 39.70 1.81 16.43
CA VAL F 167 38.52 1.60 15.59
C VAL F 167 38.79 0.38 14.71
N LEU F 168 38.46 -0.80 15.22
CA LEU F 168 39.03 -2.02 14.65
C LEU F 168 37.97 -3.00 14.14
N PRO F 169 38.29 -3.77 13.09
CA PRO F 169 39.61 -4.05 12.56
C PRO F 169 40.00 -3.21 11.35
N ASP F 170 41.13 -3.51 10.75
CA ASP F 170 41.46 -2.94 9.45
C ASP F 170 40.79 -3.74 8.31
N ASN F 171 39.97 -3.09 7.51
CA ASN F 171 39.25 -3.81 6.48
C ASN F 171 39.93 -3.65 5.12
N GLY F 172 41.01 -2.86 5.08
CA GLY F 172 41.66 -2.47 3.81
C GLY F 172 40.73 -1.67 2.91
N PHE F 173 40.82 -1.94 1.61
CA PHE F 173 39.83 -1.43 0.68
C PHE F 173 38.61 -2.36 0.61
N SER F 174 37.47 -1.83 1.07
CA SER F 174 36.18 -2.51 0.96
C SER F 174 35.09 -1.47 0.72
N LEU F 175 34.06 -1.84 -0.03
CA LEU F 175 32.93 -0.95 -0.24
C LEU F 175 31.83 -1.19 0.79
N ASP F 176 31.86 -2.33 1.45
CA ASP F 176 30.85 -2.66 2.46
C ASP F 176 30.98 -1.78 3.70
N HIS F 177 29.81 -1.42 4.22
CA HIS F 177 29.67 -0.73 5.49
C HIS F 177 29.74 -1.79 6.58
N GLU F 178 30.90 -1.87 7.22
CA GLU F 178 31.09 -2.69 8.41
C GLU F 178 31.89 -1.89 9.43
N ALA F 179 31.82 -2.30 10.69
CA ALA F 179 32.58 -1.66 11.76
C ALA F 179 34.05 -1.66 11.41
N GLY F 180 34.75 -0.63 11.85
CA GLY F 180 36.18 -0.58 11.65
C GLY F 180 36.59 0.52 10.72
N THR F 181 37.90 0.59 10.50
CA THR F 181 38.51 1.57 9.62
C THR F 181 38.77 0.93 8.28
N ARG F 182 38.37 1.63 7.21
CA ARG F 182 38.56 1.12 5.88
C ARG F 182 38.78 2.25 4.86
N LEU F 183 39.01 1.83 3.63
CA LEU F 183 39.20 2.71 2.51
C LEU F 183 38.14 2.31 1.55
N THR F 184 37.20 3.22 1.28
CA THR F 184 36.03 2.90 0.48
C THR F 184 36.11 3.44 -0.94
N GLY F 185 35.17 3.06 -1.78
CA GLY F 185 35.10 3.60 -3.14
C GLY F 185 34.70 5.07 -3.18
N SER F 186 34.69 5.64 -4.37
CA SER F 186 34.40 7.06 -4.51
C SER F 186 33.80 7.25 -5.88
N THR F 187 32.93 8.24 -6.04
CA THR F 187 32.51 8.65 -7.38
C THR F 187 33.43 9.75 -8.01
N PHE F 188 34.52 10.07 -7.32
CA PHE F 188 35.68 10.69 -7.97
C PHE F 188 36.70 9.61 -8.42
N ASP F 189 37.17 9.71 -9.65
CA ASP F 189 38.25 8.87 -10.16
C ASP F 189 39.59 9.57 -9.92
N ASN F 190 40.67 8.88 -10.25
CA ASN F 190 42.00 9.30 -9.86
C ASN F 190 42.58 10.43 -10.71
N ASN F 191 41.75 10.95 -11.63
CA ASN F 191 42.03 12.19 -12.34
C ASN F 191 41.35 13.36 -11.65
N GLY F 192 40.33 13.06 -10.84
CA GLY F 192 39.55 14.07 -10.14
C GLY F 192 38.10 14.17 -10.64
N THR F 193 37.85 13.61 -11.81
CA THR F 193 36.54 13.71 -12.45
C THR F 193 35.40 13.10 -11.61
N ARG F 194 34.38 13.91 -11.31
CA ARG F 194 33.17 13.36 -10.67
C ARG F 194 32.31 12.56 -11.65
N HIS F 195 31.98 11.34 -11.26
CA HIS F 195 31.03 10.57 -12.00
C HIS F 195 29.80 10.46 -11.12
N ALA F 196 28.75 11.21 -11.42
CA ALA F 196 27.50 11.10 -10.66
C ALA F 196 26.55 10.18 -11.39
N SER F 197 25.26 10.27 -11.12
CA SER F 197 24.33 9.30 -11.68
C SER F 197 23.63 9.68 -12.99
N ASP F 198 23.87 10.89 -13.49
CA ASP F 198 23.43 11.25 -14.83
C ASP F 198 24.03 10.25 -15.79
N GLU F 199 25.26 9.86 -15.49
CA GLU F 199 26.02 8.92 -16.29
C GLU F 199 25.33 7.56 -16.35
N LEU F 200 24.46 7.27 -15.39
CA LEU F 200 23.70 6.04 -15.47
C LEU F 200 22.68 6.02 -16.62
N LEU F 201 22.31 7.20 -17.13
CA LEU F 201 21.35 7.30 -18.23
C LEU F 201 21.89 6.69 -19.53
N ASN F 202 23.20 6.71 -19.66
CA ASN F 202 23.84 6.08 -20.79
C ASN F 202 23.64 4.59 -20.75
N LYS F 203 23.45 4.03 -19.57
CA LYS F 203 23.14 2.62 -19.47
C LYS F 203 21.77 2.30 -20.06
N GLY F 204 20.89 3.30 -20.17
CA GLY F 204 19.56 3.11 -20.73
C GLY F 204 19.52 2.73 -22.20
N ASP F 205 18.43 3.07 -22.87
CA ASP F 205 18.22 2.87 -24.32
C ASP F 205 17.85 4.21 -24.98
N PRO F 206 18.70 4.73 -25.90
CA PRO F 206 18.47 6.07 -26.44
C PRO F 206 17.25 6.16 -27.36
N ASN F 207 16.74 5.02 -27.79
CA ASN F 207 15.46 5.00 -28.50
C ASN F 207 14.23 4.99 -27.63
N ASN F 208 14.39 4.88 -26.33
CA ASN F 208 13.26 4.85 -25.43
C ASN F 208 13.27 5.91 -24.34
N LEU F 209 14.46 6.45 -24.08
CA LEU F 209 14.69 7.37 -22.98
C LEU F 209 14.77 8.82 -23.45
N ARG F 210 14.09 9.69 -22.69
CA ARG F 210 14.09 11.11 -22.95
C ARG F 210 14.24 11.91 -21.65
N VAL F 211 15.17 12.85 -21.67
CA VAL F 211 15.46 13.63 -20.49
C VAL F 211 15.05 15.03 -20.78
N ALA F 212 14.26 15.60 -19.90
CA ALA F 212 13.88 16.97 -20.06
C ALA F 212 14.45 17.78 -18.91
N VAL F 213 15.21 18.82 -19.23
CA VAL F 213 15.79 19.61 -18.18
C VAL F 213 15.02 20.91 -18.07
N HIS F 214 15.26 21.65 -16.98
CA HIS F 214 14.44 22.82 -16.64
C HIS F 214 12.97 22.48 -16.82
N ALA F 215 12.57 21.33 -16.31
CA ALA F 215 11.18 20.97 -16.27
C ALA F 215 10.79 20.98 -14.81
N SER F 216 9.96 21.95 -14.43
CA SER F 216 9.54 22.04 -13.05
C SER F 216 8.17 21.46 -12.91
N VAL F 217 8.11 20.28 -12.31
CA VAL F 217 6.86 19.58 -12.12
C VAL F 217 6.06 20.23 -10.99
N GLU F 218 4.91 20.77 -11.35
CA GLU F 218 4.03 21.46 -10.44
C GLU F 218 2.98 20.56 -9.81
N LYS F 219 2.49 19.59 -10.57
CA LYS F 219 1.29 18.84 -10.19
C LYS F 219 1.25 17.45 -10.85
N ILE F 220 0.62 16.51 -10.15
CA ILE F 220 0.35 15.15 -10.63
C ILE F 220 -1.13 15.02 -10.91
N ILE F 221 -1.48 14.72 -12.16
CA ILE F 221 -2.89 14.60 -12.53
C ILE F 221 -3.47 13.26 -12.05
N PHE F 222 -4.71 13.29 -11.57
CA PHE F 222 -5.42 12.08 -11.11
C PHE F 222 -6.73 11.83 -11.87
N SER F 223 -7.25 10.61 -11.79
CA SER F 223 -8.59 10.28 -12.33
C SER F 223 -9.28 9.20 -11.49
N SER F 224 -10.60 9.26 -11.41
CA SER F 224 -11.34 8.21 -10.75
C SER F 224 -11.99 7.33 -11.81
N ASN F 225 -11.20 7.06 -12.83
CA ASN F 225 -11.58 6.33 -14.04
C ASN F 225 -10.29 5.72 -14.65
N SER F 226 -10.15 4.39 -14.65
CA SER F 226 -11.10 3.46 -14.04
C SER F 226 -10.39 2.40 -13.14
N SER F 227 -11.00 2.06 -12.00
CA SER F 227 -12.23 2.70 -11.52
C SER F 227 -11.94 3.57 -10.30
N GLY F 228 -10.79 3.35 -9.67
CA GLY F 228 -10.38 4.15 -8.55
C GLY F 228 -9.26 5.13 -8.85
N VAL F 229 -8.77 5.85 -7.84
CA VAL F 229 -7.76 6.85 -8.04
C VAL F 229 -6.60 6.24 -8.73
N THR F 230 -6.12 6.91 -9.76
CA THR F 230 -5.00 6.50 -10.54
C THR F 230 -4.36 7.79 -10.87
N ALA F 231 -3.05 7.80 -10.98
CA ALA F 231 -2.29 8.95 -11.46
C ALA F 231 -2.31 8.81 -12.96
N ILE F 232 -2.59 9.90 -13.67
CA ILE F 232 -2.63 9.86 -15.13
C ILE F 232 -1.46 10.57 -15.84
N GLY F 233 -0.62 11.22 -15.05
CA GLY F 233 0.47 11.98 -15.62
C GLY F 233 0.71 13.20 -14.78
N VAL F 234 1.52 14.11 -15.32
CA VAL F 234 1.92 15.29 -14.57
C VAL F 234 1.71 16.58 -15.37
N ILE F 235 1.86 17.72 -14.71
CA ILE F 235 1.99 19.00 -15.42
C ILE F 235 3.27 19.70 -14.99
N TYR F 236 4.10 20.05 -15.96
CA TYR F 236 5.35 20.74 -15.69
C TYR F 236 5.50 22.08 -16.39
N LYS F 237 6.15 23.03 -15.74
CA LYS F 237 6.44 24.30 -16.35
C LYS F 237 7.84 24.37 -17.00
N ASP F 238 7.92 24.89 -18.25
CA ASP F 238 9.20 25.11 -18.93
C ASP F 238 9.69 26.50 -18.57
N SER F 239 10.91 26.85 -18.99
CA SER F 239 11.52 28.15 -18.64
C SER F 239 10.76 29.39 -19.15
N ASN F 240 10.16 29.27 -20.33
CA ASN F 240 9.38 30.33 -20.94
C ASN F 240 8.17 30.66 -20.09
N GLY F 241 7.63 29.66 -19.39
CA GLY F 241 6.46 29.84 -18.52
C GLY F 241 5.33 28.89 -18.87
N THR F 242 5.50 28.21 -19.99
CA THR F 242 4.50 27.33 -20.57
C THR F 242 4.19 26.02 -19.79
N PRO F 243 2.90 25.75 -19.52
CA PRO F 243 2.50 24.46 -18.94
C PRO F 243 2.45 23.31 -19.96
N HIS F 244 3.31 22.32 -19.74
CA HIS F 244 3.34 21.06 -20.50
C HIS F 244 2.68 19.92 -19.71
N GLN F 245 2.06 18.96 -20.42
CA GLN F 245 1.69 17.70 -19.74
C GLN F 245 2.38 16.46 -20.30
N ALA F 246 2.63 15.49 -19.42
CA ALA F 246 3.14 14.17 -19.79
C ALA F 246 2.26 13.16 -19.10
N PHE F 247 1.65 12.30 -19.91
CA PHE F 247 0.69 11.29 -19.46
C PHE F 247 1.34 9.92 -19.49
N VAL F 248 0.77 8.99 -18.72
CA VAL F 248 1.14 7.55 -18.76
C VAL F 248 0.09 6.72 -19.54
N ARG F 249 0.54 5.66 -20.21
CA ARG F 249 -0.36 4.78 -20.97
C ARG F 249 -0.81 3.57 -20.15
N GLY F 250 -1.60 2.65 -20.73
CA GLY F 250 -1.87 1.35 -20.09
C GLY F 250 -0.64 0.91 -19.30
N GLU F 251 -0.83 0.65 -18.01
CA GLU F 251 0.20 0.26 -17.02
C GLU F 251 1.45 1.15 -16.89
N GLY F 252 1.24 2.46 -16.80
CA GLY F 252 2.33 3.38 -16.56
C GLY F 252 2.41 3.78 -15.11
N GLU F 253 3.13 4.89 -14.87
CA GLU F 253 3.41 5.52 -13.57
C GLU F 253 4.66 6.29 -14.01
N VAL F 254 4.91 7.53 -13.65
CA VAL F 254 4.76 8.25 -12.41
C VAL F 254 5.25 7.52 -11.26
N ILE F 255 6.56 7.58 -11.18
CA ILE F 255 7.33 7.23 -10.05
C ILE F 255 7.82 8.58 -9.73
N VAL F 256 7.76 8.99 -8.47
CA VAL F 256 8.33 10.28 -8.05
C VAL F 256 9.65 10.05 -7.38
N SER F 257 10.70 10.71 -7.87
CA SER F 257 12.04 10.50 -7.36
C SER F 257 12.69 11.82 -7.10
N ALA F 258 12.03 12.67 -6.31
CA ALA F 258 12.41 14.05 -6.10
C ALA F 258 12.95 14.40 -4.71
N GLY F 259 13.29 13.41 -3.91
CA GLY F 259 14.00 13.66 -2.64
C GLY F 259 13.14 13.84 -1.41
N PRO F 260 13.77 13.70 -0.20
CA PRO F 260 13.11 14.04 1.08
C PRO F 260 12.37 15.36 1.02
N ILE F 261 12.93 16.38 0.40
CA ILE F 261 12.18 17.63 0.29
C ILE F 261 11.17 17.59 -0.85
N GLY F 262 11.64 17.24 -2.05
CA GLY F 262 10.84 17.26 -3.27
C GLY F 262 9.62 16.38 -3.35
N SER F 263 9.78 15.07 -3.11
CA SER F 263 8.61 14.15 -3.19
C SER F 263 7.43 14.61 -2.28
N PRO F 264 7.64 14.66 -0.94
CA PRO F 264 6.58 15.13 -0.05
C PRO F 264 5.98 16.46 -0.52
N GLN F 265 6.83 17.43 -0.85
CA GLN F 265 6.34 18.67 -1.37
C GLN F 265 5.37 18.44 -2.55
N LEU F 266 5.68 17.49 -3.43
CA LEU F 266 4.91 17.37 -4.65
C LEU F 266 3.59 16.71 -4.33
N LEU F 267 3.69 15.68 -3.51
CA LEU F 267 2.52 14.94 -3.09
C LEU F 267 1.46 15.87 -2.48
N LEU F 268 1.88 16.66 -1.49
CA LEU F 268 1.03 17.64 -0.86
C LEU F 268 0.43 18.64 -1.85
N LEU F 269 1.23 19.21 -2.74
CA LEU F 269 0.69 20.11 -3.76
C LEU F 269 -0.20 19.36 -4.71
N SER F 270 0.03 18.05 -4.87
CA SER F 270 -0.86 17.28 -5.76
C SER F 270 -2.16 16.76 -5.07
N GLY F 271 -2.31 17.09 -3.80
CA GLY F 271 -3.50 16.72 -3.03
C GLY F 271 -3.48 15.37 -2.35
N VAL F 272 -2.31 14.73 -2.24
CA VAL F 272 -2.11 13.49 -1.48
C VAL F 272 -1.42 13.85 -0.17
N GLY F 273 -2.11 13.66 0.95
CA GLY F 273 -1.58 14.05 2.26
C GLY F 273 -2.70 14.27 3.27
N PRO F 274 -2.36 14.72 4.50
CA PRO F 274 -3.29 14.93 5.62
C PRO F 274 -4.52 15.84 5.35
N GLU F 275 -5.71 15.23 5.38
CA GLU F 275 -7.00 15.87 5.10
C GLU F 275 -7.12 17.31 5.69
N SER F 276 -6.94 17.44 7.01
CA SER F 276 -7.09 18.76 7.67
C SER F 276 -5.99 19.77 7.36
N TYR F 277 -4.78 19.30 7.04
CA TYR F 277 -3.70 20.23 6.73
C TYR F 277 -3.84 20.76 5.33
N LEU F 278 -4.28 19.90 4.40
CA LEU F 278 -4.47 20.34 3.04
C LEU F 278 -5.60 21.34 3.00
N SER F 279 -6.64 21.07 3.79
CA SER F 279 -7.79 21.97 3.95
C SER F 279 -7.41 23.38 4.40
N SER F 280 -6.65 23.48 5.50
CA SER F 280 -6.10 24.76 5.99
C SER F 280 -5.28 25.55 4.95
N LEU F 281 -5.14 24.99 3.75
CA LEU F 281 -4.31 25.55 2.69
C LEU F 281 -5.09 25.58 1.39
N ASN F 282 -6.41 25.36 1.50
CA ASN F 282 -7.30 25.26 0.35
C ASN F 282 -6.68 24.48 -0.83
N ILE F 283 -6.20 23.28 -0.52
CA ILE F 283 -5.75 22.34 -1.54
C ILE F 283 -6.78 21.21 -1.57
N PRO F 284 -7.39 20.97 -2.74
CA PRO F 284 -8.38 19.92 -2.86
C PRO F 284 -7.74 18.59 -2.48
N VAL F 285 -8.42 17.78 -1.68
CA VAL F 285 -7.87 16.49 -1.27
C VAL F 285 -8.19 15.37 -2.28
N VAL F 286 -7.16 14.67 -2.76
CA VAL F 286 -7.32 13.50 -3.63
C VAL F 286 -7.39 12.20 -2.81
N LEU F 287 -6.29 11.76 -2.18
CA LEU F 287 -6.38 10.76 -1.09
C LEU F 287 -5.86 11.32 0.22
N SER F 288 -6.52 10.98 1.32
CA SER F 288 -6.01 11.30 2.65
C SER F 288 -4.90 10.33 3.10
N HIS F 289 -3.70 10.88 3.26
CA HIS F 289 -2.53 10.10 3.64
C HIS F 289 -1.82 10.87 4.75
N PRO F 290 -2.10 10.52 6.01
CA PRO F 290 -1.62 11.43 7.08
C PRO F 290 -0.13 11.34 7.34
N TYR F 291 0.57 10.52 6.57
CA TYR F 291 2.00 10.39 6.79
C TYR F 291 2.89 11.02 5.67
N VAL F 292 2.24 11.76 4.78
CA VAL F 292 2.95 12.49 3.74
C VAL F 292 3.54 13.76 4.32
N GLY F 293 4.84 13.73 4.54
CA GLY F 293 5.58 14.85 5.11
C GLY F 293 5.94 14.58 6.55
N GLN F 294 5.57 13.37 7.00
CA GLN F 294 5.90 12.96 8.34
C GLN F 294 7.22 12.23 8.30
N PHE F 295 7.98 12.36 9.38
CA PHE F 295 9.15 11.54 9.62
C PHE F 295 10.35 11.94 8.76
N LEU F 296 10.59 13.25 8.67
CA LEU F 296 11.82 13.74 8.10
C LEU F 296 12.93 13.49 9.12
N HIS F 297 14.06 12.96 8.67
CA HIS F 297 15.22 12.68 9.52
C HIS F 297 16.45 13.35 8.93
N ASP F 298 17.28 13.97 9.77
CA ASP F 298 18.62 14.41 9.37
C ASP F 298 19.68 14.00 10.41
N ASN F 299 20.60 13.09 10.06
CA ASN F 299 21.63 12.68 11.00
C ASN F 299 22.51 13.86 11.32
N PRO F 300 22.67 14.16 12.60
CA PRO F 300 23.45 15.31 13.04
C PRO F 300 24.94 15.12 12.80
N ARG F 301 25.59 16.13 12.23
CA ARG F 301 27.04 16.10 12.14
C ARG F 301 27.65 16.94 13.26
N ASN F 302 28.74 16.46 13.87
CA ASN F 302 29.58 17.30 14.72
C ASN F 302 31.03 17.13 14.35
N PHE F 303 31.88 18.06 14.76
CA PHE F 303 33.19 18.11 14.15
C PHE F 303 34.23 18.90 14.94
N ILE F 304 35.50 18.68 14.61
CA ILE F 304 36.58 19.57 15.05
C ILE F 304 37.42 20.04 13.85
N ASN F 305 37.69 21.34 13.78
CA ASN F 305 38.57 21.85 12.76
C ASN F 305 39.92 22.07 13.38
N ILE F 306 40.97 21.52 12.77
CA ILE F 306 42.32 21.81 13.24
C ILE F 306 43.05 22.64 12.22
N LEU F 307 43.85 23.57 12.73
CA LEU F 307 44.72 24.41 11.90
C LEU F 307 46.17 24.05 12.17
N PRO F 308 46.73 23.16 11.35
CA PRO F 308 48.11 22.71 11.46
C PRO F 308 49.12 23.85 11.23
N PRO F 309 50.33 23.75 11.82
CA PRO F 309 51.34 24.82 11.66
C PRO F 309 51.96 24.83 10.27
N ASN F 310 52.15 23.64 9.67
CA ASN F 310 52.52 23.55 8.27
C ASN F 310 51.28 23.15 7.50
N PRO F 311 51.30 23.29 6.16
CA PRO F 311 50.15 22.94 5.34
C PRO F 311 49.92 21.45 5.33
N ILE F 312 48.76 21.06 4.82
CA ILE F 312 48.46 19.66 4.49
C ILE F 312 47.69 19.73 3.20
N GLU F 313 47.82 18.72 2.36
CA GLU F 313 47.20 18.76 1.02
C GLU F 313 45.72 18.37 1.05
N PRO F 314 44.89 19.09 0.26
CA PRO F 314 43.46 18.77 0.17
C PRO F 314 43.24 17.34 -0.32
N SER F 315 42.20 16.69 0.21
CA SER F 315 41.92 15.31 -0.06
C SER F 315 40.46 15.11 -0.32
N THR F 316 40.13 14.15 -1.16
CA THR F 316 38.79 13.60 -1.23
C THR F 316 38.61 12.49 -0.13
N VAL F 317 37.64 12.65 0.76
CA VAL F 317 37.33 11.65 1.78
C VAL F 317 37.15 10.24 1.23
N THR F 318 37.85 9.27 1.83
CA THR F 318 37.82 7.86 1.39
C THR F 318 37.95 6.86 2.53
N VAL F 319 38.64 7.27 3.59
CA VAL F 319 38.87 6.47 4.80
C VAL F 319 37.70 6.67 5.76
N LEU F 320 37.21 5.61 6.38
CA LEU F 320 36.05 5.74 7.28
C LEU F 320 36.22 5.05 8.62
N GLY F 321 36.05 5.79 9.72
CA GLY F 321 36.03 5.19 11.04
C GLY F 321 34.62 4.72 11.40
N ILE F 322 34.28 3.48 11.10
CA ILE F 322 32.92 2.99 11.33
C ILE F 322 32.77 2.28 12.66
N THR F 323 31.76 2.69 13.41
CA THR F 323 31.41 2.09 14.70
C THR F 323 29.90 1.84 14.70
N SER F 324 29.39 1.07 15.66
CA SER F 324 27.97 0.65 15.65
C SER F 324 27.01 1.85 15.79
N ASN F 325 27.42 2.80 16.62
CA ASN F 325 26.61 3.94 16.97
C ASN F 325 26.95 5.28 16.29
N PHE F 326 28.04 5.33 15.52
CA PHE F 326 28.49 6.57 14.87
C PHE F 326 29.56 6.29 13.85
N TYR F 327 29.68 7.19 12.87
CA TYR F 327 30.64 7.03 11.78
C TYR F 327 31.51 8.25 11.72
N GLN F 328 32.77 8.07 11.36
CA GLN F 328 33.69 9.17 11.40
C GLN F 328 34.53 9.24 10.14
N CYS F 329 34.99 10.44 9.80
CA CYS F 329 35.99 10.58 8.76
C CYS F 329 36.74 11.91 8.83
N SER F 330 37.64 12.17 7.88
CA SER F 330 38.32 13.46 7.86
C SER F 330 38.42 14.12 6.49
N PHE F 331 38.14 15.42 6.47
CA PHE F 331 38.20 16.25 5.29
C PHE F 331 39.37 17.18 5.45
N SER F 332 40.26 17.26 4.47
CA SER F 332 41.34 18.25 4.50
C SER F 332 41.16 19.21 3.32
N SER F 333 41.44 20.50 3.53
CA SER F 333 41.01 21.48 2.51
C SER F 333 41.86 22.74 2.36
N LEU F 334 41.68 23.45 1.24
CA LEU F 334 42.18 24.82 1.12
C LEU F 334 41.36 25.74 2.02
N PRO F 335 41.95 26.87 2.47
CA PRO F 335 41.21 27.91 3.20
C PRO F 335 39.96 28.35 2.46
N PHE F 336 38.98 28.87 3.18
CA PHE F 336 37.80 29.43 2.50
C PHE F 336 37.93 30.95 2.41
N SER F 337 37.87 31.49 1.19
CA SER F 337 37.85 32.93 1.00
C SER F 337 36.42 33.49 1.14
N ILE F 338 35.42 32.71 0.73
CA ILE F 338 33.99 33.03 0.92
C ILE F 338 33.32 31.79 1.56
N PRO F 339 32.32 31.99 2.47
CA PRO F 339 31.81 30.79 3.18
C PRO F 339 31.07 29.77 2.29
N PRO F 340 31.50 28.48 2.31
CA PRO F 340 30.74 27.44 1.64
C PRO F 340 29.50 27.08 2.44
N PHE F 341 28.35 27.47 1.89
CA PHE F 341 27.06 27.26 2.56
C PHE F 341 26.85 25.83 3.06
N ALA F 342 26.24 25.69 4.22
CA ALA F 342 25.99 24.39 4.84
C ALA F 342 27.23 23.63 5.28
N PHE F 343 28.44 24.10 4.93
CA PHE F 343 29.60 23.41 5.44
C PHE F 343 29.70 23.55 6.94
N PHE F 344 29.48 24.78 7.42
CA PHE F 344 29.31 25.07 8.84
C PHE F 344 27.83 25.36 9.09
N PRO F 345 27.37 25.29 10.36
CA PRO F 345 25.94 25.38 10.65
C PRO F 345 25.32 26.76 10.45
N ASN F 346 26.16 27.81 10.48
CA ASN F 346 25.74 29.22 10.26
C ASN F 346 26.66 29.96 9.30
N PRO F 347 26.18 31.04 8.62
CA PRO F 347 27.07 31.77 7.70
C PRO F 347 28.00 32.71 8.48
N THR F 348 27.63 32.93 9.73
CA THR F 348 28.36 33.77 10.64
C THR F 348 29.47 32.98 11.35
N TYR F 349 29.94 31.91 10.72
CA TYR F 349 30.99 31.03 11.27
C TYR F 349 32.36 31.54 10.84
N PRO F 350 33.35 31.55 11.74
CA PRO F 350 34.71 32.09 11.42
C PRO F 350 35.41 31.34 10.29
N LEU F 351 35.93 32.02 9.28
CA LEU F 351 36.46 31.26 8.16
C LEU F 351 37.95 30.95 8.33
N PRO F 352 38.39 29.76 7.83
CA PRO F 352 39.81 29.35 7.88
C PRO F 352 40.72 30.03 6.83
N ASN F 353 41.73 30.76 7.28
CA ASN F 353 42.69 31.41 6.38
C ASN F 353 43.81 30.50 5.90
N SER F 354 44.14 29.45 6.63
CA SER F 354 45.20 28.49 6.23
C SER F 354 44.53 27.17 5.83
N THR F 355 45.27 26.23 5.23
CA THR F 355 44.69 24.92 4.97
C THR F 355 44.37 24.27 6.29
N PHE F 356 43.27 23.54 6.32
CA PHE F 356 42.71 23.02 7.58
C PHE F 356 42.10 21.65 7.39
N ALA F 357 41.84 21.00 8.52
CA ALA F 357 41.34 19.64 8.53
C ALA F 357 40.12 19.58 9.40
N HIS F 358 39.22 18.67 9.05
CA HIS F 358 37.88 18.69 9.62
C HIS F 358 37.40 17.27 9.94
N PHE F 359 37.43 16.92 11.23
CA PHE F 359 37.06 15.57 11.66
C PHE F 359 35.60 15.55 11.97
N VAL F 360 34.84 14.74 11.26
CA VAL F 360 33.41 14.68 11.53
C VAL F 360 32.93 13.42 12.16
N ASN F 361 31.77 13.55 12.80
CA ASN F 361 31.08 12.44 13.44
C ASN F 361 29.64 12.48 12.95
N LYS F 362 29.14 11.31 12.55
CA LYS F 362 27.75 11.14 12.16
C LYS F 362 27.12 10.16 13.16
N VAL F 363 25.87 10.40 13.56
CA VAL F 363 25.08 9.46 14.39
C VAL F 363 24.15 8.70 13.47
N PRO F 364 24.01 7.38 13.66
CA PRO F 364 23.19 6.50 12.82
C PRO F 364 21.75 6.66 13.16
N GLY F 365 20.86 6.14 12.32
CA GLY F 365 19.46 6.49 12.42
C GLY F 365 19.19 7.77 11.65
N PRO F 366 18.93 8.90 12.33
CA PRO F 366 18.85 9.08 13.77
C PRO F 366 17.45 8.74 14.22
N LEU F 367 17.19 8.74 15.53
CA LEU F 367 15.87 8.34 16.02
C LEU F 367 14.94 9.53 16.07
N SER F 368 15.51 10.72 15.93
CA SER F 368 14.75 11.95 16.02
C SER F 368 14.17 12.30 14.67
N TYR F 369 12.91 12.73 14.63
CA TYR F 369 12.30 13.19 13.36
C TYR F 369 11.57 14.55 13.41
N GLY F 370 11.10 14.98 12.24
CA GLY F 370 10.44 16.29 12.11
C GLY F 370 9.36 16.32 11.04
N SER F 371 9.19 17.48 10.41
CA SER F 371 8.13 17.65 9.41
C SER F 371 8.50 18.52 8.21
N ILE F 372 8.00 18.12 7.04
CA ILE F 372 7.80 19.00 5.90
C ILE F 372 6.50 19.77 6.12
N THR F 373 6.58 21.07 5.93
CA THR F 373 5.41 21.92 5.83
C THR F 373 5.60 22.76 4.60
N LEU F 374 4.55 22.92 3.80
CA LEU F 374 4.57 23.83 2.66
C LEU F 374 4.43 25.20 3.22
N ASN F 375 4.90 26.20 2.52
CA ASN F 375 4.54 27.53 2.93
C ASN F 375 3.99 28.41 1.82
N SER F 376 4.48 28.22 0.59
CA SER F 376 3.89 28.91 -0.56
C SER F 376 2.67 28.15 -1.00
N ASP F 377 1.61 28.92 -1.28
CA ASP F 377 0.38 28.44 -1.94
C ASP F 377 0.68 27.08 -2.55
N SER F 378 1.72 27.07 -3.37
CA SER F 378 1.90 25.96 -4.20
C SER F 378 2.84 26.34 -5.27
N ASP F 379 3.55 27.45 -5.11
CA ASP F 379 4.60 27.58 -6.09
C ASP F 379 5.66 26.53 -5.69
N VAL F 380 5.80 25.53 -6.55
CA VAL F 380 6.61 24.37 -6.26
C VAL F 380 8.03 24.87 -6.12
N ARG F 381 8.29 25.99 -6.81
CA ARG F 381 9.60 26.64 -6.81
CA ARG F 381 9.62 26.62 -6.81
C ARG F 381 9.83 27.45 -5.54
N VAL F 382 9.09 27.18 -4.48
CA VAL F 382 9.36 27.82 -3.18
C VAL F 382 9.58 26.73 -2.17
N ALA F 383 10.71 26.79 -1.44
CA ALA F 383 11.10 25.69 -0.54
C ALA F 383 10.03 25.40 0.50
N PRO F 384 9.76 24.10 0.74
CA PRO F 384 9.00 23.80 1.94
C PRO F 384 9.90 24.01 3.12
N ASN F 385 9.31 24.35 4.26
CA ASN F 385 10.04 24.42 5.51
C ASN F 385 10.31 23.00 5.98
N VAL F 386 11.43 22.77 6.69
CA VAL F 386 11.70 21.44 7.28
C VAL F 386 12.18 21.55 8.70
N LYS F 387 11.73 20.62 9.54
CA LYS F 387 12.16 20.57 10.93
C LYS F 387 12.70 19.18 11.26
N PHE F 388 13.86 19.11 11.91
CA PHE F 388 14.55 17.84 12.07
C PHE F 388 14.61 17.40 13.51
N ASN F 389 14.58 18.39 14.41
CA ASN F 389 14.66 18.19 15.86
C ASN F 389 15.89 17.46 16.30
N TYR F 390 17.02 18.00 15.91
CA TYR F 390 18.29 17.50 16.33
C TYR F 390 18.31 17.24 17.83
N TYR F 391 18.98 16.15 18.17
CA TYR F 391 19.26 15.74 19.51
C TYR F 391 18.13 15.80 20.47
N SER F 392 17.09 15.03 20.19
CA SER F 392 15.96 14.97 21.08
C SER F 392 15.60 13.61 21.63
N ASN F 393 15.77 12.54 20.89
CA ASN F 393 15.20 11.28 21.33
C ASN F 393 16.04 10.04 21.23
N SER F 394 17.07 9.86 22.06
CA SER F 394 17.59 10.73 23.11
C SER F 394 18.88 9.97 23.38
N THR F 395 18.81 8.74 22.94
CA THR F 395 19.85 7.84 22.52
C THR F 395 20.76 8.44 21.44
N ASP F 396 20.20 9.32 20.61
CA ASP F 396 20.94 10.13 19.64
C ASP F 396 22.11 10.92 20.26
N LEU F 397 21.80 11.69 21.31
CA LEU F 397 22.77 12.53 21.99
C LEU F 397 23.78 11.66 22.71
N ALA F 398 23.32 10.52 23.25
CA ALA F 398 24.24 9.58 23.85
C ALA F 398 25.37 9.29 22.84
N HIS F 399 24.98 8.89 21.62
CA HIS F 399 25.89 8.47 20.56
C HIS F 399 26.80 9.62 20.09
N CYS F 400 26.28 10.83 20.16
CA CYS F 400 27.06 11.98 19.83
C CYS F 400 28.16 12.12 20.89
N VAL F 401 27.78 12.04 22.15
CA VAL F 401 28.75 12.11 23.22
C VAL F 401 29.81 11.03 23.04
N SER F 402 29.37 9.80 22.77
CA SER F 402 30.29 8.71 22.44
C SER F 402 31.24 9.07 21.32
N GLY F 403 30.66 9.45 20.16
CA GLY F 403 31.45 9.78 18.95
C GLY F 403 32.43 10.91 19.14
N MET F 404 32.07 11.87 19.98
CA MET F 404 32.94 12.99 20.20
C MET F 404 34.03 12.62 21.16
N LYS F 405 33.68 11.87 22.19
CA LYS F 405 34.71 11.30 23.04
C LYS F 405 35.77 10.61 22.16
N LYS F 406 35.31 9.76 21.22
CA LYS F 406 36.21 9.06 20.30
C LYS F 406 37.10 10.02 19.53
N ILE F 407 36.49 11.05 18.94
CA ILE F 407 37.27 12.07 18.22
C ILE F 407 38.28 12.73 19.15
N GLY F 408 37.88 12.96 20.40
CA GLY F 408 38.83 13.39 21.42
C GLY F 408 40.03 12.45 21.53
N GLU F 409 39.81 11.17 21.26
CA GLU F 409 40.86 10.19 21.25
C GLU F 409 41.76 10.36 20.03
N LEU F 410 41.16 10.38 18.83
CA LEU F 410 41.91 10.62 17.58
C LEU F 410 42.95 11.73 17.70
N LEU F 411 42.56 12.82 18.35
CA LEU F 411 43.44 13.95 18.56
C LEU F 411 44.61 13.59 19.47
N SER F 412 44.45 12.53 20.24
CA SER F 412 45.48 12.10 21.18
C SER F 412 46.44 11.01 20.66
N SER F 413 46.11 10.42 19.50
CA SER F 413 46.89 9.33 18.91
C SER F 413 48.20 9.88 18.35
N ASP F 414 49.21 9.00 18.19
CA ASP F 414 50.51 9.41 17.67
C ASP F 414 50.40 10.17 16.33
N ALA F 415 49.54 9.69 15.42
CA ALA F 415 49.44 10.19 14.06
C ALA F 415 49.15 11.69 13.93
N LEU F 416 48.43 12.25 14.88
CA LEU F 416 48.03 13.66 14.84
C LEU F 416 49.06 14.62 15.46
N LYS F 417 50.01 14.06 16.23
CA LYS F 417 51.08 14.83 16.87
C LYS F 417 51.81 15.80 15.94
N PRO F 418 52.05 15.44 14.67
CA PRO F 418 52.70 16.45 13.83
C PRO F 418 51.82 17.66 13.49
N TYR F 419 50.56 17.64 13.89
CA TYR F 419 49.62 18.72 13.51
C TYR F 419 49.17 19.57 14.68
N LYS F 420 49.83 19.37 15.80
CA LYS F 420 49.66 20.19 16.97
C LYS F 420 50.50 21.44 16.81
N VAL F 421 49.99 22.58 17.23
CA VAL F 421 50.81 23.78 17.19
C VAL F 421 51.79 23.79 18.36
N GLU F 422 51.37 23.19 19.47
CA GLU F 422 52.23 23.13 20.65
C GLU F 422 52.25 21.76 21.28
N ASP F 423 53.45 21.32 21.65
CA ASP F 423 53.63 19.99 22.23
C ASP F 423 53.07 19.94 23.65
N LEU F 424 51.98 19.20 23.83
CA LEU F 424 51.28 19.12 25.10
C LEU F 424 50.40 17.89 25.04
N PRO F 425 50.24 17.15 26.17
CA PRO F 425 49.48 15.87 26.14
C PRO F 425 48.01 16.03 25.70
N GLY F 426 47.51 15.00 25.02
CA GLY F 426 46.10 14.90 24.66
C GLY F 426 45.64 15.93 23.67
N ILE F 427 44.40 16.38 23.85
CA ILE F 427 43.70 17.13 22.81
C ILE F 427 44.24 18.54 22.61
N ASP F 428 44.82 19.13 23.66
CA ASP F 428 45.40 20.49 23.56
C ASP F 428 46.59 20.48 22.59
N GLY F 429 47.10 21.66 22.28
CA GLY F 429 48.22 21.70 21.38
C GLY F 429 47.72 21.75 19.96
N PHE F 430 46.43 21.51 19.79
CA PHE F 430 45.79 21.81 18.52
C PHE F 430 45.29 23.23 18.50
N ASP F 431 45.46 23.82 17.34
CA ASP F 431 44.97 25.13 17.06
C ASP F 431 43.58 24.93 16.44
N ILE F 432 42.56 25.12 17.25
CA ILE F 432 41.19 24.82 16.85
C ILE F 432 40.51 25.98 16.11
N LEU F 433 39.63 25.62 15.18
CA LEU F 433 38.74 26.60 14.56
C LEU F 433 37.29 26.29 14.88
N GLY F 434 36.71 27.17 15.68
CA GLY F 434 35.35 27.00 16.15
C GLY F 434 35.33 26.42 17.54
N ILE F 435 34.18 25.90 17.91
CA ILE F 435 33.93 25.42 19.25
C ILE F 435 34.79 24.19 19.53
N PRO F 436 35.64 24.27 20.57
CA PRO F 436 36.58 23.23 20.90
C PRO F 436 35.94 22.25 21.83
N LEU F 437 36.48 21.03 21.88
CA LEU F 437 36.01 19.99 22.83
C LEU F 437 36.21 20.41 24.29
N PRO F 438 35.47 19.79 25.22
CA PRO F 438 35.75 19.98 26.64
C PRO F 438 37.08 19.33 27.03
N GLU F 439 37.81 19.89 27.99
CA GLU F 439 39.05 19.27 28.47
C GLU F 439 38.78 17.94 29.17
N ASN F 440 37.80 17.94 30.09
CA ASN F 440 37.52 16.74 30.87
C ASN F 440 36.82 15.71 30.02
N GLN F 441 37.64 14.81 29.49
CA GLN F 441 37.22 13.73 28.62
C GLN F 441 36.23 12.79 29.28
N THR F 442 36.04 12.93 30.58
CA THR F 442 35.03 12.12 31.28
C THR F 442 33.75 12.90 31.65
N ASP F 443 33.68 14.19 31.28
CA ASP F 443 32.49 15.02 31.60
C ASP F 443 31.37 14.98 30.57
N ASP F 444 30.52 13.97 30.71
CA ASP F 444 29.36 13.76 29.85
C ASP F 444 28.51 15.00 29.58
N ALA F 445 28.05 15.67 30.63
CA ALA F 445 27.18 16.83 30.44
C ALA F 445 27.81 17.93 29.56
N ALA F 446 29.13 18.10 29.67
CA ALA F 446 29.84 19.10 28.87
C ALA F 446 29.81 18.73 27.39
N PHE F 447 29.97 17.43 27.14
CA PHE F 447 29.85 16.88 25.81
C PHE F 447 28.43 17.01 25.29
N GLU F 448 27.46 16.64 26.11
CA GLU F 448 26.04 16.79 25.76
C GLU F 448 25.75 18.20 25.28
N THR F 449 26.50 19.15 25.79
CA THR F 449 26.25 20.56 25.56
C THR F 449 27.00 21.02 24.34
N PHE F 450 28.21 20.51 24.18
CA PHE F 450 28.98 20.72 22.96
C PHE F 450 28.26 20.10 21.74
N CYS F 451 27.71 18.90 21.92
CA CYS F 451 27.02 18.21 20.86
C CYS F 451 25.91 19.08 20.35
N ARG F 452 25.17 19.68 21.27
CA ARG F 452 24.00 20.48 20.96
C ARG F 452 24.30 21.87 20.41
N GLU F 453 25.25 22.58 21.00
CA GLU F 453 25.57 23.92 20.56
C GLU F 453 26.34 23.93 19.24
N ALA F 454 27.01 22.82 18.92
CA ALA F 454 27.88 22.74 17.72
C ALA F 454 27.33 21.83 16.59
N VAL F 455 26.04 21.54 16.61
CA VAL F 455 25.45 20.66 15.63
C VAL F 455 25.38 21.32 14.26
N ALA F 456 25.59 20.51 13.23
CA ALA F 456 25.55 20.91 11.83
C ALA F 456 24.87 19.75 11.13
N SER F 457 24.55 19.87 9.84
CA SER F 457 23.91 18.78 9.11
C SER F 457 24.95 17.96 8.40
N TYR F 458 24.84 16.64 8.47
CA TYR F 458 25.73 15.80 7.67
C TYR F 458 25.28 15.73 6.19
N TRP F 459 24.11 16.29 5.90
CA TRP F 459 23.57 16.42 4.53
C TRP F 459 22.83 15.18 4.07
N HIS F 460 22.68 14.20 4.95
CA HIS F 460 22.09 12.94 4.55
C HIS F 460 20.61 12.79 4.92
N TYR F 461 19.88 13.90 4.98
CA TYR F 461 18.46 13.89 5.34
C TYR F 461 17.67 12.84 4.54
N HIS F 462 16.69 12.20 5.17
CA HIS F 462 15.86 11.21 4.49
C HIS F 462 14.50 11.13 5.16
N GLY F 463 13.57 10.41 4.53
CA GLY F 463 12.23 10.22 5.08
C GLY F 463 11.19 11.18 4.52
N GLY F 464 9.95 11.06 5.01
CA GLY F 464 8.87 11.96 4.60
C GLY F 464 7.88 11.34 3.65
N CYS F 465 8.21 10.14 3.18
CA CYS F 465 7.28 9.37 2.37
C CYS F 465 7.55 7.83 2.57
N LEU F 466 7.39 7.40 3.82
CA LEU F 466 7.84 6.11 4.33
C LEU F 466 7.17 4.85 3.83
N VAL F 467 7.98 3.83 3.61
CA VAL F 467 7.50 2.49 3.40
C VAL F 467 6.83 2.04 4.68
N GLY F 468 5.72 1.33 4.53
CA GLY F 468 4.96 0.89 5.66
C GLY F 468 4.15 2.00 6.27
N GLU F 469 4.34 3.24 5.84
CA GLU F 469 3.62 4.37 6.43
C GLU F 469 2.83 5.13 5.37
N VAL F 470 3.46 5.39 4.22
CA VAL F 470 2.78 5.94 3.03
C VAL F 470 2.73 4.89 1.92
N LEU F 471 3.81 4.08 1.83
CA LEU F 471 4.03 3.13 0.74
C LEU F 471 3.96 1.65 1.14
N ASP F 472 3.58 0.80 0.18
CA ASP F 472 3.68 -0.66 0.38
C ASP F 472 5.10 -1.18 0.01
N GLY F 473 5.32 -2.49 0.18
CA GLY F 473 6.61 -3.13 -0.13
C GLY F 473 7.15 -2.88 -1.53
N ASP F 474 6.30 -2.42 -2.44
CA ASP F 474 6.69 -2.20 -3.83
C ASP F 474 6.86 -0.73 -4.11
N PHE F 475 6.90 0.07 -3.06
CA PHE F 475 7.06 1.51 -3.22
C PHE F 475 5.82 2.19 -3.86
N ARG F 476 4.68 1.49 -3.85
CA ARG F 476 3.40 2.08 -4.29
C ARG F 476 2.77 2.86 -3.15
N VAL F 477 2.30 4.05 -3.50
CA VAL F 477 1.60 4.97 -2.60
C VAL F 477 0.25 4.31 -2.32
N THR F 478 0.04 3.82 -1.09
CA THR F 478 -1.16 2.99 -0.86
C THR F 478 -2.49 3.62 -1.28
N GLY F 479 -3.29 2.81 -1.98
CA GLY F 479 -4.66 3.17 -2.38
C GLY F 479 -4.79 4.18 -3.50
N ILE F 480 -3.81 4.17 -4.41
CA ILE F 480 -3.78 4.94 -5.63
C ILE F 480 -3.07 4.09 -6.69
N ASN F 481 -3.79 3.56 -7.67
CA ASN F 481 -3.14 2.85 -8.78
C ASN F 481 -2.12 3.73 -9.50
N ALA F 482 -1.08 3.10 -10.06
CA ALA F 482 -0.12 3.76 -10.97
C ALA F 482 0.73 4.90 -10.43
N LEU F 483 1.14 4.85 -9.16
CA LEU F 483 1.90 5.95 -8.60
C LEU F 483 2.87 5.47 -7.55
N ARG F 484 4.17 5.68 -7.80
CA ARG F 484 5.26 5.27 -6.89
C ARG F 484 6.18 6.42 -6.45
N VAL F 485 6.92 6.18 -5.36
CA VAL F 485 8.01 7.04 -4.86
C VAL F 485 9.32 6.22 -4.70
N VAL F 486 10.42 6.70 -5.26
CA VAL F 486 11.65 5.94 -5.16
C VAL F 486 12.79 6.91 -4.97
N ASP F 487 13.27 7.00 -3.75
CA ASP F 487 14.40 7.86 -3.40
C ASP F 487 14.64 7.84 -1.90
N GLY F 488 15.18 8.94 -1.37
CA GLY F 488 15.69 8.97 0.00
C GLY F 488 14.54 8.95 0.97
N SER F 489 13.47 9.61 0.56
CA SER F 489 12.26 9.80 1.36
C SER F 489 11.54 8.53 1.71
N THR F 490 12.04 7.34 1.34
CA THR F 490 11.33 6.08 1.61
C THR F 490 11.56 5.40 2.99
N PHE F 491 12.76 5.49 3.55
CA PHE F 491 13.07 4.79 4.80
C PHE F 491 13.41 5.78 5.94
N PRO F 492 13.21 5.37 7.21
CA PRO F 492 13.48 6.26 8.34
C PRO F 492 14.92 6.34 8.83
N TYR F 493 15.80 5.42 8.45
CA TYR F 493 17.18 5.52 8.96
C TYR F 493 18.26 5.43 7.87
N SER F 494 19.47 5.85 8.24
CA SER F 494 20.58 5.92 7.30
C SER F 494 21.12 4.52 6.94
N PRO F 495 21.13 4.19 5.62
CA PRO F 495 21.45 2.84 5.18
C PRO F 495 22.90 2.50 5.39
N ALA F 496 23.75 3.52 5.47
CA ALA F 496 25.18 3.33 5.69
C ALA F 496 25.69 4.64 6.24
N SER F 497 27.01 4.78 6.35
CA SER F 497 27.60 6.07 6.71
C SER F 497 27.44 7.05 5.57
N HIS F 498 27.38 6.55 4.33
CA HIS F 498 27.17 7.38 3.17
C HIS F 498 26.10 6.74 2.31
N PRO F 499 24.99 7.47 2.09
CA PRO F 499 23.76 6.82 1.63
C PRO F 499 23.59 6.68 0.13
N GLN F 500 24.43 7.32 -0.67
CA GLN F 500 24.17 7.37 -2.12
C GLN F 500 24.23 6.01 -2.78
N GLY F 501 25.20 5.20 -2.37
CA GLY F 501 25.36 3.85 -2.88
C GLY F 501 24.00 3.22 -2.84
N PHE F 502 23.43 3.17 -1.63
CA PHE F 502 22.11 2.60 -1.43
C PHE F 502 21.09 3.23 -2.36
N TYR F 503 21.10 4.55 -2.51
CA TYR F 503 20.06 5.20 -3.31
C TYR F 503 20.24 5.04 -4.81
N LEU F 504 21.48 4.89 -5.26
CA LEU F 504 21.79 4.64 -6.67
C LEU F 504 21.26 3.27 -7.07
N MET F 505 21.47 2.32 -6.17
CA MET F 505 20.94 0.98 -6.29
C MET F 505 19.42 0.96 -6.21
N LEU F 506 18.84 1.66 -5.25
CA LEU F 506 17.40 1.65 -5.14
C LEU F 506 16.74 2.04 -6.46
N GLY F 507 17.33 2.94 -7.21
CA GLY F 507 16.75 3.28 -8.49
C GLY F 507 16.54 2.03 -9.35
N ARG F 508 17.60 1.28 -9.59
CA ARG F 508 17.52 0.23 -10.56
C ARG F 508 16.73 -0.96 -10.05
N TYR F 509 16.85 -1.21 -8.74
CA TYR F 509 16.16 -2.34 -8.08
C TYR F 509 14.66 -2.29 -8.35
N VAL F 510 14.06 -1.15 -7.97
CA VAL F 510 12.67 -0.88 -8.19
C VAL F 510 12.35 -0.90 -9.69
N GLY F 511 13.32 -0.51 -10.51
CA GLY F 511 13.18 -0.56 -11.95
C GLY F 511 13.04 -1.98 -12.47
N SER F 512 13.92 -2.85 -12.00
CA SER F 512 13.87 -4.26 -12.37
C SER F 512 12.72 -4.97 -11.69
N LYS F 513 12.17 -4.39 -10.61
CA LYS F 513 10.95 -4.96 -10.01
C LYS F 513 9.74 -4.64 -10.89
N ILE F 514 9.66 -3.40 -11.38
CA ILE F 514 8.54 -2.98 -12.20
C ILE F 514 8.52 -3.75 -13.53
N LEU F 515 9.70 -3.87 -14.14
CA LEU F 515 9.86 -4.63 -15.39
C LEU F 515 9.49 -6.09 -15.20
N GLN F 516 9.73 -6.60 -13.98
CA GLN F 516 9.37 -7.95 -13.57
C GLN F 516 7.87 -8.24 -13.49
N GLU F 517 7.07 -7.27 -13.04
CA GLU F 517 5.61 -7.39 -13.09
C GLU F 517 5.00 -7.21 -14.50
N ARG F 518 5.73 -6.56 -15.39
CA ARG F 518 5.30 -6.45 -16.76
C ARG F 518 5.43 -7.76 -17.54
N SER F 519 6.48 -8.52 -17.24
CA SER F 519 6.71 -9.81 -17.89
C SER F 519 6.02 -11.01 -17.22
N ALA F 520 5.57 -10.86 -15.97
CA ALA F 520 4.56 -11.76 -15.37
C ALA F 520 3.14 -11.29 -15.79
N ALA F 521 3.14 -10.46 -16.84
CA ALA F 521 1.96 -10.06 -17.62
C ALA F 521 2.18 -10.39 -19.10
N LEU G 1 16.48 72.98 6.07
CA LEU G 1 16.23 72.98 4.60
C LEU G 1 17.49 72.67 3.76
N ALA G 2 17.32 71.82 2.75
CA ALA G 2 18.44 71.37 1.93
C ALA G 2 18.88 72.47 0.99
N THR G 3 20.00 72.26 0.32
CA THR G 3 20.48 73.21 -0.66
C THR G 3 20.39 72.59 -2.05
N THR G 4 19.79 73.33 -2.97
CA THR G 4 19.79 73.03 -4.41
C THR G 4 21.01 72.22 -4.83
N SER G 5 20.80 70.94 -5.14
CA SER G 5 21.88 69.99 -5.57
C SER G 5 21.34 68.84 -6.39
N ASP G 6 22.25 68.11 -7.03
CA ASP G 6 21.90 66.93 -7.81
C ASP G 6 21.20 65.89 -6.94
N HIS G 7 20.24 65.17 -7.52
CA HIS G 7 19.54 64.06 -6.83
C HIS G 7 20.63 63.09 -6.42
N ASP G 8 20.72 62.78 -5.13
CA ASP G 8 21.79 61.91 -4.66
C ASP G 8 21.42 60.43 -4.82
N PHE G 9 22.09 59.73 -5.74
CA PHE G 9 21.86 58.29 -5.94
C PHE G 9 22.93 57.40 -5.29
N SER G 10 23.50 57.84 -4.16
CA SER G 10 24.56 57.03 -3.52
C SER G 10 24.07 55.61 -3.17
N TYR G 11 22.79 55.47 -2.85
CA TYR G 11 22.20 54.20 -2.46
C TYR G 11 22.25 53.12 -3.57
N LEU G 12 22.55 53.51 -4.80
CA LEU G 12 22.57 52.52 -5.89
C LEU G 12 23.66 51.47 -5.69
N SER G 13 24.55 51.74 -4.74
CA SER G 13 25.55 50.75 -4.32
C SER G 13 24.99 49.56 -3.56
N PHE G 14 23.84 49.73 -2.89
CA PHE G 14 23.20 48.60 -2.21
C PHE G 14 21.80 48.28 -2.74
N ALA G 15 21.56 48.66 -3.98
CA ALA G 15 20.28 48.48 -4.62
C ALA G 15 20.36 47.41 -5.73
N TYR G 16 19.53 46.38 -5.63
CA TYR G 16 19.60 45.26 -6.54
C TYR G 16 18.30 45.02 -7.24
N ASP G 17 18.39 44.61 -8.49
CA ASP G 17 17.25 44.03 -9.18
C ASP G 17 17.00 42.68 -8.54
N ALA G 18 15.73 42.35 -8.30
CA ALA G 18 15.34 41.14 -7.58
C ALA G 18 15.96 39.85 -8.13
N THR G 19 16.19 39.84 -9.44
CA THR G 19 16.81 38.71 -10.12
C THR G 19 18.23 38.46 -9.62
N ASP G 20 18.87 39.50 -9.10
CA ASP G 20 20.22 39.41 -8.56
C ASP G 20 20.24 39.06 -7.08
N LEU G 21 19.07 39.06 -6.44
CA LEU G 21 18.97 38.74 -5.02
C LEU G 21 18.98 37.25 -4.78
N GLU G 22 19.38 36.88 -3.57
CA GLU G 22 19.43 35.49 -3.15
C GLU G 22 18.01 34.92 -3.09
N LEU G 23 17.87 33.63 -3.36
CA LEU G 23 16.56 32.96 -3.37
C LEU G 23 15.87 32.95 -1.99
N GLU G 24 16.65 32.77 -0.94
CA GLU G 24 16.13 32.80 0.40
C GLU G 24 17.16 33.56 1.23
N GLY G 25 16.72 34.55 2.00
CA GLY G 25 17.64 35.46 2.70
C GLY G 25 17.14 35.83 4.07
N SER G 26 18.01 36.37 4.90
CA SER G 26 17.57 36.66 6.26
C SER G 26 18.00 38.00 6.79
N TYR G 27 17.00 38.75 7.25
CA TYR G 27 17.18 40.10 7.74
C TYR G 27 16.50 40.30 9.09
N ASP G 28 16.97 41.31 9.81
CA ASP G 28 16.24 41.77 10.98
C ASP G 28 14.88 42.35 10.56
N TYR G 29 14.86 43.28 9.63
CA TYR G 29 13.59 43.88 9.20
C TYR G 29 13.36 43.79 7.70
N VAL G 30 12.12 43.51 7.26
CA VAL G 30 11.81 43.47 5.82
C VAL G 30 10.68 44.43 5.53
N ILE G 31 10.92 45.38 4.62
CA ILE G 31 10.00 46.51 4.40
C ILE G 31 9.38 46.31 3.04
N VAL G 32 8.07 46.06 2.99
CA VAL G 32 7.43 45.90 1.69
C VAL G 32 7.01 47.25 1.17
N GLY G 33 7.59 47.64 0.06
CA GLY G 33 7.23 48.88 -0.57
C GLY G 33 8.20 49.94 -0.16
N GLY G 34 8.95 50.44 -1.14
CA GLY G 34 9.96 51.45 -0.90
C GLY G 34 9.46 52.78 -1.38
N GLY G 35 8.33 53.19 -0.81
CA GLY G 35 7.73 54.47 -1.13
C GLY G 35 7.93 55.50 -0.02
N THR G 36 6.95 56.38 0.12
CA THR G 36 7.08 57.57 0.95
C THR G 36 7.41 57.32 2.44
N SER G 37 6.65 56.48 3.11
CA SER G 37 6.98 56.16 4.48
C SER G 37 8.05 55.09 4.52
N GLY G 38 7.89 54.11 3.63
CA GLY G 38 8.78 52.97 3.52
C GLY G 38 10.25 53.32 3.51
N CYS G 39 10.64 54.24 2.63
CA CYS G 39 12.07 54.52 2.47
C CYS G 39 12.72 55.04 3.74
N PRO G 40 12.27 56.21 4.28
CA PRO G 40 12.84 56.73 5.53
C PRO G 40 12.84 55.72 6.67
N LEU G 41 11.73 55.00 6.82
CA LEU G 41 11.63 53.91 7.81
C LEU G 41 12.83 52.95 7.74
N ALA G 42 13.12 52.46 6.53
CA ALA G 42 14.28 51.60 6.25
C ALA G 42 15.56 52.24 6.73
N ALA G 43 15.92 53.37 6.16
CA ALA G 43 17.15 54.05 6.56
C ALA G 43 17.27 54.05 8.08
N THR G 44 16.27 54.64 8.74
CA THR G 44 16.24 54.70 10.20
C THR G 44 16.59 53.37 10.86
N LEU G 45 15.96 52.28 10.41
CA LEU G 45 16.20 50.96 10.96
C LEU G 45 17.57 50.45 10.63
N SER G 46 18.00 50.50 9.36
CA SER G 46 19.36 50.07 9.03
C SER G 46 20.46 50.80 9.86
N GLU G 47 20.05 51.65 10.80
CA GLU G 47 20.99 52.33 11.68
C GLU G 47 21.59 51.37 12.71
N LYS G 48 20.81 50.34 13.08
N LYS G 48 20.82 50.36 13.11
CA LYS G 48 21.22 49.35 14.08
CA LYS G 48 21.31 49.30 13.99
C LYS G 48 20.92 47.88 13.70
C LYS G 48 21.25 47.93 13.32
N TYR G 49 20.14 47.65 12.64
CA TYR G 49 19.82 46.25 12.21
C TYR G 49 19.84 45.97 10.73
N LYS G 50 19.85 44.70 10.34
CA LYS G 50 19.90 44.34 8.92
C LYS G 50 18.52 44.45 8.25
N VAL G 51 18.47 45.16 7.14
CA VAL G 51 17.19 45.61 6.61
C VAL G 51 17.09 45.37 5.11
N LEU G 52 15.94 44.88 4.68
CA LEU G 52 15.62 44.67 3.27
C LEU G 52 14.37 45.45 2.93
N VAL G 53 14.37 46.02 1.74
CA VAL G 53 13.27 46.78 1.26
C VAL G 53 13.00 46.14 -0.05
N LEU G 54 11.74 45.78 -0.26
CA LEU G 54 11.32 45.29 -1.55
C LEU G 54 10.32 46.28 -2.16
N GLU G 55 10.24 46.28 -3.48
CA GLU G 55 9.55 47.33 -4.23
C GLU G 55 9.30 46.80 -5.64
N ARG G 56 8.04 46.90 -6.06
CA ARG G 56 7.61 46.36 -7.34
C ARG G 56 8.24 47.15 -8.46
N GLY G 57 8.48 48.43 -8.22
CA GLY G 57 8.87 49.36 -9.25
C GLY G 57 10.33 49.30 -9.64
N THR G 58 10.78 50.31 -10.37
CA THR G 58 12.11 50.33 -10.95
C THR G 58 12.91 51.43 -10.28
N LEU G 59 14.20 51.50 -10.60
CA LEU G 59 15.07 52.59 -10.14
C LEU G 59 14.67 53.90 -10.83
N PRO G 60 14.76 55.04 -10.12
CA PRO G 60 14.34 56.28 -10.76
C PRO G 60 15.20 56.63 -11.99
N THR G 61 16.39 56.02 -12.10
CA THR G 61 17.29 56.29 -13.21
C THR G 61 16.73 55.73 -14.52
N ALA G 62 15.93 54.65 -14.41
CA ALA G 62 15.24 54.03 -15.56
C ALA G 62 14.18 54.93 -16.25
N TYR G 63 13.69 55.95 -15.53
CA TYR G 63 12.73 56.86 -16.12
C TYR G 63 13.10 58.34 -15.99
N PRO G 64 14.11 58.79 -16.78
CA PRO G 64 14.91 59.95 -16.42
C PRO G 64 14.01 61.16 -16.24
N ASN G 65 12.77 61.03 -16.70
CA ASN G 65 11.86 62.14 -16.82
C ASN G 65 11.07 62.45 -15.54
N LEU G 66 11.43 61.85 -14.41
CA LEU G 66 10.78 62.23 -13.15
C LEU G 66 11.75 62.66 -12.10
N LEU G 67 12.86 63.24 -12.52
CA LEU G 67 13.83 63.79 -11.57
C LEU G 67 13.92 65.31 -11.80
N THR G 68 13.08 65.82 -12.70
CA THR G 68 12.91 67.25 -12.83
C THR G 68 11.42 67.43 -12.87
N SER G 69 10.98 68.63 -12.53
CA SER G 69 9.55 68.99 -12.55
C SER G 69 8.96 69.21 -13.96
N ASP G 70 9.80 69.53 -14.95
CA ASP G 70 9.36 69.53 -16.34
C ASP G 70 8.58 68.27 -16.63
N GLY G 71 9.01 67.17 -16.01
CA GLY G 71 8.41 65.87 -16.24
C GLY G 71 7.02 65.59 -15.69
N PHE G 72 6.58 66.40 -14.73
CA PHE G 72 5.34 66.11 -14.00
C PHE G 72 4.17 65.65 -14.91
N ILE G 73 3.77 66.53 -15.82
CA ILE G 73 2.75 66.23 -16.83
C ILE G 73 3.16 65.07 -17.70
N TYR G 74 4.40 65.09 -18.17
CA TYR G 74 4.91 63.98 -18.95
C TYR G 74 4.59 62.60 -18.32
N ASN G 75 4.94 62.38 -17.06
CA ASN G 75 4.66 61.09 -16.45
C ASN G 75 3.20 60.70 -16.54
N LEU G 76 2.30 61.58 -16.10
CA LEU G 76 0.87 61.31 -16.12
C LEU G 76 0.35 61.04 -17.53
N GLN G 77 1.02 61.65 -18.51
CA GLN G 77 0.69 61.51 -19.92
C GLN G 77 1.05 60.16 -20.52
N GLN G 78 2.10 59.53 -20.00
CA GLN G 78 2.59 58.26 -20.57
C GLN G 78 1.64 57.09 -20.36
N GLU G 79 1.56 56.22 -21.36
CA GLU G 79 0.71 55.03 -21.32
C GLU G 79 1.19 54.08 -20.23
N ASP G 80 0.26 53.35 -19.63
CA ASP G 80 0.62 52.41 -18.59
C ASP G 80 0.81 51.00 -19.15
N ASP G 81 2.05 50.53 -19.11
CA ASP G 81 2.40 49.18 -19.58
C ASP G 81 2.75 48.22 -18.42
N GLY G 82 2.49 48.64 -17.18
CA GLY G 82 2.84 47.82 -16.03
C GLY G 82 4.27 48.00 -15.53
N GLN G 83 5.08 48.77 -16.28
CA GLN G 83 6.48 49.08 -15.93
C GLN G 83 6.72 50.56 -15.55
N THR G 84 6.18 51.47 -16.35
CA THR G 84 6.20 52.91 -16.09
C THR G 84 5.99 53.28 -14.62
N PRO G 85 6.52 54.43 -14.18
CA PRO G 85 6.44 54.79 -12.77
C PRO G 85 5.10 55.36 -12.33
N VAL G 86 4.16 55.47 -13.26
CA VAL G 86 2.79 55.88 -12.93
C VAL G 86 1.81 54.75 -13.23
N GLU G 87 1.10 54.27 -12.20
CA GLU G 87 0.02 53.32 -12.41
C GLU G 87 -1.33 53.99 -12.49
N ARG G 88 -2.07 53.75 -13.59
CA ARG G 88 -3.43 54.29 -13.72
C ARG G 88 -4.50 53.36 -13.17
N PHE G 89 -5.46 53.97 -12.48
CA PHE G 89 -6.64 53.27 -12.10
C PHE G 89 -7.84 54.20 -12.17
N VAL G 90 -9.01 53.57 -12.32
CA VAL G 90 -10.30 54.21 -12.35
C VAL G 90 -11.01 53.70 -11.09
N SER G 91 -11.60 54.59 -10.31
CA SER G 91 -12.32 54.14 -9.14
C SER G 91 -13.73 53.64 -9.51
N GLY G 92 -14.32 52.84 -8.62
CA GLY G 92 -15.73 52.43 -8.70
C GLY G 92 -16.62 53.64 -8.93
N ASP G 93 -16.24 54.80 -8.40
CA ASP G 93 -17.04 56.00 -8.62
C ASP G 93 -16.97 56.52 -10.02
N GLY G 94 -15.96 56.09 -10.79
CA GLY G 94 -15.77 56.56 -12.16
C GLY G 94 -14.76 57.70 -12.30
N ILE G 95 -13.82 57.78 -11.36
CA ILE G 95 -12.91 58.91 -11.30
C ILE G 95 -11.45 58.51 -11.53
N ASP G 96 -10.87 58.98 -12.64
CA ASP G 96 -9.44 58.77 -12.93
C ASP G 96 -8.49 59.22 -11.85
N ASP G 97 -7.48 58.38 -11.63
CA ASP G 97 -6.56 58.49 -10.49
C ASP G 97 -5.28 57.73 -10.76
N VAL G 98 -4.20 58.08 -10.06
CA VAL G 98 -2.93 57.38 -10.24
C VAL G 98 -2.21 57.08 -8.93
N ARG G 99 -1.39 56.01 -8.94
CA ARG G 99 -0.38 55.72 -7.91
C ARG G 99 1.06 55.55 -8.46
N GLY G 100 2.07 55.82 -7.63
CA GLY G 100 3.47 55.57 -8.00
C GLY G 100 3.84 54.09 -8.05
N ARG G 101 4.58 53.69 -9.08
CA ARG G 101 5.08 52.33 -9.21
C ARG G 101 6.58 52.40 -9.51
N VAL G 102 7.35 52.86 -8.52
CA VAL G 102 8.78 53.26 -8.68
C VAL G 102 9.46 53.57 -7.32
N LEU G 103 10.77 53.29 -7.21
CA LEU G 103 11.51 53.54 -5.96
C LEU G 103 11.40 55.00 -5.48
N GLY G 104 10.92 55.16 -4.26
CA GLY G 104 10.51 56.48 -3.74
C GLY G 104 9.01 56.66 -3.87
N GLY G 105 8.38 55.65 -4.46
CA GLY G 105 6.93 55.55 -4.53
C GLY G 105 6.29 56.77 -5.15
N THR G 106 5.14 57.15 -4.61
CA THR G 106 4.36 58.22 -5.20
C THR G 106 5.05 59.56 -5.08
N SER G 107 5.82 59.77 -4.03
CA SER G 107 6.58 61.00 -3.95
C SER G 107 7.70 61.12 -5.02
N MET G 108 7.71 60.23 -5.99
CA MET G 108 8.55 60.35 -7.17
C MET G 108 7.75 60.93 -8.34
N ILE G 109 6.43 60.88 -8.25
CA ILE G 109 5.58 61.35 -9.34
C ILE G 109 4.70 62.52 -8.93
N ASN G 110 4.88 62.99 -7.70
CA ASN G 110 3.95 63.95 -7.16
C ASN G 110 4.22 65.40 -7.59
N ALA G 111 3.40 66.33 -7.08
CA ALA G 111 3.54 67.74 -7.48
C ALA G 111 4.56 68.46 -6.58
N GLY G 112 5.10 67.74 -5.62
CA GLY G 112 6.27 68.17 -4.89
C GLY G 112 5.97 69.08 -3.73
N VAL G 113 4.69 69.38 -3.49
CA VAL G 113 4.35 70.31 -2.40
C VAL G 113 4.67 69.63 -1.07
N TYR G 114 5.28 70.37 -0.13
CA TYR G 114 5.64 69.87 1.22
C TYR G 114 5.07 70.72 2.35
N ALA G 115 4.38 70.06 3.29
CA ALA G 115 3.86 70.71 4.49
C ALA G 115 3.93 69.79 5.69
N ARG G 116 4.18 70.34 6.87
CA ARG G 116 4.07 69.64 8.15
C ARG G 116 2.59 69.65 8.50
N ALA G 117 2.11 68.66 9.23
CA ALA G 117 0.66 68.45 9.43
C ALA G 117 -0.01 69.48 10.33
N ASN G 118 -1.35 69.54 10.27
CA ASN G 118 -2.15 70.29 11.23
C ASN G 118 -1.73 69.82 12.60
N THR G 119 -0.96 70.64 13.32
CA THR G 119 -0.46 70.29 14.66
C THR G 119 -1.60 69.88 15.63
N LYS G 120 -2.80 70.38 15.39
CA LYS G 120 -3.94 70.03 16.23
C LYS G 120 -4.45 68.59 16.01
N ILE G 121 -3.92 67.92 14.99
CA ILE G 121 -4.40 66.59 14.60
C ILE G 121 -3.72 65.52 15.45
N PHE G 122 -2.55 65.84 15.99
CA PHE G 122 -1.79 64.88 16.80
C PHE G 122 -2.55 64.46 18.06
N SER G 123 -3.41 65.34 18.56
CA SER G 123 -4.14 65.11 19.82
C SER G 123 -4.98 63.83 19.89
N ALA G 124 -6.21 63.86 19.41
CA ALA G 124 -7.07 62.65 19.56
C ALA G 124 -6.80 61.62 18.48
N SER G 125 -5.54 61.52 18.06
CA SER G 125 -5.18 60.70 16.91
C SER G 125 -5.43 59.21 17.19
N GLY G 126 -5.30 58.83 18.46
CA GLY G 126 -5.41 57.43 18.80
C GLY G 126 -4.03 56.80 18.94
N ILE G 127 -2.99 57.59 18.67
CA ILE G 127 -1.65 57.18 19.07
C ILE G 127 -0.97 58.20 19.99
N GLU G 128 -0.05 57.71 20.81
CA GLU G 128 0.65 58.52 21.81
C GLU G 128 1.87 59.21 21.18
N TRP G 129 1.68 60.40 20.62
CA TRP G 129 2.76 60.99 19.86
C TRP G 129 3.81 61.54 20.78
N ASP G 130 5.05 61.12 20.59
CA ASP G 130 6.22 61.76 21.17
C ASP G 130 6.61 62.97 20.30
N MET G 131 6.20 64.15 20.73
CA MET G 131 6.27 65.34 19.90
C MET G 131 7.65 65.96 19.75
N ASP G 132 8.50 65.78 20.77
CA ASP G 132 9.92 66.16 20.68
C ASP G 132 10.55 65.47 19.47
N LEU G 133 10.09 64.25 19.20
CA LEU G 133 10.62 63.36 18.19
C LEU G 133 10.02 63.65 16.84
N VAL G 134 8.75 64.01 16.85
CA VAL G 134 8.02 64.41 15.64
C VAL G 134 8.72 65.60 14.97
N ASN G 135 8.91 66.67 15.72
CA ASN G 135 9.62 67.84 15.23
C ASN G 135 11.10 67.60 14.85
N GLN G 136 11.74 66.68 15.56
CA GLN G 136 13.12 66.32 15.29
C GLN G 136 13.21 65.56 13.96
N THR G 137 12.12 64.83 13.66
CA THR G 137 12.05 64.04 12.46
C THR G 137 11.75 64.91 11.25
N TYR G 138 10.76 65.80 11.35
CA TYR G 138 10.55 66.76 10.28
C TYR G 138 11.86 67.44 9.87
N ASP G 139 12.63 67.93 10.84
CA ASP G 139 13.99 68.47 10.65
C ASP G 139 14.84 67.56 9.77
N TRP G 140 14.93 66.30 10.19
CA TRP G 140 15.75 65.28 9.54
C TRP G 140 15.36 65.11 8.07
N VAL G 141 14.06 65.02 7.78
CA VAL G 141 13.62 64.95 6.37
C VAL G 141 13.92 66.27 5.62
N GLU G 142 13.41 67.36 6.17
CA GLU G 142 13.46 68.68 5.55
C GLU G 142 14.86 69.08 5.13
N ASP G 143 15.86 68.65 5.92
CA ASP G 143 17.25 69.03 5.68
C ASP G 143 17.88 68.26 4.53
N THR G 144 17.16 67.25 4.05
CA THR G 144 17.66 66.37 3.02
C THR G 144 16.93 66.57 1.69
N ILE G 145 15.59 66.71 1.72
CA ILE G 145 14.77 66.88 0.49
C ILE G 145 13.76 68.07 0.42
N VAL G 146 13.85 69.04 1.34
CA VAL G 146 12.94 70.21 1.29
C VAL G 146 13.70 71.53 1.00
N TYR G 147 13.14 72.34 0.10
CA TYR G 147 13.74 73.59 -0.38
C TYR G 147 12.78 74.77 -0.17
N LYS G 148 13.34 75.97 -0.10
CA LYS G 148 12.54 77.17 -0.03
C LYS G 148 12.51 77.70 -1.46
N PRO G 149 11.31 77.70 -2.06
CA PRO G 149 11.18 77.96 -3.48
C PRO G 149 11.51 79.40 -3.86
N ASP G 150 11.71 79.60 -5.15
CA ASP G 150 11.99 80.92 -5.67
C ASP G 150 10.71 81.66 -6.09
N LYS G 151 10.80 83.00 -6.07
CA LYS G 151 9.79 83.89 -6.61
C LYS G 151 9.43 83.35 -7.99
N GLN G 152 8.12 83.19 -8.23
CA GLN G 152 7.60 82.65 -9.48
C GLN G 152 6.36 83.44 -9.91
N ALA G 153 6.45 84.19 -11.00
CA ALA G 153 5.37 85.11 -11.42
C ALA G 153 3.97 84.60 -11.10
N TRP G 154 3.54 83.52 -11.75
CA TRP G 154 2.18 83.04 -11.56
C TRP G 154 1.84 82.75 -10.13
N GLN G 155 2.78 82.21 -9.38
CA GLN G 155 2.53 81.91 -7.99
C GLN G 155 2.37 83.17 -7.14
N SER G 156 3.30 84.12 -7.33
CA SER G 156 3.28 85.46 -6.69
C SER G 156 1.97 86.16 -7.01
N LEU G 157 1.39 85.71 -8.11
CA LEU G 157 0.17 86.27 -8.61
C LEU G 157 -1.02 85.67 -7.88
N THR G 158 -0.94 84.38 -7.58
CA THR G 158 -1.95 83.73 -6.76
C THR G 158 -1.84 84.21 -5.29
N LYS G 159 -0.61 84.42 -4.81
CA LYS G 159 -0.40 84.96 -3.47
C LYS G 159 -1.17 86.27 -3.25
N THR G 160 -0.99 87.26 -4.15
CA THR G 160 -1.73 88.53 -4.02
C THR G 160 -3.24 88.33 -4.24
N ALA G 161 -3.61 87.46 -5.18
CA ALA G 161 -5.00 87.11 -5.40
C ALA G 161 -5.63 86.54 -4.11
N PHE G 162 -4.96 85.61 -3.46
CA PHE G 162 -5.41 85.09 -2.18
C PHE G 162 -5.60 86.21 -1.15
N LEU G 163 -4.63 87.12 -1.07
CA LEU G 163 -4.69 88.18 -0.09
C LEU G 163 -5.86 89.10 -0.34
N GLU G 164 -6.07 89.49 -1.58
CA GLU G 164 -7.19 90.39 -1.91
C GLU G 164 -8.54 89.75 -1.61
N ALA G 165 -8.61 88.42 -1.65
CA ALA G 165 -9.85 87.68 -1.42
C ALA G 165 -10.09 87.35 0.07
N GLY G 166 -9.29 87.97 0.93
CA GLY G 166 -9.46 87.84 2.37
C GLY G 166 -8.92 86.57 3.02
N VAL G 167 -8.02 85.84 2.36
CA VAL G 167 -7.43 84.67 3.02
C VAL G 167 -6.22 85.11 3.84
N LEU G 168 -6.50 85.56 5.06
CA LEU G 168 -5.48 86.17 5.93
C LEU G 168 -5.22 85.19 7.10
N PRO G 169 -4.07 85.29 7.78
CA PRO G 169 -2.94 86.20 7.59
C PRO G 169 -1.88 85.71 6.58
N ASP G 170 -0.97 86.62 6.24
CA ASP G 170 0.16 86.36 5.36
C ASP G 170 1.29 85.78 6.21
N ASN G 171 1.38 84.47 6.24
CA ASN G 171 2.42 83.77 6.98
C ASN G 171 3.83 83.82 6.29
N GLY G 172 3.90 84.49 5.14
CA GLY G 172 5.13 84.54 4.35
C GLY G 172 5.58 83.16 3.88
N PHE G 173 6.80 82.80 4.27
CA PHE G 173 7.32 81.48 4.00
C PHE G 173 7.18 80.66 5.27
N SER G 174 6.42 79.57 5.20
CA SER G 174 6.30 78.68 6.35
C SER G 174 5.92 77.29 5.90
N LEU G 175 6.48 76.27 6.55
CA LEU G 175 6.18 74.89 6.22
C LEU G 175 4.96 74.39 6.98
N ASP G 176 4.51 75.17 7.96
CA ASP G 176 3.44 74.71 8.84
C ASP G 176 2.10 74.93 8.18
N HIS G 177 1.21 73.97 8.35
CA HIS G 177 -0.15 74.07 7.85
C HIS G 177 -0.89 74.94 8.86
N GLU G 178 -1.08 76.22 8.52
CA GLU G 178 -2.01 77.08 9.30
C GLU G 178 -2.89 77.86 8.36
N ALA G 179 -4.06 78.24 8.87
CA ALA G 179 -4.97 79.06 8.07
C ALA G 179 -4.28 80.35 7.63
N GLY G 180 -4.57 80.73 6.39
CA GLY G 180 -3.93 81.88 5.76
C GLY G 180 -3.15 81.57 4.49
N THR G 181 -2.72 82.62 3.81
CA THR G 181 -1.89 82.47 2.63
C THR G 181 -0.41 82.41 2.99
N ARG G 182 0.23 81.37 2.49
CA ARG G 182 1.62 81.25 2.72
C ARG G 182 2.25 80.65 1.50
N LEU G 183 3.58 80.66 1.54
CA LEU G 183 4.46 80.05 0.58
C LEU G 183 5.11 78.85 1.28
N THR G 184 5.01 77.68 0.68
CA THR G 184 5.41 76.47 1.37
C THR G 184 6.70 75.88 0.80
N GLY G 185 7.26 74.87 1.49
CA GLY G 185 8.44 74.16 1.00
C GLY G 185 8.07 73.21 -0.12
N SER G 186 9.04 72.92 -0.97
CA SER G 186 8.87 71.98 -2.06
C SER G 186 9.94 70.91 -2.01
N THR G 187 9.63 69.75 -2.54
CA THR G 187 10.63 68.76 -2.68
C THR G 187 11.14 68.89 -4.08
N PHE G 188 11.07 70.08 -4.62
CA PHE G 188 11.63 70.41 -5.92
C PHE G 188 12.66 71.50 -5.71
N ASP G 189 13.80 71.43 -6.34
CA ASP G 189 14.77 72.48 -6.13
C ASP G 189 14.86 73.63 -7.09
N ASN G 190 15.56 74.64 -6.68
CA ASN G 190 15.58 75.86 -7.38
C ASN G 190 16.17 75.78 -8.72
N ASN G 191 16.74 74.65 -9.03
CA ASN G 191 17.27 74.42 -10.35
C ASN G 191 16.29 73.49 -10.97
N GLY G 192 15.36 72.99 -10.20
CA GLY G 192 14.32 72.20 -10.78
C GLY G 192 14.29 70.73 -10.49
N THR G 193 15.33 70.19 -9.89
CA THR G 193 15.46 68.79 -9.64
C THR G 193 14.49 68.30 -8.64
N ARG G 194 14.01 67.09 -8.82
CA ARG G 194 13.10 66.53 -7.88
C ARG G 194 13.83 65.74 -6.88
N HIS G 195 13.34 65.82 -5.65
CA HIS G 195 13.92 65.05 -4.62
C HIS G 195 12.92 64.27 -3.83
N ALA G 196 12.51 63.08 -4.24
CA ALA G 196 11.92 62.14 -3.33
C ALA G 196 13.08 62.02 -2.37
N SER G 197 13.10 61.22 -1.34
CA SER G 197 12.12 60.26 -0.82
C SER G 197 12.80 58.91 -0.72
N ASP G 198 13.27 58.43 -1.87
CA ASP G 198 14.21 57.34 -1.96
C ASP G 198 15.59 57.87 -1.57
N GLU G 199 15.73 59.20 -1.62
CA GLU G 199 16.96 59.90 -1.25
C GLU G 199 17.23 59.85 0.23
N LEU G 200 16.21 59.52 1.03
CA LEU G 200 16.42 59.37 2.46
C LEU G 200 17.06 58.00 2.74
N LEU G 201 17.13 57.13 1.72
CA LEU G 201 17.85 55.86 1.80
C LEU G 201 19.31 56.11 2.14
N ASN G 202 19.82 57.20 1.58
CA ASN G 202 21.18 57.63 1.80
C ASN G 202 21.54 57.94 3.24
N LYS G 203 20.54 58.12 4.09
CA LYS G 203 20.79 58.41 5.49
C LYS G 203 20.91 57.14 6.33
N GLY G 204 20.60 55.99 5.72
CA GLY G 204 20.79 54.68 6.38
C GLY G 204 22.22 54.20 6.32
N ASP G 205 22.48 53.02 6.87
CA ASP G 205 23.82 52.44 6.93
C ASP G 205 24.12 51.53 5.74
N PRO G 206 25.06 51.92 4.86
CA PRO G 206 25.18 51.11 3.62
C PRO G 206 25.47 49.67 3.92
N ASN G 207 26.03 49.39 5.10
CA ASN G 207 26.43 48.03 5.49
C ASN G 207 25.27 47.16 5.95
N ASN G 208 24.19 47.80 6.38
CA ASN G 208 23.01 47.10 6.87
C ASN G 208 21.87 47.09 5.87
N LEU G 209 21.79 48.14 5.05
CA LEU G 209 20.67 48.35 4.15
C LEU G 209 20.85 47.67 2.80
N ARG G 210 19.79 47.04 2.31
CA ARG G 210 19.75 46.45 0.97
C ARG G 210 18.38 46.70 0.36
N VAL G 211 18.39 47.26 -0.83
CA VAL G 211 17.17 47.64 -1.51
C VAL G 211 17.00 46.67 -2.66
N ALA G 212 15.78 46.24 -2.90
CA ALA G 212 15.51 45.51 -4.13
C ALA G 212 14.31 46.04 -4.88
N VAL G 213 14.53 46.20 -6.17
CA VAL G 213 13.57 46.75 -7.09
C VAL G 213 13.16 45.64 -8.05
N HIS G 214 12.03 45.83 -8.73
CA HIS G 214 11.42 44.81 -9.58
C HIS G 214 11.05 43.56 -8.79
N ALA G 215 10.69 43.78 -7.52
CA ALA G 215 10.33 42.71 -6.60
C ALA G 215 8.90 42.83 -6.18
N SER G 216 8.04 42.07 -6.84
CA SER G 216 6.63 42.00 -6.50
C SER G 216 6.39 41.14 -5.25
N VAL G 217 6.09 41.77 -4.12
CA VAL G 217 5.71 41.03 -2.91
C VAL G 217 4.30 40.42 -3.03
N GLU G 218 4.19 39.10 -3.01
CA GLU G 218 2.93 38.38 -3.24
C GLU G 218 2.17 37.89 -2.02
N LYS G 219 2.88 37.40 -1.02
CA LYS G 219 2.28 36.82 0.17
C LYS G 219 3.13 37.16 1.38
N ILE G 220 2.50 37.41 2.53
CA ILE G 220 3.17 37.46 3.84
C ILE G 220 3.03 36.10 4.51
N ILE G 221 4.16 35.54 4.96
CA ILE G 221 4.16 34.20 5.55
C ILE G 221 4.11 34.27 7.06
N PHE G 222 3.21 33.48 7.63
CA PHE G 222 3.08 33.31 9.09
C PHE G 222 3.41 31.87 9.52
N SER G 223 3.64 31.68 10.82
CA SER G 223 3.59 30.37 11.44
C SER G 223 2.89 30.51 12.79
N SER G 224 2.12 29.49 13.16
CA SER G 224 1.38 29.56 14.41
C SER G 224 2.31 29.35 15.59
N ASN G 225 3.25 30.31 15.72
CA ASN G 225 4.25 30.45 16.80
C ASN G 225 5.05 31.77 16.71
N SER G 226 5.16 32.52 17.80
CA SER G 226 4.64 32.15 19.12
C SER G 226 4.16 33.38 19.91
N SER G 227 3.41 33.16 20.97
CA SER G 227 2.73 31.89 21.23
C SER G 227 1.81 31.63 19.99
N GLY G 228 0.92 32.60 19.71
CA GLY G 228 0.10 32.58 18.51
C GLY G 228 0.82 33.10 17.27
N VAL G 229 0.05 33.66 16.35
CA VAL G 229 0.48 34.09 15.03
C VAL G 229 1.67 35.00 15.08
N THR G 230 2.53 34.88 14.07
CA THR G 230 3.70 35.70 13.91
C THR G 230 4.04 35.71 12.45
N ALA G 231 4.36 36.85 11.87
CA ALA G 231 4.87 36.92 10.49
C ALA G 231 6.34 36.48 10.45
N ILE G 232 6.66 35.52 9.56
CA ILE G 232 8.02 34.96 9.50
C ILE G 232 8.87 35.39 8.31
N GLY G 233 8.26 36.16 7.42
CA GLY G 233 8.90 36.64 6.20
C GLY G 233 7.88 36.85 5.10
N VAL G 234 8.33 37.20 3.91
CA VAL G 234 7.42 37.34 2.77
C VAL G 234 7.85 36.47 1.58
N ILE G 235 7.08 36.51 0.50
CA ILE G 235 7.52 35.95 -0.77
C ILE G 235 7.28 36.99 -1.86
N TYR G 236 8.28 37.19 -2.70
CA TYR G 236 8.22 38.20 -3.76
C TYR G 236 8.69 37.56 -5.08
N LYS G 237 8.24 38.09 -6.21
CA LYS G 237 8.62 37.57 -7.50
C LYS G 237 9.55 38.55 -8.25
N ASP G 238 10.51 37.99 -8.99
CA ASP G 238 11.48 38.78 -9.76
C ASP G 238 10.98 38.89 -11.19
N SER G 239 11.62 39.76 -11.99
CA SER G 239 11.16 40.03 -13.36
C SER G 239 11.13 38.80 -14.28
N ASN G 240 11.64 37.67 -13.80
CA ASN G 240 11.75 36.42 -14.56
C ASN G 240 10.65 35.40 -14.35
N GLY G 241 10.04 35.45 -13.16
CA GLY G 241 9.12 34.43 -12.66
C GLY G 241 9.61 33.95 -11.29
N THR G 242 10.92 33.72 -11.18
CA THR G 242 11.51 33.10 -9.99
C THR G 242 11.02 33.76 -8.70
N PRO G 243 10.46 32.93 -7.78
CA PRO G 243 9.98 33.43 -6.50
C PRO G 243 11.03 33.29 -5.41
N HIS G 244 11.30 34.40 -4.75
CA HIS G 244 12.26 34.47 -3.66
C HIS G 244 11.52 34.55 -2.35
N GLN G 245 12.22 34.20 -1.26
CA GLN G 245 11.75 34.48 0.10
C GLN G 245 12.70 35.42 0.85
N ALA G 246 12.12 36.22 1.75
CA ALA G 246 12.85 36.98 2.78
C ALA G 246 12.31 36.65 4.17
N PHE G 247 13.19 36.21 5.05
CA PHE G 247 12.80 35.86 6.40
C PHE G 247 13.30 36.88 7.42
N VAL G 248 12.48 37.07 8.45
CA VAL G 248 12.86 37.83 9.66
C VAL G 248 13.33 36.89 10.78
N ARG G 249 14.41 37.26 11.45
CA ARG G 249 14.95 36.46 12.55
C ARG G 249 14.34 36.87 13.88
N GLY G 250 14.54 36.05 14.93
CA GLY G 250 14.17 36.38 16.30
C GLY G 250 14.13 37.88 16.50
N GLU G 251 12.99 38.38 17.00
CA GLU G 251 12.77 39.81 17.34
C GLU G 251 12.56 40.85 16.19
N GLY G 252 12.42 40.39 14.94
CA GLY G 252 12.17 41.28 13.77
C GLY G 252 10.73 41.27 13.21
N GLU G 253 10.52 41.88 12.02
CA GLU G 253 9.20 42.21 11.37
C GLU G 253 9.69 42.98 10.14
N VAL G 254 9.08 42.89 8.98
CA VAL G 254 7.69 42.94 8.52
C VAL G 254 6.85 44.11 8.86
N ILE G 255 7.11 45.13 8.07
CA ILE G 255 6.44 46.36 8.05
C ILE G 255 5.97 46.38 6.65
N VAL G 256 4.68 46.58 6.44
CA VAL G 256 4.11 46.67 5.13
C VAL G 256 3.89 48.12 4.87
N SER G 257 4.57 48.63 3.85
CA SER G 257 4.57 50.03 3.48
C SER G 257 4.13 50.26 2.03
N ALA G 258 3.08 49.57 1.61
CA ALA G 258 2.72 49.52 0.20
C ALA G 258 1.58 50.47 -0.19
N GLY G 259 1.15 51.31 0.74
CA GLY G 259 0.22 52.42 0.45
C GLY G 259 -1.24 52.07 0.62
N PRO G 260 -2.17 53.08 0.52
CA PRO G 260 -3.59 52.75 0.72
C PRO G 260 -4.07 51.58 -0.15
N ILE G 261 -3.64 51.52 -1.41
CA ILE G 261 -4.02 50.40 -2.26
C ILE G 261 -3.17 49.14 -2.05
N GLY G 262 -1.86 49.29 -1.86
CA GLY G 262 -0.98 48.14 -1.65
C GLY G 262 -1.20 47.35 -0.38
N SER G 263 -1.15 48.02 0.78
CA SER G 263 -1.22 47.34 2.08
C SER G 263 -2.47 46.50 2.26
N PRO G 264 -3.65 47.05 1.97
CA PRO G 264 -4.82 46.18 2.17
C PRO G 264 -4.89 45.04 1.15
N GLN G 265 -4.41 45.27 -0.07
CA GLN G 265 -4.40 44.20 -1.06
C GLN G 265 -3.48 43.07 -0.61
N LEU G 266 -2.30 43.44 -0.13
CA LEU G 266 -1.32 42.46 0.30
C LEU G 266 -1.85 41.64 1.47
N LEU G 267 -2.24 42.34 2.52
CA LEU G 267 -2.80 41.70 3.71
C LEU G 267 -3.93 40.76 3.37
N LEU G 268 -4.93 41.24 2.62
CA LEU G 268 -6.02 40.36 2.17
C LEU G 268 -5.49 39.13 1.45
N LEU G 269 -4.58 39.31 0.49
CA LEU G 269 -4.03 38.17 -0.23
C LEU G 269 -3.32 37.16 0.69
N SER G 270 -2.93 37.64 1.87
CA SER G 270 -2.17 36.83 2.78
C SER G 270 -3.04 36.21 3.84
N GLY G 271 -4.35 36.19 3.59
CA GLY G 271 -5.30 35.61 4.52
C GLY G 271 -5.61 36.41 5.77
N VAL G 272 -5.24 37.69 5.79
CA VAL G 272 -5.62 38.59 6.89
C VAL G 272 -6.76 39.55 6.46
N GLY G 273 -7.95 39.34 7.01
CA GLY G 273 -9.16 40.09 6.61
C GLY G 273 -10.45 39.50 7.16
N PRO G 274 -11.61 39.93 6.64
CA PRO G 274 -12.89 39.29 7.00
C PRO G 274 -12.94 37.83 6.52
N GLU G 275 -13.42 36.91 7.35
CA GLU G 275 -13.51 35.50 6.94
C GLU G 275 -14.50 35.37 5.79
N SER G 276 -15.73 35.82 6.03
CA SER G 276 -16.78 35.86 5.00
C SER G 276 -16.21 36.26 3.60
N TYR G 277 -15.62 37.44 3.51
CA TYR G 277 -15.09 37.91 2.24
C TYR G 277 -13.95 37.03 1.67
N LEU G 278 -13.08 36.52 2.53
CA LEU G 278 -11.93 35.74 2.05
C LEU G 278 -12.30 34.31 1.65
N SER G 279 -13.14 33.66 2.48
CA SER G 279 -13.70 32.33 2.18
C SER G 279 -14.37 32.34 0.80
N SER G 280 -15.04 33.47 0.49
CA SER G 280 -15.69 33.65 -0.81
C SER G 280 -14.68 33.63 -1.94
N LEU G 281 -13.45 33.97 -1.62
CA LEU G 281 -12.41 34.01 -2.62
C LEU G 281 -11.47 32.84 -2.41
N ASN G 282 -11.91 31.83 -1.66
CA ASN G 282 -11.10 30.63 -1.44
C ASN G 282 -9.69 30.89 -0.90
N ILE G 283 -9.53 31.97 -0.13
CA ILE G 283 -8.27 32.28 0.52
C ILE G 283 -8.36 31.71 1.93
N PRO G 284 -7.31 31.02 2.38
CA PRO G 284 -7.55 30.47 3.71
C PRO G 284 -7.40 31.59 4.75
N VAL G 285 -8.21 31.58 5.79
CA VAL G 285 -8.10 32.64 6.80
C VAL G 285 -6.93 32.38 7.73
N VAL G 286 -6.23 33.45 8.11
CA VAL G 286 -5.05 33.38 8.95
C VAL G 286 -5.37 34.05 10.26
N LEU G 287 -5.65 35.34 10.24
CA LEU G 287 -6.37 35.98 11.34
C LEU G 287 -7.61 36.55 10.71
N SER G 288 -8.68 36.60 11.50
CA SER G 288 -9.91 37.26 11.10
C SER G 288 -9.86 38.74 11.53
N HIS G 289 -9.56 39.61 10.57
CA HIS G 289 -9.36 41.03 10.77
C HIS G 289 -10.29 41.89 9.90
N PRO G 290 -11.57 42.05 10.30
CA PRO G 290 -12.67 42.56 9.42
C PRO G 290 -12.50 43.96 8.80
N TYR G 291 -11.65 44.79 9.40
CA TYR G 291 -11.53 46.17 8.96
C TYR G 291 -10.43 46.46 7.92
N VAL G 292 -9.79 45.40 7.44
CA VAL G 292 -8.81 45.50 6.38
C VAL G 292 -9.56 45.79 5.09
N GLY G 293 -9.22 46.89 4.43
CA GLY G 293 -9.83 47.25 3.17
C GLY G 293 -11.08 48.07 3.39
N GLN G 294 -11.42 48.28 4.67
CA GLN G 294 -12.52 49.16 5.05
C GLN G 294 -12.00 50.55 5.24
N PHE G 295 -12.84 51.52 4.89
CA PHE G 295 -12.57 52.93 5.18
C PHE G 295 -11.48 53.53 4.30
N LEU G 296 -11.71 53.52 2.98
CA LEU G 296 -10.86 54.25 2.05
C LEU G 296 -11.40 55.65 1.90
N HIS G 297 -10.52 56.64 1.84
CA HIS G 297 -10.94 58.05 1.75
C HIS G 297 -10.28 58.62 0.53
N ASP G 298 -10.91 59.60 -0.10
CA ASP G 298 -10.25 60.41 -1.13
C ASP G 298 -10.76 61.84 -1.15
N ASN G 299 -9.96 62.75 -0.59
CA ASN G 299 -10.29 64.17 -0.61
C ASN G 299 -10.61 64.58 -2.07
N PRO G 300 -11.85 65.04 -2.33
CA PRO G 300 -12.24 65.37 -3.69
C PRO G 300 -11.66 66.70 -4.15
N ARG G 301 -11.32 66.79 -5.42
CA ARG G 301 -10.78 68.03 -5.94
C ARG G 301 -11.81 68.68 -6.85
N ASN G 302 -11.99 69.98 -6.69
CA ASN G 302 -12.79 70.73 -7.62
C ASN G 302 -12.03 71.97 -8.09
N PHE G 303 -12.34 72.43 -9.29
CA PHE G 303 -11.40 73.36 -9.91
C PHE G 303 -12.02 74.24 -10.98
N ILE G 304 -11.36 75.36 -11.25
CA ILE G 304 -11.72 76.18 -12.38
C ILE G 304 -10.49 76.30 -13.27
N ASN G 305 -10.67 76.04 -14.56
CA ASN G 305 -9.60 76.12 -15.55
C ASN G 305 -9.77 77.40 -16.34
N ILE G 306 -8.78 78.30 -16.28
CA ILE G 306 -8.82 79.53 -17.06
C ILE G 306 -7.76 79.53 -18.16
N LEU G 307 -8.11 80.13 -19.30
CA LEU G 307 -7.23 80.28 -20.46
C LEU G 307 -7.00 81.77 -20.74
N PRO G 308 -5.92 82.35 -20.18
CA PRO G 308 -5.67 83.77 -20.32
C PRO G 308 -5.40 84.10 -21.77
N PRO G 309 -5.68 85.36 -22.22
CA PRO G 309 -5.51 85.82 -23.60
C PRO G 309 -4.04 86.00 -23.96
N ASN G 310 -3.18 85.88 -22.95
CA ASN G 310 -1.75 86.13 -23.03
C ASN G 310 -1.05 84.93 -22.41
N PRO G 311 0.02 84.45 -23.02
CA PRO G 311 0.61 83.25 -22.42
C PRO G 311 1.10 83.50 -20.98
N ILE G 312 0.93 82.52 -20.10
CA ILE G 312 1.52 82.60 -18.76
C ILE G 312 2.52 81.47 -18.50
N GLU G 313 3.43 81.67 -17.54
CA GLU G 313 4.50 80.65 -17.29
C GLU G 313 4.12 79.47 -16.40
N PRO G 314 4.48 78.24 -16.83
CA PRO G 314 4.34 77.02 -16.04
C PRO G 314 5.06 77.18 -14.73
N SER G 315 4.43 76.68 -13.65
CA SER G 315 4.92 76.85 -12.28
C SER G 315 4.83 75.58 -11.47
N THR G 316 5.79 75.37 -10.58
CA THR G 316 5.57 74.42 -9.50
C THR G 316 4.81 75.17 -8.38
N VAL G 317 3.74 74.53 -7.90
CA VAL G 317 2.87 75.05 -6.86
C VAL G 317 3.65 75.29 -5.58
N THR G 318 3.60 76.52 -5.07
CA THR G 318 4.22 76.84 -3.77
C THR G 318 3.36 77.69 -2.83
N VAL G 319 2.33 78.32 -3.38
CA VAL G 319 1.45 79.22 -2.64
C VAL G 319 0.16 78.52 -2.24
N LEU G 320 -0.14 78.53 -0.96
CA LEU G 320 -1.31 77.85 -0.44
C LEU G 320 -2.21 78.86 0.23
N GLY G 321 -3.52 78.71 0.02
CA GLY G 321 -4.55 79.46 0.75
C GLY G 321 -5.31 78.48 1.63
N ILE G 322 -5.00 78.51 2.92
CA ILE G 322 -5.56 77.52 3.82
C ILE G 322 -6.72 78.08 4.64
N THR G 323 -7.82 77.34 4.65
CA THR G 323 -8.91 77.51 5.62
C THR G 323 -9.25 76.16 6.22
N SER G 324 -9.92 76.20 7.36
CA SER G 324 -10.19 75.02 8.18
C SER G 324 -11.03 74.05 7.40
N ASN G 325 -11.94 74.56 6.59
CA ASN G 325 -12.81 73.68 5.85
C ASN G 325 -12.32 73.25 4.46
N PHE G 326 -11.29 73.91 3.95
CA PHE G 326 -10.79 73.68 2.59
C PHE G 326 -9.45 74.33 2.31
N TYR G 327 -8.72 73.76 1.36
CA TYR G 327 -7.39 74.22 1.02
C TYR G 327 -7.36 74.54 -0.47
N GLN G 328 -6.64 75.60 -0.84
CA GLN G 328 -6.60 76.02 -2.23
C GLN G 328 -5.20 76.41 -2.66
N CYS G 329 -4.93 76.17 -3.95
CA CYS G 329 -3.69 76.55 -4.63
C CYS G 329 -4.02 76.63 -6.10
N SER G 330 -3.02 77.03 -6.91
CA SER G 330 -3.20 77.25 -8.34
C SER G 330 -2.00 76.82 -9.15
N PHE G 331 -2.27 76.21 -10.28
CA PHE G 331 -1.26 75.51 -11.04
C PHE G 331 -1.27 76.04 -12.47
N SER G 332 -0.10 76.41 -12.99
CA SER G 332 -0.01 76.85 -14.38
C SER G 332 0.72 75.81 -15.23
N SER G 333 0.24 75.61 -16.43
CA SER G 333 0.83 74.60 -17.31
C SER G 333 0.73 74.98 -18.77
N LEU G 334 1.73 74.53 -19.52
CA LEU G 334 1.66 74.47 -20.97
C LEU G 334 0.39 73.78 -21.43
N PRO G 335 0.07 73.90 -22.72
CA PRO G 335 -1.00 73.10 -23.31
C PRO G 335 -0.64 71.59 -23.28
N PHE G 336 -1.66 70.72 -23.23
CA PHE G 336 -1.46 69.27 -23.28
C PHE G 336 -1.89 68.77 -24.63
N SER G 337 -1.02 68.07 -25.34
CA SER G 337 -1.43 67.53 -26.64
C SER G 337 -1.84 66.07 -26.52
N ILE G 338 -1.44 65.45 -25.41
CA ILE G 338 -1.86 64.10 -24.98
C ILE G 338 -2.41 64.32 -23.58
N PRO G 339 -3.56 63.70 -23.24
CA PRO G 339 -4.11 63.96 -21.90
C PRO G 339 -3.27 63.33 -20.81
N PRO G 340 -2.97 64.10 -19.74
CA PRO G 340 -2.34 63.52 -18.54
C PRO G 340 -3.39 62.87 -17.66
N PHE G 341 -3.24 61.55 -17.53
CA PHE G 341 -4.20 60.75 -16.79
C PHE G 341 -4.34 61.26 -15.36
N ALA G 342 -5.59 61.49 -14.98
CA ALA G 342 -5.95 61.71 -13.58
C ALA G 342 -6.01 63.19 -13.23
N PHE G 343 -5.22 63.98 -13.95
CA PHE G 343 -5.34 65.43 -13.87
C PHE G 343 -6.82 65.83 -14.14
N PHE G 344 -7.41 65.34 -15.21
CA PHE G 344 -8.85 65.47 -15.33
C PHE G 344 -9.51 64.15 -14.96
N PRO G 345 -10.77 64.19 -14.46
CA PRO G 345 -11.42 63.00 -13.95
C PRO G 345 -11.88 61.98 -15.01
N ASN G 346 -11.66 62.28 -16.29
CA ASN G 346 -11.84 61.34 -17.43
C ASN G 346 -11.02 61.68 -18.68
N PRO G 347 -10.78 60.67 -19.57
CA PRO G 347 -9.98 60.94 -20.77
C PRO G 347 -10.78 61.72 -21.81
N THR G 348 -12.10 61.80 -21.61
CA THR G 348 -12.96 62.48 -22.58
C THR G 348 -12.91 64.02 -22.47
N TYR G 349 -12.18 64.51 -21.46
CA TYR G 349 -12.15 65.92 -21.08
C TYR G 349 -11.43 66.77 -22.12
N PRO G 350 -11.97 67.97 -22.42
CA PRO G 350 -11.35 68.89 -23.40
C PRO G 350 -9.95 69.34 -23.01
N LEU G 351 -8.98 69.01 -23.84
CA LEU G 351 -7.59 69.37 -23.57
C LEU G 351 -7.39 70.86 -23.80
N PRO G 352 -6.42 71.47 -23.10
CA PRO G 352 -6.13 72.89 -23.40
C PRO G 352 -5.12 73.09 -24.57
N ASN G 353 -5.44 73.98 -25.53
CA ASN G 353 -4.50 74.34 -26.61
C ASN G 353 -3.61 75.56 -26.32
N SER G 354 -3.78 76.23 -25.19
CA SER G 354 -2.92 77.34 -24.80
C SER G 354 -2.42 77.20 -23.37
N THR G 355 -1.52 78.09 -22.94
CA THR G 355 -1.08 78.05 -21.53
C THR G 355 -2.29 78.30 -20.66
N PHE G 356 -2.49 77.47 -19.64
CA PHE G 356 -3.63 77.65 -18.76
C PHE G 356 -3.25 77.67 -17.29
N ALA G 357 -4.11 78.25 -16.47
CA ALA G 357 -4.02 78.12 -15.02
C ALA G 357 -5.22 77.35 -14.49
N HIS G 358 -5.00 76.60 -13.43
CA HIS G 358 -5.99 75.69 -12.92
C HIS G 358 -6.14 75.96 -11.41
N PHE G 359 -7.31 76.39 -10.99
CA PHE G 359 -7.51 76.76 -9.59
C PHE G 359 -8.19 75.64 -8.91
N VAL G 360 -7.66 75.23 -7.77
CA VAL G 360 -8.03 73.95 -7.20
C VAL G 360 -8.50 74.07 -5.77
N ASN G 361 -9.43 73.17 -5.40
CA ASN G 361 -9.98 73.14 -4.04
C ASN G 361 -9.99 71.76 -3.44
N LYS G 362 -9.37 71.62 -2.28
CA LYS G 362 -9.43 70.39 -1.49
C LYS G 362 -10.35 70.57 -0.27
N VAL G 363 -11.37 69.72 -0.16
CA VAL G 363 -12.11 69.57 1.06
C VAL G 363 -11.20 68.75 2.00
N PRO G 364 -11.17 69.09 3.30
CA PRO G 364 -10.51 68.25 4.32
C PRO G 364 -11.37 67.10 4.78
N GLY G 365 -10.72 66.20 5.54
CA GLY G 365 -11.23 64.88 5.83
C GLY G 365 -10.74 64.03 4.68
N PRO G 366 -11.66 63.55 3.85
CA PRO G 366 -13.09 63.85 3.86
C PRO G 366 -13.85 62.94 4.80
N LEU G 367 -14.99 63.41 5.29
CA LEU G 367 -15.86 62.52 6.05
C LEU G 367 -16.27 61.24 5.27
N SER G 368 -16.48 61.36 3.95
CA SER G 368 -16.89 60.20 3.10
C SER G 368 -15.82 59.13 2.86
N TYR G 369 -16.26 57.87 2.69
CA TYR G 369 -15.31 56.77 2.50
C TYR G 369 -15.91 55.56 1.76
N GLY G 370 -15.06 54.65 1.29
CA GLY G 370 -15.52 53.39 0.72
C GLY G 370 -14.64 52.20 1.08
N SER G 371 -14.53 51.26 0.15
CA SER G 371 -13.86 49.99 0.39
C SER G 371 -12.88 49.61 -0.69
N ILE G 372 -11.96 48.70 -0.36
CA ILE G 372 -11.15 47.98 -1.35
C ILE G 372 -11.64 46.55 -1.44
N THR G 373 -12.00 46.15 -2.64
CA THR G 373 -12.21 44.76 -2.99
C THR G 373 -11.14 44.31 -3.98
N LEU G 374 -10.87 43.01 -3.97
CA LEU G 374 -9.89 42.45 -4.87
C LEU G 374 -10.71 41.86 -5.97
N ASN G 375 -10.45 42.22 -7.22
CA ASN G 375 -11.22 41.57 -8.27
C ASN G 375 -10.60 40.23 -8.71
N SER G 376 -9.41 39.98 -8.22
CA SER G 376 -8.77 38.72 -8.34
C SER G 376 -7.67 38.84 -7.36
N ASP G 377 -7.07 37.78 -6.91
CA ASP G 377 -7.38 36.43 -7.26
C ASP G 377 -6.20 35.78 -6.64
N SER G 378 -5.18 36.58 -6.49
CA SER G 378 -3.96 36.12 -5.93
C SER G 378 -3.00 36.88 -6.72
N ASP G 379 -3.43 37.38 -7.86
CA ASP G 379 -2.45 38.14 -8.56
C ASP G 379 -2.39 39.53 -8.04
N VAL G 380 -1.36 39.72 -7.27
CA VAL G 380 -1.10 41.00 -6.68
C VAL G 380 -0.82 42.05 -7.77
N ARG G 381 -0.56 41.56 -8.98
CA ARG G 381 -0.25 42.41 -10.12
CA ARG G 381 -0.25 42.46 -10.07
C ARG G 381 -1.55 43.00 -10.69
N VAL G 382 -2.67 42.36 -10.36
CA VAL G 382 -3.97 42.85 -10.80
C VAL G 382 -4.46 43.90 -9.81
N ALA G 383 -4.64 45.14 -10.28
CA ALA G 383 -4.98 46.26 -9.40
C ALA G 383 -6.31 45.99 -8.73
N PRO G 384 -6.44 46.34 -7.43
CA PRO G 384 -7.74 46.14 -6.78
C PRO G 384 -8.76 47.23 -7.16
N ASN G 385 -10.04 46.98 -6.91
CA ASN G 385 -11.06 48.03 -7.04
C ASN G 385 -11.16 48.86 -5.77
N VAL G 386 -11.31 50.16 -5.93
CA VAL G 386 -11.46 51.10 -4.81
C VAL G 386 -12.77 51.85 -5.04
N LYS G 387 -13.44 52.20 -3.95
CA LYS G 387 -14.61 53.07 -4.03
C LYS G 387 -14.43 54.15 -2.97
N PHE G 388 -14.67 55.40 -3.35
CA PHE G 388 -14.39 56.51 -2.46
C PHE G 388 -15.61 57.20 -1.93
N ASN G 389 -16.71 57.09 -2.69
CA ASN G 389 -18.01 57.66 -2.31
C ASN G 389 -17.99 59.18 -2.14
N TYR G 390 -17.45 59.86 -3.15
CA TYR G 390 -17.35 61.31 -3.13
C TYR G 390 -18.73 61.83 -2.82
N TYR G 391 -18.77 62.82 -1.95
CA TYR G 391 -19.99 63.50 -1.51
C TYR G 391 -21.13 62.64 -0.91
N SER G 392 -20.80 61.42 -0.51
CA SER G 392 -21.75 60.54 0.18
C SER G 392 -22.23 61.20 1.41
N ASN G 393 -21.29 61.86 2.10
CA ASN G 393 -21.55 62.55 3.33
C ASN G 393 -21.77 64.02 3.04
N SER G 394 -22.90 64.53 3.50
CA SER G 394 -23.31 65.86 3.12
C SER G 394 -22.40 67.01 3.62
N THR G 395 -21.65 66.75 4.69
CA THR G 395 -20.79 67.80 5.22
C THR G 395 -19.65 68.12 4.26
N ASP G 396 -19.12 67.10 3.58
CA ASP G 396 -18.10 67.31 2.54
C ASP G 396 -18.63 68.14 1.39
N LEU G 397 -19.89 67.91 1.04
CA LEU G 397 -20.56 68.69 0.02
C LEU G 397 -20.62 70.16 0.42
N ALA G 398 -21.12 70.44 1.62
CA ALA G 398 -21.26 71.81 2.13
C ALA G 398 -19.93 72.54 2.11
N HIS G 399 -18.85 71.81 2.34
CA HIS G 399 -17.50 72.39 2.27
C HIS G 399 -17.04 72.73 0.85
N CYS G 400 -17.30 71.84 -0.10
CA CYS G 400 -17.00 72.06 -1.51
C CYS G 400 -17.77 73.25 -2.09
N VAL G 401 -19.00 73.45 -1.62
CA VAL G 401 -19.76 74.66 -1.92
C VAL G 401 -18.99 75.88 -1.39
N SER G 402 -18.78 75.92 -0.08
CA SER G 402 -17.97 76.99 0.52
C SER G 402 -16.66 77.18 -0.23
N GLY G 403 -16.05 76.07 -0.64
CA GLY G 403 -14.71 76.09 -1.22
C GLY G 403 -14.65 76.69 -2.60
N MET G 404 -15.73 76.54 -3.36
CA MET G 404 -15.79 77.10 -4.70
C MET G 404 -16.14 78.58 -4.68
N LYS G 405 -17.05 78.95 -3.78
CA LYS G 405 -17.39 80.33 -3.54
C LYS G 405 -16.12 81.17 -3.31
N LYS G 406 -15.14 80.55 -2.64
CA LYS G 406 -13.87 81.19 -2.40
C LYS G 406 -12.98 81.27 -3.66
N ILE G 407 -13.14 80.31 -4.55
CA ILE G 407 -12.44 80.34 -5.82
C ILE G 407 -13.09 81.38 -6.71
N GLY G 408 -14.42 81.42 -6.71
CA GLY G 408 -15.16 82.46 -7.41
C GLY G 408 -14.66 83.80 -6.95
N GLU G 409 -14.63 84.02 -5.64
CA GLU G 409 -14.12 85.27 -5.07
C GLU G 409 -12.74 85.61 -5.61
N LEU G 410 -11.91 84.58 -5.82
CA LEU G 410 -10.55 84.75 -6.33
C LEU G 410 -10.50 85.29 -7.75
N LEU G 411 -11.32 84.71 -8.61
CA LEU G 411 -11.44 85.12 -9.99
C LEU G 411 -11.94 86.57 -10.08
N SER G 412 -12.57 87.02 -8.99
CA SER G 412 -13.11 88.37 -8.85
C SER G 412 -12.10 89.43 -8.41
N SER G 413 -10.89 89.03 -8.01
CA SER G 413 -9.93 90.01 -7.52
C SER G 413 -9.27 90.80 -8.67
N ASP G 414 -8.67 91.94 -8.30
CA ASP G 414 -7.92 92.77 -9.25
C ASP G 414 -6.68 92.03 -9.80
N ALA G 415 -6.04 91.21 -8.97
CA ALA G 415 -4.87 90.45 -9.41
C ALA G 415 -5.12 89.47 -10.58
N LEU G 416 -6.36 89.00 -10.69
CA LEU G 416 -6.69 88.05 -11.74
C LEU G 416 -7.29 88.73 -12.95
N LYS G 417 -7.45 90.04 -12.85
CA LYS G 417 -8.13 90.84 -13.87
C LYS G 417 -7.37 90.86 -15.20
N PRO G 418 -6.05 90.82 -15.17
CA PRO G 418 -5.36 90.77 -16.46
C PRO G 418 -5.49 89.42 -17.19
N TYR G 419 -6.20 88.45 -16.62
CA TYR G 419 -6.27 87.10 -17.20
C TYR G 419 -7.65 86.77 -17.74
N LYS G 420 -8.47 87.80 -17.86
CA LYS G 420 -9.82 87.69 -18.41
C LYS G 420 -9.70 87.93 -19.88
N VAL G 421 -10.59 87.37 -20.68
CA VAL G 421 -10.49 87.56 -22.11
C VAL G 421 -11.12 88.90 -22.53
N GLU G 422 -12.14 89.34 -21.79
CA GLU G 422 -12.77 90.66 -22.01
C GLU G 422 -13.02 91.35 -20.69
N ASP G 423 -13.10 92.67 -20.69
CA ASP G 423 -13.15 93.42 -19.44
C ASP G 423 -14.54 93.40 -18.81
N LEU G 424 -14.86 92.34 -18.09
CA LEU G 424 -16.15 92.25 -17.39
C LEU G 424 -15.96 92.13 -15.89
N PRO G 425 -16.95 92.59 -15.09
CA PRO G 425 -16.85 92.53 -13.64
C PRO G 425 -17.06 91.13 -12.99
N GLY G 426 -16.53 90.99 -11.77
CA GLY G 426 -16.70 89.79 -10.94
C GLY G 426 -16.04 88.53 -11.48
N ILE G 427 -16.82 87.46 -11.61
CA ILE G 427 -16.26 86.20 -12.05
C ILE G 427 -16.36 86.08 -13.56
N ASP G 428 -17.09 86.99 -14.19
CA ASP G 428 -17.31 86.89 -15.62
C ASP G 428 -16.23 87.62 -16.37
N GLY G 429 -15.83 87.06 -17.50
CA GLY G 429 -14.70 87.58 -18.26
C GLY G 429 -13.76 86.52 -18.76
N PHE G 430 -13.56 85.47 -17.97
CA PHE G 430 -12.57 84.45 -18.29
C PHE G 430 -12.97 83.51 -19.43
N ASP G 431 -11.96 82.96 -20.12
CA ASP G 431 -12.17 81.87 -21.05
C ASP G 431 -12.07 80.58 -20.25
N ILE G 432 -13.21 79.93 -20.02
CA ILE G 432 -13.26 78.81 -19.08
C ILE G 432 -13.22 77.50 -19.85
N LEU G 433 -12.20 76.69 -19.58
CA LEU G 433 -12.08 75.35 -20.16
C LEU G 433 -12.76 74.31 -19.30
N GLY G 434 -13.79 73.66 -19.84
CA GLY G 434 -14.58 72.69 -19.08
C GLY G 434 -15.73 73.37 -18.39
N ILE G 435 -16.01 72.99 -17.14
CA ILE G 435 -17.23 73.39 -16.45
C ILE G 435 -17.02 74.63 -15.56
N PRO G 436 -17.75 75.73 -15.86
CA PRO G 436 -17.64 77.01 -15.16
C PRO G 436 -18.55 77.14 -13.97
N LEU G 437 -18.24 78.13 -13.13
CA LEU G 437 -18.96 78.36 -11.90
C LEU G 437 -20.37 78.82 -12.20
N PRO G 438 -21.34 78.39 -11.36
CA PRO G 438 -22.68 78.94 -11.41
C PRO G 438 -22.60 80.47 -11.34
N GLU G 439 -23.41 81.15 -12.14
CA GLU G 439 -23.35 82.59 -12.22
C GLU G 439 -23.80 83.27 -10.90
N ASN G 440 -24.80 82.69 -10.24
CA ASN G 440 -25.34 83.17 -8.95
C ASN G 440 -24.52 82.65 -7.78
N GLN G 441 -23.82 83.57 -7.10
CA GLN G 441 -22.90 83.18 -6.01
C GLN G 441 -23.55 82.77 -4.69
N THR G 442 -24.87 82.88 -4.60
CA THR G 442 -25.61 82.58 -3.36
C THR G 442 -26.34 81.26 -3.53
N ASP G 443 -26.53 80.88 -4.79
CA ASP G 443 -27.21 79.66 -5.20
C ASP G 443 -26.52 78.37 -4.73
N ASP G 444 -27.08 77.72 -3.72
CA ASP G 444 -26.44 76.53 -3.15
C ASP G 444 -26.78 75.27 -3.93
N ALA G 445 -28.02 75.15 -4.40
CA ALA G 445 -28.49 73.97 -5.12
C ALA G 445 -27.66 73.75 -6.34
N ALA G 446 -27.15 74.85 -6.89
CA ALA G 446 -26.35 74.85 -8.13
C ALA G 446 -24.87 74.58 -7.87
N PHE G 447 -24.34 75.20 -6.82
CA PHE G 447 -22.98 74.93 -6.40
C PHE G 447 -22.85 73.45 -6.02
N GLU G 448 -23.89 72.89 -5.44
CA GLU G 448 -23.94 71.47 -5.11
C GLU G 448 -23.93 70.58 -6.36
N THR G 449 -24.62 70.99 -7.41
CA THR G 449 -24.65 70.22 -8.66
C THR G 449 -23.29 70.26 -9.34
N PHE G 450 -22.60 71.39 -9.19
CA PHE G 450 -21.32 71.65 -9.82
C PHE G 450 -20.25 70.79 -9.19
N CYS G 451 -20.31 70.69 -7.87
CA CYS G 451 -19.32 69.93 -7.11
C CYS G 451 -19.43 68.48 -7.50
N ARG G 452 -20.65 67.96 -7.50
CA ARG G 452 -20.91 66.55 -7.79
C ARG G 452 -20.56 66.10 -9.21
N GLU G 453 -20.64 67.01 -10.17
CA GLU G 453 -20.51 66.66 -11.57
C GLU G 453 -19.20 67.18 -12.14
N ALA G 454 -18.49 67.99 -11.36
CA ALA G 454 -17.19 68.54 -11.77
C ALA G 454 -16.01 67.86 -11.05
N VAL G 455 -16.31 66.88 -10.19
CA VAL G 455 -15.35 66.39 -9.21
C VAL G 455 -14.25 65.53 -9.79
N ALA G 456 -13.04 65.80 -9.33
CA ALA G 456 -11.87 64.99 -9.62
C ALA G 456 -11.25 64.50 -8.33
N SER G 457 -10.07 63.90 -8.44
CA SER G 457 -9.33 63.47 -7.30
C SER G 457 -8.14 64.40 -7.08
N TYR G 458 -7.86 64.70 -5.81
CA TYR G 458 -6.65 65.42 -5.41
C TYR G 458 -5.46 64.45 -5.21
N TRP G 459 -5.68 63.19 -5.61
CA TRP G 459 -4.68 62.15 -5.52
C TRP G 459 -4.21 61.88 -4.09
N HIS G 460 -4.78 62.55 -3.10
CA HIS G 460 -4.34 62.35 -1.73
C HIS G 460 -5.11 61.25 -0.97
N TYR G 461 -5.54 60.19 -1.67
CA TYR G 461 -6.31 59.10 -1.05
C TYR G 461 -5.53 58.46 0.12
N HIS G 462 -6.26 58.02 1.14
CA HIS G 462 -5.65 57.40 2.31
C HIS G 462 -6.67 56.44 2.94
N GLY G 463 -6.26 55.77 4.01
CA GLY G 463 -7.10 54.83 4.75
C GLY G 463 -6.90 53.40 4.29
N GLY G 464 -7.64 52.45 4.87
CA GLY G 464 -7.60 51.05 4.47
C GLY G 464 -6.97 50.11 5.48
N CYS G 465 -6.43 50.67 6.55
CA CYS G 465 -5.80 49.89 7.59
C CYS G 465 -5.62 50.74 8.85
N LEU G 466 -6.75 51.16 9.43
CA LEU G 466 -6.78 52.24 10.40
C LEU G 466 -6.20 51.89 11.73
N VAL G 467 -5.51 52.85 12.32
CA VAL G 467 -5.10 52.81 13.73
C VAL G 467 -6.37 52.77 14.56
N GLY G 468 -6.47 51.81 15.46
CA GLY G 468 -7.66 51.66 16.30
C GLY G 468 -8.68 50.70 15.72
N GLU G 469 -8.61 50.46 14.41
CA GLU G 469 -9.49 49.53 13.72
C GLU G 469 -8.73 48.25 13.34
N VAL G 470 -7.59 48.39 12.69
CA VAL G 470 -6.72 47.23 12.35
C VAL G 470 -5.42 47.19 13.18
N LEU G 471 -4.84 48.36 13.44
CA LEU G 471 -3.56 48.47 14.13
C LEU G 471 -3.72 49.13 15.49
N ASP G 472 -2.62 49.30 16.21
CA ASP G 472 -2.68 49.85 17.55
C ASP G 472 -1.86 51.14 17.66
N GLY G 473 -1.57 51.59 18.88
CA GLY G 473 -0.79 52.81 19.08
C GLY G 473 0.62 52.76 18.53
N ASP G 474 1.11 51.55 18.27
CA ASP G 474 2.45 51.38 17.76
C ASP G 474 2.44 50.79 16.36
N PHE G 475 1.32 50.90 15.66
CA PHE G 475 1.23 50.50 14.27
C PHE G 475 1.37 49.00 14.01
N ARG G 476 1.17 48.22 15.08
CA ARG G 476 1.14 46.75 15.01
C ARG G 476 -0.22 46.23 14.55
N VAL G 477 -0.25 45.27 13.62
CA VAL G 477 -1.52 44.62 13.24
C VAL G 477 -1.92 43.81 14.48
N THR G 478 -3.08 44.16 15.07
CA THR G 478 -3.56 43.47 16.29
C THR G 478 -3.83 42.01 15.99
N GLY G 479 -3.61 41.16 16.99
CA GLY G 479 -3.80 39.72 16.84
C GLY G 479 -2.58 38.96 16.34
N ILE G 480 -1.65 39.67 15.68
CA ILE G 480 -0.51 39.06 15.02
C ILE G 480 0.79 39.66 15.59
N ASN G 481 1.80 38.82 15.83
CA ASN G 481 3.09 39.29 16.36
C ASN G 481 4.13 39.50 15.22
N ALA G 482 4.87 40.61 15.30
CA ALA G 482 5.94 40.93 14.36
C ALA G 482 5.45 41.29 12.96
N LEU G 483 4.61 42.33 12.88
CA LEU G 483 3.93 42.72 11.64
C LEU G 483 3.34 44.11 11.82
N ARG G 484 4.03 45.09 11.30
CA ARG G 484 3.56 46.45 11.42
C ARG G 484 3.06 46.99 10.08
N VAL G 485 2.29 48.07 10.13
CA VAL G 485 1.85 48.76 8.92
C VAL G 485 2.12 50.24 9.09
N VAL G 486 2.95 50.76 8.19
CA VAL G 486 3.34 52.17 8.26
C VAL G 486 3.28 52.84 6.88
N ASP G 487 2.17 53.50 6.59
CA ASP G 487 2.04 54.24 5.36
C ASP G 487 0.82 55.16 5.38
N GLY G 488 0.22 55.36 4.21
CA GLY G 488 -0.95 56.19 4.04
C GLY G 488 -2.21 55.46 4.43
N SER G 489 -2.11 54.19 4.72
CA SER G 489 -3.34 53.48 4.98
C SER G 489 -3.80 53.59 6.42
N THR G 490 -3.05 54.32 7.25
CA THR G 490 -3.21 54.21 8.71
C THR G 490 -4.17 55.19 9.36
N PHE G 491 -4.43 56.31 8.71
CA PHE G 491 -5.32 57.28 9.31
C PHE G 491 -6.50 57.61 8.40
N PRO G 492 -7.64 57.99 8.99
CA PRO G 492 -8.84 58.22 8.20
C PRO G 492 -8.97 59.61 7.60
N TYR G 493 -8.29 60.61 8.15
CA TYR G 493 -8.35 61.98 7.60
C TYR G 493 -6.99 62.46 7.12
N SER G 494 -6.98 63.53 6.32
CA SER G 494 -5.76 64.06 5.72
C SER G 494 -5.05 65.05 6.66
N PRO G 495 -3.74 64.87 6.88
CA PRO G 495 -3.06 65.62 7.94
C PRO G 495 -2.74 67.08 7.60
N ALA G 496 -2.67 67.42 6.31
CA ALA G 496 -2.40 68.79 5.89
C ALA G 496 -3.14 69.01 4.59
N SER G 497 -2.76 70.05 3.85
CA SER G 497 -3.30 70.23 2.50
C SER G 497 -2.55 69.30 1.59
N HIS G 498 -1.38 68.90 2.05
CA HIS G 498 -0.48 68.10 1.26
C HIS G 498 0.28 67.17 2.18
N PRO G 499 -0.17 65.90 2.22
CA PRO G 499 0.15 64.85 3.18
C PRO G 499 1.54 64.17 3.12
N GLN G 500 2.42 64.51 2.18
CA GLN G 500 3.68 63.73 2.07
C GLN G 500 4.68 64.12 3.14
N GLY G 501 4.58 65.37 3.62
CA GLY G 501 5.38 65.81 4.74
C GLY G 501 5.12 64.85 5.88
N PHE G 502 3.84 64.65 6.20
CA PHE G 502 3.47 63.79 7.30
C PHE G 502 3.83 62.32 7.11
N TYR G 503 3.68 61.80 5.90
CA TYR G 503 4.00 60.41 5.64
C TYR G 503 5.54 60.19 5.61
N LEU G 504 6.27 61.16 5.04
CA LEU G 504 7.71 61.08 5.10
C LEU G 504 8.20 61.04 6.56
N MET G 505 7.54 61.81 7.43
CA MET G 505 7.82 61.83 8.88
C MET G 505 7.39 60.53 9.59
N LEU G 506 6.25 59.99 9.19
CA LEU G 506 5.75 58.73 9.73
C LEU G 506 6.80 57.60 9.71
N GLY G 507 7.57 57.56 8.63
CA GLY G 507 8.46 56.44 8.37
C GLY G 507 9.52 56.41 9.42
N ARG G 508 10.30 57.48 9.50
CA ARG G 508 11.39 57.52 10.45
C ARG G 508 10.85 57.46 11.87
N TYR G 509 9.65 58.02 12.06
CA TYR G 509 9.02 58.01 13.37
C TYR G 509 8.84 56.59 13.92
N VAL G 510 8.07 55.76 13.23
CA VAL G 510 7.87 54.37 13.65
C VAL G 510 9.20 53.62 13.62
N GLY G 511 10.13 54.13 12.82
CA GLY G 511 11.50 53.66 12.79
C GLY G 511 12.19 53.80 14.13
N SER G 512 12.16 55.02 14.69
CA SER G 512 12.78 55.27 15.99
C SER G 512 11.99 54.70 17.19
N LYS G 513 10.73 54.38 17.02
CA LYS G 513 9.98 53.77 18.12
C LYS G 513 10.20 52.26 18.17
N ILE G 514 10.46 51.63 17.02
CA ILE G 514 10.80 50.19 16.99
C ILE G 514 12.18 50.00 17.63
N LEU G 515 13.14 50.83 17.21
CA LEU G 515 14.45 50.85 17.80
C LEU G 515 14.39 51.06 19.30
N GLN G 516 13.87 52.21 19.71
CA GLN G 516 13.67 52.49 21.13
C GLN G 516 13.09 51.33 21.94
N GLU G 517 12.09 50.64 21.41
CA GLU G 517 11.51 49.51 22.15
C GLU G 517 12.33 48.21 22.06
N ARG G 518 13.43 48.25 21.28
CA ARG G 518 14.44 47.18 21.26
C ARG G 518 15.58 47.48 22.26
N SER G 519 15.44 48.60 22.95
CA SER G 519 16.30 48.89 24.11
C SER G 519 15.65 48.46 25.43
N ALA G 520 14.32 48.55 25.53
CA ALA G 520 13.58 48.05 26.70
C ALA G 520 13.52 46.51 26.76
N ALA G 521 13.08 45.91 25.67
CA ALA G 521 12.92 44.45 25.59
C ALA G 521 14.27 43.73 25.38
N LEU H 1 -3.36 -52.45 68.74
CA LEU H 1 -3.97 -51.28 68.03
C LEU H 1 -3.06 -50.81 66.91
N ALA H 2 -3.53 -49.85 66.11
CA ALA H 2 -2.77 -49.38 64.96
C ALA H 2 -1.96 -48.12 65.28
N THR H 3 -0.94 -47.86 64.48
CA THR H 3 -0.09 -46.71 64.71
C THR H 3 -0.47 -45.64 63.71
N THR H 4 -0.75 -44.44 64.23
CA THR H 4 -1.18 -43.31 63.40
C THR H 4 -0.38 -43.27 62.11
N SER H 5 -1.07 -43.44 60.99
CA SER H 5 -0.42 -43.39 59.67
C SER H 5 -1.38 -43.01 58.54
N ASP H 6 -0.83 -42.94 57.35
CA ASP H 6 -1.60 -42.65 56.14
C ASP H 6 -2.54 -43.80 55.73
N HIS H 7 -3.55 -43.49 54.92
CA HIS H 7 -4.45 -44.53 54.42
C HIS H 7 -3.68 -45.32 53.40
N ASP H 8 -3.69 -46.64 53.59
CA ASP H 8 -2.84 -47.57 52.86
C ASP H 8 -3.47 -48.08 51.57
N PHE H 9 -3.07 -47.47 50.45
CA PHE H 9 -3.66 -47.78 49.15
C PHE H 9 -2.92 -48.85 48.31
N SER H 10 -2.08 -49.65 48.98
CA SER H 10 -1.29 -50.69 48.33
C SER H 10 -2.17 -51.56 47.47
N TYR H 11 -3.31 -51.99 48.03
CA TYR H 11 -4.19 -52.88 47.31
C TYR H 11 -4.40 -52.52 45.82
N LEU H 12 -4.23 -51.24 45.50
CA LEU H 12 -4.59 -50.70 44.21
C LEU H 12 -3.88 -51.30 43.00
N SER H 13 -2.77 -51.99 43.23
CA SER H 13 -2.10 -52.70 42.15
C SER H 13 -2.91 -53.88 41.60
N PHE H 14 -3.87 -54.37 42.39
CA PHE H 14 -4.79 -55.39 41.91
C PHE H 14 -6.24 -54.94 42.02
N ALA H 15 -6.46 -53.66 41.76
CA ALA H 15 -7.79 -53.07 41.79
C ALA H 15 -8.00 -52.42 40.46
N TYR H 16 -9.00 -52.90 39.71
CA TYR H 16 -9.27 -52.45 38.34
C TYR H 16 -10.71 -51.92 38.23
N ASP H 17 -10.98 -50.97 37.31
CA ASP H 17 -12.37 -50.63 36.90
C ASP H 17 -12.95 -51.85 36.21
N ALA H 18 -14.26 -52.05 36.27
CA ALA H 18 -14.84 -53.24 35.64
C ALA H 18 -14.65 -53.23 34.12
N THR H 19 -14.62 -52.05 33.55
CA THR H 19 -14.38 -51.95 32.15
C THR H 19 -13.01 -52.50 31.75
N ASP H 20 -12.07 -52.60 32.71
CA ASP H 20 -10.72 -53.23 32.51
C ASP H 20 -10.64 -54.71 32.91
N LEU H 21 -11.78 -55.31 33.27
CA LEU H 21 -11.83 -56.73 33.59
C LEU H 21 -12.18 -57.57 32.38
N GLU H 22 -11.77 -58.82 32.41
CA GLU H 22 -12.16 -59.78 31.37
C GLU H 22 -13.69 -59.82 31.21
N LEU H 23 -14.17 -60.15 30.01
CA LEU H 23 -15.61 -60.20 29.77
C LEU H 23 -16.25 -61.39 30.49
N GLU H 24 -15.51 -62.50 30.60
CA GLU H 24 -15.85 -63.52 31.59
C GLU H 24 -14.60 -64.10 32.23
N GLY H 25 -14.71 -64.45 33.52
CA GLY H 25 -13.59 -64.96 34.32
C GLY H 25 -13.98 -66.00 35.35
N SER H 26 -13.01 -66.82 35.75
CA SER H 26 -13.19 -67.87 36.74
C SER H 26 -12.42 -67.59 38.01
N TYR H 27 -13.06 -67.76 39.16
CA TYR H 27 -12.38 -67.62 40.45
C TYR H 27 -12.87 -68.70 41.40
N ASP H 28 -12.10 -68.94 42.46
CA ASP H 28 -12.57 -69.85 43.48
C ASP H 28 -13.69 -69.15 44.26
N TYR H 29 -13.50 -67.87 44.58
CA TYR H 29 -14.52 -67.13 45.33
C TYR H 29 -14.84 -65.77 44.71
N VAL H 30 -16.14 -65.49 44.48
CA VAL H 30 -16.63 -64.18 44.00
C VAL H 30 -17.42 -63.47 45.08
N ILE H 31 -16.90 -62.36 45.58
CA ILE H 31 -17.54 -61.60 46.65
C ILE H 31 -18.31 -60.44 46.04
N VAL H 32 -19.62 -60.34 46.31
CA VAL H 32 -20.43 -59.25 45.79
C VAL H 32 -20.54 -58.10 46.79
N GLY H 33 -19.77 -57.05 46.57
CA GLY H 33 -19.83 -55.87 47.41
C GLY H 33 -18.58 -55.72 48.25
N GLY H 34 -17.75 -54.74 47.93
CA GLY H 34 -16.53 -54.54 48.71
C GLY H 34 -16.74 -53.59 49.87
N GLY H 35 -17.43 -54.09 50.90
CA GLY H 35 -17.76 -53.25 52.03
C GLY H 35 -17.09 -53.67 53.32
N THR H 36 -17.80 -53.38 54.41
CA THR H 36 -17.31 -53.60 55.75
C THR H 36 -16.92 -55.06 56.05
N SER H 37 -17.79 -56.02 55.74
CA SER H 37 -17.40 -57.43 55.85
C SER H 37 -16.84 -57.90 54.53
N GLY H 38 -17.34 -57.31 53.43
CA GLY H 38 -16.87 -57.67 52.10
C GLY H 38 -15.36 -57.81 52.06
N CYS H 39 -14.66 -56.70 52.30
CA CYS H 39 -13.22 -56.70 52.16
C CYS H 39 -12.46 -57.69 53.04
N PRO H 40 -12.57 -57.60 54.38
CA PRO H 40 -11.89 -58.64 55.15
C PRO H 40 -12.18 -60.10 54.68
N LEU H 41 -13.44 -60.43 54.42
CA LEU H 41 -13.77 -61.75 53.88
C LEU H 41 -12.96 -62.08 52.65
N ALA H 42 -12.94 -61.16 51.67
CA ALA H 42 -12.15 -61.37 50.46
C ALA H 42 -10.71 -61.64 50.82
N ALA H 43 -10.16 -60.85 51.74
CA ALA H 43 -8.74 -60.86 52.04
C ALA H 43 -8.26 -62.15 52.70
N THR H 44 -9.08 -62.70 53.60
CA THR H 44 -8.82 -63.98 54.24
C THR H 44 -8.78 -65.09 53.19
N LEU H 45 -9.78 -65.08 52.32
CA LEU H 45 -9.96 -66.14 51.34
C LEU H 45 -8.82 -66.16 50.34
N SER H 46 -8.28 -64.98 50.04
CA SER H 46 -7.20 -64.85 49.08
C SER H 46 -5.89 -65.40 49.62
N GLU H 47 -5.81 -65.62 50.93
CA GLU H 47 -4.61 -66.21 51.53
C GLU H 47 -4.23 -67.49 50.78
N LYS H 48 -5.25 -68.24 50.38
N LYS H 48 -5.20 -68.31 50.41
CA LYS H 48 -5.10 -69.58 49.85
CA LYS H 48 -4.89 -69.51 49.62
C LYS H 48 -5.79 -69.79 48.48
C LYS H 48 -5.70 -69.72 48.34
N TYR H 49 -6.78 -68.95 48.14
CA TYR H 49 -7.56 -69.10 46.89
C TYR H 49 -7.66 -67.88 46.01
N LYS H 50 -8.25 -68.08 44.84
CA LYS H 50 -8.37 -67.04 43.84
C LYS H 50 -9.71 -66.31 44.00
N VAL H 51 -9.60 -65.00 44.27
CA VAL H 51 -10.71 -64.22 44.78
C VAL H 51 -10.99 -62.98 43.92
N LEU H 52 -12.29 -62.69 43.75
CA LEU H 52 -12.76 -61.50 43.04
C LEU H 52 -13.78 -60.69 43.85
N VAL H 53 -13.55 -59.40 43.98
CA VAL H 53 -14.45 -58.54 44.70
C VAL H 53 -15.05 -57.63 43.67
N LEU H 54 -16.37 -57.57 43.62
CA LEU H 54 -17.04 -56.68 42.73
C LEU H 54 -17.73 -55.70 43.61
N GLU H 55 -17.47 -54.42 43.36
CA GLU H 55 -18.08 -53.32 44.10
C GLU H 55 -18.69 -52.30 43.17
N ARG H 56 -19.95 -51.95 43.42
CA ARG H 56 -20.66 -50.99 42.57
C ARG H 56 -20.05 -49.57 42.55
N GLY H 57 -19.50 -49.11 43.68
CA GLY H 57 -18.94 -47.76 43.77
C GLY H 57 -17.46 -47.58 43.39
N THR H 58 -16.99 -46.33 43.43
CA THR H 58 -15.66 -45.99 42.94
C THR H 58 -14.62 -46.20 44.03
N LEU H 59 -13.37 -45.91 43.71
CA LEU H 59 -12.25 -46.11 44.61
C LEU H 59 -12.28 -44.99 45.65
N PRO H 60 -11.84 -45.26 46.89
CA PRO H 60 -11.83 -44.17 47.90
C PRO H 60 -11.16 -42.88 47.38
N THR H 61 -10.05 -43.02 46.67
CA THR H 61 -9.28 -41.89 46.14
C THR H 61 -10.04 -40.86 45.30
N ALA H 62 -11.09 -41.28 44.61
CA ALA H 62 -11.86 -40.37 43.75
C ALA H 62 -12.63 -39.36 44.57
N TYR H 63 -12.85 -39.71 45.83
CA TYR H 63 -13.61 -38.86 46.72
C TYR H 63 -12.78 -38.51 47.96
N PRO H 64 -11.75 -37.65 47.78
CA PRO H 64 -10.67 -37.35 48.75
C PRO H 64 -11.23 -37.09 50.13
N ASN H 65 -12.45 -36.61 50.10
CA ASN H 65 -13.03 -35.99 51.22
C ASN H 65 -13.65 -36.99 52.15
N LEU H 66 -13.24 -38.24 52.06
CA LEU H 66 -13.73 -39.18 53.03
C LEU H 66 -12.58 -39.86 53.73
N LEU H 67 -11.37 -39.49 53.35
CA LEU H 67 -10.20 -40.11 53.92
C LEU H 67 -9.82 -39.40 55.20
N THR H 68 -10.63 -38.41 55.55
CA THR H 68 -10.45 -37.65 56.77
C THR H 68 -11.75 -37.63 57.52
N SER H 69 -11.68 -37.18 58.78
CA SER H 69 -12.86 -37.03 59.60
C SER H 69 -13.54 -35.65 59.48
N ASP H 70 -12.83 -34.64 58.97
CA ASP H 70 -13.50 -33.36 58.66
C ASP H 70 -14.58 -33.54 57.58
N GLY H 71 -14.26 -34.35 56.57
CA GLY H 71 -15.18 -34.61 55.46
C GLY H 71 -16.42 -35.41 55.80
N PHE H 72 -16.46 -36.02 56.99
CA PHE H 72 -17.63 -36.78 57.42
C PHE H 72 -18.93 -36.05 57.06
N ILE H 73 -19.15 -34.88 57.68
CA ILE H 73 -20.30 -34.01 57.38
C ILE H 73 -20.37 -33.74 55.89
N TYR H 74 -19.25 -33.31 55.34
CA TYR H 74 -19.18 -32.97 53.94
C TYR H 74 -19.82 -34.04 53.07
N ASN H 75 -19.39 -35.29 53.24
CA ASN H 75 -19.92 -36.42 52.48
C ASN H 75 -21.44 -36.52 52.50
N LEU H 76 -22.04 -36.25 53.64
CA LEU H 76 -23.48 -36.35 53.73
C LEU H 76 -24.17 -35.12 53.12
N GLN H 77 -23.38 -34.17 52.63
CA GLN H 77 -23.96 -32.93 52.08
C GLN H 77 -24.13 -32.94 50.56
N GLN H 78 -23.32 -33.74 49.86
CA GLN H 78 -23.40 -33.79 48.41
C GLN H 78 -24.74 -34.28 47.94
N GLU H 79 -25.20 -33.69 46.83
CA GLU H 79 -26.30 -34.24 46.06
C GLU H 79 -25.94 -35.69 45.75
N ASP H 80 -26.96 -36.49 45.48
CA ASP H 80 -26.70 -37.83 45.02
C ASP H 80 -26.85 -37.89 43.49
N ASP H 81 -25.72 -37.93 42.79
CA ASP H 81 -25.72 -38.10 41.35
C ASP H 81 -25.65 -39.57 40.93
N GLY H 82 -25.31 -40.46 41.87
CA GLY H 82 -25.17 -41.88 41.53
C GLY H 82 -23.74 -42.35 41.57
N GLN H 83 -22.82 -41.43 41.32
CA GLN H 83 -21.36 -41.67 41.37
C GLN H 83 -20.86 -41.59 42.80
N THR H 84 -21.43 -40.67 43.58
CA THR H 84 -20.98 -40.32 44.93
C THR H 84 -20.92 -41.47 45.95
N PRO H 85 -20.07 -41.33 46.99
CA PRO H 85 -19.91 -42.39 47.97
C PRO H 85 -21.02 -42.52 49.03
N VAL H 86 -21.91 -41.53 49.12
CA VAL H 86 -23.08 -41.59 50.02
C VAL H 86 -24.40 -41.60 49.24
N GLU H 87 -25.15 -42.70 49.35
CA GLU H 87 -26.45 -42.77 48.69
C GLU H 87 -27.58 -42.52 49.65
N ARG H 88 -28.28 -41.42 49.41
CA ARG H 88 -29.42 -41.02 50.17
C ARG H 88 -30.56 -41.94 49.84
N PHE H 89 -31.36 -42.27 50.85
CA PHE H 89 -32.63 -42.98 50.70
C PHE H 89 -33.57 -42.62 51.84
N VAL H 90 -34.86 -42.84 51.62
CA VAL H 90 -35.87 -42.47 52.61
C VAL H 90 -36.78 -43.66 52.91
N SER H 91 -36.88 -44.06 54.16
CA SER H 91 -37.73 -45.19 54.49
C SER H 91 -39.23 -44.88 54.31
N GLY H 92 -40.03 -45.90 53.98
CA GLY H 92 -41.50 -45.85 53.98
C GLY H 92 -42.12 -45.22 55.24
N ASP H 93 -41.32 -45.16 56.31
CA ASP H 93 -41.73 -44.44 57.52
C ASP H 93 -41.70 -42.92 57.33
N GLY H 94 -40.70 -42.41 56.61
CA GLY H 94 -40.48 -40.99 56.45
C GLY H 94 -39.08 -40.54 56.86
N ILE H 95 -38.24 -41.48 57.29
CA ILE H 95 -36.96 -41.09 57.88
C ILE H 95 -35.78 -41.18 56.92
N ASP H 96 -35.21 -40.01 56.60
CA ASP H 96 -34.01 -39.91 55.79
C ASP H 96 -32.93 -40.83 56.27
N ASP H 97 -32.33 -41.57 55.35
CA ASP H 97 -31.18 -42.39 55.73
C ASP H 97 -30.11 -42.41 54.62
N VAL H 98 -28.97 -43.06 54.86
CA VAL H 98 -27.92 -43.18 53.85
C VAL H 98 -27.17 -44.51 53.95
N ARG H 99 -26.62 -44.96 52.83
CA ARG H 99 -25.67 -46.10 52.81
C ARG H 99 -24.40 -45.76 51.99
N GLY H 100 -23.32 -46.50 52.23
CA GLY H 100 -22.11 -46.29 51.45
C GLY H 100 -22.19 -46.82 50.03
N ARG H 101 -21.52 -46.11 49.13
CA ARG H 101 -21.40 -46.52 47.75
C ARG H 101 -19.99 -46.20 47.27
N VAL H 102 -19.05 -47.09 47.62
CA VAL H 102 -17.61 -46.89 47.50
C VAL H 102 -16.92 -48.12 48.05
N LEU H 103 -15.69 -48.36 47.59
CA LEU H 103 -14.85 -49.42 48.16
C LEU H 103 -14.54 -49.11 49.63
N GLY H 104 -14.70 -50.15 50.44
CA GLY H 104 -14.72 -50.00 51.91
C GLY H 104 -16.13 -49.99 52.49
N GLY H 105 -17.12 -49.61 51.68
CA GLY H 105 -18.52 -49.63 52.09
C GLY H 105 -18.75 -48.57 53.13
N THR H 106 -19.89 -48.67 53.78
CA THR H 106 -20.35 -47.68 54.76
C THR H 106 -19.30 -47.35 55.81
N SER H 107 -18.34 -48.24 55.98
CA SER H 107 -17.19 -47.96 56.83
C SER H 107 -16.44 -46.72 56.35
N MET H 108 -16.62 -46.35 55.08
CA MET H 108 -15.88 -45.24 54.49
C MET H 108 -16.56 -43.91 54.76
N ILE H 109 -17.82 -44.00 55.15
CA ILE H 109 -18.59 -42.79 55.30
C ILE H 109 -19.05 -42.62 56.74
N ASN H 110 -18.78 -43.60 57.59
CA ASN H 110 -19.36 -43.58 58.92
C ASN H 110 -18.68 -42.65 59.96
N ALA H 111 -19.34 -42.54 61.11
CA ALA H 111 -18.84 -41.77 62.25
C ALA H 111 -17.60 -42.39 62.92
N GLY H 112 -17.24 -43.58 62.47
CA GLY H 112 -15.99 -44.21 62.85
C GLY H 112 -15.76 -44.54 64.30
N VAL H 113 -16.81 -44.92 65.01
CA VAL H 113 -16.66 -45.37 66.41
C VAL H 113 -16.44 -46.87 66.36
N TYR H 114 -15.54 -47.39 67.19
CA TYR H 114 -15.23 -48.81 67.18
C TYR H 114 -15.59 -49.45 68.49
N ALA H 115 -16.14 -50.67 68.44
CA ALA H 115 -16.51 -51.42 69.65
C ALA H 115 -16.59 -52.91 69.37
N ARG H 116 -16.05 -53.73 70.25
CA ARG H 116 -16.30 -55.16 70.19
C ARG H 116 -17.73 -55.41 70.58
N ALA H 117 -18.31 -56.49 70.07
CA ALA H 117 -19.70 -56.80 70.38
C ALA H 117 -19.93 -57.25 71.84
N ASN H 118 -21.10 -56.91 72.40
CA ASN H 118 -21.60 -57.48 73.65
C ASN H 118 -21.15 -58.93 73.68
N THR H 119 -20.32 -59.28 74.66
CA THR H 119 -19.82 -60.65 74.74
C THR H 119 -20.94 -61.63 75.09
N LYS H 120 -22.07 -61.11 75.56
CA LYS H 120 -23.23 -61.96 75.88
C LYS H 120 -24.02 -62.43 74.65
N ILE H 121 -23.87 -61.69 73.54
CA ILE H 121 -24.66 -61.92 72.32
C ILE H 121 -24.32 -63.20 71.56
N PHE H 122 -23.10 -63.69 71.74
CA PHE H 122 -22.64 -64.90 71.02
C PHE H 122 -23.36 -66.17 71.46
N SER H 123 -23.86 -66.18 72.70
CA SER H 123 -24.60 -67.32 73.29
C SER H 123 -25.88 -67.71 72.56
N ALA H 124 -26.81 -66.75 72.41
CA ALA H 124 -28.13 -67.06 71.82
C ALA H 124 -28.17 -66.96 70.28
N SER H 125 -27.04 -66.57 69.69
CA SER H 125 -27.00 -66.10 68.28
C SER H 125 -27.60 -67.04 67.21
N GLY H 126 -27.54 -68.34 67.44
CA GLY H 126 -28.07 -69.28 66.45
C GLY H 126 -26.98 -69.85 65.59
N ILE H 127 -25.73 -69.50 65.90
CA ILE H 127 -24.55 -70.23 65.43
C ILE H 127 -23.68 -70.50 66.66
N GLU H 128 -22.81 -71.51 66.61
CA GLU H 128 -21.86 -71.71 67.72
C GLU H 128 -20.49 -71.17 67.32
N TRP H 129 -20.04 -70.15 68.04
CA TRP H 129 -18.87 -69.41 67.63
C TRP H 129 -17.60 -69.96 68.22
N ASP H 130 -16.59 -70.23 67.40
CA ASP H 130 -15.20 -70.45 67.85
C ASP H 130 -14.74 -69.12 68.48
N MET H 131 -14.91 -69.03 69.80
CA MET H 131 -14.70 -67.79 70.51
C MET H 131 -13.24 -67.33 70.53
N ASP H 132 -12.33 -68.29 70.43
CA ASP H 132 -10.91 -67.94 70.39
C ASP H 132 -10.58 -67.33 69.04
N LEU H 133 -11.23 -67.82 67.98
CA LEU H 133 -11.12 -67.24 66.63
C LEU H 133 -11.75 -65.87 66.53
N VAL H 134 -12.88 -65.69 67.20
CA VAL H 134 -13.49 -64.38 67.30
C VAL H 134 -12.48 -63.35 67.81
N ASN H 135 -11.93 -63.57 69.00
CA ASN H 135 -10.98 -62.63 69.60
C ASN H 135 -9.71 -62.47 68.78
N GLN H 136 -9.26 -63.55 68.19
CA GLN H 136 -8.02 -63.54 67.42
C GLN H 136 -8.18 -62.65 66.20
N THR H 137 -9.42 -62.59 65.70
CA THR H 137 -9.75 -61.86 64.48
C THR H 137 -10.05 -60.39 64.80
N TYR H 138 -10.70 -60.15 65.94
CA TYR H 138 -10.76 -58.81 66.49
C TYR H 138 -9.35 -58.24 66.58
N ASP H 139 -8.41 -59.02 67.15
CA ASP H 139 -7.02 -58.58 67.27
C ASP H 139 -6.46 -58.21 65.90
N TRP H 140 -6.81 -59.00 64.88
CA TRP H 140 -6.32 -58.86 63.49
C TRP H 140 -6.77 -57.58 62.83
N VAL H 141 -8.02 -57.21 63.07
CA VAL H 141 -8.58 -55.95 62.56
C VAL H 141 -8.04 -54.76 63.35
N GLU H 142 -8.05 -54.87 64.67
CA GLU H 142 -7.68 -53.79 65.57
C GLU H 142 -6.25 -53.37 65.32
N ASP H 143 -5.39 -54.33 64.99
CA ASP H 143 -3.97 -54.05 64.81
C ASP H 143 -3.70 -53.27 63.54
N THR H 144 -4.75 -52.94 62.81
CA THR H 144 -4.66 -52.42 61.44
C THR H 144 -5.40 -51.12 61.24
N ILE H 145 -6.66 -51.08 61.66
CA ILE H 145 -7.49 -49.89 61.44
C ILE H 145 -8.10 -49.30 62.71
N VAL H 146 -7.60 -49.68 63.89
CA VAL H 146 -8.17 -49.13 65.13
C VAL H 146 -7.13 -48.44 66.00
N TYR H 147 -7.46 -47.23 66.44
CA TYR H 147 -6.54 -46.31 67.09
C TYR H 147 -7.04 -45.91 68.46
N LYS H 148 -6.12 -45.65 69.39
CA LYS H 148 -6.51 -45.13 70.70
C LYS H 148 -6.66 -43.61 70.64
N PRO H 149 -7.86 -43.08 70.88
CA PRO H 149 -7.98 -41.67 70.54
C PRO H 149 -7.54 -40.72 71.64
N ASP H 150 -6.99 -39.60 71.20
CA ASP H 150 -6.60 -38.47 72.03
C ASP H 150 -7.74 -37.77 72.83
N LYS H 151 -7.30 -37.05 73.86
CA LYS H 151 -8.11 -36.06 74.56
C LYS H 151 -8.66 -35.04 73.54
N GLN H 152 -9.96 -34.75 73.65
CA GLN H 152 -10.63 -33.68 72.92
C GLN H 152 -11.54 -32.96 73.90
N ALA H 153 -11.59 -31.64 73.82
CA ALA H 153 -12.31 -30.83 74.80
C ALA H 153 -13.72 -31.34 75.08
N TRP H 154 -14.55 -31.45 74.05
CA TRP H 154 -15.95 -31.80 74.26
C TRP H 154 -16.23 -33.26 74.63
N GLN H 155 -15.46 -34.20 74.08
CA GLN H 155 -15.67 -35.61 74.39
C GLN H 155 -15.44 -35.87 75.87
N SER H 156 -14.37 -35.26 76.41
CA SER H 156 -14.08 -35.38 77.84
C SER H 156 -15.08 -34.59 78.70
N LEU H 157 -15.64 -33.52 78.12
CA LEU H 157 -16.73 -32.79 78.76
C LEU H 157 -18.07 -33.57 78.77
N THR H 158 -18.24 -34.46 77.80
CA THR H 158 -19.32 -35.43 77.81
C THR H 158 -19.00 -36.58 78.78
N LYS H 159 -17.71 -36.91 78.92
CA LYS H 159 -17.29 -38.00 79.79
C LYS H 159 -17.69 -37.68 81.21
N THR H 160 -17.33 -36.48 81.69
CA THR H 160 -17.61 -36.13 83.07
C THR H 160 -19.12 -36.06 83.36
N ALA H 161 -19.91 -35.48 82.46
CA ALA H 161 -21.36 -35.39 82.70
C ALA H 161 -22.07 -36.75 82.64
N PHE H 162 -21.50 -37.69 81.90
CA PHE H 162 -22.05 -39.05 81.85
C PHE H 162 -21.92 -39.72 83.21
N LEU H 163 -20.73 -39.61 83.81
CA LEU H 163 -20.43 -40.18 85.13
C LEU H 163 -21.34 -39.49 86.17
N GLU H 164 -21.46 -38.17 86.03
CA GLU H 164 -22.25 -37.36 86.95
C GLU H 164 -23.74 -37.73 86.92
N ALA H 165 -24.26 -38.09 85.75
CA ALA H 165 -25.67 -38.44 85.65
C ALA H 165 -25.99 -39.85 86.17
N GLY H 166 -24.92 -40.62 86.45
CA GLY H 166 -25.06 -41.91 87.10
C GLY H 166 -24.96 -43.06 86.13
N VAL H 167 -23.99 -42.95 85.22
CA VAL H 167 -23.70 -44.00 84.25
C VAL H 167 -22.31 -44.52 84.59
N LEU H 168 -22.22 -45.47 85.52
CA LEU H 168 -20.92 -45.98 86.03
C LEU H 168 -20.91 -47.51 85.82
N PRO H 169 -19.74 -48.17 85.90
CA PRO H 169 -18.35 -47.77 86.12
C PRO H 169 -17.65 -47.10 84.94
N ASP H 170 -16.86 -46.08 85.26
CA ASP H 170 -15.87 -45.58 84.36
C ASP H 170 -14.96 -46.73 84.00
N ASN H 171 -14.86 -47.06 82.71
CA ASN H 171 -14.06 -48.20 82.25
C ASN H 171 -12.66 -47.78 81.71
N GLY H 172 -12.40 -46.47 81.69
CA GLY H 172 -11.16 -45.93 81.09
C GLY H 172 -11.18 -46.08 79.58
N PHE H 173 -10.02 -46.29 78.96
CA PHE H 173 -10.02 -46.62 77.54
C PHE H 173 -10.25 -48.11 77.40
N SER H 174 -11.36 -48.48 76.74
CA SER H 174 -11.72 -49.88 76.53
C SER H 174 -12.48 -50.05 75.24
N LEU H 175 -12.17 -51.12 74.50
CA LEU H 175 -12.87 -51.32 73.23
C LEU H 175 -14.18 -52.06 73.46
N ASP H 176 -14.35 -52.64 74.64
CA ASP H 176 -15.50 -53.53 74.91
C ASP H 176 -16.79 -52.82 75.25
N HIS H 177 -17.89 -53.46 74.89
CA HIS H 177 -19.20 -52.90 75.13
C HIS H 177 -19.78 -53.35 76.47
N GLU H 178 -19.71 -52.49 77.49
CA GLU H 178 -20.21 -52.84 78.83
C GLU H 178 -21.01 -51.70 79.42
N ALA H 179 -21.87 -52.00 80.36
CA ALA H 179 -22.51 -50.94 81.15
C ALA H 179 -21.46 -49.93 81.64
N GLY H 180 -21.78 -48.65 81.49
CA GLY H 180 -20.88 -47.60 81.94
C GLY H 180 -20.30 -46.67 80.89
N THR H 181 -19.48 -45.75 81.38
CA THR H 181 -18.90 -44.70 80.58
C THR H 181 -17.47 -45.06 80.19
N ARG H 182 -17.20 -44.98 78.89
CA ARG H 182 -15.88 -45.30 78.42
C ARG H 182 -15.51 -44.45 77.25
N LEU H 183 -14.26 -44.58 76.84
CA LEU H 183 -13.67 -43.85 75.77
C LEU H 183 -13.20 -44.94 74.81
N THR H 184 -13.89 -45.12 73.70
CA THR H 184 -13.70 -46.33 72.93
C THR H 184 -12.74 -46.12 71.77
N GLY H 185 -12.38 -47.20 71.08
CA GLY H 185 -11.47 -47.09 69.92
C GLY H 185 -12.13 -46.36 68.76
N SER H 186 -11.32 -45.84 67.85
CA SER H 186 -11.80 -45.16 66.64
C SER H 186 -11.22 -45.77 65.35
N THR H 187 -11.90 -45.60 64.22
CA THR H 187 -11.25 -45.90 62.94
C THR H 187 -10.58 -44.65 62.32
N PHE H 188 -10.74 -43.50 62.99
CA PHE H 188 -9.96 -42.28 62.72
C PHE H 188 -8.71 -42.26 63.58
N ASP H 189 -7.55 -42.19 62.94
CA ASP H 189 -6.29 -42.07 63.66
C ASP H 189 -6.18 -40.68 64.29
N ASN H 190 -5.07 -40.39 64.96
CA ASN H 190 -4.96 -39.11 65.67
C ASN H 190 -4.64 -37.92 64.80
N ASN H 191 -4.17 -38.16 63.57
CA ASN H 191 -3.98 -37.10 62.58
C ASN H 191 -5.32 -36.68 61.98
N GLY H 192 -6.33 -37.52 62.21
CA GLY H 192 -7.63 -37.33 61.57
C GLY H 192 -7.81 -38.09 60.26
N THR H 193 -6.85 -38.94 59.90
CA THR H 193 -6.96 -39.82 58.71
C THR H 193 -7.93 -40.94 58.96
N ARG H 194 -8.73 -41.27 57.94
CA ARG H 194 -9.68 -42.37 58.04
C ARG H 194 -9.05 -43.71 57.69
N HIS H 195 -9.50 -44.74 58.39
CA HIS H 195 -9.14 -46.08 58.05
C HIS H 195 -10.37 -46.99 57.99
N ALA H 196 -10.62 -47.49 56.81
CA ALA H 196 -11.66 -48.39 56.53
C ALA H 196 -11.12 -49.73 56.23
N SER H 197 -12.04 -50.61 55.93
CA SER H 197 -11.76 -51.96 55.66
C SER H 197 -11.39 -52.08 54.28
N ASP H 198 -10.91 -51.03 53.69
CA ASP H 198 -10.42 -51.27 52.38
C ASP H 198 -9.00 -51.65 52.54
N GLU H 199 -8.41 -51.19 53.62
CA GLU H 199 -7.02 -51.47 53.98
C GLU H 199 -6.84 -52.92 54.41
N LEU H 200 -7.93 -53.52 54.86
CA LEU H 200 -7.89 -54.92 55.24
C LEU H 200 -7.60 -55.75 54.01
N LEU H 201 -7.95 -55.20 52.83
CA LEU H 201 -7.54 -55.77 51.55
C LEU H 201 -6.01 -55.92 51.42
N ASN H 202 -5.24 -55.04 52.07
CA ASN H 202 -3.77 -55.13 52.06
C ASN H 202 -3.22 -56.34 52.83
N LYS H 203 -3.97 -56.85 53.81
CA LYS H 203 -3.66 -58.12 54.50
C LYS H 203 -4.07 -59.32 53.64
N GLY H 204 -4.44 -59.07 52.39
CA GLY H 204 -4.72 -60.16 51.47
C GLY H 204 -3.44 -60.64 50.85
N ASP H 205 -3.54 -61.10 49.61
CA ASP H 205 -2.40 -61.64 48.88
C ASP H 205 -2.49 -61.18 47.44
N PRO H 206 -1.51 -60.38 46.99
CA PRO H 206 -1.65 -59.62 45.74
C PRO H 206 -1.72 -60.48 44.49
N ASN H 207 -1.47 -61.79 44.65
CA ASN H 207 -1.53 -62.71 43.51
C ASN H 207 -2.84 -63.49 43.33
N ASN H 208 -3.64 -63.54 44.38
CA ASN H 208 -4.87 -64.28 44.36
C ASN H 208 -6.04 -63.37 44.31
N LEU H 209 -5.85 -62.14 44.78
CA LEU H 209 -6.95 -61.21 44.93
C LEU H 209 -7.03 -60.18 43.79
N ARG H 210 -8.20 -60.05 43.18
CA ARG H 210 -8.53 -58.91 42.31
C ARG H 210 -9.76 -58.18 42.84
N VAL H 211 -9.69 -56.85 42.86
CA VAL H 211 -10.80 -56.00 43.28
C VAL H 211 -11.30 -55.24 42.07
N ALA H 212 -12.60 -55.32 41.84
CA ALA H 212 -13.23 -54.58 40.76
C ALA H 212 -14.16 -53.48 41.29
N VAL H 213 -13.94 -52.24 40.87
CA VAL H 213 -14.82 -51.15 41.26
C VAL H 213 -15.63 -50.76 40.04
N HIS H 214 -16.75 -50.06 40.24
CA HIS H 214 -17.76 -49.88 39.20
C HIS H 214 -18.26 -51.20 38.57
N ALA H 215 -18.38 -52.22 39.41
CA ALA H 215 -19.12 -53.42 39.05
C ALA H 215 -20.52 -53.43 39.72
N SER H 216 -21.54 -52.93 39.02
CA SER H 216 -22.90 -53.13 39.48
C SER H 216 -23.27 -54.57 39.17
N VAL H 217 -23.49 -55.36 40.22
CA VAL H 217 -23.86 -56.75 40.10
C VAL H 217 -25.37 -56.83 40.07
N GLU H 218 -25.88 -57.44 39.01
CA GLU H 218 -27.31 -57.48 38.72
C GLU H 218 -27.94 -58.83 38.99
N LYS H 219 -27.16 -59.90 38.86
CA LYS H 219 -27.71 -61.25 38.91
C LYS H 219 -26.78 -62.35 39.43
N ILE H 220 -27.31 -63.18 40.33
CA ILE H 220 -26.67 -64.45 40.68
C ILE H 220 -27.18 -65.54 39.73
N ILE H 221 -26.24 -66.33 39.21
CA ILE H 221 -26.53 -67.36 38.23
C ILE H 221 -26.46 -68.72 38.93
N PHE H 222 -27.52 -69.48 38.73
CA PHE H 222 -27.67 -70.80 39.33
C PHE H 222 -27.72 -71.88 38.27
N SER H 223 -27.40 -73.09 38.66
CA SER H 223 -27.60 -74.24 37.80
C SER H 223 -28.33 -75.36 38.52
N SER H 224 -29.17 -76.05 37.74
CA SER H 224 -30.10 -77.08 38.20
C SER H 224 -29.34 -78.24 38.80
N ASN H 225 -28.15 -78.48 38.29
CA ASN H 225 -27.27 -79.53 38.78
C ASN H 225 -25.97 -78.93 39.32
N SER H 226 -25.47 -79.39 40.46
CA SER H 226 -26.10 -80.41 41.33
C SER H 226 -25.62 -80.24 42.79
N SER H 227 -26.37 -80.77 43.77
CA SER H 227 -27.56 -81.56 43.51
C SER H 227 -28.66 -80.66 42.93
N GLY H 228 -29.19 -79.78 43.75
CA GLY H 228 -30.20 -78.83 43.33
C GLY H 228 -29.61 -77.52 42.88
N VAL H 229 -30.11 -76.40 43.36
CA VAL H 229 -29.60 -75.13 42.92
C VAL H 229 -28.23 -75.04 43.48
N THR H 230 -27.24 -74.72 42.65
CA THR H 230 -25.91 -74.36 43.07
C THR H 230 -25.67 -73.06 42.36
N ALA H 231 -25.16 -72.06 43.09
CA ALA H 231 -24.74 -70.79 42.48
C ALA H 231 -23.52 -71.04 41.61
N ILE H 232 -23.61 -70.70 40.32
CA ILE H 232 -22.47 -70.83 39.42
C ILE H 232 -21.74 -69.53 39.10
N GLY H 233 -22.24 -68.41 39.60
CA GLY H 233 -21.60 -67.13 39.37
C GLY H 233 -22.52 -65.91 39.34
N VAL H 234 -21.96 -64.78 38.93
CA VAL H 234 -22.67 -63.51 38.89
C VAL H 234 -22.52 -62.76 37.53
N ILE H 235 -23.54 -61.97 37.19
CA ILE H 235 -23.49 -61.06 36.06
C ILE H 235 -23.38 -59.65 36.61
N TYR H 236 -22.50 -58.87 36.01
CA TYR H 236 -22.25 -57.51 36.48
C TYR H 236 -21.93 -56.57 35.35
N LYS H 237 -22.41 -55.34 35.47
CA LYS H 237 -22.22 -54.31 34.45
C LYS H 237 -21.04 -53.40 34.79
N ASP H 238 -20.29 -53.04 33.76
CA ASP H 238 -19.21 -52.08 33.86
C ASP H 238 -19.82 -50.70 33.58
N SER H 239 -19.06 -49.63 33.83
CA SER H 239 -19.63 -48.29 33.71
C SER H 239 -19.95 -47.89 32.28
N ASN H 240 -19.57 -48.74 31.33
CA ASN H 240 -19.86 -48.51 29.92
C ASN H 240 -21.20 -49.04 29.49
N GLY H 241 -21.64 -50.12 30.14
CA GLY H 241 -22.89 -50.81 29.78
C GLY H 241 -22.66 -52.31 29.71
N THR H 242 -21.48 -52.72 29.27
CA THR H 242 -21.17 -54.11 29.02
C THR H 242 -21.44 -55.03 30.20
N PRO H 243 -22.05 -56.23 29.94
CA PRO H 243 -22.20 -57.21 31.00
C PRO H 243 -21.05 -58.20 31.04
N HIS H 244 -20.36 -58.27 32.16
CA HIS H 244 -19.37 -59.30 32.39
C HIS H 244 -20.00 -60.39 33.20
N GLN H 245 -19.26 -61.50 33.35
CA GLN H 245 -19.63 -62.66 34.19
C GLN H 245 -18.44 -63.04 35.03
N ALA H 246 -18.70 -63.43 36.27
CA ALA H 246 -17.65 -64.07 37.06
C ALA H 246 -18.10 -65.46 37.50
N PHE H 247 -17.50 -66.51 36.98
CA PHE H 247 -17.88 -67.85 37.37
C PHE H 247 -17.03 -68.35 38.50
N VAL H 248 -17.59 -69.21 39.33
CA VAL H 248 -16.78 -69.90 40.33
C VAL H 248 -16.39 -71.31 39.94
N ARG H 249 -15.16 -71.68 40.29
CA ARG H 249 -14.54 -72.99 40.04
C ARG H 249 -15.10 -74.06 40.96
N GLY H 250 -14.81 -75.33 40.65
CA GLY H 250 -15.18 -76.46 41.51
C GLY H 250 -14.99 -76.05 42.97
N GLU H 251 -16.05 -76.19 43.75
CA GLU H 251 -15.99 -75.99 45.21
C GLU H 251 -15.88 -74.55 45.69
N GLY H 252 -16.26 -73.59 44.84
CA GLY H 252 -16.33 -72.18 45.23
C GLY H 252 -17.71 -71.66 45.66
N GLU H 253 -17.77 -70.38 45.87
CA GLU H 253 -18.94 -69.84 46.38
C GLU H 253 -19.01 -68.41 46.01
N VAL H 254 -20.23 -67.99 45.75
CA VAL H 254 -20.56 -66.63 45.68
C VAL H 254 -20.96 -66.38 47.09
N ILE H 255 -20.55 -65.25 47.59
CA ILE H 255 -20.80 -64.85 48.92
C ILE H 255 -21.40 -63.54 48.57
N VAL H 256 -22.36 -63.06 49.32
CA VAL H 256 -22.96 -61.78 49.05
C VAL H 256 -22.73 -60.89 50.22
N SER H 257 -21.93 -59.88 50.05
CA SER H 257 -21.61 -59.02 51.15
C SER H 257 -22.08 -57.63 50.85
N ALA H 258 -23.31 -57.55 50.32
CA ALA H 258 -23.88 -56.30 49.83
C ALA H 258 -24.58 -55.40 50.85
N GLY H 259 -24.86 -55.92 52.03
CA GLY H 259 -25.43 -55.11 53.12
C GLY H 259 -26.89 -55.39 53.39
N PRO H 260 -27.45 -54.81 54.50
CA PRO H 260 -28.88 -55.02 54.75
C PRO H 260 -29.69 -54.68 53.50
N ILE H 261 -29.31 -53.64 52.77
CA ILE H 261 -30.05 -53.23 51.58
C ILE H 261 -29.70 -53.97 50.24
N GLY H 262 -28.42 -54.32 50.06
CA GLY H 262 -27.98 -54.99 48.83
C GLY H 262 -28.33 -56.46 48.71
N SER H 263 -27.96 -57.27 49.71
CA SER H 263 -28.18 -58.73 49.64
C SER H 263 -29.65 -59.10 49.38
N PRO H 264 -30.59 -58.52 50.16
CA PRO H 264 -31.96 -58.92 49.92
C PRO H 264 -32.37 -58.50 48.54
N GLN H 265 -31.92 -57.33 48.10
CA GLN H 265 -32.18 -56.92 46.73
C GLN H 265 -31.65 -57.91 45.71
N LEU H 266 -30.35 -58.19 45.78
CA LEU H 266 -29.70 -59.08 44.82
C LEU H 266 -30.30 -60.48 44.85
N LEU H 267 -30.52 -61.02 46.04
CA LEU H 267 -31.11 -62.32 46.09
C LEU H 267 -32.47 -62.33 45.33
N LEU H 268 -33.40 -61.45 45.74
CA LEU H 268 -34.72 -61.28 45.10
C LEU H 268 -34.66 -61.13 43.56
N LEU H 269 -33.73 -60.28 43.08
CA LEU H 269 -33.52 -60.03 41.66
C LEU H 269 -32.99 -61.26 40.90
N SER H 270 -32.42 -62.19 41.67
CA SER H 270 -31.92 -63.46 41.14
C SER H 270 -32.92 -64.61 41.22
N GLY H 271 -34.08 -64.36 41.82
CA GLY H 271 -35.11 -65.39 41.85
C GLY H 271 -35.19 -66.13 43.17
N VAL H 272 -34.41 -65.69 44.16
CA VAL H 272 -34.40 -66.29 45.49
C VAL H 272 -35.15 -65.39 46.49
N GLY H 273 -36.31 -65.87 46.95
CA GLY H 273 -37.23 -65.11 47.81
C GLY H 273 -38.67 -65.59 47.69
N PRO H 274 -39.62 -64.98 48.42
CA PRO H 274 -41.01 -65.45 48.49
C PRO H 274 -41.62 -65.80 47.14
N GLU H 275 -42.21 -67.01 47.05
CA GLU H 275 -42.78 -67.57 45.78
C GLU H 275 -43.79 -66.68 45.05
N SER H 276 -44.82 -66.22 45.77
CA SER H 276 -45.84 -65.38 45.17
C SER H 276 -45.37 -63.92 44.96
N TYR H 277 -44.64 -63.36 45.90
CA TYR H 277 -44.15 -61.98 45.74
C TYR H 277 -43.33 -61.74 44.44
N LEU H 278 -42.52 -62.72 44.05
CA LEU H 278 -41.65 -62.59 42.88
C LEU H 278 -42.44 -62.69 41.59
N SER H 279 -43.51 -63.48 41.60
CA SER H 279 -44.37 -63.70 40.42
C SER H 279 -45.15 -62.45 40.08
N SER H 280 -45.84 -61.91 41.07
CA SER H 280 -46.46 -60.61 40.90
C SER H 280 -45.45 -59.63 40.30
N LEU H 281 -44.15 -59.89 40.52
CA LEU H 281 -43.08 -59.05 39.99
C LEU H 281 -42.47 -59.60 38.71
N ASN H 282 -42.96 -60.74 38.25
CA ASN H 282 -42.42 -61.46 37.07
C ASN H 282 -40.89 -61.68 37.03
N ILE H 283 -40.39 -62.36 38.07
CA ILE H 283 -39.01 -62.84 38.15
C ILE H 283 -39.17 -64.34 38.33
N PRO H 284 -38.54 -65.16 37.49
CA PRO H 284 -38.62 -66.61 37.69
C PRO H 284 -38.09 -67.08 39.08
N VAL H 285 -38.91 -67.82 39.81
CA VAL H 285 -38.54 -68.30 41.14
C VAL H 285 -37.43 -69.35 41.03
N VAL H 286 -36.35 -69.18 41.78
CA VAL H 286 -35.27 -70.15 41.73
C VAL H 286 -35.33 -71.04 42.96
N LEU H 287 -35.40 -70.42 44.13
CA LEU H 287 -35.83 -71.13 45.32
C LEU H 287 -36.73 -70.18 46.06
N SER H 288 -37.88 -70.68 46.51
CA SER H 288 -38.81 -69.88 47.33
C SER H 288 -38.25 -69.67 48.73
N HIS H 289 -37.86 -68.42 49.01
CA HIS H 289 -37.26 -68.05 50.28
C HIS H 289 -38.06 -66.94 50.97
N PRO H 290 -39.15 -67.33 51.64
CA PRO H 290 -40.14 -66.40 52.16
C PRO H 290 -39.57 -65.26 53.02
N TYR H 291 -38.39 -65.45 53.62
CA TYR H 291 -37.86 -64.46 54.57
C TYR H 291 -36.73 -63.56 54.05
N VAL H 292 -36.33 -63.75 52.81
CA VAL H 292 -35.45 -62.80 52.15
C VAL H 292 -36.19 -61.46 52.11
N GLY H 293 -35.56 -60.41 52.63
CA GLY H 293 -36.16 -59.06 52.60
C GLY H 293 -37.11 -58.83 53.76
N GLN H 294 -37.11 -59.79 54.69
CA GLN H 294 -37.93 -59.74 55.88
C GLN H 294 -37.09 -59.50 57.14
N PHE H 295 -37.73 -59.06 58.23
CA PHE H 295 -37.06 -58.83 59.51
C PHE H 295 -35.91 -57.83 59.40
N LEU H 296 -36.28 -56.65 58.91
CA LEU H 296 -35.40 -55.52 58.64
C LEU H 296 -35.44 -54.52 59.81
N HIS H 297 -34.35 -54.37 60.56
CA HIS H 297 -34.34 -53.55 61.80
C HIS H 297 -33.56 -52.25 61.68
N ASP H 298 -34.09 -51.16 62.21
CA ASP H 298 -33.29 -49.94 62.35
C ASP H 298 -33.44 -49.25 63.70
N ASN H 299 -32.37 -49.20 64.49
CA ASN H 299 -32.47 -48.64 65.85
C ASN H 299 -32.76 -47.15 65.80
N PRO H 300 -33.73 -46.70 66.58
CA PRO H 300 -34.13 -45.30 66.49
C PRO H 300 -33.11 -44.39 67.13
N ARG H 301 -32.97 -43.19 66.57
CA ARG H 301 -32.10 -42.20 67.16
C ARG H 301 -32.94 -41.05 67.65
N ASN H 302 -32.86 -40.72 68.94
CA ASN H 302 -33.44 -39.45 69.41
C ASN H 302 -32.37 -38.63 70.07
N PHE H 303 -32.59 -37.33 70.09
CA PHE H 303 -31.50 -36.40 70.33
C PHE H 303 -32.02 -35.08 70.83
N ILE H 304 -31.14 -34.38 71.53
CA ILE H 304 -31.34 -33.01 71.90
C ILE H 304 -30.10 -32.31 71.37
N ASN H 305 -30.31 -31.24 70.59
CA ASN H 305 -29.25 -30.39 70.03
C ASN H 305 -29.20 -29.14 70.89
N ILE H 306 -28.02 -28.78 71.41
CA ILE H 306 -27.93 -27.52 72.18
C ILE H 306 -27.06 -26.50 71.47
N LEU H 307 -27.45 -25.24 71.55
CA LEU H 307 -26.66 -24.15 70.98
C LEU H 307 -26.08 -23.27 72.10
N PRO H 308 -24.81 -23.49 72.41
CA PRO H 308 -24.10 -22.80 73.47
C PRO H 308 -23.83 -21.33 73.13
N PRO H 309 -23.81 -20.42 74.12
CA PRO H 309 -23.59 -18.99 73.86
C PRO H 309 -22.14 -18.65 73.48
N ASN H 310 -21.26 -19.64 73.60
CA ASN H 310 -19.88 -19.52 73.16
C ASN H 310 -19.59 -20.71 72.27
N PRO H 311 -18.63 -20.58 71.35
CA PRO H 311 -18.41 -21.67 70.41
C PRO H 311 -17.74 -22.88 71.09
N ILE H 312 -18.04 -24.07 70.62
CA ILE H 312 -17.31 -25.28 71.05
C ILE H 312 -16.49 -25.83 69.88
N GLU H 313 -15.61 -26.78 70.12
CA GLU H 313 -14.78 -27.32 69.05
C GLU H 313 -15.35 -28.65 68.55
N PRO H 314 -15.25 -28.92 67.23
CA PRO H 314 -15.79 -30.11 66.56
C PRO H 314 -15.00 -31.35 66.94
N SER H 315 -15.67 -32.49 67.05
CA SER H 315 -15.05 -33.68 67.63
C SER H 315 -15.54 -34.98 67.02
N THR H 316 -14.64 -35.93 66.82
CA THR H 316 -15.11 -37.29 66.57
C THR H 316 -15.63 -37.87 67.88
N VAL H 317 -16.69 -38.65 67.80
CA VAL H 317 -17.25 -39.32 68.97
C VAL H 317 -16.39 -40.49 69.47
N THR H 318 -15.96 -40.40 70.73
CA THR H 318 -15.09 -41.40 71.34
C THR H 318 -15.57 -41.86 72.72
N VAL H 319 -16.37 -41.03 73.39
CA VAL H 319 -16.92 -41.37 74.69
C VAL H 319 -18.34 -41.94 74.50
N LEU H 320 -18.69 -42.97 75.28
CA LEU H 320 -20.03 -43.57 75.18
C LEU H 320 -20.68 -43.84 76.54
N GLY H 321 -22.00 -43.74 76.60
CA GLY H 321 -22.73 -44.03 77.82
C GLY H 321 -23.56 -45.27 77.68
N ILE H 322 -22.93 -46.42 77.87
CA ILE H 322 -23.59 -47.71 77.66
C ILE H 322 -24.47 -48.20 78.82
N THR H 323 -25.77 -48.29 78.54
CA THR H 323 -26.75 -48.91 79.43
C THR H 323 -27.35 -50.16 78.74
N SER H 324 -27.88 -51.08 79.55
CA SER H 324 -28.57 -52.25 79.03
C SER H 324 -29.72 -51.84 78.06
N ASN H 325 -30.43 -50.76 78.39
CA ASN H 325 -31.63 -50.38 77.63
C ASN H 325 -31.43 -49.45 76.43
N PHE H 326 -30.30 -48.78 76.38
CA PHE H 326 -30.04 -47.71 75.42
C PHE H 326 -28.58 -47.31 75.48
N TYR H 327 -28.09 -46.71 74.41
CA TYR H 327 -26.69 -46.28 74.30
C TYR H 327 -26.65 -44.79 73.91
N GLN H 328 -25.70 -44.04 74.48
CA GLN H 328 -25.66 -42.60 74.28
C GLN H 328 -24.27 -42.08 73.97
N CYS H 329 -24.19 -40.93 73.32
CA CYS H 329 -22.92 -40.26 73.10
C CYS H 329 -23.14 -38.79 72.81
N SER H 330 -22.10 -38.08 72.41
CA SER H 330 -22.27 -36.70 72.01
C SER H 330 -21.31 -36.30 70.91
N PHE H 331 -21.90 -35.82 69.82
CA PHE H 331 -21.19 -35.35 68.66
C PHE H 331 -21.22 -33.82 68.71
N SER H 332 -20.11 -33.13 68.43
CA SER H 332 -20.14 -31.64 68.34
C SER H 332 -19.62 -31.12 67.00
N SER H 333 -20.17 -29.99 66.54
CA SER H 333 -19.97 -29.64 65.13
C SER H 333 -20.09 -28.17 64.81
N LEU H 334 -19.30 -27.74 63.83
CA LEU H 334 -19.47 -26.46 63.20
C LEU H 334 -20.87 -26.40 62.64
N PRO H 335 -21.39 -25.20 62.40
CA PRO H 335 -22.66 -25.00 61.71
C PRO H 335 -22.74 -25.70 60.35
N PHE H 336 -23.94 -26.03 59.92
CA PHE H 336 -24.21 -26.59 58.60
C PHE H 336 -24.86 -25.47 57.80
N SER H 337 -24.22 -25.04 56.73
CA SER H 337 -24.83 -24.04 55.85
C SER H 337 -25.68 -24.73 54.77
N ILE H 338 -25.61 -26.07 54.73
CA ILE H 338 -26.27 -26.93 53.75
C ILE H 338 -26.67 -28.14 54.59
N PRO H 339 -27.77 -28.85 54.27
CA PRO H 339 -28.12 -29.99 55.17
C PRO H 339 -27.31 -31.24 54.87
N PRO H 340 -26.64 -31.83 55.92
CA PRO H 340 -26.00 -33.14 55.75
C PRO H 340 -27.06 -34.19 55.86
N PHE H 341 -27.33 -34.85 54.72
CA PHE H 341 -28.56 -35.62 54.54
C PHE H 341 -28.63 -36.75 55.52
N ALA H 342 -29.76 -36.87 56.20
CA ALA H 342 -30.01 -37.99 57.11
C ALA H 342 -29.53 -37.72 58.52
N PHE H 343 -28.71 -36.70 58.69
CA PHE H 343 -28.28 -36.37 60.02
C PHE H 343 -29.53 -36.01 60.80
N PHE H 344 -30.45 -35.31 60.15
CA PHE H 344 -31.79 -35.11 60.68
C PHE H 344 -32.77 -35.89 59.79
N PRO H 345 -33.97 -36.19 60.31
CA PRO H 345 -34.92 -37.00 59.58
C PRO H 345 -35.54 -36.36 58.35
N ASN H 346 -35.31 -35.07 58.09
CA ASN H 346 -35.75 -34.46 56.81
C ASN H 346 -34.94 -33.25 56.34
N PRO H 347 -35.10 -32.84 55.04
CA PRO H 347 -34.24 -31.74 54.57
C PRO H 347 -34.71 -30.45 55.22
N THR H 348 -36.02 -30.41 55.40
CA THR H 348 -36.75 -29.27 55.89
C THR H 348 -36.58 -28.99 57.41
N TYR H 349 -35.53 -29.55 58.01
CA TYR H 349 -35.18 -29.35 59.41
C TYR H 349 -34.38 -28.05 59.53
N PRO H 350 -34.66 -27.24 60.56
CA PRO H 350 -33.90 -26.01 60.81
C PRO H 350 -32.41 -26.32 60.95
N LEU H 351 -31.53 -25.58 60.28
CA LEU H 351 -30.10 -25.91 60.32
C LEU H 351 -29.37 -25.01 61.28
N PRO H 352 -28.36 -25.53 62.02
CA PRO H 352 -27.64 -24.68 62.97
C PRO H 352 -26.76 -23.62 62.33
N ASN H 353 -26.95 -22.36 62.73
CA ASN H 353 -26.14 -21.22 62.21
C ASN H 353 -24.85 -21.02 62.98
N SER H 354 -24.75 -21.58 64.18
CA SER H 354 -23.53 -21.53 64.97
C SER H 354 -23.06 -22.94 65.33
N THR H 355 -21.98 -23.03 66.10
CA THR H 355 -21.53 -24.32 66.61
C THR H 355 -22.60 -24.93 67.50
N PHE H 356 -22.72 -26.25 67.50
CA PHE H 356 -23.71 -26.90 68.35
C PHE H 356 -23.21 -28.24 68.90
N ALA H 357 -23.95 -28.78 69.88
CA ALA H 357 -23.70 -30.13 70.37
C ALA H 357 -24.96 -30.93 70.28
N HIS H 358 -24.77 -32.21 70.02
CA HIS H 358 -25.84 -33.13 69.66
C HIS H 358 -25.73 -34.35 70.59
N PHE H 359 -26.82 -34.61 71.32
CA PHE H 359 -26.83 -35.67 72.33
C PHE H 359 -27.74 -36.76 71.83
N VAL H 360 -27.20 -37.95 71.63
CA VAL H 360 -27.89 -39.01 70.93
C VAL H 360 -28.20 -40.23 71.76
N ASN H 361 -29.36 -40.81 71.51
CA ASN H 361 -29.78 -42.02 72.16
C ASN H 361 -30.03 -43.15 71.16
N LYS H 362 -29.51 -44.32 71.46
CA LYS H 362 -29.73 -45.45 70.61
C LYS H 362 -30.47 -46.58 71.34
N VAL H 363 -31.76 -46.78 71.08
CA VAL H 363 -32.44 -47.92 71.72
C VAL H 363 -31.92 -49.23 71.12
N PRO H 364 -31.67 -50.26 71.97
CA PRO H 364 -31.03 -51.49 71.52
C PRO H 364 -32.06 -52.45 71.01
N GLY H 365 -31.57 -53.52 70.37
CA GLY H 365 -32.41 -54.37 69.56
C GLY H 365 -32.25 -53.83 68.16
N PRO H 366 -33.25 -53.08 67.67
CA PRO H 366 -34.48 -52.82 68.36
C PRO H 366 -35.37 -54.04 68.23
N LEU H 367 -36.52 -54.01 68.88
CA LEU H 367 -37.44 -55.13 68.76
C LEU H 367 -38.32 -55.03 67.50
N SER H 368 -38.81 -53.82 67.20
CA SER H 368 -39.65 -53.55 66.01
C SER H 368 -38.94 -53.77 64.69
N TYR H 369 -39.61 -54.40 63.75
CA TYR H 369 -38.98 -54.67 62.46
C TYR H 369 -39.87 -54.33 61.26
N GLY H 370 -39.28 -54.33 60.07
CA GLY H 370 -40.03 -54.04 58.84
C GLY H 370 -39.54 -54.83 57.65
N SER H 371 -39.81 -54.32 56.45
CA SER H 371 -39.64 -55.11 55.23
C SER H 371 -38.78 -54.46 54.11
N ILE H 372 -38.18 -55.28 53.24
CA ILE H 372 -37.61 -54.79 51.97
C ILE H 372 -38.49 -55.17 50.82
N THR H 373 -38.80 -54.19 49.97
CA THR H 373 -39.57 -54.43 48.78
C THR H 373 -38.85 -53.85 47.56
N LEU H 374 -39.12 -54.43 46.40
CA LEU H 374 -38.53 -53.96 45.18
C LEU H 374 -39.55 -53.17 44.43
N ASN H 375 -39.13 -52.10 43.75
CA ASN H 375 -39.99 -51.54 42.69
C ASN H 375 -39.37 -51.41 41.27
N SER H 376 -38.25 -52.04 41.05
CA SER H 376 -37.78 -52.03 39.72
C SER H 376 -37.67 -53.42 39.32
N ASP H 377 -37.69 -53.59 38.03
CA ASP H 377 -37.97 -54.84 37.33
C ASP H 377 -37.03 -55.99 37.40
N SER H 378 -35.82 -55.73 37.79
CA SER H 378 -35.51 -54.42 38.20
C SER H 378 -34.18 -54.13 37.72
N ASP H 379 -33.86 -52.86 37.75
CA ASP H 379 -32.54 -52.42 37.66
C ASP H 379 -32.19 -52.47 39.11
N VAL H 380 -31.04 -53.01 39.37
CA VAL H 380 -30.43 -53.09 40.68
C VAL H 380 -29.93 -51.69 41.09
N ARG H 381 -29.99 -50.79 40.12
CA ARG H 381 -29.59 -49.40 40.33
CA ARG H 381 -29.59 -49.41 40.35
C ARG H 381 -30.72 -48.56 40.94
N VAL H 382 -31.92 -49.16 41.06
CA VAL H 382 -33.05 -48.49 41.72
C VAL H 382 -33.24 -49.00 43.16
N ALA H 383 -32.96 -48.14 44.13
CA ALA H 383 -33.03 -48.51 45.54
C ALA H 383 -34.32 -49.25 45.90
N PRO H 384 -34.24 -50.33 46.71
CA PRO H 384 -35.51 -50.92 47.17
C PRO H 384 -36.21 -50.00 48.16
N ASN H 385 -37.47 -50.25 48.51
CA ASN H 385 -38.12 -49.52 49.63
C ASN H 385 -38.00 -50.30 50.91
N VAL H 386 -37.73 -49.59 52.01
CA VAL H 386 -37.59 -50.24 53.31
C VAL H 386 -38.54 -49.65 54.35
N LYS H 387 -39.19 -50.53 55.09
CA LYS H 387 -40.14 -50.18 56.15
C LYS H 387 -39.41 -50.63 57.43
N PHE H 388 -39.31 -49.76 58.44
CA PHE H 388 -38.59 -50.12 59.66
C PHE H 388 -39.51 -50.20 60.85
N ASN H 389 -40.64 -49.51 60.71
CA ASN H 389 -41.70 -49.45 61.72
C ASN H 389 -41.13 -49.07 63.08
N TYR H 390 -40.58 -47.86 63.19
CA TYR H 390 -40.02 -47.44 64.46
C TYR H 390 -41.09 -47.47 65.51
N TYR H 391 -40.75 -48.08 66.64
CA TYR H 391 -41.60 -48.06 67.83
C TYR H 391 -42.87 -48.90 67.74
N SER H 392 -42.94 -49.77 66.74
CA SER H 392 -44.02 -50.71 66.69
C SER H 392 -44.23 -51.41 68.01
N ASN H 393 -43.22 -52.08 68.56
CA ASN H 393 -43.49 -53.19 69.48
C ASN H 393 -42.35 -53.59 70.44
N SER H 394 -42.11 -52.81 71.50
CA SER H 394 -42.98 -51.77 72.07
C SER H 394 -42.30 -51.37 73.39
N THR H 395 -41.46 -52.27 73.87
CA THR H 395 -40.43 -52.00 74.87
C THR H 395 -39.43 -50.99 74.27
N ASP H 396 -39.34 -50.99 72.93
CA ASP H 396 -38.60 -49.98 72.19
C ASP H 396 -38.92 -48.59 72.76
N LEU H 397 -40.18 -48.17 72.69
CA LEU H 397 -40.63 -46.90 73.20
C LEU H 397 -40.30 -46.74 74.68
N ALA H 398 -40.61 -47.76 75.48
CA ALA H 398 -40.21 -47.78 76.90
C ALA H 398 -38.73 -47.36 77.04
N HIS H 399 -37.85 -48.01 76.26
CA HIS H 399 -36.42 -47.76 76.31
C HIS H 399 -36.09 -46.35 75.84
N CYS H 400 -36.72 -45.92 74.76
CA CYS H 400 -36.51 -44.59 74.23
C CYS H 400 -36.83 -43.57 75.31
N VAL H 401 -37.95 -43.77 75.99
CA VAL H 401 -38.42 -42.84 77.03
C VAL H 401 -37.45 -42.75 78.21
N SER H 402 -37.07 -43.93 78.71
CA SER H 402 -36.00 -44.08 79.69
C SER H 402 -34.75 -43.36 79.25
N GLY H 403 -34.43 -43.44 77.96
CA GLY H 403 -33.21 -42.84 77.42
C GLY H 403 -33.14 -41.32 77.48
N MET H 404 -34.24 -40.66 77.10
CA MET H 404 -34.21 -39.23 76.94
C MET H 404 -34.34 -38.57 78.28
N LYS H 405 -34.98 -39.31 79.20
CA LYS H 405 -34.97 -38.96 80.60
C LYS H 405 -33.53 -38.83 81.07
N LYS H 406 -32.69 -39.81 80.74
CA LYS H 406 -31.27 -39.78 81.08
C LYS H 406 -30.54 -38.61 80.45
N ILE H 407 -30.87 -38.29 79.20
CA ILE H 407 -30.27 -37.13 78.56
C ILE H 407 -30.68 -35.91 79.37
N GLY H 408 -31.95 -35.89 79.75
CA GLY H 408 -32.49 -34.84 80.62
C GLY H 408 -31.72 -34.72 81.93
N GLU H 409 -31.17 -35.84 82.37
CA GLU H 409 -30.33 -35.83 83.53
C GLU H 409 -28.94 -35.27 83.18
N LEU H 410 -28.38 -35.73 82.06
CA LEU H 410 -27.11 -35.19 81.58
C LEU H 410 -27.16 -33.66 81.55
N LEU H 411 -28.28 -33.11 81.09
CA LEU H 411 -28.37 -31.68 80.85
C LEU H 411 -28.46 -30.88 82.14
N SER H 412 -28.76 -31.57 83.25
CA SER H 412 -28.81 -30.90 84.56
C SER H 412 -27.54 -31.06 85.41
N SER H 413 -26.57 -31.88 84.99
CA SER H 413 -25.31 -32.04 85.73
C SER H 413 -24.44 -30.78 85.66
N ASP H 414 -23.59 -30.60 86.67
CA ASP H 414 -22.71 -29.43 86.78
C ASP H 414 -21.79 -29.25 85.57
N ALA H 415 -21.42 -30.38 84.96
CA ALA H 415 -20.46 -30.36 83.87
C ALA H 415 -20.96 -29.58 82.66
N LEU H 416 -22.30 -29.56 82.51
CA LEU H 416 -22.98 -28.98 81.36
C LEU H 416 -23.50 -27.56 81.63
N LYS H 417 -23.22 -27.08 82.84
CA LYS H 417 -23.64 -25.76 83.28
C LYS H 417 -23.09 -24.60 82.41
N PRO H 418 -21.79 -24.65 82.01
CA PRO H 418 -21.26 -23.51 81.25
C PRO H 418 -21.83 -23.41 79.84
N TYR H 419 -22.45 -24.48 79.34
CA TYR H 419 -23.03 -24.50 77.99
C TYR H 419 -24.52 -24.06 77.92
N LYS H 420 -25.00 -23.41 78.98
CA LYS H 420 -26.38 -22.89 79.06
C LYS H 420 -26.42 -21.42 78.68
N VAL H 421 -27.59 -20.95 78.20
CA VAL H 421 -27.71 -19.58 77.69
C VAL H 421 -27.90 -18.63 78.85
N GLU H 422 -28.75 -19.03 79.78
CA GLU H 422 -29.10 -18.21 80.93
C GLU H 422 -29.36 -19.17 82.08
N ASP H 423 -28.87 -18.81 83.25
CA ASP H 423 -28.91 -19.71 84.41
C ASP H 423 -30.31 -20.08 84.97
N LEU H 424 -31.12 -20.77 84.16
CA LEU H 424 -32.27 -21.51 84.67
C LEU H 424 -31.81 -22.92 85.10
N PRO H 425 -32.39 -23.46 86.20
CA PRO H 425 -31.95 -24.81 86.59
C PRO H 425 -32.73 -25.90 85.84
N GLY H 426 -32.02 -26.97 85.47
CA GLY H 426 -32.62 -28.07 84.70
C GLY H 426 -32.41 -28.02 83.19
N ILE H 427 -33.27 -28.71 82.44
CA ILE H 427 -33.21 -28.73 80.96
C ILE H 427 -33.58 -27.35 80.43
N ASP H 428 -34.20 -26.56 81.33
CA ASP H 428 -34.47 -25.11 81.19
C ASP H 428 -33.17 -24.32 81.02
N GLY H 429 -33.26 -23.17 80.35
CA GLY H 429 -32.10 -22.30 80.19
C GLY H 429 -31.13 -22.70 79.09
N PHE H 430 -31.47 -23.77 78.37
CA PHE H 430 -30.73 -24.17 77.19
C PHE H 430 -31.33 -23.56 75.94
N ASP H 431 -30.49 -23.48 74.90
CA ASP H 431 -30.93 -23.01 73.60
C ASP H 431 -30.99 -24.16 72.62
N ILE H 432 -32.21 -24.57 72.31
CA ILE H 432 -32.49 -25.86 71.71
C ILE H 432 -32.96 -25.79 70.27
N LEU H 433 -32.22 -26.39 69.36
CA LEU H 433 -32.61 -26.42 67.96
C LEU H 433 -33.43 -27.66 67.74
N GLY H 434 -34.63 -27.48 67.21
CA GLY H 434 -35.55 -28.58 66.97
C GLY H 434 -36.39 -28.91 68.17
N ILE H 435 -37.03 -30.08 68.14
CA ILE H 435 -37.97 -30.44 69.19
C ILE H 435 -37.20 -30.65 70.50
N PRO H 436 -37.61 -29.90 71.56
CA PRO H 436 -37.04 -29.98 72.92
C PRO H 436 -37.63 -31.09 73.79
N LEU H 437 -36.96 -31.38 74.91
CA LEU H 437 -37.42 -32.40 75.83
C LEU H 437 -38.64 -31.90 76.61
N PRO H 438 -39.56 -32.82 76.93
CA PRO H 438 -40.65 -32.45 77.82
C PRO H 438 -40.06 -31.97 79.14
N GLU H 439 -40.67 -30.93 79.72
CA GLU H 439 -40.17 -30.25 80.92
C GLU H 439 -40.45 -31.05 82.19
N ASN H 440 -41.67 -31.59 82.26
CA ASN H 440 -42.03 -32.44 83.38
C ASN H 440 -41.35 -33.79 83.24
N GLN H 441 -40.24 -33.94 83.97
CA GLN H 441 -39.30 -35.06 83.81
C GLN H 441 -39.88 -36.41 84.21
N THR H 442 -41.17 -36.44 84.49
CA THR H 442 -41.82 -37.66 84.94
C THR H 442 -43.07 -38.02 84.11
N ASP H 443 -43.53 -37.02 83.34
CA ASP H 443 -44.64 -37.11 82.39
C ASP H 443 -44.38 -38.08 81.21
N ASP H 444 -44.62 -39.37 81.44
CA ASP H 444 -44.41 -40.46 80.45
C ASP H 444 -45.18 -40.32 79.11
N ALA H 445 -46.30 -39.59 79.12
CA ALA H 445 -47.08 -39.34 77.91
C ALA H 445 -46.24 -38.50 76.96
N ALA H 446 -45.65 -37.44 77.48
CA ALA H 446 -44.94 -36.45 76.68
C ALA H 446 -43.62 -36.96 76.11
N PHE H 447 -42.99 -37.87 76.85
CA PHE H 447 -41.79 -38.53 76.35
C PHE H 447 -42.14 -39.54 75.27
N GLU H 448 -43.29 -40.18 75.44
CA GLU H 448 -43.81 -41.09 74.42
C GLU H 448 -44.22 -40.34 73.17
N THR H 449 -44.73 -39.11 73.33
CA THR H 449 -45.05 -38.28 72.18
C THR H 449 -43.78 -37.72 71.58
N PHE H 450 -42.87 -37.26 72.44
CA PHE H 450 -41.58 -36.73 71.97
C PHE H 450 -40.83 -37.80 71.16
N CYS H 451 -40.41 -38.89 71.83
CA CYS H 451 -39.65 -39.99 71.20
C CYS H 451 -40.10 -40.35 69.79
N ARG H 452 -41.40 -40.16 69.57
CA ARG H 452 -42.07 -40.71 68.42
C ARG H 452 -42.14 -39.67 67.30
N GLU H 453 -42.25 -38.39 67.68
CA GLU H 453 -42.33 -37.28 66.71
C GLU H 453 -40.93 -36.81 66.30
N ALA H 454 -39.97 -36.89 67.23
CA ALA H 454 -38.59 -36.42 67.04
C ALA H 454 -37.64 -37.46 66.41
N VAL H 455 -38.18 -38.58 65.91
CA VAL H 455 -37.34 -39.74 65.56
C VAL H 455 -36.46 -39.59 64.31
N ALA H 456 -35.26 -40.17 64.39
CA ALA H 456 -34.30 -40.18 63.31
C ALA H 456 -33.66 -41.57 63.28
N SER H 457 -32.76 -41.80 62.36
CA SER H 457 -32.12 -43.10 62.24
C SER H 457 -30.69 -43.07 62.74
N TYR H 458 -30.32 -44.09 63.49
CA TYR H 458 -28.95 -44.20 63.99
C TYR H 458 -28.00 -44.84 62.95
N TRP H 459 -28.54 -45.08 61.74
CA TRP H 459 -27.81 -45.57 60.56
C TRP H 459 -27.29 -47.00 60.71
N HIS H 460 -27.69 -47.69 61.76
CA HIS H 460 -27.19 -49.03 62.06
C HIS H 460 -28.17 -50.13 61.61
N TYR H 461 -29.01 -49.79 60.63
CA TYR H 461 -29.98 -50.71 60.03
C TYR H 461 -29.30 -52.04 59.70
N HIS H 462 -30.02 -53.13 59.92
CA HIS H 462 -29.49 -54.49 59.76
C HIS H 462 -30.68 -55.45 59.63
N GLY H 463 -30.43 -56.68 59.18
CA GLY H 463 -31.54 -57.61 58.91
C GLY H 463 -31.83 -57.90 57.45
N GLY H 464 -33.01 -58.42 57.14
CA GLY H 464 -33.37 -58.71 55.77
C GLY H 464 -32.92 -60.05 55.24
N CYS H 465 -31.97 -60.67 55.91
CA CYS H 465 -31.48 -61.98 55.49
C CYS H 465 -30.89 -62.78 56.67
N LEU H 466 -31.78 -63.16 57.59
CA LEU H 466 -31.39 -63.68 58.89
C LEU H 466 -30.88 -65.10 58.90
N VAL H 467 -29.80 -65.27 59.67
CA VAL H 467 -29.43 -66.56 60.22
C VAL H 467 -30.63 -67.05 61.03
N GLY H 468 -31.09 -68.27 60.77
CA GLY H 468 -32.31 -68.76 61.40
C GLY H 468 -33.44 -68.83 60.39
N GLU H 469 -33.72 -67.70 59.74
CA GLU H 469 -34.72 -67.65 58.70
C GLU H 469 -34.21 -68.05 57.29
N VAL H 470 -33.22 -67.35 56.75
CA VAL H 470 -32.76 -67.59 55.36
C VAL H 470 -31.44 -68.37 55.35
N LEU H 471 -30.66 -68.20 56.42
CA LEU H 471 -29.30 -68.77 56.52
C LEU H 471 -29.23 -69.82 57.63
N ASP H 472 -28.11 -70.57 57.65
CA ASP H 472 -27.83 -71.54 58.69
C ASP H 472 -26.59 -71.14 59.51
N GLY H 473 -26.17 -71.99 60.47
CA GLY H 473 -25.01 -71.68 61.34
C GLY H 473 -23.68 -71.35 60.66
N ASP H 474 -23.59 -71.58 59.35
CA ASP H 474 -22.38 -71.35 58.57
C ASP H 474 -22.57 -70.26 57.48
N PHE H 475 -23.61 -69.45 57.65
CA PHE H 475 -23.99 -68.36 56.73
C PHE H 475 -24.31 -68.80 55.30
N ARG H 476 -24.56 -70.09 55.12
CA ARG H 476 -25.01 -70.63 53.85
C ARG H 476 -26.47 -70.23 53.60
N VAL H 477 -26.82 -69.88 52.36
CA VAL H 477 -28.25 -69.76 52.03
C VAL H 477 -28.82 -71.18 51.94
N THR H 478 -29.62 -71.56 52.93
CA THR H 478 -30.20 -72.90 52.99
C THR H 478 -30.94 -73.23 51.69
N GLY H 479 -30.69 -74.42 51.14
CA GLY H 479 -31.37 -74.93 49.95
C GLY H 479 -30.46 -74.89 48.74
N ILE H 480 -29.53 -73.96 48.76
CA ILE H 480 -28.71 -73.64 47.61
C ILE H 480 -27.26 -73.91 47.96
N ASN H 481 -26.59 -74.64 47.08
CA ASN H 481 -25.18 -74.93 47.21
C ASN H 481 -24.36 -73.78 46.64
N ALA H 482 -23.25 -73.44 47.29
CA ALA H 482 -22.32 -72.43 46.79
C ALA H 482 -22.85 -71.02 46.92
N LEU H 483 -23.63 -70.77 47.97
CA LEU H 483 -24.18 -69.44 48.22
C LEU H 483 -24.18 -69.07 49.70
N ARG H 484 -23.38 -68.06 50.02
CA ARG H 484 -23.33 -67.51 51.38
C ARG H 484 -23.73 -66.02 51.41
N VAL H 485 -23.96 -65.52 52.61
CA VAL H 485 -24.34 -64.13 52.80
C VAL H 485 -23.66 -63.69 54.07
N VAL H 486 -22.82 -62.67 53.99
CA VAL H 486 -22.03 -62.28 55.15
C VAL H 486 -21.93 -60.76 55.26
N ASP H 487 -22.75 -60.17 56.14
CA ASP H 487 -22.75 -58.73 56.38
C ASP H 487 -23.79 -58.29 57.43
N GLY H 488 -24.09 -57.00 57.45
CA GLY H 488 -25.11 -56.45 58.33
C GLY H 488 -26.50 -57.07 58.24
N SER H 489 -26.73 -57.96 57.28
CA SER H 489 -28.07 -58.47 57.12
C SER H 489 -28.32 -59.80 57.84
N THR H 490 -27.33 -60.33 58.54
CA THR H 490 -27.41 -61.72 59.03
C THR H 490 -28.13 -61.86 60.35
N PHE H 491 -28.19 -60.80 61.15
CA PHE H 491 -28.69 -60.91 62.52
C PHE H 491 -29.78 -59.90 62.83
N PRO H 492 -30.75 -60.28 63.68
CA PRO H 492 -31.86 -59.37 63.96
C PRO H 492 -31.53 -58.18 64.88
N TYR H 493 -30.62 -58.32 65.85
CA TYR H 493 -30.35 -57.19 66.77
C TYR H 493 -28.90 -56.73 66.72
N SER H 494 -28.71 -55.42 66.89
CA SER H 494 -27.38 -54.77 66.91
C SER H 494 -26.48 -55.38 67.98
N PRO H 495 -25.20 -55.64 67.63
CA PRO H 495 -24.21 -56.30 68.52
C PRO H 495 -23.53 -55.43 69.62
N ALA H 496 -23.57 -54.11 69.48
CA ALA H 496 -23.08 -53.18 70.49
C ALA H 496 -23.56 -51.83 70.01
N SER H 497 -23.23 -50.75 70.71
CA SER H 497 -23.68 -49.46 70.23
C SER H 497 -23.16 -49.18 68.81
N HIS H 498 -22.05 -49.81 68.45
CA HIS H 498 -21.46 -49.54 67.16
C HIS H 498 -21.04 -50.82 66.46
N PRO H 499 -21.80 -51.16 65.41
CA PRO H 499 -21.78 -52.47 64.77
C PRO H 499 -20.55 -52.81 63.92
N GLN H 500 -19.78 -51.81 63.48
CA GLN H 500 -18.73 -52.12 62.53
C GLN H 500 -17.75 -53.14 63.10
N GLY H 501 -17.28 -52.89 64.32
CA GLY H 501 -16.40 -53.82 65.03
C GLY H 501 -16.82 -55.20 64.61
N PHE H 502 -18.05 -55.55 64.99
CA PHE H 502 -18.60 -56.88 64.70
C PHE H 502 -18.48 -57.21 63.23
N TYR H 503 -19.00 -56.36 62.35
CA TYR H 503 -19.07 -56.71 60.94
C TYR H 503 -17.70 -56.87 60.30
N LEU H 504 -16.74 -56.02 60.71
CA LEU H 504 -15.34 -56.17 60.27
C LEU H 504 -14.80 -57.57 60.65
N MET H 505 -15.12 -57.99 61.87
CA MET H 505 -14.74 -59.30 62.38
C MET H 505 -15.42 -60.38 61.53
N LEU H 506 -16.72 -60.24 61.33
CA LEU H 506 -17.50 -61.29 60.72
C LEU H 506 -17.07 -61.56 59.26
N GLY H 507 -16.39 -60.60 58.65
CA GLY H 507 -15.87 -60.82 57.31
C GLY H 507 -14.87 -61.94 57.35
N ARG H 508 -13.83 -61.77 58.19
CA ARG H 508 -12.72 -62.73 58.30
C ARG H 508 -13.13 -64.05 58.93
N TYR H 509 -14.02 -63.97 59.92
CA TYR H 509 -14.45 -65.15 60.66
C TYR H 509 -14.88 -66.23 59.70
N VAL H 510 -15.85 -65.90 58.85
CA VAL H 510 -16.41 -66.85 57.88
C VAL H 510 -15.39 -67.22 56.81
N GLY H 511 -14.56 -66.25 56.43
CA GLY H 511 -13.37 -66.50 55.62
C GLY H 511 -12.52 -67.62 56.21
N SER H 512 -12.12 -67.46 57.48
CA SER H 512 -11.40 -68.52 58.20
C SER H 512 -12.23 -69.79 58.30
N LYS H 513 -13.55 -69.67 58.39
CA LYS H 513 -14.41 -70.86 58.48
C LYS H 513 -14.37 -71.62 57.17
N ILE H 514 -14.54 -70.92 56.04
CA ILE H 514 -14.57 -71.58 54.74
C ILE H 514 -13.26 -72.29 54.45
N LEU H 515 -12.16 -71.63 54.80
CA LEU H 515 -10.83 -72.16 54.59
C LEU H 515 -10.62 -73.44 55.40
N GLN H 516 -11.07 -73.40 56.66
CA GLN H 516 -10.99 -74.52 57.61
C GLN H 516 -11.77 -75.77 57.21
N GLU H 517 -12.89 -75.59 56.52
CA GLU H 517 -13.66 -76.76 56.10
C GLU H 517 -13.26 -77.22 54.70
N ARG H 518 -12.32 -76.49 54.12
CA ARG H 518 -11.68 -76.87 52.87
C ARG H 518 -10.42 -77.71 53.14
N SER H 519 -9.75 -77.46 54.26
CA SER H 519 -8.78 -78.42 54.76
C SER H 519 -9.47 -79.75 55.02
N ALA H 520 -10.58 -79.70 55.76
CA ALA H 520 -11.44 -80.87 56.03
C ALA H 520 -11.68 -81.67 54.77
N ALA H 521 -12.14 -80.97 53.71
CA ALA H 521 -12.40 -81.53 52.37
C ALA H 521 -11.13 -81.56 51.51
N LEU I 1 41.73 66.96 0.88
CA LEU I 1 41.36 65.66 1.53
C LEU I 1 39.86 65.55 1.75
N ALA I 2 39.32 64.35 1.56
CA ALA I 2 37.87 64.14 1.61
C ALA I 2 37.47 63.47 2.92
N THR I 3 36.17 63.13 3.05
CA THR I 3 35.64 62.47 4.25
C THR I 3 34.97 61.16 3.86
N THR I 4 35.18 60.15 4.69
CA THR I 4 34.58 58.83 4.52
C THR I 4 33.06 58.93 4.30
N SER I 5 32.63 58.39 3.15
CA SER I 5 31.21 58.27 2.78
C SER I 5 31.02 57.38 1.56
N ASP I 6 29.74 57.09 1.26
CA ASP I 6 29.34 56.17 0.17
C ASP I 6 29.89 56.62 -1.16
N HIS I 7 29.90 55.73 -2.14
CA HIS I 7 30.34 56.13 -3.48
C HIS I 7 29.26 57.02 -4.07
N ASP I 8 29.66 58.13 -4.69
CA ASP I 8 28.64 59.02 -5.22
C ASP I 8 28.25 58.77 -6.67
N PHE I 9 27.06 58.19 -6.86
CA PHE I 9 26.56 57.82 -8.17
C PHE I 9 25.52 58.85 -8.62
N SER I 10 25.63 60.07 -8.14
CA SER I 10 24.70 61.10 -8.55
C SER I 10 24.66 61.31 -10.07
N TYR I 11 25.81 61.10 -10.71
CA TYR I 11 25.97 61.27 -12.15
C TYR I 11 25.07 60.34 -12.96
N LEU I 12 24.40 59.43 -12.28
CA LEU I 12 23.56 58.46 -12.96
C LEU I 12 22.32 59.09 -13.58
N SER I 13 21.88 60.21 -13.00
CA SER I 13 20.77 60.97 -13.58
C SER I 13 21.06 61.31 -15.03
N PHE I 14 22.34 61.52 -15.36
CA PHE I 14 22.71 61.79 -16.75
C PHE I 14 23.58 60.75 -17.51
N ALA I 15 23.50 59.48 -17.12
CA ALA I 15 24.31 58.43 -17.71
C ALA I 15 23.42 57.44 -18.44
N TYR I 16 23.57 57.37 -19.75
CA TYR I 16 22.68 56.55 -20.54
C TYR I 16 23.45 55.40 -21.10
N ASP I 17 22.75 54.33 -21.42
CA ASP I 17 23.34 53.21 -22.15
C ASP I 17 23.35 53.60 -23.63
N ALA I 18 24.42 53.26 -24.34
CA ALA I 18 24.54 53.66 -25.75
C ALA I 18 23.29 53.36 -26.60
N THR I 19 22.55 52.28 -26.29
CA THR I 19 21.36 51.96 -27.08
C THR I 19 20.25 52.95 -26.82
N ASP I 20 20.37 53.70 -25.73
CA ASP I 20 19.40 54.76 -25.45
C ASP I 20 19.72 56.07 -26.13
N LEU I 21 20.95 56.25 -26.62
CA LEU I 21 21.35 57.53 -27.26
C LEU I 21 20.78 57.69 -28.66
N GLU I 22 20.65 58.93 -29.09
CA GLU I 22 20.24 59.25 -30.46
C GLU I 22 21.27 58.71 -31.43
N LEU I 23 20.83 58.30 -32.60
CA LEU I 23 21.69 57.76 -33.64
C LEU I 23 22.84 58.71 -34.05
N GLU I 24 22.52 60.00 -34.21
CA GLU I 24 23.53 61.00 -34.49
C GLU I 24 23.27 62.24 -33.63
N GLY I 25 24.25 62.67 -32.86
CA GLY I 25 24.04 63.80 -31.96
C GLY I 25 25.15 64.81 -32.09
N SER I 26 24.89 66.04 -31.64
CA SER I 26 25.91 67.12 -31.59
C SER I 26 26.22 67.60 -30.18
N TYR I 27 27.51 67.84 -29.93
CA TYR I 27 28.02 68.29 -28.63
C TYR I 27 29.21 69.16 -28.91
N ASP I 28 29.59 69.95 -27.93
CA ASP I 28 30.73 70.81 -28.13
C ASP I 28 31.96 69.95 -27.97
N TYR I 29 31.88 68.98 -27.06
CA TYR I 29 33.01 68.11 -26.82
C TYR I 29 32.62 66.63 -26.80
N VAL I 30 33.44 65.82 -27.45
CA VAL I 30 33.25 64.38 -27.48
C VAL I 30 34.47 63.68 -26.91
N ILE I 31 34.30 62.90 -25.84
CA ILE I 31 35.45 62.34 -25.10
C ILE I 31 35.40 60.83 -25.08
N VAL I 32 36.33 60.21 -25.79
CA VAL I 32 36.36 58.76 -25.85
C VAL I 32 37.01 58.17 -24.60
N GLY I 33 36.27 57.26 -23.96
CA GLY I 33 36.69 56.55 -22.75
C GLY I 33 36.65 57.43 -21.51
N GLY I 34 35.69 57.16 -20.63
CA GLY I 34 35.56 57.88 -19.35
C GLY I 34 36.35 57.21 -18.24
N GLY I 35 37.66 57.41 -18.28
CA GLY I 35 38.57 56.79 -17.30
C GLY I 35 39.22 57.77 -16.35
N THR I 36 40.49 57.50 -16.05
CA THR I 36 41.23 58.23 -15.03
C THR I 36 41.44 59.69 -15.44
N SER I 37 41.79 59.91 -16.70
CA SER I 37 41.95 61.26 -17.22
C SER I 37 40.65 61.78 -17.79
N GLY I 38 39.81 60.90 -18.32
CA GLY I 38 38.62 61.34 -19.04
C GLY I 38 37.55 62.01 -18.21
N CYS I 39 37.22 61.41 -17.07
CA CYS I 39 36.09 61.86 -16.32
C CYS I 39 36.34 63.27 -15.80
N PRO I 40 37.47 63.47 -15.11
CA PRO I 40 37.86 64.82 -14.70
C PRO I 40 37.84 65.84 -15.86
N LEU I 41 38.29 65.42 -17.05
CA LEU I 41 38.23 66.28 -18.23
C LEU I 41 36.78 66.70 -18.52
N ALA I 42 35.89 65.71 -18.57
CA ALA I 42 34.48 65.89 -18.93
C ALA I 42 33.78 66.79 -17.92
N ALA I 43 33.94 66.48 -16.65
CA ALA I 43 33.44 67.33 -15.60
C ALA I 43 33.86 68.77 -15.80
N THR I 44 35.15 68.99 -16.07
CA THR I 44 35.68 70.34 -16.24
C THR I 44 35.03 71.05 -17.43
N LEU I 45 35.27 70.54 -18.63
CA LEU I 45 34.71 71.12 -19.85
C LEU I 45 33.22 71.40 -19.67
N SER I 46 32.53 70.48 -18.98
CA SER I 46 31.07 70.52 -18.84
C SER I 46 30.63 71.73 -18.08
N GLU I 47 31.57 72.36 -17.38
CA GLU I 47 31.31 73.60 -16.63
C GLU I 47 30.73 74.72 -17.52
N LYS I 48 31.20 74.80 -18.77
N LYS I 48 31.18 74.78 -18.77
CA LYS I 48 30.61 75.71 -19.74
CA LYS I 48 30.65 75.76 -19.73
C LYS I 48 29.92 74.97 -20.89
C LYS I 48 30.12 75.20 -21.07
N TYR I 49 30.64 74.05 -21.53
CA TYR I 49 30.12 73.45 -22.78
C TYR I 49 29.40 72.12 -22.71
N LYS I 50 28.78 71.80 -23.82
CA LYS I 50 27.96 70.62 -24.01
C LYS I 50 28.82 69.39 -24.37
N VAL I 51 28.90 68.44 -23.42
CA VAL I 51 29.87 67.33 -23.42
C VAL I 51 29.25 65.91 -23.44
N LEU I 52 29.85 65.01 -24.25
CA LEU I 52 29.48 63.59 -24.29
C LEU I 52 30.69 62.68 -24.00
N VAL I 53 30.49 61.71 -23.12
CA VAL I 53 31.54 60.78 -22.76
C VAL I 53 31.15 59.40 -23.26
N LEU I 54 31.99 58.81 -24.08
CA LEU I 54 31.70 57.50 -24.60
C LEU I 54 32.56 56.43 -23.97
N GLU I 55 31.94 55.55 -23.18
CA GLU I 55 32.65 54.48 -22.47
C GLU I 55 32.19 53.08 -22.89
N ARG I 56 33.13 52.19 -23.14
CA ARG I 56 32.80 50.79 -23.50
C ARG I 56 32.38 49.94 -22.29
N GLY I 57 32.78 50.35 -21.10
CA GLY I 57 32.47 49.59 -19.91
C GLY I 57 31.04 49.84 -19.50
N THR I 58 30.59 49.10 -18.49
CA THR I 58 29.28 49.29 -17.89
C THR I 58 29.40 50.26 -16.71
N LEU I 59 28.26 50.69 -16.17
CA LEU I 59 28.25 51.38 -14.90
C LEU I 59 29.01 50.54 -13.88
N PRO I 60 29.60 51.19 -12.87
CA PRO I 60 30.29 50.45 -11.81
C PRO I 60 29.30 49.62 -11.00
N THR I 61 28.04 50.06 -10.99
CA THR I 61 26.99 49.35 -10.29
C THR I 61 26.74 47.95 -10.85
N ALA I 62 27.20 47.67 -12.06
CA ALA I 62 26.93 46.36 -12.60
C ALA I 62 27.80 45.28 -11.95
N TYR I 63 28.85 45.70 -11.23
CA TYR I 63 29.81 44.75 -10.63
C TYR I 63 30.23 45.25 -9.25
N PRO I 64 29.40 44.99 -8.23
CA PRO I 64 29.56 45.64 -6.92
C PRO I 64 30.97 45.55 -6.35
N ASN I 65 31.68 44.48 -6.69
CA ASN I 65 32.96 44.20 -6.05
C ASN I 65 34.09 45.13 -6.37
N LEU I 66 33.82 46.18 -7.12
CA LEU I 66 34.87 47.12 -7.32
C LEU I 66 34.63 48.40 -6.58
N LEU I 67 33.69 48.36 -5.64
CA LEU I 67 33.37 49.53 -4.85
C LEU I 67 34.01 49.50 -3.46
N THR I 68 34.30 48.29 -2.98
CA THR I 68 35.04 48.03 -1.74
C THR I 68 36.42 47.50 -2.07
N SER I 69 37.39 47.84 -1.24
CA SER I 69 38.77 47.31 -1.38
C SER I 69 38.92 45.80 -1.18
N ASP I 70 37.99 45.22 -0.43
CA ASP I 70 37.93 43.78 -0.21
C ASP I 70 37.70 43.07 -1.55
N GLY I 71 37.50 43.87 -2.59
CA GLY I 71 37.20 43.34 -3.92
C GLY I 71 38.31 43.50 -4.91
N PHE I 72 39.40 44.13 -4.50
CA PHE I 72 40.57 44.29 -5.36
C PHE I 72 41.01 43.00 -6.07
N ILE I 73 41.37 41.99 -5.26
CA ILE I 73 41.72 40.66 -5.74
C ILE I 73 40.62 40.04 -6.62
N TYR I 74 39.39 40.02 -6.08
CA TYR I 74 38.25 39.35 -6.71
C TYR I 74 38.06 39.72 -8.19
N ASN I 75 38.19 41.00 -8.50
CA ASN I 75 38.06 41.47 -9.85
C ASN I 75 39.16 40.95 -10.77
N LEU I 76 40.34 40.69 -10.21
CA LEU I 76 41.45 40.10 -10.96
C LEU I 76 41.20 38.60 -11.22
N GLN I 77 40.33 38.02 -10.40
CA GLN I 77 39.98 36.62 -10.49
C GLN I 77 38.91 36.28 -11.49
N GLN I 78 38.01 37.23 -11.80
CA GLN I 78 36.91 36.92 -12.71
C GLN I 78 37.39 36.46 -14.09
N GLU I 79 36.66 35.52 -14.69
CA GLU I 79 36.90 35.12 -16.09
C GLU I 79 36.59 36.34 -16.99
N ASP I 80 37.39 36.57 -18.04
CA ASP I 80 37.13 37.68 -18.95
C ASP I 80 36.21 37.20 -20.07
N ASP I 81 34.92 37.45 -19.88
CA ASP I 81 33.87 37.15 -20.86
C ASP I 81 33.65 38.29 -21.86
N GLY I 82 34.32 39.42 -21.64
CA GLY I 82 34.23 40.57 -22.52
C GLY I 82 33.46 41.75 -21.96
N GLN I 83 32.65 41.52 -20.93
CA GLN I 83 31.81 42.56 -20.28
C GLN I 83 32.36 43.06 -18.91
N THR I 84 33.32 42.34 -18.37
CA THR I 84 33.79 42.58 -17.01
C THR I 84 34.82 43.73 -16.94
N PRO I 85 34.94 44.38 -15.75
CA PRO I 85 35.71 45.62 -15.58
C PRO I 85 37.19 45.42 -15.75
N VAL I 86 37.64 44.18 -15.62
CA VAL I 86 39.03 43.84 -15.78
C VAL I 86 39.16 43.10 -17.11
N GLU I 87 39.78 43.76 -18.09
CA GLU I 87 40.14 43.15 -19.36
C GLU I 87 41.54 42.65 -19.22
N ARG I 88 41.74 41.38 -19.59
CA ARG I 88 43.01 40.67 -19.39
C ARG I 88 43.81 40.67 -20.67
N PHE I 89 45.09 41.00 -20.60
CA PHE I 89 45.95 40.87 -21.79
C PHE I 89 47.37 40.47 -21.41
N VAL I 90 48.03 39.71 -22.30
CA VAL I 90 49.46 39.33 -22.14
C VAL I 90 50.30 39.99 -23.23
N SER I 91 51.52 40.37 -22.87
CA SER I 91 52.43 41.11 -23.77
C SER I 91 53.25 40.17 -24.62
N GLY I 92 53.79 40.71 -25.73
CA GLY I 92 54.75 40.01 -26.58
C GLY I 92 55.76 39.28 -25.69
N ASP I 93 56.10 39.92 -24.56
CA ASP I 93 57.09 39.42 -23.61
C ASP I 93 56.64 38.18 -22.85
N GLY I 94 55.34 38.00 -22.65
CA GLY I 94 54.82 36.87 -21.87
C GLY I 94 54.44 37.22 -20.43
N ILE I 95 54.27 38.51 -20.16
CA ILE I 95 53.94 38.90 -18.83
C ILE I 95 52.50 39.35 -18.78
N ASP I 96 51.70 38.54 -18.08
CA ASP I 96 50.30 38.80 -17.83
C ASP I 96 49.98 40.21 -17.36
N ASP I 97 48.89 40.78 -17.87
CA ASP I 97 48.49 42.12 -17.47
C ASP I 97 46.96 42.32 -17.52
N VAL I 98 46.49 43.40 -16.90
CA VAL I 98 45.09 43.80 -17.01
C VAL I 98 44.93 45.28 -17.29
N ARG I 99 43.83 45.64 -17.98
CA ARG I 99 43.33 47.03 -18.00
C ARG I 99 41.85 47.11 -17.58
N GLY I 100 41.43 48.32 -17.21
CA GLY I 100 40.04 48.58 -16.89
C GLY I 100 39.13 48.59 -18.11
N ARG I 101 37.95 48.00 -17.95
CA ARG I 101 36.83 48.11 -18.91
C ARG I 101 35.52 48.41 -18.14
N VAL I 102 35.50 49.59 -17.51
CA VAL I 102 34.40 50.07 -16.68
C VAL I 102 34.45 51.58 -16.62
N LEU I 103 33.31 52.22 -16.36
CA LEU I 103 33.28 53.65 -16.19
C LEU I 103 34.05 54.03 -14.93
N GLY I 104 34.94 55.02 -15.07
CA GLY I 104 35.97 55.31 -14.09
C GLY I 104 37.28 54.61 -14.46
N GLY I 105 37.28 53.90 -15.58
CA GLY I 105 38.46 53.21 -16.09
C GLY I 105 39.23 52.42 -15.06
N THR I 106 40.54 52.42 -15.19
CA THR I 106 41.39 51.58 -14.37
C THR I 106 41.57 52.13 -12.97
N SER I 107 40.95 53.27 -12.68
CA SER I 107 40.91 53.72 -11.29
C SER I 107 39.82 52.92 -10.57
N MET I 108 38.89 52.36 -11.32
CA MET I 108 37.83 51.58 -10.71
C MET I 108 38.33 50.23 -10.24
N ILE I 109 39.52 49.80 -10.66
CA ILE I 109 40.02 48.46 -10.34
C ILE I 109 41.46 48.39 -9.82
N ASN I 110 42.03 49.53 -9.43
CA ASN I 110 43.42 49.57 -8.92
C ASN I 110 43.57 49.38 -7.41
N ALA I 111 44.83 49.33 -6.95
CA ALA I 111 45.16 49.14 -5.53
C ALA I 111 45.00 50.47 -4.76
N GLY I 112 44.54 51.50 -5.47
CA GLY I 112 44.02 52.70 -4.83
C GLY I 112 45.05 53.42 -4.01
N VAL I 113 46.20 53.67 -4.62
CA VAL I 113 47.28 54.35 -3.97
C VAL I 113 47.43 55.64 -4.72
N TYR I 114 47.26 56.71 -3.97
CA TYR I 114 47.32 58.07 -4.48
C TYR I 114 48.60 58.77 -4.04
N ALA I 115 49.31 59.36 -5.01
CA ALA I 115 50.46 60.23 -4.77
C ALA I 115 50.52 61.35 -5.80
N ARG I 116 51.03 62.52 -5.39
CA ARG I 116 51.31 63.62 -6.31
C ARG I 116 52.64 63.36 -7.00
N ALA I 117 52.74 63.69 -8.28
CA ALA I 117 53.95 63.41 -9.07
C ALA I 117 55.21 64.14 -8.56
N ASN I 118 56.38 63.54 -8.83
CA ASN I 118 57.72 64.12 -8.58
C ASN I 118 57.73 65.58 -9.06
N THR I 119 57.97 66.56 -8.17
CA THR I 119 57.90 67.96 -8.61
C THR I 119 58.98 68.38 -9.58
N LYS I 120 60.07 67.63 -9.60
CA LYS I 120 61.12 67.86 -10.58
C LYS I 120 60.66 67.49 -12.01
N ILE I 121 59.57 66.70 -12.13
CA ILE I 121 59.10 66.19 -13.45
C ILE I 121 58.53 67.30 -14.36
N PHE I 122 57.90 68.30 -13.76
CA PHE I 122 57.24 69.37 -14.52
C PHE I 122 58.25 70.29 -15.26
N SER I 123 59.51 69.88 -15.34
CA SER I 123 60.54 70.68 -16.03
C SER I 123 61.18 69.94 -17.22
N ALA I 124 61.24 68.61 -17.10
CA ALA I 124 61.71 67.71 -18.16
C ALA I 124 60.64 67.39 -19.25
N SER I 125 59.38 67.70 -18.91
CA SER I 125 58.20 67.15 -19.59
C SER I 125 58.08 67.43 -21.10
N GLY I 126 58.23 68.70 -21.49
CA GLY I 126 58.01 69.12 -22.87
C GLY I 126 56.99 70.25 -22.94
N ILE I 127 56.11 70.30 -21.95
CA ILE I 127 55.01 71.26 -21.98
C ILE I 127 55.15 72.40 -20.97
N GLU I 128 54.58 73.55 -21.33
CA GLU I 128 54.61 74.78 -20.56
C GLU I 128 53.66 74.68 -19.34
N TRP I 129 54.07 73.94 -18.32
CA TRP I 129 53.21 73.65 -17.16
C TRP I 129 52.87 74.92 -16.40
N ASP I 130 51.59 75.13 -16.10
CA ASP I 130 51.18 76.23 -15.21
C ASP I 130 50.95 75.69 -13.81
N MET I 131 51.91 75.95 -12.94
CA MET I 131 51.99 75.27 -11.68
C MET I 131 50.90 75.65 -10.69
N ASP I 132 50.41 76.89 -10.78
CA ASP I 132 49.35 77.32 -9.88
C ASP I 132 48.11 76.49 -10.18
N LEU I 133 47.85 76.26 -11.47
CA LEU I 133 46.73 75.43 -11.89
C LEU I 133 46.95 73.96 -11.55
N VAL I 134 48.20 73.52 -11.57
CA VAL I 134 48.51 72.13 -11.27
C VAL I 134 48.11 71.82 -9.83
N ASN I 135 48.71 72.55 -8.89
CA ASN I 135 48.46 72.35 -7.46
C ASN I 135 47.01 72.63 -7.07
N GLN I 136 46.39 73.54 -7.81
CA GLN I 136 45.03 73.94 -7.56
C GLN I 136 44.13 72.75 -7.87
N THR I 137 44.47 72.07 -8.97
CA THR I 137 43.72 70.95 -9.54
C THR I 137 43.89 69.69 -8.72
N TYR I 138 45.08 69.52 -8.11
CA TYR I 138 45.28 68.53 -7.06
C TYR I 138 44.28 68.76 -5.92
N ASP I 139 44.26 69.99 -5.37
CA ASP I 139 43.28 70.38 -4.35
C ASP I 139 41.93 69.79 -4.69
N TRP I 140 41.51 70.04 -5.92
CA TRP I 140 40.19 69.67 -6.45
C TRP I 140 39.95 68.17 -6.45
N VAL I 141 40.99 67.41 -6.78
CA VAL I 141 40.93 65.94 -6.88
C VAL I 141 40.97 65.31 -5.50
N GLU I 142 41.71 65.96 -4.62
CA GLU I 142 41.96 65.45 -3.27
C GLU I 142 40.82 65.70 -2.32
N ASP I 143 40.08 66.77 -2.58
CA ASP I 143 38.91 67.07 -1.80
C ASP I 143 37.70 66.17 -2.08
N THR I 144 37.72 65.46 -3.22
CA THR I 144 36.57 64.64 -3.61
C THR I 144 36.78 63.16 -3.45
N ILE I 145 37.97 62.66 -3.76
CA ILE I 145 38.16 61.20 -3.80
C ILE I 145 39.38 60.67 -3.03
N VAL I 146 40.20 61.56 -2.51
CA VAL I 146 41.38 61.09 -1.78
C VAL I 146 41.16 61.16 -0.26
N TYR I 147 41.58 60.10 0.43
CA TYR I 147 41.48 60.04 1.88
C TYR I 147 42.82 59.73 2.51
N LYS I 148 43.08 60.36 3.65
CA LYS I 148 44.26 60.07 4.47
C LYS I 148 43.92 58.83 5.26
N PRO I 149 44.74 57.78 5.13
CA PRO I 149 44.33 56.46 5.60
C PRO I 149 44.61 56.20 7.06
N ASP I 150 43.97 55.17 7.57
CA ASP I 150 44.11 54.77 8.96
C ASP I 150 45.31 53.87 9.26
N LYS I 151 45.74 53.91 10.51
CA LYS I 151 46.76 53.01 11.03
C LYS I 151 46.38 51.55 10.70
N GLN I 152 47.20 50.82 9.93
CA GLN I 152 47.01 49.34 9.80
C GLN I 152 48.23 48.49 10.24
N ALA I 153 47.98 47.41 10.97
CA ALA I 153 49.04 46.53 11.53
C ALA I 153 50.18 46.22 10.56
N TRP I 154 49.89 45.62 9.42
CA TRP I 154 50.94 45.23 8.50
C TRP I 154 51.71 46.42 7.92
N GLN I 155 51.03 47.51 7.62
CA GLN I 155 51.70 48.63 7.00
C GLN I 155 52.70 49.35 7.94
N SER I 156 52.27 49.71 9.14
CA SER I 156 53.15 50.41 10.11
C SER I 156 54.36 49.58 10.53
N LEU I 157 54.24 48.27 10.36
CA LEU I 157 55.34 47.34 10.52
C LEU I 157 56.24 47.42 9.29
N THR I 158 55.64 47.52 8.11
CA THR I 158 56.42 47.74 6.90
C THR I 158 57.11 49.10 6.98
N LYS I 159 56.40 50.10 7.51
CA LYS I 159 56.98 51.44 7.81
C LYS I 159 58.24 51.37 8.69
N THR I 160 58.18 50.70 9.85
CA THR I 160 59.40 50.60 10.65
C THR I 160 60.44 49.87 9.82
N ALA I 161 60.04 48.76 9.19
CA ALA I 161 60.94 48.00 8.28
C ALA I 161 61.72 48.88 7.28
N PHE I 162 61.00 49.74 6.56
CA PHE I 162 61.63 50.65 5.64
C PHE I 162 62.59 51.60 6.35
N LEU I 163 62.19 52.07 7.54
CA LEU I 163 63.00 53.00 8.37
C LEU I 163 64.31 52.37 8.88
N GLU I 164 64.22 51.12 9.32
CA GLU I 164 65.37 50.43 9.84
C GLU I 164 66.32 49.96 8.75
N ALA I 165 65.84 49.82 7.52
CA ALA I 165 66.73 49.40 6.44
C ALA I 165 67.52 50.58 5.88
N GLY I 166 67.17 51.79 6.35
CA GLY I 166 67.81 53.05 5.91
C GLY I 166 67.01 53.98 4.99
N VAL I 167 65.82 53.56 4.52
CA VAL I 167 64.99 54.36 3.59
C VAL I 167 64.51 55.68 4.24
N LEU I 168 65.46 56.59 4.43
CA LEU I 168 65.24 57.77 5.25
C LEU I 168 64.91 59.00 4.37
N PRO I 169 64.24 60.03 4.93
CA PRO I 169 63.76 60.22 6.29
C PRO I 169 62.30 59.79 6.40
N ASP I 170 61.71 60.00 7.57
CA ASP I 170 60.31 59.74 7.75
C ASP I 170 59.54 61.00 7.43
N ASN I 171 58.93 61.04 6.25
CA ASN I 171 58.04 62.15 5.88
C ASN I 171 56.67 62.18 6.63
N GLY I 172 56.41 61.21 7.51
CA GLY I 172 55.11 61.08 8.17
C GLY I 172 54.00 60.75 7.18
N PHE I 173 52.87 61.45 7.31
CA PHE I 173 51.82 61.46 6.27
C PHE I 173 52.06 62.58 5.24
N SER I 174 52.08 62.22 3.94
CA SER I 174 52.42 63.18 2.90
C SER I 174 51.97 62.71 1.52
N LEU I 175 51.38 63.61 0.75
CA LEU I 175 50.88 63.24 -0.55
C LEU I 175 51.98 63.23 -1.64
N ASP I 176 53.05 63.98 -1.39
CA ASP I 176 54.13 64.19 -2.37
C ASP I 176 55.16 63.09 -2.45
N HIS I 177 55.51 62.76 -3.70
CA HIS I 177 56.54 61.78 -4.02
C HIS I 177 57.93 62.40 -3.75
N GLU I 178 58.50 62.06 -2.59
CA GLU I 178 59.89 62.40 -2.23
C GLU I 178 60.56 61.16 -1.61
N ALA I 179 61.88 61.08 -1.70
CA ALA I 179 62.62 59.95 -1.12
C ALA I 179 62.29 59.78 0.37
N GLY I 180 62.38 58.53 0.82
CA GLY I 180 62.08 58.21 2.22
C GLY I 180 60.86 57.31 2.39
N THR I 181 60.52 57.08 3.65
CA THR I 181 59.36 56.29 4.01
C THR I 181 58.26 57.23 4.42
N ARG I 182 57.20 57.29 3.62
CA ARG I 182 56.02 58.07 3.98
C ARG I 182 54.76 57.20 4.00
N LEU I 183 53.74 57.73 4.63
CA LEU I 183 52.43 57.11 4.67
C LEU I 183 51.52 57.92 3.76
N THR I 184 51.24 57.42 2.55
CA THR I 184 50.57 58.24 1.55
C THR I 184 49.06 58.15 1.60
N GLY I 185 48.39 58.98 0.79
CA GLY I 185 46.94 58.93 0.69
C GLY I 185 46.42 57.82 -0.22
N SER I 186 45.10 57.66 -0.26
CA SER I 186 44.42 56.51 -0.90
C SER I 186 43.01 56.84 -1.41
N THR I 187 42.59 56.16 -2.48
CA THR I 187 41.21 56.29 -2.98
C THR I 187 40.22 55.32 -2.33
N PHE I 188 40.68 54.53 -1.36
CA PHE I 188 39.75 53.84 -0.48
C PHE I 188 39.67 54.64 0.81
N ASP I 189 38.47 54.94 1.25
CA ASP I 189 38.28 55.63 2.50
C ASP I 189 38.51 54.62 3.65
N ASN I 190 38.06 54.97 4.86
CA ASN I 190 38.43 54.23 6.05
C ASN I 190 37.36 53.30 6.48
N ASN I 191 36.28 53.29 5.74
CA ASN I 191 35.28 52.23 5.84
C ASN I 191 35.53 51.26 4.68
N GLY I 192 36.60 51.53 3.94
CA GLY I 192 37.02 50.69 2.83
C GLY I 192 36.13 50.80 1.60
N THR I 193 35.90 52.03 1.13
CA THR I 193 35.01 52.29 0.00
C THR I 193 35.79 52.94 -1.13
N ARG I 194 35.73 52.37 -2.32
CA ARG I 194 36.53 52.90 -3.39
C ARG I 194 35.91 54.18 -3.89
N HIS I 195 36.73 55.08 -4.37
CA HIS I 195 36.25 56.28 -4.95
C HIS I 195 37.11 56.47 -6.14
N ALA I 196 36.53 56.50 -7.32
CA ALA I 196 37.35 56.59 -8.47
C ALA I 196 37.13 57.86 -9.19
N SER I 197 37.43 57.86 -10.45
CA SER I 197 37.29 59.02 -11.25
C SER I 197 35.93 59.10 -11.83
N ASP I 198 34.99 58.33 -11.33
CA ASP I 198 33.70 58.40 -11.92
C ASP I 198 32.95 59.39 -11.13
N GLU I 199 33.28 59.46 -9.86
CA GLU I 199 32.67 60.39 -8.91
C GLU I 199 32.99 61.84 -9.26
N LEU I 200 34.09 62.06 -9.94
CA LEU I 200 34.42 63.40 -10.39
C LEU I 200 33.43 63.95 -11.43
N LEU I 201 32.56 63.12 -12.00
CA LEU I 201 31.57 63.65 -12.91
C LEU I 201 30.50 64.43 -12.13
N ASN I 202 30.31 64.04 -10.88
CA ASN I 202 29.43 64.80 -10.01
C ASN I 202 29.88 66.26 -9.85
N LYS I 203 31.18 66.48 -10.00
CA LYS I 203 31.74 67.84 -10.03
C LYS I 203 31.34 68.64 -11.29
N GLY I 204 30.76 67.97 -12.29
CA GLY I 204 30.36 68.66 -13.50
C GLY I 204 28.97 69.24 -13.38
N ASP I 205 28.55 69.95 -14.41
CA ASP I 205 27.19 70.43 -14.56
C ASP I 205 26.34 69.33 -15.17
N PRO I 206 25.35 68.78 -14.40
CA PRO I 206 24.44 67.72 -14.91
C PRO I 206 23.54 68.19 -16.04
N ASN I 207 23.36 69.50 -16.15
CA ASN I 207 22.61 70.06 -17.26
C ASN I 207 23.36 69.98 -18.60
N ASN I 208 24.68 69.83 -18.55
CA ASN I 208 25.54 69.88 -19.76
C ASN I 208 26.19 68.57 -20.17
N LEU I 209 26.44 67.72 -19.18
CA LEU I 209 27.18 66.49 -19.36
C LEU I 209 26.25 65.30 -19.65
N ARG I 210 26.61 64.48 -20.64
CA ARG I 210 25.97 63.18 -20.89
C ARG I 210 27.01 62.04 -21.01
N VAL I 211 26.96 61.08 -20.08
CA VAL I 211 27.83 59.91 -20.12
C VAL I 211 27.12 58.80 -20.84
N ALA I 212 27.87 57.94 -21.50
CA ALA I 212 27.26 56.86 -22.22
C ALA I 212 28.10 55.59 -22.14
N VAL I 213 27.46 54.51 -21.73
CA VAL I 213 28.17 53.27 -21.41
C VAL I 213 27.83 52.19 -22.43
N HIS I 214 28.66 51.16 -22.49
CA HIS I 214 28.56 50.17 -23.54
C HIS I 214 28.57 50.84 -24.90
N ALA I 215 29.45 51.82 -25.04
CA ALA I 215 29.73 52.49 -26.29
C ALA I 215 31.17 52.10 -26.65
N SER I 216 31.31 51.16 -27.58
CA SER I 216 32.60 50.77 -28.12
C SER I 216 32.79 51.76 -29.23
N VAL I 217 33.69 52.73 -29.02
CA VAL I 217 33.97 53.73 -30.05
C VAL I 217 34.92 53.12 -31.04
N GLU I 218 34.64 53.29 -32.33
CA GLU I 218 35.33 52.56 -33.39
C GLU I 218 36.26 53.38 -34.27
N LYS I 219 35.95 54.66 -34.44
CA LYS I 219 36.55 55.47 -35.49
C LYS I 219 36.44 56.94 -35.19
N ILE I 220 37.50 57.69 -35.44
CA ILE I 220 37.42 59.14 -35.47
C ILE I 220 37.08 59.51 -36.93
N ILE I 221 36.20 60.49 -37.12
CA ILE I 221 35.74 60.95 -38.45
C ILE I 221 36.36 62.29 -38.77
N PHE I 222 36.92 62.44 -39.97
CA PHE I 222 37.58 63.70 -40.35
C PHE I 222 36.96 64.32 -41.59
N SER I 223 37.11 65.63 -41.76
CA SER I 223 36.83 66.25 -43.07
C SER I 223 38.01 67.13 -43.53
N SER I 224 38.00 67.52 -44.81
CA SER I 224 38.95 68.52 -45.34
C SER I 224 38.32 69.93 -45.42
N ASN I 225 37.40 70.19 -44.49
CA ASN I 225 36.53 71.38 -44.53
C ASN I 225 36.05 71.93 -43.15
N SER I 226 36.59 73.09 -42.77
CA SER I 226 37.71 73.72 -43.51
C SER I 226 38.99 73.74 -42.66
N SER I 227 40.16 73.54 -43.27
CA SER I 227 40.30 72.98 -44.61
C SER I 227 41.35 71.89 -44.49
N GLY I 228 42.29 72.11 -43.54
CA GLY I 228 43.29 71.10 -43.18
C GLY I 228 42.52 70.04 -42.41
N VAL I 229 43.10 68.85 -42.28
CA VAL I 229 42.42 67.75 -41.59
C VAL I 229 41.84 68.15 -40.23
N THR I 230 40.51 68.15 -40.14
CA THR I 230 39.81 68.44 -38.90
C THR I 230 39.03 67.19 -38.53
N ALA I 231 38.91 66.94 -37.22
CA ALA I 231 38.13 65.82 -36.71
C ALA I 231 36.72 66.32 -36.47
N ILE I 232 35.72 65.66 -37.05
CA ILE I 232 34.35 66.14 -36.99
C ILE I 232 33.42 65.37 -36.01
N GLY I 233 33.84 64.19 -35.57
CA GLY I 233 33.02 63.38 -34.68
C GLY I 233 33.57 61.99 -34.48
N VAL I 234 32.77 61.11 -33.88
CA VAL I 234 33.14 59.70 -33.76
C VAL I 234 32.00 58.79 -34.16
N ILE I 235 32.33 57.58 -34.58
CA ILE I 235 31.35 56.51 -34.70
C ILE I 235 31.60 55.50 -33.57
N TYR I 236 30.52 55.05 -32.95
CA TYR I 236 30.58 54.07 -31.87
C TYR I 236 29.40 53.10 -31.98
N LYS I 237 29.61 51.83 -31.65
CA LYS I 237 28.53 50.80 -31.70
C LYS I 237 27.85 50.56 -30.35
N ASP I 238 26.52 50.66 -30.32
CA ASP I 238 25.79 50.30 -29.13
C ASP I 238 25.78 48.77 -29.04
N SER I 239 25.27 48.21 -27.96
CA SER I 239 25.46 46.78 -27.75
C SER I 239 24.58 45.87 -28.62
N ASN I 240 23.80 46.45 -29.55
CA ASN I 240 23.04 45.65 -30.55
C ASN I 240 23.72 45.63 -31.93
N GLY I 241 24.81 46.38 -32.07
CA GLY I 241 25.50 46.53 -33.35
C GLY I 241 25.22 47.86 -34.05
N THR I 242 24.08 48.47 -33.71
CA THR I 242 23.69 49.75 -34.25
C THR I 242 24.77 50.80 -33.95
N PRO I 243 25.27 51.47 -35.02
CA PRO I 243 26.36 52.44 -34.83
C PRO I 243 25.88 53.88 -34.78
N HIS I 244 26.28 54.63 -33.77
CA HIS I 244 25.87 56.02 -33.62
C HIS I 244 26.99 56.94 -34.05
N GLN I 245 26.65 58.18 -34.38
CA GLN I 245 27.63 59.23 -34.65
C GLN I 245 27.50 60.33 -33.62
N ALA I 246 28.61 60.74 -33.03
CA ALA I 246 28.58 61.98 -32.26
C ALA I 246 29.53 63.00 -32.91
N PHE I 247 28.95 64.15 -33.27
CA PHE I 247 29.65 65.25 -33.93
C PHE I 247 29.94 66.37 -32.96
N VAL I 248 31.02 67.08 -33.24
CA VAL I 248 31.39 68.31 -32.54
C VAL I 248 31.00 69.57 -33.33
N ARG I 249 30.62 70.61 -32.61
CA ARG I 249 30.17 71.89 -33.14
C ARG I 249 31.30 72.91 -33.34
N GLY I 250 31.00 74.00 -34.07
CA GLY I 250 31.94 75.09 -34.27
C GLY I 250 32.83 75.23 -33.04
N GLU I 251 34.13 75.02 -33.24
CA GLU I 251 35.18 75.10 -32.21
C GLU I 251 35.15 73.96 -31.16
N GLY I 252 34.90 72.72 -31.57
CA GLY I 252 34.95 71.54 -30.66
C GLY I 252 36.13 70.59 -30.90
N GLU I 253 35.99 69.34 -30.41
CA GLU I 253 37.05 68.29 -30.27
C GLU I 253 36.52 67.47 -29.08
N VAL I 254 36.49 66.17 -29.17
CA VAL I 254 37.44 65.21 -29.66
C VAL I 254 38.73 65.23 -28.97
N ILE I 255 38.62 64.85 -27.72
CA ILE I 255 39.66 64.35 -26.91
C ILE I 255 39.48 62.89 -26.96
N VAL I 256 40.58 62.21 -27.00
CA VAL I 256 40.62 60.77 -26.84
C VAL I 256 41.36 60.43 -25.59
N SER I 257 40.69 59.77 -24.66
CA SER I 257 41.25 59.36 -23.37
C SER I 257 41.19 57.85 -23.15
N ALA I 258 41.37 57.05 -24.21
CA ALA I 258 41.12 55.61 -24.10
C ALA I 258 42.27 54.83 -23.44
N GLY I 259 43.24 55.55 -22.86
CA GLY I 259 44.40 54.94 -22.20
C GLY I 259 45.55 54.59 -23.13
N PRO I 260 46.70 54.17 -22.57
CA PRO I 260 47.87 53.77 -23.35
C PRO I 260 47.58 52.69 -24.37
N ILE I 261 46.60 51.83 -24.11
CA ILE I 261 46.27 50.78 -25.06
C ILE I 261 45.11 51.17 -26.00
N GLY I 262 44.35 52.19 -25.61
CA GLY I 262 43.15 52.56 -26.32
C GLY I 262 43.34 53.66 -27.34
N SER I 263 44.05 54.74 -26.98
CA SER I 263 44.27 55.86 -27.91
C SER I 263 44.99 55.39 -29.16
N PRO I 264 46.23 54.88 -29.02
CA PRO I 264 46.95 54.45 -30.19
C PRO I 264 46.06 53.59 -31.07
N GLN I 265 45.31 52.70 -30.43
CA GLN I 265 44.42 51.83 -31.15
C GLN I 265 43.40 52.61 -31.98
N LEU I 266 42.80 53.64 -31.40
CA LEU I 266 41.73 54.32 -32.08
C LEU I 266 42.33 55.09 -33.23
N LEU I 267 43.42 55.79 -32.93
CA LEU I 267 44.11 56.58 -33.92
C LEU I 267 44.40 55.74 -35.14
N LEU I 268 44.95 54.56 -34.90
CA LEU I 268 45.22 53.60 -35.96
C LEU I 268 43.96 53.27 -36.77
N LEU I 269 42.92 52.78 -36.09
CA LEU I 269 41.70 52.40 -36.78
C LEU I 269 41.04 53.58 -37.46
N SER I 270 41.32 54.78 -36.96
CA SER I 270 40.79 55.99 -37.57
C SER I 270 41.56 56.37 -38.82
N GLY I 271 42.78 55.88 -38.98
CA GLY I 271 43.57 56.12 -40.18
C GLY I 271 44.76 57.04 -39.97
N VAL I 272 45.17 57.16 -38.71
CA VAL I 272 46.22 58.07 -38.33
C VAL I 272 47.37 57.26 -37.76
N GLY I 273 48.53 57.30 -38.44
CA GLY I 273 49.68 56.49 -38.05
C GLY I 273 50.63 56.08 -39.16
N PRO I 274 51.51 55.11 -38.87
CA PRO I 274 52.42 54.41 -39.74
C PRO I 274 51.80 53.84 -41.01
N GLU I 275 51.99 54.54 -42.12
CA GLU I 275 51.38 54.19 -43.43
C GLU I 275 51.49 52.74 -43.92
N SER I 276 52.59 52.06 -43.59
CA SER I 276 52.78 50.65 -43.97
C SER I 276 51.81 49.79 -43.19
N TYR I 277 51.83 49.96 -41.87
CA TYR I 277 51.01 49.19 -40.94
C TYR I 277 49.51 49.30 -41.21
N LEU I 278 49.07 50.49 -41.56
CA LEU I 278 47.68 50.73 -41.95
C LEU I 278 47.33 49.97 -43.22
N SER I 279 48.23 50.04 -44.21
CA SER I 279 48.02 49.41 -45.50
C SER I 279 47.75 47.94 -45.31
N SER I 280 48.62 47.30 -44.52
CA SER I 280 48.53 45.87 -44.22
C SER I 280 47.24 45.43 -43.50
N LEU I 281 46.50 46.39 -42.94
CA LEU I 281 45.15 46.10 -42.43
C LEU I 281 44.05 46.66 -43.34
N ASN I 282 44.44 47.36 -44.42
CA ASN I 282 43.47 47.97 -45.34
C ASN I 282 42.65 49.09 -44.68
N ILE I 283 43.35 49.94 -43.94
CA ILE I 283 42.75 51.09 -43.28
C ILE I 283 43.15 52.34 -44.07
N PRO I 284 42.16 53.09 -44.58
CA PRO I 284 42.53 54.22 -45.40
C PRO I 284 43.39 55.21 -44.61
N VAL I 285 44.45 55.72 -45.23
CA VAL I 285 45.33 56.70 -44.56
C VAL I 285 44.78 58.14 -44.55
N VAL I 286 44.53 58.65 -43.36
CA VAL I 286 44.04 60.03 -43.20
C VAL I 286 45.22 61.02 -43.11
N LEU I 287 46.09 60.81 -42.13
CA LEU I 287 47.35 61.51 -42.05
C LEU I 287 48.41 60.49 -41.65
N SER I 288 49.45 60.34 -42.46
CA SER I 288 50.58 59.48 -42.13
C SER I 288 51.23 60.04 -40.85
N HIS I 289 51.20 59.26 -39.77
CA HIS I 289 51.71 59.74 -38.47
C HIS I 289 52.57 58.64 -37.80
N PRO I 290 53.90 58.73 -37.95
CA PRO I 290 54.78 57.60 -37.65
C PRO I 290 54.78 57.11 -36.19
N TYR I 291 54.76 58.03 -35.22
CA TYR I 291 55.09 57.72 -33.81
C TYR I 291 53.95 57.25 -32.95
N VAL I 292 52.76 57.19 -33.54
CA VAL I 292 51.58 56.62 -32.90
C VAL I 292 51.88 55.18 -32.60
N GLY I 293 51.52 54.78 -31.38
CA GLY I 293 51.73 53.42 -30.91
C GLY I 293 53.18 53.03 -30.79
N GLN I 294 54.04 54.01 -30.48
CA GLN I 294 55.50 53.82 -30.31
C GLN I 294 55.93 54.35 -28.96
N PHE I 295 57.09 53.88 -28.50
CA PHE I 295 57.61 54.19 -27.17
C PHE I 295 56.63 53.79 -26.08
N LEU I 296 56.36 52.49 -26.00
CA LEU I 296 55.39 51.91 -25.10
C LEU I 296 56.09 51.36 -23.85
N HIS I 297 55.99 52.06 -22.74
CA HIS I 297 56.69 51.67 -21.52
C HIS I 297 55.82 50.83 -20.61
N ASP I 298 56.46 50.06 -19.74
CA ASP I 298 55.82 49.42 -18.57
C ASP I 298 56.87 49.08 -17.52
N ASN I 299 56.90 49.88 -16.46
CA ASN I 299 57.80 49.66 -15.33
C ASN I 299 57.79 48.20 -14.83
N PRO I 300 58.98 47.64 -14.56
CA PRO I 300 59.01 46.29 -14.07
C PRO I 300 58.81 46.21 -12.55
N ARG I 301 57.94 45.29 -12.15
CA ARG I 301 57.72 44.91 -10.78
C ARG I 301 58.45 43.60 -10.52
N ASN I 302 59.38 43.58 -9.57
CA ASN I 302 59.85 42.32 -8.99
C ASN I 302 59.45 42.31 -7.53
N PHE I 303 59.49 41.13 -6.91
CA PHE I 303 58.88 40.96 -5.60
C PHE I 303 59.46 39.77 -4.85
N ILE I 304 59.04 39.64 -3.59
CA ILE I 304 59.27 38.44 -2.81
C ILE I 304 57.97 38.21 -2.06
N ASN I 305 57.43 36.99 -2.11
CA ASN I 305 56.31 36.61 -1.25
C ASN I 305 56.77 35.84 -0.04
N ILE I 306 56.42 36.32 1.16
CA ILE I 306 56.72 35.56 2.38
C ILE I 306 55.47 34.96 3.02
N LEU I 307 55.64 33.77 3.58
CA LEU I 307 54.58 33.00 4.29
C LEU I 307 54.91 32.88 5.79
N PRO I 308 54.50 33.87 6.60
CA PRO I 308 54.77 33.94 8.04
C PRO I 308 54.24 32.70 8.71
N PRO I 309 54.73 32.37 9.92
CA PRO I 309 54.23 31.15 10.56
C PRO I 309 52.77 31.28 11.09
N ASN I 310 52.41 32.51 11.44
CA ASN I 310 51.13 32.84 12.02
C ASN I 310 50.45 33.83 11.08
N PRO I 311 49.10 33.88 11.10
CA PRO I 311 48.30 34.70 10.19
C PRO I 311 48.58 36.17 10.33
N ILE I 312 48.76 36.88 9.21
CA ILE I 312 48.75 38.36 9.21
C ILE I 312 47.41 38.93 8.64
N GLU I 313 47.21 40.25 8.64
CA GLU I 313 45.91 40.84 8.25
C GLU I 313 45.99 41.51 6.89
N PRO I 314 44.94 41.35 6.06
CA PRO I 314 44.83 42.06 4.80
C PRO I 314 44.87 43.57 4.98
N SER I 315 45.62 44.23 4.12
CA SER I 315 45.88 45.65 4.22
C SER I 315 45.82 46.27 2.85
N THR I 316 45.20 47.43 2.74
CA THR I 316 45.41 48.24 1.55
C THR I 316 46.74 48.95 1.68
N VAL I 317 47.46 49.01 0.57
CA VAL I 317 48.77 49.64 0.48
C VAL I 317 48.69 51.15 0.77
N THR I 318 49.36 51.59 1.82
CA THR I 318 49.34 53.01 2.22
C THR I 318 50.71 53.57 2.61
N VAL I 319 51.65 52.67 2.85
CA VAL I 319 53.00 53.03 3.23
C VAL I 319 53.95 52.72 2.08
N LEU I 320 54.62 53.74 1.55
CA LEU I 320 55.64 53.52 0.54
C LEU I 320 57.04 53.84 1.05
N GLY I 321 58.01 53.07 0.55
CA GLY I 321 59.46 53.36 0.63
C GLY I 321 60.06 53.78 -0.73
N ILE I 322 60.38 55.06 -0.83
CA ILE I 322 60.79 55.72 -2.08
C ILE I 322 62.28 56.07 -2.15
N THR I 323 63.04 55.33 -2.94
CA THR I 323 64.42 55.72 -3.28
C THR I 323 64.40 56.44 -4.61
N SER I 324 65.52 57.08 -4.98
CA SER I 324 65.66 57.80 -6.25
C SER I 324 65.50 56.91 -7.50
N ASN I 325 66.01 55.68 -7.45
CA ASN I 325 65.99 54.79 -8.62
C ASN I 325 64.88 53.76 -8.62
N PHE I 326 64.10 53.69 -7.54
CA PHE I 326 63.10 52.63 -7.41
C PHE I 326 62.18 52.85 -6.24
N TYR I 327 60.98 52.27 -6.36
CA TYR I 327 59.85 52.53 -5.48
C TYR I 327 59.45 51.22 -4.88
N GLN I 328 59.21 51.21 -3.58
CA GLN I 328 58.85 49.97 -2.92
C GLN I 328 57.65 50.14 -2.03
N CYS I 329 56.85 49.07 -1.91
CA CYS I 329 55.74 48.97 -0.95
C CYS I 329 55.50 47.52 -0.60
N SER I 330 54.71 47.28 0.45
CA SER I 330 54.30 45.91 0.80
C SER I 330 52.82 45.73 1.00
N PHE I 331 52.33 44.62 0.47
CA PHE I 331 50.92 44.26 0.36
C PHE I 331 50.69 43.00 1.20
N SER I 332 49.57 42.93 1.89
CA SER I 332 49.25 41.71 2.61
C SER I 332 47.89 41.19 2.21
N SER I 333 47.80 39.91 1.91
CA SER I 333 46.51 39.39 1.47
C SER I 333 46.14 38.06 2.10
N LEU I 334 44.85 37.73 1.94
CA LEU I 334 44.35 36.41 2.20
C LEU I 334 44.93 35.54 1.13
N PRO I 335 44.97 34.23 1.37
CA PRO I 335 45.34 33.23 0.37
C PRO I 335 44.46 33.37 -0.89
N PHE I 336 44.97 32.96 -2.05
CA PHE I 336 44.15 32.91 -3.25
C PHE I 336 43.91 31.45 -3.48
N SER I 337 42.69 31.08 -3.80
CA SER I 337 42.39 29.69 -4.15
C SER I 337 42.15 29.58 -5.67
N ILE I 338 42.09 30.76 -6.32
CA ILE I 338 41.87 30.94 -7.75
C ILE I 338 42.84 32.08 -8.13
N PRO I 339 43.63 31.94 -9.22
CA PRO I 339 44.64 32.98 -9.40
C PRO I 339 44.01 34.28 -9.87
N PRO I 340 44.38 35.42 -9.23
CA PRO I 340 43.93 36.73 -9.68
C PRO I 340 44.86 37.21 -10.79
N PHE I 341 44.38 37.12 -12.01
CA PHE I 341 45.20 37.35 -13.18
C PHE I 341 46.00 38.62 -13.09
N ALA I 342 47.33 38.45 -13.22
CA ALA I 342 48.27 39.54 -13.48
C ALA I 342 48.98 40.03 -12.23
N PHE I 343 48.50 39.58 -11.09
CA PHE I 343 49.24 39.75 -9.86
C PHE I 343 50.57 38.98 -10.04
N PHE I 344 50.48 37.75 -10.54
CA PHE I 344 51.65 36.94 -10.92
C PHE I 344 51.75 36.83 -12.44
N PRO I 345 52.97 36.80 -12.99
CA PRO I 345 53.15 36.96 -14.44
C PRO I 345 52.57 35.87 -15.34
N ASN I 346 52.10 34.75 -14.78
CA ASN I 346 51.62 33.59 -15.54
C ASN I 346 50.59 32.81 -14.74
N PRO I 347 49.77 31.94 -15.40
CA PRO I 347 48.67 31.25 -14.67
C PRO I 347 49.20 30.00 -13.96
N THR I 348 50.41 29.60 -14.33
CA THR I 348 51.08 28.44 -13.82
C THR I 348 51.79 28.70 -12.48
N TYR I 349 51.92 29.97 -12.10
CA TYR I 349 52.50 30.35 -10.81
C TYR I 349 51.82 29.63 -9.66
N PRO I 350 52.60 29.17 -8.66
CA PRO I 350 52.05 28.51 -7.46
C PRO I 350 51.30 29.48 -6.55
N LEU I 351 50.13 29.08 -6.07
CA LEU I 351 49.29 29.91 -5.20
C LEU I 351 49.57 29.75 -3.69
N PRO I 352 49.28 30.81 -2.91
CA PRO I 352 49.47 30.79 -1.45
C PRO I 352 48.28 30.17 -0.69
N ASN I 353 48.55 29.18 0.17
CA ASN I 353 47.50 28.46 0.90
C ASN I 353 47.16 29.15 2.20
N SER I 354 47.88 30.22 2.53
CA SER I 354 47.64 31.01 3.76
C SER I 354 48.01 32.49 3.56
N THR I 355 47.62 33.32 4.52
CA THR I 355 47.91 34.75 4.43
C THR I 355 49.39 35.01 4.15
N PHE I 356 49.69 35.89 3.21
CA PHE I 356 51.10 36.15 2.81
C PHE I 356 51.44 37.65 2.68
N ALA I 357 52.74 37.95 2.66
CA ALA I 357 53.21 39.32 2.42
C ALA I 357 54.00 39.34 1.13
N HIS I 358 53.80 40.41 0.37
CA HIS I 358 54.29 40.58 -0.98
C HIS I 358 54.98 41.89 -0.92
N PHE I 359 56.32 41.84 -0.91
CA PHE I 359 57.15 43.04 -1.00
C PHE I 359 57.45 43.22 -2.47
N VAL I 360 57.23 44.44 -2.96
CA VAL I 360 57.52 44.75 -4.36
C VAL I 360 58.37 45.98 -4.64
N ASN I 361 58.95 45.93 -5.84
CA ASN I 361 59.91 46.90 -6.31
C ASN I 361 59.51 47.37 -7.69
N LYS I 362 59.45 48.68 -7.86
CA LYS I 362 59.18 49.29 -9.14
C LYS I 362 60.34 50.22 -9.51
N VAL I 363 60.76 50.13 -10.77
CA VAL I 363 61.80 50.99 -11.30
C VAL I 363 61.15 52.24 -11.92
N PRO I 364 61.81 53.43 -11.85
CA PRO I 364 61.34 54.62 -12.60
C PRO I 364 61.73 54.57 -14.06
N GLY I 365 61.26 55.58 -14.79
CA GLY I 365 61.20 55.49 -16.23
C GLY I 365 60.02 54.59 -16.52
N PRO I 366 60.26 53.38 -17.06
CA PRO I 366 61.56 52.76 -17.24
C PRO I 366 62.19 53.31 -18.51
N LEU I 367 63.43 52.94 -18.78
CA LEU I 367 64.03 53.37 -20.04
C LEU I 367 63.60 52.46 -21.18
N SER I 368 63.43 51.18 -20.87
CA SER I 368 63.02 50.16 -21.84
C SER I 368 61.64 50.47 -22.40
N TYR I 369 61.48 50.47 -23.73
CA TYR I 369 60.18 50.70 -24.35
C TYR I 369 59.88 49.74 -25.51
N GLY I 370 58.65 49.79 -26.00
CA GLY I 370 58.20 48.90 -27.05
C GLY I 370 57.10 49.52 -27.88
N SER I 371 56.13 48.70 -28.26
CA SER I 371 55.26 49.07 -29.34
C SER I 371 53.87 48.52 -29.20
N ILE I 372 52.87 49.36 -29.46
CA ILE I 372 51.51 48.87 -29.65
C ILE I 372 51.46 48.46 -31.10
N THR I 373 50.90 47.29 -31.37
CA THR I 373 50.67 46.84 -32.73
C THR I 373 49.37 46.09 -32.77
N LEU I 374 48.78 46.01 -33.94
CA LEU I 374 47.61 45.20 -34.20
C LEU I 374 47.61 45.12 -35.70
N ASN I 375 46.96 44.15 -36.34
CA ASN I 375 46.41 42.92 -35.79
C ASN I 375 44.95 42.61 -36.18
N SER I 376 43.99 43.41 -35.71
CA SER I 376 42.64 43.19 -36.19
C SER I 376 42.26 44.21 -37.21
N ASP I 377 41.74 43.69 -38.33
CA ASP I 377 41.33 44.43 -39.54
C ASP I 377 40.55 45.70 -39.25
N SER I 378 39.89 45.68 -38.10
CA SER I 378 39.29 46.84 -37.51
C SER I 378 38.74 46.47 -36.16
N ASP I 379 38.48 45.18 -35.88
CA ASP I 379 37.72 44.95 -34.65
C ASP I 379 38.53 45.46 -33.48
N VAL I 380 37.97 46.47 -32.83
CA VAL I 380 38.58 47.14 -31.70
C VAL I 380 38.30 46.30 -30.44
N ARG I 381 37.47 45.28 -30.61
CA ARG I 381 37.16 44.30 -29.58
C ARG I 381 38.27 43.24 -29.51
N VAL I 382 39.21 43.31 -30.46
CA VAL I 382 40.37 42.42 -30.46
C VAL I 382 41.55 43.17 -29.89
N ALA I 383 41.86 42.88 -28.63
CA ALA I 383 42.98 43.51 -27.91
C ALA I 383 44.17 43.69 -28.83
N PRO I 384 44.89 44.81 -28.67
CA PRO I 384 46.07 44.95 -29.49
C PRO I 384 47.21 44.22 -28.86
N ASN I 385 48.20 43.83 -29.66
CA ASN I 385 49.48 43.40 -29.12
C ASN I 385 50.24 44.59 -28.52
N VAL I 386 50.89 44.37 -27.38
CA VAL I 386 51.89 45.31 -26.89
C VAL I 386 53.20 44.55 -26.66
N LYS I 387 54.32 45.26 -26.75
CA LYS I 387 55.59 44.67 -26.30
C LYS I 387 56.21 45.71 -25.38
N PHE I 388 56.74 45.25 -24.25
CA PHE I 388 57.26 46.18 -23.27
C PHE I 388 58.79 46.15 -23.21
N ASN I 389 59.33 44.98 -23.60
CA ASN I 389 60.77 44.72 -23.64
C ASN I 389 61.42 44.95 -22.30
N TYR I 390 60.95 44.19 -21.31
CA TYR I 390 61.52 44.28 -19.99
C TYR I 390 63.02 44.05 -20.00
N TYR I 391 63.75 44.97 -19.37
CA TYR I 391 65.20 44.82 -19.17
C TYR I 391 65.96 44.62 -20.51
N SER I 392 65.80 45.60 -21.40
CA SER I 392 66.54 45.64 -22.66
C SER I 392 67.62 46.65 -22.53
N ASN I 393 67.29 47.69 -21.76
CA ASN I 393 68.19 48.78 -21.48
C ASN I 393 68.86 48.53 -20.15
N SER I 394 70.16 48.24 -20.22
CA SER I 394 71.00 47.96 -19.05
C SER I 394 70.66 48.76 -17.79
N THR I 395 70.35 50.05 -17.94
CA THR I 395 70.17 50.92 -16.77
C THR I 395 68.97 50.52 -15.89
N ASP I 396 67.86 50.12 -16.49
CA ASP I 396 66.69 49.64 -15.73
C ASP I 396 67.13 48.45 -14.86
N LEU I 397 67.89 47.55 -15.48
CA LEU I 397 68.32 46.30 -14.85
C LEU I 397 69.28 46.51 -13.67
N ALA I 398 70.22 47.43 -13.82
CA ALA I 398 70.98 47.85 -12.65
C ALA I 398 69.98 48.12 -11.52
N HIS I 399 69.04 49.04 -11.75
CA HIS I 399 68.03 49.46 -10.76
C HIS I 399 67.19 48.35 -10.13
N CYS I 400 66.84 47.35 -10.94
CA CYS I 400 66.26 46.15 -10.40
C CYS I 400 67.22 45.45 -9.42
N VAL I 401 68.52 45.55 -9.67
CA VAL I 401 69.53 44.91 -8.81
C VAL I 401 69.66 45.69 -7.51
N SER I 402 69.73 47.00 -7.63
CA SER I 402 69.65 47.84 -6.45
C SER I 402 68.37 47.50 -5.70
N GLY I 403 67.25 47.55 -6.41
CA GLY I 403 65.96 47.29 -5.81
C GLY I 403 65.97 46.05 -4.94
N MET I 404 66.31 44.91 -5.51
CA MET I 404 66.17 43.67 -4.77
C MET I 404 67.09 43.57 -3.55
N LYS I 405 68.33 44.01 -3.69
CA LYS I 405 69.28 44.16 -2.58
C LYS I 405 68.69 45.00 -1.44
N LYS I 406 67.89 46.01 -1.77
CA LYS I 406 67.19 46.78 -0.73
C LYS I 406 66.05 45.98 -0.09
N ILE I 407 65.46 45.06 -0.83
CA ILE I 407 64.40 44.24 -0.27
C ILE I 407 65.01 43.19 0.63
N GLY I 408 66.17 42.68 0.22
CA GLY I 408 66.96 41.78 1.08
C GLY I 408 67.37 42.42 2.40
N GLU I 409 67.81 43.68 2.35
CA GLU I 409 68.05 44.47 3.56
C GLU I 409 66.78 44.58 4.38
N LEU I 410 65.64 44.78 3.72
CA LEU I 410 64.33 44.85 4.38
C LEU I 410 64.02 43.58 5.14
N LEU I 411 64.38 42.44 4.57
CA LEU I 411 64.09 41.19 5.26
C LEU I 411 65.03 40.95 6.46
N SER I 412 66.22 41.53 6.38
CA SER I 412 67.30 41.30 7.35
C SER I 412 67.14 42.08 8.65
N SER I 413 66.21 43.04 8.65
CA SER I 413 65.91 43.90 9.81
C SER I 413 65.08 43.19 10.90
N ASP I 414 64.93 43.86 12.04
CA ASP I 414 64.24 43.29 13.21
C ASP I 414 62.72 43.21 13.05
N ALA I 415 62.15 44.26 12.48
CA ALA I 415 60.72 44.36 12.20
C ALA I 415 60.16 43.13 11.49
N LEU I 416 60.94 42.54 10.59
CA LEU I 416 60.50 41.35 9.88
C LEU I 416 60.83 40.03 10.58
N LYS I 417 61.59 40.09 11.67
CA LYS I 417 62.08 38.86 12.34
C LYS I 417 60.96 37.92 12.75
N PRO I 418 59.84 38.48 13.29
CA PRO I 418 58.72 37.67 13.79
C PRO I 418 57.93 36.99 12.69
N TYR I 419 58.36 37.18 11.45
CA TYR I 419 57.67 36.59 10.29
C TYR I 419 58.48 35.50 9.60
N LYS I 420 59.64 35.19 10.18
CA LYS I 420 60.49 34.07 9.79
C LYS I 420 59.92 32.77 10.34
N VAL I 421 60.11 31.67 9.64
CA VAL I 421 59.63 30.38 10.13
C VAL I 421 60.69 29.68 11.00
N GLU I 422 61.96 29.97 10.72
CA GLU I 422 63.09 29.50 11.53
C GLU I 422 64.01 30.65 11.95
N ASP I 423 64.80 30.44 13.00
CA ASP I 423 65.62 31.51 13.57
C ASP I 423 67.02 31.61 12.91
N LEU I 424 67.08 32.23 11.74
CA LEU I 424 68.35 32.35 11.01
C LEU I 424 68.57 33.80 10.55
N PRO I 425 69.84 34.25 10.47
CA PRO I 425 70.09 35.65 10.07
C PRO I 425 69.65 35.97 8.61
N GLY I 426 69.50 37.26 8.34
CA GLY I 426 69.33 37.80 6.99
C GLY I 426 68.07 37.41 6.26
N ILE I 427 68.21 37.06 4.99
CA ILE I 427 67.06 36.71 4.16
C ILE I 427 66.64 35.27 4.42
N ASP I 428 67.53 34.55 5.10
CA ASP I 428 67.30 33.14 5.44
C ASP I 428 66.30 32.96 6.60
N GLY I 429 65.41 31.98 6.44
CA GLY I 429 64.47 31.63 7.51
C GLY I 429 63.02 31.92 7.17
N PHE I 430 62.82 32.74 6.15
CA PHE I 430 61.49 33.01 5.63
C PHE I 430 60.98 31.84 4.79
N ASP I 431 59.70 31.51 4.92
CA ASP I 431 59.11 30.55 4.03
C ASP I 431 58.66 31.31 2.79
N ILE I 432 59.36 31.09 1.69
CA ILE I 432 59.26 31.91 0.50
C ILE I 432 58.38 31.22 -0.54
N LEU I 433 57.41 31.97 -1.05
CA LEU I 433 56.57 31.49 -2.14
C LEU I 433 57.12 32.04 -3.45
N GLY I 434 57.50 31.14 -4.35
CA GLY I 434 58.09 31.53 -5.64
C GLY I 434 59.61 31.67 -5.63
N ILE I 435 60.12 32.49 -6.54
CA ILE I 435 61.56 32.55 -6.80
C ILE I 435 62.22 33.34 -5.70
N PRO I 436 63.01 32.69 -4.84
CA PRO I 436 63.61 33.43 -3.72
C PRO I 436 64.75 34.35 -4.16
N LEU I 437 65.16 35.29 -3.31
CA LEU I 437 66.37 36.10 -3.58
C LEU I 437 67.58 35.21 -3.52
N PRO I 438 68.58 35.45 -4.37
CA PRO I 438 69.88 34.81 -4.22
C PRO I 438 70.48 34.93 -2.80
N GLU I 439 71.12 33.85 -2.35
CA GLU I 439 71.68 33.76 -0.99
C GLU I 439 72.78 34.78 -0.77
N ASN I 440 73.80 34.76 -1.64
CA ASN I 440 74.80 35.83 -1.65
C ASN I 440 74.13 37.20 -1.89
N GLN I 441 74.28 38.10 -0.92
CA GLN I 441 73.68 39.42 -1.01
C GLN I 441 74.53 40.38 -1.82
N THR I 442 75.47 39.82 -2.61
CA THR I 442 76.48 40.59 -3.33
C THR I 442 76.85 39.99 -4.68
N ASP I 443 76.23 38.87 -5.03
CA ASP I 443 76.49 38.20 -6.30
C ASP I 443 75.60 38.78 -7.39
N ASP I 444 76.05 39.89 -7.97
CA ASP I 444 75.30 40.61 -9.02
C ASP I 444 74.70 39.71 -10.11
N ALA I 445 75.47 38.74 -10.60
CA ALA I 445 75.02 37.86 -11.69
C ALA I 445 73.69 37.13 -11.43
N ALA I 446 73.53 36.58 -10.23
CA ALA I 446 72.32 35.83 -9.89
C ALA I 446 71.15 36.79 -9.65
N PHE I 447 71.44 37.96 -9.08
CA PHE I 447 70.44 39.02 -9.02
C PHE I 447 69.89 39.34 -10.41
N GLU I 448 70.77 39.78 -11.31
CA GLU I 448 70.43 39.96 -12.74
C GLU I 448 69.60 38.79 -13.32
N THR I 449 69.93 37.56 -12.96
CA THR I 449 69.14 36.39 -13.41
C THR I 449 67.76 36.34 -12.77
N PHE I 450 67.68 36.82 -11.52
CA PHE I 450 66.45 36.86 -10.74
C PHE I 450 65.52 37.91 -11.38
N CYS I 451 66.07 39.12 -11.52
CA CYS I 451 65.34 40.24 -12.05
C CYS I 451 64.70 39.90 -13.39
N ARG I 452 65.47 39.28 -14.29
CA ARG I 452 64.99 38.91 -15.63
C ARG I 452 63.98 37.77 -15.68
N GLU I 453 64.05 36.83 -14.74
CA GLU I 453 63.18 35.64 -14.78
C GLU I 453 61.93 35.77 -13.92
N ALA I 454 62.05 36.43 -12.77
CA ALA I 454 60.96 36.51 -11.80
C ALA I 454 60.07 37.72 -12.08
N VAL I 455 60.37 38.45 -13.16
CA VAL I 455 59.69 39.71 -13.51
C VAL I 455 58.20 39.57 -13.84
N ALA I 456 57.45 40.59 -13.42
CA ALA I 456 56.04 40.81 -13.72
C ALA I 456 55.76 42.30 -13.83
N SER I 457 54.54 42.63 -14.28
CA SER I 457 54.12 44.01 -14.50
C SER I 457 53.66 44.71 -13.22
N TYR I 458 54.05 45.99 -13.06
CA TYR I 458 53.56 46.80 -11.94
C TYR I 458 52.23 47.44 -12.29
N TRP I 459 51.84 47.35 -13.56
CA TRP I 459 50.53 47.75 -14.07
C TRP I 459 50.46 49.23 -14.50
N HIS I 460 51.61 49.90 -14.52
CA HIS I 460 51.64 51.35 -14.74
C HIS I 460 52.03 51.76 -16.20
N TYR I 461 51.82 50.82 -17.12
CA TYR I 461 52.18 51.03 -18.50
C TYR I 461 51.69 52.38 -19.03
N HIS I 462 52.49 53.01 -19.87
CA HIS I 462 52.12 54.28 -20.47
C HIS I 462 52.84 54.47 -21.80
N GLY I 463 52.53 55.56 -22.49
CA GLY I 463 53.14 55.89 -23.77
C GLY I 463 52.29 55.43 -24.94
N GLY I 464 52.86 55.48 -26.14
CA GLY I 464 52.16 55.07 -27.35
C GLY I 464 51.66 56.27 -28.13
N CYS I 465 51.49 57.38 -27.43
CA CYS I 465 51.03 58.62 -28.05
C CYS I 465 51.71 59.85 -27.36
N LEU I 466 53.04 59.91 -27.49
CA LEU I 466 53.87 60.80 -26.67
C LEU I 466 53.83 62.25 -27.06
N VAL I 467 53.96 63.10 -26.04
CA VAL I 467 54.14 64.52 -26.25
C VAL I 467 55.54 64.75 -26.80
N GLY I 468 55.63 65.42 -27.94
CA GLY I 468 56.90 65.59 -28.60
C GLY I 468 56.98 64.71 -29.82
N GLU I 469 56.34 63.56 -29.80
CA GLU I 469 56.38 62.69 -30.98
C GLU I 469 55.08 62.71 -31.79
N VAL I 470 53.96 62.76 -31.08
CA VAL I 470 52.64 62.74 -31.73
C VAL I 470 51.82 63.98 -31.36
N LEU I 471 51.95 64.41 -30.12
CA LEU I 471 51.19 65.56 -29.65
C LEU I 471 52.15 66.72 -29.49
N ASP I 472 51.60 67.94 -29.34
CA ASP I 472 52.40 69.10 -28.95
C ASP I 472 52.15 69.43 -27.47
N GLY I 473 52.63 70.59 -27.01
CA GLY I 473 52.55 70.97 -25.58
C GLY I 473 51.16 71.34 -25.09
N ASP I 474 50.19 71.20 -25.99
CA ASP I 474 48.80 71.47 -25.68
C ASP I 474 47.97 70.20 -25.80
N PHE I 475 48.66 69.09 -26.01
CA PHE I 475 48.04 67.78 -26.18
C PHE I 475 47.31 67.68 -27.53
N ARG I 476 47.57 68.64 -28.40
CA ARG I 476 47.03 68.59 -29.74
C ARG I 476 47.78 67.55 -30.58
N VAL I 477 47.05 66.65 -31.27
CA VAL I 477 47.66 65.72 -32.22
C VAL I 477 48.12 66.50 -33.45
N THR I 478 49.43 66.61 -33.62
CA THR I 478 50.01 67.55 -34.60
C THR I 478 49.60 67.24 -36.03
N GLY I 479 49.33 68.30 -36.79
CA GLY I 479 48.84 68.18 -38.16
C GLY I 479 47.33 67.96 -38.27
N ILE I 480 46.65 67.88 -37.12
CA ILE I 480 45.21 67.61 -37.12
C ILE I 480 44.41 68.58 -36.22
N ASN I 481 43.39 69.20 -36.81
CA ASN I 481 42.57 70.18 -36.11
C ASN I 481 41.46 69.53 -35.26
N ALA I 482 41.17 70.15 -34.12
CA ALA I 482 40.08 69.70 -33.27
C ALA I 482 40.23 68.28 -32.77
N LEU I 483 41.46 67.85 -32.46
CA LEU I 483 41.68 66.50 -31.92
C LEU I 483 42.81 66.50 -30.87
N ARG I 484 42.51 66.03 -29.67
CA ARG I 484 43.51 65.96 -28.59
C ARG I 484 43.55 64.58 -27.94
N VAL I 485 44.62 64.31 -27.19
CA VAL I 485 44.79 63.03 -26.51
C VAL I 485 45.19 63.31 -25.09
N VAL I 486 44.35 62.93 -24.15
CA VAL I 486 44.63 63.14 -22.75
C VAL I 486 44.42 61.87 -21.96
N ASP I 487 45.55 61.25 -21.59
CA ASP I 487 45.59 60.09 -20.69
C ASP I 487 47.04 59.70 -20.42
N GLY I 488 47.24 58.48 -19.94
CA GLY I 488 48.58 57.95 -19.70
C GLY I 488 49.48 57.73 -20.91
N SER I 489 48.90 57.57 -22.10
CA SER I 489 49.66 57.40 -23.33
C SER I 489 50.57 58.58 -23.70
N THR I 490 50.37 59.72 -23.05
CA THR I 490 50.99 60.98 -23.45
C THR I 490 52.46 61.14 -23.06
N PHE I 491 52.93 60.41 -22.04
CA PHE I 491 54.28 60.64 -21.49
C PHE I 491 55.11 59.37 -21.42
N PRO I 492 56.45 59.48 -21.58
CA PRO I 492 57.35 58.32 -21.64
C PRO I 492 57.83 57.69 -20.28
N TYR I 493 58.03 58.52 -19.27
CA TYR I 493 58.51 58.07 -17.98
C TYR I 493 57.36 58.14 -16.97
N SER I 494 57.42 57.34 -15.92
CA SER I 494 56.35 57.26 -14.92
C SER I 494 56.37 58.44 -13.92
N PRO I 495 55.25 59.14 -13.77
CA PRO I 495 55.19 60.38 -12.97
C PRO I 495 55.54 60.24 -11.47
N ALA I 496 55.17 59.12 -10.87
CA ALA I 496 55.52 58.80 -9.47
C ALA I 496 55.68 57.27 -9.31
N SER I 497 55.71 56.79 -8.07
CA SER I 497 55.53 55.36 -7.77
C SER I 497 54.11 54.89 -8.15
N HIS I 498 53.18 55.84 -8.24
CA HIS I 498 51.79 55.55 -8.46
C HIS I 498 51.13 56.67 -9.28
N PRO I 499 50.72 56.37 -10.51
CA PRO I 499 50.38 57.37 -11.53
C PRO I 499 48.95 57.89 -11.56
N GLN I 500 48.07 57.40 -10.69
CA GLN I 500 46.67 57.83 -10.79
C GLN I 500 46.48 59.33 -10.45
N GLY I 501 47.13 59.78 -9.37
CA GLY I 501 47.22 61.19 -9.05
C GLY I 501 47.53 61.99 -10.30
N PHE I 502 48.65 61.70 -10.94
CA PHE I 502 49.02 62.50 -12.11
C PHE I 502 47.95 62.46 -13.21
N TYR I 503 47.38 61.29 -13.48
CA TYR I 503 46.39 61.23 -14.57
C TYR I 503 45.04 61.87 -14.21
N LEU I 504 44.66 61.77 -12.93
CA LEU I 504 43.43 62.40 -12.48
C LEU I 504 43.57 63.87 -12.70
N MET I 505 44.72 64.41 -12.30
CA MET I 505 45.01 65.85 -12.35
C MET I 505 45.12 66.31 -13.80
N LEU I 506 45.76 65.51 -14.65
CA LEU I 506 45.97 65.87 -16.06
C LEU I 506 44.65 66.13 -16.75
N GLY I 507 43.67 65.26 -16.50
CA GLY I 507 42.30 65.43 -16.97
C GLY I 507 41.73 66.82 -16.78
N ARG I 508 41.58 67.26 -15.52
CA ARG I 508 41.14 68.64 -15.26
C ARG I 508 42.11 69.71 -15.74
N TYR I 509 43.42 69.43 -15.72
CA TYR I 509 44.40 70.44 -16.19
C TYR I 509 44.15 70.83 -17.66
N VAL I 510 44.13 69.81 -18.52
CA VAL I 510 43.91 70.03 -19.95
C VAL I 510 42.56 70.65 -20.22
N GLY I 511 41.53 70.11 -19.55
CA GLY I 511 40.18 70.71 -19.53
C GLY I 511 40.14 72.19 -19.18
N SER I 512 40.87 72.61 -18.14
CA SER I 512 40.99 74.04 -17.81
C SER I 512 41.70 74.78 -18.92
N LYS I 513 42.76 74.17 -19.45
CA LYS I 513 43.45 74.76 -20.58
C LYS I 513 42.53 74.96 -21.81
N ILE I 514 41.66 73.99 -22.13
CA ILE I 514 40.83 74.12 -23.32
C ILE I 514 39.87 75.30 -23.17
N LEU I 515 39.44 75.53 -21.93
CA LEU I 515 38.55 76.62 -21.62
C LEU I 515 39.31 77.93 -21.70
N GLN I 516 40.52 77.97 -21.17
CA GLN I 516 41.32 79.20 -21.16
C GLN I 516 41.62 79.77 -22.56
N GLU I 517 41.79 78.89 -23.56
CA GLU I 517 42.00 79.34 -24.95
C GLU I 517 40.70 79.68 -25.67
N ARG I 518 39.58 79.19 -25.14
CA ARG I 518 38.23 79.54 -25.66
C ARG I 518 37.74 80.89 -25.13
N SER I 519 38.44 81.42 -24.13
CA SER I 519 38.17 82.78 -23.64
C SER I 519 38.86 83.89 -24.43
N ALA I 520 39.85 83.55 -25.27
CA ALA I 520 40.47 84.55 -26.17
C ALA I 520 39.57 84.99 -27.36
N ALA I 521 38.94 84.01 -28.02
CA ALA I 521 37.98 84.26 -29.13
C ALA I 521 36.52 84.06 -28.68
N LEU J 1 -9.24 59.02 -58.92
CA LEU J 1 -9.33 59.27 -57.46
C LEU J 1 -9.98 58.08 -56.75
N ALA J 2 -9.31 57.62 -55.69
CA ALA J 2 -9.77 56.51 -54.86
C ALA J 2 -10.86 57.00 -53.91
N THR J 3 -11.64 56.05 -53.40
CA THR J 3 -12.71 56.31 -52.43
C THR J 3 -12.13 56.13 -51.04
N THR J 4 -12.58 56.97 -50.12
CA THR J 4 -12.17 56.91 -48.70
C THR J 4 -12.30 55.47 -48.20
N SER J 5 -11.25 54.97 -47.57
CA SER J 5 -11.12 53.54 -47.29
C SER J 5 -9.98 53.28 -46.32
N ASP J 6 -9.96 52.04 -45.83
CA ASP J 6 -8.98 51.60 -44.86
C ASP J 6 -7.67 51.40 -45.53
N HIS J 7 -6.58 51.68 -44.81
CA HIS J 7 -5.24 51.37 -45.30
C HIS J 7 -5.09 49.87 -45.56
N ASP J 8 -4.86 49.56 -46.82
CA ASP J 8 -4.89 48.18 -47.28
C ASP J 8 -3.56 47.45 -47.08
N PHE J 9 -3.59 46.33 -46.38
CA PHE J 9 -2.38 45.52 -46.23
C PHE J 9 -2.49 44.07 -46.77
N SER J 10 -3.31 43.84 -47.79
CA SER J 10 -3.34 42.53 -48.46
C SER J 10 -1.96 42.05 -48.90
N TYR J 11 -1.05 43.00 -49.19
CA TYR J 11 0.33 42.69 -49.57
C TYR J 11 1.06 41.93 -48.46
N LEU J 12 0.69 42.22 -47.22
CA LEU J 12 1.36 41.59 -46.08
C LEU J 12 1.56 40.07 -46.17
N SER J 13 0.65 39.39 -46.86
CA SER J 13 0.76 37.96 -47.02
C SER J 13 2.09 37.51 -47.65
N PHE J 14 2.72 38.36 -48.47
CA PHE J 14 4.02 38.00 -49.10
C PHE J 14 5.24 38.85 -48.70
N ALA J 15 5.14 39.52 -47.54
CA ALA J 15 6.19 40.39 -47.02
C ALA J 15 6.83 39.69 -45.85
N TYR J 16 8.16 39.52 -45.88
CA TYR J 16 8.85 38.76 -44.84
C TYR J 16 9.91 39.56 -44.16
N ASP J 17 10.06 39.35 -42.86
CA ASP J 17 11.16 39.92 -42.14
C ASP J 17 12.43 39.30 -42.72
N ALA J 18 13.45 40.12 -42.99
CA ALA J 18 14.69 39.64 -43.64
C ALA J 18 15.43 38.46 -42.97
N THR J 19 14.94 38.03 -41.80
CA THR J 19 15.50 36.86 -41.16
C THR J 19 14.74 35.65 -41.63
N ASP J 20 13.53 35.88 -42.13
CA ASP J 20 12.70 34.77 -42.63
C ASP J 20 13.02 34.45 -44.08
N LEU J 21 13.76 35.34 -44.74
CA LEU J 21 14.14 35.07 -46.13
C LEU J 21 15.26 34.07 -46.21
N GLU J 22 15.27 33.30 -47.30
CA GLU J 22 16.34 32.35 -47.59
C GLU J 22 17.68 33.06 -47.67
N LEU J 23 18.73 32.39 -47.21
CA LEU J 23 20.07 32.96 -47.16
C LEU J 23 20.71 33.24 -48.55
N GLU J 24 20.21 32.55 -49.59
CA GLU J 24 20.44 32.98 -50.98
C GLU J 24 19.36 32.47 -51.96
N GLY J 25 18.95 33.37 -52.85
CA GLY J 25 17.90 33.12 -53.84
C GLY J 25 18.07 33.87 -55.17
N SER J 26 17.36 33.42 -56.18
CA SER J 26 17.47 33.95 -57.54
C SER J 26 16.14 34.53 -57.97
N TYR J 27 16.13 35.84 -58.22
CA TYR J 27 14.90 36.48 -58.72
C TYR J 27 15.14 37.13 -60.10
N ASP J 28 14.07 37.49 -60.78
CA ASP J 28 14.20 38.22 -62.03
C ASP J 28 14.49 39.69 -61.83
N TYR J 29 13.88 40.29 -60.82
CA TYR J 29 14.17 41.69 -60.52
C TYR J 29 14.38 41.89 -59.04
N VAL J 30 15.47 42.59 -58.70
CA VAL J 30 15.79 42.96 -57.31
C VAL J 30 15.70 44.47 -57.10
N ILE J 31 14.69 44.89 -56.36
CA ILE J 31 14.54 46.29 -56.08
C ILE J 31 15.15 46.66 -54.74
N VAL J 32 16.24 47.44 -54.75
CA VAL J 32 16.77 47.97 -53.50
C VAL J 32 15.96 49.18 -53.03
N GLY J 33 15.30 49.05 -51.89
CA GLY J 33 14.54 50.13 -51.29
C GLY J 33 13.11 50.11 -51.76
N GLY J 34 12.19 49.85 -50.85
CA GLY J 34 10.78 49.79 -51.20
C GLY J 34 10.10 51.12 -50.98
N GLY J 35 10.65 52.17 -51.59
CA GLY J 35 10.18 53.54 -51.36
C GLY J 35 8.95 54.02 -52.11
N THR J 36 8.92 55.31 -52.41
CA THR J 36 7.83 55.94 -53.13
C THR J 36 7.77 55.40 -54.56
N SER J 37 8.95 55.12 -55.13
CA SER J 37 9.10 54.63 -56.50
C SER J 37 9.30 53.12 -56.51
N GLY J 38 10.13 52.62 -55.59
CA GLY J 38 10.40 51.19 -55.51
C GLY J 38 9.14 50.34 -55.44
N CYS J 39 8.20 50.75 -54.60
CA CYS J 39 6.97 50.01 -54.46
C CYS J 39 6.24 49.81 -55.81
N PRO J 40 5.72 50.88 -56.43
CA PRO J 40 4.95 50.66 -57.66
C PRO J 40 5.74 49.96 -58.74
N LEU J 41 7.05 50.18 -58.76
CA LEU J 41 7.95 49.48 -59.69
C LEU J 41 7.95 47.96 -59.42
N ALA J 42 7.96 47.59 -58.14
CA ALA J 42 7.89 46.19 -57.75
C ALA J 42 6.58 45.57 -58.23
N ALA J 43 5.47 46.25 -57.99
CA ALA J 43 4.17 45.77 -58.42
C ALA J 43 4.11 45.56 -59.95
N THR J 44 4.53 46.56 -60.71
CA THR J 44 4.50 46.51 -62.18
C THR J 44 5.25 45.29 -62.72
N LEU J 45 6.52 45.12 -62.33
CA LEU J 45 7.30 43.97 -62.79
C LEU J 45 6.76 42.62 -62.29
N SER J 46 6.10 42.65 -61.13
CA SER J 46 5.58 41.45 -60.51
C SER J 46 4.42 40.87 -61.32
N GLU J 47 3.93 41.65 -62.28
CA GLU J 47 2.85 41.20 -63.13
C GLU J 47 3.35 40.19 -64.16
N LYS J 48 4.67 40.21 -64.41
N LYS J 48 4.64 40.20 -64.46
CA LYS J 48 5.25 39.49 -65.53
CA LYS J 48 5.18 39.26 -65.45
C LYS J 48 6.52 38.68 -65.17
C LYS J 48 6.43 38.50 -65.02
N TYR J 49 7.17 39.06 -64.07
CA TYR J 49 8.39 38.39 -63.63
C TYR J 49 8.44 38.26 -62.13
N LYS J 50 9.27 37.34 -61.65
CA LYS J 50 9.54 37.15 -60.22
C LYS J 50 10.42 38.29 -59.71
N VAL J 51 10.00 38.88 -58.59
CA VAL J 51 10.54 40.14 -58.12
C VAL J 51 10.82 40.00 -56.63
N LEU J 52 11.81 40.73 -56.17
CA LEU J 52 12.07 40.85 -54.74
C LEU J 52 12.35 42.31 -54.41
N VAL J 53 11.71 42.79 -53.34
CA VAL J 53 12.00 44.13 -52.80
C VAL J 53 12.69 44.02 -51.45
N LEU J 54 13.84 44.69 -51.34
CA LEU J 54 14.55 44.75 -50.07
C LEU J 54 14.44 46.11 -49.40
N GLU J 55 13.88 46.14 -48.20
CA GLU J 55 13.67 47.42 -47.50
C GLU J 55 14.30 47.43 -46.12
N ARG J 56 15.08 48.47 -45.83
CA ARG J 56 15.76 48.56 -44.52
C ARG J 56 14.81 48.79 -43.36
N GLY J 57 13.72 49.51 -43.62
CA GLY J 57 12.81 49.95 -42.58
C GLY J 57 11.87 48.85 -42.16
N THR J 58 10.98 49.19 -41.24
CA THR J 58 9.98 48.26 -40.73
C THR J 58 8.69 48.26 -41.56
N LEU J 59 7.73 47.46 -41.12
CA LEU J 59 6.39 47.45 -41.72
C LEU J 59 5.59 48.62 -41.24
N PRO J 60 4.71 49.17 -42.09
CA PRO J 60 3.93 50.29 -41.59
C PRO J 60 3.27 50.01 -40.24
N THR J 61 2.88 48.75 -40.00
CA THR J 61 2.06 48.41 -38.84
C THR J 61 2.83 48.32 -37.53
N ALA J 62 4.15 48.42 -37.60
CA ALA J 62 4.99 48.46 -36.42
C ALA J 62 4.79 49.79 -35.75
N TYR J 63 4.59 50.81 -36.56
CA TYR J 63 4.55 52.19 -36.11
C TYR J 63 3.25 52.87 -36.51
N PRO J 64 2.14 52.58 -35.78
CA PRO J 64 0.75 52.93 -36.13
C PRO J 64 0.48 54.44 -36.32
N ASN J 65 1.28 55.31 -35.69
CA ASN J 65 1.08 56.76 -35.79
C ASN J 65 1.32 57.37 -37.15
N LEU J 66 1.72 56.56 -38.12
CA LEU J 66 1.91 57.10 -39.45
C LEU J 66 0.78 56.73 -40.42
N LEU J 67 -0.11 55.85 -39.95
CA LEU J 67 -1.34 55.43 -40.67
C LEU J 67 -2.46 56.49 -40.62
N THR J 68 -2.26 57.52 -39.81
CA THR J 68 -3.15 58.68 -39.79
C THR J 68 -2.39 59.98 -39.88
N SER J 69 -3.06 61.02 -40.38
CA SER J 69 -2.50 62.38 -40.41
C SER J 69 -2.37 63.05 -39.05
N ASP J 70 -3.17 62.63 -38.07
CA ASP J 70 -2.94 63.06 -36.69
C ASP J 70 -1.48 62.84 -36.38
N GLY J 71 -1.01 61.68 -36.81
CA GLY J 71 0.35 61.28 -36.53
C GLY J 71 1.47 61.96 -37.31
N PHE J 72 1.15 62.91 -38.18
CA PHE J 72 2.21 63.59 -38.90
C PHE J 72 3.22 64.21 -37.95
N ILE J 73 2.76 65.08 -37.04
CA ILE J 73 3.69 65.75 -36.11
C ILE J 73 4.29 64.76 -35.12
N TYR J 74 3.48 63.80 -34.67
CA TYR J 74 3.96 62.75 -33.79
C TYR J 74 5.27 62.09 -34.30
N ASN J 75 5.26 61.56 -35.53
CA ASN J 75 6.42 60.85 -36.07
C ASN J 75 7.68 61.71 -36.18
N LEU J 76 7.48 63.03 -36.25
CA LEU J 76 8.57 63.96 -36.43
C LEU J 76 9.15 64.37 -35.10
N GLN J 77 8.48 64.00 -34.02
CA GLN J 77 8.92 64.31 -32.67
C GLN J 77 9.67 63.16 -31.97
N GLN J 78 9.49 61.95 -32.47
CA GLN J 78 10.06 60.75 -31.87
C GLN J 78 11.57 60.64 -32.13
N GLU J 79 12.31 60.18 -31.11
CA GLU J 79 13.77 60.06 -31.22
C GLU J 79 14.16 59.11 -32.31
N ASP J 80 15.35 59.28 -32.86
CA ASP J 80 15.86 58.37 -33.88
C ASP J 80 16.76 57.28 -33.27
N ASP J 81 16.18 56.12 -33.00
CA ASP J 81 16.91 55.01 -32.42
C ASP J 81 17.48 54.08 -33.51
N GLY J 82 17.32 54.46 -34.76
CA GLY J 82 17.77 53.63 -35.87
C GLY J 82 16.71 52.73 -36.49
N GLN J 83 15.59 52.54 -35.79
CA GLN J 83 14.56 51.56 -36.18
C GLN J 83 13.28 52.23 -36.66
N THR J 84 13.00 53.37 -36.03
CA THR J 84 11.80 54.19 -36.21
C THR J 84 11.58 54.66 -37.66
N PRO J 85 10.35 55.10 -38.02
CA PRO J 85 10.07 55.42 -39.43
C PRO J 85 10.53 56.79 -39.93
N VAL J 86 11.13 57.60 -39.05
CA VAL J 86 11.66 58.89 -39.47
C VAL J 86 13.12 58.96 -39.10
N GLU J 87 14.01 58.96 -40.08
CA GLU J 87 15.44 59.16 -39.84
C GLU J 87 15.84 60.64 -39.84
N ARG J 88 16.37 61.10 -38.71
CA ARG J 88 16.84 62.47 -38.59
C ARG J 88 18.24 62.67 -39.16
N PHE J 89 18.42 63.70 -39.99
CA PHE J 89 19.76 64.11 -40.43
C PHE J 89 19.90 65.60 -40.61
N VAL J 90 21.13 66.11 -40.62
CA VAL J 90 21.39 67.54 -40.71
C VAL J 90 22.41 67.70 -41.80
N SER J 91 22.14 68.58 -42.75
CA SER J 91 23.06 68.82 -43.87
C SER J 91 24.31 69.58 -43.46
N GLY J 92 25.33 69.56 -44.33
CA GLY J 92 26.62 70.22 -44.11
C GLY J 92 26.37 71.68 -43.85
N ASP J 93 25.23 72.17 -44.34
CA ASP J 93 24.81 73.58 -44.20
C ASP J 93 24.26 73.95 -42.84
N GLY J 94 23.86 72.97 -42.05
CA GLY J 94 23.33 73.22 -40.72
C GLY J 94 21.82 73.21 -40.65
N ILE J 95 21.18 72.58 -41.64
CA ILE J 95 19.72 72.61 -41.71
C ILE J 95 19.15 71.24 -41.34
N ASP J 96 18.27 71.20 -40.32
CA ASP J 96 17.67 69.93 -39.87
C ASP J 96 16.77 69.35 -40.92
N ASP J 97 16.85 68.04 -41.09
CA ASP J 97 16.09 67.39 -42.13
C ASP J 97 15.69 65.94 -41.77
N VAL J 98 14.86 65.33 -42.61
CA VAL J 98 14.56 63.93 -42.38
C VAL J 98 14.29 63.17 -43.65
N ARG J 99 14.37 61.84 -43.56
CA ARG J 99 13.95 60.91 -44.63
C ARG J 99 13.20 59.68 -44.08
N GLY J 100 12.39 59.03 -44.91
CA GLY J 100 11.67 57.85 -44.46
C GLY J 100 12.60 56.66 -44.26
N ARG J 101 12.24 55.83 -43.29
CA ARG J 101 12.89 54.55 -43.03
C ARG J 101 11.76 53.57 -42.67
N VAL J 102 11.06 53.09 -43.68
CA VAL J 102 9.84 52.27 -43.48
C VAL J 102 9.31 51.71 -44.81
N LEU J 103 8.72 50.51 -44.78
CA LEU J 103 8.07 50.05 -46.00
C LEU J 103 7.09 51.14 -46.48
N GLY J 104 7.29 51.56 -47.72
CA GLY J 104 6.47 52.62 -48.28
C GLY J 104 7.30 53.86 -48.48
N GLY J 105 8.48 53.86 -47.88
CA GLY J 105 9.41 54.98 -47.99
C GLY J 105 8.86 56.22 -47.34
N THR J 106 9.24 57.38 -47.87
CA THR J 106 8.95 58.70 -47.29
C THR J 106 7.50 59.13 -47.48
N SER J 107 6.80 58.52 -48.42
CA SER J 107 5.32 58.65 -48.49
C SER J 107 4.61 58.16 -47.22
N MET J 108 5.27 57.32 -46.42
CA MET J 108 4.62 56.85 -45.21
C MET J 108 4.60 57.95 -44.14
N ILE J 109 5.57 58.85 -44.24
CA ILE J 109 5.71 59.87 -43.23
C ILE J 109 5.52 61.30 -43.71
N ASN J 110 5.12 61.49 -44.96
CA ASN J 110 5.04 62.85 -45.49
C ASN J 110 3.78 63.63 -45.09
N ALA J 111 3.63 64.85 -45.58
CA ALA J 111 2.44 65.67 -45.33
C ALA J 111 1.35 65.41 -46.35
N GLY J 112 1.59 64.47 -47.27
CA GLY J 112 0.53 63.88 -48.10
C GLY J 112 -0.15 64.82 -49.07
N VAL J 113 0.63 65.57 -49.82
CA VAL J 113 0.06 66.44 -50.82
C VAL J 113 0.38 65.75 -52.13
N TYR J 114 -0.66 65.54 -52.94
CA TYR J 114 -0.50 64.94 -54.28
C TYR J 114 -0.74 65.95 -55.37
N ALA J 115 0.15 65.94 -56.37
CA ALA J 115 0.06 66.75 -57.58
C ALA J 115 0.83 66.10 -58.72
N ARG J 116 0.25 66.09 -59.91
CA ARG J 116 0.95 65.61 -61.11
C ARG J 116 1.97 66.67 -61.50
N ALA J 117 3.07 66.25 -62.12
CA ALA J 117 4.14 67.17 -62.53
C ALA J 117 3.71 68.25 -63.55
N ASN J 118 4.43 69.39 -63.51
CA ASN J 118 4.39 70.42 -64.57
C ASN J 118 4.41 69.70 -65.92
N THR J 119 3.35 69.85 -66.70
CA THR J 119 3.26 69.09 -67.96
C THR J 119 4.28 69.64 -68.89
N LYS J 120 4.80 70.82 -68.55
CA LYS J 120 5.83 71.44 -69.36
C LYS J 120 7.21 70.80 -69.20
N ILE J 121 7.41 70.06 -68.11
CA ILE J 121 8.72 69.48 -67.76
C ILE J 121 9.18 68.30 -68.65
N PHE J 122 8.21 67.52 -69.15
CA PHE J 122 8.49 66.28 -69.90
C PHE J 122 9.15 66.53 -71.26
N SER J 123 8.83 67.67 -71.86
CA SER J 123 9.38 68.01 -73.17
C SER J 123 10.90 68.16 -73.20
N ALA J 124 11.52 68.70 -72.15
CA ALA J 124 12.98 68.99 -72.26
C ALA J 124 13.91 68.31 -71.22
N SER J 125 13.51 67.14 -70.74
CA SER J 125 14.19 66.48 -69.60
C SER J 125 15.39 65.60 -69.96
N GLY J 126 15.36 65.02 -71.16
CA GLY J 126 16.42 64.10 -71.57
C GLY J 126 15.96 62.67 -71.64
N ILE J 127 14.66 62.44 -71.45
CA ILE J 127 14.10 61.12 -71.72
C ILE J 127 12.93 61.18 -72.73
N GLU J 128 12.90 60.21 -73.63
CA GLU J 128 11.76 59.98 -74.52
C GLU J 128 10.57 59.52 -73.66
N TRP J 129 9.67 60.46 -73.32
CA TRP J 129 8.53 60.15 -72.46
C TRP J 129 7.33 59.68 -73.30
N ASP J 130 6.82 58.49 -73.03
CA ASP J 130 5.60 58.01 -73.70
C ASP J 130 4.37 58.60 -73.01
N MET J 131 3.99 59.82 -73.42
CA MET J 131 3.00 60.62 -72.67
C MET J 131 1.65 59.95 -72.41
N ASP J 132 1.18 59.15 -73.36
CA ASP J 132 -0.04 58.36 -73.19
C ASP J 132 0.09 57.54 -71.91
N LEU J 133 1.25 56.87 -71.77
CA LEU J 133 1.59 55.98 -70.62
C LEU J 133 1.79 56.76 -69.33
N VAL J 134 2.41 57.92 -69.44
CA VAL J 134 2.59 58.83 -68.31
C VAL J 134 1.23 59.24 -67.74
N ASN J 135 0.27 59.60 -68.59
CA ASN J 135 -1.08 59.95 -68.13
C ASN J 135 -1.90 58.75 -67.63
N GLN J 136 -1.56 57.58 -68.16
CA GLN J 136 -2.25 56.36 -67.81
C GLN J 136 -1.86 55.90 -66.42
N THR J 137 -0.64 56.25 -66.02
CA THR J 137 -0.02 55.75 -64.80
C THR J 137 -0.33 56.64 -63.59
N TYR J 138 -0.48 57.94 -63.84
CA TYR J 138 -0.99 58.84 -62.84
C TYR J 138 -2.37 58.28 -62.53
N ASP J 139 -3.17 58.05 -63.57
CA ASP J 139 -4.45 57.35 -63.44
C ASP J 139 -4.29 56.14 -62.49
N TRP J 140 -3.49 55.17 -62.89
CA TRP J 140 -3.24 53.96 -62.12
C TRP J 140 -2.99 54.27 -60.65
N VAL J 141 -2.08 55.21 -60.36
CA VAL J 141 -1.83 55.61 -58.95
C VAL J 141 -3.07 56.23 -58.28
N GLU J 142 -3.62 57.28 -58.89
CA GLU J 142 -4.72 58.08 -58.36
C GLU J 142 -6.00 57.33 -58.06
N ASP J 143 -6.16 56.14 -58.66
CA ASP J 143 -7.37 55.34 -58.45
C ASP J 143 -7.23 54.45 -57.22
N THR J 144 -6.00 54.40 -56.72
CA THR J 144 -5.57 53.56 -55.61
C THR J 144 -5.40 54.37 -54.31
N ILE J 145 -4.59 55.43 -54.34
CA ILE J 145 -4.25 56.15 -53.10
C ILE J 145 -4.41 57.69 -53.06
N VAL J 146 -5.17 58.26 -53.99
CA VAL J 146 -5.39 59.73 -54.01
C VAL J 146 -6.87 60.08 -53.87
N TYR J 147 -7.14 61.13 -53.08
CA TYR J 147 -8.51 61.48 -52.71
C TYR J 147 -8.81 62.95 -52.94
N LYS J 148 -10.04 63.25 -53.33
CA LYS J 148 -10.53 64.61 -53.41
C LYS J 148 -10.86 65.09 -51.99
N PRO J 149 -10.09 66.08 -51.45
CA PRO J 149 -10.17 66.51 -50.04
C PRO J 149 -11.53 67.09 -49.62
N ASP J 150 -11.80 67.16 -48.32
CA ASP J 150 -12.97 67.89 -47.83
C ASP J 150 -12.64 69.36 -47.60
N LYS J 151 -13.68 70.20 -47.64
CA LYS J 151 -13.56 71.58 -47.19
C LYS J 151 -13.04 71.54 -45.74
N GLN J 152 -12.10 72.40 -45.40
CA GLN J 152 -11.69 72.59 -44.00
C GLN J 152 -11.45 74.07 -43.70
N ALA J 153 -12.10 74.58 -42.65
CA ALA J 153 -12.06 76.02 -42.30
C ALA J 153 -10.78 76.77 -42.65
N TRP J 154 -9.66 76.37 -42.10
CA TRP J 154 -8.44 77.14 -42.33
C TRP J 154 -7.90 77.07 -43.78
N GLN J 155 -8.14 75.97 -44.48
CA GLN J 155 -7.65 75.87 -45.87
C GLN J 155 -8.47 76.77 -46.74
N SER J 156 -9.76 76.88 -46.43
CA SER J 156 -10.64 77.83 -47.09
C SER J 156 -10.19 79.28 -46.90
N LEU J 157 -9.65 79.55 -45.72
CA LEU J 157 -9.21 80.88 -45.38
C LEU J 157 -7.92 81.24 -46.10
N THR J 158 -7.12 80.22 -46.38
CA THR J 158 -5.90 80.36 -47.13
C THR J 158 -6.24 80.64 -48.57
N LYS J 159 -7.18 79.86 -49.10
CA LYS J 159 -7.63 79.99 -50.47
C LYS J 159 -8.05 81.41 -50.75
N THR J 160 -8.96 81.95 -49.95
CA THR J 160 -9.42 83.33 -50.15
C THR J 160 -8.28 84.36 -50.02
N ALA J 161 -7.30 84.09 -49.17
CA ALA J 161 -6.11 84.95 -49.02
C ALA J 161 -5.23 84.93 -50.26
N PHE J 162 -5.19 83.80 -50.94
CA PHE J 162 -4.38 83.67 -52.13
C PHE J 162 -5.02 84.41 -53.28
N LEU J 163 -6.34 84.32 -53.36
CA LEU J 163 -7.06 85.00 -54.44
C LEU J 163 -7.01 86.53 -54.21
N GLU J 164 -7.16 86.95 -52.96
CA GLU J 164 -7.10 88.34 -52.62
C GLU J 164 -5.70 88.89 -52.79
N ALA J 165 -4.70 88.09 -52.42
CA ALA J 165 -3.30 88.50 -52.60
C ALA J 165 -3.02 88.69 -54.07
N GLY J 166 -3.83 88.02 -54.89
CA GLY J 166 -3.86 88.22 -56.32
C GLY J 166 -3.34 87.05 -57.12
N VAL J 167 -3.12 85.91 -56.46
CA VAL J 167 -2.68 84.66 -57.13
C VAL J 167 -3.85 84.03 -57.90
N LEU J 168 -3.90 84.28 -59.21
CA LEU J 168 -5.04 83.82 -60.02
C LEU J 168 -4.55 82.91 -61.16
N PRO J 169 -5.43 82.14 -61.78
CA PRO J 169 -6.86 81.92 -61.61
C PRO J 169 -7.19 80.91 -60.50
N ASP J 170 -8.41 80.99 -59.99
CA ASP J 170 -8.96 79.94 -59.12
C ASP J 170 -9.14 78.74 -60.02
N ASN J 171 -8.33 77.69 -59.80
CA ASN J 171 -8.32 76.49 -60.64
C ASN J 171 -9.26 75.39 -60.09
N GLY J 172 -10.28 75.77 -59.33
CA GLY J 172 -11.20 74.79 -58.69
C GLY J 172 -10.47 73.71 -57.89
N PHE J 173 -10.96 72.45 -57.99
CA PHE J 173 -10.23 71.27 -57.48
C PHE J 173 -9.49 70.63 -58.65
N SER J 174 -8.17 70.53 -58.55
CA SER J 174 -7.36 70.03 -59.66
C SER J 174 -6.08 69.39 -59.17
N LEU J 175 -5.56 68.42 -59.93
CA LEU J 175 -4.31 67.78 -59.56
C LEU J 175 -3.09 68.36 -60.31
N ASP J 176 -3.34 69.19 -61.31
CA ASP J 176 -2.23 69.69 -62.12
C ASP J 176 -1.48 70.88 -61.48
N HIS J 177 -0.15 70.84 -61.56
CA HIS J 177 0.69 71.98 -61.23
C HIS J 177 0.56 73.01 -62.34
N GLU J 178 -0.35 73.96 -62.18
CA GLU J 178 -0.40 75.16 -63.07
C GLU J 178 -0.41 76.39 -62.18
N ALA J 179 -0.10 77.54 -62.78
CA ALA J 179 -0.19 78.79 -62.07
C ALA J 179 -1.62 79.04 -61.64
N GLY J 180 -1.75 79.57 -60.43
CA GLY J 180 -3.03 79.90 -59.86
C GLY J 180 -3.15 79.24 -58.51
N THR J 181 -4.30 79.46 -57.89
CA THR J 181 -4.67 78.83 -56.64
C THR J 181 -5.56 77.65 -56.95
N ARG J 182 -5.33 76.54 -56.28
CA ARG J 182 -6.21 75.40 -56.45
C ARG J 182 -6.37 74.66 -55.15
N LEU J 183 -7.10 73.57 -55.26
CA LEU J 183 -7.24 72.60 -54.19
C LEU J 183 -6.75 71.25 -54.80
N THR J 184 -5.56 70.83 -54.45
CA THR J 184 -4.99 69.65 -55.11
C THR J 184 -5.42 68.41 -54.35
N GLY J 185 -5.05 67.23 -54.86
CA GLY J 185 -5.40 65.97 -54.21
C GLY J 185 -4.71 65.82 -52.87
N SER J 186 -4.79 64.61 -52.29
CA SER J 186 -4.07 64.25 -51.05
C SER J 186 -3.97 62.75 -50.90
N THR J 187 -2.82 62.27 -50.39
CA THR J 187 -2.69 60.84 -49.99
C THR J 187 -3.41 60.47 -48.68
N PHE J 188 -3.88 61.47 -47.90
CA PHE J 188 -4.78 61.22 -46.75
C PHE J 188 -6.20 61.20 -47.26
N ASP J 189 -7.03 60.31 -46.71
CA ASP J 189 -8.43 60.21 -47.15
C ASP J 189 -9.32 61.17 -46.36
N ASN J 190 -10.62 61.03 -46.47
CA ASN J 190 -11.51 61.92 -45.69
C ASN J 190 -11.78 61.49 -44.24
N ASN J 191 -11.38 60.27 -43.91
CA ASN J 191 -11.35 59.81 -42.53
C ASN J 191 -10.00 60.10 -41.83
N GLY J 192 -9.08 60.76 -42.53
CA GLY J 192 -7.75 61.08 -42.00
C GLY J 192 -6.80 59.89 -41.89
N THR J 193 -7.05 58.86 -42.70
CA THR J 193 -6.19 57.68 -42.82
C THR J 193 -5.19 57.93 -43.93
N ARG J 194 -3.93 57.59 -43.71
CA ARG J 194 -2.93 57.80 -44.76
C ARG J 194 -2.90 56.68 -45.77
N HIS J 195 -2.51 56.98 -47.00
CA HIS J 195 -2.26 55.98 -47.99
C HIS J 195 -0.99 56.28 -48.77
N ALA J 196 0.15 55.66 -48.43
CA ALA J 196 1.26 55.40 -49.37
C ALA J 196 0.74 54.26 -50.30
N SER J 197 1.37 53.76 -51.37
CA SER J 197 2.77 53.74 -51.81
C SER J 197 3.15 52.26 -51.68
N ASP J 198 3.19 51.81 -50.42
CA ASP J 198 3.21 50.41 -50.06
C ASP J 198 1.91 49.73 -50.52
N GLU J 199 0.82 50.49 -50.62
CA GLU J 199 -0.48 49.96 -51.04
C GLU J 199 -0.50 49.65 -52.53
N LEU J 200 0.46 50.19 -53.25
CA LEU J 200 0.55 49.95 -54.66
C LEU J 200 1.09 48.54 -54.90
N LEU J 201 1.64 47.94 -53.85
CA LEU J 201 2.11 46.54 -53.86
C LEU J 201 0.95 45.58 -54.01
N ASN J 202 -0.20 45.97 -53.49
CA ASN J 202 -1.42 45.20 -53.66
C ASN J 202 -1.84 45.15 -55.12
N LYS J 203 -1.22 45.98 -55.95
CA LYS J 203 -1.58 46.06 -57.37
C LYS J 203 -0.69 45.13 -58.20
N GLY J 204 0.34 44.60 -57.55
CA GLY J 204 1.18 43.58 -58.15
C GLY J 204 0.54 42.21 -58.06
N ASP J 205 1.26 41.22 -58.58
CA ASP J 205 0.79 39.85 -58.57
C ASP J 205 1.34 39.11 -57.36
N PRO J 206 0.43 38.70 -56.44
CA PRO J 206 0.81 38.25 -55.10
C PRO J 206 1.62 36.98 -55.13
N ASN J 207 1.80 36.42 -56.33
CA ASN J 207 2.49 35.17 -56.51
C ASN J 207 3.90 35.30 -57.04
N ASN J 208 4.28 36.53 -57.40
CA ASN J 208 5.59 36.81 -57.99
C ASN J 208 6.37 37.83 -57.16
N LEU J 209 5.66 38.50 -56.26
CA LEU J 209 6.23 39.59 -55.51
C LEU J 209 6.53 39.11 -54.11
N ARG J 210 7.81 39.21 -53.74
CA ARG J 210 8.24 38.97 -52.39
C ARG J 210 8.80 40.27 -51.83
N VAL J 211 8.13 40.81 -50.80
CA VAL J 211 8.62 42.01 -50.14
C VAL J 211 9.43 41.58 -48.94
N ALA J 212 10.44 42.35 -48.58
CA ALA J 212 11.29 41.93 -47.48
C ALA J 212 11.85 43.08 -46.67
N VAL J 213 11.45 43.09 -45.41
CA VAL J 213 11.70 44.20 -44.55
C VAL J 213 12.88 43.91 -43.67
N HIS J 214 13.42 44.96 -43.07
CA HIS J 214 14.58 44.89 -42.22
C HIS J 214 15.79 44.38 -42.99
N ALA J 215 15.72 44.42 -44.32
CA ALA J 215 16.87 44.09 -45.15
C ALA J 215 17.71 45.35 -45.31
N SER J 216 18.87 45.41 -44.68
CA SER J 216 19.81 46.51 -45.01
C SER J 216 20.67 46.11 -46.21
N VAL J 217 20.48 46.79 -47.35
CA VAL J 217 21.20 46.45 -48.56
C VAL J 217 22.56 47.12 -48.53
N GLU J 218 23.59 46.29 -48.56
CA GLU J 218 24.93 46.70 -48.18
C GLU J 218 25.89 47.01 -49.30
N LYS J 219 25.65 46.36 -50.46
CA LYS J 219 26.63 46.24 -51.55
C LYS J 219 25.96 45.59 -52.76
N ILE J 220 26.15 46.20 -53.93
CA ILE J 220 25.75 45.62 -55.23
C ILE J 220 26.94 44.80 -55.73
N ILE J 221 26.68 43.58 -56.22
CA ILE J 221 27.76 42.70 -56.66
C ILE J 221 27.79 42.68 -58.16
N PHE J 222 28.99 42.77 -58.73
CA PHE J 222 29.16 42.66 -60.17
C PHE J 222 30.09 41.52 -60.62
N SER J 223 29.93 41.05 -61.85
CA SER J 223 30.98 40.24 -62.48
C SER J 223 31.44 40.80 -63.84
N SER J 224 32.76 40.94 -63.95
CA SER J 224 33.40 41.57 -65.12
C SER J 224 33.35 40.58 -66.28
N ASN J 225 32.20 39.90 -66.42
CA ASN J 225 32.02 38.87 -67.45
C ASN J 225 30.56 38.87 -67.95
N SER J 226 30.35 38.92 -69.25
CA SER J 226 31.40 38.90 -70.27
C SER J 226 30.96 39.62 -71.56
N SER J 227 31.87 40.41 -72.15
CA SER J 227 33.13 40.80 -71.47
C SER J 227 32.91 42.07 -70.59
N GLY J 228 31.64 42.49 -70.47
CA GLY J 228 31.25 43.74 -69.80
C GLY J 228 30.70 43.54 -68.40
N VAL J 229 30.97 44.49 -67.51
CA VAL J 229 30.51 44.44 -66.13
C VAL J 229 28.99 44.42 -66.07
N THR J 230 28.44 43.65 -65.14
CA THR J 230 27.01 43.44 -64.99
C THR J 230 26.73 43.33 -63.53
N ALA J 231 25.59 43.85 -63.11
CA ALA J 231 25.10 43.58 -61.78
C ALA J 231 24.55 42.17 -61.84
N ILE J 232 25.13 41.29 -61.02
CA ILE J 232 24.59 39.95 -60.84
C ILE J 232 23.67 39.81 -59.62
N GLY J 233 23.66 40.81 -58.73
CA GLY J 233 22.77 40.81 -57.55
C GLY J 233 23.24 41.69 -56.41
N VAL J 234 22.68 41.47 -55.21
CA VAL J 234 23.06 42.26 -54.02
C VAL J 234 23.25 41.44 -52.75
N ILE J 235 23.85 42.06 -51.73
CA ILE J 235 23.96 41.48 -50.39
C ILE J 235 23.32 42.37 -49.35
N TYR J 236 22.68 41.75 -48.37
CA TYR J 236 21.94 42.47 -47.37
C TYR J 236 21.96 41.76 -46.03
N LYS J 237 21.98 42.57 -44.97
CA LYS J 237 22.03 42.08 -43.59
C LYS J 237 20.63 42.09 -42.98
N ASP J 238 20.35 41.05 -42.18
CA ASP J 238 19.15 41.05 -41.36
C ASP J 238 19.43 41.54 -39.93
N SER J 239 18.34 41.71 -39.16
CA SER J 239 18.43 42.23 -37.78
C SER J 239 19.31 41.34 -36.89
N ASN J 240 19.59 40.13 -37.36
CA ASN J 240 20.50 39.20 -36.73
C ASN J 240 21.96 39.38 -37.13
N GLY J 241 22.20 40.07 -38.24
CA GLY J 241 23.57 40.29 -38.70
C GLY J 241 23.90 39.37 -39.85
N THR J 242 23.02 38.41 -40.12
CA THR J 242 23.23 37.40 -41.14
C THR J 242 23.11 37.96 -42.55
N PRO J 243 24.23 37.98 -43.32
CA PRO J 243 24.21 38.31 -44.75
C PRO J 243 23.45 37.29 -45.61
N HIS J 244 22.47 37.77 -46.37
CA HIS J 244 21.80 36.96 -47.39
C HIS J 244 22.21 37.55 -48.73
N GLN J 245 22.20 36.76 -49.79
CA GLN J 245 22.38 37.34 -51.12
C GLN J 245 21.14 37.10 -51.96
N ALA J 246 20.84 38.03 -52.85
CA ALA J 246 19.82 37.77 -53.87
C ALA J 246 20.40 38.13 -55.22
N PHE J 247 20.30 37.18 -56.16
CA PHE J 247 20.84 37.32 -57.52
C PHE J 247 19.72 37.51 -58.54
N VAL J 248 20.07 37.92 -59.74
CA VAL J 248 19.09 37.91 -60.84
C VAL J 248 19.37 36.83 -61.89
N ARG J 249 18.34 36.45 -62.63
CA ARG J 249 18.42 35.43 -63.69
C ARG J 249 18.71 36.04 -65.06
N GLY J 250 19.41 35.28 -65.91
CA GLY J 250 19.74 35.70 -67.28
C GLY J 250 18.64 36.59 -67.84
N GLU J 251 18.96 37.90 -67.93
CA GLU J 251 18.07 39.01 -68.43
C GLU J 251 17.40 39.88 -67.36
N GLY J 252 18.00 39.98 -66.18
CA GLY J 252 17.42 40.75 -65.06
C GLY J 252 18.25 41.93 -64.57
N GLU J 253 17.71 42.61 -63.60
CA GLU J 253 18.32 43.83 -63.27
C GLU J 253 18.19 44.00 -61.83
N VAL J 254 19.18 44.70 -61.32
CA VAL J 254 19.13 45.26 -60.02
C VAL J 254 18.75 46.65 -60.32
N ILE J 255 17.70 47.09 -59.65
CA ILE J 255 17.24 48.43 -59.70
C ILE J 255 17.54 48.91 -58.34
N VAL J 256 17.94 50.14 -58.24
CA VAL J 256 18.12 50.77 -56.95
C VAL J 256 17.14 51.91 -56.80
N SER J 257 16.26 51.86 -55.80
CA SER J 257 15.26 52.90 -55.53
C SER J 257 15.34 53.36 -54.09
N ALA J 258 16.54 53.75 -53.68
CA ALA J 258 16.79 54.00 -52.27
C ALA J 258 16.74 55.49 -51.89
N GLY J 259 16.38 56.35 -52.84
CA GLY J 259 16.17 57.77 -52.57
C GLY J 259 17.39 58.61 -52.85
N PRO J 260 17.27 59.97 -52.79
CA PRO J 260 18.41 60.84 -53.14
C PRO J 260 19.61 60.62 -52.22
N ILE J 261 19.42 59.99 -51.08
CA ILE J 261 20.53 59.79 -50.16
C ILE J 261 20.91 58.29 -50.10
N GLY J 262 19.92 57.41 -50.22
CA GLY J 262 20.13 55.98 -50.32
C GLY J 262 20.92 55.52 -51.54
N SER J 263 20.34 55.71 -52.72
CA SER J 263 20.98 55.24 -53.97
C SER J 263 22.46 55.67 -54.10
N PRO J 264 22.73 57.00 -54.09
CA PRO J 264 24.10 57.42 -54.29
C PRO J 264 25.05 56.74 -53.33
N GLN J 265 24.67 56.64 -52.04
CA GLN J 265 25.53 56.00 -51.04
C GLN J 265 25.78 54.56 -51.42
N LEU J 266 24.71 53.85 -51.79
CA LEU J 266 24.81 52.45 -52.19
C LEU J 266 25.78 52.29 -53.37
N LEU J 267 25.57 53.02 -54.45
CA LEU J 267 26.49 52.98 -55.58
C LEU J 267 27.96 53.25 -55.16
N LEU J 268 28.20 54.33 -54.42
CA LEU J 268 29.56 54.64 -54.00
C LEU J 268 30.20 53.46 -53.28
N LEU J 269 29.53 52.96 -52.24
CA LEU J 269 30.02 51.79 -51.50
C LEU J 269 30.13 50.56 -52.38
N SER J 270 29.34 50.52 -53.45
CA SER J 270 29.35 49.39 -54.37
C SER J 270 30.48 49.44 -55.39
N GLY J 271 31.23 50.54 -55.39
CA GLY J 271 32.39 50.71 -56.27
C GLY J 271 32.01 51.35 -57.59
N VAL J 272 30.99 52.19 -57.61
CA VAL J 272 30.60 52.86 -58.84
C VAL J 272 30.53 54.35 -58.59
N GLY J 273 31.67 55.01 -58.76
CA GLY J 273 31.84 56.41 -58.40
C GLY J 273 33.19 56.92 -58.86
N PRO J 274 33.56 58.16 -58.47
CA PRO J 274 34.89 58.72 -58.80
C PRO J 274 36.04 57.79 -58.37
N GLU J 275 37.04 57.64 -59.25
CA GLU J 275 38.14 56.70 -59.03
C GLU J 275 38.97 57.08 -57.81
N SER J 276 39.22 58.38 -57.62
CA SER J 276 40.11 58.82 -56.54
C SER J 276 39.40 58.99 -55.20
N TYR J 277 38.10 59.30 -55.25
CA TYR J 277 37.27 59.40 -54.04
C TYR J 277 37.16 58.03 -53.37
N LEU J 278 36.72 57.03 -54.14
CA LEU J 278 36.68 55.65 -53.67
C LEU J 278 38.06 55.11 -53.20
N SER J 279 39.13 55.55 -53.86
CA SER J 279 40.50 55.14 -53.49
C SER J 279 40.92 55.65 -52.13
N SER J 280 40.73 56.94 -51.87
CA SER J 280 41.04 57.51 -50.56
C SER J 280 40.22 56.81 -49.47
N LEU J 281 39.19 56.08 -49.88
CA LEU J 281 38.36 55.33 -48.97
C LEU J 281 38.61 53.83 -49.04
N ASN J 282 39.67 53.43 -49.73
CA ASN J 282 39.95 52.02 -49.98
C ASN J 282 38.66 51.24 -50.27
N ILE J 283 37.96 51.68 -51.32
CA ILE J 283 36.79 50.99 -51.85
C ILE J 283 37.16 50.57 -53.29
N PRO J 284 37.12 49.27 -53.60
CA PRO J 284 37.59 48.85 -54.91
C PRO J 284 36.75 49.50 -55.97
N VAL J 285 37.41 50.19 -56.89
CA VAL J 285 36.76 50.85 -58.02
C VAL J 285 36.13 49.79 -58.93
N VAL J 286 34.86 49.94 -59.29
CA VAL J 286 34.27 49.06 -60.29
C VAL J 286 34.16 49.77 -61.64
N LEU J 287 33.21 50.67 -61.84
CA LEU J 287 33.37 51.60 -62.98
C LEU J 287 33.53 53.00 -62.46
N SER J 288 34.54 53.71 -62.97
CA SER J 288 34.74 55.11 -62.63
C SER J 288 33.58 55.94 -63.20
N HIS J 289 32.75 56.50 -62.32
CA HIS J 289 31.52 57.21 -62.71
C HIS J 289 31.39 58.47 -61.88
N PRO J 290 31.93 59.59 -62.39
CA PRO J 290 32.32 60.74 -61.54
C PRO J 290 31.20 61.64 -61.02
N TYR J 291 29.97 61.40 -61.46
CA TYR J 291 28.86 62.26 -61.08
C TYR J 291 27.91 61.63 -60.03
N VAL J 292 28.31 60.46 -59.52
CA VAL J 292 27.60 59.82 -58.43
C VAL J 292 27.80 60.63 -57.15
N GLY J 293 26.71 61.16 -56.62
CA GLY J 293 26.79 61.96 -55.41
C GLY J 293 27.11 63.42 -55.69
N GLN J 294 27.33 63.78 -56.95
CA GLN J 294 27.31 65.17 -57.33
C GLN J 294 25.87 65.53 -57.69
N PHE J 295 25.55 66.80 -57.51
CA PHE J 295 24.32 67.38 -57.98
C PHE J 295 23.13 67.15 -57.13
N LEU J 296 23.23 67.41 -55.85
CA LEU J 296 22.16 67.25 -54.90
C LEU J 296 21.47 68.55 -54.71
N HIS J 297 20.15 68.58 -54.86
CA HIS J 297 19.40 69.79 -54.72
C HIS J 297 18.41 69.62 -53.60
N ASP J 298 18.05 70.71 -52.93
CA ASP J 298 16.95 70.75 -51.99
C ASP J 298 16.32 72.15 -52.03
N ASN J 299 15.08 72.21 -52.48
CA ASN J 299 14.39 73.47 -52.57
C ASN J 299 14.23 73.95 -51.16
N PRO J 300 14.66 75.20 -50.87
CA PRO J 300 14.56 75.83 -49.55
C PRO J 300 13.12 76.24 -49.18
N ARG J 301 12.82 76.18 -47.90
CA ARG J 301 11.52 76.58 -47.38
C ARG J 301 11.71 77.85 -46.58
N ASN J 302 10.84 78.83 -46.80
CA ASN J 302 10.89 80.02 -45.98
C ASN J 302 9.51 80.32 -45.50
N PHE J 303 9.37 80.78 -44.28
CA PHE J 303 8.06 80.69 -43.68
C PHE J 303 7.78 81.83 -42.75
N ILE J 304 6.49 82.00 -42.46
CA ILE J 304 6.03 82.92 -41.46
C ILE J 304 5.08 82.15 -40.59
N ASN J 305 5.34 82.15 -39.29
CA ASN J 305 4.44 81.59 -38.28
C ASN J 305 3.58 82.70 -37.69
N ILE J 306 2.28 82.44 -37.56
CA ILE J 306 1.43 83.39 -36.85
C ILE J 306 0.83 82.77 -35.59
N LEU J 307 0.59 83.63 -34.60
CA LEU J 307 -0.07 83.22 -33.38
C LEU J 307 -1.35 84.03 -33.19
N PRO J 308 -2.50 83.50 -33.71
CA PRO J 308 -3.81 84.18 -33.76
C PRO J 308 -4.31 84.45 -32.37
N PRO J 309 -5.15 85.46 -32.20
CA PRO J 309 -5.64 85.73 -30.85
C PRO J 309 -6.65 84.66 -30.40
N ASN J 310 -7.36 84.05 -31.34
CA ASN J 310 -8.26 82.95 -31.01
C ASN J 310 -7.76 81.64 -31.65
N PRO J 311 -7.95 80.48 -30.97
CA PRO J 311 -7.52 79.20 -31.53
C PRO J 311 -8.00 78.92 -32.95
N ILE J 312 -7.21 78.19 -33.73
CA ILE J 312 -7.64 77.75 -35.05
C ILE J 312 -7.44 76.26 -35.14
N GLU J 313 -8.20 75.59 -36.00
CA GLU J 313 -8.18 74.12 -36.03
C GLU J 313 -7.02 73.57 -36.88
N PRO J 314 -6.37 72.51 -36.42
CA PRO J 314 -5.33 71.85 -37.23
C PRO J 314 -5.87 71.30 -38.55
N SER J 315 -5.05 71.37 -39.59
CA SER J 315 -5.49 71.05 -40.93
C SER J 315 -4.41 70.36 -41.74
N THR J 316 -4.80 69.44 -42.61
CA THR J 316 -3.85 68.90 -43.60
C THR J 316 -3.79 69.88 -44.77
N VAL J 317 -2.63 70.00 -45.40
CA VAL J 317 -2.49 70.95 -46.52
C VAL J 317 -3.14 70.39 -47.77
N THR J 318 -3.96 71.22 -48.42
CA THR J 318 -4.67 70.83 -49.64
C THR J 318 -4.82 72.01 -50.60
N VAL J 319 -4.64 73.23 -50.08
CA VAL J 319 -4.70 74.42 -50.92
C VAL J 319 -3.31 74.98 -51.22
N LEU J 320 -3.01 75.14 -52.51
CA LEU J 320 -1.72 75.63 -52.96
C LEU J 320 -1.89 76.92 -53.77
N GLY J 321 -0.91 77.82 -53.64
CA GLY J 321 -0.85 79.03 -54.46
C GLY J 321 0.37 78.91 -55.34
N ILE J 322 0.18 78.49 -56.58
CA ILE J 322 1.31 78.26 -57.47
C ILE J 322 1.71 79.51 -58.28
N THR J 323 2.97 79.88 -58.21
CA THR J 323 3.52 80.85 -59.15
C THR J 323 4.66 80.19 -59.94
N SER J 324 5.10 80.83 -61.03
CA SER J 324 6.09 80.23 -61.90
C SER J 324 7.39 80.09 -61.14
N ASN J 325 7.73 81.11 -60.34
CA ASN J 325 8.98 81.13 -59.58
C ASN J 325 9.03 80.68 -58.10
N PHE J 326 7.92 80.19 -57.57
CA PHE J 326 7.80 79.84 -56.14
C PHE J 326 6.39 79.35 -55.84
N TYR J 327 6.34 78.38 -54.94
CA TYR J 327 5.11 77.71 -54.62
C TYR J 327 4.81 77.96 -53.15
N GLN J 328 3.56 78.23 -52.84
CA GLN J 328 3.20 78.59 -51.47
C GLN J 328 2.01 77.83 -50.90
N CYS J 329 2.01 77.67 -49.58
CA CYS J 329 0.91 77.03 -48.87
C CYS J 329 0.89 77.40 -47.38
N SER J 330 -0.15 76.93 -46.68
CA SER J 330 -0.30 77.19 -45.25
C SER J 330 -0.71 75.95 -44.45
N PHE J 331 -0.12 75.82 -43.28
CA PHE J 331 -0.36 74.69 -42.43
C PHE J 331 -0.68 75.25 -41.07
N SER J 332 -1.72 74.70 -40.46
CA SER J 332 -2.12 75.03 -39.10
C SER J 332 -1.96 73.81 -38.20
N SER J 333 -1.36 74.02 -37.03
CA SER J 333 -1.19 72.94 -36.06
C SER J 333 -1.62 73.29 -34.64
N LEU J 334 -1.78 72.26 -33.81
CA LEU J 334 -1.83 72.48 -32.39
C LEU J 334 -0.45 72.94 -31.96
N PRO J 335 -0.32 73.42 -30.72
CA PRO J 335 1.02 73.82 -30.26
C PRO J 335 1.99 72.61 -30.21
N PHE J 336 3.28 72.87 -30.08
CA PHE J 336 4.24 71.80 -29.89
C PHE J 336 4.69 71.78 -28.45
N SER J 337 4.82 70.60 -27.83
CA SER J 337 5.55 70.56 -26.54
C SER J 337 6.92 69.87 -26.67
N ILE J 338 7.10 69.14 -27.77
CA ILE J 338 8.38 68.54 -28.16
C ILE J 338 8.66 69.03 -29.57
N PRO J 339 9.89 69.47 -29.85
CA PRO J 339 10.10 69.96 -31.20
C PRO J 339 9.92 68.82 -32.20
N PRO J 340 9.18 69.05 -33.30
CA PRO J 340 9.17 68.02 -34.34
C PRO J 340 10.36 68.24 -35.28
N PHE J 341 11.19 67.20 -35.43
CA PHE J 341 12.48 67.40 -36.05
C PHE J 341 12.32 67.76 -37.50
N ALA J 342 13.09 68.76 -37.91
CA ALA J 342 13.11 69.26 -39.29
C ALA J 342 11.92 70.14 -39.68
N PHE J 343 10.98 70.32 -38.77
CA PHE J 343 9.95 71.30 -39.03
C PHE J 343 10.58 72.69 -39.01
N PHE J 344 11.21 73.04 -37.91
CA PHE J 344 12.02 74.23 -37.84
C PHE J 344 13.50 73.88 -38.10
N PRO J 345 14.28 74.85 -38.62
CA PRO J 345 15.57 74.46 -39.17
C PRO J 345 16.59 73.88 -38.18
N ASN J 346 16.35 74.08 -36.87
CA ASN J 346 17.33 73.70 -35.82
C ASN J 346 16.67 73.24 -34.50
N PRO J 347 17.36 72.40 -33.67
CA PRO J 347 16.68 71.91 -32.47
C PRO J 347 16.46 73.03 -31.46
N THR J 348 17.04 74.20 -31.72
CA THR J 348 17.02 75.34 -30.79
C THR J 348 15.91 76.40 -30.99
N TYR J 349 15.00 76.16 -31.91
CA TYR J 349 13.97 77.13 -32.30
C TYR J 349 12.89 77.20 -31.21
N PRO J 350 12.37 78.40 -30.91
CA PRO J 350 11.30 78.62 -29.94
C PRO J 350 10.00 77.95 -30.36
N LEU J 351 9.37 77.21 -29.45
CA LEU J 351 8.21 76.40 -29.80
C LEU J 351 6.90 77.11 -29.57
N PRO J 352 5.85 76.77 -30.33
CA PRO J 352 4.59 77.44 -30.09
C PRO J 352 3.84 76.88 -28.89
N ASN J 353 3.46 77.74 -27.95
CA ASN J 353 2.59 77.32 -26.82
C ASN J 353 1.07 77.50 -27.05
N SER J 354 0.65 77.69 -28.29
CA SER J 354 -0.77 77.64 -28.60
C SER J 354 -0.95 77.29 -30.08
N THR J 355 -2.20 77.21 -30.56
CA THR J 355 -2.45 76.93 -31.98
C THR J 355 -1.75 77.93 -32.90
N PHE J 356 -1.12 77.43 -33.97
CA PHE J 356 -0.48 78.32 -34.96
C PHE J 356 -0.73 78.02 -36.42
N ALA J 357 -0.40 79.00 -37.26
CA ALA J 357 -0.36 78.82 -38.71
C ALA J 357 1.06 79.06 -39.24
N HIS J 358 1.41 78.26 -40.23
CA HIS J 358 2.73 78.25 -40.85
C HIS J 358 2.51 78.58 -42.33
N PHE J 359 2.99 79.74 -42.78
CA PHE J 359 2.88 80.07 -44.19
C PHE J 359 4.22 79.80 -44.81
N VAL J 360 4.20 78.97 -45.83
CA VAL J 360 5.43 78.44 -46.37
C VAL J 360 5.64 78.84 -47.81
N ASN J 361 6.91 79.00 -48.16
CA ASN J 361 7.30 79.29 -49.50
C ASN J 361 8.36 78.32 -49.94
N LYS J 362 8.16 77.76 -51.12
CA LYS J 362 9.14 76.91 -51.77
C LYS J 362 9.65 77.54 -53.08
N VAL J 363 10.96 77.56 -53.27
CA VAL J 363 11.57 77.98 -54.52
C VAL J 363 11.67 76.77 -55.44
N PRO J 364 11.37 76.94 -56.72
CA PRO J 364 11.63 75.89 -57.72
C PRO J 364 13.09 75.80 -58.16
N GLY J 365 13.37 74.77 -58.97
CA GLY J 365 14.72 74.30 -59.21
C GLY J 365 15.08 73.43 -58.02
N PRO J 366 15.97 73.90 -57.15
CA PRO J 366 16.69 75.16 -57.21
C PRO J 366 17.89 75.08 -58.15
N LEU J 367 18.47 76.21 -58.49
CA LEU J 367 19.66 76.18 -59.35
C LEU J 367 20.93 75.82 -58.55
N SER J 368 20.83 75.97 -57.22
CA SER J 368 21.91 75.67 -56.27
C SER J 368 22.03 74.18 -55.98
N TYR J 369 23.25 73.66 -55.90
CA TYR J 369 23.40 72.25 -55.55
C TYR J 369 24.56 71.94 -54.64
N GLY J 370 24.57 70.68 -54.18
CA GLY J 370 25.56 70.16 -53.25
C GLY J 370 26.09 68.79 -53.63
N SER J 371 26.47 67.98 -52.65
CA SER J 371 27.24 66.77 -52.90
C SER J 371 27.09 65.79 -51.76
N ILE J 372 26.88 64.51 -52.06
CA ILE J 372 26.96 63.44 -51.04
C ILE J 372 28.41 63.04 -50.85
N THR J 373 28.84 62.99 -49.59
CA THR J 373 30.05 62.27 -49.23
C THR J 373 29.74 61.20 -48.17
N LEU J 374 30.57 60.16 -48.13
CA LEU J 374 30.44 59.08 -47.15
C LEU J 374 31.31 59.36 -45.95
N ASN J 375 31.06 58.69 -44.83
CA ASN J 375 32.05 58.69 -43.73
C ASN J 375 32.25 57.37 -42.94
N SER J 376 31.50 56.35 -43.32
CA SER J 376 31.81 54.99 -42.93
C SER J 376 31.51 54.13 -44.16
N ASP J 377 32.26 53.06 -44.40
CA ASP J 377 33.62 52.79 -43.89
C ASP J 377 34.18 51.50 -44.54
N SER J 378 33.39 50.74 -45.32
CA SER J 378 31.95 50.91 -45.61
C SER J 378 31.14 50.63 -44.35
N ASP J 379 29.95 51.23 -44.26
CA ASP J 379 28.86 50.73 -43.39
C ASP J 379 27.59 51.50 -43.71
N VAL J 380 26.71 50.87 -44.48
CA VAL J 380 25.53 51.55 -45.04
C VAL J 380 24.59 52.12 -43.97
N ARG J 381 24.68 51.59 -42.75
CA ARG J 381 23.90 52.09 -41.61
C ARG J 381 24.37 53.45 -41.02
N VAL J 382 25.47 54.02 -41.53
CA VAL J 382 25.84 55.38 -41.13
C VAL J 382 25.45 56.40 -42.16
N ALA J 383 24.54 57.30 -41.81
CA ALA J 383 24.09 58.40 -42.70
C ALA J 383 25.28 59.06 -43.42
N PRO J 384 25.13 59.31 -44.75
CA PRO J 384 26.14 60.07 -45.49
C PRO J 384 25.95 61.56 -45.24
N ASN J 385 27.00 62.37 -45.45
CA ASN J 385 26.86 63.84 -45.40
C ASN J 385 26.14 64.38 -46.61
N VAL J 386 25.42 65.47 -46.45
CA VAL J 386 24.94 66.23 -47.60
C VAL J 386 25.03 67.73 -47.37
N LYS J 387 25.62 68.42 -48.31
CA LYS J 387 25.64 69.85 -48.33
C LYS J 387 24.73 70.22 -49.41
N PHE J 388 23.98 71.27 -49.22
CA PHE J 388 22.98 71.62 -50.24
C PHE J 388 23.30 72.96 -50.91
N ASN J 389 24.03 73.80 -50.18
CA ASN J 389 24.45 75.11 -50.68
C ASN J 389 23.29 76.04 -51.05
N TYR J 390 22.35 76.23 -50.12
CA TYR J 390 21.19 77.09 -50.32
C TYR J 390 21.66 78.50 -50.62
N TYR J 391 20.93 79.15 -51.53
CA TYR J 391 21.12 80.55 -51.90
C TYR J 391 22.50 80.81 -52.43
N SER J 392 23.06 79.77 -53.05
CA SER J 392 24.41 79.85 -53.57
C SER J 392 24.34 80.41 -54.97
N ASN J 393 23.36 79.96 -55.72
CA ASN J 393 23.11 80.52 -57.01
C ASN J 393 22.15 81.69 -56.81
N SER J 394 22.60 82.87 -57.18
CA SER J 394 21.87 84.10 -56.86
C SER J 394 20.44 84.19 -57.45
N THR J 395 20.16 83.43 -58.50
CA THR J 395 18.83 83.42 -59.06
C THR J 395 17.88 82.78 -58.06
N ASP J 396 18.36 81.79 -57.33
CA ASP J 396 17.50 81.08 -56.40
C ASP J 396 16.96 82.02 -55.33
N LEU J 397 17.83 82.89 -54.82
CA LEU J 397 17.47 83.88 -53.80
C LEU J 397 16.61 85.04 -54.32
N ALA J 398 16.73 85.39 -55.61
CA ALA J 398 15.76 86.30 -56.21
C ALA J 398 14.34 85.77 -56.03
N HIS J 399 14.16 84.45 -56.20
CA HIS J 399 12.82 83.82 -56.11
C HIS J 399 12.32 83.76 -54.66
N CYS J 400 13.25 83.67 -53.71
CA CYS J 400 12.88 83.69 -52.32
C CYS J 400 12.46 85.10 -51.93
N VAL J 401 13.15 86.12 -52.43
CA VAL J 401 12.70 87.50 -52.18
C VAL J 401 11.27 87.75 -52.71
N SER J 402 11.04 87.36 -53.96
CA SER J 402 9.74 87.51 -54.61
C SER J 402 8.67 86.73 -53.87
N GLY J 403 8.99 85.46 -53.55
CA GLY J 403 8.12 84.57 -52.77
C GLY J 403 7.70 85.13 -51.43
N MET J 404 8.66 85.72 -50.71
CA MET J 404 8.44 86.24 -49.36
C MET J 404 7.67 87.52 -49.33
N LYS J 405 7.87 88.34 -50.36
CA LYS J 405 7.11 89.57 -50.52
C LYS J 405 5.66 89.25 -50.70
N LYS J 406 5.37 88.13 -51.37
CA LYS J 406 3.99 87.72 -51.63
C LYS J 406 3.30 87.23 -50.36
N ILE J 407 4.02 86.47 -49.53
CA ILE J 407 3.54 86.11 -48.19
C ILE J 407 3.26 87.36 -47.36
N GLY J 408 3.96 88.44 -47.65
CA GLY J 408 3.61 89.73 -47.07
C GLY J 408 2.31 90.34 -47.59
N GLU J 409 1.99 90.08 -48.85
CA GLU J 409 0.72 90.53 -49.42
C GLU J 409 -0.42 89.65 -48.92
N LEU J 410 -0.09 88.41 -48.55
CA LEU J 410 -1.06 87.50 -47.92
C LEU J 410 -1.48 88.01 -46.56
N LEU J 411 -0.50 88.28 -45.70
CA LEU J 411 -0.76 88.76 -44.35
C LEU J 411 -1.43 90.12 -44.40
N SER J 412 -1.46 90.69 -45.60
CA SER J 412 -2.13 91.96 -45.79
C SER J 412 -3.60 91.88 -46.19
N SER J 413 -4.07 90.76 -46.73
CA SER J 413 -5.46 90.67 -47.18
C SER J 413 -6.50 90.55 -46.04
N ASP J 414 -7.73 90.97 -46.32
CA ASP J 414 -8.84 90.97 -45.35
C ASP J 414 -9.15 89.60 -44.75
N ALA J 415 -9.18 88.58 -45.62
CA ALA J 415 -9.26 87.17 -45.24
C ALA J 415 -8.49 86.83 -43.96
N LEU J 416 -7.33 87.48 -43.81
CA LEU J 416 -6.39 87.24 -42.71
C LEU J 416 -6.47 88.25 -41.57
N LYS J 417 -7.16 89.36 -41.80
CA LYS J 417 -7.40 90.37 -40.76
C LYS J 417 -7.84 89.80 -39.42
N PRO J 418 -8.75 88.80 -39.41
CA PRO J 418 -9.23 88.26 -38.12
C PRO J 418 -8.18 87.53 -37.30
N TYR J 419 -7.05 87.20 -37.92
CA TYR J 419 -6.02 86.47 -37.21
C TYR J 419 -4.85 87.35 -36.78
N LYS J 420 -5.07 88.66 -36.81
CA LYS J 420 -4.14 89.65 -36.26
C LYS J 420 -4.47 89.84 -34.79
N VAL J 421 -3.45 90.16 -33.99
CA VAL J 421 -3.62 90.28 -32.53
C VAL J 421 -4.07 91.68 -32.16
N GLU J 422 -3.49 92.68 -32.81
CA GLU J 422 -3.98 94.05 -32.72
C GLU J 422 -4.27 94.57 -34.12
N ASP J 423 -5.17 95.55 -34.21
CA ASP J 423 -5.65 96.11 -35.48
C ASP J 423 -4.67 97.17 -36.01
N LEU J 424 -3.75 96.74 -36.88
CA LEU J 424 -2.83 97.62 -37.59
C LEU J 424 -2.96 97.33 -39.09
N PRO J 425 -2.31 98.16 -39.94
CA PRO J 425 -2.32 97.92 -41.41
C PRO J 425 -1.19 97.04 -41.94
N GLY J 426 -1.50 96.23 -42.95
CA GLY J 426 -0.49 95.38 -43.63
C GLY J 426 0.07 94.22 -42.82
N ILE J 427 1.35 93.92 -43.01
CA ILE J 427 2.01 92.83 -42.27
C ILE J 427 2.11 93.13 -40.78
N ASP J 428 1.77 94.37 -40.40
CA ASP J 428 1.84 94.83 -39.01
C ASP J 428 0.79 94.20 -38.11
N GLY J 429 1.15 94.00 -36.86
CA GLY J 429 0.17 93.58 -35.86
C GLY J 429 -0.28 92.13 -35.82
N PHE J 430 0.45 91.22 -36.46
CA PHE J 430 0.32 89.79 -36.17
C PHE J 430 1.22 89.48 -34.98
N ASP J 431 1.09 88.30 -34.40
CA ASP J 431 2.00 87.91 -33.36
C ASP J 431 2.87 86.76 -33.87
N ILE J 432 4.12 87.06 -34.21
CA ILE J 432 4.94 86.14 -35.01
C ILE J 432 5.86 85.28 -34.17
N LEU J 433 5.75 83.96 -34.32
CA LEU J 433 6.69 83.03 -33.73
C LEU J 433 7.93 82.92 -34.66
N GLY J 434 9.11 83.26 -34.13
CA GLY J 434 10.34 83.23 -34.93
C GLY J 434 10.69 84.52 -35.67
N ILE J 435 11.38 84.38 -36.80
CA ILE J 435 11.88 85.56 -37.51
C ILE J 435 10.82 86.24 -38.39
N PRO J 436 10.48 87.51 -38.12
CA PRO J 436 9.44 88.21 -38.88
C PRO J 436 9.94 88.77 -40.21
N LEU J 437 9.01 89.07 -41.12
CA LEU J 437 9.35 89.76 -42.36
C LEU J 437 9.85 91.18 -42.10
N PRO J 438 10.75 91.68 -42.95
CA PRO J 438 11.17 93.08 -42.90
C PRO J 438 10.00 94.07 -42.92
N GLU J 439 10.23 95.29 -42.43
CA GLU J 439 9.18 96.33 -42.32
C GLU J 439 8.68 96.77 -43.68
N ASN J 440 9.58 97.41 -44.43
CA ASN J 440 9.30 97.89 -45.78
C ASN J 440 9.21 96.73 -46.74
N GLN J 441 8.05 96.58 -47.37
CA GLN J 441 7.83 95.47 -48.26
C GLN J 441 8.69 95.48 -49.51
N THR J 442 9.27 96.64 -49.82
CA THR J 442 10.15 96.77 -50.98
C THR J 442 11.63 96.81 -50.58
N ASP J 443 11.97 96.30 -49.40
CA ASP J 443 13.36 96.23 -48.94
C ASP J 443 14.06 94.96 -49.37
N ASP J 444 14.63 94.99 -50.56
CA ASP J 444 15.26 93.81 -51.15
C ASP J 444 16.42 93.31 -50.35
N ALA J 445 17.16 94.21 -49.69
CA ALA J 445 18.34 93.81 -48.93
C ALA J 445 17.94 92.94 -47.75
N ALA J 446 17.05 93.47 -46.91
CA ALA J 446 16.55 92.75 -45.76
C ALA J 446 15.86 91.44 -46.18
N PHE J 447 15.16 91.47 -47.31
CA PHE J 447 14.48 90.25 -47.80
C PHE J 447 15.44 89.13 -48.19
N GLU J 448 16.60 89.50 -48.71
CA GLU J 448 17.68 88.55 -48.97
C GLU J 448 18.24 87.96 -47.67
N THR J 449 18.50 88.84 -46.71
CA THR J 449 19.01 88.49 -45.38
C THR J 449 18.00 87.63 -44.63
N PHE J 450 16.72 87.84 -44.89
CA PHE J 450 15.68 87.05 -44.25
C PHE J 450 15.70 85.64 -44.81
N CYS J 451 15.74 85.53 -46.13
CA CYS J 451 15.83 84.24 -46.80
C CYS J 451 17.04 83.41 -46.38
N ARG J 452 18.22 84.03 -46.43
CA ARG J 452 19.46 83.39 -46.00
C ARG J 452 19.37 82.96 -44.53
N GLU J 453 19.10 83.90 -43.64
CA GLU J 453 19.13 83.59 -42.21
C GLU J 453 17.99 82.70 -41.69
N ALA J 454 16.84 82.72 -42.34
CA ALA J 454 15.64 81.95 -41.90
C ALA J 454 15.39 80.60 -42.61
N VAL J 455 16.27 80.17 -43.50
CA VAL J 455 15.98 79.02 -44.38
C VAL J 455 15.80 77.70 -43.62
N ALA J 456 14.90 76.86 -44.12
CA ALA J 456 14.77 75.49 -43.66
C ALA J 456 14.53 74.62 -44.90
N SER J 457 14.39 73.32 -44.72
CA SER J 457 14.20 72.46 -45.88
C SER J 457 12.72 72.31 -46.14
N TYR J 458 12.36 72.13 -47.41
CA TYR J 458 10.98 71.86 -47.77
C TYR J 458 10.81 70.36 -47.87
N TRP J 459 11.92 69.63 -47.71
CA TRP J 459 11.93 68.16 -47.61
C TRP J 459 11.97 67.45 -48.95
N HIS J 460 12.09 68.23 -50.03
CA HIS J 460 12.06 67.67 -51.39
C HIS J 460 13.45 67.67 -52.06
N TYR J 461 14.46 67.35 -51.26
CA TYR J 461 15.81 67.14 -51.75
C TYR J 461 15.81 66.09 -52.84
N HIS J 462 16.72 66.21 -53.79
CA HIS J 462 16.77 65.29 -54.92
C HIS J 462 18.09 65.36 -55.70
N GLY J 463 18.29 64.44 -56.63
CA GLY J 463 19.52 64.42 -57.41
C GLY J 463 20.57 63.46 -56.87
N GLY J 464 21.80 63.62 -57.34
CA GLY J 464 22.91 62.81 -56.87
C GLY J 464 23.22 61.69 -57.81
N CYS J 465 22.26 61.34 -58.66
CA CYS J 465 22.51 60.34 -59.66
C CYS J 465 21.79 60.72 -60.96
N LEU J 466 22.23 61.84 -61.56
CA LEU J 466 21.48 62.58 -62.62
C LEU J 466 21.38 61.92 -64.01
N VAL J 467 20.20 62.00 -64.62
CA VAL J 467 19.98 61.51 -66.00
C VAL J 467 20.81 62.35 -66.98
N GLY J 468 21.66 61.66 -67.76
CA GLY J 468 22.62 62.35 -68.64
C GLY J 468 23.90 62.79 -67.94
N GLU J 469 24.28 62.02 -66.93
CA GLU J 469 25.42 62.32 -66.06
C GLU J 469 25.90 61.01 -65.42
N VAL J 470 24.97 60.29 -64.78
CA VAL J 470 25.22 58.91 -64.31
C VAL J 470 24.33 57.94 -65.08
N LEU J 471 23.12 58.37 -65.40
CA LEU J 471 22.15 57.54 -66.10
C LEU J 471 22.03 57.88 -67.60
N ASP J 472 21.12 57.16 -68.27
CA ASP J 472 20.67 57.47 -69.63
C ASP J 472 19.13 57.55 -69.68
N GLY J 473 18.55 57.69 -70.87
CA GLY J 473 17.11 57.89 -71.06
C GLY J 473 16.24 56.73 -70.63
N ASP J 474 16.90 55.64 -70.23
CA ASP J 474 16.17 54.48 -69.74
C ASP J 474 16.48 54.17 -68.29
N PHE J 475 17.18 55.09 -67.62
CA PHE J 475 17.47 55.00 -66.20
C PHE J 475 18.42 53.83 -66.01
N ARG J 476 19.43 53.77 -66.87
CA ARG J 476 20.43 52.72 -66.84
C ARG J 476 21.74 53.36 -66.52
N VAL J 477 22.45 52.80 -65.56
CA VAL J 477 23.77 53.27 -65.16
C VAL J 477 24.80 53.02 -66.28
N THR J 478 25.20 54.07 -66.98
CA THR J 478 25.96 53.91 -68.24
C THR J 478 27.21 53.05 -68.03
N GLY J 479 27.42 52.11 -68.96
CA GLY J 479 28.61 51.27 -69.00
C GLY J 479 28.49 50.00 -68.17
N ILE J 480 27.47 49.97 -67.32
CA ILE J 480 27.17 48.82 -66.47
C ILE J 480 25.89 48.17 -66.96
N ASN J 481 25.99 46.93 -67.37
CA ASN J 481 24.81 46.15 -67.71
C ASN J 481 23.98 45.74 -66.49
N ALA J 482 22.68 45.64 -66.71
CA ALA J 482 21.72 45.12 -65.73
C ALA J 482 21.69 45.88 -64.41
N LEU J 483 21.83 47.20 -64.47
CA LEU J 483 21.71 48.04 -63.28
C LEU J 483 20.99 49.33 -63.66
N ARG J 484 20.01 49.69 -62.86
CA ARG J 484 19.16 50.85 -63.11
C ARG J 484 18.90 51.63 -61.84
N VAL J 485 18.48 52.88 -61.98
CA VAL J 485 18.09 53.71 -60.83
C VAL J 485 16.76 54.39 -61.11
N VAL J 486 15.83 54.25 -60.18
CA VAL J 486 14.45 54.70 -60.36
C VAL J 486 13.93 55.28 -59.04
N ASP J 487 14.22 56.55 -58.82
CA ASP J 487 13.66 57.30 -57.70
C ASP J 487 13.91 58.80 -57.90
N GLY J 488 13.85 59.56 -56.81
CA GLY J 488 13.98 60.99 -56.88
C GLY J 488 15.41 61.46 -56.78
N SER J 489 16.32 60.78 -57.47
CA SER J 489 17.67 61.26 -57.51
C SER J 489 18.08 61.27 -58.94
N THR J 490 17.13 60.96 -59.80
CA THR J 490 17.43 60.84 -61.20
C THR J 490 17.45 62.19 -61.88
N PHE J 491 16.73 63.18 -61.35
CA PHE J 491 16.66 64.51 -61.96
C PHE J 491 17.04 65.68 -61.05
N PRO J 492 17.52 66.80 -61.64
CA PRO J 492 17.93 68.03 -60.91
C PRO J 492 16.84 68.93 -60.32
N TYR J 493 15.76 69.23 -61.03
CA TYR J 493 14.79 70.21 -60.50
C TYR J 493 13.52 69.58 -59.97
N SER J 494 12.85 70.24 -59.04
CA SER J 494 11.57 69.73 -58.55
C SER J 494 10.54 69.67 -59.69
N PRO J 495 9.77 68.57 -59.78
CA PRO J 495 8.79 68.36 -60.85
C PRO J 495 7.45 69.07 -60.69
N ALA J 496 7.23 69.70 -59.54
CA ALA J 496 5.98 70.40 -59.20
C ALA J 496 6.22 71.02 -57.82
N SER J 497 5.19 71.56 -57.18
CA SER J 497 5.38 72.06 -55.82
C SER J 497 5.53 70.90 -54.86
N HIS J 498 5.03 69.73 -55.27
CA HIS J 498 5.03 68.55 -54.42
C HIS J 498 5.28 67.31 -55.26
N PRO J 499 6.43 66.66 -55.08
CA PRO J 499 6.96 65.70 -56.02
C PRO J 499 6.51 64.24 -55.84
N GLN J 500 5.69 63.96 -54.83
CA GLN J 500 5.46 62.55 -54.54
C GLN J 500 4.74 61.87 -55.70
N GLY J 501 3.73 62.53 -56.23
CA GLY J 501 3.06 62.04 -57.43
C GLY J 501 4.04 61.67 -58.52
N PHE J 502 4.95 62.58 -58.85
CA PHE J 502 5.88 62.34 -59.93
C PHE J 502 6.61 61.01 -59.73
N TYR J 503 7.07 60.75 -58.51
CA TYR J 503 7.87 59.54 -58.22
C TYR J 503 7.04 58.27 -58.03
N LEU J 504 5.81 58.43 -57.56
CA LEU J 504 4.90 57.29 -57.55
C LEU J 504 4.70 56.84 -59.00
N MET J 505 4.54 57.79 -59.92
CA MET J 505 4.26 57.46 -61.30
C MET J 505 5.52 56.92 -61.95
N LEU J 506 6.67 57.44 -61.52
CA LEU J 506 7.94 57.06 -62.09
C LEU J 506 8.19 55.57 -61.94
N GLY J 507 7.57 54.99 -60.90
CA GLY J 507 7.83 53.62 -60.49
C GLY J 507 7.24 52.69 -61.50
N ARG J 508 5.94 52.89 -61.77
CA ARG J 508 5.25 52.12 -62.79
C ARG J 508 5.74 52.51 -64.20
N TYR J 509 5.99 53.80 -64.45
CA TYR J 509 6.45 54.17 -65.79
C TYR J 509 7.70 53.32 -66.12
N VAL J 510 8.77 53.46 -65.36
CA VAL J 510 9.99 52.73 -65.70
C VAL J 510 9.77 51.23 -65.56
N GLY J 511 8.75 50.82 -64.81
CA GLY J 511 8.40 49.41 -64.72
C GLY J 511 7.83 48.90 -66.03
N SER J 512 6.96 49.70 -66.65
CA SER J 512 6.30 49.31 -67.88
C SER J 512 7.19 49.48 -69.10
N LYS J 513 8.26 50.27 -68.99
CA LYS J 513 9.29 50.32 -70.02
C LYS J 513 10.10 49.02 -70.02
N ILE J 514 10.56 48.62 -68.85
CA ILE J 514 11.32 47.39 -68.71
C ILE J 514 10.51 46.23 -69.30
N LEU J 515 9.25 46.14 -68.90
CA LEU J 515 8.33 45.12 -69.41
C LEU J 515 8.17 45.16 -70.95
N GLN J 516 7.96 46.37 -71.50
CA GLN J 516 7.82 46.56 -72.94
C GLN J 516 9.08 46.23 -73.72
N GLU J 517 10.27 46.48 -73.17
CA GLU J 517 11.49 46.11 -73.87
C GLU J 517 11.86 44.64 -73.66
N ARG J 518 11.19 43.97 -72.72
CA ARG J 518 11.41 42.55 -72.53
C ARG J 518 10.81 41.71 -73.64
N SER J 519 9.53 41.92 -73.95
CA SER J 519 8.90 41.30 -75.12
C SER J 519 9.66 41.64 -76.41
N ALA J 520 10.07 42.92 -76.55
CA ALA J 520 10.93 43.40 -77.65
C ALA J 520 12.13 42.45 -77.96
N ALA J 521 12.90 42.11 -76.92
CA ALA J 521 14.02 41.15 -77.03
C ALA J 521 13.54 39.69 -76.98
N LEU K 1 -21.98 36.05 -53.78
CA LEU K 1 -20.63 35.43 -53.64
C LEU K 1 -19.57 36.54 -53.71
N ALA K 2 -18.36 36.25 -53.25
CA ALA K 2 -17.25 37.18 -53.47
C ALA K 2 -16.48 36.79 -54.75
N THR K 3 -15.44 37.54 -55.06
CA THR K 3 -14.65 37.25 -56.25
C THR K 3 -13.20 37.00 -55.84
N THR K 4 -12.51 36.21 -56.66
CA THR K 4 -11.12 35.78 -56.38
C THR K 4 -10.19 36.98 -56.13
N SER K 5 -9.37 36.88 -55.08
CA SER K 5 -8.59 38.01 -54.56
C SER K 5 -7.58 37.58 -53.50
N ASP K 6 -6.84 38.55 -52.96
CA ASP K 6 -5.90 38.33 -51.86
C ASP K 6 -6.58 38.26 -50.51
N HIS K 7 -5.95 37.57 -49.57
CA HIS K 7 -6.40 37.65 -48.17
C HIS K 7 -6.25 39.10 -47.76
N ASP K 8 -7.32 39.63 -47.19
CA ASP K 8 -7.39 41.04 -46.87
C ASP K 8 -7.04 41.33 -45.41
N PHE K 9 -5.78 41.74 -45.21
CA PHE K 9 -5.24 42.08 -43.89
C PHE K 9 -5.40 43.57 -43.51
N SER K 10 -6.40 44.24 -44.01
CA SER K 10 -6.56 45.63 -43.72
C SER K 10 -6.85 45.91 -42.26
N TYR K 11 -7.04 44.85 -41.48
CA TYR K 11 -7.38 45.01 -40.07
C TYR K 11 -6.17 45.15 -39.16
N LEU K 12 -4.97 44.89 -39.69
CA LEU K 12 -3.79 44.98 -38.90
C LEU K 12 -3.42 46.35 -38.48
N SER K 13 -4.13 47.33 -38.98
CA SER K 13 -3.93 48.70 -38.53
C SER K 13 -4.51 48.90 -37.12
N PHE K 14 -5.47 48.05 -36.73
CA PHE K 14 -5.99 48.06 -35.37
C PHE K 14 -5.80 46.73 -34.64
N ALA K 15 -4.76 46.00 -35.01
CA ALA K 15 -4.43 44.76 -34.30
C ALA K 15 -3.21 45.00 -33.42
N TYR K 16 -3.20 44.40 -32.23
CA TYR K 16 -2.09 44.59 -31.27
C TYR K 16 -1.72 43.31 -30.52
N ASP K 17 -0.43 43.08 -30.34
CA ASP K 17 0.02 42.07 -29.39
C ASP K 17 -0.43 42.49 -28.01
N ALA K 18 -0.79 41.56 -27.13
CA ALA K 18 -1.35 41.97 -25.83
C ALA K 18 -0.37 42.76 -24.96
N THR K 19 0.91 42.63 -25.24
CA THR K 19 1.91 43.39 -24.53
C THR K 19 1.85 44.86 -24.92
N ASP K 20 1.29 45.15 -26.10
CA ASP K 20 1.09 46.54 -26.55
C ASP K 20 -0.18 47.20 -26.02
N LEU K 21 -1.11 46.43 -25.46
CA LEU K 21 -2.35 47.01 -24.94
C LEU K 21 -2.22 47.67 -23.56
N GLU K 22 -3.13 48.58 -23.28
CA GLU K 22 -3.22 49.21 -21.95
C GLU K 22 -3.32 48.14 -20.86
N LEU K 23 -2.72 48.39 -19.72
CA LEU K 23 -2.72 47.43 -18.63
C LEU K 23 -4.13 47.25 -18.01
N GLU K 24 -4.99 48.28 -18.15
CA GLU K 24 -6.43 48.12 -17.87
C GLU K 24 -7.23 49.11 -18.72
N GLY K 25 -8.35 48.65 -19.28
CA GLY K 25 -9.09 49.42 -20.28
C GLY K 25 -10.59 49.20 -20.31
N SER K 26 -11.32 50.19 -20.83
CA SER K 26 -12.79 50.19 -20.92
C SER K 26 -13.36 50.02 -22.32
N TYR K 27 -14.31 49.11 -22.46
CA TYR K 27 -15.00 48.93 -23.72
C TYR K 27 -16.48 48.80 -23.49
N ASP K 28 -17.24 48.83 -24.57
CA ASP K 28 -18.65 48.53 -24.46
C ASP K 28 -18.81 47.02 -24.55
N TYR K 29 -18.07 46.39 -25.45
CA TYR K 29 -18.13 44.94 -25.61
C TYR K 29 -16.75 44.30 -25.58
N VAL K 30 -16.66 43.18 -24.86
CA VAL K 30 -15.42 42.39 -24.82
C VAL K 30 -15.71 40.96 -25.34
N ILE K 31 -15.23 40.64 -26.53
CA ILE K 31 -15.41 39.30 -27.08
C ILE K 31 -14.20 38.43 -26.80
N VAL K 32 -14.42 37.28 -26.17
CA VAL K 32 -13.33 36.35 -25.87
C VAL K 32 -13.21 35.25 -26.92
N GLY K 33 -12.28 35.46 -27.85
CA GLY K 33 -11.96 34.47 -28.86
C GLY K 33 -12.22 35.01 -30.25
N GLY K 34 -11.16 35.37 -30.96
CA GLY K 34 -11.30 35.77 -32.36
C GLY K 34 -11.41 34.61 -33.35
N GLY K 35 -12.52 33.89 -33.30
CA GLY K 35 -12.69 32.75 -34.18
C GLY K 35 -13.72 32.90 -35.30
N THR K 36 -14.29 31.76 -35.67
CA THR K 36 -15.32 31.68 -36.68
C THR K 36 -16.50 32.57 -36.29
N SER K 37 -17.02 32.38 -35.09
CA SER K 37 -18.10 33.26 -34.59
C SER K 37 -17.61 34.61 -34.05
N GLY K 38 -16.48 34.60 -33.33
CA GLY K 38 -15.93 35.81 -32.72
C GLY K 38 -15.89 37.02 -33.65
N CYS K 39 -15.13 36.88 -34.73
CA CYS K 39 -14.85 38.03 -35.60
C CYS K 39 -16.09 38.72 -36.17
N PRO K 40 -17.01 37.96 -36.84
CA PRO K 40 -18.24 38.59 -37.34
C PRO K 40 -19.04 39.28 -36.24
N LEU K 41 -19.15 38.63 -35.09
CA LEU K 41 -19.81 39.25 -33.94
C LEU K 41 -19.13 40.59 -33.60
N ALA K 42 -17.80 40.56 -33.51
CA ALA K 42 -17.00 41.74 -33.15
C ALA K 42 -17.13 42.82 -34.21
N ALA K 43 -16.99 42.43 -35.48
CA ALA K 43 -17.25 43.29 -36.63
C ALA K 43 -18.58 44.07 -36.52
N THR K 44 -19.65 43.33 -36.25
CA THR K 44 -21.01 43.86 -36.22
C THR K 44 -21.17 44.86 -35.08
N LEU K 45 -20.66 44.53 -33.91
CA LEU K 45 -20.80 45.42 -32.75
C LEU K 45 -20.00 46.72 -32.90
N SER K 46 -18.90 46.68 -33.64
CA SER K 46 -18.07 47.87 -33.86
C SER K 46 -18.78 48.90 -34.73
N GLU K 47 -19.89 48.50 -35.30
CA GLU K 47 -20.68 49.42 -36.07
C GLU K 47 -21.21 50.60 -35.24
N LYS K 48 -21.51 50.41 -33.96
N LYS K 48 -21.51 50.36 -33.96
CA LYS K 48 -21.91 51.54 -33.12
CA LYS K 48 -22.11 51.39 -33.10
C LYS K 48 -21.04 51.70 -31.88
C LYS K 48 -21.43 51.56 -31.73
N TYR K 49 -20.62 50.57 -31.32
CA TYR K 49 -19.96 50.57 -30.01
C TYR K 49 -18.50 50.16 -30.01
N LYS K 50 -17.82 50.54 -28.94
CA LYS K 50 -16.43 50.21 -28.76
C LYS K 50 -16.29 48.74 -28.34
N VAL K 51 -15.47 48.01 -29.09
CA VAL K 51 -15.34 46.55 -29.02
C VAL K 51 -13.88 46.15 -28.87
N LEU K 52 -13.59 45.16 -28.01
CA LEU K 52 -12.26 44.55 -27.94
C LEU K 52 -12.38 43.05 -28.16
N VAL K 53 -11.46 42.49 -28.94
CA VAL K 53 -11.47 41.06 -29.23
C VAL K 53 -10.19 40.51 -28.69
N LEU K 54 -10.29 39.46 -27.90
CA LEU K 54 -9.08 38.95 -27.32
C LEU K 54 -8.85 37.57 -27.88
N GLU K 55 -7.67 37.35 -28.44
CA GLU K 55 -7.34 36.10 -29.09
C GLU K 55 -6.05 35.58 -28.51
N ARG K 56 -6.03 34.31 -28.14
CA ARG K 56 -4.83 33.69 -27.56
C ARG K 56 -3.73 33.36 -28.58
N GLY K 57 -4.11 33.03 -29.82
CA GLY K 57 -3.17 32.71 -30.87
C GLY K 57 -2.57 33.95 -31.52
N THR K 58 -1.68 33.73 -32.49
CA THR K 58 -0.97 34.81 -33.20
C THR K 58 -1.79 35.31 -34.39
N LEU K 59 -1.23 36.23 -35.17
CA LEU K 59 -1.89 36.72 -36.38
C LEU K 59 -1.81 35.64 -37.44
N PRO K 60 -2.63 35.74 -38.50
CA PRO K 60 -2.44 34.75 -39.56
C PRO K 60 -1.10 34.86 -40.30
N THR K 61 -0.51 36.07 -40.31
CA THR K 61 0.74 36.32 -41.05
C THR K 61 1.96 35.63 -40.45
N ALA K 62 1.88 35.22 -39.18
CA ALA K 62 3.01 34.54 -38.51
C ALA K 62 3.27 33.10 -39.02
N TYR K 63 2.24 32.53 -39.63
CA TYR K 63 2.26 31.15 -40.04
C TYR K 63 1.63 31.12 -41.41
N PRO K 64 2.42 31.55 -42.43
CA PRO K 64 1.90 31.93 -43.75
C PRO K 64 1.26 30.76 -44.48
N ASN K 65 1.48 29.56 -43.94
CA ASN K 65 1.02 28.35 -44.62
C ASN K 65 -0.48 28.17 -44.68
N LEU K 66 -1.18 28.52 -43.61
CA LEU K 66 -2.64 28.38 -43.56
C LEU K 66 -3.33 29.45 -44.40
N LEU K 67 -2.58 30.15 -45.24
CA LEU K 67 -3.16 31.13 -46.14
C LEU K 67 -3.46 30.54 -47.53
N THR K 68 -2.86 29.39 -47.82
CA THR K 68 -3.14 28.61 -49.05
C THR K 68 -3.66 27.21 -48.70
N SER K 69 -4.45 26.63 -49.60
CA SER K 69 -4.87 25.22 -49.47
C SER K 69 -3.72 24.21 -49.52
N ASP K 70 -2.65 24.54 -50.26
CA ASP K 70 -1.40 23.77 -50.21
C ASP K 70 -1.11 23.46 -48.77
N GLY K 71 -1.35 24.48 -47.94
CA GLY K 71 -1.00 24.47 -46.53
C GLY K 71 -1.80 23.50 -45.68
N PHE K 72 -3.09 23.38 -45.98
CA PHE K 72 -4.01 22.63 -45.14
C PHE K 72 -3.33 21.48 -44.38
N ILE K 73 -2.62 20.64 -45.13
CA ILE K 73 -1.94 19.48 -44.59
C ILE K 73 -0.64 19.85 -43.88
N TYR K 74 0.07 20.85 -44.39
CA TYR K 74 1.30 21.28 -43.72
C TYR K 74 0.96 21.54 -42.26
N ASN K 75 -0.11 22.31 -42.04
CA ASN K 75 -0.55 22.74 -40.72
C ASN K 75 -0.75 21.65 -39.69
N LEU K 76 -1.40 20.57 -40.12
CA LEU K 76 -1.66 19.43 -39.25
C LEU K 76 -0.39 18.64 -38.97
N GLN K 77 0.58 18.77 -39.87
CA GLN K 77 1.83 18.02 -39.81
C GLN K 77 2.85 18.60 -38.80
N GLN K 78 2.69 19.90 -38.50
CA GLN K 78 3.55 20.64 -37.58
C GLN K 78 3.36 20.20 -36.16
N GLU K 79 4.48 19.98 -35.46
CA GLU K 79 4.48 19.63 -34.04
C GLU K 79 3.81 20.78 -33.28
N ASP K 80 3.28 20.51 -32.09
CA ASP K 80 2.67 21.58 -31.31
C ASP K 80 3.66 22.10 -30.29
N ASP K 81 3.90 23.41 -30.32
CA ASP K 81 4.83 24.08 -29.40
C ASP K 81 4.12 25.14 -28.55
N GLY K 82 2.79 25.19 -28.68
CA GLY K 82 1.98 26.13 -27.92
C GLY K 82 1.67 27.40 -28.69
N GLN K 83 2.52 27.72 -29.66
CA GLN K 83 2.38 28.95 -30.42
C GLN K 83 1.65 28.68 -31.72
N THR K 84 1.87 27.51 -32.29
CA THR K 84 1.38 27.19 -33.63
C THR K 84 -0.12 27.28 -33.77
N PRO K 85 -0.57 27.60 -34.98
CA PRO K 85 -1.98 27.77 -35.30
C PRO K 85 -2.88 26.55 -35.04
N VAL K 86 -2.28 25.36 -34.95
CA VAL K 86 -3.05 24.11 -34.79
C VAL K 86 -2.75 23.45 -33.43
N GLU K 87 -3.77 23.37 -32.58
CA GLU K 87 -3.57 22.70 -31.32
C GLU K 87 -4.02 21.25 -31.44
N ARG K 88 -3.11 20.35 -31.08
CA ARG K 88 -3.41 18.93 -31.04
C ARG K 88 -3.99 18.55 -29.70
N PHE K 89 -5.00 17.69 -29.69
CA PHE K 89 -5.52 17.12 -28.47
C PHE K 89 -6.06 15.72 -28.79
N VAL K 90 -6.13 14.86 -27.77
CA VAL K 90 -6.69 13.50 -27.90
C VAL K 90 -7.81 13.31 -26.88
N SER K 91 -8.96 12.81 -27.32
CA SER K 91 -10.14 12.66 -26.49
C SER K 91 -9.97 11.54 -25.49
N GLY K 92 -10.85 11.52 -24.49
CA GLY K 92 -10.91 10.45 -23.50
C GLY K 92 -11.15 9.11 -24.17
N ASP K 93 -11.74 9.14 -25.37
CA ASP K 93 -11.95 7.93 -26.19
C ASP K 93 -10.65 7.46 -26.85
N GLY K 94 -9.66 8.34 -26.94
CA GLY K 94 -8.37 8.03 -27.56
C GLY K 94 -8.26 8.46 -29.02
N ILE K 95 -9.11 9.41 -29.43
CA ILE K 95 -9.13 9.80 -30.84
C ILE K 95 -8.44 11.16 -31.11
N ASP K 96 -7.26 11.10 -31.72
CA ASP K 96 -6.59 12.27 -32.25
C ASP K 96 -7.57 13.31 -32.80
N ASP K 97 -7.21 14.59 -32.67
CA ASP K 97 -8.09 15.69 -33.08
C ASP K 97 -7.32 16.99 -32.95
N VAL K 98 -7.75 18.02 -33.66
CA VAL K 98 -7.14 19.35 -33.49
C VAL K 98 -8.18 20.48 -33.27
N ARG K 99 -7.67 21.66 -32.87
CA ARG K 99 -8.45 22.92 -32.88
C ARG K 99 -7.61 24.17 -33.26
N GLY K 100 -8.30 25.28 -33.57
CA GLY K 100 -7.65 26.55 -33.87
C GLY K 100 -7.04 27.30 -32.67
N ARG K 101 -5.80 27.75 -32.86
CA ARG K 101 -5.11 28.74 -32.02
C ARG K 101 -4.52 29.82 -32.95
N VAL K 102 -5.40 30.66 -33.47
CA VAL K 102 -5.04 31.71 -34.44
C VAL K 102 -6.21 32.65 -34.67
N LEU K 103 -5.91 33.92 -34.83
CA LEU K 103 -6.93 34.88 -35.24
C LEU K 103 -7.65 34.37 -36.49
N GLY K 104 -8.96 34.26 -36.36
CA GLY K 104 -9.80 33.52 -37.32
C GLY K 104 -10.36 32.21 -36.75
N GLY K 105 -9.70 31.72 -35.69
CA GLY K 105 -10.05 30.46 -35.05
C GLY K 105 -9.86 29.35 -36.03
N THR K 106 -10.63 28.28 -35.93
CA THR K 106 -10.48 27.16 -36.84
C THR K 106 -10.67 27.57 -38.31
N SER K 107 -11.67 28.33 -38.58
CA SER K 107 -11.79 28.94 -39.85
C SER K 107 -10.50 29.10 -40.57
N MET K 108 -9.38 29.11 -39.88
CA MET K 108 -8.07 29.44 -40.47
C MET K 108 -7.36 28.15 -40.89
N ILE K 109 -7.82 27.03 -40.34
CA ILE K 109 -7.12 25.78 -40.54
C ILE K 109 -8.12 24.73 -41.00
N ASN K 110 -9.34 25.15 -41.31
CA ASN K 110 -10.32 24.16 -41.71
C ASN K 110 -10.10 23.71 -43.17
N ALA K 111 -10.93 22.77 -43.66
CA ALA K 111 -10.86 22.27 -45.05
C ALA K 111 -11.52 23.23 -46.01
N GLY K 112 -12.14 24.27 -45.47
CA GLY K 112 -12.63 25.40 -46.26
C GLY K 112 -13.98 25.22 -46.93
N VAL K 113 -14.51 24.00 -46.84
CA VAL K 113 -15.84 23.72 -47.37
C VAL K 113 -16.88 24.62 -46.70
N TYR K 114 -17.64 25.35 -47.50
CA TYR K 114 -18.73 26.20 -47.01
C TYR K 114 -20.14 25.77 -47.44
N ALA K 115 -21.01 25.47 -46.48
CA ALA K 115 -22.43 25.23 -46.79
C ALA K 115 -23.35 25.81 -45.71
N ARG K 116 -24.46 26.39 -46.14
CA ARG K 116 -25.50 26.90 -45.22
C ARG K 116 -26.15 25.77 -44.44
N ALA K 117 -26.81 26.09 -43.34
CA ALA K 117 -27.42 25.06 -42.51
C ALA K 117 -28.71 24.54 -43.14
N ASN K 118 -29.04 23.28 -42.82
CA ASN K 118 -30.35 22.66 -43.12
C ASN K 118 -31.45 23.60 -42.64
N THR K 119 -32.22 24.15 -43.56
CA THR K 119 -33.23 25.15 -43.18
C THR K 119 -34.36 24.59 -42.28
N LYS K 120 -34.49 23.26 -42.18
CA LYS K 120 -35.44 22.62 -41.25
C LYS K 120 -35.04 22.69 -39.77
N ILE K 121 -33.78 23.08 -39.51
CA ILE K 121 -33.21 23.10 -38.15
C ILE K 121 -33.73 24.25 -37.26
N PHE K 122 -33.98 25.40 -37.88
CA PHE K 122 -34.34 26.62 -37.15
C PHE K 122 -35.64 26.48 -36.35
N SER K 123 -36.34 25.37 -36.56
CA SER K 123 -37.66 25.14 -35.96
C SER K 123 -37.59 24.54 -34.55
N ALA K 124 -37.07 23.31 -34.43
CA ALA K 124 -36.96 22.63 -33.13
C ALA K 124 -36.00 23.32 -32.14
N SER K 125 -35.24 24.31 -32.63
CA SER K 125 -33.93 24.68 -32.06
C SER K 125 -33.88 25.34 -30.67
N GLY K 126 -34.98 25.97 -30.27
CA GLY K 126 -35.01 26.66 -28.99
C GLY K 126 -35.02 28.16 -29.16
N ILE K 127 -34.28 28.70 -30.13
CA ILE K 127 -34.23 30.16 -30.32
C ILE K 127 -35.18 30.70 -31.41
N GLU K 128 -35.76 31.86 -31.19
CA GLU K 128 -36.72 32.47 -32.12
C GLU K 128 -36.03 33.22 -33.27
N TRP K 129 -36.02 32.58 -34.45
CA TRP K 129 -35.11 32.97 -35.53
C TRP K 129 -35.69 33.98 -36.53
N ASP K 130 -35.33 35.26 -36.41
CA ASP K 130 -35.64 36.25 -37.46
C ASP K 130 -34.99 35.82 -38.76
N MET K 131 -35.79 35.17 -39.62
CA MET K 131 -35.23 34.55 -40.82
C MET K 131 -34.80 35.55 -41.89
N ASP K 132 -35.46 36.70 -41.94
CA ASP K 132 -35.05 37.78 -42.83
C ASP K 132 -33.57 38.09 -42.57
N LEU K 133 -33.27 38.22 -41.28
CA LEU K 133 -31.94 38.54 -40.78
C LEU K 133 -30.95 37.39 -40.97
N VAL K 134 -31.41 36.16 -40.69
CA VAL K 134 -30.59 34.98 -40.94
C VAL K 134 -30.07 35.04 -42.38
N ASN K 135 -30.99 35.04 -43.35
CA ASN K 135 -30.64 34.93 -44.78
C ASN K 135 -29.81 36.10 -45.29
N GLN K 136 -30.17 37.29 -44.83
CA GLN K 136 -29.38 38.49 -45.10
C GLN K 136 -27.93 38.35 -44.61
N THR K 137 -27.77 37.78 -43.41
CA THR K 137 -26.47 37.63 -42.76
C THR K 137 -25.56 36.67 -43.49
N TYR K 138 -26.09 35.54 -43.93
CA TYR K 138 -25.34 34.65 -44.81
C TYR K 138 -24.87 35.47 -46.00
N ASP K 139 -25.84 36.01 -46.73
CA ASP K 139 -25.63 36.99 -47.79
C ASP K 139 -24.40 37.88 -47.53
N TRP K 140 -24.33 38.45 -46.32
CA TRP K 140 -23.24 39.34 -45.89
C TRP K 140 -21.90 38.59 -45.89
N VAL K 141 -21.87 37.42 -45.25
CA VAL K 141 -20.66 36.58 -45.09
C VAL K 141 -20.15 36.04 -46.43
N GLU K 142 -21.09 35.53 -47.21
CA GLU K 142 -20.80 34.96 -48.53
C GLU K 142 -20.20 36.02 -49.42
N ASP K 143 -20.86 37.18 -49.48
CA ASP K 143 -20.41 38.24 -50.36
C ASP K 143 -19.04 38.78 -49.98
N THR K 144 -18.40 38.15 -48.99
CA THR K 144 -17.08 38.59 -48.52
C THR K 144 -16.05 37.47 -48.59
N ILE K 145 -16.43 36.28 -48.13
CA ILE K 145 -15.41 35.23 -48.01
C ILE K 145 -15.69 33.92 -48.75
N VAL K 146 -16.89 33.71 -49.26
CA VAL K 146 -17.21 32.46 -49.97
C VAL K 146 -17.04 32.59 -51.48
N TYR K 147 -16.67 31.48 -52.12
CA TYR K 147 -16.33 31.45 -53.56
C TYR K 147 -16.96 30.27 -54.28
N LYS K 148 -17.21 30.43 -55.58
CA LYS K 148 -17.73 29.33 -56.42
C LYS K 148 -16.57 28.59 -57.06
N PRO K 149 -16.43 27.29 -56.75
CA PRO K 149 -15.21 26.61 -57.09
C PRO K 149 -15.24 26.16 -58.53
N ASP K 150 -14.09 26.15 -59.18
CA ASP K 150 -14.09 25.70 -60.55
C ASP K 150 -14.23 24.18 -60.61
N LYS K 151 -14.43 23.67 -61.83
CA LYS K 151 -14.25 22.28 -62.14
C LYS K 151 -12.87 21.80 -61.61
N GLN K 152 -12.87 20.76 -60.75
CA GLN K 152 -11.67 19.96 -60.44
C GLN K 152 -11.88 18.52 -60.95
N ALA K 153 -10.81 17.83 -61.38
CA ALA K 153 -10.94 16.44 -61.89
C ALA K 153 -11.63 15.49 -60.86
N TRP K 154 -10.86 15.00 -59.88
CA TRP K 154 -11.38 14.09 -58.84
C TRP K 154 -12.66 14.54 -58.13
N GLN K 155 -12.87 15.84 -58.06
CA GLN K 155 -14.07 16.34 -57.44
C GLN K 155 -15.26 16.02 -58.34
N SER K 156 -15.13 16.40 -59.63
CA SER K 156 -16.21 16.15 -60.62
C SER K 156 -16.46 14.66 -60.82
N LEU K 157 -15.37 13.91 -60.78
CA LEU K 157 -15.41 12.47 -60.81
C LEU K 157 -16.28 11.94 -59.66
N THR K 158 -15.93 12.29 -58.42
CA THR K 158 -16.72 11.93 -57.24
C THR K 158 -18.20 12.30 -57.44
N LYS K 159 -18.45 13.46 -58.07
CA LYS K 159 -19.79 14.01 -58.31
C LYS K 159 -20.69 13.02 -59.04
N THR K 160 -20.19 12.52 -60.16
CA THR K 160 -20.94 11.63 -61.07
C THR K 160 -21.02 10.18 -60.54
N ALA K 161 -20.10 9.82 -59.65
CA ALA K 161 -20.19 8.52 -58.98
C ALA K 161 -21.23 8.56 -57.87
N PHE K 162 -21.40 9.74 -57.25
CA PHE K 162 -22.48 9.99 -56.30
C PHE K 162 -23.82 9.91 -57.02
N LEU K 163 -23.80 10.34 -58.28
CA LEU K 163 -24.97 10.27 -59.15
C LEU K 163 -25.26 8.82 -59.58
N GLU K 164 -24.21 8.06 -59.92
CA GLU K 164 -24.35 6.67 -60.32
C GLU K 164 -24.87 5.75 -59.22
N ALA K 165 -24.52 6.08 -57.98
CA ALA K 165 -24.89 5.25 -56.83
C ALA K 165 -26.33 5.53 -56.41
N GLY K 166 -26.88 6.58 -56.98
CA GLY K 166 -28.26 7.00 -56.69
C GLY K 166 -28.36 7.91 -55.48
N VAL K 167 -27.39 8.80 -55.31
CA VAL K 167 -27.57 9.89 -54.35
C VAL K 167 -28.19 11.01 -55.16
N LEU K 168 -29.51 11.10 -55.06
CA LEU K 168 -30.30 11.93 -55.96
C LEU K 168 -31.19 12.87 -55.15
N PRO K 169 -31.52 14.07 -55.69
CA PRO K 169 -31.26 14.57 -57.05
C PRO K 169 -29.97 15.38 -57.18
N ASP K 170 -29.69 15.83 -58.41
CA ASP K 170 -28.52 16.67 -58.70
C ASP K 170 -28.90 18.15 -58.57
N ASN K 171 -28.47 18.75 -57.44
CA ASN K 171 -28.74 20.17 -57.15
C ASN K 171 -27.79 21.14 -57.88
N GLY K 172 -26.80 20.62 -58.61
CA GLY K 172 -25.88 21.43 -59.47
C GLY K 172 -24.83 22.19 -58.68
N PHE K 173 -24.85 23.53 -58.79
CA PHE K 173 -24.16 24.40 -57.82
C PHE K 173 -25.17 25.02 -56.85
N SER K 174 -24.87 24.90 -55.56
CA SER K 174 -25.81 25.28 -54.50
C SER K 174 -25.15 25.27 -53.12
N LEU K 175 -25.43 26.32 -52.34
CA LEU K 175 -24.91 26.48 -50.99
C LEU K 175 -25.79 25.80 -49.97
N ASP K 176 -27.11 25.86 -50.16
CA ASP K 176 -28.08 25.16 -49.28
C ASP K 176 -27.74 23.67 -49.01
N HIS K 177 -27.73 23.29 -47.73
CA HIS K 177 -27.50 21.90 -47.36
C HIS K 177 -28.81 21.13 -47.51
N GLU K 178 -28.90 20.34 -48.57
CA GLU K 178 -30.11 19.62 -48.91
C GLU K 178 -29.77 18.15 -49.08
N ALA K 179 -30.80 17.34 -49.33
CA ALA K 179 -30.63 15.97 -49.80
C ALA K 179 -30.07 15.91 -51.25
N GLY K 180 -29.20 14.93 -51.48
CA GLY K 180 -28.65 14.72 -52.80
C GLY K 180 -27.17 15.03 -52.95
N THR K 181 -26.73 14.97 -54.21
CA THR K 181 -25.37 15.35 -54.60
C THR K 181 -25.41 16.78 -55.15
N ARG K 182 -24.40 17.57 -54.80
CA ARG K 182 -24.25 18.90 -55.33
C ARG K 182 -22.81 19.33 -55.30
N LEU K 183 -22.55 20.46 -55.93
CA LEU K 183 -21.30 21.19 -55.79
C LEU K 183 -21.60 22.41 -54.88
N THR K 184 -20.87 22.49 -53.78
CA THR K 184 -21.04 23.56 -52.79
C THR K 184 -19.93 24.62 -52.88
N GLY K 185 -20.08 25.71 -52.12
CA GLY K 185 -19.07 26.77 -52.05
C GLY K 185 -17.88 26.43 -51.15
N SER K 186 -16.80 27.20 -51.29
CA SER K 186 -15.65 27.07 -50.40
C SER K 186 -15.23 28.42 -49.84
N THR K 187 -14.65 28.45 -48.64
CA THR K 187 -13.98 29.66 -48.15
C THR K 187 -12.56 29.81 -48.75
N PHE K 188 -12.20 28.85 -49.60
CA PHE K 188 -11.00 28.96 -50.47
C PHE K 188 -11.42 29.59 -51.79
N ASP K 189 -10.50 30.27 -52.46
CA ASP K 189 -10.81 30.80 -53.80
C ASP K 189 -10.00 30.08 -54.90
N ASN K 190 -10.34 30.39 -56.15
CA ASN K 190 -9.87 29.59 -57.27
C ASN K 190 -8.35 29.61 -57.43
N ASN K 191 -7.71 30.64 -56.85
CA ASN K 191 -6.25 30.68 -56.80
C ASN K 191 -5.71 29.94 -55.57
N GLY K 192 -6.62 29.32 -54.82
CA GLY K 192 -6.25 28.52 -53.65
C GLY K 192 -5.71 29.39 -52.54
N THR K 193 -6.42 30.48 -52.30
CA THR K 193 -6.09 31.45 -51.26
C THR K 193 -7.20 31.35 -50.23
N ARG K 194 -6.80 31.25 -48.97
CA ARG K 194 -7.74 30.98 -47.87
C ARG K 194 -8.47 32.26 -47.47
N HIS K 195 -9.75 32.13 -47.13
CA HIS K 195 -10.49 33.26 -46.58
C HIS K 195 -11.27 32.91 -45.32
N ALA K 196 -10.61 33.16 -44.23
CA ALA K 196 -11.14 33.00 -42.95
C ALA K 196 -12.07 34.09 -42.65
N SER K 197 -12.69 33.94 -41.52
CA SER K 197 -13.51 34.92 -41.00
C SER K 197 -12.67 35.92 -40.31
N ASP K 198 -11.40 36.01 -40.64
CA ASP K 198 -10.66 37.07 -40.05
C ASP K 198 -10.91 38.29 -40.85
N GLU K 199 -11.55 38.15 -41.99
CA GLU K 199 -11.67 39.27 -42.87
C GLU K 199 -13.02 39.82 -42.74
N LEU K 200 -13.85 39.19 -41.96
CA LEU K 200 -15.10 39.83 -41.63
C LEU K 200 -14.78 40.97 -40.67
N LEU K 201 -13.59 40.93 -40.07
CA LEU K 201 -13.15 42.03 -39.20
C LEU K 201 -13.10 43.32 -40.00
N ASN K 202 -12.58 43.22 -41.22
CA ASN K 202 -12.60 44.32 -42.20
C ASN K 202 -14.00 44.90 -42.43
N LYS K 203 -15.04 44.14 -42.17
CA LYS K 203 -16.38 44.64 -42.37
C LYS K 203 -16.87 45.49 -41.20
N GLY K 204 -16.01 45.74 -40.22
CA GLY K 204 -16.39 46.56 -39.06
C GLY K 204 -15.87 47.97 -39.18
N ASP K 205 -16.10 48.81 -38.16
CA ASP K 205 -15.55 50.17 -38.14
C ASP K 205 -14.21 50.27 -37.36
N PRO K 206 -13.12 50.62 -38.08
CA PRO K 206 -11.72 50.70 -37.58
C PRO K 206 -11.41 51.75 -36.49
N ASN K 207 -12.41 52.57 -36.13
CA ASN K 207 -12.28 53.50 -35.01
C ASN K 207 -12.87 52.95 -33.72
N ASN K 208 -13.64 51.87 -33.80
CA ASN K 208 -14.29 51.29 -32.63
C ASN K 208 -13.74 49.94 -32.24
N LEU K 209 -13.14 49.24 -33.20
CA LEU K 209 -12.71 47.84 -33.02
C LEU K 209 -11.21 47.76 -32.72
N ARG K 210 -10.86 47.02 -31.65
CA ARG K 210 -9.47 46.68 -31.36
C ARG K 210 -9.32 45.20 -31.20
N VAL K 211 -8.38 44.63 -31.94
CA VAL K 211 -8.08 43.19 -31.89
C VAL K 211 -6.82 42.95 -31.07
N ALA K 212 -6.83 41.92 -30.25
CA ALA K 212 -5.67 41.64 -29.45
C ALA K 212 -5.16 40.19 -29.55
N VAL K 213 -4.02 40.01 -30.17
CA VAL K 213 -3.47 38.68 -30.34
C VAL K 213 -2.55 38.38 -29.20
N HIS K 214 -2.18 37.10 -29.05
CA HIS K 214 -1.38 36.63 -27.91
C HIS K 214 -1.93 37.15 -26.59
N ALA K 215 -3.26 37.22 -26.49
CA ALA K 215 -3.93 37.51 -25.23
C ALA K 215 -4.75 36.31 -24.80
N SER K 216 -4.16 35.56 -23.86
CA SER K 216 -4.78 34.45 -23.19
C SER K 216 -5.62 35.03 -22.07
N VAL K 217 -6.94 34.81 -22.15
CA VAL K 217 -7.90 35.23 -21.15
C VAL K 217 -8.08 34.12 -20.12
N GLU K 218 -7.70 34.46 -18.89
CA GLU K 218 -7.74 33.57 -17.72
C GLU K 218 -9.06 33.61 -16.92
N LYS K 219 -9.59 34.80 -16.65
CA LYS K 219 -10.76 34.92 -15.75
C LYS K 219 -11.83 35.87 -16.32
N ILE K 220 -13.11 35.51 -16.17
CA ILE K 220 -14.22 36.50 -16.23
C ILE K 220 -14.45 36.99 -14.84
N ILE K 221 -14.37 38.30 -14.68
CA ILE K 221 -14.63 38.98 -13.42
C ILE K 221 -16.11 39.31 -13.31
N PHE K 222 -16.70 38.99 -12.16
CA PHE K 222 -18.11 39.21 -11.89
C PHE K 222 -18.24 40.19 -10.73
N SER K 223 -19.38 40.85 -10.63
CA SER K 223 -19.65 41.65 -9.44
C SER K 223 -21.00 41.27 -8.86
N SER K 224 -21.16 41.54 -7.57
CA SER K 224 -22.35 41.15 -6.85
C SER K 224 -23.40 42.23 -6.92
N ASN K 225 -23.16 43.23 -7.78
CA ASN K 225 -24.02 44.40 -7.93
C ASN K 225 -23.94 44.96 -9.33
N SER K 226 -25.02 45.57 -9.82
CA SER K 226 -26.35 45.46 -9.25
C SER K 226 -27.28 45.07 -10.41
N SER K 227 -28.25 44.21 -10.15
CA SER K 227 -28.52 43.74 -8.81
C SER K 227 -27.82 42.40 -8.53
N GLY K 228 -28.09 41.40 -9.40
CA GLY K 228 -27.59 40.02 -9.20
C GLY K 228 -26.14 39.90 -9.61
N VAL K 229 -25.77 38.76 -10.20
CA VAL K 229 -24.43 38.59 -10.72
C VAL K 229 -24.40 39.27 -12.04
N THR K 230 -23.38 40.08 -12.30
CA THR K 230 -23.18 40.76 -13.57
C THR K 230 -21.71 40.66 -13.90
N ALA K 231 -21.42 40.18 -15.09
CA ALA K 231 -20.05 40.20 -15.62
C ALA K 231 -19.60 41.63 -15.82
N ILE K 232 -18.47 41.98 -15.19
CA ILE K 232 -17.89 43.30 -15.33
C ILE K 232 -16.70 43.39 -16.31
N GLY K 233 -16.21 42.25 -16.77
CA GLY K 233 -15.00 42.22 -17.57
C GLY K 233 -14.13 40.98 -17.39
N VAL K 234 -12.94 40.98 -18.00
CA VAL K 234 -12.09 39.80 -17.99
C VAL K 234 -10.66 40.18 -17.65
N ILE K 235 -9.90 39.22 -17.10
CA ILE K 235 -8.46 39.38 -16.93
C ILE K 235 -7.75 38.49 -17.94
N TYR K 236 -6.73 39.06 -18.58
CA TYR K 236 -5.98 38.32 -19.56
C TYR K 236 -4.49 38.55 -19.44
N LYS K 237 -3.70 37.51 -19.75
CA LYS K 237 -2.24 37.57 -19.72
C LYS K 237 -1.65 37.68 -21.13
N ASP K 238 -0.59 38.47 -21.26
CA ASP K 238 0.14 38.58 -22.49
C ASP K 238 1.36 37.67 -22.38
N SER K 239 2.25 37.79 -23.36
CA SER K 239 3.41 36.90 -23.53
C SER K 239 4.50 37.09 -22.50
N ASN K 240 4.54 38.24 -21.85
CA ASN K 240 5.48 38.42 -20.77
C ASN K 240 4.90 37.83 -19.54
N GLY K 241 3.58 37.62 -19.58
CA GLY K 241 2.85 37.07 -18.43
C GLY K 241 2.20 38.16 -17.61
N THR K 242 2.18 39.37 -18.17
CA THR K 242 1.60 40.50 -17.50
C THR K 242 0.09 40.38 -17.61
N PRO K 243 -0.62 40.45 -16.47
CA PRO K 243 -2.07 40.31 -16.47
C PRO K 243 -2.73 41.64 -16.74
N HIS K 244 -3.54 41.75 -17.80
CA HIS K 244 -4.26 42.97 -18.08
C HIS K 244 -5.71 42.80 -17.68
N GLN K 245 -6.46 43.89 -17.57
CA GLN K 245 -7.94 43.84 -17.38
C GLN K 245 -8.66 44.60 -18.45
N ALA K 246 -9.77 44.05 -18.89
CA ALA K 246 -10.64 44.75 -19.81
C ALA K 246 -12.03 44.81 -19.17
N PHE K 247 -12.52 46.02 -18.95
CA PHE K 247 -13.82 46.20 -18.36
C PHE K 247 -14.80 46.50 -19.46
N VAL K 248 -16.07 46.53 -19.12
CA VAL K 248 -17.12 47.01 -19.98
C VAL K 248 -17.89 48.05 -19.21
N ARG K 249 -18.75 48.82 -19.87
CA ARG K 249 -19.50 49.87 -19.20
C ARG K 249 -20.98 49.68 -19.09
N GLY K 250 -21.67 50.74 -18.78
CA GLY K 250 -23.11 50.71 -18.69
C GLY K 250 -23.66 50.10 -19.92
N GLU K 251 -24.25 48.93 -19.77
CA GLU K 251 -25.01 48.25 -20.80
C GLU K 251 -24.22 47.42 -21.72
N GLY K 252 -22.96 47.22 -21.44
CA GLY K 252 -22.15 46.42 -22.32
C GLY K 252 -22.14 44.98 -21.93
N GLU K 253 -21.32 44.21 -22.59
CA GLU K 253 -21.30 42.84 -22.29
C GLU K 253 -19.99 42.23 -22.63
N VAL K 254 -19.69 41.13 -21.99
CA VAL K 254 -18.66 40.25 -22.42
C VAL K 254 -19.37 39.08 -23.01
N ILE K 255 -18.90 38.71 -24.15
CA ILE K 255 -19.36 37.53 -24.89
C ILE K 255 -18.17 36.57 -25.03
N VAL K 256 -18.38 35.32 -24.63
CA VAL K 256 -17.36 34.31 -24.84
C VAL K 256 -17.69 33.62 -26.16
N SER K 257 -16.67 33.46 -26.99
CA SER K 257 -16.84 32.79 -28.26
C SER K 257 -15.56 32.00 -28.48
N ALA K 258 -15.23 31.15 -27.49
CA ALA K 258 -13.94 30.48 -27.40
C ALA K 258 -13.90 29.06 -27.97
N GLY K 259 -15.01 28.62 -28.57
CA GLY K 259 -15.15 27.27 -29.16
C GLY K 259 -15.82 26.31 -28.19
N PRO K 260 -16.18 25.09 -28.65
CA PRO K 260 -16.71 24.11 -27.68
C PRO K 260 -15.72 23.79 -26.56
N ILE K 261 -14.41 23.88 -26.86
CA ILE K 261 -13.40 23.60 -25.84
C ILE K 261 -13.13 24.78 -24.95
N GLY K 262 -13.07 25.98 -25.53
CA GLY K 262 -12.59 27.17 -24.86
C GLY K 262 -13.57 27.81 -23.91
N SER K 263 -14.85 27.83 -24.29
CA SER K 263 -15.88 28.52 -23.50
C SER K 263 -16.20 27.82 -22.20
N PRO K 264 -16.44 26.49 -22.26
CA PRO K 264 -16.74 25.77 -21.02
C PRO K 264 -15.55 25.89 -20.06
N GLN K 265 -14.34 25.74 -20.59
CA GLN K 265 -13.16 25.86 -19.77
C GLN K 265 -13.10 27.20 -19.06
N LEU K 266 -13.34 28.28 -19.80
CA LEU K 266 -13.27 29.65 -19.25
C LEU K 266 -14.39 29.97 -18.28
N LEU K 267 -15.59 29.47 -18.55
CA LEU K 267 -16.70 29.72 -17.64
C LEU K 267 -16.38 29.02 -16.34
N LEU K 268 -15.95 27.77 -16.48
CA LEU K 268 -15.59 26.91 -15.36
C LEU K 268 -14.52 27.55 -14.55
N LEU K 269 -13.45 27.99 -15.23
CA LEU K 269 -12.37 28.64 -14.53
C LEU K 269 -12.86 29.83 -13.71
N SER K 270 -13.88 30.52 -14.22
CA SER K 270 -14.39 31.75 -13.61
C SER K 270 -15.37 31.54 -12.45
N GLY K 271 -15.88 30.32 -12.30
CA GLY K 271 -16.78 30.00 -11.20
C GLY K 271 -18.17 29.63 -11.67
N VAL K 272 -18.44 29.86 -12.96
CA VAL K 272 -19.69 29.44 -13.55
C VAL K 272 -19.60 27.95 -13.90
N GLY K 273 -20.36 27.14 -13.18
CA GLY K 273 -20.37 25.69 -13.41
C GLY K 273 -20.89 24.88 -12.24
N PRO K 274 -20.73 23.54 -12.30
CA PRO K 274 -21.33 22.72 -11.28
C PRO K 274 -20.64 22.94 -9.93
N GLU K 275 -21.41 23.37 -8.94
CA GLU K 275 -20.89 23.75 -7.62
C GLU K 275 -19.98 22.68 -7.05
N SER K 276 -20.47 21.46 -7.08
CA SER K 276 -19.76 20.31 -6.49
C SER K 276 -18.55 19.91 -7.32
N TYR K 277 -18.60 20.16 -8.64
CA TYR K 277 -17.44 19.93 -9.49
C TYR K 277 -16.40 21.00 -9.28
N LEU K 278 -16.83 22.23 -8.97
CA LEU K 278 -15.90 23.36 -8.79
C LEU K 278 -15.23 23.37 -7.43
N SER K 279 -16.00 23.10 -6.37
CA SER K 279 -15.48 22.80 -5.04
C SER K 279 -14.31 21.81 -5.11
N SER K 280 -14.51 20.69 -5.82
CA SER K 280 -13.47 19.65 -5.93
C SER K 280 -12.16 20.13 -6.60
N LEU K 281 -12.19 21.28 -7.27
CA LEU K 281 -10.98 21.78 -7.89
C LEU K 281 -10.50 23.02 -7.15
N ASN K 282 -11.16 23.27 -6.02
CA ASN K 282 -11.05 24.50 -5.22
C ASN K 282 -11.15 25.80 -6.01
N ILE K 283 -12.35 26.03 -6.54
CA ILE K 283 -12.65 27.25 -7.26
C ILE K 283 -13.88 27.91 -6.62
N PRO K 284 -13.78 29.21 -6.29
CA PRO K 284 -14.94 29.84 -5.68
C PRO K 284 -16.11 29.86 -6.66
N VAL K 285 -17.23 29.26 -6.24
CA VAL K 285 -18.43 29.19 -7.07
C VAL K 285 -19.18 30.54 -7.22
N VAL K 286 -19.45 30.94 -8.46
CA VAL K 286 -20.06 32.23 -8.70
C VAL K 286 -21.56 32.11 -8.99
N LEU K 287 -21.93 31.33 -9.99
CA LEU K 287 -23.29 30.76 -10.05
C LEU K 287 -23.05 29.26 -10.23
N SER K 288 -24.06 28.42 -9.95
CA SER K 288 -23.94 26.99 -10.24
C SER K 288 -24.68 26.57 -11.50
N HIS K 289 -23.91 26.23 -12.52
CA HIS K 289 -24.43 25.92 -13.84
C HIS K 289 -23.98 24.52 -14.19
N PRO K 290 -24.80 23.54 -13.83
CA PRO K 290 -24.44 22.13 -13.85
C PRO K 290 -24.25 21.58 -15.28
N TYR K 291 -24.70 22.32 -16.27
CA TYR K 291 -24.61 21.81 -17.62
C TYR K 291 -23.47 22.42 -18.43
N VAL K 292 -22.70 23.29 -17.77
CA VAL K 292 -21.47 23.84 -18.34
C VAL K 292 -20.42 22.71 -18.47
N GLY K 293 -19.91 22.54 -19.69
CA GLY K 293 -18.92 21.51 -19.99
C GLY K 293 -19.60 20.19 -20.26
N GLN K 294 -20.93 20.24 -20.31
CA GLN K 294 -21.79 19.08 -20.50
C GLN K 294 -22.36 19.04 -21.90
N PHE K 295 -22.71 17.83 -22.34
CA PHE K 295 -23.28 17.54 -23.67
C PHE K 295 -22.35 17.89 -24.82
N LEU K 296 -21.15 17.34 -24.80
CA LEU K 296 -20.16 17.59 -25.83
C LEU K 296 -20.28 16.59 -26.94
N HIS K 297 -20.69 17.05 -28.11
CA HIS K 297 -20.90 16.20 -29.24
C HIS K 297 -19.73 16.31 -30.22
N ASP K 298 -19.26 15.16 -30.71
CA ASP K 298 -18.35 15.12 -31.86
C ASP K 298 -18.83 14.07 -32.85
N ASN K 299 -19.32 14.53 -34.00
CA ASN K 299 -19.75 13.65 -35.09
C ASN K 299 -18.59 12.76 -35.54
N PRO K 300 -18.83 11.45 -35.68
CA PRO K 300 -17.76 10.52 -36.01
C PRO K 300 -17.55 10.36 -37.50
N ARG K 301 -16.29 10.18 -37.87
CA ARG K 301 -15.91 10.07 -39.27
C ARG K 301 -15.53 8.64 -39.54
N ASN K 302 -16.10 8.10 -40.62
CA ASN K 302 -15.66 6.80 -41.15
C ASN K 302 -15.24 6.89 -42.62
N PHE K 303 -14.27 6.06 -43.01
CA PHE K 303 -13.57 6.29 -44.28
C PHE K 303 -12.85 5.06 -44.84
N ILE K 304 -12.70 5.04 -46.17
CA ILE K 304 -11.78 4.11 -46.81
C ILE K 304 -10.80 4.94 -47.62
N ASN K 305 -9.51 4.68 -47.36
CA ASN K 305 -8.37 5.22 -48.11
C ASN K 305 -8.01 4.33 -49.34
N ILE K 306 -8.17 4.85 -50.56
CA ILE K 306 -7.87 4.07 -51.77
C ILE K 306 -6.74 4.63 -52.62
N LEU K 307 -5.83 3.75 -53.00
CA LEU K 307 -4.60 4.15 -53.68
C LEU K 307 -4.56 3.61 -55.12
N PRO K 308 -4.83 4.49 -56.10
CA PRO K 308 -4.85 4.11 -57.53
C PRO K 308 -3.48 3.61 -58.07
N PRO K 309 -3.48 2.97 -59.28
CA PRO K 309 -2.23 2.50 -59.93
C PRO K 309 -1.58 3.56 -60.83
N ASN K 310 -2.40 4.53 -61.29
CA ASN K 310 -1.94 5.76 -61.96
C ASN K 310 -2.45 6.96 -61.15
N PRO K 311 -1.57 7.94 -60.87
CA PRO K 311 -1.80 9.01 -59.89
C PRO K 311 -2.94 9.98 -60.23
N ILE K 312 -3.58 10.52 -59.20
CA ILE K 312 -4.58 11.61 -59.33
C ILE K 312 -4.07 12.92 -58.72
N GLU K 313 -4.65 14.05 -59.13
CA GLU K 313 -4.23 15.38 -58.66
C GLU K 313 -4.95 15.76 -57.33
N PRO K 314 -4.33 16.65 -56.51
CA PRO K 314 -4.90 17.09 -55.21
C PRO K 314 -6.03 18.09 -55.32
N SER K 315 -7.10 17.81 -54.59
CA SER K 315 -8.33 18.59 -54.69
C SER K 315 -8.74 19.10 -53.31
N THR K 316 -9.37 20.26 -53.28
CA THR K 316 -10.05 20.71 -52.06
C THR K 316 -11.48 20.32 -52.24
N VAL K 317 -12.09 19.82 -51.16
CA VAL K 317 -13.46 19.32 -51.18
C VAL K 317 -14.46 20.38 -51.70
N THR K 318 -15.23 20.03 -52.72
CA THR K 318 -16.30 20.88 -53.23
C THR K 318 -17.56 20.10 -53.60
N VAL K 319 -17.48 18.77 -53.61
CA VAL K 319 -18.64 17.95 -53.95
C VAL K 319 -19.04 17.06 -52.79
N LEU K 320 -20.32 17.16 -52.43
CA LEU K 320 -20.90 16.48 -51.29
C LEU K 320 -22.12 15.64 -51.68
N GLY K 321 -22.30 14.51 -50.99
CA GLY K 321 -23.44 13.65 -51.23
C GLY K 321 -24.16 13.43 -49.93
N ILE K 322 -25.40 13.91 -49.89
CA ILE K 322 -26.13 14.09 -48.62
C ILE K 322 -27.43 13.26 -48.51
N THR K 323 -27.46 12.32 -47.57
CA THR K 323 -28.76 11.72 -47.17
C THR K 323 -29.23 12.30 -45.83
N SER K 324 -30.48 11.99 -45.48
CA SER K 324 -31.04 12.39 -44.19
C SER K 324 -30.23 11.91 -42.99
N ASN K 325 -29.51 10.79 -43.13
CA ASN K 325 -28.76 10.21 -42.02
C ASN K 325 -27.23 10.30 -42.12
N PHE K 326 -26.71 10.81 -43.23
CA PHE K 326 -25.27 10.94 -43.35
C PHE K 326 -24.77 11.84 -44.48
N TYR K 327 -23.45 12.08 -44.50
CA TYR K 327 -22.81 13.04 -45.40
C TYR K 327 -21.49 12.47 -45.90
N GLN K 328 -21.20 12.72 -47.17
CA GLN K 328 -20.10 12.07 -47.84
C GLN K 328 -19.36 12.96 -48.80
N CYS K 329 -18.03 12.83 -48.81
CA CYS K 329 -17.17 13.54 -49.75
C CYS K 329 -15.84 12.85 -49.87
N SER K 330 -14.96 13.38 -50.72
CA SER K 330 -13.70 12.72 -51.04
C SER K 330 -12.54 13.67 -51.33
N PHE K 331 -11.47 13.43 -50.59
CA PHE K 331 -10.30 14.27 -50.60
C PHE K 331 -9.29 13.54 -51.49
N SER K 332 -8.51 14.29 -52.28
CA SER K 332 -7.39 13.66 -53.01
C SER K 332 -6.01 14.28 -52.67
N SER K 333 -5.15 13.50 -52.05
CA SER K 333 -3.94 14.06 -51.50
C SER K 333 -2.70 13.45 -52.12
N LEU K 334 -1.62 14.22 -52.09
CA LEU K 334 -0.28 13.70 -52.33
C LEU K 334 0.07 12.79 -51.15
N PRO K 335 1.09 11.92 -51.31
CA PRO K 335 1.55 11.09 -50.19
C PRO K 335 2.07 11.92 -49.02
N PHE K 336 1.89 11.36 -47.83
CA PHE K 336 2.30 12.00 -46.60
C PHE K 336 3.60 11.35 -46.15
N SER K 337 4.65 12.14 -45.92
CA SER K 337 5.83 11.57 -45.27
C SER K 337 5.75 11.70 -43.74
N ILE K 338 5.01 12.72 -43.29
CA ILE K 338 4.83 13.03 -41.86
C ILE K 338 3.33 12.86 -41.65
N PRO K 339 2.90 12.29 -40.49
CA PRO K 339 1.47 12.13 -40.27
C PRO K 339 0.82 13.45 -39.88
N PRO K 340 -0.11 13.96 -40.69
CA PRO K 340 -0.83 15.18 -40.29
C PRO K 340 -1.82 14.86 -39.14
N PHE K 341 -1.54 15.39 -37.95
CA PHE K 341 -2.31 15.02 -36.75
C PHE K 341 -3.81 15.14 -36.98
N ALA K 342 -4.53 14.09 -36.57
CA ALA K 342 -6.00 14.07 -36.59
C ALA K 342 -6.66 13.67 -37.89
N PHE K 343 -5.89 13.62 -38.97
CA PHE K 343 -6.46 13.17 -40.24
C PHE K 343 -6.79 11.69 -40.08
N PHE K 344 -5.82 10.95 -39.58
CA PHE K 344 -6.06 9.60 -39.10
C PHE K 344 -6.11 9.69 -37.58
N PRO K 345 -6.72 8.70 -36.91
CA PRO K 345 -6.95 8.85 -35.47
C PRO K 345 -5.79 8.43 -34.55
N ASN K 346 -4.67 7.96 -35.10
CA ASN K 346 -3.49 7.69 -34.25
C ASN K 346 -2.18 7.96 -34.97
N PRO K 347 -1.12 8.37 -34.22
CA PRO K 347 0.18 8.68 -34.86
C PRO K 347 0.73 7.45 -35.60
N THR K 348 0.38 6.29 -35.07
CA THR K 348 0.87 4.99 -35.50
C THR K 348 0.07 4.37 -36.68
N TYR K 349 -0.70 5.21 -37.38
CA TYR K 349 -1.41 4.79 -38.59
C TYR K 349 -0.41 4.81 -39.73
N PRO K 350 -0.50 3.82 -40.66
CA PRO K 350 0.31 3.66 -41.90
C PRO K 350 0.10 4.78 -42.93
N LEU K 351 1.19 5.41 -43.37
CA LEU K 351 1.08 6.59 -44.27
C LEU K 351 1.13 6.23 -45.76
N PRO K 352 0.35 6.95 -46.59
CA PRO K 352 0.34 6.74 -48.04
C PRO K 352 1.73 6.90 -48.68
N ASN K 353 2.04 6.01 -49.63
CA ASN K 353 3.27 6.02 -50.41
C ASN K 353 3.08 6.84 -51.68
N SER K 354 1.85 6.89 -52.20
CA SER K 354 1.58 7.59 -53.45
C SER K 354 0.35 8.47 -53.27
N THR K 355 -0.04 9.21 -54.32
CA THR K 355 -1.27 10.00 -54.27
C THR K 355 -2.46 9.13 -53.86
N PHE K 356 -3.41 9.68 -53.10
CA PHE K 356 -4.52 8.85 -52.63
C PHE K 356 -5.89 9.55 -52.56
N ALA K 357 -6.90 8.77 -52.20
CA ALA K 357 -8.30 9.21 -52.16
C ALA K 357 -8.98 8.74 -50.91
N HIS K 358 -9.82 9.60 -50.36
CA HIS K 358 -10.28 9.46 -49.01
C HIS K 358 -11.76 9.78 -49.06
N PHE K 359 -12.56 8.72 -49.16
CA PHE K 359 -14.01 8.85 -49.11
C PHE K 359 -14.42 8.82 -47.65
N VAL K 360 -15.33 9.70 -47.24
CA VAL K 360 -15.68 9.82 -45.82
C VAL K 360 -17.16 9.84 -45.45
N ASN K 361 -17.44 9.38 -44.23
CA ASN K 361 -18.78 9.42 -43.70
C ASN K 361 -18.90 10.20 -42.40
N LYS K 362 -19.78 11.19 -42.45
CA LYS K 362 -20.19 11.96 -41.30
C LYS K 362 -21.62 11.62 -40.93
N VAL K 363 -21.85 11.13 -39.71
CA VAL K 363 -23.21 10.94 -39.20
C VAL K 363 -23.68 12.30 -38.69
N PRO K 364 -24.95 12.69 -38.92
CA PRO K 364 -25.48 13.90 -38.29
C PRO K 364 -25.76 13.66 -36.81
N GLY K 365 -26.33 14.67 -36.14
CA GLY K 365 -26.39 14.68 -34.68
C GLY K 365 -25.02 15.08 -34.14
N PRO K 366 -24.27 14.13 -33.55
CA PRO K 366 -24.66 12.75 -33.33
C PRO K 366 -25.60 12.70 -32.12
N LEU K 367 -26.13 11.52 -31.81
CA LEU K 367 -26.97 11.42 -30.63
C LEU K 367 -26.09 11.32 -29.38
N SER K 368 -24.97 10.59 -29.50
CA SER K 368 -24.01 10.39 -28.41
C SER K 368 -23.26 11.67 -28.03
N TYR K 369 -23.16 11.91 -26.74
CA TYR K 369 -22.43 13.07 -26.25
C TYR K 369 -21.46 12.69 -25.14
N GLY K 370 -20.73 13.68 -24.64
CA GLY K 370 -19.72 13.42 -23.62
C GLY K 370 -19.66 14.56 -22.64
N SER K 371 -18.48 14.75 -22.03
CA SER K 371 -18.28 15.78 -21.03
C SER K 371 -16.92 16.47 -21.15
N ILE K 372 -16.86 17.79 -20.91
CA ILE K 372 -15.59 18.49 -20.73
C ILE K 372 -15.25 18.44 -19.27
N THR K 373 -14.00 18.14 -18.95
CA THR K 373 -13.51 18.36 -17.60
C THR K 373 -12.21 19.14 -17.64
N LEU K 374 -11.98 19.91 -16.60
CA LEU K 374 -10.71 20.56 -16.38
C LEU K 374 -9.80 19.61 -15.64
N ASN K 375 -8.55 19.58 -16.03
CA ASN K 375 -7.56 18.80 -15.33
C ASN K 375 -6.43 19.69 -14.81
N SER K 376 -6.75 20.96 -14.52
CA SER K 376 -5.97 21.74 -13.57
C SER K 376 -5.05 22.82 -14.16
N ASP K 377 -4.82 23.90 -13.42
CA ASP K 377 -5.62 24.31 -12.26
C ASP K 377 -6.44 25.37 -12.95
N SER K 378 -6.47 26.55 -12.36
CA SER K 378 -6.83 27.71 -13.14
C SER K 378 -5.80 28.06 -14.25
N ASP K 379 -4.80 27.20 -14.54
CA ASP K 379 -4.02 27.54 -15.73
C ASP K 379 -4.75 27.10 -17.00
N VAL K 380 -5.35 28.09 -17.63
CA VAL K 380 -6.15 27.99 -18.84
C VAL K 380 -5.33 27.54 -20.06
N ARG K 381 -4.01 27.46 -19.93
CA ARG K 381 -3.14 27.06 -21.02
CA ARG K 381 -3.20 27.05 -21.07
C ARG K 381 -3.02 25.53 -21.12
N VAL K 382 -3.52 24.84 -20.08
CA VAL K 382 -3.51 23.38 -20.03
C VAL K 382 -4.82 22.92 -20.59
N ALA K 383 -4.78 22.25 -21.76
CA ALA K 383 -5.97 21.77 -22.49
C ALA K 383 -6.91 20.98 -21.56
N PRO K 384 -8.21 21.27 -21.60
CA PRO K 384 -9.12 20.51 -20.75
C PRO K 384 -9.43 19.19 -21.43
N ASN K 385 -9.96 18.22 -20.70
CA ASN K 385 -10.20 16.89 -21.24
C ASN K 385 -11.51 16.79 -21.97
N VAL K 386 -11.53 16.10 -23.10
CA VAL K 386 -12.79 15.89 -23.79
C VAL K 386 -13.01 14.41 -23.95
N LYS K 387 -14.27 13.98 -23.74
CA LYS K 387 -14.80 12.63 -24.03
C LYS K 387 -15.98 12.87 -24.98
N PHE K 388 -16.16 12.04 -25.99
CA PHE K 388 -17.27 12.25 -26.92
C PHE K 388 -18.26 11.10 -26.94
N ASN K 389 -17.77 9.93 -26.53
CA ASN K 389 -18.55 8.72 -26.43
C ASN K 389 -19.10 8.27 -27.78
N TYR K 390 -18.20 8.15 -28.73
CA TYR K 390 -18.46 7.68 -30.07
C TYR K 390 -19.28 6.40 -30.03
N TYR K 391 -20.33 6.38 -30.83
CA TYR K 391 -21.24 5.22 -30.95
C TYR K 391 -21.97 4.68 -29.68
N SER K 392 -21.86 5.40 -28.56
CA SER K 392 -22.60 5.13 -27.31
C SER K 392 -24.05 4.79 -27.52
N ASN K 393 -24.67 5.54 -28.41
CA ASN K 393 -26.09 5.41 -28.69
C ASN K 393 -26.25 4.71 -30.04
N SER K 394 -27.04 3.64 -30.04
CA SER K 394 -27.23 2.81 -31.22
C SER K 394 -27.54 3.59 -32.50
N THR K 395 -28.51 4.50 -32.44
CA THR K 395 -29.01 5.19 -33.66
C THR K 395 -27.89 5.84 -34.51
N ASP K 396 -26.82 6.28 -33.84
CA ASP K 396 -25.60 6.77 -34.48
C ASP K 396 -24.96 5.65 -35.32
N LEU K 397 -24.50 4.61 -34.63
CA LEU K 397 -23.95 3.41 -35.25
C LEU K 397 -24.77 3.01 -36.46
N ALA K 398 -26.06 2.71 -36.23
CA ALA K 398 -26.99 2.43 -37.33
C ALA K 398 -26.70 3.31 -38.58
N HIS K 399 -26.60 4.63 -38.38
CA HIS K 399 -26.34 5.55 -39.49
C HIS K 399 -24.92 5.40 -40.08
N CYS K 400 -23.95 5.09 -39.24
CA CYS K 400 -22.60 4.82 -39.75
C CYS K 400 -22.65 3.65 -40.70
N VAL K 401 -23.37 2.62 -40.27
CA VAL K 401 -23.50 1.37 -40.99
C VAL K 401 -24.19 1.66 -42.33
N SER K 402 -25.24 2.48 -42.33
CA SER K 402 -25.89 2.86 -43.59
C SER K 402 -24.90 3.56 -44.50
N GLY K 403 -24.08 4.42 -43.90
CA GLY K 403 -23.11 5.24 -44.64
C GLY K 403 -22.00 4.46 -45.34
N MET K 404 -21.43 3.48 -44.64
CA MET K 404 -20.33 2.68 -45.21
C MET K 404 -20.80 1.70 -46.29
N LYS K 405 -22.03 1.18 -46.12
CA LYS K 405 -22.75 0.44 -47.17
C LYS K 405 -22.83 1.30 -48.42
N LYS K 406 -23.12 2.59 -48.23
CA LYS K 406 -23.31 3.53 -49.34
C LYS K 406 -21.99 3.97 -49.98
N ILE K 407 -20.89 3.93 -49.23
CA ILE K 407 -19.59 4.07 -49.86
C ILE K 407 -19.27 2.76 -50.58
N GLY K 408 -19.86 1.66 -50.09
CA GLY K 408 -19.78 0.36 -50.75
C GLY K 408 -20.38 0.38 -52.15
N GLU K 409 -21.63 0.84 -52.26
CA GLU K 409 -22.25 1.02 -53.57
C GLU K 409 -21.47 2.01 -54.42
N LEU K 410 -20.81 2.97 -53.75
CA LEU K 410 -19.97 3.98 -54.42
C LEU K 410 -18.72 3.35 -55.02
N LEU K 411 -17.92 2.72 -54.15
CA LEU K 411 -16.75 1.96 -54.58
C LEU K 411 -17.05 0.97 -55.71
N SER K 412 -18.33 0.65 -55.87
CA SER K 412 -18.77 -0.14 -57.02
C SER K 412 -18.90 0.68 -58.33
N SER K 413 -19.39 1.92 -58.24
CA SER K 413 -19.83 2.71 -59.40
C SER K 413 -18.94 2.75 -60.66
N ASP K 414 -19.54 3.15 -61.76
CA ASP K 414 -18.88 3.15 -63.06
C ASP K 414 -17.72 4.16 -63.16
N ALA K 415 -17.88 5.30 -62.48
CA ALA K 415 -16.89 6.38 -62.52
C ALA K 415 -15.64 6.01 -61.73
N LEU K 416 -15.86 5.28 -60.64
CA LEU K 416 -14.75 4.80 -59.82
C LEU K 416 -13.93 3.66 -60.47
N LYS K 417 -14.44 3.12 -61.58
CA LYS K 417 -13.81 1.97 -62.26
C LYS K 417 -12.32 2.15 -62.44
N PRO K 418 -11.88 3.19 -63.17
CA PRO K 418 -10.47 3.31 -63.60
C PRO K 418 -9.39 3.34 -62.51
N TYR K 419 -9.75 3.14 -61.24
CA TYR K 419 -8.80 3.32 -60.12
C TYR K 419 -8.61 2.05 -59.28
N LYS K 420 -9.05 0.92 -59.83
CA LYS K 420 -8.78 -0.40 -59.27
C LYS K 420 -7.38 -0.83 -59.68
N VAL K 421 -6.75 -1.75 -58.94
CA VAL K 421 -5.46 -2.32 -59.39
C VAL K 421 -5.68 -3.58 -60.22
N GLU K 422 -6.82 -4.24 -59.99
CA GLU K 422 -7.23 -5.45 -60.72
C GLU K 422 -8.71 -5.40 -61.19
N ASP K 423 -9.02 -6.17 -62.22
CA ASP K 423 -10.38 -6.17 -62.84
C ASP K 423 -11.46 -6.94 -62.04
N LEU K 424 -11.26 -7.05 -60.71
CA LEU K 424 -12.21 -7.72 -59.80
C LEU K 424 -13.43 -6.82 -59.43
N PRO K 425 -14.61 -7.06 -60.06
CA PRO K 425 -15.74 -6.12 -59.85
C PRO K 425 -16.32 -6.13 -58.42
N GLY K 426 -17.29 -5.25 -58.16
CA GLY K 426 -17.77 -4.97 -56.79
C GLY K 426 -16.88 -3.94 -56.08
N ILE K 427 -16.68 -4.09 -54.77
CA ILE K 427 -15.78 -3.17 -54.03
C ILE K 427 -14.35 -3.72 -53.97
N ASP K 428 -14.22 -5.01 -54.28
CA ASP K 428 -12.92 -5.69 -54.22
C ASP K 428 -11.98 -5.24 -55.36
N GLY K 429 -10.69 -5.54 -55.21
CA GLY K 429 -9.71 -5.18 -56.24
C GLY K 429 -9.40 -3.69 -56.27
N PHE K 430 -9.49 -3.08 -55.09
CA PHE K 430 -9.05 -1.71 -54.85
C PHE K 430 -7.85 -1.74 -53.94
N ASP K 431 -6.91 -0.83 -54.15
CA ASP K 431 -5.79 -0.75 -53.24
C ASP K 431 -6.05 0.15 -52.04
N ILE K 432 -6.30 -0.50 -50.90
CA ILE K 432 -6.79 0.15 -49.69
C ILE K 432 -5.65 0.48 -48.75
N LEU K 433 -5.77 1.62 -48.10
CA LEU K 433 -4.84 2.02 -47.07
C LEU K 433 -5.62 2.01 -45.77
N GLY K 434 -5.24 1.11 -44.86
CA GLY K 434 -5.90 1.01 -43.56
C GLY K 434 -6.84 -0.17 -43.48
N ILE K 435 -7.85 -0.07 -42.63
CA ILE K 435 -8.85 -1.13 -42.48
C ILE K 435 -9.78 -1.19 -43.71
N PRO K 436 -9.95 -2.42 -44.29
CA PRO K 436 -10.85 -2.61 -45.47
C PRO K 436 -12.31 -2.88 -45.09
N LEU K 437 -13.24 -2.18 -45.75
CA LEU K 437 -14.67 -2.50 -45.67
C LEU K 437 -14.92 -4.01 -45.78
N PRO K 438 -15.91 -4.54 -45.00
CA PRO K 438 -16.28 -5.96 -45.16
C PRO K 438 -16.58 -6.35 -46.62
N GLU K 439 -16.50 -7.64 -46.92
CA GLU K 439 -16.85 -8.12 -48.27
C GLU K 439 -18.36 -8.27 -48.36
N ASN K 440 -18.92 -9.01 -47.41
CA ASN K 440 -20.35 -9.24 -47.29
C ASN K 440 -21.15 -7.94 -47.12
N GLN K 441 -21.46 -7.28 -48.24
CA GLN K 441 -22.06 -5.93 -48.26
C GLN K 441 -23.44 -5.79 -47.57
N THR K 442 -23.78 -6.75 -46.70
CA THR K 442 -25.03 -6.69 -45.92
C THR K 442 -24.80 -7.21 -44.49
N ASP K 443 -23.59 -7.71 -44.22
CA ASP K 443 -23.15 -8.23 -42.91
C ASP K 443 -23.05 -7.14 -41.84
N ASP K 444 -24.22 -6.77 -41.32
CA ASP K 444 -24.37 -5.70 -40.32
C ASP K 444 -23.35 -5.78 -39.17
N ALA K 445 -23.11 -6.99 -38.64
CA ALA K 445 -22.15 -7.20 -37.55
C ALA K 445 -20.67 -6.92 -37.91
N ALA K 446 -20.34 -7.04 -39.20
CA ALA K 446 -19.00 -6.73 -39.69
C ALA K 446 -18.81 -5.22 -39.98
N PHE K 447 -19.90 -4.57 -40.35
CA PHE K 447 -19.96 -3.11 -40.48
C PHE K 447 -19.95 -2.46 -39.09
N GLU K 448 -20.64 -3.06 -38.12
CA GLU K 448 -20.53 -2.59 -36.74
C GLU K 448 -19.08 -2.63 -36.32
N THR K 449 -18.49 -3.81 -36.29
CA THR K 449 -17.09 -3.96 -35.86
C THR K 449 -16.13 -3.12 -36.71
N PHE K 450 -16.62 -2.64 -37.87
CA PHE K 450 -15.84 -1.72 -38.68
C PHE K 450 -15.94 -0.30 -38.12
N CYS K 451 -17.14 0.29 -38.22
CA CYS K 451 -17.38 1.64 -37.73
C CYS K 451 -16.67 1.91 -36.41
N ARG K 452 -16.74 0.95 -35.48
CA ARG K 452 -16.11 1.11 -34.19
C ARG K 452 -14.59 1.18 -34.34
N GLU K 453 -13.99 0.21 -35.04
CA GLU K 453 -12.53 0.16 -35.17
C GLU K 453 -11.90 1.17 -36.16
N ALA K 454 -12.72 1.77 -37.00
CA ALA K 454 -12.26 2.73 -38.00
C ALA K 454 -12.61 4.18 -37.63
N VAL K 455 -12.92 4.43 -36.36
CA VAL K 455 -13.43 5.75 -35.97
C VAL K 455 -12.35 6.81 -35.88
N ALA K 456 -12.63 7.94 -36.52
CA ALA K 456 -11.83 9.16 -36.44
C ALA K 456 -12.81 10.32 -36.18
N SER K 457 -12.31 11.53 -35.97
CA SER K 457 -13.23 12.66 -35.87
C SER K 457 -13.38 13.37 -37.20
N TYR K 458 -14.56 13.91 -37.47
CA TYR K 458 -14.78 14.75 -38.66
C TYR K 458 -14.44 16.22 -38.32
N TRP K 459 -13.98 16.40 -37.07
CA TRP K 459 -13.54 17.68 -36.51
C TRP K 459 -14.67 18.71 -36.35
N HIS K 460 -15.93 18.27 -36.40
CA HIS K 460 -17.05 19.21 -36.27
C HIS K 460 -17.62 19.32 -34.85
N TYR K 461 -16.86 18.83 -33.87
CA TYR K 461 -17.26 18.83 -32.46
C TYR K 461 -17.88 20.15 -31.98
N HIS K 462 -18.87 20.04 -31.09
CA HIS K 462 -19.70 21.18 -30.65
C HIS K 462 -20.47 20.81 -29.39
N GLY K 463 -21.11 21.80 -28.75
CA GLY K 463 -21.80 21.59 -27.48
C GLY K 463 -20.97 22.06 -26.29
N GLY K 464 -21.43 21.82 -25.08
CA GLY K 464 -20.62 22.14 -23.90
C GLY K 464 -21.16 23.28 -23.09
N CYS K 465 -22.06 24.05 -23.72
CA CYS K 465 -22.68 25.20 -23.12
C CYS K 465 -24.03 25.44 -23.83
N LEU K 466 -24.93 24.46 -23.75
CA LEU K 466 -26.14 24.45 -24.61
C LEU K 466 -27.24 25.49 -24.31
N VAL K 467 -27.88 25.97 -25.39
CA VAL K 467 -29.12 26.75 -25.31
C VAL K 467 -30.15 25.81 -24.75
N GLY K 468 -30.90 26.26 -23.76
CA GLY K 468 -31.88 25.45 -23.07
C GLY K 468 -31.28 24.84 -21.82
N GLU K 469 -30.00 25.10 -21.58
CA GLU K 469 -29.30 24.41 -20.51
C GLU K 469 -28.32 25.30 -19.74
N VAL K 470 -27.79 26.33 -20.41
CA VAL K 470 -26.90 27.30 -19.79
C VAL K 470 -27.30 28.67 -20.33
N LEU K 471 -27.73 28.67 -21.58
CA LEU K 471 -28.13 29.88 -22.30
C LEU K 471 -29.65 30.05 -22.42
N ASP K 472 -30.07 31.08 -23.17
CA ASP K 472 -31.48 31.26 -23.51
C ASP K 472 -31.64 31.59 -25.00
N GLY K 473 -32.84 32.01 -25.41
CA GLY K 473 -33.08 32.36 -26.81
C GLY K 473 -32.16 33.48 -27.34
N ASP K 474 -31.57 34.24 -26.43
CA ASP K 474 -30.68 35.32 -26.79
C ASP K 474 -29.21 35.00 -26.58
N PHE K 475 -28.92 33.73 -26.29
CA PHE K 475 -27.56 33.25 -25.98
C PHE K 475 -27.00 33.91 -24.74
N ARG K 476 -27.86 34.51 -23.93
CA ARG K 476 -27.45 35.06 -22.64
C ARG K 476 -27.10 33.89 -21.72
N VAL K 477 -26.17 34.08 -20.79
CA VAL K 477 -25.92 33.03 -19.78
C VAL K 477 -26.88 33.24 -18.63
N THR K 478 -27.92 32.41 -18.60
CA THR K 478 -29.08 32.64 -17.74
C THR K 478 -28.68 32.84 -16.27
N GLY K 479 -29.15 33.93 -15.66
CA GLY K 479 -28.93 34.16 -14.22
C GLY K 479 -27.84 35.19 -14.01
N ILE K 480 -26.93 35.27 -14.97
CA ILE K 480 -25.84 36.22 -14.92
C ILE K 480 -26.16 37.32 -15.92
N ASN K 481 -25.96 38.57 -15.51
CA ASN K 481 -26.09 39.70 -16.44
C ASN K 481 -24.80 39.95 -17.16
N ALA K 482 -24.91 40.44 -18.40
CA ALA K 482 -23.79 40.91 -19.21
C ALA K 482 -22.88 39.82 -19.74
N LEU K 483 -23.36 38.58 -19.71
CA LEU K 483 -22.57 37.47 -20.20
C LEU K 483 -23.31 36.75 -21.30
N ARG K 484 -22.68 36.60 -22.46
CA ARG K 484 -23.23 35.76 -23.52
C ARG K 484 -22.20 34.77 -24.01
N VAL K 485 -22.66 33.69 -24.64
CA VAL K 485 -21.77 32.74 -25.30
C VAL K 485 -22.27 32.59 -26.73
N VAL K 486 -21.39 32.78 -27.71
CA VAL K 486 -21.75 32.76 -29.13
C VAL K 486 -20.71 32.02 -29.96
N ASP K 487 -20.97 30.76 -30.29
CA ASP K 487 -20.02 29.93 -31.05
C ASP K 487 -20.51 28.52 -31.28
N GLY K 488 -19.56 27.63 -31.59
CA GLY K 488 -19.83 26.21 -31.69
C GLY K 488 -20.51 25.60 -30.47
N SER K 489 -20.13 26.02 -29.27
CA SER K 489 -20.62 25.37 -28.04
C SER K 489 -22.13 25.46 -27.74
N THR K 490 -22.86 26.32 -28.45
CA THR K 490 -24.25 26.63 -28.06
C THR K 490 -25.31 25.60 -28.42
N PHE K 491 -25.10 24.81 -29.47
CA PHE K 491 -26.11 23.84 -29.95
C PHE K 491 -25.67 22.40 -29.89
N PRO K 492 -26.64 21.45 -29.77
CA PRO K 492 -26.26 20.04 -29.62
C PRO K 492 -26.04 19.29 -30.95
N TYR K 493 -26.96 19.40 -31.91
CA TYR K 493 -26.80 18.64 -33.14
C TYR K 493 -26.18 19.51 -34.20
N SER K 494 -25.51 18.89 -35.18
CA SER K 494 -24.76 19.65 -36.20
C SER K 494 -25.74 20.23 -37.20
N PRO K 495 -25.51 21.49 -37.66
CA PRO K 495 -26.45 22.24 -38.53
C PRO K 495 -26.37 21.91 -40.02
N ALA K 496 -25.34 21.19 -40.43
CA ALA K 496 -25.15 20.83 -41.85
C ALA K 496 -24.05 19.78 -42.00
N SER K 497 -23.65 19.53 -43.24
CA SER K 497 -22.53 18.63 -43.55
C SER K 497 -21.28 19.29 -43.00
N HIS K 498 -21.29 20.61 -43.05
CA HIS K 498 -20.12 21.42 -42.73
C HIS K 498 -20.54 22.70 -42.00
N PRO K 499 -20.18 22.77 -40.70
CA PRO K 499 -20.79 23.70 -39.74
C PRO K 499 -20.35 25.18 -39.85
N GLN K 500 -19.19 25.45 -40.44
CA GLN K 500 -18.65 26.80 -40.44
C GLN K 500 -19.64 27.86 -40.94
N GLY K 501 -20.36 27.58 -42.02
CA GLY K 501 -21.39 28.50 -42.49
C GLY K 501 -22.24 29.05 -41.35
N PHE K 502 -22.89 28.16 -40.61
CA PHE K 502 -23.83 28.52 -39.54
C PHE K 502 -23.14 29.35 -38.45
N TYR K 503 -21.93 28.90 -38.08
CA TYR K 503 -21.15 29.55 -37.02
C TYR K 503 -20.68 30.91 -37.44
N LEU K 504 -20.22 31.04 -38.69
CA LEU K 504 -19.91 32.34 -39.26
C LEU K 504 -21.14 33.24 -39.12
N MET K 505 -22.27 32.74 -39.59
CA MET K 505 -23.52 33.50 -39.65
C MET K 505 -23.99 33.88 -38.26
N LEU K 506 -23.75 32.96 -37.31
CA LEU K 506 -24.21 33.10 -35.95
C LEU K 506 -23.54 34.28 -35.24
N GLY K 507 -22.30 34.57 -35.60
CA GLY K 507 -21.61 35.69 -35.00
C GLY K 507 -22.33 36.99 -35.27
N ARG K 508 -22.70 37.22 -36.53
CA ARG K 508 -23.31 38.47 -36.90
C ARG K 508 -24.77 38.52 -36.51
N TYR K 509 -25.43 37.37 -36.49
CA TYR K 509 -26.84 37.35 -36.11
C TYR K 509 -27.00 37.94 -34.73
N VAL K 510 -26.33 37.33 -33.74
CA VAL K 510 -26.36 37.80 -32.36
C VAL K 510 -25.86 39.22 -32.29
N GLY K 511 -24.71 39.48 -32.94
CA GLY K 511 -24.22 40.84 -33.15
C GLY K 511 -25.40 41.78 -33.36
N SER K 512 -26.16 41.52 -34.43
CA SER K 512 -27.35 42.33 -34.72
C SER K 512 -28.33 42.38 -33.55
N LYS K 513 -28.85 41.23 -33.12
CA LYS K 513 -29.84 41.22 -32.04
C LYS K 513 -29.48 42.13 -30.86
N ILE K 514 -28.20 42.14 -30.45
CA ILE K 514 -27.78 43.00 -29.33
C ILE K 514 -27.95 44.48 -29.64
N LEU K 515 -27.55 44.85 -30.85
CA LEU K 515 -27.68 46.23 -31.30
C LEU K 515 -29.14 46.62 -31.34
N GLN K 516 -30.00 45.65 -31.70
CA GLN K 516 -31.46 45.84 -31.77
C GLN K 516 -32.14 45.95 -30.39
N GLU K 517 -31.58 45.31 -29.37
CA GLU K 517 -32.14 45.52 -28.05
C GLU K 517 -31.61 46.79 -27.39
N ARG K 518 -30.39 47.19 -27.75
CA ARG K 518 -29.85 48.44 -27.23
C ARG K 518 -30.52 49.67 -27.87
N SER K 519 -30.90 49.52 -29.13
CA SER K 519 -31.56 50.60 -29.89
C SER K 519 -32.95 50.85 -29.32
N ALA K 520 -33.58 49.75 -28.91
CA ALA K 520 -34.83 49.77 -28.14
C ALA K 520 -34.66 50.60 -26.86
N ALA K 521 -33.52 50.42 -26.18
CA ALA K 521 -33.20 50.98 -24.82
C ALA K 521 -33.83 50.16 -23.67
N LEU L 1 35.84 -2.65 -39.58
CA LEU L 1 34.35 -2.58 -39.58
C LEU L 1 33.86 -2.72 -38.16
N ALA L 2 33.31 -1.66 -37.56
CA ALA L 2 32.70 -1.86 -36.23
C ALA L 2 31.31 -2.50 -36.35
N THR L 3 30.74 -2.89 -35.21
CA THR L 3 29.36 -3.38 -35.21
C THR L 3 28.39 -2.21 -34.99
N THR L 4 27.23 -2.34 -35.62
CA THR L 4 26.05 -1.56 -35.30
C THR L 4 26.06 -1.34 -33.81
N SER L 5 25.71 -0.11 -33.43
CA SER L 5 25.53 0.32 -32.05
C SER L 5 25.32 1.82 -32.16
N ASP L 6 25.04 2.46 -31.04
CA ASP L 6 24.72 3.87 -31.08
C ASP L 6 25.84 4.79 -31.57
N HIS L 7 25.42 5.95 -32.10
CA HIS L 7 26.33 7.06 -32.39
C HIS L 7 27.06 7.46 -31.11
N ASP L 8 28.39 7.44 -31.19
CA ASP L 8 29.19 7.63 -30.00
C ASP L 8 29.40 9.10 -29.76
N PHE L 9 28.70 9.62 -28.76
CA PHE L 9 28.80 11.03 -28.41
C PHE L 9 29.68 11.30 -27.20
N SER L 10 30.55 10.34 -26.88
CA SER L 10 31.47 10.47 -25.78
C SER L 10 32.09 11.86 -25.68
N TYR L 11 32.55 12.37 -26.83
CA TYR L 11 33.28 13.63 -26.96
C TYR L 11 32.61 14.90 -26.43
N LEU L 12 31.27 14.91 -26.30
CA LEU L 12 30.55 16.10 -25.81
C LEU L 12 31.13 16.66 -24.51
N SER L 13 32.04 15.90 -23.90
CA SER L 13 32.72 16.30 -22.68
C SER L 13 33.83 17.37 -22.91
N PHE L 14 34.29 17.52 -24.14
CA PHE L 14 35.31 18.54 -24.43
C PHE L 14 34.91 19.38 -25.64
N ALA L 15 33.60 19.46 -25.87
CA ALA L 15 33.03 20.24 -26.96
C ALA L 15 32.31 21.45 -26.37
N TYR L 16 32.65 22.64 -26.85
CA TYR L 16 32.08 23.88 -26.30
C TYR L 16 31.47 24.74 -27.39
N ASP L 17 30.58 25.64 -27.00
CA ASP L 17 30.15 26.67 -27.93
C ASP L 17 31.23 27.75 -27.87
N ALA L 18 31.42 28.41 -29.01
CA ALA L 18 32.27 29.57 -29.14
C ALA L 18 32.11 30.55 -27.97
N THR L 19 30.90 30.69 -27.45
CA THR L 19 30.66 31.70 -26.42
C THR L 19 31.24 31.31 -25.06
N ASP L 20 31.27 30.02 -24.76
CA ASP L 20 31.86 29.55 -23.49
C ASP L 20 33.37 29.50 -23.56
N LEU L 21 33.94 29.50 -24.76
CA LEU L 21 35.41 29.50 -24.93
C LEU L 21 36.08 30.79 -24.45
N GLU L 22 37.33 30.69 -24.00
CA GLU L 22 38.11 31.85 -23.54
C GLU L 22 38.27 32.89 -24.67
N LEU L 23 38.54 34.14 -24.32
CA LEU L 23 38.68 35.19 -25.34
C LEU L 23 40.01 35.16 -26.11
N GLU L 24 41.01 34.51 -25.54
CA GLU L 24 42.29 34.29 -26.23
C GLU L 24 43.04 33.08 -25.68
N GLY L 25 43.34 32.14 -26.57
CA GLY L 25 43.87 30.84 -26.16
C GLY L 25 45.18 30.48 -26.82
N SER L 26 45.82 29.43 -26.30
CA SER L 26 47.05 28.93 -26.87
C SER L 26 46.97 27.43 -27.05
N TYR L 27 47.47 26.94 -28.18
CA TYR L 27 47.44 25.51 -28.49
C TYR L 27 48.69 25.08 -29.25
N ASP L 28 49.02 23.82 -29.22
CA ASP L 28 50.04 23.32 -30.12
C ASP L 28 49.53 23.25 -31.56
N TYR L 29 48.27 22.88 -31.75
CA TYR L 29 47.68 22.82 -33.08
C TYR L 29 46.26 23.43 -33.11
N VAL L 30 45.97 24.30 -34.06
CA VAL L 30 44.65 24.91 -34.17
C VAL L 30 44.06 24.65 -35.56
N ILE L 31 43.02 23.81 -35.58
CA ILE L 31 42.45 23.30 -36.82
C ILE L 31 41.18 24.05 -37.21
N VAL L 32 41.13 24.50 -38.45
CA VAL L 32 39.97 25.22 -38.92
C VAL L 32 39.13 24.23 -39.70
N GLY L 33 37.89 24.02 -39.26
CA GLY L 33 36.96 23.15 -39.94
C GLY L 33 37.02 21.74 -39.38
N GLY L 34 36.15 21.46 -38.39
CA GLY L 34 36.08 20.16 -37.75
C GLY L 34 35.18 19.25 -38.54
N GLY L 35 35.58 18.96 -39.77
CA GLY L 35 34.80 18.16 -40.70
C GLY L 35 35.40 16.79 -40.92
N THR L 36 35.33 16.33 -42.18
CA THR L 36 35.70 14.96 -42.54
C THR L 36 37.18 14.65 -42.33
N SER L 37 38.08 15.51 -42.83
CA SER L 37 39.50 15.36 -42.49
C SER L 37 39.82 16.05 -41.15
N GLY L 38 39.12 17.18 -40.94
CA GLY L 38 39.25 17.97 -39.74
C GLY L 38 39.36 17.13 -38.49
N CYS L 39 38.35 16.30 -38.25
CA CYS L 39 38.23 15.58 -36.98
C CYS L 39 39.31 14.55 -36.74
N PRO L 40 39.52 13.65 -37.72
CA PRO L 40 40.55 12.64 -37.51
C PRO L 40 41.92 13.28 -37.40
N LEU L 41 42.16 14.37 -38.13
CA LEU L 41 43.40 15.11 -37.90
C LEU L 41 43.46 15.58 -36.43
N ALA L 42 42.38 16.21 -36.00
CA ALA L 42 42.29 16.80 -34.69
C ALA L 42 42.53 15.73 -33.63
N ALA L 43 41.91 14.56 -33.83
CA ALA L 43 42.04 13.47 -32.84
C ALA L 43 43.46 12.94 -32.81
N THR L 44 44.01 12.68 -34.00
CA THR L 44 45.36 12.13 -34.11
C THR L 44 46.36 13.06 -33.37
N LEU L 45 46.34 14.35 -33.68
CA LEU L 45 47.27 15.28 -33.06
C LEU L 45 47.10 15.39 -31.54
N SER L 46 45.91 15.01 -31.07
CA SER L 46 45.54 15.17 -29.66
C SER L 46 46.16 14.09 -28.83
N GLU L 47 46.46 12.95 -29.45
CA GLU L 47 47.18 11.90 -28.78
C GLU L 47 48.37 12.49 -28.04
N LYS L 48 49.12 13.36 -28.72
N LYS L 48 49.16 13.36 -28.67
CA LYS L 48 50.37 13.91 -28.17
CA LYS L 48 50.30 13.94 -27.94
C LYS L 48 50.35 15.42 -27.82
C LYS L 48 50.24 15.44 -27.65
N TYR L 49 49.41 16.17 -28.40
CA TYR L 49 49.37 17.64 -28.24
C TYR L 49 48.03 18.30 -27.96
N LYS L 50 48.10 19.49 -27.35
CA LYS L 50 46.95 20.33 -27.11
C LYS L 50 46.42 20.91 -28.44
N VAL L 51 45.27 20.40 -28.89
CA VAL L 51 44.65 20.75 -30.17
C VAL L 51 43.29 21.40 -29.96
N LEU L 52 43.00 22.42 -30.77
CA LEU L 52 41.71 23.10 -30.75
C LEU L 52 41.10 23.03 -32.13
N VAL L 53 39.91 22.46 -32.22
CA VAL L 53 39.18 22.49 -33.47
C VAL L 53 38.18 23.63 -33.41
N LEU L 54 38.08 24.36 -34.52
CA LEU L 54 37.07 25.39 -34.64
C LEU L 54 36.20 25.03 -35.80
N GLU L 55 34.89 25.08 -35.59
CA GLU L 55 33.97 24.65 -36.61
C GLU L 55 32.75 25.55 -36.57
N ARG L 56 32.49 26.23 -37.68
CA ARG L 56 31.36 27.13 -37.82
C ARG L 56 29.96 26.47 -37.62
N GLY L 57 29.87 25.14 -37.71
CA GLY L 57 28.56 24.48 -37.63
C GLY L 57 28.04 24.24 -36.22
N THR L 58 26.91 23.55 -36.10
CA THR L 58 26.44 23.13 -34.79
C THR L 58 26.96 21.73 -34.39
N LEU L 59 26.68 21.35 -33.14
CA LEU L 59 26.80 19.98 -32.71
C LEU L 59 25.66 19.27 -33.44
N PRO L 60 25.88 18.00 -33.83
CA PRO L 60 24.87 17.28 -34.62
C PRO L 60 23.59 17.00 -33.81
N THR L 61 23.69 17.08 -32.48
CA THR L 61 22.57 16.89 -31.56
C THR L 61 21.44 17.87 -31.85
N ALA L 62 21.79 19.12 -32.16
CA ALA L 62 20.77 20.10 -32.54
C ALA L 62 19.91 19.57 -33.66
N TYR L 63 20.48 18.75 -34.52
CA TYR L 63 19.74 18.30 -35.68
C TYR L 63 19.61 16.79 -35.74
N PRO L 64 18.62 16.26 -34.97
CA PRO L 64 18.42 14.82 -34.91
C PRO L 64 18.40 14.18 -36.29
N ASN L 65 17.87 14.88 -37.27
CA ASN L 65 17.55 14.26 -38.56
C ASN L 65 18.73 13.98 -39.49
N LEU L 66 19.93 14.27 -39.01
CA LEU L 66 21.10 13.89 -39.75
C LEU L 66 21.91 12.89 -38.95
N LEU L 67 21.25 12.22 -38.00
CA LEU L 67 21.87 11.09 -37.30
C LEU L 67 21.27 9.79 -37.78
N THR L 68 20.42 9.87 -38.81
CA THR L 68 19.77 8.66 -39.30
C THR L 68 19.66 8.61 -40.82
N SER L 69 19.84 7.42 -41.36
CA SER L 69 19.50 7.14 -42.75
C SER L 69 18.15 7.75 -43.21
N ASP L 70 17.07 7.48 -42.46
CA ASP L 70 15.71 7.92 -42.78
C ASP L 70 15.58 9.43 -42.95
N GLY L 71 16.52 10.19 -42.38
CA GLY L 71 16.60 11.64 -42.54
C GLY L 71 17.57 12.16 -43.60
N PHE L 72 18.08 11.29 -44.47
CA PHE L 72 18.96 11.76 -45.53
C PHE L 72 18.27 12.70 -46.49
N ILE L 73 17.04 12.39 -46.87
CA ILE L 73 16.28 13.32 -47.73
C ILE L 73 15.88 14.58 -46.97
N TYR L 74 15.66 14.44 -45.66
CA TYR L 74 15.10 15.52 -44.83
C TYR L 74 16.02 16.72 -44.70
N ASN L 75 17.25 16.51 -44.24
CA ASN L 75 18.23 17.58 -44.17
C ASN L 75 18.31 18.46 -45.43
N LEU L 76 18.06 17.85 -46.58
CA LEU L 76 18.17 18.55 -47.87
C LEU L 76 16.90 19.31 -48.20
N GLN L 77 15.81 18.96 -47.52
CA GLN L 77 14.53 19.61 -47.76
C GLN L 77 14.41 20.89 -46.94
N GLN L 78 15.17 20.93 -45.83
CA GLN L 78 15.21 22.06 -44.89
C GLN L 78 15.61 23.38 -45.52
N GLU L 79 14.80 24.40 -45.27
CA GLU L 79 15.12 25.75 -45.68
C GLU L 79 16.43 26.09 -45.02
N ASP L 80 17.35 26.67 -45.79
CA ASP L 80 18.65 27.10 -45.24
C ASP L 80 18.51 28.50 -44.66
N ASP L 81 18.95 28.68 -43.43
CA ASP L 81 18.83 29.98 -42.77
C ASP L 81 20.10 30.48 -42.07
N GLY L 82 21.22 29.79 -42.29
CA GLY L 82 22.52 30.20 -41.73
C GLY L 82 22.94 29.36 -40.54
N GLN L 83 21.98 28.68 -39.91
CA GLN L 83 22.25 27.90 -38.69
C GLN L 83 22.22 26.38 -38.96
N THR L 84 21.49 25.99 -40.01
CA THR L 84 21.29 24.60 -40.42
C THR L 84 22.51 23.88 -40.97
N PRO L 85 22.52 22.54 -40.88
CA PRO L 85 23.69 21.75 -41.21
C PRO L 85 23.92 21.56 -42.72
N VAL L 86 22.90 21.85 -43.53
CA VAL L 86 23.01 21.73 -44.99
C VAL L 86 22.98 23.10 -45.61
N GLU L 87 24.15 23.61 -45.97
CA GLU L 87 24.25 24.88 -46.66
C GLU L 87 24.00 24.62 -48.15
N ARG L 88 23.06 25.36 -48.72
CA ARG L 88 22.75 25.27 -50.16
C ARG L 88 23.56 26.32 -50.88
N PHE L 89 23.85 26.08 -52.16
CA PHE L 89 24.57 27.03 -52.99
C PHE L 89 24.41 26.62 -54.45
N VAL L 90 24.64 27.58 -55.36
CA VAL L 90 24.65 27.29 -56.79
C VAL L 90 25.96 27.68 -57.42
N SER L 91 26.43 26.82 -58.33
CA SER L 91 27.64 27.07 -59.14
C SER L 91 27.40 28.21 -60.13
N GLY L 92 28.49 28.76 -60.68
CA GLY L 92 28.43 29.80 -61.72
C GLY L 92 27.73 29.20 -62.91
N ASP L 93 27.92 27.88 -63.08
CA ASP L 93 27.26 27.08 -64.10
C ASP L 93 25.72 27.10 -64.01
N GLY L 94 25.15 26.87 -62.84
CA GLY L 94 23.68 26.82 -62.71
C GLY L 94 23.18 25.50 -62.15
N ILE L 95 24.05 24.80 -61.41
CA ILE L 95 23.71 23.50 -60.83
C ILE L 95 23.63 23.63 -59.31
N ASP L 96 22.47 23.27 -58.77
CA ASP L 96 22.25 23.29 -57.34
C ASP L 96 23.17 22.31 -56.64
N ASP L 97 23.52 22.62 -55.40
CA ASP L 97 24.52 21.84 -54.71
C ASP L 97 24.51 22.23 -53.24
N VAL L 98 25.17 21.41 -52.42
CA VAL L 98 25.19 21.64 -50.99
C VAL L 98 26.54 21.29 -50.44
N ARG L 99 26.78 21.78 -49.23
CA ARG L 99 27.86 21.32 -48.37
C ARG L 99 27.40 21.34 -46.90
N GLY L 100 28.15 20.66 -46.05
CA GLY L 100 27.81 20.58 -44.63
C GLY L 100 28.24 21.77 -43.81
N ARG L 101 27.43 22.08 -42.80
CA ARG L 101 27.73 23.15 -41.84
C ARG L 101 27.43 22.69 -40.41
N VAL L 102 28.18 21.69 -39.94
CA VAL L 102 27.89 20.99 -38.68
C VAL L 102 29.15 20.26 -38.29
N LEU L 103 29.43 20.14 -37.00
CA LEU L 103 30.60 19.32 -36.62
C LEU L 103 30.46 17.92 -37.20
N GLY L 104 31.57 17.42 -37.77
CA GLY L 104 31.55 16.21 -38.63
C GLY L 104 31.34 16.53 -40.12
N GLY L 105 31.30 17.83 -40.45
CA GLY L 105 31.30 18.32 -41.82
C GLY L 105 30.26 17.67 -42.69
N THR L 106 30.57 17.61 -43.98
CA THR L 106 29.66 17.06 -44.99
C THR L 106 29.29 15.58 -44.79
N SER L 107 30.23 14.80 -44.26
CA SER L 107 30.00 13.36 -44.03
C SER L 107 28.86 13.12 -43.03
N MET L 108 28.40 14.21 -42.41
CA MET L 108 27.33 14.14 -41.44
C MET L 108 26.02 14.09 -42.19
N ILE L 109 25.99 14.72 -43.35
CA ILE L 109 24.76 14.92 -44.08
C ILE L 109 24.75 14.11 -45.37
N ASN L 110 25.86 13.42 -45.65
CA ASN L 110 26.02 12.71 -46.94
C ASN L 110 25.20 11.40 -47.07
N ALA L 111 25.31 10.70 -48.21
CA ALA L 111 24.59 9.43 -48.40
C ALA L 111 25.41 8.23 -47.97
N GLY L 112 26.27 8.43 -46.97
CA GLY L 112 27.10 7.41 -46.32
C GLY L 112 27.68 6.24 -47.11
N VAL L 113 28.26 6.51 -48.27
CA VAL L 113 28.87 5.45 -49.05
C VAL L 113 30.37 5.45 -48.79
N TYR L 114 30.88 4.30 -48.35
CA TYR L 114 32.29 4.19 -48.01
C TYR L 114 33.07 3.21 -48.88
N ALA L 115 34.26 3.67 -49.30
CA ALA L 115 35.15 2.90 -50.18
C ALA L 115 36.63 3.28 -49.96
N ARG L 116 37.53 2.40 -50.41
CA ARG L 116 38.96 2.73 -50.46
C ARG L 116 39.32 3.25 -51.86
N ALA L 117 40.26 4.18 -51.92
CA ALA L 117 40.67 4.82 -53.16
C ALA L 117 41.33 3.82 -54.12
N ASN L 118 41.28 4.12 -55.42
CA ASN L 118 42.11 3.42 -56.43
C ASN L 118 43.54 3.30 -55.92
N THR L 119 44.02 2.08 -55.79
CA THR L 119 45.39 1.81 -55.38
C THR L 119 46.40 2.31 -56.44
N LYS L 120 45.88 2.56 -57.65
CA LYS L 120 46.63 3.19 -58.75
C LYS L 120 46.78 4.72 -58.63
N ILE L 121 45.91 5.35 -57.85
CA ILE L 121 45.95 6.80 -57.62
C ILE L 121 47.16 7.21 -56.75
N PHE L 122 47.47 6.41 -55.73
CA PHE L 122 48.54 6.74 -54.78
C PHE L 122 49.94 6.91 -55.42
N SER L 123 50.03 6.69 -56.73
CA SER L 123 51.34 6.59 -57.41
C SER L 123 51.82 7.88 -58.08
N ALA L 124 51.08 8.33 -59.09
CA ALA L 124 51.38 9.61 -59.73
C ALA L 124 50.54 10.72 -59.06
N SER L 125 50.72 10.87 -57.74
CA SER L 125 49.88 11.77 -56.91
C SER L 125 50.59 13.07 -56.54
N GLY L 126 51.92 13.00 -56.42
CA GLY L 126 52.71 14.17 -56.09
C GLY L 126 53.17 14.18 -54.64
N ILE L 127 52.74 13.20 -53.87
CA ILE L 127 53.21 13.09 -52.49
C ILE L 127 53.77 11.69 -52.24
N GLU L 128 54.90 11.60 -51.54
CA GLU L 128 55.47 10.29 -51.23
C GLU L 128 54.71 9.59 -50.10
N TRP L 129 53.80 8.70 -50.51
CA TRP L 129 52.96 7.94 -49.59
C TRP L 129 53.76 6.90 -48.84
N ASP L 130 53.60 6.89 -47.52
CA ASP L 130 53.92 5.72 -46.73
C ASP L 130 52.66 4.80 -46.74
N MET L 131 52.72 3.78 -47.61
CA MET L 131 51.61 2.88 -47.88
C MET L 131 51.15 2.01 -46.69
N ASP L 132 52.07 1.77 -45.75
CA ASP L 132 51.75 1.10 -44.48
C ASP L 132 50.85 1.98 -43.60
N LEU L 133 51.14 3.28 -43.55
CA LEU L 133 50.31 4.22 -42.81
C LEU L 133 48.94 4.28 -43.44
N VAL L 134 48.91 4.26 -44.77
CA VAL L 134 47.66 4.40 -45.53
C VAL L 134 46.67 3.26 -45.25
N ASN L 135 47.12 2.01 -45.36
CA ASN L 135 46.27 0.86 -44.99
C ASN L 135 46.04 0.71 -43.48
N GLN L 136 46.97 1.20 -42.66
CA GLN L 136 46.79 1.23 -41.22
C GLN L 136 45.71 2.23 -40.80
N THR L 137 45.61 3.34 -41.53
CA THR L 137 44.62 4.37 -41.23
C THR L 137 43.21 3.93 -41.67
N TYR L 138 43.10 3.39 -42.88
CA TYR L 138 41.85 2.79 -43.35
C TYR L 138 41.27 1.81 -42.30
N ASP L 139 42.07 0.81 -41.91
CA ASP L 139 41.73 -0.12 -40.80
C ASP L 139 41.13 0.62 -39.57
N TRP L 140 41.86 1.60 -39.04
CA TRP L 140 41.47 2.49 -37.90
C TRP L 140 40.19 3.29 -38.14
N VAL L 141 39.99 3.78 -39.36
CA VAL L 141 38.75 4.47 -39.74
C VAL L 141 37.57 3.49 -39.81
N GLU L 142 37.72 2.45 -40.62
CA GLU L 142 36.63 1.51 -40.86
C GLU L 142 36.10 0.92 -39.55
N ASP L 143 37.03 0.48 -38.70
CA ASP L 143 36.69 -0.19 -37.45
C ASP L 143 36.02 0.73 -36.43
N THR L 144 35.70 1.95 -36.84
CA THR L 144 34.84 2.84 -36.05
C THR L 144 33.52 3.06 -36.76
N ILE L 145 33.59 3.48 -38.02
CA ILE L 145 32.40 4.06 -38.66
C ILE L 145 31.96 3.35 -39.93
N VAL L 146 32.63 2.26 -40.29
CA VAL L 146 32.19 1.50 -41.46
C VAL L 146 31.59 0.15 -41.09
N TYR L 147 30.55 -0.24 -41.84
CA TYR L 147 29.67 -1.38 -41.52
C TYR L 147 29.47 -2.25 -42.75
N LYS L 148 29.24 -3.54 -42.53
CA LYS L 148 28.83 -4.41 -43.63
C LYS L 148 27.29 -4.42 -43.74
N PRO L 149 26.75 -3.82 -44.82
CA PRO L 149 25.29 -3.68 -44.96
C PRO L 149 24.56 -5.02 -45.19
N ASP L 150 23.27 -5.06 -44.85
CA ASP L 150 22.42 -6.24 -45.07
C ASP L 150 21.81 -6.26 -46.47
N LYS L 151 21.46 -7.48 -46.91
CA LYS L 151 20.48 -7.73 -47.97
C LYS L 151 19.50 -6.55 -48.04
N GLN L 152 19.27 -6.00 -49.24
CA GLN L 152 18.28 -4.92 -49.42
C GLN L 152 17.49 -5.09 -50.70
N ALA L 153 16.17 -5.26 -50.56
CA ALA L 153 15.28 -5.51 -51.71
C ALA L 153 15.79 -4.89 -53.02
N TRP L 154 15.88 -3.57 -53.07
CA TRP L 154 16.34 -2.87 -54.29
C TRP L 154 17.86 -2.94 -54.61
N GLN L 155 18.71 -2.89 -53.59
CA GLN L 155 20.17 -3.05 -53.82
C GLN L 155 20.44 -4.43 -54.43
N SER L 156 19.82 -5.45 -53.85
CA SER L 156 19.87 -6.84 -54.35
C SER L 156 19.20 -7.01 -55.70
N LEU L 157 18.33 -6.06 -56.04
CA LEU L 157 17.69 -6.03 -57.33
C LEU L 157 18.61 -5.42 -58.40
N THR L 158 19.38 -4.40 -58.01
CA THR L 158 20.32 -3.70 -58.91
C THR L 158 21.57 -4.55 -59.17
N LYS L 159 22.00 -5.30 -58.16
CA LYS L 159 23.17 -6.20 -58.23
C LYS L 159 23.07 -7.15 -59.43
N THR L 160 21.92 -7.85 -59.53
CA THR L 160 21.68 -8.75 -60.69
C THR L 160 21.72 -7.96 -62.02
N ALA L 161 20.89 -6.91 -62.13
CA ALA L 161 20.90 -5.98 -63.30
C ALA L 161 22.29 -5.44 -63.71
N PHE L 162 23.21 -5.32 -62.76
CA PHE L 162 24.62 -4.97 -63.03
C PHE L 162 25.36 -6.14 -63.71
N LEU L 163 25.28 -7.31 -63.09
CA LEU L 163 25.90 -8.51 -63.64
C LEU L 163 25.28 -8.86 -64.99
N GLU L 164 23.96 -8.71 -65.09
CA GLU L 164 23.20 -8.97 -66.32
C GLU L 164 23.58 -8.03 -67.48
N ALA L 165 23.88 -6.77 -67.19
CA ALA L 165 24.33 -5.81 -68.20
C ALA L 165 25.83 -5.95 -68.45
N GLY L 166 26.41 -6.99 -67.84
CA GLY L 166 27.78 -7.41 -68.15
C GLY L 166 28.90 -6.75 -67.37
N VAL L 167 28.58 -5.91 -66.39
CA VAL L 167 29.62 -5.34 -65.54
C VAL L 167 30.23 -6.43 -64.66
N LEU L 168 31.38 -6.94 -65.09
CA LEU L 168 32.13 -7.97 -64.34
C LEU L 168 33.53 -7.46 -64.04
N PRO L 169 34.24 -8.09 -63.09
CA PRO L 169 33.84 -9.26 -62.31
C PRO L 169 32.88 -8.96 -61.13
N ASP L 170 32.51 -9.99 -60.36
CA ASP L 170 31.75 -9.81 -59.11
C ASP L 170 32.66 -10.04 -57.88
N ASN L 171 32.85 -8.98 -57.11
CA ASN L 171 33.81 -9.02 -56.01
C ASN L 171 33.13 -9.39 -54.68
N GLY L 172 31.86 -9.78 -54.76
CA GLY L 172 31.05 -9.98 -53.57
C GLY L 172 30.99 -8.73 -52.70
N PHE L 173 31.53 -8.80 -51.48
CA PHE L 173 31.59 -7.63 -50.60
C PHE L 173 33.03 -7.12 -50.47
N SER L 174 33.23 -5.85 -50.83
CA SER L 174 34.58 -5.22 -50.89
C SER L 174 34.56 -3.69 -50.78
N LEU L 175 35.45 -3.19 -49.91
CA LEU L 175 35.62 -1.76 -49.74
C LEU L 175 36.28 -1.21 -50.97
N ASP L 176 37.21 -1.98 -51.52
CA ASP L 176 38.16 -1.54 -52.55
C ASP L 176 37.52 -1.08 -53.85
N HIS L 177 38.04 0.03 -54.38
CA HIS L 177 37.64 0.50 -55.69
C HIS L 177 38.30 -0.42 -56.73
N GLU L 178 37.45 -1.22 -57.40
CA GLU L 178 37.85 -2.12 -58.50
C GLU L 178 36.76 -2.02 -59.57
N ALA L 179 37.11 -2.27 -60.84
CA ALA L 179 36.07 -2.36 -61.88
C ALA L 179 35.20 -3.62 -61.71
N GLY L 180 33.97 -3.55 -62.20
CA GLY L 180 33.05 -4.66 -62.04
C GLY L 180 32.07 -4.31 -60.96
N THR L 181 31.11 -5.20 -60.71
CA THR L 181 30.05 -4.96 -59.75
C THR L 181 30.34 -5.56 -58.40
N ARG L 182 30.12 -4.76 -57.37
CA ARG L 182 30.39 -5.19 -56.01
C ARG L 182 29.38 -4.63 -55.02
N LEU L 183 29.74 -4.78 -53.75
CA LEU L 183 29.01 -4.24 -52.63
C LEU L 183 30.06 -3.66 -51.69
N THR L 184 29.82 -2.43 -51.25
CA THR L 184 30.84 -1.70 -50.53
C THR L 184 30.39 -1.38 -49.11
N GLY L 185 31.34 -0.98 -48.27
CA GLY L 185 31.02 -0.48 -46.94
C GLY L 185 30.06 0.72 -46.94
N SER L 186 29.63 1.10 -45.75
CA SER L 186 28.70 2.21 -45.54
C SER L 186 29.02 2.88 -44.21
N THR L 187 28.59 4.13 -44.04
CA THR L 187 28.69 4.74 -42.71
C THR L 187 27.36 4.75 -41.93
N PHE L 188 26.28 4.27 -42.56
CA PHE L 188 25.03 3.91 -41.84
C PHE L 188 25.12 2.47 -41.40
N ASP L 189 24.92 2.22 -40.11
CA ASP L 189 24.86 0.83 -39.64
C ASP L 189 23.49 0.15 -39.95
N ASN L 190 23.32 -1.10 -39.54
CA ASN L 190 22.17 -1.89 -39.96
C ASN L 190 20.86 -1.49 -39.25
N ASN L 191 21.00 -0.87 -38.07
CA ASN L 191 19.87 -0.25 -37.39
C ASN L 191 19.36 0.92 -38.22
N GLY L 192 20.27 1.62 -38.87
CA GLY L 192 19.95 2.81 -39.65
C GLY L 192 20.61 4.01 -39.00
N THR L 193 21.35 3.75 -37.92
CA THR L 193 22.07 4.79 -37.22
C THR L 193 23.30 5.22 -38.04
N ARG L 194 23.37 6.52 -38.34
CA ARG L 194 24.50 7.13 -39.07
C ARG L 194 25.70 7.34 -38.15
N HIS L 195 26.88 7.01 -38.67
CA HIS L 195 28.12 7.17 -37.96
C HIS L 195 29.07 8.01 -38.81
N ALA L 196 29.06 9.33 -38.61
CA ALA L 196 30.21 10.19 -39.01
C ALA L 196 31.30 9.79 -37.99
N SER L 197 32.60 10.10 -38.13
CA SER L 197 33.26 11.22 -38.78
C SER L 197 33.62 12.22 -37.67
N ASP L 198 32.60 12.63 -36.92
CA ASP L 198 32.82 13.37 -35.71
C ASP L 198 33.21 12.36 -34.68
N GLU L 199 32.68 11.15 -34.83
CA GLU L 199 32.87 10.12 -33.82
C GLU L 199 34.35 9.86 -33.65
N LEU L 200 35.11 10.02 -34.73
CA LEU L 200 36.57 9.84 -34.67
C LEU L 200 37.28 10.77 -33.66
N LEU L 201 36.56 11.81 -33.19
CA LEU L 201 37.05 12.71 -32.12
C LEU L 201 37.24 11.94 -30.82
N ASN L 202 36.52 10.84 -30.68
CA ASN L 202 36.63 9.95 -29.51
C ASN L 202 37.97 9.23 -29.45
N LYS L 203 38.51 8.86 -30.61
CA LYS L 203 39.84 8.28 -30.69
C LYS L 203 40.93 9.29 -30.21
N GLY L 204 40.51 10.50 -29.84
CA GLY L 204 41.42 11.52 -29.28
C GLY L 204 41.61 11.45 -27.77
N ASP L 205 42.65 12.13 -27.28
CA ASP L 205 42.84 12.26 -25.86
C ASP L 205 41.94 13.37 -25.34
N PRO L 206 41.17 13.11 -24.27
CA PRO L 206 40.21 14.15 -23.84
C PRO L 206 40.89 15.31 -23.13
N ASN L 207 42.10 15.09 -22.62
CA ASN L 207 42.90 16.09 -21.90
C ASN L 207 43.64 17.04 -22.88
N ASN L 208 43.78 16.59 -24.12
CA ASN L 208 44.49 17.34 -25.16
C ASN L 208 43.56 17.97 -26.23
N LEU L 209 42.47 17.31 -26.57
CA LEU L 209 41.51 17.83 -27.55
C LEU L 209 40.47 18.78 -26.94
N ARG L 210 40.11 19.80 -27.71
CA ARG L 210 38.98 20.67 -27.41
C ARG L 210 38.29 21.02 -28.70
N VAL L 211 37.03 20.62 -28.81
CA VAL L 211 36.24 20.96 -29.97
C VAL L 211 35.47 22.24 -29.64
N ALA L 212 35.31 23.10 -30.63
CA ALA L 212 34.59 24.35 -30.42
C ALA L 212 33.61 24.67 -31.56
N VAL L 213 32.33 24.75 -31.24
CA VAL L 213 31.29 24.90 -32.27
C VAL L 213 30.78 26.32 -32.32
N HIS L 214 30.01 26.62 -33.38
CA HIS L 214 29.53 27.96 -33.65
C HIS L 214 30.68 28.96 -33.70
N ALA L 215 31.84 28.47 -34.12
CA ALA L 215 33.02 29.29 -34.24
C ALA L 215 33.18 29.56 -35.71
N SER L 216 33.10 30.84 -36.07
CA SER L 216 33.26 31.28 -37.45
C SER L 216 34.67 31.83 -37.56
N VAL L 217 35.50 31.17 -38.36
CA VAL L 217 36.92 31.53 -38.46
C VAL L 217 37.09 32.45 -39.63
N GLU L 218 37.71 33.60 -39.37
CA GLU L 218 37.63 34.75 -40.29
C GLU L 218 38.93 35.14 -40.93
N LYS L 219 40.01 35.09 -40.16
CA LYS L 219 41.29 35.51 -40.63
C LYS L 219 42.35 34.58 -40.02
N ILE L 220 43.34 34.22 -40.84
CA ILE L 220 44.55 33.61 -40.33
C ILE L 220 45.49 34.77 -40.07
N ILE L 221 46.01 34.84 -38.86
CA ILE L 221 46.99 35.86 -38.50
C ILE L 221 48.38 35.38 -38.87
N PHE L 222 49.18 36.29 -39.45
CA PHE L 222 50.57 35.99 -39.81
C PHE L 222 51.56 36.94 -39.17
N SER L 223 52.79 36.48 -38.98
CA SER L 223 53.87 37.36 -38.59
C SER L 223 55.03 37.21 -39.58
N SER L 224 55.74 38.30 -39.87
CA SER L 224 56.91 38.22 -40.77
C SER L 224 58.15 37.86 -39.99
N ASN L 225 57.93 37.46 -38.73
CA ASN L 225 59.01 37.00 -37.86
C ASN L 225 58.71 35.64 -37.18
N SER L 226 59.70 34.74 -37.19
CA SER L 226 60.96 34.98 -37.89
C SER L 226 61.50 33.62 -38.40
N SER L 227 62.05 33.61 -39.63
CA SER L 227 62.19 34.84 -40.42
C SER L 227 61.40 34.83 -41.75
N GLY L 228 60.59 33.83 -41.98
CA GLY L 228 59.62 33.87 -43.06
C GLY L 228 58.27 34.30 -42.51
N VAL L 229 57.23 34.32 -43.34
CA VAL L 229 55.90 34.60 -42.86
C VAL L 229 55.52 33.34 -42.16
N THR L 230 55.05 33.44 -40.95
CA THR L 230 54.63 32.30 -40.19
C THR L 230 53.24 32.63 -39.84
N ALA L 231 52.40 31.63 -39.60
CA ALA L 231 51.05 31.88 -39.12
C ALA L 231 51.09 31.84 -37.59
N ILE L 232 50.51 32.84 -36.92
CA ILE L 232 50.44 32.82 -35.46
C ILE L 232 49.10 32.40 -34.85
N GLY L 233 48.09 32.20 -35.68
CA GLY L 233 46.79 31.73 -35.21
C GLY L 233 45.61 32.17 -36.04
N VAL L 234 44.45 32.28 -35.41
CA VAL L 234 43.24 32.69 -36.11
C VAL L 234 42.38 33.64 -35.29
N ILE L 235 41.47 34.31 -35.99
CA ILE L 235 40.44 35.09 -35.35
C ILE L 235 39.10 34.54 -35.78
N TYR L 236 38.28 34.19 -34.81
CA TYR L 236 36.97 33.69 -35.12
C TYR L 236 35.97 34.55 -34.38
N LYS L 237 34.71 34.50 -34.80
CA LYS L 237 33.60 35.19 -34.13
C LYS L 237 32.65 34.14 -33.59
N ASP L 238 31.91 34.48 -32.53
CA ASP L 238 30.85 33.60 -31.98
C ASP L 238 29.45 34.15 -32.24
N SER L 239 28.42 33.43 -31.80
CA SER L 239 27.00 33.77 -32.12
C SER L 239 26.52 35.13 -31.64
N ASN L 240 27.08 35.61 -30.53
CA ASN L 240 26.84 36.96 -30.02
C ASN L 240 27.56 38.03 -30.82
N GLY L 241 28.61 37.64 -31.54
CA GLY L 241 29.33 38.56 -32.42
C GLY L 241 30.73 38.88 -31.96
N THR L 242 31.10 38.36 -30.78
CA THR L 242 32.37 38.64 -30.11
C THR L 242 33.55 37.88 -30.73
N PRO L 243 34.58 38.63 -31.18
CA PRO L 243 35.75 37.97 -31.78
C PRO L 243 36.68 37.35 -30.76
N HIS L 244 37.16 36.15 -31.04
CA HIS L 244 38.16 35.49 -30.21
C HIS L 244 39.33 35.16 -31.09
N GLN L 245 40.51 35.17 -30.47
CA GLN L 245 41.74 34.70 -31.12
C GLN L 245 42.17 33.33 -30.58
N ALA L 246 42.71 32.49 -31.46
CA ALA L 246 43.43 31.32 -31.02
C ALA L 246 44.88 31.42 -31.51
N PHE L 247 45.81 31.00 -30.66
CA PHE L 247 47.25 31.08 -30.97
C PHE L 247 47.90 29.69 -31.01
N VAL L 248 49.10 29.62 -31.62
CA VAL L 248 49.90 28.39 -31.70
C VAL L 248 51.25 28.68 -31.06
N ARG L 249 51.77 27.72 -30.28
CA ARG L 249 53.03 27.84 -29.52
CA ARG L 249 53.05 27.96 -29.59
C ARG L 249 54.27 27.39 -30.33
N GLY L 250 55.46 27.76 -29.85
CA GLY L 250 56.71 27.28 -30.42
C GLY L 250 56.53 25.93 -31.10
N GLU L 251 56.43 25.94 -32.43
CA GLU L 251 56.30 24.75 -33.29
C GLU L 251 54.86 24.28 -33.53
N GLY L 252 53.99 25.20 -33.95
CA GLY L 252 52.56 24.93 -34.06
C GLY L 252 52.04 25.07 -35.48
N GLU L 253 50.90 24.53 -35.74
CA GLU L 253 50.46 24.59 -37.06
C GLU L 253 49.01 24.86 -37.05
N VAL L 254 48.66 25.88 -37.77
CA VAL L 254 47.32 26.17 -38.03
C VAL L 254 47.22 25.31 -39.23
N ILE L 255 46.12 24.58 -39.33
CA ILE L 255 45.94 23.64 -40.36
C ILE L 255 44.60 24.07 -40.70
N VAL L 256 44.27 24.13 -41.97
CA VAL L 256 42.96 24.58 -42.40
C VAL L 256 42.30 23.43 -43.08
N SER L 257 41.17 22.96 -42.54
CA SER L 257 40.41 21.84 -43.09
C SER L 257 38.94 22.22 -43.27
N ALA L 258 38.72 23.36 -43.91
CA ALA L 258 37.38 23.89 -44.06
C ALA L 258 36.72 23.46 -45.36
N GLY L 259 37.39 22.57 -46.09
CA GLY L 259 36.79 21.90 -47.26
C GLY L 259 37.18 22.58 -48.55
N PRO L 260 36.70 22.05 -49.72
CA PRO L 260 37.10 22.71 -51.00
C PRO L 260 36.68 24.19 -51.02
N ILE L 261 35.42 24.48 -50.71
CA ILE L 261 34.96 25.85 -50.70
C ILE L 261 35.51 26.66 -49.53
N GLY L 262 35.57 26.05 -48.36
CA GLY L 262 36.02 26.75 -47.18
C GLY L 262 37.44 27.24 -47.34
N SER L 263 38.40 26.31 -47.48
CA SER L 263 39.82 26.61 -47.29
C SER L 263 40.36 27.77 -48.14
N PRO L 264 40.06 27.74 -49.46
CA PRO L 264 40.55 28.84 -50.30
C PRO L 264 39.95 30.18 -49.84
N GLN L 265 38.62 30.25 -49.72
CA GLN L 265 37.96 31.40 -49.09
C GLN L 265 38.80 31.96 -47.91
N LEU L 266 39.03 31.15 -46.88
CA LEU L 266 39.80 31.65 -45.74
C LEU L 266 41.19 32.07 -46.16
N LEU L 267 41.88 31.24 -46.94
CA LEU L 267 43.23 31.58 -47.38
C LEU L 267 43.26 32.91 -48.13
N LEU L 268 42.31 33.10 -49.06
CA LEU L 268 42.22 34.35 -49.81
C LEU L 268 41.90 35.52 -48.89
N LEU L 269 40.83 35.41 -48.10
CA LEU L 269 40.50 36.44 -47.10
C LEU L 269 41.68 36.74 -46.17
N SER L 270 42.64 35.82 -46.08
CA SER L 270 43.71 35.98 -45.11
C SER L 270 44.89 36.79 -45.67
N GLY L 271 44.97 36.87 -47.00
CA GLY L 271 46.05 37.55 -47.71
C GLY L 271 46.97 36.64 -48.54
N VAL L 272 46.60 35.38 -48.62
CA VAL L 272 47.40 34.38 -49.31
C VAL L 272 46.66 34.03 -50.59
N GLY L 273 47.09 34.61 -51.71
CA GLY L 273 46.48 34.28 -52.99
C GLY L 273 47.05 34.99 -54.18
N PRO L 274 46.36 34.88 -55.33
CA PRO L 274 46.80 35.59 -56.51
C PRO L 274 46.98 37.10 -56.20
N GLU L 275 48.20 37.60 -56.33
CA GLU L 275 48.50 39.00 -56.02
C GLU L 275 47.58 39.95 -56.78
N SER L 276 47.36 39.65 -58.06
CA SER L 276 46.55 40.50 -58.95
C SER L 276 45.08 40.56 -58.52
N TYR L 277 44.59 39.45 -57.99
CA TYR L 277 43.19 39.32 -57.64
C TYR L 277 42.86 40.00 -56.32
N LEU L 278 43.65 39.70 -55.30
CA LEU L 278 43.51 40.31 -53.97
C LEU L 278 43.63 41.82 -53.98
N SER L 279 44.52 42.35 -54.84
CA SER L 279 44.69 43.79 -54.96
C SER L 279 43.51 44.44 -55.66
N SER L 280 42.88 43.67 -56.54
CA SER L 280 41.65 44.06 -57.18
C SER L 280 40.48 44.04 -56.19
N LEU L 281 40.67 43.36 -55.05
CA LEU L 281 39.65 43.30 -53.99
C LEU L 281 39.94 44.18 -52.77
N ASN L 282 41.04 44.93 -52.85
CA ASN L 282 41.53 45.77 -51.77
C ASN L 282 41.97 45.01 -50.54
N ILE L 283 42.13 43.69 -50.69
CA ILE L 283 42.62 42.84 -49.60
C ILE L 283 44.15 42.82 -49.64
N PRO L 284 44.80 43.29 -48.53
CA PRO L 284 46.25 43.25 -48.39
C PRO L 284 46.80 41.86 -48.69
N VAL L 285 48.03 41.79 -49.15
CA VAL L 285 48.60 40.52 -49.56
C VAL L 285 49.73 40.17 -48.62
N VAL L 286 49.75 38.91 -48.19
CA VAL L 286 50.80 38.42 -47.31
C VAL L 286 51.81 37.65 -48.16
N LEU L 287 51.32 36.88 -49.13
CA LEU L 287 52.18 36.21 -50.10
C LEU L 287 51.39 35.97 -51.38
N SER L 288 51.98 36.34 -52.52
CA SER L 288 51.43 35.97 -53.83
C SER L 288 51.47 34.45 -53.99
N HIS L 289 50.30 33.83 -53.86
CA HIS L 289 50.17 32.38 -54.02
C HIS L 289 49.16 32.15 -55.12
N PRO L 290 49.62 32.21 -56.38
CA PRO L 290 48.75 32.40 -57.55
C PRO L 290 47.76 31.26 -57.83
N TYR L 291 47.82 30.18 -57.05
CA TYR L 291 46.96 29.04 -57.34
C TYR L 291 45.83 28.80 -56.31
N VAL L 292 45.89 29.52 -55.19
CA VAL L 292 44.80 29.48 -54.23
C VAL L 292 43.47 29.78 -54.93
N GLY L 293 42.58 28.80 -54.94
CA GLY L 293 41.21 29.00 -55.42
C GLY L 293 41.02 28.59 -56.85
N GLN L 294 42.04 27.90 -57.36
CA GLN L 294 42.09 27.48 -58.74
C GLN L 294 41.96 25.96 -58.86
N PHE L 295 41.44 25.54 -59.99
CA PHE L 295 41.32 24.16 -60.26
C PHE L 295 40.36 23.55 -59.34
N LEU L 296 39.09 23.81 -59.55
CA LEU L 296 38.07 23.28 -58.70
C LEU L 296 37.33 22.36 -59.59
N HIS L 297 37.38 21.08 -59.27
CA HIS L 297 36.74 20.07 -60.09
C HIS L 297 35.42 19.64 -59.44
N ASP L 298 34.42 19.33 -60.27
CA ASP L 298 33.21 18.63 -59.80
C ASP L 298 32.72 17.59 -60.81
N ASN L 299 32.69 16.33 -60.38
CA ASN L 299 32.26 15.21 -61.23
C ASN L 299 30.77 15.28 -61.53
N PRO L 300 30.41 15.26 -62.82
CA PRO L 300 29.01 15.36 -63.20
C PRO L 300 28.27 14.13 -62.74
N ARG L 301 26.96 14.29 -62.59
CA ARG L 301 26.07 13.21 -62.20
C ARG L 301 24.99 13.16 -63.26
N ASN L 302 24.72 11.97 -63.79
CA ASN L 302 23.60 11.87 -64.73
C ASN L 302 22.68 10.71 -64.38
N PHE L 303 21.40 10.87 -64.69
CA PHE L 303 20.45 10.01 -64.02
C PHE L 303 19.21 9.67 -64.80
N ILE L 304 18.53 8.64 -64.32
CA ILE L 304 17.25 8.26 -64.85
C ILE L 304 16.36 7.94 -63.66
N ASN L 305 15.20 8.56 -63.65
CA ASN L 305 14.22 8.32 -62.62
C ASN L 305 13.14 7.37 -63.14
N ILE L 306 13.09 6.17 -62.57
CA ILE L 306 11.95 5.30 -62.84
C ILE L 306 10.89 5.31 -61.73
N LEU L 307 9.64 5.44 -62.17
CA LEU L 307 8.46 5.41 -61.32
C LEU L 307 7.75 4.05 -61.46
N PRO L 308 8.25 2.98 -60.78
CA PRO L 308 7.64 1.66 -60.94
C PRO L 308 6.11 1.69 -60.74
N PRO L 309 5.37 0.72 -61.33
CA PRO L 309 3.91 0.67 -61.06
C PRO L 309 3.60 0.09 -59.66
N ASN L 310 4.59 -0.52 -59.03
CA ASN L 310 4.44 -1.15 -57.71
C ASN L 310 5.35 -0.52 -56.64
N PRO L 311 4.80 -0.26 -55.45
CA PRO L 311 5.56 0.37 -54.35
C PRO L 311 6.86 -0.37 -54.08
N ILE L 312 7.98 0.36 -54.01
CA ILE L 312 9.28 -0.27 -53.72
C ILE L 312 9.98 0.32 -52.49
N GLU L 313 10.74 -0.51 -51.78
CA GLU L 313 11.36 -0.07 -50.50
C GLU L 313 12.52 0.90 -50.67
N PRO L 314 12.59 1.92 -49.78
CA PRO L 314 13.61 2.97 -49.77
C PRO L 314 14.93 2.43 -49.26
N SER L 315 15.95 2.51 -50.11
CA SER L 315 17.22 1.83 -49.85
C SER L 315 18.36 2.80 -49.60
N THR L 316 19.28 2.44 -48.71
CA THR L 316 20.56 3.13 -48.68
C THR L 316 21.46 2.52 -49.78
N VAL L 317 22.04 3.39 -50.59
CA VAL L 317 22.98 2.98 -51.63
C VAL L 317 24.19 2.27 -51.01
N THR L 318 24.49 1.07 -51.52
CA THR L 318 25.59 0.18 -51.06
C THR L 318 26.10 -0.69 -52.22
N VAL L 319 25.21 -0.96 -53.17
CA VAL L 319 25.52 -1.77 -54.35
C VAL L 319 26.02 -0.84 -55.44
N LEU L 320 27.24 -1.12 -55.91
CA LEU L 320 27.92 -0.26 -56.88
C LEU L 320 28.32 -0.97 -58.17
N GLY L 321 28.23 -0.25 -59.29
CA GLY L 321 28.71 -0.72 -60.60
C GLY L 321 29.81 0.16 -61.16
N ILE L 322 31.05 -0.34 -61.13
CA ILE L 322 32.23 0.46 -61.48
C ILE L 322 32.85 0.12 -62.82
N THR L 323 33.06 1.15 -63.64
CA THR L 323 33.87 1.05 -64.86
C THR L 323 35.04 2.03 -64.76
N SER L 324 36.10 1.80 -65.53
CA SER L 324 37.24 2.71 -65.54
C SER L 324 36.78 4.14 -65.88
N ASN L 325 35.90 4.25 -66.89
CA ASN L 325 35.48 5.54 -67.45
C ASN L 325 34.28 6.19 -66.73
N PHE L 326 33.62 5.44 -65.82
CA PHE L 326 32.46 5.94 -65.06
C PHE L 326 32.05 4.99 -63.95
N TYR L 327 31.26 5.49 -62.98
CA TYR L 327 30.86 4.72 -61.80
C TYR L 327 29.35 4.79 -61.68
N GLN L 328 28.74 3.73 -61.13
CA GLN L 328 27.27 3.61 -61.17
C GLN L 328 26.59 3.00 -59.94
N CYS L 329 25.30 3.32 -59.78
CA CYS L 329 24.44 2.77 -58.73
C CYS L 329 22.97 3.26 -58.89
N SER L 330 22.10 2.82 -57.98
CA SER L 330 20.79 3.43 -57.90
C SER L 330 20.26 3.65 -56.48
N PHE L 331 19.43 4.70 -56.39
CA PHE L 331 18.87 5.23 -55.17
C PHE L 331 17.34 4.97 -55.15
N SER L 332 16.81 4.34 -54.11
CA SER L 332 15.35 4.19 -54.01
C SER L 332 14.77 4.99 -52.85
N SER L 333 13.72 5.76 -53.12
CA SER L 333 13.24 6.68 -52.10
C SER L 333 11.77 7.02 -52.11
N LEU L 334 11.31 7.32 -50.91
CA LEU L 334 10.03 7.92 -50.65
C LEU L 334 9.85 9.20 -51.44
N PRO L 335 8.65 9.40 -52.01
CA PRO L 335 8.31 10.56 -52.81
C PRO L 335 8.63 11.86 -52.11
N PHE L 336 8.75 12.92 -52.90
CA PHE L 336 9.08 14.22 -52.37
C PHE L 336 7.88 15.17 -52.54
N SER L 337 7.34 15.63 -51.41
CA SER L 337 6.28 16.65 -51.42
C SER L 337 6.84 18.07 -51.21
N ILE L 338 8.12 18.16 -50.80
CA ILE L 338 8.94 19.40 -50.78
C ILE L 338 10.25 19.00 -51.48
N PRO L 339 10.85 19.89 -52.34
CA PRO L 339 12.10 19.49 -53.03
C PRO L 339 13.36 19.46 -52.15
N PRO L 340 14.15 18.36 -52.21
CA PRO L 340 15.39 18.35 -51.44
C PRO L 340 16.44 19.01 -52.30
N PHE L 341 16.82 20.22 -51.92
CA PHE L 341 17.75 21.02 -52.72
C PHE L 341 18.96 20.20 -53.13
N ALA L 342 19.36 20.37 -54.38
CA ALA L 342 20.63 19.88 -54.90
C ALA L 342 20.59 18.43 -55.39
N PHE L 343 19.46 17.75 -55.17
CA PHE L 343 19.29 16.40 -55.67
C PHE L 343 18.87 16.39 -57.12
N PHE L 344 18.09 17.39 -57.52
CA PHE L 344 17.96 17.71 -58.95
C PHE L 344 18.54 19.09 -59.15
N PRO L 345 19.27 19.28 -60.26
CA PRO L 345 20.10 20.44 -60.65
C PRO L 345 19.47 21.84 -60.58
N ASN L 346 18.13 21.94 -60.60
CA ASN L 346 17.38 23.20 -60.36
C ASN L 346 16.08 23.03 -59.57
N PRO L 347 15.71 24.03 -58.73
CA PRO L 347 14.53 23.81 -57.90
C PRO L 347 13.22 23.79 -58.71
N THR L 348 13.29 24.08 -60.01
CA THR L 348 12.08 24.03 -60.85
C THR L 348 11.75 22.62 -61.40
N TYR L 349 12.70 21.69 -61.28
CA TYR L 349 12.52 20.27 -61.64
C TYR L 349 11.28 19.62 -61.01
N PRO L 350 10.57 18.76 -61.77
CA PRO L 350 9.35 18.04 -61.30
C PRO L 350 9.58 17.03 -60.14
N LEU L 351 8.55 16.83 -59.32
CA LEU L 351 8.72 16.07 -58.08
C LEU L 351 7.97 14.76 -58.09
N PRO L 352 8.60 13.70 -57.54
CA PRO L 352 8.01 12.37 -57.51
C PRO L 352 6.85 12.27 -56.52
N ASN L 353 5.66 12.00 -57.06
CA ASN L 353 4.45 11.81 -56.27
C ASN L 353 4.37 10.40 -55.72
N SER L 354 5.22 9.50 -56.22
CA SER L 354 5.24 8.11 -55.75
C SER L 354 6.65 7.61 -55.52
N THR L 355 6.80 6.46 -54.85
CA THR L 355 8.12 5.86 -54.73
C THR L 355 8.72 5.65 -56.10
N PHE L 356 10.00 5.99 -56.22
CA PHE L 356 10.69 5.93 -57.48
C PHE L 356 12.09 5.38 -57.29
N ALA L 357 12.77 5.14 -58.41
CA ALA L 357 14.17 4.73 -58.39
C ALA L 357 15.01 5.60 -59.29
N HIS L 358 16.27 5.78 -58.87
CA HIS L 358 17.19 6.81 -59.38
C HIS L 358 18.50 6.13 -59.79
N PHE L 359 18.83 6.25 -61.07
CA PHE L 359 20.07 5.67 -61.60
C PHE L 359 21.14 6.73 -61.85
N VAL L 360 22.24 6.60 -61.12
CA VAL L 360 23.24 7.63 -61.12
C VAL L 360 24.49 7.25 -61.87
N ASN L 361 25.09 8.25 -62.51
CA ASN L 361 26.30 8.09 -63.30
C ASN L 361 27.36 9.13 -62.94
N LYS L 362 28.55 8.65 -62.58
CA LYS L 362 29.67 9.51 -62.17
C LYS L 362 30.90 9.37 -63.07
N VAL L 363 31.26 10.44 -63.75
CA VAL L 363 32.51 10.51 -64.53
C VAL L 363 33.73 10.68 -63.58
N PRO L 364 34.82 9.91 -63.80
CA PRO L 364 36.08 10.06 -63.02
C PRO L 364 36.82 11.33 -63.40
N GLY L 365 37.90 11.64 -62.68
CA GLY L 365 38.55 12.94 -62.80
C GLY L 365 37.72 14.01 -62.10
N PRO L 366 36.98 14.84 -62.87
CA PRO L 366 37.06 14.99 -64.34
C PRO L 366 38.18 15.96 -64.71
N LEU L 367 38.56 16.02 -65.98
CA LEU L 367 39.64 16.95 -66.37
C LEU L 367 39.13 18.39 -66.38
N SER L 368 37.81 18.56 -66.53
CA SER L 368 37.15 19.87 -66.43
C SER L 368 37.33 20.54 -65.05
N TYR L 369 37.70 21.81 -65.07
CA TYR L 369 37.77 22.62 -63.85
C TYR L 369 37.22 24.05 -64.03
N GLY L 370 37.21 24.79 -62.93
CA GLY L 370 36.82 26.20 -62.90
C GLY L 370 37.43 26.90 -61.68
N SER L 371 36.83 28.01 -61.24
CA SER L 371 37.49 28.80 -60.16
C SER L 371 36.64 29.29 -58.99
N ILE L 372 37.31 29.47 -57.84
CA ILE L 372 36.68 30.18 -56.74
C ILE L 372 36.96 31.66 -56.90
N THR L 373 35.90 32.45 -56.81
CA THR L 373 36.02 33.88 -56.80
C THR L 373 35.22 34.39 -55.58
N LEU L 374 35.74 35.35 -54.84
CA LEU L 374 35.02 35.89 -53.70
C LEU L 374 34.08 36.95 -54.16
N ASN L 375 32.97 37.15 -53.50
CA ASN L 375 32.21 38.32 -53.84
C ASN L 375 32.07 39.10 -52.60
N SER L 376 32.98 38.79 -51.70
CA SER L 376 33.10 39.49 -50.47
C SER L 376 33.78 38.64 -49.48
N ASP L 377 34.42 39.28 -48.56
CA ASP L 377 34.49 40.67 -48.70
C ASP L 377 35.66 41.16 -47.95
N SER L 378 35.80 40.75 -46.73
CA SER L 378 35.36 39.51 -46.20
C SER L 378 33.93 39.37 -45.94
N ASP L 379 33.66 38.21 -45.42
CA ASP L 379 32.45 37.83 -44.82
C ASP L 379 32.44 36.41 -45.18
N VAL L 380 33.03 35.68 -44.28
CA VAL L 380 33.26 34.33 -44.43
C VAL L 380 31.94 33.73 -44.10
N ARG L 381 30.98 34.59 -43.78
CA ARG L 381 29.57 34.19 -43.74
C ARG L 381 29.01 34.16 -45.17
N VAL L 382 29.51 35.05 -46.03
CA VAL L 382 29.06 35.12 -47.45
C VAL L 382 29.72 34.05 -48.30
N ALA L 383 28.90 33.22 -48.91
CA ALA L 383 29.38 32.13 -49.77
C ALA L 383 30.25 32.66 -50.91
N PRO L 384 31.39 32.00 -51.17
CA PRO L 384 32.12 32.34 -52.40
C PRO L 384 31.43 31.76 -53.64
N ASN L 385 31.71 32.32 -54.81
CA ASN L 385 31.25 31.74 -56.05
C ASN L 385 32.16 30.60 -56.52
N VAL L 386 31.56 29.64 -57.23
CA VAL L 386 32.28 28.51 -57.83
C VAL L 386 31.84 28.26 -59.28
N LYS L 387 32.83 28.06 -60.14
CA LYS L 387 32.64 27.77 -61.59
C LYS L 387 33.30 26.38 -61.87
N PHE L 388 32.52 25.40 -62.36
CA PHE L 388 33.01 24.01 -62.54
C PHE L 388 33.25 23.60 -64.00
N ASN L 389 32.42 24.12 -64.90
CA ASN L 389 32.52 23.91 -66.35
C ASN L 389 32.20 22.49 -66.82
N TYR L 390 31.03 22.02 -66.43
CA TYR L 390 30.63 20.66 -66.74
C TYR L 390 30.68 20.44 -68.25
N TYR L 391 31.41 19.39 -68.65
CA TYR L 391 31.60 19.02 -70.07
C TYR L 391 32.41 20.06 -70.89
N SER L 392 33.09 20.94 -70.16
CA SER L 392 34.12 21.84 -70.71
C SER L 392 35.10 21.05 -71.56
N ASN L 393 35.69 20.02 -70.95
CA ASN L 393 36.53 19.06 -71.63
C ASN L 393 35.69 17.99 -72.35
N SER L 394 36.17 17.51 -73.51
CA SER L 394 35.40 16.63 -74.38
C SER L 394 35.54 15.16 -74.00
N THR L 395 36.75 14.80 -73.54
CA THR L 395 37.10 13.49 -72.97
C THR L 395 36.13 13.11 -71.85
N ASP L 396 35.78 14.10 -71.02
CA ASP L 396 34.67 13.98 -70.06
C ASP L 396 33.33 13.60 -70.76
N LEU L 397 32.88 14.42 -71.71
CA LEU L 397 31.61 14.19 -72.41
C LEU L 397 31.56 12.84 -73.15
N ALA L 398 32.71 12.42 -73.70
CA ALA L 398 32.87 11.03 -74.16
C ALA L 398 32.36 10.03 -73.09
N HIS L 399 32.88 10.14 -71.85
CA HIS L 399 32.53 9.22 -70.74
C HIS L 399 31.06 9.23 -70.34
N CYS L 400 30.46 10.41 -70.26
CA CYS L 400 29.09 10.50 -69.84
C CYS L 400 28.20 9.73 -70.80
N VAL L 401 28.46 9.91 -72.10
CA VAL L 401 27.75 9.20 -73.19
C VAL L 401 27.81 7.66 -73.06
N SER L 402 29.02 7.14 -72.76
CA SER L 402 29.21 5.73 -72.43
C SER L 402 28.39 5.26 -71.21
N GLY L 403 28.43 6.02 -70.11
CA GLY L 403 27.75 5.67 -68.86
C GLY L 403 26.23 5.62 -68.95
N MET L 404 25.68 6.52 -69.77
CA MET L 404 24.24 6.57 -70.07
C MET L 404 23.82 5.41 -71.00
N LYS L 405 24.69 5.06 -71.95
CA LYS L 405 24.51 3.84 -72.73
C LYS L 405 24.47 2.62 -71.79
N LYS L 406 25.40 2.56 -70.83
CA LYS L 406 25.42 1.47 -69.88
C LYS L 406 24.19 1.46 -68.97
N ILE L 407 23.57 2.63 -68.78
CA ILE L 407 22.39 2.69 -67.92
C ILE L 407 21.20 2.13 -68.66
N GLY L 408 21.05 2.51 -69.93
CA GLY L 408 20.00 1.97 -70.78
C GLY L 408 20.11 0.46 -70.94
N GLU L 409 21.35 -0.06 -70.80
CA GLU L 409 21.59 -1.51 -70.71
C GLU L 409 20.95 -2.10 -69.45
N LEU L 410 21.25 -1.51 -68.28
CA LEU L 410 20.60 -1.88 -67.01
C LEU L 410 19.08 -1.90 -67.18
N LEU L 411 18.53 -0.82 -67.74
CA LEU L 411 17.09 -0.68 -68.00
C LEU L 411 16.49 -1.80 -68.85
N SER L 412 17.30 -2.36 -69.75
CA SER L 412 16.85 -3.46 -70.62
C SER L 412 16.88 -4.84 -69.96
N SER L 413 17.56 -4.98 -68.82
CA SER L 413 17.77 -6.30 -68.22
C SER L 413 16.46 -6.99 -67.75
N ASP L 414 16.54 -8.29 -67.47
CA ASP L 414 15.37 -9.11 -67.12
C ASP L 414 14.93 -8.91 -65.65
N ALA L 415 15.88 -8.48 -64.81
CA ALA L 415 15.64 -8.22 -63.38
C ALA L 415 14.82 -6.95 -63.15
N LEU L 416 14.94 -6.03 -64.10
CA LEU L 416 14.19 -4.80 -64.08
C LEU L 416 12.85 -4.93 -64.80
N LYS L 417 12.64 -6.02 -65.56
CA LYS L 417 11.37 -6.21 -66.30
C LYS L 417 10.09 -5.87 -65.49
N PRO L 418 9.99 -6.35 -64.21
CA PRO L 418 8.83 -5.99 -63.35
C PRO L 418 8.52 -4.48 -63.19
N TYR L 419 9.48 -3.60 -63.44
CA TYR L 419 9.31 -2.16 -63.14
C TYR L 419 8.92 -1.27 -64.30
N LYS L 420 8.34 -1.86 -65.35
CA LYS L 420 7.77 -1.08 -66.44
C LYS L 420 6.26 -0.89 -66.23
N VAL L 421 5.71 0.19 -66.80
CA VAL L 421 4.25 0.34 -66.95
C VAL L 421 3.79 -0.75 -67.94
N GLU L 422 4.10 -0.55 -69.23
CA GLU L 422 3.67 -1.46 -70.30
C GLU L 422 4.82 -2.35 -70.79
N ASP L 423 4.46 -3.45 -71.47
CA ASP L 423 5.47 -4.40 -71.96
C ASP L 423 6.12 -4.02 -73.29
N LEU L 424 7.35 -3.56 -73.15
CA LEU L 424 8.13 -2.99 -74.24
C LEU L 424 9.57 -3.47 -73.98
N PRO L 425 10.41 -3.49 -75.04
CA PRO L 425 11.86 -3.66 -74.90
C PRO L 425 12.53 -2.31 -74.69
N GLY L 426 13.86 -2.29 -74.49
CA GLY L 426 14.62 -1.04 -74.37
C GLY L 426 14.16 -0.10 -73.24
N ILE L 427 14.25 1.19 -73.51
CA ILE L 427 13.98 2.22 -72.49
C ILE L 427 12.60 2.93 -72.62
N ASP L 428 11.86 2.65 -73.70
CA ASP L 428 10.41 2.97 -73.74
C ASP L 428 9.68 2.00 -72.76
N GLY L 429 8.41 2.32 -72.43
CA GLY L 429 7.61 1.45 -71.53
C GLY L 429 7.86 1.67 -70.04
N PHE L 430 8.95 2.40 -69.74
CA PHE L 430 9.24 2.89 -68.41
C PHE L 430 8.51 4.21 -68.17
N ASP L 431 8.10 4.43 -66.92
CA ASP L 431 7.55 5.71 -66.50
C ASP L 431 8.68 6.59 -65.99
N ILE L 432 9.19 7.45 -66.88
CA ILE L 432 10.35 8.27 -66.57
C ILE L 432 9.97 9.65 -66.02
N LEU L 433 10.28 9.90 -64.76
CA LEU L 433 10.15 11.24 -64.19
C LEU L 433 11.28 12.08 -64.75
N GLY L 434 10.89 13.05 -65.59
CA GLY L 434 11.82 14.00 -66.19
C GLY L 434 12.27 13.66 -67.60
N ILE L 435 13.37 14.28 -68.02
CA ILE L 435 14.01 14.04 -69.31
C ILE L 435 14.50 12.57 -69.43
N PRO L 436 14.04 11.84 -70.48
CA PRO L 436 14.40 10.43 -70.63
C PRO L 436 15.58 10.28 -71.57
N LEU L 437 16.19 9.09 -71.55
CA LEU L 437 17.22 8.71 -72.52
C LEU L 437 16.67 8.76 -73.96
N PRO L 438 17.53 9.17 -74.93
CA PRO L 438 17.19 9.00 -76.36
C PRO L 438 16.90 7.53 -76.67
N GLU L 439 15.79 7.27 -77.39
CA GLU L 439 15.43 5.91 -77.81
C GLU L 439 16.54 5.17 -78.60
N ASN L 440 17.19 5.89 -79.52
CA ASN L 440 18.26 5.33 -80.36
C ASN L 440 19.58 5.29 -79.59
N GLN L 441 19.91 4.12 -79.02
CA GLN L 441 21.10 3.95 -78.14
C GLN L 441 22.47 4.12 -78.83
N THR L 442 22.44 4.44 -80.12
CA THR L 442 23.65 4.66 -80.91
C THR L 442 23.76 6.08 -81.45
N ASP L 443 22.70 6.89 -81.21
CA ASP L 443 22.69 8.31 -81.57
C ASP L 443 23.67 9.12 -80.69
N ASP L 444 24.92 9.21 -81.14
CA ASP L 444 26.01 9.77 -80.31
C ASP L 444 25.88 11.27 -80.01
N ALA L 445 25.12 11.98 -80.86
CA ALA L 445 24.91 13.43 -80.72
C ALA L 445 23.74 13.78 -79.78
N ALA L 446 22.65 13.02 -79.83
CA ALA L 446 21.52 13.18 -78.90
C ALA L 446 21.90 12.78 -77.47
N PHE L 447 22.91 11.92 -77.35
CA PHE L 447 23.42 11.49 -76.05
C PHE L 447 24.30 12.50 -75.33
N GLU L 448 24.87 13.42 -76.10
CA GLU L 448 25.70 14.49 -75.55
C GLU L 448 24.80 15.62 -75.07
N THR L 449 23.67 15.77 -75.75
CA THR L 449 22.63 16.73 -75.38
C THR L 449 21.79 16.18 -74.22
N PHE L 450 21.91 14.89 -73.98
CA PHE L 450 21.33 14.37 -72.78
C PHE L 450 22.28 14.66 -71.64
N CYS L 451 23.58 14.58 -71.91
CA CYS L 451 24.60 14.85 -70.89
C CYS L 451 24.57 16.31 -70.44
N ARG L 452 24.54 17.22 -71.41
CA ARG L 452 24.74 18.65 -71.14
C ARG L 452 23.45 19.36 -70.71
N GLU L 453 22.30 18.93 -71.20
CA GLU L 453 21.04 19.55 -70.76
C GLU L 453 20.52 19.02 -69.41
N ALA L 454 20.95 17.82 -69.02
CA ALA L 454 20.45 17.14 -67.81
C ALA L 454 21.52 16.90 -66.73
N VAL L 455 22.60 17.66 -66.79
CA VAL L 455 23.70 17.55 -65.84
C VAL L 455 23.30 17.89 -64.38
N ALA L 456 23.68 17.03 -63.43
CA ALA L 456 23.55 17.33 -61.98
C ALA L 456 24.91 17.28 -61.28
N SER L 457 24.94 17.52 -59.98
CA SER L 457 26.21 17.40 -59.27
C SER L 457 26.27 16.10 -58.48
N TYR L 458 27.43 15.45 -58.52
CA TYR L 458 27.68 14.25 -57.73
C TYR L 458 28.17 14.59 -56.32
N TRP L 459 28.12 15.89 -56.01
CA TRP L 459 28.47 16.41 -54.68
C TRP L 459 29.88 16.06 -54.25
N HIS L 460 30.66 15.52 -55.19
CA HIS L 460 32.00 15.03 -54.86
C HIS L 460 33.03 16.03 -55.30
N TYR L 461 32.60 17.30 -55.33
CA TYR L 461 33.46 18.40 -55.76
C TYR L 461 34.72 18.47 -54.88
N HIS L 462 35.80 19.00 -55.46
CA HIS L 462 37.12 18.90 -54.84
C HIS L 462 38.11 19.82 -55.55
N GLY L 463 39.12 20.30 -54.80
CA GLY L 463 40.18 21.14 -55.36
C GLY L 463 40.34 22.51 -54.73
N GLY L 464 40.98 23.42 -55.46
CA GLY L 464 41.14 24.80 -55.00
C GLY L 464 42.47 25.08 -54.33
N CYS L 465 43.21 24.00 -54.07
CA CYS L 465 44.40 24.10 -53.25
C CYS L 465 45.26 22.87 -53.42
N LEU L 466 45.66 22.65 -54.67
CA LEU L 466 46.31 21.44 -55.11
C LEU L 466 47.75 21.36 -54.65
N VAL L 467 48.24 20.12 -54.57
CA VAL L 467 49.65 19.84 -54.33
C VAL L 467 50.39 20.06 -55.66
N GLY L 468 51.68 20.41 -55.57
CA GLY L 468 52.43 20.90 -56.74
C GLY L 468 52.21 22.40 -56.92
N GLU L 469 50.94 22.82 -56.85
CA GLU L 469 50.52 24.23 -56.97
C GLU L 469 50.63 25.05 -55.70
N VAL L 470 49.79 24.76 -54.71
CA VAL L 470 49.77 25.56 -53.47
C VAL L 470 50.60 24.92 -52.35
N LEU L 471 50.63 23.58 -52.35
CA LEU L 471 51.17 22.78 -51.26
C LEU L 471 52.34 21.90 -51.66
N ASP L 472 53.30 21.71 -50.75
CA ASP L 472 54.34 20.70 -50.91
C ASP L 472 53.75 19.31 -50.63
N GLY L 473 54.58 18.27 -50.64
CA GLY L 473 54.14 16.89 -50.38
C GLY L 473 53.90 16.54 -48.92
N ASP L 474 54.04 17.52 -48.02
CA ASP L 474 53.75 17.33 -46.59
C ASP L 474 52.48 18.10 -46.19
N PHE L 475 51.86 18.73 -47.19
CA PHE L 475 50.64 19.50 -47.05
C PHE L 475 50.82 20.90 -46.49
N ARG L 476 52.05 21.38 -46.44
CA ARG L 476 52.34 22.78 -46.12
C ARG L 476 51.90 23.67 -47.26
N VAL L 477 51.54 24.91 -46.93
CA VAL L 477 51.39 25.94 -47.95
C VAL L 477 52.78 26.50 -48.25
N THR L 478 53.19 26.48 -49.53
CA THR L 478 54.56 26.87 -49.88
C THR L 478 54.97 28.27 -49.40
N GLY L 479 56.16 28.31 -48.79
CA GLY L 479 56.79 29.56 -48.36
C GLY L 479 56.06 30.27 -47.24
N ILE L 480 55.21 29.51 -46.54
CA ILE L 480 54.61 29.94 -45.28
C ILE L 480 54.84 28.85 -44.25
N ASN L 481 55.75 29.12 -43.33
CA ASN L 481 56.05 28.23 -42.19
C ASN L 481 54.81 28.06 -41.32
N ALA L 482 54.65 26.85 -40.78
CA ALA L 482 53.59 26.51 -39.80
C ALA L 482 52.17 26.87 -40.24
N LEU L 483 51.82 26.49 -41.47
CA LEU L 483 50.44 26.55 -41.93
C LEU L 483 50.20 25.38 -42.88
N ARG L 484 49.11 24.64 -42.69
CA ARG L 484 48.83 23.51 -43.59
C ARG L 484 47.39 23.44 -44.05
N VAL L 485 47.13 22.52 -44.98
CA VAL L 485 45.82 22.34 -45.60
C VAL L 485 45.52 20.84 -45.75
N VAL L 486 44.57 20.35 -44.96
CA VAL L 486 44.13 18.97 -45.12
C VAL L 486 42.61 18.82 -45.28
N ASP L 487 42.17 18.58 -46.51
CA ASP L 487 40.74 18.40 -46.81
C ASP L 487 40.48 17.93 -48.27
N GLY L 488 39.32 18.29 -48.81
CA GLY L 488 38.94 17.96 -50.19
C GLY L 488 39.60 18.89 -51.18
N SER L 489 40.16 19.98 -50.70
CA SER L 489 40.77 20.99 -51.55
C SER L 489 42.15 20.58 -52.08
N THR L 490 42.60 19.37 -51.74
CA THR L 490 43.99 18.94 -52.02
C THR L 490 44.33 18.35 -53.41
N PHE L 491 43.40 17.63 -54.03
CA PHE L 491 43.73 16.90 -55.27
C PHE L 491 42.71 17.07 -56.38
N PRO L 492 43.18 17.16 -57.64
CA PRO L 492 42.38 17.38 -58.85
C PRO L 492 41.42 16.25 -59.27
N TYR L 493 41.82 14.99 -59.15
CA TYR L 493 40.89 13.96 -59.60
C TYR L 493 40.31 13.22 -58.42
N SER L 494 39.03 12.84 -58.58
CA SER L 494 38.29 12.10 -57.57
C SER L 494 39.00 10.77 -57.20
N PRO L 495 39.37 10.60 -55.92
CA PRO L 495 40.12 9.40 -55.46
C PRO L 495 39.40 8.05 -55.63
N ALA L 496 38.06 8.05 -55.71
CA ALA L 496 37.28 6.86 -56.07
C ALA L 496 35.90 7.25 -56.61
N SER L 497 34.88 6.44 -56.34
CA SER L 497 33.52 6.77 -56.76
C SER L 497 32.77 7.31 -55.57
N HIS L 498 33.33 7.07 -54.37
CA HIS L 498 32.86 7.69 -53.15
C HIS L 498 34.05 8.00 -52.24
N PRO L 499 34.46 9.28 -52.21
CA PRO L 499 35.73 9.77 -51.65
C PRO L 499 35.77 10.03 -50.16
N GLN L 500 34.67 9.76 -49.43
CA GLN L 500 34.67 10.09 -48.00
C GLN L 500 35.75 9.29 -47.30
N GLY L 501 35.93 8.05 -47.75
CA GLY L 501 36.93 7.15 -47.20
C GLY L 501 38.33 7.72 -47.32
N PHE L 502 38.62 8.28 -48.50
CA PHE L 502 39.93 8.87 -48.75
C PHE L 502 40.20 10.10 -47.86
N TYR L 503 39.18 10.93 -47.64
CA TYR L 503 39.36 12.13 -46.83
C TYR L 503 39.48 11.84 -45.33
N LEU L 504 38.54 11.08 -44.79
CA LEU L 504 38.68 10.58 -43.42
C LEU L 504 40.11 10.03 -43.15
N MET L 505 40.60 9.24 -44.12
CA MET L 505 41.96 8.66 -44.09
C MET L 505 43.01 9.76 -44.07
N LEU L 506 42.86 10.69 -45.01
CA LEU L 506 43.79 11.79 -45.20
C LEU L 506 43.98 12.46 -43.86
N GLY L 507 42.83 12.75 -43.23
CA GLY L 507 42.75 13.39 -41.93
C GLY L 507 43.84 12.89 -41.02
N ARG L 508 43.86 11.57 -40.80
CA ARG L 508 44.82 10.95 -39.86
C ARG L 508 46.21 10.67 -40.47
N TYR L 509 46.24 10.21 -41.73
CA TYR L 509 47.51 10.02 -42.45
C TYR L 509 48.40 11.24 -42.21
N VAL L 510 47.88 12.43 -42.50
CA VAL L 510 48.62 13.67 -42.28
C VAL L 510 48.85 13.86 -40.78
N GLY L 511 47.83 13.55 -39.98
CA GLY L 511 47.92 13.55 -38.52
C GLY L 511 49.19 12.88 -38.01
N SER L 512 49.29 11.56 -38.25
CA SER L 512 50.49 10.79 -37.93
C SER L 512 51.75 11.41 -38.53
N LYS L 513 51.67 11.90 -39.77
CA LYS L 513 52.83 12.53 -40.42
C LYS L 513 53.35 13.69 -39.59
N ILE L 514 52.44 14.62 -39.24
CA ILE L 514 52.80 15.79 -38.44
C ILE L 514 53.48 15.34 -37.15
N LEU L 515 52.97 14.28 -36.54
CA LEU L 515 53.56 13.75 -35.33
C LEU L 515 54.91 13.11 -35.53
N GLN L 516 55.14 12.58 -36.74
CA GLN L 516 56.39 11.89 -37.08
C GLN L 516 57.58 12.81 -37.35
N GLU L 517 57.33 13.89 -38.11
CA GLU L 517 58.37 14.89 -38.41
C GLU L 517 58.53 15.89 -37.26
N ARG L 518 57.47 16.08 -36.47
CA ARG L 518 57.58 16.85 -35.23
C ARG L 518 58.29 15.98 -34.21
N SER L 519 58.25 14.66 -34.42
CA SER L 519 58.96 13.69 -33.57
C SER L 519 60.48 13.60 -33.85
N ALA L 520 60.84 13.50 -35.14
CA ALA L 520 62.23 13.46 -35.60
C ALA L 520 63.09 14.65 -35.10
N ALA L 521 63.64 14.51 -33.90
CA ALA L 521 64.45 15.57 -33.24
C ALA L 521 65.49 14.97 -32.29
#